data_6F44
#
_entry.id   6F44
#
_cell.length_a   1.000
_cell.length_b   1.000
_cell.length_c   1.000
_cell.angle_alpha   90.00
_cell.angle_beta   90.00
_cell.angle_gamma   90.00
#
_symmetry.space_group_name_H-M   'P 1'
#
loop_
_entity.id
_entity.type
_entity.pdbx_description
1 polymer 'DNA-directed RNA polymerase III subunit RPC1'
2 polymer 'DNA-directed RNA polymerase III subunit RPC2'
3 polymer 'DNA-directed RNA polymerases I and III subunit RPAC1'
4 polymer 'DNA-directed RNA polymerase III subunit RPC9'
5 polymer 'DNA-directed RNA polymerases I, II, and III subunit RPABC1'
6 polymer 'DNA-directed RNA polymerases I, II, and III subunit RPABC2'
7 polymer 'DNA-directed RNA polymerase III subunit RPC8'
8 polymer 'DNA-directed RNA polymerases I, II, and III subunit RPABC3'
9 polymer 'DNA-directed RNA polymerase III subunit RPC10'
10 polymer 'DNA-directed RNA polymerases I, II, and III subunit RPABC5'
11 polymer 'DNA-directed RNA polymerases I and III subunit RPAC2'
12 polymer 'DNA-directed RNA polymerases I, II, and III subunit RPABC4'
13 polymer 'DNA-directed RNA polymerase III subunit RPC5'
14 polymer 'DNA-directed RNA polymerase III subunit RPC4'
15 polymer 'DNA-directed RNA polymerase III subunit RPC3'
16 polymer 'DNA-directed RNA polymerase III subunit RPC6'
17 polymer 'DNA-directed RNA polymerase III subunit RPC7'
18 polymer 'TATA-box-binding protein'
19 polymer 'Transcription factor IIIB 70 kDa subunit'
20 polymer "Transcription factor TFIIIB component B''"
21 polymer 'Non-template DNA'
22 polymer 'Template DNA'
23 non-polymer 'ZINC ION'
#
loop_
_entity_poly.entity_id
_entity_poly.type
_entity_poly.pdbx_seq_one_letter_code
_entity_poly.pdbx_strand_id
1 'polypeptide(L)'
;MKEVVVSETPKRIKGLEFSALSAADIVAQSEVEVSTRDLFDLEKDRAPKANGALDPKMGVSSSSLECATCHGNLASCHGH
FGHLKLALPVFHIGYFKATIQILQGICKNCSAILLSETDKRQFLHELRRPGVDNLRRMGILKKILDQCKKQRRCLHCGAL
NGVVKKAAAGAGSAALKIIHDTFRWVGKKSAPEKDIWVGEWKEVLAHNPELERYVKRCMDDLNPLKTLNLFKQIKSADCE
LLGIDATVPSGRPETYIWRYLPAPPVCIRPSVMMQDSPASNEDDLTVKLTEIVWTSSLIKAGLDKGISINNMMEHWDYLQ
LTVAMYINSDSVNPAMLPGSSNGGGKVKPIRGFCQRLKGKQGRFRGNLSGKRVDFSGRTVISPDPNLSIDEVAVPDRVAK
VLTYPEKVTRYNRHKLQELIVNGPNVHPGANYLLKRNEDARRNLRYGDRMKLAKNLQIGDVVERHLEDGDVVLFNRQPSL
HRLSILSHYAKIRPWRTFRLNECVCTPYNADFDGDEMNLHVPQTEEARAEAINLMGVKNNLLTPKSGEPIIAATQDFITG
SYLISHKDSFYDRATLTQLLSMMSDGIEHFDIPPPAIMKPYYLWTGKQVFSLLIKPNHNSPVVINLDAKNKVFVPPKSKS
LPNEMSQNDGFVIIRGSQILSGVMDKSVLGDGKKHSVFYTILRDYGPQEAANAMNRMAKLCARFLGNRGFSIGINDVTPA
DDLKQKKEELVEIAYHKCDELITLFNKGELETQPGCNEEQTLEAKIGGLLSKVREEVGDVCINELDNWNAPLIMATCGSK
GSTLNVSQMVAVVGQQIISGNRVPDGFQDRSLPHFPKNSKTPQSKGFVRNSFFSGLSPPEFLFHAISGREGLVDTAVKTA
ETGYMSRRLMKSLEDLSCQYDNTVRTSANGIVQFTYGGDGLDPLEMEGNAQPVNFNRSWDHAYNITFNNQDKGLLPYAIM
ETANEILGPLEERLVRYDNSGCLVKREDLNKAEYVDQYDAERDFYHSLREYINGKATALANLRKSRGMLGLLEPPAKELQ
GIDPDETVPDNVKTSVSQLYRISEKSVRKFLEIALFKYRKARLEPGTAIGAIGAQSIGEPGTQMTLKTFHFAGVASMNVT
LGVPRIKEIINASKVISTPIINAVLVNDNDERAARVVKGRVEKTLLSDVAFYVQDVYKDNLSFIQVRIDLGTIDKLQLEL
TIEDIAVAITRASKLKIQASDVNIIGKDRIAINVFPEGYKAKSISTSAKEPSENDVFYRMQQLRRALPDVVVKGLPDISR
AVINIRDDGKRELLVEGYGLRDVMCTDGVIGSRTTTNHVLEVFSVLGIEAARYSIIREINYTMSNHGMSVDPRHIQLLGD
VMTYKGEVLGITRFGLSKMRDSVLQLASFEKTTDHLFDAAFYMKKDAVEGVSECIILGQTMSIGTGSFKVVKGTNISEKD
LVPKRCLFESLSNEAALKAN
;
A
2 'polypeptide(L)'
;MVAATKRRKTHIHKHVKDEAFDDLLKPVYKGKKLTDEINTAQDKWHLLPAFLKVKGLVKQHLDSFNYFVDTDLKKIIKAN
QLILSDVDPEFYLKYVDIRVGKKSSSSTKDYLTPPHECRLRDMTYSAPIYVDIEYTRGRNIIMHKDVEIGRMPIMLRSNK
CILYDADESKMAKLNECPLDPGGYFIVNGTEKVILVQEQLSKNRIIVEADEKKGIVQASVTSSTHERKSKTYVITKNGKI
YLKHNSIAEEIPIAIVLKACGILSDLEIMQLVCGNDSSYQDIFAVNLEESSKLDIYTQQQALEYIGAKVKTMRRQKLTIL
QEGIEAIATTVIAHLTVEALDFREKALYIAMMTRRVVMAMYNPKMIDDRDYVGNKRLELAGQLISLLFEDLFKKFNNDFK
LSIDKVLKKPNRAMEYDALLSINVHSNNITSGLNRAISTGNWSLKRFKMERAGVTHVLSRLSYISALGMMTRISSQFEKS
RKVSGPRALQPSQFGMLCTADTPEGEACGLVKNLALMTHITTDDEEEPIKKLCYVLGVEDITLIDSASLHLNYGVYLNGT
LIGSIRFPTKFVTQFRHLRRTGKVSEFISIYSNSHQMAVHIATDGGRICRPLIIVSDGQSRVKDIHLRKLLDGELDFDDF
LKLGLVEYLDVNEENDSYIALYEKDIVPSMTHLEIEPFTILGAVAGLIPYPHHNQSPRNTYQCAMGKQAIGAIAYNQFKR
IDTLLYLMTYPQQPMVKTKTIELIDYDKLPAGQNATVAVMSYSGYDIEDALVLNKSSIDRGFGRCETRRKTTTVLKRYAN
HTQDIIGGMRVDENGDPIWQHQSLGPDGLGEVGMKVQSGQIYINKSVPTNSADAPNPNNVNVQTQYREAPVIYRGPEPSH
IDQVMMSVSDNDQALIKVLLRQNRRPELGDKFSSRHGQKGVCGIIVKQEDMPFNDQGIVPDIIMNPHGFPSRMTVGKMIE
LISGKAGVLNGTLEYGTCFGGSKLEDMSKILVDQGFNYSGKDMLYSGITGECLQAYIFFGPIYYQKLKHMVLDKMHARAR
GPRAVLTRQPTEGRSRDGGLRLGEMERDCVIAYGASQLLLERLMISSDAFEVDVCDKCGLMGYSGWCTTCKSAENIIKMT
IPYAAKLLFQELLSMNIAPRLRLEDIFQQ
;
B
3 'polypeptide(L)'
;MSNIVGIEYNRVTNTTSTDFPGFSKDAENEWNVEKFKKDFEVNISSLDAREANFDLINIDTSIANAFRRIMISEVPSVAA
EYVYFFNNTSVIQDEVLAHRIGLVPLKVDPDMLTWVDSNLPDDEKFTDENTIVLSLNVKCTRNPDAPKGSTDPKELYNNA
HVYARDLKFEPQGRQSTTFADCPVVPADPDILLAKLRPGQEISLKAHCILGIGGDHAKFSPVSTASYRLLPQINILQPIK
GESARRFQKCFPPGVIGIDEGSDEAYVKDARKDTVSREVLRYEEFADKVKLGRVRNHFIFNVESAGAMTPEEIFFKSVRI
LKNKAEYLKNCPITQ
;
C
4 'polypeptide(L)'
;MKVLEERNAFLSDYEVLKFLTDLEKKHLWDQKSLAALKKSRSKGKQNRPYNHPELQGITRNVVNYLSINKNFINQEDEGE
ERESSGAKDAEKSGISKMSDESFAELMTKLNSFKLFKAEKLQIVNQLPANMVHLYSIVEECDARFDEKTIEEMLEIISGY
A
;
D
5 'polypeptide(L)'
;MDQENERNISRLWRAFRTVKEMVKDRGYFITQEEVELPLEDFKAKYCDSMGRPQRKMMSFQANPTEESISKFPDMGSLWV
EFCDEPSVGVKTMKTFVIHIQEKNFQTGIFVYQNNITPSAMKLVPSIPPATIETFNEAALVVNITHHELVPKHIRLSSDE
KRELLKRYRLKESQLPRIQRADPVALYLGLKRGEVVKIIRKSETSGRYASYRICM
;
E
6 'polypeptide(L)'
;MSDYEEAFNDGNENFEDFDVEHFSDEETYEEKPQFKDGETTDANGKTIVTGGNGPEDFQQHEQIRRKTLKEKAIPKDQRA
TTPYMTKYERARILGTRALQISMNAPVFVDLEGETDPLRIAMKELAEKKIPLVIRRYLPDGSFEDWSVEELIVDL
;
F
7 'polypeptide(L)'
;MFILSKIADLVRIPPDQFHRDTISAITHQLNNKFANKIIPNVGLCITIYDLLTVEEGQLKPGDGSSYINVTFRAVVFKPF
LGEIVTGWISKCTAEGIKVSLLGIFDDIFIPQNMLFEGCYYTPEESAWIWPMDEETKLYFDVNEKIRFRIEREVFVDVKP
KSPKERELEERAQLENEIEGKNEETPQNEKPPAYALLGSCQTDGMGLVSWWE
;
G
8 'polypeptide(L)'
;MSNTLFDDIFQVSEVDPGRYNKVCRIEAASTTQDQCKLTLDINVELFPVAAQDSLTVTIASSLNLEDTPANDSSATRSWR
PPQAGDRSLADDYDYVMYGTAYKFEEVSKDLIAVYYSFGGLLMRLEGNYRNLNNLKQENAYLLIRR
;
H
9 'polypeptide(L)'
;MLSFCPSCNNMLLITSGDSGVYTLACRSCPYEFPIEGIEIYDRKKLPRKEVDDVLGGGWDNVDQTKTQCPNYDTCGGESA
YFFQLQIRSADEPMTTFYKCVNCGHRWKEN
;
I
10 'polypeptide(L)' MIVPVRCFSCGKVVGDKWESYLNLLQEDELDEGTALSRLGLKRYCCRRMILTHVDLIEKFLRYNPLEKRD J
11 'polypeptide(L)'
;MTEDIEQKKTATEVTPQEPKHIQEEEEQDVDMTGDEEQEEEPDREKIKLLTQATSEDGTSASFQIVEEDHTLGNALRYVI
MKNPDVEFCGYSIPHPSENLLNIRIQTYGETTAVDALQKGLKDLMDLCDVVESKFTEKIKSM
;
K
12 'polypeptide(L)' MSREGFQIPTNLDAAAAGTSQARTATLKYICAECSSKLSLSRTDAVRCKDCGHRILLKARTKRLVQFEAR L
13 'polypeptide(L)'
;MSIDNKLFVTEEDEEDRTQDRADVEDESNDIDMIADENGTNSAIANEQEEKSEEVKAEDDTGEEEEDDPVIEEFPLKISG
EEESLHVFQYANRPRLVGRKPAEHPFISAARYKPKSHLWEIDIPLDEQAFYNKDKAESEWNGVNVQTLKGVGVENNGQYA
AFVKDMQVYLVPIERVAQLKPFFKYIDDANVTRKQEDARRPPNPSSQRAQVVTMSVKSVNDPSQNRLTGSLLAHKVADEE
ANIELTWAEGTFEQFKDTIVKEAEDKTLVALEKQEDYIDNLV
;
M
14 'polypeptide(L)'
;MSSNKGNGRLPSLKDSSSNGGGSAKPSLKFKPKAVARKSKEEREAAASKVKLEEESKRGNDKKHFNNKNKRVTGAGGQQR
RMAKYLNNTHVISSGPLAAGNFVSEKGDLRRGFIKSEGSGSSLVQKGLETIDNGAESSENEAEDDDNEGVASKSKKKFNM
GKEFEARNLIEDEDDGESEKSSDVDMDDEEWRSKRIEQLFPVRPVRVRHEDVETVKREIQEALSEKPTREPTPSVKTEPV
GTGLQSYLEERERQVNEKLADLGLEKEFQSVDGKEAAAELELLNADHQHILRKLKKMNNKPERFMVFQLPTRLPAFERPA
VKEEKEDMETQASDPSKKKKNIKKKDTKDALSTRELAGKVGSIRVHKSGKLSVKIGNVVMDIGKGAETTFLQDVIALSIA
DDASSAELLGRVDGKIVVTPQI
;
N
15 'polypeptide(L)'
;MDELLGEALSAENQTGESTVESEKLVTPEDVMTISSLEQRTLNPDLFLYKELVKAHLGERAASVIGMLVALGRLSVRELV
EKIDGMDVDSVKTTLVSLTQLRCVKYLQETAISGKKTTYYYYNEEGIHILLYSGLIIDEIITQMRVNDEEEHKQLVAEIV
QNVISLGSLTVEDYLSSVTSDSMKYTISSLFVQLCEMGYLIQISKLHYTPIEDLWQFLYEKHYKNIPRNSPLSDLKKRSQ
AKMNAKTDFAKIINKPNELSQILTVDPKTSLRIVKPTVSLTINLDRFMKGRRSKQLINLAKTRVGSVTAQVYKIALRLTE
QKSPKIRDPLTQTGLLQDLEEAKSFQDEAELVEEKTPGLTFNAIDLARHLPAELDLRGSLLSRKPSDNKKRSGSNAAASL
PSKKLKTEDGFVIPALPAAVSKSLQESGDTQEEDEEEEDLDADTEDPHSASLINSHLKILASSNFPFLNETKPGVYYVPY
SKLMPVLKSSVYEYVIASTLGPSAMRLSRCIRDNKLVSEKIINSTALMKEKDIRSTLASLIRYNSVEIQEVPRTADRSAS
RAVFLFRCKETHSYNFMRQNLEWNMANLLFKKEKLKQENSTLLKKANRDDVKGRENELLLPSELNQLKMVNERELNVFAR
LSRLLSLWEVFQMA
;
O
16 'polypeptide(L)'
;MSGMIENGLQLSDNAKTLHSQMMSKGIGALFTQQELQKQMGIGSLTDLMSIVQELLDKNLIKLVKQNDELKFQGVLESEA
QKKATMSAEEALVYSYIEASGREGIWSKTIKARTNLHQHVVLKCLKSLESQRYVKSVKSVKFPTRKIYMLYSLQPSVDIT
GGPWFTDGELDIEFINSLLTIVWRFISENTFPNGFKNFENGPKKNVFYAPNVKNYSTTQEILEFITAAQVANVELTPSNI
RSLCEVLVYDDKLEKVTHDCYRVTLESILQMNQGEGEPEAGNKALEDEEEFSIFNYFKMFPASKHDKEVVYFDEWTI
;
P
17 'polypeptide(L)'
;MSSYRGGSRGGGSNYMSNLPFGLGYGDVGKNHITEFPSIPLPINGPITNKERSLAVKYINFGKTVKDGPFYTGSMSLIID
QQENSKSGKRKPNIILDEDDTNDGIERYSDKYLKKRKIGISIDDHPYNLNLFPNELYNVMGINKKKLLAISKFNNADDVF
TGTGLQDENIGLSMLAKLKELAEDVDDASTGDGAAKGSKTGEGEDDDLADDDFEEDEDEEDDDDYNAEKYFNNGDDDDYG
DEEDPNEEAAF
;
Q
18 'polypeptide(L)'
;MADEERLKEFKEANKIVFDPNTRQVWENQNRDGTKPATTFQSEEDIKRAAPESEKDTSATSGIVPTLQNIVATVTLGCRL
DLKTVALHARNAEYNPKRFAAVIMRIREPKTTALIFASGKMVVTGAKSEDDSKLASRKYARIIQKIGFAAKFTDFKIQNI
VGSCDVKFPIRLEGLAFSHGTFSSYEPELFPGLIYRMVKPKIVLLIFVSGKIVLTGAKQREEIYQAFEAIYPVLSEFRKM
;
U
19 'polypeptide(L)'
;MPVCKNCHGTEFERDLSNANNDLVCKACGVVSEDNPIVSEVTFGETSAGAAVVQGSFIGAGQSHAAFGGSSALESREATL
NNARRKLRAVSYALHIPEYITDAAFQWYKLALANNFVQGRRSQNVIASCLYVACRKEKTHHMLIDFSSRLQVSVYSIGAT
FLKMVKKLHITELPLADPSLFIQHFAEKLDLADKKIKVVKDAVKLAQRMSKDWMFEGRRPAGIAGACILLACRMNNLRRT
HTEIVAVSHVAEETLQQRLNEFKNTKAAKLSVQKFRENDVEDGEARPPSFVKNRKKERKIKDSLDKEEMFQTSEEALNKN
PILTQVLGEQELSSKEVLFYLKQFSERRARVVERIKATNGIDGENIYHEGSENETRKRKLSEVSIQNEHVEGEDKETEGT
EEKVKKVKTKTSEEKKENESGHFQDAIDGYSLETDPYCPRNLHLLPTTDTYLSKVSDDPDNLEDVDDEELNAHLLNEEAS
KLKERIWIGLNADFLLEQESKRLKQEADIATGNTSVKKKRTRRRNNTRSDEPTKTVDAAAAIGLMSDLQDKSGLHAALKA
AEESGDFTTADSVKNMLQKASFSKKINYDAIDGLFR
;
V
20 'polypeptide(L)'
;MSSIVNKSGTRFAPKVRQRRAATGGTPTPKPRTPQLFIPESKEIEEDNSDNDKGVDENETAIVEKPSLVGERSLEGFTLT
GTNGHDNEIGDEGPIDASTQNPKADVIEDNVTLKPAPLQTHRDQKVPRSSRLASLSKDNESRPSFKPSFLDSSSNSNGTA
RRLSTISNKLPKKIRLGSITENDMNLKTFKRHRVLGKPSSAKKPAGAHRISIVSKISPPTAMTDSLDRNEFSSETSTSRE
ADENENYVISKVKDIPKKVRDGESAKYFIDEENFTMAELCKPNFPIGQISENFEKSKMAKKAKLEKRRHLRELRMRARQE
FKPLHSLTKEEQEEEEEKRKEERDKLLNADIPESDRKAHTAIQLKLNPDGTMAIDEETMVVDRHKNASIENEYKEKVDEN
PFANLYNYGSYGRGSYTDPWTVEEMIKFYKALSMWGTDFNLISQLYPYRSRKQVKAKFVNEEKKRPILIELALRSKLPPN
FDEYCCEIKKNIGTVADFNEKLIELQNEHKHHMKEIEEAKNTAKEEDQTAQRLNDANLNKKGSGGIMTNDLKVYRKTEVV
LGTIDDLKRKKLKERNNDDNEDNEGSEEEPEIDQ
;
W
21 'polydeoxyribonucleotide'
;(DC)(DG)(DT)(DC)(DC)(DA)(DC)(DT)(DA)(DT)(DT)(DT)(DT)(DC)(DG)(DG)(DC)(DT)(DA)(DC)
(DT)(DA)(DT)(DA)(DA)(DA)(DT)(DA)(DA)(DA)(DT)(DG)(DT)(DT)(DT)(DT)(DT)(DT)(DT)(DC)
(DG)(DC)(DA)(DA)(DT)(DA)(DG)(DT)(DG)(DT)(DG)(DT)(DT)(DC)(DG)(DC)(DG)(DA)(DA)(DG)
(DT)(DA)(DA)(DC)(DC)(DC)(DT)(DT)(DC)(DG)(DT)(DG)(DG)(DA)(DC)(DA)(DT)(DT)(DT)(DG)
(DG)
;
X
22 'polydeoxyribonucleotide'
;(DC)(DC)(DA)(DA)(DA)(DT)(DG)(DT)(DC)(DC)(DA)(DC)(DG)(DA)(DA)(DG)(DG)(DG)(DT)(DT)
(DA)(DC)(DT)(DT)(DC)(DG)(DC)(DG)(DA)(DA)(DC)(DA)(DC)(DA)(DC)(DT)(DA)(DT)(DT)(DG)
(DC)(DG)(DA)(DA)(DA)(DA)(DA)(DA)(DA)(DC)(DA)(DT)(DT)(DT)(DA)(DT)(DT)(DT)(DA)(DT)
(DA)(DG)(DT)(DA)(DG)(DC)(DC)(DG)(DA)(DA)(DA)(DA)(DT)(DA)(DG)(DT)(DG)(DG)(DA)(DC)
(DG)
;
Y
#
loop_
_chem_comp.id
_chem_comp.type
_chem_comp.name
_chem_comp.formula
DA DNA linking 2'-DEOXYADENOSINE-5'-MONOPHOSPHATE 'C10 H14 N5 O6 P'
DC DNA linking 2'-DEOXYCYTIDINE-5'-MONOPHOSPHATE 'C9 H14 N3 O7 P'
DG DNA linking 2'-DEOXYGUANOSINE-5'-MONOPHOSPHATE 'C10 H14 N5 O7 P'
DT DNA linking THYMIDINE-5'-MONOPHOSPHATE 'C10 H15 N2 O8 P'
ZN non-polymer 'ZINC ION' 'Zn 2'
#
# COMPACT_ATOMS: atom_id res chain seq x y z
CA LYS A 2 -30.61 11.90 -45.10
C LYS A 2 -29.98 11.96 -46.50
N GLU A 3 -30.19 10.89 -47.27
CA GLU A 3 -29.59 10.66 -48.59
C GLU A 3 -28.10 11.01 -48.62
N VAL A 4 -27.40 10.77 -47.51
CA VAL A 4 -25.99 11.12 -47.39
C VAL A 4 -25.22 9.86 -47.03
N VAL A 5 -23.95 9.82 -47.40
CA VAL A 5 -23.11 8.66 -47.18
C VAL A 5 -22.12 8.95 -46.06
N VAL A 6 -21.71 7.88 -45.37
CA VAL A 6 -20.66 7.93 -44.36
C VAL A 6 -19.66 6.83 -44.64
N SER A 7 -18.37 7.14 -44.49
CA SER A 7 -17.31 6.16 -44.75
C SER A 7 -16.18 6.39 -43.75
N GLU A 8 -15.99 5.44 -42.85
CA GLU A 8 -14.98 5.55 -41.79
C GLU A 8 -14.06 4.33 -41.85
N THR A 9 -12.78 4.56 -41.50
CA THR A 9 -11.81 3.49 -41.49
C THR A 9 -11.43 3.13 -40.06
N PRO A 10 -11.04 1.88 -39.81
CA PRO A 10 -10.37 1.58 -38.53
C PRO A 10 -9.00 2.21 -38.47
N LYS A 11 -8.65 2.74 -37.29
CA LYS A 11 -7.43 3.51 -37.13
C LYS A 11 -6.63 3.00 -35.94
N ARG A 12 -5.35 3.37 -35.92
CA ARG A 12 -4.38 2.90 -34.95
C ARG A 12 -3.72 4.12 -34.32
N ILE A 13 -3.01 3.91 -33.21
CA ILE A 13 -2.23 4.96 -32.56
C ILE A 13 -0.77 4.73 -32.90
N LYS A 14 -0.15 5.68 -33.61
CA LYS A 14 1.23 5.53 -34.03
C LYS A 14 2.22 5.84 -32.92
N GLY A 15 1.79 6.51 -31.86
CA GLY A 15 2.69 6.91 -30.79
C GLY A 15 2.27 8.20 -30.13
N LEU A 16 2.40 8.26 -28.80
CA LEU A 16 2.04 9.46 -28.06
C LEU A 16 3.08 10.54 -28.25
N GLU A 17 2.65 11.79 -28.07
CA GLU A 17 3.56 12.90 -27.85
C GLU A 17 3.02 13.77 -26.74
N PHE A 18 3.92 14.35 -25.97
CA PHE A 18 3.54 15.11 -24.78
C PHE A 18 3.67 16.60 -25.02
N SER A 19 3.02 17.36 -24.14
CA SER A 19 3.02 18.81 -24.15
C SER A 19 2.43 19.27 -22.83
N ALA A 20 2.77 20.50 -22.43
CA ALA A 20 1.99 21.21 -21.43
C ALA A 20 1.07 22.19 -22.14
N LEU A 21 -0.24 22.01 -21.92
CA LEU A 21 -1.24 22.85 -22.56
C LEU A 21 -1.15 24.28 -22.06
N SER A 22 -1.65 25.21 -22.87
CA SER A 22 -1.42 26.62 -22.67
C SER A 22 -2.34 27.15 -21.57
N ALA A 23 -2.21 28.44 -21.27
CA ALA A 23 -3.14 29.12 -20.39
C ALA A 23 -4.42 29.56 -21.11
N ALA A 24 -4.51 29.33 -22.41
CA ALA A 24 -5.74 29.50 -23.15
C ALA A 24 -6.45 28.19 -23.45
N ASP A 25 -5.72 27.08 -23.46
CA ASP A 25 -6.32 25.76 -23.63
C ASP A 25 -7.14 25.32 -22.41
N ILE A 26 -6.94 25.96 -21.26
CA ILE A 26 -7.61 25.51 -20.05
C ILE A 26 -9.10 25.78 -20.13
N VAL A 27 -9.48 26.99 -20.57
CA VAL A 27 -10.89 27.36 -20.69
C VAL A 27 -11.49 26.88 -22.00
N ALA A 28 -10.71 26.20 -22.85
CA ALA A 28 -11.23 25.70 -24.12
C ALA A 28 -12.21 24.55 -23.92
N GLN A 29 -11.75 23.47 -23.26
CA GLN A 29 -12.63 22.34 -23.00
C GLN A 29 -13.45 22.50 -21.72
N SER A 30 -13.08 23.41 -20.83
CA SER A 30 -13.90 23.68 -19.66
C SER A 30 -15.20 24.36 -20.08
N GLU A 31 -16.26 24.11 -19.30
CA GLU A 31 -17.58 24.66 -19.61
C GLU A 31 -18.30 25.25 -18.42
N VAL A 32 -17.96 24.89 -17.19
CA VAL A 32 -18.54 25.52 -16.00
C VAL A 32 -17.42 26.27 -15.27
N GLU A 33 -17.82 27.13 -14.33
CA GLU A 33 -16.88 27.87 -13.52
C GLU A 33 -17.30 27.81 -12.06
N VAL A 34 -16.30 27.79 -11.17
CA VAL A 34 -16.48 27.34 -9.79
C VAL A 34 -16.16 28.47 -8.82
N SER A 35 -16.58 29.70 -9.16
CA SER A 35 -16.19 30.88 -8.39
C SER A 35 -16.57 30.79 -6.92
N THR A 36 -17.71 30.19 -6.61
CA THR A 36 -18.12 30.15 -5.22
C THR A 36 -17.47 28.98 -4.48
N ARG A 37 -17.70 28.95 -3.16
CA ARG A 37 -17.03 28.03 -2.26
C ARG A 37 -17.91 26.90 -1.78
N ASP A 38 -19.18 27.18 -1.46
CA ASP A 38 -19.99 26.24 -0.70
C ASP A 38 -20.38 25.05 -1.56
N LEU A 39 -20.10 23.86 -1.06
CA LEU A 39 -20.52 22.63 -1.76
C LEU A 39 -22.03 22.47 -1.70
N PHE A 40 -22.57 22.27 -0.50
CA PHE A 40 -24.00 22.04 -0.33
C PHE A 40 -24.71 23.38 -0.10
N ASP A 41 -25.69 23.67 -0.94
CA ASP A 41 -26.62 24.75 -0.67
C ASP A 41 -27.58 24.37 0.45
N LEU A 42 -28.04 25.39 1.20
CA LEU A 42 -28.94 25.15 2.31
C LEU A 42 -30.40 25.19 1.88
N GLU A 43 -30.67 25.03 0.58
CA GLU A 43 -32.01 24.68 0.13
C GLU A 43 -32.39 23.29 0.59
N LYS A 44 -31.40 22.42 0.79
CA LYS A 44 -31.58 21.06 1.32
C LYS A 44 -32.42 20.21 0.37
N ASP A 45 -32.09 20.29 -0.92
CA ASP A 45 -32.28 19.17 -1.84
C ASP A 45 -31.13 18.18 -1.65
N ARG A 46 -31.28 17.00 -2.25
CA ARG A 46 -30.32 15.94 -1.95
C ARG A 46 -28.99 16.16 -2.67
N ALA A 47 -29.00 16.83 -3.82
CA ALA A 47 -27.78 17.22 -4.54
C ALA A 47 -27.72 18.73 -4.66
N PRO A 48 -27.54 19.46 -3.56
CA PRO A 48 -27.58 20.92 -3.64
C PRO A 48 -26.26 21.53 -4.08
N LYS A 49 -26.16 21.91 -5.35
CA LYS A 49 -24.90 22.35 -5.95
C LYS A 49 -25.16 23.61 -6.77
N ALA A 50 -24.71 24.77 -6.27
CA ALA A 50 -25.10 26.02 -6.92
C ALA A 50 -24.21 26.31 -8.12
N ASN A 51 -22.94 26.60 -7.86
CA ASN A 51 -22.00 26.98 -8.91
C ASN A 51 -20.67 26.26 -8.83
N GLY A 52 -20.17 26.03 -7.62
CA GLY A 52 -18.77 25.70 -7.41
C GLY A 52 -18.54 24.35 -6.75
N ALA A 53 -19.28 23.33 -7.18
CA ALA A 53 -19.36 22.09 -6.44
C ALA A 53 -19.52 20.94 -7.44
N LEU A 54 -20.07 19.83 -6.97
CA LEU A 54 -20.31 18.66 -7.82
C LEU A 54 -21.45 18.97 -8.77
N ASP A 55 -21.12 19.72 -9.82
CA ASP A 55 -22.12 20.41 -10.62
C ASP A 55 -22.79 19.43 -11.58
N PRO A 56 -24.12 19.44 -11.69
CA PRO A 56 -24.81 18.43 -12.51
C PRO A 56 -24.62 18.59 -14.00
N LYS A 57 -23.97 19.65 -14.48
CA LYS A 57 -23.53 19.71 -15.87
C LYS A 57 -22.02 19.83 -16.00
N MET A 58 -21.28 19.74 -14.89
CA MET A 58 -19.90 19.28 -14.96
C MET A 58 -19.83 17.76 -15.07
N GLY A 59 -20.66 17.08 -14.29
CA GLY A 59 -20.67 15.63 -14.30
C GLY A 59 -21.75 15.12 -13.38
N VAL A 60 -21.57 13.89 -12.89
CA VAL A 60 -22.54 13.25 -12.01
C VAL A 60 -21.81 12.22 -11.16
N SER A 61 -22.04 12.26 -9.85
CA SER A 61 -21.40 11.35 -8.92
C SER A 61 -22.43 10.47 -8.20
N SER A 62 -23.58 10.23 -8.82
CA SER A 62 -24.60 9.38 -8.23
C SER A 62 -25.30 8.61 -9.35
N SER A 63 -25.86 7.45 -8.98
CA SER A 63 -26.63 6.66 -9.92
C SER A 63 -28.09 7.09 -10.03
N SER A 64 -28.47 8.15 -9.32
CA SER A 64 -29.84 8.64 -9.33
C SER A 64 -30.01 9.98 -10.02
N LEU A 65 -28.92 10.58 -10.51
CA LEU A 65 -28.96 11.90 -11.11
C LEU A 65 -28.84 11.78 -12.63
N GLU A 66 -28.75 12.93 -13.30
CA GLU A 66 -28.67 12.99 -14.76
C GLU A 66 -27.57 13.97 -15.14
N CYS A 67 -26.62 13.52 -15.96
CA CYS A 67 -25.59 14.41 -16.47
C CYS A 67 -26.21 15.35 -17.49
N ALA A 68 -26.37 16.62 -17.11
CA ALA A 68 -27.09 17.57 -17.94
C ALA A 68 -26.34 17.95 -19.21
N THR A 69 -25.01 17.75 -19.24
CA THR A 69 -24.26 18.16 -20.42
C THR A 69 -24.41 17.16 -21.57
N CYS A 70 -23.96 15.92 -21.37
CA CYS A 70 -23.82 14.99 -22.50
C CYS A 70 -25.07 14.14 -22.68
N HIS A 71 -25.30 13.21 -21.75
CA HIS A 71 -26.58 12.80 -21.14
C HIS A 71 -26.31 11.55 -20.32
N GLY A 72 -27.32 11.04 -19.64
CA GLY A 72 -27.19 9.76 -18.97
C GLY A 72 -27.06 9.90 -17.47
N ASN A 73 -27.25 8.77 -16.79
CA ASN A 73 -27.28 8.77 -15.33
C ASN A 73 -25.88 8.54 -14.75
N LEU A 74 -25.28 7.39 -15.02
CA LEU A 74 -23.92 7.18 -14.57
C LEU A 74 -23.01 6.60 -15.64
N ALA A 75 -23.52 5.68 -16.47
CA ALA A 75 -22.66 5.00 -17.42
C ALA A 75 -22.38 5.85 -18.66
N SER A 76 -23.30 6.74 -19.02
CA SER A 76 -23.15 7.53 -20.24
C SER A 76 -22.25 8.75 -20.05
N CYS A 77 -22.07 9.21 -18.82
CA CYS A 77 -21.22 10.37 -18.56
C CYS A 77 -19.75 9.98 -18.71
N HIS A 78 -19.04 10.65 -19.60
CA HIS A 78 -17.61 10.47 -19.75
C HIS A 78 -16.80 11.47 -18.92
N GLY A 79 -17.47 12.40 -18.22
CA GLY A 79 -16.78 13.43 -17.47
C GLY A 79 -16.46 14.67 -18.27
N HIS A 80 -16.53 15.84 -17.61
CA HIS A 80 -16.29 17.12 -18.26
C HIS A 80 -15.49 18.00 -17.31
N PHE A 81 -14.59 18.80 -17.88
CA PHE A 81 -13.66 19.60 -17.08
C PHE A 81 -14.28 20.93 -16.69
N GLY A 82 -13.87 21.43 -15.52
CA GLY A 82 -14.09 22.80 -15.12
C GLY A 82 -12.78 23.56 -15.07
N HIS A 83 -12.87 24.82 -14.66
CA HIS A 83 -11.67 25.63 -14.56
C HIS A 83 -11.80 26.64 -13.42
N LEU A 84 -10.66 27.07 -12.91
CA LEU A 84 -10.54 28.15 -11.94
C LEU A 84 -9.89 29.37 -12.57
N LYS A 85 -9.95 30.48 -11.85
CA LYS A 85 -9.20 31.69 -12.19
C LYS A 85 -8.51 32.19 -10.92
N LEU A 86 -7.20 32.40 -11.01
CA LEU A 86 -6.43 32.92 -9.89
C LEU A 86 -6.26 34.43 -10.01
N ALA A 87 -6.08 35.08 -8.85
CA ALA A 87 -5.87 36.52 -8.84
C ALA A 87 -4.47 36.87 -9.32
N LEU A 88 -3.47 36.07 -8.94
CA LEU A 88 -2.08 36.29 -9.28
C LEU A 88 -1.38 34.94 -9.30
N PRO A 89 -0.41 34.76 -10.20
CA PRO A 89 0.11 33.40 -10.46
C PRO A 89 0.92 32.83 -9.31
N VAL A 90 1.06 31.51 -9.33
CA VAL A 90 1.90 30.75 -8.42
C VAL A 90 2.74 29.77 -9.24
N PHE A 91 3.67 29.12 -8.57
CA PHE A 91 4.52 28.13 -9.24
C PHE A 91 3.74 26.86 -9.55
N HIS A 92 4.27 26.11 -10.52
CA HIS A 92 3.91 24.71 -10.71
C HIS A 92 4.90 23.84 -9.95
N ILE A 93 4.38 23.01 -9.04
CA ILE A 93 5.27 22.23 -8.17
C ILE A 93 5.97 21.12 -8.95
N GLY A 94 5.38 20.64 -10.03
CA GLY A 94 6.04 19.64 -10.85
C GLY A 94 7.10 20.26 -11.74
N TYR A 95 6.81 21.45 -12.27
CA TYR A 95 7.76 22.21 -13.06
C TYR A 95 8.65 23.11 -12.21
N PHE A 96 8.62 22.97 -10.89
CA PHE A 96 9.42 23.83 -10.03
C PHE A 96 10.91 23.57 -10.22
N LYS A 97 11.28 22.33 -10.52
CA LYS A 97 12.68 22.02 -10.81
C LYS A 97 13.07 22.52 -12.19
N ALA A 98 12.16 22.41 -13.17
CA ALA A 98 12.43 22.73 -14.55
C ALA A 98 12.21 24.21 -14.88
N THR A 99 11.86 25.03 -13.90
CA THR A 99 11.69 26.47 -14.15
C THR A 99 12.90 27.28 -13.71
N ILE A 100 13.84 26.69 -12.98
CA ILE A 100 15.09 27.37 -12.65
C ILE A 100 16.20 27.00 -13.62
N GLN A 101 16.06 25.89 -14.36
CA GLN A 101 17.05 25.50 -15.34
C GLN A 101 17.03 26.43 -16.55
N ILE A 102 15.84 26.86 -16.97
CA ILE A 102 15.71 27.87 -18.02
C ILE A 102 15.75 29.26 -17.41
N LEU A 103 16.01 29.35 -16.11
CA LEU A 103 16.17 30.64 -15.44
C LEU A 103 17.63 30.97 -15.16
N GLN A 104 18.47 29.95 -14.98
CA GLN A 104 19.91 30.19 -14.86
C GLN A 104 20.50 30.68 -16.17
N GLY A 105 19.96 30.22 -17.31
CA GLY A 105 20.52 30.61 -18.60
C GLY A 105 20.08 31.97 -19.09
N ILE A 106 19.01 32.52 -18.51
CA ILE A 106 18.47 33.80 -18.96
C ILE A 106 19.13 34.91 -18.16
N CYS A 107 19.16 36.11 -18.74
CA CYS A 107 19.55 37.29 -17.99
C CYS A 107 18.46 37.69 -16.99
N LYS A 108 18.90 38.22 -15.86
CA LYS A 108 17.98 38.69 -14.82
C LYS A 108 17.62 40.15 -14.97
N ASN A 109 18.18 40.85 -15.95
CA ASN A 109 17.86 42.26 -16.15
C ASN A 109 17.29 42.55 -17.53
N CYS A 110 17.86 41.98 -18.59
CA CYS A 110 17.40 42.23 -19.95
C CYS A 110 16.70 41.04 -20.56
N SER A 111 16.62 39.92 -19.83
CA SER A 111 15.93 38.71 -20.27
C SER A 111 16.51 38.18 -21.58
N ALA A 112 17.79 37.83 -21.53
CA ALA A 112 18.50 37.28 -22.68
C ALA A 112 19.35 36.10 -22.24
N ILE A 113 19.63 35.21 -23.19
CA ILE A 113 20.43 34.03 -22.89
C ILE A 113 21.89 34.44 -22.74
N LEU A 114 22.54 33.98 -21.68
CA LEU A 114 23.90 34.40 -21.33
C LEU A 114 24.92 33.72 -22.24
N LEU A 115 24.84 34.03 -23.53
CA LEU A 115 25.77 33.52 -24.52
C LEU A 115 26.03 34.59 -25.56
N SER A 116 27.12 34.41 -26.31
CA SER A 116 27.45 35.28 -27.42
C SER A 116 26.69 34.86 -28.68
N GLU A 117 26.95 35.58 -29.77
CA GLU A 117 26.17 35.40 -30.99
C GLU A 117 26.53 34.09 -31.70
N THR A 118 27.79 33.95 -32.11
CA THR A 118 28.23 32.79 -32.87
C THR A 118 28.39 31.53 -32.02
N ASP A 119 28.42 31.66 -30.70
CA ASP A 119 28.58 30.48 -29.85
C ASP A 119 27.31 29.64 -29.83
N LYS A 120 26.16 30.30 -29.63
CA LYS A 120 24.88 29.59 -29.70
C LYS A 120 24.56 29.12 -31.11
N ARG A 121 25.15 29.75 -32.13
CA ARG A 121 25.04 29.22 -33.49
C ARG A 121 25.75 27.88 -33.64
N GLN A 122 26.75 27.60 -32.80
CA GLN A 122 27.40 26.30 -32.83
C GLN A 122 26.57 25.21 -32.17
N PHE A 123 25.83 25.55 -31.11
CA PHE A 123 25.21 24.51 -30.28
C PHE A 123 24.06 23.83 -31.00
N LEU A 124 23.22 24.60 -31.70
CA LEU A 124 22.04 24.00 -32.34
C LEU A 124 22.40 23.16 -33.56
N HIS A 125 23.62 23.27 -34.08
CA HIS A 125 24.09 22.33 -35.08
C HIS A 125 24.10 20.90 -34.57
N GLU A 126 24.37 20.71 -33.27
CA GLU A 126 24.19 19.41 -32.64
C GLU A 126 22.73 19.03 -32.44
N LEU A 127 21.79 19.92 -32.75
CA LEU A 127 20.38 19.55 -32.81
C LEU A 127 19.86 19.29 -34.20
N ARG A 128 20.45 19.91 -35.23
CA ARG A 128 19.87 19.89 -36.56
C ARG A 128 20.26 18.67 -37.38
N ARG A 129 21.15 17.82 -36.88
CA ARG A 129 21.37 16.56 -37.57
C ARG A 129 20.24 15.58 -37.28
N PRO A 130 19.90 14.72 -38.25
CA PRO A 130 18.73 13.84 -38.07
C PRO A 130 18.92 12.80 -36.99
N GLY A 131 20.16 12.40 -36.69
CA GLY A 131 20.38 11.42 -35.64
C GLY A 131 20.56 12.05 -34.27
N VAL A 132 19.46 12.16 -33.52
CA VAL A 132 19.47 12.65 -32.14
C VAL A 132 18.47 11.81 -31.35
N ASP A 133 18.95 11.07 -30.36
CA ASP A 133 18.07 10.36 -29.45
C ASP A 133 17.88 11.16 -28.17
N ASN A 134 17.06 10.62 -27.26
CA ASN A 134 16.81 11.27 -25.99
C ASN A 134 18.00 11.21 -25.05
N LEU A 135 18.96 10.32 -25.30
CA LEU A 135 20.19 10.28 -24.51
C LEU A 135 21.05 11.52 -24.77
N ARG A 136 21.42 11.77 -26.02
CA ARG A 136 22.33 12.86 -26.31
C ARG A 136 21.65 14.23 -26.27
N ARG A 137 20.34 14.28 -26.47
CA ARG A 137 19.65 15.58 -26.43
C ARG A 137 19.59 16.13 -25.02
N MET A 138 19.28 15.28 -24.04
CA MET A 138 19.39 15.68 -22.64
C MET A 138 20.83 15.74 -22.16
N GLY A 139 21.76 15.16 -22.92
CA GLY A 139 23.17 15.28 -22.61
C GLY A 139 23.75 16.63 -22.98
N ILE A 140 23.39 17.14 -24.16
CA ILE A 140 23.94 18.40 -24.62
C ILE A 140 23.20 19.59 -24.03
N LEU A 141 21.97 19.40 -23.55
CA LEU A 141 21.30 20.45 -22.78
C LEU A 141 21.95 20.61 -21.42
N LYS A 142 22.52 19.55 -20.87
CA LYS A 142 23.34 19.67 -19.66
C LYS A 142 24.61 20.48 -19.94
N LYS A 143 25.18 20.32 -21.13
CA LYS A 143 26.47 20.94 -21.43
C LYS A 143 26.32 22.42 -21.75
N ILE A 144 25.22 22.80 -22.41
CA ILE A 144 25.03 24.20 -22.75
C ILE A 144 24.60 24.99 -21.53
N LEU A 145 23.97 24.34 -20.54
CA LEU A 145 23.57 25.03 -19.32
C LEU A 145 24.79 25.35 -18.47
N ASP A 146 25.78 24.46 -18.45
CA ASP A 146 27.01 24.73 -17.70
C ASP A 146 27.82 25.83 -18.35
N GLN A 147 27.68 26.01 -19.67
CA GLN A 147 28.33 27.13 -20.35
C GLN A 147 27.73 28.46 -19.91
N CYS A 148 26.40 28.50 -19.74
CA CYS A 148 25.73 29.74 -19.39
C CYS A 148 25.99 30.14 -17.94
N LYS A 149 26.30 29.18 -17.08
CA LYS A 149 26.58 29.48 -15.67
C LYS A 149 27.97 30.07 -15.47
N LYS A 150 28.83 30.00 -16.48
CA LYS A 150 30.20 30.50 -16.39
C LYS A 150 30.33 31.89 -17.00
N GLN A 151 29.20 32.57 -17.25
CA GLN A 151 29.15 33.83 -17.96
C GLN A 151 28.47 34.84 -17.04
N ARG A 152 29.26 35.78 -16.50
CA ARG A 152 28.77 36.62 -15.41
C ARG A 152 27.82 37.71 -15.91
N ARG A 153 28.17 38.38 -16.99
CA ARG A 153 27.49 39.62 -17.37
C ARG A 153 26.88 39.49 -18.76
N CYS A 154 25.64 39.96 -18.88
CA CYS A 154 24.87 39.77 -20.11
C CYS A 154 25.41 40.67 -21.21
N LEU A 155 24.93 40.42 -22.44
CA LEU A 155 25.45 41.10 -23.61
C LEU A 155 24.64 42.33 -24.02
N HIS A 156 23.37 42.41 -23.61
CA HIS A 156 22.51 43.50 -24.08
C HIS A 156 22.61 44.74 -23.21
N CYS A 157 22.47 44.61 -21.89
CA CYS A 157 22.61 45.73 -20.97
C CYS A 157 23.80 45.60 -20.04
N GLY A 158 24.52 44.49 -20.09
CA GLY A 158 25.77 44.37 -19.36
C GLY A 158 25.63 44.16 -17.87
N ALA A 159 24.43 43.92 -17.37
CA ALA A 159 24.24 43.69 -15.94
C ALA A 159 24.76 42.31 -15.55
N LEU A 160 25.53 42.26 -14.47
CA LEU A 160 26.10 40.99 -14.03
C LEU A 160 25.02 40.11 -13.39
N ASN A 161 25.21 38.80 -13.51
CA ASN A 161 24.35 37.82 -12.87
C ASN A 161 25.21 36.78 -12.18
N GLY A 162 24.78 36.35 -10.99
CA GLY A 162 25.50 35.33 -10.27
C GLY A 162 24.92 33.93 -10.43
N VAL A 163 24.26 33.44 -9.39
CA VAL A 163 23.58 32.15 -9.42
C VAL A 163 22.21 32.33 -8.78
N VAL A 164 21.31 31.40 -9.09
CA VAL A 164 19.97 31.39 -8.51
C VAL A 164 19.65 29.97 -8.06
N LYS A 165 19.09 29.86 -6.85
CA LYS A 165 18.81 28.56 -6.24
C LYS A 165 17.65 28.73 -5.27
N LYS A 166 17.23 27.62 -4.66
CA LYS A 166 16.12 27.64 -3.73
C LYS A 166 16.51 28.35 -2.44
N ALA A 167 15.49 28.67 -1.64
CA ALA A 167 15.67 29.26 -0.31
C ALA A 167 15.03 28.32 0.71
N ALA A 168 15.79 27.33 1.14
CA ALA A 168 15.31 26.36 2.10
C ALA A 168 15.91 26.60 3.48
N ALA A 175 9.01 29.37 2.33
CA ALA A 175 9.48 28.06 1.88
C ALA A 175 9.06 27.80 0.44
N LEU A 176 9.79 26.89 -0.21
CA LEU A 176 9.51 26.50 -1.61
C LEU A 176 9.60 27.71 -2.54
N LYS A 177 10.52 28.61 -2.25
CA LYS A 177 10.79 29.76 -3.11
C LYS A 177 12.28 29.87 -3.36
N ILE A 178 12.64 30.56 -4.45
CA ILE A 178 14.00 30.59 -4.96
C ILE A 178 14.56 31.99 -4.81
N ILE A 179 15.88 32.07 -4.67
CA ILE A 179 16.58 33.34 -4.45
C ILE A 179 17.73 33.44 -5.45
N HIS A 180 17.97 34.65 -5.94
CA HIS A 180 18.98 34.92 -6.96
C HIS A 180 20.22 35.51 -6.28
N ASP A 181 21.23 34.66 -6.05
CA ASP A 181 22.45 35.09 -5.38
C ASP A 181 23.27 35.93 -6.35
N THR A 182 23.14 37.25 -6.24
CA THR A 182 23.48 38.12 -7.37
C THR A 182 24.98 38.42 -7.42
N PHE A 183 25.51 39.09 -6.40
CA PHE A 183 26.74 39.86 -6.52
C PHE A 183 27.95 38.96 -6.24
N ARG A 184 28.79 38.79 -7.25
CA ARG A 184 30.01 37.98 -7.15
C ARG A 184 31.20 38.93 -7.20
N TRP A 185 31.60 39.42 -6.04
CA TRP A 185 32.80 40.25 -5.92
C TRP A 185 33.98 39.39 -5.44
N VAL A 186 35.12 39.55 -6.08
CA VAL A 186 36.37 38.94 -5.63
C VAL A 186 37.33 39.98 -5.07
N GLY A 187 37.75 40.95 -5.89
CA GLY A 187 38.49 42.10 -5.42
C GLY A 187 38.09 43.36 -6.17
N LYS A 188 37.18 43.21 -7.12
CA LYS A 188 36.66 44.34 -7.89
C LYS A 188 35.25 44.70 -7.39
N LYS A 189 35.22 45.31 -6.21
CA LYS A 189 33.96 45.77 -5.64
C LYS A 189 33.42 47.03 -6.32
N SER A 190 34.20 47.66 -7.20
CA SER A 190 33.76 48.85 -7.92
C SER A 190 32.81 48.41 -9.04
N ALA A 191 31.58 48.10 -8.64
CA ALA A 191 30.50 47.74 -9.56
C ALA A 191 29.56 48.92 -9.76
N PRO A 192 29.03 49.11 -10.97
CA PRO A 192 28.04 50.18 -11.19
C PRO A 192 26.68 49.91 -10.56
N GLU A 193 26.49 48.76 -9.91
CA GLU A 193 25.25 48.44 -9.21
C GLU A 193 25.38 48.54 -7.71
N LYS A 194 26.56 48.25 -7.17
CA LYS A 194 26.76 48.22 -5.72
C LYS A 194 26.62 49.61 -5.13
N ASP A 195 27.09 50.64 -5.82
CA ASP A 195 26.95 52.01 -5.32
C ASP A 195 25.49 52.41 -5.20
N ILE A 196 24.66 52.02 -6.17
CA ILE A 196 23.22 52.22 -6.00
C ILE A 196 22.68 51.29 -4.91
N TRP A 197 23.22 50.06 -4.85
CA TRP A 197 22.84 49.14 -3.77
C TRP A 197 23.27 49.69 -2.41
N VAL A 198 24.41 50.38 -2.37
CA VAL A 198 24.80 51.13 -1.17
C VAL A 198 23.91 52.35 -1.01
N GLY A 199 23.49 52.97 -2.11
CA GLY A 199 22.56 54.09 -2.01
C GLY A 199 21.21 53.66 -1.46
N GLU A 200 20.76 52.47 -1.85
CA GLU A 200 19.55 51.91 -1.23
C GLU A 200 19.83 51.51 0.21
N TRP A 201 21.03 51.01 0.48
CA TRP A 201 21.45 50.67 1.85
C TRP A 201 21.43 51.91 2.73
N LYS A 202 22.04 53.01 2.26
CA LYS A 202 22.37 54.13 3.13
C LYS A 202 21.13 54.87 3.60
N GLU A 203 20.12 54.99 2.74
CA GLU A 203 18.96 55.82 3.06
C GLU A 203 18.08 55.20 4.13
N VAL A 204 18.17 53.89 4.32
CA VAL A 204 17.32 53.17 5.28
C VAL A 204 18.14 52.79 6.52
N LEU A 205 19.30 53.41 6.69
CA LEU A 205 20.08 53.30 7.93
C LEU A 205 19.65 54.33 8.97
N ALA A 206 19.15 55.49 8.54
CA ALA A 206 18.71 56.51 9.49
C ALA A 206 17.35 56.15 10.07
N HIS A 207 16.37 55.92 9.23
CA HIS A 207 15.08 55.42 9.69
C HIS A 207 15.14 53.91 9.87
N ASN A 208 14.55 53.44 10.97
CA ASN A 208 14.66 52.06 11.43
C ASN A 208 16.12 51.63 11.52
N PRO A 209 16.83 52.06 12.57
CA PRO A 209 18.26 51.73 12.67
C PRO A 209 18.55 50.25 12.89
N GLU A 210 17.55 49.45 13.25
CA GLU A 210 17.75 48.03 13.53
C GLU A 210 17.88 47.20 12.24
N LEU A 211 18.82 47.60 11.38
CA LEU A 211 18.91 47.02 10.05
C LEU A 211 20.34 46.68 9.64
N GLU A 212 21.34 46.96 10.49
CA GLU A 212 22.72 46.60 10.22
C GLU A 212 22.94 45.09 10.17
N ARG A 213 22.03 44.30 10.74
CA ARG A 213 22.16 42.86 10.82
C ARG A 213 21.35 42.12 9.77
N TYR A 214 20.08 42.47 9.58
CA TYR A 214 19.19 41.68 8.74
C TYR A 214 19.24 42.09 7.27
N VAL A 215 19.66 43.31 6.96
CA VAL A 215 19.80 43.72 5.56
C VAL A 215 21.13 43.26 4.98
N LYS A 216 22.06 42.84 5.85
CA LYS A 216 23.32 42.22 5.44
C LYS A 216 23.13 40.86 4.76
N ARG A 217 21.91 40.31 4.78
CA ARG A 217 21.66 39.01 4.17
C ARG A 217 20.51 39.09 3.17
N CYS A 218 19.55 39.99 3.40
CA CYS A 218 18.32 39.99 2.62
C CYS A 218 18.62 40.39 1.18
N MET A 219 17.95 39.71 0.25
CA MET A 219 18.35 39.73 -1.14
C MET A 219 17.10 39.69 -2.01
N ASP A 220 17.28 40.00 -3.30
CA ASP A 220 16.15 40.03 -4.24
C ASP A 220 15.60 38.63 -4.45
N ASP A 221 14.30 38.49 -4.20
CA ASP A 221 13.55 37.28 -4.50
C ASP A 221 12.93 37.37 -5.89
N LEU A 222 12.39 36.24 -6.36
CA LEU A 222 11.63 36.16 -7.61
C LEU A 222 10.30 35.50 -7.30
N ASN A 223 9.35 36.31 -6.85
CA ASN A 223 8.00 35.84 -6.58
C ASN A 223 7.28 35.48 -7.88
N PRO A 224 6.32 34.56 -7.84
CA PRO A 224 5.71 34.06 -9.08
C PRO A 224 4.88 35.08 -9.84
N LEU A 225 4.87 36.34 -9.40
CA LEU A 225 4.33 37.41 -10.22
C LEU A 225 5.41 38.10 -11.06
N LYS A 226 6.64 38.19 -10.56
CA LYS A 226 7.72 38.77 -11.33
C LYS A 226 8.24 37.81 -12.39
N THR A 227 8.13 36.50 -12.17
CA THR A 227 8.81 35.53 -13.02
C THR A 227 8.16 35.42 -14.39
N LEU A 228 6.82 35.41 -14.45
CA LEU A 228 6.17 35.33 -15.75
C LEU A 228 6.33 36.63 -16.52
N ASN A 229 6.34 37.77 -15.83
CA ASN A 229 6.66 39.04 -16.46
C ASN A 229 8.15 39.23 -16.68
N LEU A 230 8.98 38.29 -16.24
CA LEU A 230 10.34 38.14 -16.73
C LEU A 230 10.43 37.19 -17.91
N PHE A 231 9.48 36.27 -18.03
CA PHE A 231 9.42 35.31 -19.13
C PHE A 231 8.67 35.85 -20.33
N LYS A 232 7.75 36.80 -20.12
CA LYS A 232 6.83 37.22 -21.16
C LYS A 232 7.50 38.05 -22.25
N GLN A 233 8.65 38.66 -21.95
CA GLN A 233 9.31 39.53 -22.90
C GLN A 233 10.53 38.89 -23.58
N ILE A 234 10.86 37.65 -23.24
CA ILE A 234 11.91 36.96 -23.99
C ILE A 234 11.41 36.60 -25.38
N LYS A 235 12.36 36.36 -26.28
CA LYS A 235 12.03 36.18 -27.69
C LYS A 235 11.83 34.70 -28.01
N SER A 236 11.12 34.46 -29.11
CA SER A 236 10.90 33.11 -29.61
C SER A 236 12.06 32.58 -30.44
N ALA A 237 13.02 33.45 -30.80
CA ALA A 237 14.15 33.04 -31.62
C ALA A 237 15.15 32.14 -30.88
N ASP A 238 15.02 31.99 -29.56
CA ASP A 238 15.98 31.18 -28.82
C ASP A 238 15.32 30.28 -27.77
N CYS A 239 14.04 29.93 -27.95
CA CYS A 239 13.43 28.91 -27.10
C CYS A 239 13.93 27.52 -27.43
N GLU A 240 14.47 27.30 -28.64
CA GLU A 240 15.04 26.02 -28.99
C GLU A 240 16.38 25.76 -28.30
N LEU A 241 17.01 26.80 -27.76
CA LEU A 241 18.23 26.66 -26.98
C LEU A 241 17.98 26.23 -25.55
N LEU A 242 16.71 26.00 -25.16
CA LEU A 242 16.38 25.65 -23.79
C LEU A 242 15.29 24.58 -23.74
N GLY A 243 15.21 23.73 -24.76
CA GLY A 243 14.42 22.52 -24.68
C GLY A 243 13.10 22.59 -25.43
N ILE A 244 12.43 23.74 -25.36
CA ILE A 244 11.12 23.87 -25.99
C ILE A 244 11.30 24.12 -27.48
N ASP A 245 10.26 23.81 -28.26
CA ASP A 245 10.17 24.27 -29.63
C ASP A 245 9.05 25.29 -29.78
N ALA A 246 9.13 26.07 -30.85
CA ALA A 246 8.06 26.97 -31.25
C ALA A 246 7.08 26.24 -32.18
N THR A 247 6.26 27.03 -32.90
CA THR A 247 5.33 26.61 -33.94
C THR A 247 4.10 25.90 -33.39
N VAL A 248 4.09 25.60 -32.09
CA VAL A 248 2.84 25.28 -31.41
C VAL A 248 2.37 26.53 -30.69
N PRO A 249 1.06 26.75 -30.51
CA PRO A 249 0.62 27.91 -29.72
C PRO A 249 1.04 27.81 -28.26
N SER A 250 1.18 26.59 -27.74
CA SER A 250 1.59 26.34 -26.36
C SER A 250 3.10 26.32 -26.18
N GLY A 251 3.87 26.82 -27.16
CA GLY A 251 5.30 26.78 -27.01
C GLY A 251 5.92 27.83 -26.12
N ARG A 252 5.13 28.74 -25.57
CA ARG A 252 5.71 29.78 -24.74
C ARG A 252 6.11 29.23 -23.37
N PRO A 253 7.20 29.73 -22.80
CA PRO A 253 7.53 29.37 -21.41
C PRO A 253 6.65 30.05 -20.38
N GLU A 254 5.71 30.89 -20.81
CA GLU A 254 4.78 31.53 -19.89
C GLU A 254 3.84 30.54 -19.22
N THR A 255 3.56 29.41 -19.87
CA THR A 255 2.52 28.49 -19.44
C THR A 255 3.04 27.41 -18.49
N TYR A 256 4.21 27.59 -17.89
CA TYR A 256 4.80 26.58 -17.03
C TYR A 256 4.66 26.93 -15.55
N ILE A 257 3.83 27.93 -15.23
CA ILE A 257 3.42 28.22 -13.87
C ILE A 257 1.91 28.44 -13.87
N TRP A 258 1.29 28.23 -12.71
CA TRP A 258 -0.16 28.22 -12.63
C TRP A 258 -0.69 29.65 -12.61
N ARG A 259 -1.52 29.98 -13.61
CA ARG A 259 -2.31 31.20 -13.59
C ARG A 259 -3.80 30.89 -13.66
N TYR A 260 -4.20 29.95 -14.51
CA TYR A 260 -5.50 29.30 -14.44
C TYR A 260 -5.24 27.84 -14.08
N LEU A 261 -6.13 27.26 -13.27
CA LEU A 261 -6.07 25.81 -13.11
C LEU A 261 -7.40 25.18 -13.46
N PRO A 262 -7.41 24.06 -14.17
CA PRO A 262 -8.67 23.40 -14.50
C PRO A 262 -9.19 22.57 -13.32
N ALA A 263 -10.50 22.35 -13.34
CA ALA A 263 -11.13 21.38 -12.45
C ALA A 263 -11.37 20.08 -13.20
N PRO A 264 -10.93 18.95 -12.68
CA PRO A 264 -11.19 17.66 -13.35
C PRO A 264 -12.66 17.29 -13.22
N PRO A 265 -13.13 16.28 -13.95
CA PRO A 265 -14.50 15.81 -13.78
C PRO A 265 -14.69 15.19 -12.40
N VAL A 266 -15.96 15.00 -12.04
CA VAL A 266 -16.30 14.35 -10.77
C VAL A 266 -16.24 12.83 -10.86
N CYS A 267 -16.11 12.27 -12.06
CA CYS A 267 -16.03 10.82 -12.20
C CYS A 267 -14.74 10.26 -11.60
N ILE A 268 -13.65 11.03 -11.67
CA ILE A 268 -12.39 10.56 -11.09
C ILE A 268 -12.32 10.81 -9.59
N ARG A 269 -13.19 11.66 -9.05
CA ARG A 269 -13.24 11.95 -7.62
C ARG A 269 -14.66 11.75 -7.08
N PRO A 270 -15.20 10.54 -7.17
CA PRO A 270 -16.62 10.35 -6.93
C PRO A 270 -16.97 10.46 -5.45
N SER A 271 -18.18 10.94 -5.18
CA SER A 271 -18.64 11.12 -3.80
C SER A 271 -18.97 9.75 -3.20
N VAL A 272 -18.00 9.18 -2.47
CA VAL A 272 -18.18 7.87 -1.87
C VAL A 272 -19.22 7.97 -0.75
N MET A 273 -20.33 7.26 -0.90
CA MET A 273 -21.39 7.23 0.10
C MET A 273 -21.20 6.00 0.97
N MET A 274 -20.57 6.18 2.13
CA MET A 274 -20.19 5.06 2.99
C MET A 274 -21.37 4.46 3.73
N GLN A 275 -22.51 5.15 3.77
CA GLN A 275 -23.70 4.74 4.51
C GLN A 275 -23.37 4.49 5.99
N ASP A 276 -22.66 5.44 6.59
CA ASP A 276 -22.55 5.53 8.03
C ASP A 276 -23.38 6.66 8.62
N SER A 277 -24.11 7.39 7.77
CA SER A 277 -24.81 8.62 8.13
C SER A 277 -25.80 8.95 7.01
N PRO A 278 -26.64 9.97 7.18
CA PRO A 278 -27.33 10.54 6.01
C PRO A 278 -26.46 11.50 5.20
N ALA A 279 -25.20 11.68 5.59
CA ALA A 279 -24.26 12.52 4.85
C ALA A 279 -23.14 11.65 4.28
N SER A 280 -22.47 12.19 3.26
CA SER A 280 -21.42 11.45 2.57
C SER A 280 -20.06 11.88 3.09
N ASN A 281 -19.15 10.90 3.22
CA ASN A 281 -17.74 11.20 3.46
C ASN A 281 -17.14 11.74 2.16
N GLU A 282 -16.97 13.06 2.08
CA GLU A 282 -16.51 13.66 0.84
C GLU A 282 -15.00 13.54 0.71
N ASP A 283 -14.54 13.21 -0.49
CA ASP A 283 -13.17 12.72 -0.67
C ASP A 283 -12.17 13.87 -0.56
N ASP A 284 -10.89 13.53 -0.75
CA ASP A 284 -9.80 14.44 -0.38
C ASP A 284 -9.60 15.53 -1.41
N LEU A 285 -9.95 15.28 -2.67
CA LEU A 285 -9.68 16.24 -3.74
C LEU A 285 -10.60 17.45 -3.65
N THR A 286 -11.89 17.22 -3.47
CA THR A 286 -12.85 18.32 -3.36
C THR A 286 -12.62 19.13 -2.09
N VAL A 287 -12.27 18.48 -0.98
CA VAL A 287 -12.03 19.21 0.27
C VAL A 287 -10.66 19.87 0.30
N LYS A 288 -9.84 19.66 -0.73
CA LYS A 288 -8.67 20.50 -0.95
C LYS A 288 -8.93 21.61 -1.97
N LEU A 289 -9.77 21.33 -2.96
CA LEU A 289 -10.08 22.31 -4.00
C LEU A 289 -11.02 23.40 -3.49
N THR A 290 -11.72 23.15 -2.38
CA THR A 290 -12.71 24.10 -1.88
C THR A 290 -12.05 25.36 -1.34
N GLU A 291 -11.03 25.20 -0.50
CA GLU A 291 -10.35 26.38 0.05
C GLU A 291 -9.40 27.03 -0.94
N ILE A 292 -9.10 26.37 -2.07
CA ILE A 292 -8.32 27.01 -3.12
C ILE A 292 -9.06 28.22 -3.68
N VAL A 293 -10.34 28.02 -4.04
CA VAL A 293 -11.15 29.13 -4.54
C VAL A 293 -11.57 30.05 -3.41
N TRP A 294 -11.56 29.56 -2.16
CA TRP A 294 -11.89 30.43 -1.03
C TRP A 294 -10.76 31.40 -0.73
N THR A 295 -9.51 30.91 -0.73
CA THR A 295 -8.38 31.80 -0.49
C THR A 295 -8.19 32.76 -1.66
N SER A 296 -8.37 32.27 -2.89
CA SER A 296 -8.24 33.13 -4.07
C SER A 296 -9.39 34.12 -4.18
N SER A 297 -10.51 33.88 -3.50
CA SER A 297 -11.60 34.85 -3.48
C SER A 297 -11.32 36.01 -2.54
N LEU A 298 -10.77 35.73 -1.35
CA LEU A 298 -10.47 36.80 -0.41
C LEU A 298 -9.26 37.62 -0.82
N ILE A 299 -8.37 37.06 -1.66
CA ILE A 299 -7.31 37.88 -2.23
C ILE A 299 -7.84 38.74 -3.37
N LYS A 300 -8.77 38.21 -4.16
CA LYS A 300 -9.42 39.02 -5.19
C LYS A 300 -10.27 40.12 -4.56
N ALA A 301 -10.98 39.80 -3.47
CA ALA A 301 -11.83 40.79 -2.82
C ALA A 301 -11.04 41.69 -1.88
N GLY A 302 -10.04 41.13 -1.20
CA GLY A 302 -9.30 41.91 -0.22
C GLY A 302 -8.44 43.00 -0.86
N LEU A 303 -7.79 42.69 -1.99
CA LEU A 303 -7.04 43.71 -2.70
C LEU A 303 -7.95 44.71 -3.39
N ASP A 304 -9.20 44.33 -3.71
CA ASP A 304 -10.16 45.31 -4.21
C ASP A 304 -10.56 46.26 -3.09
N LYS A 305 -10.84 45.73 -1.90
CA LYS A 305 -11.15 46.59 -0.75
C LYS A 305 -9.93 47.36 -0.30
N GLY A 306 -8.80 46.68 -0.15
CA GLY A 306 -7.61 47.26 0.44
C GLY A 306 -7.25 46.64 1.77
N ILE A 307 -6.33 45.69 1.76
CA ILE A 307 -5.89 45.00 2.96
C ILE A 307 -4.37 45.15 3.08
N SER A 308 -3.83 44.68 4.19
CA SER A 308 -2.40 44.80 4.44
C SER A 308 -1.61 43.93 3.47
N ILE A 309 -0.59 44.50 2.86
CA ILE A 309 0.32 43.73 2.02
C ILE A 309 1.21 42.83 2.85
N ASN A 310 1.38 43.14 4.14
CA ASN A 310 1.99 42.19 5.07
C ASN A 310 1.06 41.03 5.40
N ASN A 311 -0.24 41.17 5.13
CA ASN A 311 -1.19 40.07 5.37
C ASN A 311 -1.40 39.21 4.14
N MET A 312 -1.67 39.82 2.99
CA MET A 312 -1.91 39.05 1.78
C MET A 312 -0.66 38.38 1.23
N MET A 313 0.52 38.77 1.71
CA MET A 313 1.75 38.12 1.28
C MET A 313 1.79 36.66 1.73
N GLU A 314 1.46 36.39 2.99
CA GLU A 314 1.40 35.01 3.45
C GLU A 314 0.17 34.27 2.94
N HIS A 315 -0.94 34.98 2.67
CA HIS A 315 -2.09 34.33 2.06
C HIS A 315 -1.73 33.83 0.66
N TRP A 316 -1.05 34.65 -0.12
CA TRP A 316 -0.57 34.23 -1.44
C TRP A 316 0.53 33.18 -1.32
N ASP A 317 1.24 33.16 -0.21
CA ASP A 317 2.15 32.05 0.08
C ASP A 317 1.39 30.83 0.60
N TYR A 318 0.32 31.05 1.37
CA TYR A 318 -0.56 29.94 1.73
C TYR A 318 -1.21 29.34 0.49
N LEU A 319 -1.58 30.19 -0.48
CA LEU A 319 -2.14 29.71 -1.74
C LEU A 319 -1.06 29.04 -2.59
N GLN A 320 0.19 29.49 -2.47
CA GLN A 320 1.29 28.82 -3.15
C GLN A 320 1.52 27.43 -2.59
N LEU A 321 1.50 27.28 -1.26
CA LEU A 321 1.81 25.98 -0.67
C LEU A 321 0.65 25.01 -0.84
N THR A 322 -0.58 25.52 -0.92
CA THR A 322 -1.76 24.66 -0.94
C THR A 322 -1.93 24.00 -2.30
N VAL A 323 -1.66 24.74 -3.38
CA VAL A 323 -1.69 24.15 -4.72
C VAL A 323 -0.49 23.23 -4.93
N ALA A 324 0.59 23.42 -4.19
CA ALA A 324 1.74 22.54 -4.22
C ALA A 324 1.55 21.29 -3.36
N MET A 325 0.35 21.11 -2.82
CA MET A 325 -0.06 19.91 -2.10
C MET A 325 -1.25 19.22 -2.72
N TYR A 326 -2.20 19.97 -3.29
CA TYR A 326 -3.27 19.39 -4.08
C TYR A 326 -2.74 18.50 -5.21
N ILE A 327 -1.66 18.93 -5.86
CA ILE A 327 -1.05 18.12 -6.90
C ILE A 327 -0.20 17.01 -6.30
N ASN A 328 0.79 17.38 -5.48
CA ASN A 328 1.74 16.43 -4.90
C ASN A 328 1.88 16.75 -3.42
N SER A 329 1.43 15.84 -2.56
CA SER A 329 1.43 16.05 -1.12
C SER A 329 2.73 15.65 -0.46
N ASP A 330 3.84 15.57 -1.21
CA ASP A 330 5.13 15.31 -0.60
C ASP A 330 5.72 16.55 0.06
N SER A 331 5.26 17.74 -0.30
CA SER A 331 5.82 19.00 0.20
C SER A 331 5.11 19.50 1.45
N VAL A 332 4.55 18.60 2.27
CA VAL A 332 3.83 19.03 3.45
C VAL A 332 4.79 19.51 4.54
N ASN A 333 5.88 18.76 4.76
CA ASN A 333 6.82 18.97 5.86
C ASN A 333 6.08 19.17 7.18
N PRO A 334 5.51 18.11 7.76
CA PRO A 334 4.66 18.23 8.95
C PRO A 334 5.45 18.59 10.20
N LYS A 348 -3.10 10.46 7.87
CA LYS A 348 -3.27 11.86 8.27
C LYS A 348 -2.71 12.85 7.24
N PRO A 349 -1.58 12.53 6.61
CA PRO A 349 -1.21 13.27 5.39
C PRO A 349 -2.20 12.96 4.26
N ILE A 350 -2.63 14.01 3.57
CA ILE A 350 -3.72 13.88 2.62
C ILE A 350 -3.22 13.22 1.34
N ARG A 351 -4.08 12.43 0.71
CA ARG A 351 -3.75 11.85 -0.58
C ARG A 351 -3.74 12.90 -1.68
N GLY A 352 -3.14 12.55 -2.81
CA GLY A 352 -3.10 13.44 -3.96
C GLY A 352 -2.99 12.69 -5.27
N PHE A 353 -2.68 13.41 -6.35
CA PHE A 353 -2.50 12.78 -7.65
C PHE A 353 -1.20 11.98 -7.69
N CYS A 354 -0.08 12.64 -7.40
CA CYS A 354 1.22 11.97 -7.35
C CYS A 354 1.30 10.96 -6.20
N GLN A 355 0.49 11.13 -5.16
CA GLN A 355 0.50 10.22 -4.01
C GLN A 355 -0.16 8.88 -4.31
N ARG A 356 -0.70 8.68 -5.50
CA ARG A 356 -1.28 7.39 -5.88
C ARG A 356 -0.76 6.81 -7.18
N LEU A 357 -0.18 7.63 -8.08
CA LEU A 357 0.40 7.08 -9.30
C LEU A 357 1.66 6.28 -9.03
N LYS A 358 2.35 6.54 -7.92
CA LYS A 358 3.50 5.76 -7.49
C LYS A 358 3.18 5.02 -6.20
N GLY A 359 3.95 3.98 -5.93
CA GLY A 359 3.71 3.11 -4.79
C GLY A 359 3.32 1.71 -5.22
N LYS A 360 3.29 0.82 -4.24
CA LYS A 360 2.94 -0.57 -4.48
C LYS A 360 1.44 -0.69 -4.75
N GLN A 361 1.11 -0.96 -6.01
CA GLN A 361 -0.26 -1.28 -6.44
C GLN A 361 -1.23 -0.12 -6.19
N GLY A 362 -0.73 1.11 -6.31
CA GLY A 362 -1.61 2.26 -6.28
C GLY A 362 -2.13 2.60 -7.67
N ARG A 363 -1.22 2.84 -8.60
CA ARG A 363 -1.50 2.84 -10.03
C ARG A 363 -0.37 2.11 -10.75
N PHE A 364 -0.59 1.83 -12.04
CA PHE A 364 0.43 1.32 -12.94
C PHE A 364 0.92 -0.08 -12.59
N ARG A 365 0.48 -0.62 -11.46
CA ARG A 365 0.85 -1.99 -11.09
C ARG A 365 -0.35 -2.84 -10.71
N GLY A 366 -1.36 -2.28 -10.05
CA GLY A 366 -2.59 -2.97 -9.77
C GLY A 366 -3.78 -2.47 -10.55
N ASN A 367 -3.60 -1.55 -11.49
CA ASN A 367 -4.69 -0.96 -12.25
C ASN A 367 -4.40 -0.99 -13.74
N LEU A 368 -3.13 -0.91 -14.11
CA LEU A 368 -2.73 -0.93 -15.51
C LEU A 368 -1.89 -2.14 -15.87
N SER A 369 -0.89 -2.49 -15.06
CA SER A 369 -0.10 -3.69 -15.35
C SER A 369 -0.88 -4.96 -15.00
N GLY A 370 -1.31 -5.08 -13.76
CA GLY A 370 -2.10 -6.23 -13.35
C GLY A 370 -3.51 -5.82 -12.96
N LYS A 371 -4.48 -6.14 -13.79
CA LYS A 371 -5.85 -5.76 -13.52
C LYS A 371 -6.59 -6.89 -12.81
N ARG A 372 -7.91 -6.80 -12.74
CA ARG A 372 -8.76 -7.88 -12.26
C ARG A 372 -9.68 -8.35 -13.37
N VAL A 373 -9.95 -9.65 -13.40
CA VAL A 373 -10.60 -10.27 -14.54
C VAL A 373 -11.99 -10.73 -14.13
N ASP A 374 -12.84 -10.97 -15.12
CA ASP A 374 -14.11 -11.65 -14.93
C ASP A 374 -13.98 -13.12 -15.28
N PHE A 375 -15.01 -13.88 -14.90
CA PHE A 375 -15.14 -15.30 -15.24
C PHE A 375 -13.96 -16.11 -14.69
N SER A 376 -13.89 -16.15 -13.36
CA SER A 376 -12.81 -16.86 -12.68
C SER A 376 -13.39 -17.69 -11.54
N GLY A 377 -12.49 -18.35 -10.82
CA GLY A 377 -12.84 -19.12 -9.63
C GLY A 377 -11.60 -19.34 -8.80
N ARG A 378 -11.80 -19.72 -7.54
CA ARG A 378 -10.67 -20.00 -6.66
C ARG A 378 -11.11 -21.01 -5.61
N THR A 379 -10.75 -22.27 -5.83
CA THR A 379 -11.14 -23.37 -4.97
C THR A 379 -9.90 -24.19 -4.60
N VAL A 380 -10.07 -25.10 -3.65
CA VAL A 380 -9.01 -26.03 -3.28
C VAL A 380 -8.89 -27.11 -4.35
N ILE A 381 -7.82 -27.89 -4.30
CA ILE A 381 -7.59 -28.96 -5.27
C ILE A 381 -7.45 -30.29 -4.54
N SER A 382 -7.66 -31.37 -5.29
CA SER A 382 -7.49 -32.73 -4.80
C SER A 382 -7.06 -33.59 -5.98
N PRO A 383 -6.18 -34.57 -5.77
CA PRO A 383 -5.59 -35.28 -6.90
C PRO A 383 -6.57 -36.27 -7.52
N ASP A 384 -6.25 -36.66 -8.76
CA ASP A 384 -6.98 -37.70 -9.47
C ASP A 384 -6.06 -38.34 -10.51
N PRO A 385 -5.70 -39.61 -10.34
CA PRO A 385 -4.90 -40.29 -11.37
C PRO A 385 -5.69 -40.72 -12.59
N ASN A 386 -6.95 -41.07 -12.40
CA ASN A 386 -7.71 -41.83 -13.38
C ASN A 386 -8.19 -41.00 -14.58
N LEU A 387 -7.81 -39.73 -14.68
CA LEU A 387 -8.02 -38.97 -15.90
C LEU A 387 -6.67 -38.59 -16.51
N SER A 388 -6.70 -38.24 -17.79
CA SER A 388 -5.47 -38.11 -18.56
C SER A 388 -4.82 -36.74 -18.33
N ILE A 389 -3.53 -36.66 -18.65
CA ILE A 389 -2.87 -35.38 -18.79
C ILE A 389 -3.47 -34.62 -19.97
N ASP A 390 -3.60 -33.30 -19.81
CA ASP A 390 -4.27 -32.25 -20.61
C ASP A 390 -5.73 -32.12 -20.25
N GLU A 391 -6.27 -32.95 -19.37
CA GLU A 391 -7.65 -32.84 -18.91
C GLU A 391 -7.67 -32.53 -17.43
N VAL A 392 -8.31 -31.42 -17.05
CA VAL A 392 -8.58 -31.09 -15.67
C VAL A 392 -10.07 -31.31 -15.41
N ALA A 393 -10.40 -31.71 -14.20
CA ALA A 393 -11.80 -31.90 -13.83
C ALA A 393 -12.34 -30.64 -13.17
N VAL A 394 -13.56 -30.26 -13.55
CA VAL A 394 -14.20 -29.06 -13.05
C VAL A 394 -15.50 -29.47 -12.37
N PRO A 395 -15.77 -29.02 -11.15
CA PRO A 395 -17.05 -29.33 -10.51
C PRO A 395 -18.20 -28.64 -11.23
N ASP A 396 -19.39 -29.21 -11.07
CA ASP A 396 -20.52 -28.74 -11.87
C ASP A 396 -21.14 -27.46 -11.30
N ARG A 397 -21.01 -27.22 -10.00
CA ARG A 397 -21.64 -26.04 -9.40
C ARG A 397 -20.91 -24.75 -9.77
N VAL A 398 -19.66 -24.84 -10.19
CA VAL A 398 -19.00 -23.71 -10.86
C VAL A 398 -19.13 -23.79 -12.37
N ALA A 399 -19.39 -24.97 -12.93
CA ALA A 399 -19.49 -25.14 -14.37
C ALA A 399 -20.79 -24.59 -14.94
N LYS A 400 -21.86 -24.50 -14.14
CA LYS A 400 -23.09 -23.87 -14.59
C LYS A 400 -23.17 -22.41 -14.16
N VAL A 401 -22.02 -21.78 -13.93
CA VAL A 401 -21.91 -20.35 -13.70
C VAL A 401 -20.97 -19.69 -14.71
N LEU A 402 -19.77 -20.23 -14.84
CA LEU A 402 -18.80 -19.75 -15.82
C LEU A 402 -19.25 -20.13 -17.22
N THR A 403 -19.65 -19.14 -18.02
CA THR A 403 -20.18 -19.38 -19.34
C THR A 403 -19.15 -19.06 -20.42
N TYR A 404 -19.51 -19.38 -21.66
CA TYR A 404 -18.66 -19.14 -22.82
C TYR A 404 -19.54 -18.80 -24.02
N PRO A 405 -19.30 -17.67 -24.67
CA PRO A 405 -20.18 -17.25 -25.77
C PRO A 405 -20.02 -18.15 -26.99
N GLU A 406 -21.07 -18.17 -27.81
CA GLU A 406 -21.17 -19.15 -28.90
C GLU A 406 -22.09 -18.57 -29.97
N LYS A 407 -21.51 -18.19 -31.11
CA LYS A 407 -22.33 -17.76 -32.24
C LYS A 407 -23.01 -18.96 -32.89
N VAL A 408 -24.26 -18.76 -33.30
CA VAL A 408 -25.02 -19.81 -33.97
C VAL A 408 -24.59 -19.90 -35.43
N THR A 409 -24.48 -21.13 -35.94
CA THR A 409 -24.18 -21.37 -37.33
C THR A 409 -25.12 -22.47 -37.82
N ARG A 410 -25.13 -22.71 -39.14
CA ARG A 410 -25.87 -23.85 -39.68
C ARG A 410 -25.31 -25.19 -39.23
N TYR A 411 -24.07 -25.23 -38.75
CA TYR A 411 -23.48 -26.48 -38.29
C TYR A 411 -23.96 -26.84 -36.88
N ASN A 412 -24.08 -25.84 -36.00
CA ASN A 412 -24.36 -26.07 -34.59
C ASN A 412 -25.76 -25.62 -34.20
N ARG A 413 -26.64 -25.41 -35.19
CA ARG A 413 -28.01 -25.01 -34.90
C ARG A 413 -28.77 -26.14 -34.23
N HIS A 414 -28.51 -27.39 -34.63
CA HIS A 414 -29.25 -28.52 -34.09
C HIS A 414 -28.95 -28.72 -32.60
N LYS A 415 -27.69 -28.56 -32.21
CA LYS A 415 -27.32 -28.80 -30.81
C LYS A 415 -27.81 -27.68 -29.90
N LEU A 416 -27.74 -26.43 -30.36
CA LEU A 416 -28.11 -25.30 -29.51
C LEU A 416 -29.61 -25.22 -29.29
N GLN A 417 -30.42 -25.78 -30.19
CA GLN A 417 -31.86 -25.85 -29.94
C GLN A 417 -32.16 -26.77 -28.77
N GLU A 418 -31.52 -27.95 -28.73
CA GLU A 418 -31.64 -28.83 -27.58
C GLU A 418 -31.00 -28.24 -26.33
N LEU A 419 -29.97 -27.40 -26.51
CA LEU A 419 -29.29 -26.83 -25.35
C LEU A 419 -30.10 -25.70 -24.71
N ILE A 420 -30.86 -24.94 -25.48
CA ILE A 420 -31.55 -23.78 -24.92
C ILE A 420 -32.82 -24.17 -24.19
N VAL A 421 -33.38 -25.36 -24.48
CA VAL A 421 -34.57 -25.82 -23.77
C VAL A 421 -34.24 -26.38 -22.40
N ASN A 422 -32.95 -26.62 -22.11
CA ASN A 422 -32.56 -27.09 -20.80
C ASN A 422 -32.75 -26.00 -19.73
N GLY A 423 -32.44 -24.76 -20.07
CA GLY A 423 -32.52 -23.67 -19.14
C GLY A 423 -31.33 -23.65 -18.19
N PRO A 424 -31.28 -22.63 -17.31
CA PRO A 424 -30.20 -22.53 -16.32
C PRO A 424 -30.47 -23.29 -15.02
N ASN A 425 -30.88 -24.54 -15.13
CA ASN A 425 -30.99 -25.35 -13.91
C ASN A 425 -30.27 -26.68 -14.01
N VAL A 426 -30.37 -27.37 -15.14
CA VAL A 426 -29.58 -28.58 -15.40
C VAL A 426 -28.25 -28.16 -16.01
N HIS A 427 -27.29 -29.10 -16.07
CA HIS A 427 -25.92 -28.71 -16.41
C HIS A 427 -25.80 -28.26 -17.86
N PRO A 428 -26.15 -29.08 -18.87
CA PRO A 428 -25.78 -28.65 -20.25
C PRO A 428 -26.81 -27.70 -20.86
N GLY A 429 -26.82 -26.47 -20.36
CA GLY A 429 -27.79 -25.48 -20.78
C GLY A 429 -27.16 -24.11 -20.95
N ALA A 430 -27.97 -23.06 -20.91
CA ALA A 430 -27.49 -21.70 -21.12
C ALA A 430 -27.98 -20.82 -19.98
N ASN A 431 -27.41 -19.62 -19.89
CA ASN A 431 -27.78 -18.65 -18.87
C ASN A 431 -28.37 -17.38 -19.48
N TYR A 432 -27.74 -16.84 -20.51
CA TYR A 432 -28.14 -15.60 -21.14
C TYR A 432 -28.30 -15.83 -22.63
N LEU A 433 -28.90 -14.85 -23.31
CA LEU A 433 -29.07 -14.92 -24.75
C LEU A 433 -29.11 -13.52 -25.32
N LEU A 434 -28.57 -13.35 -26.52
CA LEU A 434 -28.51 -12.06 -27.19
C LEU A 434 -28.84 -12.28 -28.65
N LYS A 435 -30.02 -11.85 -29.08
CA LYS A 435 -30.36 -11.80 -30.48
C LYS A 435 -29.71 -10.58 -31.14
N ARG A 436 -29.39 -10.72 -32.42
CA ARG A 436 -28.66 -9.65 -33.10
C ARG A 436 -29.52 -8.41 -33.32
N ASN A 437 -30.85 -8.55 -33.27
CA ASN A 437 -31.71 -7.38 -33.25
C ASN A 437 -31.84 -6.82 -31.83
N GLU A 438 -31.78 -7.69 -30.82
CA GLU A 438 -31.85 -7.23 -29.43
C GLU A 438 -30.57 -6.47 -29.09
N ASP A 439 -30.67 -5.57 -28.11
CA ASP A 439 -29.61 -4.59 -27.91
C ASP A 439 -28.67 -4.92 -26.75
N ALA A 440 -29.17 -5.45 -25.62
CA ALA A 440 -28.35 -5.60 -24.44
C ALA A 440 -28.08 -7.05 -24.08
N ARG A 441 -29.11 -7.82 -23.72
CA ARG A 441 -29.12 -9.26 -23.52
C ARG A 441 -30.55 -9.65 -23.13
N ARG A 442 -30.77 -10.96 -23.01
CA ARG A 442 -32.01 -11.47 -22.44
C ARG A 442 -31.70 -12.61 -21.48
N ASN A 443 -32.37 -12.61 -20.34
CA ASN A 443 -32.20 -13.65 -19.33
C ASN A 443 -33.07 -14.86 -19.67
N LEU A 444 -32.62 -16.03 -19.20
CA LEU A 444 -33.30 -17.28 -19.52
C LEU A 444 -34.26 -17.74 -18.43
N ARG A 445 -34.12 -17.23 -17.20
CA ARG A 445 -35.02 -17.64 -16.12
C ARG A 445 -36.43 -17.10 -16.33
N TYR A 446 -36.54 -15.85 -16.77
CA TYR A 446 -37.81 -15.16 -16.85
C TYR A 446 -38.36 -15.22 -18.27
N GLY A 447 -39.66 -15.48 -18.39
CA GLY A 447 -40.26 -15.68 -19.69
C GLY A 447 -40.21 -17.13 -20.14
N ASP A 448 -41.04 -17.43 -21.14
CA ASP A 448 -41.12 -18.79 -21.65
C ASP A 448 -39.87 -19.12 -22.46
N ARG A 449 -39.34 -20.32 -22.23
CA ARG A 449 -38.13 -20.77 -22.90
C ARG A 449 -38.42 -21.54 -24.19
N MET A 450 -39.38 -22.45 -24.17
CA MET A 450 -39.71 -23.22 -25.36
C MET A 450 -40.30 -22.33 -26.45
N LYS A 451 -41.02 -21.27 -26.09
CA LYS A 451 -41.50 -20.33 -27.08
C LYS A 451 -40.36 -19.54 -27.69
N LEU A 452 -39.31 -19.27 -26.91
CA LEU A 452 -38.11 -18.62 -27.45
C LEU A 452 -37.18 -19.61 -28.13
N ALA A 453 -37.31 -20.90 -27.83
CA ALA A 453 -36.41 -21.91 -28.39
C ALA A 453 -36.66 -22.17 -29.86
N LYS A 454 -37.82 -21.77 -30.39
CA LYS A 454 -38.17 -22.15 -31.76
C LYS A 454 -37.49 -21.25 -32.78
N ASN A 455 -37.34 -19.95 -32.49
CA ASN A 455 -36.88 -19.02 -33.50
C ASN A 455 -35.36 -19.05 -33.65
N LEU A 456 -34.65 -18.44 -32.70
CA LEU A 456 -33.19 -18.35 -32.69
C LEU A 456 -32.62 -18.03 -34.06
N GLN A 457 -32.86 -16.80 -34.53
CA GLN A 457 -32.28 -16.32 -35.78
C GLN A 457 -30.78 -16.57 -35.83
N ILE A 458 -30.33 -17.16 -36.93
CA ILE A 458 -29.03 -17.84 -36.99
C ILE A 458 -27.86 -16.89 -36.79
N GLY A 459 -28.07 -15.58 -36.87
CA GLY A 459 -26.99 -14.63 -36.72
C GLY A 459 -26.73 -14.12 -35.32
N ASP A 460 -27.19 -14.83 -34.29
CA ASP A 460 -27.08 -14.32 -32.93
C ASP A 460 -26.13 -15.20 -32.11
N VAL A 461 -26.07 -14.90 -30.80
CA VAL A 461 -25.11 -15.53 -29.90
C VAL A 461 -25.85 -15.94 -28.63
N VAL A 462 -25.43 -17.07 -28.05
CA VAL A 462 -25.96 -17.54 -26.77
C VAL A 462 -24.78 -17.88 -25.88
N GLU A 463 -25.05 -18.00 -24.58
CA GLU A 463 -24.02 -18.26 -23.58
C GLU A 463 -24.31 -19.58 -22.89
N ARG A 464 -23.77 -20.67 -23.44
CA ARG A 464 -23.92 -21.99 -22.83
C ARG A 464 -23.11 -22.07 -21.54
N HIS A 465 -23.42 -23.08 -20.73
CA HIS A 465 -22.57 -23.38 -19.59
C HIS A 465 -21.27 -24.04 -20.06
N LEU A 466 -20.31 -24.12 -19.16
CA LEU A 466 -19.07 -24.83 -19.46
C LEU A 466 -19.35 -26.32 -19.62
N GLU A 467 -18.63 -26.96 -20.54
CA GLU A 467 -18.85 -28.37 -20.83
C GLU A 467 -17.51 -29.04 -21.06
N ASP A 468 -17.54 -30.37 -21.14
CA ASP A 468 -16.32 -31.14 -21.37
C ASP A 468 -15.81 -30.87 -22.78
N GLY A 469 -14.56 -30.45 -22.90
CA GLY A 469 -13.93 -30.22 -24.19
C GLY A 469 -13.45 -28.81 -24.43
N ASP A 470 -13.82 -27.86 -23.56
CA ASP A 470 -13.42 -26.47 -23.73
C ASP A 470 -12.03 -26.23 -23.19
N VAL A 471 -11.56 -25.00 -23.29
CA VAL A 471 -10.16 -24.63 -23.10
C VAL A 471 -10.06 -23.70 -21.90
N VAL A 472 -9.23 -24.08 -20.93
CA VAL A 472 -9.22 -23.49 -19.60
C VAL A 472 -7.79 -23.13 -19.25
N LEU A 473 -7.56 -21.87 -18.89
CA LEU A 473 -6.31 -21.47 -18.25
C LEU A 473 -6.34 -21.72 -16.75
N PHE A 474 -5.16 -21.93 -16.18
CA PHE A 474 -5.01 -22.50 -14.85
C PHE A 474 -3.57 -22.30 -14.38
N ASN A 475 -3.38 -21.71 -13.21
CA ASN A 475 -2.03 -21.43 -12.72
C ASN A 475 -2.04 -21.30 -11.21
N ARG A 476 -0.83 -21.36 -10.65
CA ARG A 476 -0.58 -21.09 -9.24
C ARG A 476 -0.38 -19.59 -9.06
N GLN A 477 -0.78 -19.08 -7.90
CA GLN A 477 -0.80 -17.63 -7.73
C GLN A 477 0.60 -17.06 -7.53
N PRO A 478 1.48 -17.65 -6.71
CA PRO A 478 2.90 -17.25 -6.76
C PRO A 478 3.59 -17.92 -7.94
N SER A 479 3.89 -17.15 -8.97
CA SER A 479 4.36 -17.70 -10.23
C SER A 479 5.88 -17.73 -10.26
N LEU A 480 6.46 -18.90 -10.54
CA LEU A 480 7.91 -19.00 -10.61
C LEU A 480 8.42 -18.56 -11.97
N HIS A 481 7.85 -19.11 -13.04
CA HIS A 481 8.35 -18.91 -14.39
C HIS A 481 7.21 -19.10 -15.38
N ARG A 482 7.54 -19.09 -16.67
CA ARG A 482 6.52 -19.15 -17.72
C ARG A 482 5.81 -20.49 -17.78
N LEU A 483 6.37 -21.52 -17.15
CA LEU A 483 5.80 -22.87 -17.15
C LEU A 483 5.02 -23.13 -15.86
N SER A 484 4.49 -22.07 -15.25
CA SER A 484 3.56 -22.18 -14.14
C SER A 484 2.12 -21.91 -14.55
N ILE A 485 1.89 -21.49 -15.79
CA ILE A 485 0.57 -21.23 -16.32
C ILE A 485 0.44 -21.98 -17.63
N LEU A 486 -0.57 -22.85 -17.73
CA LEU A 486 -0.76 -23.71 -18.90
C LEU A 486 -2.24 -23.78 -19.22
N SER A 487 -2.57 -24.47 -20.30
CA SER A 487 -3.94 -24.72 -20.71
C SER A 487 -4.29 -26.18 -20.51
N HIS A 488 -5.58 -26.45 -20.36
CA HIS A 488 -6.07 -27.81 -20.15
C HIS A 488 -7.45 -27.94 -20.77
N TYR A 489 -7.85 -29.19 -21.01
CA TYR A 489 -9.23 -29.52 -21.32
C TYR A 489 -10.02 -29.73 -20.03
N ALA A 490 -11.32 -29.54 -20.13
CA ALA A 490 -12.22 -29.65 -18.98
C ALA A 490 -12.98 -30.97 -19.00
N LYS A 491 -13.42 -31.38 -17.81
CA LYS A 491 -14.27 -32.54 -17.64
C LYS A 491 -15.13 -32.34 -16.40
N ILE A 492 -16.43 -32.54 -16.54
CA ILE A 492 -17.39 -32.16 -15.51
C ILE A 492 -17.61 -33.34 -14.57
N ARG A 493 -17.42 -33.10 -13.28
CA ARG A 493 -17.50 -34.14 -12.26
C ARG A 493 -18.30 -33.59 -11.08
N PRO A 494 -19.05 -34.46 -10.40
CA PRO A 494 -20.11 -33.97 -9.50
C PRO A 494 -19.65 -33.58 -8.10
N TRP A 495 -18.35 -33.53 -7.81
CA TRP A 495 -17.92 -33.16 -6.47
C TRP A 495 -17.73 -31.63 -6.41
N ARG A 496 -16.99 -31.13 -5.41
CA ARG A 496 -16.95 -29.71 -5.13
C ARG A 496 -15.53 -29.17 -5.09
N THR A 497 -14.64 -29.66 -5.96
CA THR A 497 -13.28 -29.14 -5.99
C THR A 497 -12.63 -29.47 -7.33
N PHE A 498 -11.44 -28.91 -7.54
CA PHE A 498 -10.73 -28.99 -8.81
C PHE A 498 -9.86 -30.24 -8.79
N ARG A 499 -10.04 -31.13 -9.77
CA ARG A 499 -9.25 -32.36 -9.84
C ARG A 499 -8.41 -32.35 -11.11
N LEU A 500 -7.11 -32.51 -10.95
CA LEU A 500 -6.16 -32.54 -12.05
C LEU A 500 -5.39 -33.85 -12.00
N ASN A 501 -4.80 -34.23 -13.14
CA ASN A 501 -3.94 -35.41 -13.14
C ASN A 501 -2.63 -35.10 -12.42
N GLU A 502 -2.09 -36.12 -11.74
CA GLU A 502 -1.10 -35.85 -10.71
C GLU A 502 0.26 -35.49 -11.28
N CYS A 503 0.59 -36.00 -12.46
CA CYS A 503 1.94 -35.86 -13.02
C CYS A 503 2.28 -34.43 -13.42
N VAL A 504 1.32 -33.52 -13.46
CA VAL A 504 1.61 -32.11 -13.77
C VAL A 504 1.79 -31.27 -12.52
N CYS A 505 1.85 -31.88 -11.35
CA CYS A 505 1.96 -31.10 -10.11
C CYS A 505 3.35 -30.52 -9.92
N THR A 506 4.35 -31.02 -10.64
CA THR A 506 5.72 -30.57 -10.51
C THR A 506 5.97 -29.19 -11.10
N PRO A 507 5.34 -28.81 -12.23
CA PRO A 507 5.36 -27.39 -12.60
C PRO A 507 4.70 -26.48 -11.59
N TYR A 508 3.58 -26.88 -11.01
CA TYR A 508 2.85 -26.01 -10.11
C TYR A 508 3.38 -26.04 -8.68
N ASN A 509 4.34 -26.94 -8.41
CA ASN A 509 4.85 -27.35 -7.09
C ASN A 509 3.78 -27.29 -6.00
N ALA A 510 2.59 -27.84 -6.29
CA ALA A 510 1.51 -27.84 -5.32
C ALA A 510 1.74 -28.94 -4.28
N ASP A 511 1.09 -28.79 -3.13
CA ASP A 511 1.33 -29.71 -2.03
C ASP A 511 0.05 -30.28 -1.42
N PHE A 512 -1.13 -29.90 -1.93
CA PHE A 512 -2.39 -30.56 -1.58
C PHE A 512 -2.67 -30.48 -0.09
N ASP A 513 -2.31 -29.36 0.54
CA ASP A 513 -2.46 -29.19 1.98
C ASP A 513 -3.38 -28.03 2.33
N GLY A 514 -4.26 -27.63 1.42
CA GLY A 514 -5.06 -26.44 1.58
C GLY A 514 -4.71 -25.29 0.66
N ASP A 515 -3.73 -25.47 -0.22
CA ASP A 515 -3.48 -24.49 -1.26
C ASP A 515 -4.65 -24.45 -2.24
N GLU A 516 -4.94 -23.26 -2.75
CA GLU A 516 -6.06 -23.07 -3.66
C GLU A 516 -5.55 -22.47 -4.96
N MET A 517 -6.10 -22.95 -6.08
CA MET A 517 -5.72 -22.50 -7.40
C MET A 517 -6.82 -21.63 -7.98
N ASN A 518 -6.49 -20.90 -9.05
CA ASN A 518 -7.49 -20.17 -9.81
C ASN A 518 -7.45 -20.55 -11.28
N LEU A 519 -8.62 -20.70 -11.88
CA LEU A 519 -8.75 -21.05 -13.28
C LEU A 519 -9.31 -19.86 -14.06
N HIS A 520 -8.96 -19.79 -15.35
CA HIS A 520 -9.47 -18.74 -16.22
C HIS A 520 -10.10 -19.38 -17.45
N VAL A 521 -10.98 -18.65 -18.11
CA VAL A 521 -11.56 -19.10 -19.37
C VAL A 521 -11.52 -17.97 -20.41
N PRO A 522 -10.95 -18.18 -21.58
CA PRO A 522 -11.01 -17.15 -22.61
C PRO A 522 -12.40 -17.07 -23.21
N GLN A 523 -12.76 -15.89 -23.73
CA GLN A 523 -14.09 -15.68 -24.28
C GLN A 523 -14.03 -15.02 -25.64
N THR A 524 -13.21 -15.54 -26.54
CA THR A 524 -13.40 -15.34 -27.97
C THR A 524 -13.60 -16.69 -28.64
N GLU A 525 -13.65 -16.68 -29.97
CA GLU A 525 -13.46 -17.88 -30.77
C GLU A 525 -12.06 -17.96 -31.35
N GLU A 526 -11.22 -16.95 -31.12
CA GLU A 526 -9.85 -16.90 -31.60
C GLU A 526 -8.83 -17.22 -30.51
N ALA A 527 -8.95 -16.57 -29.35
CA ALA A 527 -8.04 -16.83 -28.24
C ALA A 527 -8.28 -18.20 -27.60
N ARG A 528 -9.45 -18.80 -27.83
CA ARG A 528 -9.63 -20.19 -27.42
C ARG A 528 -8.70 -21.12 -28.19
N ALA A 529 -8.43 -20.82 -29.46
CA ALA A 529 -7.46 -21.56 -30.24
C ALA A 529 -6.03 -21.16 -29.87
N GLU A 530 -5.83 -19.95 -29.36
CA GLU A 530 -4.50 -19.49 -28.98
C GLU A 530 -3.93 -20.28 -27.82
N ALA A 531 -4.77 -20.69 -26.87
CA ALA A 531 -4.25 -21.25 -25.62
C ALA A 531 -3.81 -22.69 -25.78
N ILE A 532 -4.43 -23.45 -26.69
CA ILE A 532 -4.04 -24.84 -26.90
C ILE A 532 -2.71 -24.92 -27.64
N ASN A 533 -2.62 -24.26 -28.79
CA ASN A 533 -1.48 -24.38 -29.70
C ASN A 533 -0.20 -23.79 -29.16
N LEU A 534 -0.23 -23.07 -28.04
CA LEU A 534 1.01 -22.63 -27.41
C LEU A 534 1.11 -23.02 -25.94
N MET A 535 0.02 -22.96 -25.19
CA MET A 535 0.05 -23.19 -23.75
C MET A 535 -0.60 -24.52 -23.36
N GLY A 536 -0.94 -25.35 -24.34
CA GLY A 536 -1.32 -26.72 -24.03
C GLY A 536 -0.16 -27.51 -23.50
N VAL A 537 -0.47 -28.46 -22.61
CA VAL A 537 0.58 -29.22 -21.94
C VAL A 537 1.26 -30.21 -22.89
N LYS A 538 0.64 -30.53 -24.02
CA LYS A 538 1.32 -31.36 -25.01
C LYS A 538 2.49 -30.63 -25.64
N ASN A 539 2.44 -29.30 -25.72
CA ASN A 539 3.50 -28.52 -26.31
C ASN A 539 4.60 -28.16 -25.32
N ASN A 540 4.43 -28.46 -24.04
CA ASN A 540 5.30 -27.95 -23.00
C ASN A 540 5.72 -29.05 -22.03
N LEU A 541 6.07 -30.22 -22.57
CA LEU A 541 6.72 -31.23 -21.73
C LEU A 541 8.14 -30.84 -21.36
N LEU A 542 8.76 -29.97 -22.15
CA LEU A 542 10.14 -29.56 -21.93
C LEU A 542 10.16 -28.17 -21.30
N THR A 543 11.03 -27.98 -20.32
CA THR A 543 11.17 -26.63 -19.80
C THR A 543 12.05 -25.79 -20.71
N PRO A 544 11.76 -24.49 -20.84
CA PRO A 544 12.65 -23.61 -21.60
C PRO A 544 13.91 -23.22 -20.84
N LYS A 545 14.00 -23.59 -19.56
CA LYS A 545 15.19 -23.29 -18.77
C LYS A 545 16.41 -24.01 -19.33
N SER A 546 16.28 -25.30 -19.60
CA SER A 546 17.37 -26.13 -20.10
C SER A 546 17.01 -27.01 -21.29
N GLY A 547 15.74 -27.32 -21.49
CA GLY A 547 15.35 -28.31 -22.49
C GLY A 547 15.05 -29.68 -21.95
N GLU A 548 14.97 -29.84 -20.63
CA GLU A 548 14.76 -31.06 -19.85
C GLU A 548 13.27 -31.33 -19.70
N PRO A 549 12.87 -32.61 -19.70
CA PRO A 549 11.46 -32.94 -19.48
C PRO A 549 11.02 -32.72 -18.05
N ILE A 550 10.10 -31.77 -17.84
CA ILE A 550 9.78 -31.29 -16.51
C ILE A 550 8.65 -32.08 -15.88
N ILE A 551 7.65 -32.49 -16.65
CA ILE A 551 6.59 -33.35 -16.13
C ILE A 551 7.08 -34.79 -16.15
N ALA A 552 6.89 -35.50 -15.04
CA ALA A 552 7.42 -36.85 -14.88
C ALA A 552 6.57 -37.60 -13.87
N ALA A 553 7.04 -38.79 -13.49
CA ALA A 553 6.47 -39.52 -12.37
C ALA A 553 6.93 -38.88 -11.07
N THR A 554 6.00 -38.64 -10.16
CA THR A 554 6.33 -38.07 -8.86
C THR A 554 6.70 -39.15 -7.84
N GLN A 555 6.83 -38.71 -6.58
CA GLN A 555 7.54 -39.41 -5.52
C GLN A 555 6.99 -40.79 -5.14
N ASP A 556 5.93 -41.26 -5.79
CA ASP A 556 5.54 -42.65 -5.60
C ASP A 556 5.13 -43.38 -6.87
N PHE A 557 4.98 -42.70 -8.01
CA PHE A 557 4.84 -43.42 -9.27
C PHE A 557 6.12 -44.16 -9.65
N ILE A 558 7.27 -43.73 -9.15
CA ILE A 558 8.49 -44.50 -9.30
C ILE A 558 8.41 -45.80 -8.51
N THR A 559 8.09 -45.71 -7.22
CA THR A 559 8.11 -46.89 -6.36
C THR A 559 6.96 -47.85 -6.64
N GLY A 560 5.96 -47.44 -7.42
CA GLY A 560 5.00 -48.39 -7.94
C GLY A 560 5.62 -49.16 -9.10
N SER A 561 6.22 -48.42 -10.03
CA SER A 561 6.86 -49.03 -11.20
C SER A 561 8.23 -49.61 -10.88
N TYR A 562 8.70 -49.47 -9.64
CA TYR A 562 9.93 -50.12 -9.20
C TYR A 562 9.71 -51.53 -8.68
N LEU A 563 8.63 -51.76 -7.92
CA LEU A 563 8.38 -53.11 -7.43
C LEU A 563 7.92 -54.04 -8.54
N ILE A 564 7.38 -53.49 -9.63
CA ILE A 564 7.05 -54.31 -10.79
C ILE A 564 8.33 -54.77 -11.49
N SER A 565 9.25 -53.84 -11.74
CA SER A 565 10.50 -54.13 -12.43
C SER A 565 11.57 -54.72 -11.51
N HIS A 566 11.21 -55.15 -10.30
CA HIS A 566 12.17 -55.85 -9.46
C HIS A 566 12.49 -57.21 -10.06
N LYS A 567 13.72 -57.67 -9.84
CA LYS A 567 14.20 -58.85 -10.56
C LYS A 567 13.51 -60.13 -10.11
N ASP A 568 13.01 -60.17 -8.88
CA ASP A 568 12.31 -61.33 -8.36
C ASP A 568 10.79 -61.15 -8.42
N SER A 569 10.29 -60.52 -9.48
CA SER A 569 8.85 -60.34 -9.68
C SER A 569 8.39 -61.19 -10.85
N PHE A 570 7.76 -62.32 -10.56
CA PHE A 570 7.35 -63.29 -11.57
C PHE A 570 5.84 -63.43 -11.55
N TYR A 571 5.25 -63.63 -12.74
CA TYR A 571 3.80 -63.61 -12.88
C TYR A 571 3.37 -64.74 -13.81
N ASP A 572 2.24 -65.37 -13.48
CA ASP A 572 1.55 -66.26 -14.40
C ASP A 572 0.79 -65.45 -15.45
N ARG A 573 0.07 -66.16 -16.32
CA ARG A 573 -0.75 -65.47 -17.32
C ARG A 573 -1.95 -64.79 -16.67
N ALA A 574 -2.56 -65.43 -15.67
CA ALA A 574 -3.79 -64.90 -15.09
C ALA A 574 -3.57 -63.55 -14.44
N THR A 575 -2.41 -63.32 -13.84
CA THR A 575 -2.08 -62.03 -13.28
C THR A 575 -1.48 -61.08 -14.30
N LEU A 576 -0.72 -61.60 -15.27
CA LEU A 576 -0.21 -60.75 -16.34
C LEU A 576 -1.35 -60.17 -17.17
N THR A 577 -2.45 -60.92 -17.31
CA THR A 577 -3.65 -60.39 -17.94
C THR A 577 -4.22 -59.23 -17.13
N GLN A 578 -4.34 -59.40 -15.81
CA GLN A 578 -5.01 -58.41 -14.98
C GLN A 578 -4.18 -57.14 -14.84
N LEU A 579 -2.86 -57.26 -14.79
CA LEU A 579 -2.01 -56.08 -14.74
C LEU A 579 -2.07 -55.31 -16.07
N LEU A 580 -1.97 -56.03 -17.19
CA LEU A 580 -2.03 -55.39 -18.49
C LEU A 580 -3.41 -54.82 -18.80
N SER A 581 -4.46 -55.33 -18.15
CA SER A 581 -5.80 -54.79 -18.31
C SER A 581 -6.07 -53.56 -17.45
N MET A 582 -5.17 -53.22 -16.51
CA MET A 582 -5.38 -52.05 -15.67
C MET A 582 -4.57 -50.83 -16.11
N MET A 583 -3.59 -50.98 -17.01
CA MET A 583 -2.94 -49.80 -17.56
C MET A 583 -3.80 -49.07 -18.58
N SER A 584 -4.76 -49.75 -19.19
CA SER A 584 -5.81 -49.14 -19.98
C SER A 584 -7.16 -49.36 -19.28
N ASP A 585 -8.23 -48.96 -19.95
CA ASP A 585 -9.59 -49.24 -19.49
C ASP A 585 -10.22 -50.37 -20.29
N GLY A 586 -9.42 -51.38 -20.65
CA GLY A 586 -9.88 -52.46 -21.50
C GLY A 586 -10.18 -52.07 -22.92
N ILE A 587 -9.45 -51.09 -23.47
CA ILE A 587 -9.72 -50.57 -24.80
C ILE A 587 -8.61 -50.90 -25.78
N GLU A 588 -7.35 -50.77 -25.35
CA GLU A 588 -6.22 -51.04 -26.24
C GLU A 588 -6.00 -52.54 -26.41
N HIS A 589 -5.82 -52.96 -27.66
CA HIS A 589 -5.63 -54.36 -27.99
C HIS A 589 -4.16 -54.71 -27.84
N PHE A 590 -3.86 -55.76 -27.09
CA PHE A 590 -2.49 -56.18 -26.84
C PHE A 590 -2.18 -57.51 -27.51
N ASP A 591 -0.90 -57.84 -27.53
CA ASP A 591 -0.42 -59.16 -27.92
C ASP A 591 0.63 -59.60 -26.93
N ILE A 592 0.55 -60.86 -26.51
CA ILE A 592 1.33 -61.38 -25.39
C ILE A 592 2.63 -61.97 -25.94
N PRO A 593 3.79 -61.50 -25.51
CA PRO A 593 5.05 -62.16 -25.86
C PRO A 593 5.19 -63.48 -25.12
N PRO A 594 6.01 -64.40 -25.63
CA PRO A 594 6.19 -65.67 -24.92
C PRO A 594 6.87 -65.46 -23.59
N PRO A 595 6.55 -66.29 -22.58
CA PRO A 595 7.06 -66.06 -21.23
C PRO A 595 8.54 -66.40 -21.12
N ALA A 596 9.15 -65.94 -20.02
CA ALA A 596 10.57 -66.18 -19.80
C ALA A 596 10.81 -67.62 -19.38
N ILE A 597 10.30 -68.01 -18.21
CA ILE A 597 10.46 -69.37 -17.72
C ILE A 597 9.38 -70.23 -18.36
N MET A 598 9.78 -71.37 -18.92
CA MET A 598 8.86 -72.10 -19.77
C MET A 598 8.68 -73.58 -19.43
N LYS A 599 9.73 -74.26 -18.96
CA LYS A 599 9.57 -75.70 -18.85
C LYS A 599 8.73 -76.13 -17.65
N PRO A 600 9.02 -75.69 -16.40
CA PRO A 600 8.18 -76.15 -15.29
C PRO A 600 6.77 -75.61 -15.40
N TYR A 601 6.66 -74.29 -15.49
CA TYR A 601 5.43 -73.59 -15.81
C TYR A 601 5.79 -72.42 -16.72
N TYR A 602 4.78 -71.66 -17.12
CA TYR A 602 4.99 -70.48 -17.94
C TYR A 602 5.00 -69.26 -17.02
N LEU A 603 6.13 -68.55 -16.98
CA LEU A 603 6.30 -67.39 -16.11
C LEU A 603 6.78 -66.21 -16.93
N TRP A 604 6.01 -65.14 -16.94
CA TRP A 604 6.47 -63.85 -17.41
C TRP A 604 7.22 -63.12 -16.29
N THR A 605 8.03 -62.14 -16.69
CA THR A 605 8.83 -61.39 -15.74
C THR A 605 8.20 -60.01 -15.51
N GLY A 606 8.79 -59.26 -14.57
CA GLY A 606 8.25 -57.97 -14.23
C GLY A 606 8.76 -56.85 -15.11
N LYS A 607 9.24 -57.20 -16.30
CA LYS A 607 9.82 -56.25 -17.23
C LYS A 607 9.15 -56.27 -18.58
N GLN A 608 8.72 -57.45 -19.04
CA GLN A 608 7.94 -57.56 -20.27
C GLN A 608 6.59 -56.87 -20.15
N VAL A 609 5.99 -56.92 -18.95
CA VAL A 609 4.78 -56.13 -18.69
C VAL A 609 5.07 -54.64 -18.80
N PHE A 610 6.27 -54.20 -18.39
CA PHE A 610 6.63 -52.81 -18.59
C PHE A 610 6.97 -52.52 -20.05
N SER A 611 7.39 -53.54 -20.81
CA SER A 611 7.64 -53.37 -22.23
C SER A 611 6.37 -53.15 -23.04
N LEU A 612 5.22 -53.58 -22.51
CA LEU A 612 3.97 -53.48 -23.26
C LEU A 612 3.30 -52.12 -23.12
N LEU A 613 3.53 -51.39 -22.02
CA LEU A 613 2.95 -50.06 -21.91
C LEU A 613 3.63 -49.07 -22.85
N ILE A 614 4.83 -49.38 -23.33
CA ILE A 614 5.47 -48.58 -24.36
C ILE A 614 4.90 -48.93 -25.73
N LYS A 615 5.05 -50.19 -26.13
CA LYS A 615 4.59 -50.69 -27.43
C LYS A 615 3.50 -51.71 -27.17
N PRO A 616 2.22 -51.34 -27.27
CA PRO A 616 1.16 -52.31 -27.00
C PRO A 616 1.08 -53.43 -28.03
N ASN A 617 1.34 -53.12 -29.30
CA ASN A 617 1.29 -54.14 -30.35
C ASN A 617 2.08 -53.62 -31.55
N HIS A 618 2.05 -54.40 -32.63
CA HIS A 618 2.79 -54.04 -33.84
C HIS A 618 2.17 -52.84 -34.54
N ASN A 619 0.87 -52.60 -34.33
CA ASN A 619 0.21 -51.45 -34.94
C ASN A 619 0.63 -50.13 -34.31
N SER A 620 1.20 -50.14 -33.12
CA SER A 620 1.74 -48.90 -32.57
C SER A 620 3.12 -48.62 -33.19
N PRO A 621 3.33 -47.41 -33.71
CA PRO A 621 4.59 -47.11 -34.42
C PRO A 621 5.78 -46.89 -33.50
N VAL A 622 5.58 -46.89 -32.18
CA VAL A 622 6.64 -46.50 -31.25
C VAL A 622 7.64 -47.65 -31.10
N VAL A 623 8.91 -47.37 -31.41
CA VAL A 623 10.02 -48.26 -31.10
C VAL A 623 11.24 -47.38 -30.82
N ILE A 624 11.91 -47.64 -29.70
CA ILE A 624 12.95 -46.74 -29.20
C ILE A 624 14.19 -47.55 -28.82
N ASN A 625 15.29 -46.82 -28.61
CA ASN A 625 16.57 -47.38 -28.22
C ASN A 625 17.23 -46.40 -27.26
N LEU A 626 17.71 -46.91 -26.12
CA LEU A 626 18.22 -46.02 -25.09
C LEU A 626 19.11 -46.79 -24.13
N ASP A 627 20.18 -46.13 -23.69
CA ASP A 627 21.09 -46.63 -22.66
C ASP A 627 21.19 -45.57 -21.57
N ALA A 628 21.06 -45.99 -20.31
CA ALA A 628 21.07 -45.02 -19.21
C ALA A 628 21.57 -45.67 -17.94
N LYS A 629 21.92 -44.82 -16.98
CA LYS A 629 22.46 -45.21 -15.69
C LYS A 629 21.44 -44.90 -14.60
N ASN A 630 21.32 -45.80 -13.62
CA ASN A 630 20.37 -45.59 -12.54
C ASN A 630 20.90 -44.57 -11.54
N LYS A 631 20.14 -44.35 -10.47
CA LYS A 631 20.57 -43.43 -9.42
C LYS A 631 21.69 -44.00 -8.57
N VAL A 632 21.72 -45.32 -8.36
CA VAL A 632 22.72 -45.92 -7.48
C VAL A 632 23.91 -46.44 -8.27
N PHE A 633 23.67 -47.47 -9.10
CA PHE A 633 24.66 -47.99 -10.05
C PHE A 633 25.96 -48.36 -9.33
N VAL A 634 25.89 -49.44 -8.55
CA VAL A 634 27.12 -50.00 -7.99
C VAL A 634 27.96 -50.60 -9.12
N PRO A 635 29.23 -50.26 -9.23
CA PRO A 635 29.98 -50.57 -10.44
C PRO A 635 30.38 -52.03 -10.49
N PRO A 636 30.45 -52.62 -11.68
CA PRO A 636 31.01 -53.98 -11.84
C PRO A 636 32.51 -54.00 -11.67
N LYS A 637 33.13 -55.13 -12.03
CA LYS A 637 34.57 -55.30 -11.91
C LYS A 637 35.35 -54.29 -12.76
N SER A 638 34.67 -53.57 -13.65
CA SER A 638 35.05 -52.28 -14.19
C SER A 638 36.14 -52.37 -15.27
N LYS A 639 36.74 -53.53 -15.49
CA LYS A 639 37.69 -53.64 -16.58
C LYS A 639 37.35 -54.77 -17.54
N SER A 640 36.92 -55.92 -17.02
CA SER A 640 36.47 -57.01 -17.88
C SER A 640 34.96 -56.96 -18.09
N LEU A 641 34.21 -56.71 -17.03
CA LEU A 641 32.76 -56.65 -17.09
C LEU A 641 32.31 -55.28 -17.59
N PRO A 642 31.36 -55.22 -18.53
CA PRO A 642 30.81 -53.91 -18.92
C PRO A 642 29.80 -53.40 -17.91
N ASN A 643 29.11 -52.31 -18.22
CA ASN A 643 28.25 -51.67 -17.23
C ASN A 643 27.02 -52.52 -16.91
N GLU A 644 26.60 -53.40 -17.81
CA GLU A 644 25.38 -54.16 -17.60
C GLU A 644 25.52 -55.16 -16.46
N MET A 645 26.70 -55.76 -16.29
CA MET A 645 26.89 -56.85 -15.34
C MET A 645 27.20 -56.32 -13.94
N SER A 646 26.29 -55.47 -13.44
CA SER A 646 26.44 -54.91 -12.11
C SER A 646 26.04 -55.94 -11.06
N GLN A 647 26.31 -55.62 -9.79
CA GLN A 647 25.89 -56.50 -8.72
C GLN A 647 24.38 -56.42 -8.51
N ASN A 648 23.82 -55.22 -8.58
CA ASN A 648 22.38 -55.03 -8.68
C ASN A 648 21.96 -55.12 -10.15
N ASP A 649 20.74 -54.70 -10.46
CA ASP A 649 20.32 -54.65 -11.86
C ASP A 649 20.99 -53.49 -12.58
N GLY A 650 21.05 -52.33 -11.93
CA GLY A 650 21.93 -51.25 -12.35
C GLY A 650 21.66 -50.70 -13.74
N PHE A 651 22.62 -50.88 -14.64
CA PHE A 651 22.58 -50.22 -15.94
C PHE A 651 21.47 -50.80 -16.80
N VAL A 652 20.66 -49.93 -17.39
CA VAL A 652 19.42 -50.31 -18.06
C VAL A 652 19.62 -50.27 -19.57
N ILE A 653 19.12 -51.31 -20.24
CA ILE A 653 19.23 -51.45 -21.69
C ILE A 653 17.85 -51.76 -22.24
N ILE A 654 17.41 -50.99 -23.23
CA ILE A 654 16.23 -51.33 -24.02
C ILE A 654 16.59 -51.29 -25.50
N ARG A 655 16.19 -52.34 -26.23
CA ARG A 655 16.45 -52.47 -27.66
C ARG A 655 15.17 -52.95 -28.31
N GLY A 656 14.64 -52.16 -29.25
CA GLY A 656 13.39 -52.52 -29.88
C GLY A 656 12.20 -52.41 -28.96
N SER A 657 12.29 -51.55 -27.94
CA SER A 657 11.23 -51.33 -26.96
C SER A 657 10.88 -52.61 -26.21
N GLN A 658 11.90 -53.25 -25.64
CA GLN A 658 11.71 -54.26 -24.61
C GLN A 658 12.74 -54.01 -23.52
N ILE A 659 12.33 -54.18 -22.26
CA ILE A 659 13.30 -54.08 -21.17
C ILE A 659 14.28 -55.25 -21.25
N LEU A 660 15.57 -54.94 -21.26
CA LEU A 660 16.59 -55.98 -21.26
C LEU A 660 17.43 -56.00 -20.00
N SER A 661 17.50 -54.89 -19.27
CA SER A 661 18.22 -54.82 -18.00
C SER A 661 17.66 -53.65 -17.20
N GLY A 662 18.24 -53.43 -16.02
CA GLY A 662 17.98 -52.22 -15.26
C GLY A 662 16.62 -52.14 -14.60
N VAL A 663 16.47 -51.19 -13.68
CA VAL A 663 15.18 -50.88 -13.07
C VAL A 663 14.89 -49.41 -13.32
N MET A 664 13.74 -48.93 -12.84
CA MET A 664 13.34 -47.53 -13.02
C MET A 664 13.30 -46.87 -11.65
N ASP A 665 14.26 -46.00 -11.39
CA ASP A 665 14.43 -45.37 -10.08
C ASP A 665 14.68 -43.88 -10.24
N LYS A 666 13.78 -43.20 -10.96
CA LYS A 666 13.63 -41.75 -11.03
C LYS A 666 14.71 -41.14 -11.92
N SER A 667 15.73 -41.90 -12.33
CA SER A 667 16.67 -41.45 -13.34
C SER A 667 16.41 -42.03 -14.72
N VAL A 668 15.41 -42.91 -14.84
CA VAL A 668 15.12 -43.59 -16.10
C VAL A 668 13.78 -43.13 -16.66
N LEU A 669 12.81 -42.86 -15.79
CA LEU A 669 11.47 -42.47 -16.17
C LEU A 669 11.05 -41.15 -15.56
N GLY A 670 11.81 -40.62 -14.60
CA GLY A 670 11.44 -39.46 -13.83
C GLY A 670 11.98 -38.17 -14.39
N ASP A 671 12.25 -37.23 -13.49
CA ASP A 671 12.55 -35.85 -13.80
C ASP A 671 14.05 -35.60 -13.67
N GLY A 672 14.47 -34.39 -14.00
CA GLY A 672 15.84 -33.97 -13.75
C GLY A 672 16.84 -34.40 -14.80
N LYS A 673 16.96 -35.70 -15.05
CA LYS A 673 17.93 -36.18 -16.03
C LYS A 673 17.36 -36.13 -17.44
N LYS A 674 18.24 -35.81 -18.40
CA LYS A 674 17.81 -35.64 -19.78
C LYS A 674 17.45 -36.97 -20.44
N HIS A 675 18.18 -38.02 -20.13
CA HIS A 675 18.09 -39.29 -20.86
C HIS A 675 17.05 -40.21 -20.23
N SER A 676 15.82 -39.70 -20.13
CA SER A 676 14.72 -40.46 -19.56
C SER A 676 13.85 -41.05 -20.66
N VAL A 677 13.00 -42.00 -20.26
CA VAL A 677 12.18 -42.73 -21.22
C VAL A 677 11.11 -41.83 -21.82
N PHE A 678 10.41 -41.07 -20.98
CA PHE A 678 9.36 -40.16 -21.43
C PHE A 678 9.91 -39.00 -22.25
N TYR A 679 11.19 -38.67 -22.07
CA TYR A 679 11.84 -37.71 -22.96
C TYR A 679 11.93 -38.24 -24.39
N THR A 680 12.20 -39.54 -24.53
CA THR A 680 12.58 -40.08 -25.83
C THR A 680 11.35 -40.31 -26.73
N ILE A 681 10.24 -40.76 -26.15
CA ILE A 681 9.00 -40.86 -26.92
C ILE A 681 8.48 -39.49 -27.30
N LEU A 682 8.76 -38.47 -26.48
CA LEU A 682 8.52 -37.10 -26.89
C LEU A 682 9.43 -36.69 -28.04
N ARG A 683 10.66 -37.20 -28.06
CA ARG A 683 11.66 -36.76 -29.03
C ARG A 683 11.35 -37.28 -30.43
N ASP A 684 11.07 -38.58 -30.56
CA ASP A 684 11.02 -39.22 -31.87
C ASP A 684 9.62 -39.64 -32.29
N TYR A 685 8.58 -39.35 -31.50
CA TYR A 685 7.23 -39.74 -31.89
C TYR A 685 6.20 -38.65 -31.60
N GLY A 686 6.63 -37.40 -31.49
CA GLY A 686 5.72 -36.30 -31.31
C GLY A 686 5.22 -36.18 -29.88
N PRO A 687 4.43 -35.14 -29.62
CA PRO A 687 3.88 -34.98 -28.26
C PRO A 687 2.66 -35.85 -27.98
N GLN A 688 1.94 -36.28 -29.01
CA GLN A 688 0.67 -36.98 -28.79
C GLN A 688 0.90 -38.37 -28.19
N GLU A 689 1.85 -39.12 -28.75
CA GLU A 689 2.18 -40.43 -28.19
C GLU A 689 2.96 -40.32 -26.89
N ALA A 690 3.57 -39.18 -26.59
CA ALA A 690 4.28 -39.03 -25.33
C ALA A 690 3.32 -39.01 -24.15
N ALA A 691 2.23 -38.25 -24.26
CA ALA A 691 1.23 -38.26 -23.21
C ALA A 691 0.46 -39.59 -23.18
N ASN A 692 0.22 -40.17 -24.35
CA ASN A 692 -0.56 -41.40 -24.42
C ASN A 692 0.17 -42.60 -23.81
N ALA A 693 1.49 -42.54 -23.69
CA ALA A 693 2.25 -43.64 -23.12
C ALA A 693 2.47 -43.51 -21.61
N MET A 694 2.40 -42.29 -21.06
CA MET A 694 2.69 -42.10 -19.65
C MET A 694 1.45 -42.06 -18.77
N ASN A 695 0.29 -41.67 -19.31
CA ASN A 695 -0.95 -41.85 -18.56
C ASN A 695 -1.36 -43.31 -18.49
N ARG A 696 -0.87 -44.14 -19.42
CA ARG A 696 -1.02 -45.59 -19.30
C ARG A 696 -0.26 -46.12 -18.08
N MET A 697 0.85 -45.49 -17.72
CA MET A 697 1.50 -45.81 -16.46
C MET A 697 0.67 -45.32 -15.27
N ALA A 698 0.13 -44.11 -15.36
CA ALA A 698 -0.57 -43.53 -14.22
C ALA A 698 -1.83 -44.32 -13.88
N LYS A 699 -2.55 -44.78 -14.90
CA LYS A 699 -3.73 -45.59 -14.66
C LYS A 699 -3.39 -46.98 -14.13
N LEU A 700 -2.15 -47.42 -14.31
CA LEU A 700 -1.69 -48.70 -13.78
C LEU A 700 -1.18 -48.57 -12.35
N CYS A 701 -0.17 -47.72 -12.13
CA CYS A 701 0.48 -47.64 -10.83
C CYS A 701 -0.43 -47.11 -9.74
N ALA A 702 -1.50 -46.39 -10.11
CA ALA A 702 -2.53 -46.06 -9.13
C ALA A 702 -3.30 -47.30 -8.72
N ARG A 703 -3.84 -48.04 -9.70
CA ARG A 703 -4.66 -49.21 -9.41
C ARG A 703 -3.85 -50.40 -8.90
N PHE A 704 -2.54 -50.41 -9.10
CA PHE A 704 -1.76 -51.62 -8.81
C PHE A 704 -1.41 -51.75 -7.33
N LEU A 705 -0.55 -50.85 -6.83
CA LEU A 705 0.20 -51.19 -5.62
C LEU A 705 -0.60 -51.01 -4.35
N GLY A 706 -1.80 -50.41 -4.42
CA GLY A 706 -2.77 -50.54 -3.36
C GLY A 706 -3.33 -51.94 -3.20
N ASN A 707 -3.15 -52.79 -4.21
CA ASN A 707 -3.50 -54.20 -4.12
C ASN A 707 -2.30 -55.11 -3.93
N ARG A 708 -1.09 -54.61 -4.12
CA ARG A 708 0.11 -55.37 -3.76
C ARG A 708 0.49 -55.13 -2.30
N GLY A 709 0.52 -53.88 -1.87
CA GLY A 709 0.76 -53.53 -0.49
C GLY A 709 2.16 -53.04 -0.20
N PHE A 710 2.25 -51.99 0.62
CA PHE A 710 3.52 -51.36 0.97
C PHE A 710 3.28 -50.51 2.21
N SER A 711 4.14 -50.64 3.20
CA SER A 711 3.96 -49.92 4.45
C SER A 711 5.33 -49.68 5.09
N ILE A 712 5.29 -49.05 6.27
CA ILE A 712 6.49 -48.70 7.02
C ILE A 712 6.14 -48.81 8.50
N GLY A 713 7.15 -49.06 9.32
CA GLY A 713 6.91 -49.21 10.74
C GLY A 713 8.18 -49.09 11.55
N ILE A 714 8.13 -49.68 12.75
CA ILE A 714 9.26 -49.57 13.68
C ILE A 714 10.37 -50.53 13.31
N ASN A 715 10.03 -51.79 13.00
CA ASN A 715 11.07 -52.79 12.73
C ASN A 715 11.91 -52.46 11.50
N ASP A 716 11.33 -51.77 10.52
CA ASP A 716 12.10 -51.30 9.37
C ASP A 716 12.52 -49.84 9.50
N VAL A 717 12.60 -49.31 10.72
CA VAL A 717 13.24 -48.03 10.96
C VAL A 717 14.16 -48.14 12.17
N THR A 718 14.02 -49.22 12.93
CA THR A 718 14.80 -49.40 14.14
C THR A 718 16.23 -49.85 13.82
N PRO A 719 17.17 -49.54 14.71
CA PRO A 719 18.49 -50.18 14.62
C PRO A 719 18.40 -51.66 14.98
N ALA A 720 19.16 -52.47 14.26
CA ALA A 720 19.12 -53.92 14.41
C ALA A 720 20.09 -54.42 15.47
N ASP A 721 20.43 -53.55 16.44
CA ASP A 721 21.15 -53.89 17.66
C ASP A 721 22.62 -54.16 17.38
N ASP A 722 23.00 -54.22 16.11
CA ASP A 722 24.41 -54.24 15.74
C ASP A 722 24.93 -52.84 15.42
N LEU A 723 24.05 -51.91 15.07
CA LEU A 723 24.35 -50.49 15.05
C LEU A 723 24.41 -49.86 16.44
N LYS A 724 23.97 -50.57 17.48
CA LYS A 724 24.00 -49.99 18.82
C LYS A 724 25.37 -50.06 19.46
N GLN A 725 26.01 -51.24 19.44
CA GLN A 725 27.34 -51.35 20.02
C GLN A 725 28.40 -50.70 19.14
N LYS A 726 28.13 -50.49 17.85
CA LYS A 726 29.11 -49.88 16.96
C LYS A 726 29.08 -48.37 17.03
N LYS A 727 27.88 -47.78 17.13
CA LYS A 727 27.78 -46.33 17.24
C LYS A 727 28.25 -45.84 18.60
N GLU A 728 28.02 -46.61 19.66
CA GLU A 728 28.33 -46.16 21.00
C GLU A 728 29.83 -46.12 21.28
N GLU A 729 30.65 -46.73 20.42
CA GLU A 729 32.09 -46.63 20.51
C GLU A 729 32.71 -45.77 19.43
N LEU A 730 32.12 -45.71 18.23
CA LEU A 730 32.72 -44.97 17.13
C LEU A 730 32.51 -43.48 17.25
N VAL A 731 31.47 -43.02 17.95
CA VAL A 731 31.34 -41.61 18.27
C VAL A 731 32.21 -41.21 19.45
N GLU A 732 32.75 -42.18 20.18
CA GLU A 732 33.77 -41.92 21.20
C GLU A 732 35.18 -41.86 20.60
N ILE A 733 35.38 -42.47 19.44
CA ILE A 733 36.67 -42.34 18.75
C ILE A 733 36.92 -40.89 18.37
N ALA A 734 35.90 -40.21 17.84
CA ALA A 734 36.02 -38.79 17.56
C ALA A 734 36.01 -37.93 18.82
N TYR A 735 35.56 -38.47 19.95
CA TYR A 735 35.56 -37.70 21.19
C TYR A 735 36.96 -37.59 21.81
N HIS A 736 37.71 -38.68 21.85
CA HIS A 736 39.03 -38.61 22.47
C HIS A 736 40.10 -38.10 21.50
N LYS A 737 39.87 -38.20 20.20
CA LYS A 737 40.67 -37.44 19.25
C LYS A 737 40.46 -35.94 19.44
N CYS A 738 39.23 -35.54 19.79
CA CYS A 738 38.98 -34.16 20.17
C CYS A 738 39.61 -33.82 21.52
N ASP A 739 39.80 -34.83 22.38
CA ASP A 739 40.30 -34.57 23.72
C ASP A 739 41.77 -34.16 23.69
N GLU A 740 42.57 -34.82 22.86
CA GLU A 740 43.95 -34.39 22.66
C GLU A 740 44.05 -33.12 21.81
N LEU A 741 42.97 -32.76 21.11
CA LEU A 741 42.96 -31.56 20.30
C LEU A 741 42.42 -30.35 21.05
N ILE A 742 41.71 -30.57 22.16
CA ILE A 742 41.21 -29.45 22.95
C ILE A 742 42.15 -29.08 24.09
N THR A 743 42.97 -30.03 24.56
CA THR A 743 43.86 -29.77 25.69
C THR A 743 45.15 -29.05 25.29
N LEU A 744 45.29 -28.66 24.04
CA LEU A 744 46.46 -27.90 23.60
C LEU A 744 46.23 -26.40 23.70
N PHE A 745 45.74 -25.96 24.84
CA PHE A 745 45.63 -24.54 25.18
C PHE A 745 46.66 -24.09 26.21
N ASN A 746 46.99 -24.95 27.17
CA ASN A 746 48.09 -24.65 28.08
C ASN A 746 49.44 -24.79 27.39
N LYS A 747 49.57 -25.73 26.46
CA LYS A 747 50.81 -25.89 25.71
C LYS A 747 50.95 -24.82 24.65
N GLY A 748 49.89 -24.55 23.90
CA GLY A 748 49.91 -23.48 22.91
C GLY A 748 50.20 -23.95 21.50
N GLU A 749 49.62 -25.07 21.10
CA GLU A 749 49.82 -25.60 19.76
C GLU A 749 48.95 -24.85 18.76
N LEU A 750 49.52 -24.56 17.59
CA LEU A 750 48.77 -23.92 16.51
C LEU A 750 49.37 -24.36 15.18
N GLU A 751 48.57 -25.10 14.40
CA GLU A 751 49.10 -25.69 13.17
C GLU A 751 49.35 -24.64 12.10
N THR A 752 48.57 -23.55 12.11
CA THR A 752 48.66 -22.45 11.14
C THR A 752 48.46 -22.98 9.71
N GLN A 753 47.22 -23.41 9.47
CA GLN A 753 46.78 -23.66 8.11
C GLN A 753 46.89 -22.38 7.26
N PRO A 754 47.04 -22.51 5.95
CA PRO A 754 46.95 -21.34 5.07
C PRO A 754 45.54 -20.75 5.12
N GLY A 755 45.45 -19.50 5.57
CA GLY A 755 44.16 -18.90 5.84
C GLY A 755 44.09 -18.11 7.13
N CYS A 756 45.24 -17.96 7.80
CA CYS A 756 45.40 -17.05 8.92
C CYS A 756 44.44 -17.40 10.06
N ASN A 757 44.73 -18.55 10.67
CA ASN A 757 43.84 -19.16 11.65
C ASN A 757 43.60 -18.28 12.86
N GLU A 758 44.65 -18.06 13.67
CA GLU A 758 44.59 -17.23 14.86
C GLU A 758 43.47 -17.69 15.80
N GLU A 759 43.71 -18.88 16.37
CA GLU A 759 42.77 -19.56 17.26
C GLU A 759 41.48 -19.91 16.53
N GLN A 760 41.64 -20.75 15.50
CA GLN A 760 40.54 -21.55 14.97
C GLN A 760 40.97 -22.95 14.56
N THR A 761 42.22 -23.33 14.80
CA THR A 761 42.67 -24.68 14.44
C THR A 761 42.00 -25.74 15.31
N LEU A 762 41.74 -25.44 16.58
CA LEU A 762 40.89 -26.27 17.40
C LEU A 762 39.41 -25.94 17.23
N GLU A 763 39.05 -25.20 16.19
CA GLU A 763 37.65 -24.93 15.86
C GLU A 763 37.28 -25.43 14.47
N ALA A 764 38.13 -25.19 13.47
CA ALA A 764 37.80 -25.50 12.08
C ALA A 764 38.12 -26.95 11.72
N LYS A 765 38.84 -27.67 12.59
CA LYS A 765 39.17 -29.07 12.33
C LYS A 765 38.16 -30.04 12.94
N ILE A 766 37.59 -29.70 14.09
CA ILE A 766 36.64 -30.59 14.74
C ILE A 766 35.37 -30.73 13.91
N GLY A 767 34.96 -29.64 13.25
CA GLY A 767 33.87 -29.73 12.29
C GLY A 767 34.19 -30.61 11.10
N GLY A 768 35.48 -30.75 10.78
CA GLY A 768 35.88 -31.70 9.75
C GLY A 768 35.75 -33.15 10.19
N LEU A 769 36.15 -33.44 11.43
CA LEU A 769 36.07 -34.81 11.92
C LEU A 769 34.67 -35.16 12.41
N LEU A 770 33.90 -34.17 12.86
CA LEU A 770 32.49 -34.42 13.16
C LEU A 770 31.67 -34.62 11.89
N SER A 771 32.12 -34.10 10.75
CA SER A 771 31.51 -34.42 9.47
C SER A 771 32.09 -35.68 8.85
N LYS A 772 33.01 -36.36 9.54
CA LYS A 772 33.43 -37.70 9.17
C LYS A 772 32.56 -38.77 9.83
N VAL A 773 32.33 -38.63 11.14
CA VAL A 773 31.47 -39.56 11.85
C VAL A 773 30.01 -39.41 11.43
N ARG A 774 29.65 -38.25 10.86
CA ARG A 774 28.26 -38.03 10.45
C ARG A 774 27.96 -38.74 9.14
N GLU A 775 28.95 -38.91 8.27
CA GLU A 775 28.75 -39.62 7.01
C GLU A 775 29.17 -41.09 7.08
N GLU A 776 30.10 -41.44 7.96
CA GLU A 776 30.56 -42.82 8.03
C GLU A 776 29.49 -43.74 8.61
N VAL A 777 28.89 -43.34 9.73
CA VAL A 777 27.90 -44.17 10.40
C VAL A 777 26.65 -44.31 9.55
N GLY A 778 26.30 -43.27 8.78
CA GLY A 778 25.23 -43.39 7.81
C GLY A 778 25.53 -44.33 6.67
N ASP A 779 26.81 -44.64 6.42
CA ASP A 779 27.16 -45.63 5.42
C ASP A 779 27.25 -47.04 5.99
N VAL A 780 27.34 -47.18 7.32
CA VAL A 780 27.33 -48.52 7.90
C VAL A 780 25.96 -49.15 7.76
N CYS A 781 24.90 -48.34 7.78
CA CYS A 781 23.54 -48.87 7.77
C CYS A 781 23.21 -49.52 6.43
N ILE A 782 23.70 -48.93 5.33
CA ILE A 782 23.28 -49.35 4.01
C ILE A 782 23.73 -50.79 3.71
N ASN A 783 24.95 -51.14 4.11
CA ASN A 783 25.44 -52.50 3.91
C ASN A 783 25.05 -53.45 5.04
N GLU A 784 24.48 -52.94 6.13
CA GLU A 784 24.11 -53.77 7.27
C GLU A 784 22.62 -53.71 7.58
N LEU A 785 21.80 -53.36 6.60
CA LEU A 785 20.35 -53.40 6.72
C LEU A 785 19.78 -54.37 5.70
N ASP A 786 18.72 -55.07 6.09
CA ASP A 786 18.12 -56.07 5.21
C ASP A 786 17.36 -55.40 4.07
N ASN A 787 17.09 -56.19 3.03
CA ASN A 787 16.25 -55.76 1.93
C ASN A 787 14.78 -55.75 2.35
N TRP A 788 13.94 -55.25 1.44
CA TRP A 788 12.51 -55.00 1.71
C TRP A 788 12.31 -54.05 2.88
N ASN A 789 13.20 -53.07 3.00
CA ASN A 789 13.14 -52.07 4.07
C ASN A 789 12.72 -50.75 3.44
N ALA A 790 11.66 -50.15 3.98
CA ALA A 790 10.95 -49.10 3.27
C ALA A 790 11.71 -47.77 3.20
N PRO A 791 12.36 -47.32 4.28
CA PRO A 791 13.31 -46.20 4.12
C PRO A 791 14.53 -46.55 3.28
N LEU A 792 14.85 -47.83 3.12
CA LEU A 792 15.90 -48.21 2.19
C LEU A 792 15.41 -48.23 0.75
N ILE A 793 14.22 -48.80 0.51
CA ILE A 793 13.79 -49.05 -0.87
C ILE A 793 13.29 -47.79 -1.56
N MET A 794 12.92 -46.75 -0.82
CA MET A 794 12.58 -45.47 -1.42
C MET A 794 13.73 -44.46 -1.36
N ALA A 795 14.85 -44.83 -0.74
CA ALA A 795 16.11 -44.12 -0.95
C ALA A 795 17.00 -44.76 -2.00
N THR A 796 16.82 -46.06 -2.28
CA THR A 796 17.48 -46.65 -3.43
C THR A 796 16.96 -46.03 -4.73
N CYS A 797 15.68 -45.69 -4.78
CA CYS A 797 15.12 -44.90 -5.86
C CYS A 797 15.40 -43.42 -5.63
N GLY A 798 14.93 -42.58 -6.55
CA GLY A 798 14.95 -41.14 -6.33
C GLY A 798 13.56 -40.61 -6.04
N SER A 799 12.72 -41.45 -5.44
CA SER A 799 11.33 -41.10 -5.14
C SER A 799 11.27 -39.96 -4.13
N LYS A 800 11.71 -40.23 -2.90
CA LYS A 800 11.79 -39.20 -1.87
C LYS A 800 12.74 -39.69 -0.78
N GLY A 801 13.65 -38.82 -0.37
CA GLY A 801 14.59 -39.12 0.69
C GLY A 801 16.02 -39.12 0.19
N SER A 802 16.91 -39.63 1.03
CA SER A 802 18.32 -39.74 0.69
C SER A 802 18.94 -40.79 1.59
N THR A 803 20.25 -41.00 1.43
CA THR A 803 20.99 -41.85 2.35
C THR A 803 21.36 -41.13 3.64
N LEU A 804 21.15 -39.81 3.69
CA LEU A 804 21.39 -39.05 4.91
C LEU A 804 20.12 -38.89 5.74
N ASN A 805 18.95 -38.89 5.10
CA ASN A 805 17.69 -38.73 5.83
C ASN A 805 17.38 -39.95 6.68
N VAL A 806 17.61 -41.15 6.14
CA VAL A 806 17.41 -42.36 6.93
C VAL A 806 18.48 -42.50 8.00
N SER A 807 19.67 -41.95 7.77
CA SER A 807 20.76 -42.09 8.74
C SER A 807 20.49 -41.26 9.99
N GLN A 808 19.81 -40.12 9.84
CA GLN A 808 19.42 -39.32 11.01
C GLN A 808 18.26 -39.94 11.76
N MET A 809 17.55 -40.88 11.15
CA MET A 809 16.41 -41.52 11.82
C MET A 809 16.81 -42.76 12.61
N VAL A 810 17.95 -43.37 12.32
CA VAL A 810 18.27 -44.67 12.90
C VAL A 810 19.59 -44.66 13.65
N ALA A 811 20.54 -43.81 13.24
CA ALA A 811 21.89 -43.87 13.78
C ALA A 811 22.30 -42.60 14.51
N VAL A 812 22.32 -41.46 13.83
CA VAL A 812 22.83 -40.23 14.41
C VAL A 812 22.35 -39.06 13.56
N VAL A 813 22.06 -37.94 14.22
CA VAL A 813 21.48 -36.78 13.53
C VAL A 813 22.52 -35.73 13.17
N GLY A 814 23.77 -35.90 13.59
CA GLY A 814 24.81 -34.96 13.23
C GLY A 814 24.81 -33.72 14.12
N GLN A 815 25.59 -32.73 13.67
CA GLN A 815 25.80 -31.49 14.40
C GLN A 815 25.06 -30.37 13.69
N GLN A 816 24.26 -29.61 14.45
CA GLN A 816 23.51 -28.50 13.87
C GLN A 816 24.45 -27.35 13.53
N ILE A 817 24.36 -26.86 12.29
CA ILE A 817 25.10 -25.68 11.85
C ILE A 817 24.15 -24.49 11.84
N ILE A 818 24.70 -23.30 12.08
CA ILE A 818 23.93 -22.06 12.09
C ILE A 818 24.70 -21.06 11.23
N SER A 819 24.33 -20.97 9.96
CA SER A 819 24.89 -19.99 9.01
C SER A 819 26.41 -20.09 8.95
N GLY A 820 26.93 -21.31 8.96
CA GLY A 820 28.37 -21.51 8.99
C GLY A 820 28.98 -21.32 10.36
N ASN A 821 28.26 -21.72 11.41
CA ASN A 821 28.79 -21.64 12.76
C ASN A 821 28.20 -22.76 13.60
N ARG A 822 29.05 -23.41 14.40
CA ARG A 822 28.67 -24.63 15.12
C ARG A 822 28.10 -24.27 16.49
N VAL A 823 26.94 -23.60 16.44
CA VAL A 823 26.18 -23.18 17.62
C VAL A 823 27.05 -22.33 18.54
N PRO A 824 27.23 -21.04 18.26
CA PRO A 824 28.08 -20.20 19.10
C PRO A 824 27.53 -20.06 20.52
N ASP A 825 28.38 -19.53 21.39
CA ASP A 825 28.08 -19.51 22.82
C ASP A 825 26.93 -18.57 23.12
N GLY A 826 26.15 -18.92 24.15
CA GLY A 826 25.04 -18.08 24.58
C GLY A 826 25.46 -16.96 25.51
N PHE A 827 26.17 -17.30 26.57
CA PHE A 827 26.63 -16.29 27.53
C PHE A 827 27.83 -16.84 28.29
N GLN A 828 28.64 -15.92 28.81
CA GLN A 828 29.80 -16.22 29.66
C GLN A 828 30.65 -17.35 29.08
N ASP A 829 30.90 -17.25 27.78
CA ASP A 829 31.69 -18.22 27.00
C ASP A 829 31.12 -19.63 27.06
N ARG A 830 29.80 -19.75 27.21
CA ARG A 830 29.17 -21.07 27.17
C ARG A 830 27.78 -20.92 26.55
N SER A 831 27.10 -22.06 26.38
CA SER A 831 25.81 -22.07 25.71
C SER A 831 24.62 -22.16 26.67
N LEU A 832 24.76 -22.87 27.78
CA LEU A 832 23.65 -23.20 28.64
C LEU A 832 24.08 -23.13 30.10
N PRO A 833 23.12 -22.94 31.01
CA PRO A 833 23.42 -23.09 32.45
C PRO A 833 23.62 -24.53 32.88
N HIS A 834 23.44 -25.49 31.97
CA HIS A 834 23.65 -26.90 32.25
C HIS A 834 25.08 -27.36 32.01
N PHE A 835 25.93 -26.51 31.44
CA PHE A 835 27.25 -26.86 30.97
C PHE A 835 28.31 -26.01 31.66
N PRO A 836 29.49 -26.56 31.92
CA PRO A 836 30.49 -25.82 32.70
C PRO A 836 31.08 -24.65 31.93
N LYS A 837 31.86 -23.85 32.65
CA LYS A 837 32.44 -22.64 32.10
C LYS A 837 33.50 -22.95 31.05
N ASN A 838 33.50 -22.12 29.99
CA ASN A 838 34.40 -22.14 28.84
C ASN A 838 34.87 -23.54 28.41
N SER A 839 33.95 -24.49 28.33
CA SER A 839 34.28 -25.87 28.01
C SER A 839 33.97 -26.08 26.53
N LYS A 840 35.02 -26.11 25.70
CA LYS A 840 34.85 -26.08 24.25
C LYS A 840 34.85 -27.50 23.67
N THR A 841 33.93 -28.31 24.16
CA THR A 841 33.77 -29.65 23.61
C THR A 841 32.46 -29.76 22.84
N PRO A 842 32.42 -30.56 21.77
CA PRO A 842 31.15 -31.02 21.25
C PRO A 842 30.53 -32.12 22.10
N GLN A 843 29.20 -32.17 22.06
CA GLN A 843 28.22 -32.60 23.08
C GLN A 843 27.95 -31.49 24.09
N SER A 844 28.64 -30.36 24.01
CA SER A 844 28.32 -29.20 24.83
C SER A 844 28.03 -27.94 24.04
N LYS A 845 28.64 -27.77 22.87
CA LYS A 845 28.31 -26.64 22.00
C LYS A 845 27.26 -26.98 20.95
N GLY A 846 27.58 -27.91 20.04
CA GLY A 846 26.69 -28.16 18.92
C GLY A 846 26.21 -29.59 18.73
N PHE A 847 27.03 -30.57 19.10
CA PHE A 847 26.83 -31.92 18.60
C PHE A 847 25.86 -32.69 19.48
N VAL A 848 25.01 -33.49 18.82
CA VAL A 848 24.03 -34.35 19.48
C VAL A 848 24.19 -35.76 18.92
N ARG A 849 24.44 -36.73 19.79
CA ARG A 849 24.97 -38.01 19.36
C ARG A 849 23.92 -39.11 19.20
N ASN A 850 22.76 -38.96 19.82
CA ASN A 850 21.77 -40.02 19.83
C ASN A 850 20.73 -39.82 18.72
N SER A 851 20.09 -40.92 18.34
CA SER A 851 19.21 -40.93 17.18
C SER A 851 17.80 -40.46 17.57
N PHE A 852 16.98 -40.22 16.54
CA PHE A 852 15.58 -39.90 16.78
C PHE A 852 14.80 -41.07 17.36
N PHE A 853 15.22 -42.31 17.04
CA PHE A 853 14.58 -43.48 17.65
C PHE A 853 14.94 -43.60 19.12
N SER A 854 16.18 -43.27 19.47
CA SER A 854 16.61 -43.36 20.87
C SER A 854 15.94 -42.29 21.72
N GLY A 855 15.96 -41.05 21.26
CA GLY A 855 15.39 -39.93 21.99
C GLY A 855 16.39 -38.80 22.14
N LEU A 856 15.89 -37.68 22.66
CA LEU A 856 16.67 -36.47 22.85
C LEU A 856 16.61 -36.03 24.31
N SER A 857 17.77 -35.64 24.84
CA SER A 857 17.88 -35.13 26.19
C SER A 857 17.46 -33.65 26.23
N PRO A 858 17.00 -33.18 27.38
CA PRO A 858 16.55 -31.78 27.50
C PRO A 858 17.63 -30.75 27.16
N PRO A 859 18.94 -31.03 27.37
CA PRO A 859 19.93 -30.11 26.79
C PRO A 859 20.01 -30.14 25.27
N GLU A 860 20.07 -31.33 24.67
CA GLU A 860 20.24 -31.42 23.22
C GLU A 860 18.95 -31.15 22.45
N PHE A 861 17.80 -31.14 23.13
CA PHE A 861 16.55 -30.77 22.47
C PHE A 861 16.56 -29.32 22.02
N LEU A 862 17.25 -28.44 22.75
CA LEU A 862 17.28 -27.03 22.36
C LEU A 862 18.16 -26.80 21.15
N PHE A 863 19.25 -27.57 21.01
CA PHE A 863 20.19 -27.32 19.92
C PHE A 863 19.62 -27.75 18.57
N HIS A 864 18.70 -28.72 18.57
CA HIS A 864 17.93 -29.02 17.37
C HIS A 864 16.90 -27.94 17.09
N ALA A 865 16.39 -27.28 18.13
CA ALA A 865 15.36 -26.26 18.00
C ALA A 865 15.94 -24.87 17.72
N ILE A 866 17.16 -24.79 17.21
CA ILE A 866 17.71 -23.55 16.66
C ILE A 866 17.82 -23.61 15.14
N SER A 867 18.37 -24.70 14.62
CA SER A 867 18.40 -24.90 13.17
C SER A 867 17.00 -25.09 12.60
N GLY A 868 16.09 -25.67 13.38
CA GLY A 868 14.70 -25.73 12.95
C GLY A 868 14.01 -24.38 12.86
N ARG A 869 14.47 -23.41 13.66
CA ARG A 869 14.02 -22.03 13.46
C ARG A 869 14.61 -21.43 12.19
N GLU A 870 15.88 -21.74 11.90
CA GLU A 870 16.54 -21.22 10.71
C GLU A 870 15.89 -21.73 9.43
N GLY A 871 15.29 -22.92 9.47
CA GLY A 871 14.61 -23.44 8.29
C GLY A 871 13.35 -22.69 7.90
N LEU A 872 12.80 -21.89 8.81
CA LEU A 872 11.64 -21.07 8.49
C LEU A 872 11.98 -19.60 8.26
N VAL A 873 13.07 -19.11 8.83
CA VAL A 873 13.45 -17.71 8.65
C VAL A 873 13.96 -17.46 7.25
N ASP A 874 14.79 -18.36 6.73
CA ASP A 874 15.52 -18.08 5.49
C ASP A 874 14.61 -17.99 4.27
N THR A 875 13.38 -18.51 4.35
CA THR A 875 12.43 -18.32 3.25
C THR A 875 11.94 -16.88 3.17
N ALA A 876 11.96 -16.15 4.28
CA ALA A 876 11.41 -14.80 4.32
C ALA A 876 12.33 -13.76 3.69
N VAL A 877 13.59 -14.10 3.43
CA VAL A 877 14.56 -13.12 2.94
C VAL A 877 14.82 -13.30 1.45
N LYS A 878 14.63 -14.52 0.94
CA LYS A 878 14.88 -14.81 -0.46
C LYS A 878 13.64 -14.75 -1.34
N THR A 879 12.49 -15.22 -0.83
CA THR A 879 11.29 -15.24 -1.65
C THR A 879 10.80 -13.83 -1.98
N ALA A 880 11.10 -12.86 -1.11
CA ALA A 880 10.75 -11.47 -1.39
C ALA A 880 11.67 -10.83 -2.42
N GLU A 881 12.97 -11.13 -2.35
CA GLU A 881 13.93 -10.50 -3.25
C GLU A 881 13.96 -11.17 -4.63
N THR A 882 13.82 -12.49 -4.68
CA THR A 882 13.99 -13.19 -5.95
C THR A 882 12.88 -12.86 -6.93
N GLY A 883 11.63 -12.88 -6.46
CA GLY A 883 10.53 -12.39 -7.28
C GLY A 883 10.63 -10.90 -7.61
N TYR A 884 11.26 -10.13 -6.73
CA TYR A 884 11.59 -8.74 -7.04
C TYR A 884 12.79 -8.63 -7.97
N MET A 885 13.81 -9.48 -7.79
CA MET A 885 14.96 -9.43 -8.68
C MET A 885 14.63 -9.96 -10.07
N SER A 886 13.78 -11.00 -10.15
CA SER A 886 13.36 -11.50 -11.45
C SER A 886 12.30 -10.63 -12.10
N ARG A 887 11.81 -9.60 -11.41
CA ARG A 887 11.00 -8.56 -12.04
C ARG A 887 11.84 -7.37 -12.50
N ARG A 888 12.94 -7.09 -11.79
CA ARG A 888 13.76 -5.92 -12.11
C ARG A 888 14.36 -6.03 -13.51
N LEU A 889 15.10 -7.10 -13.77
CA LEU A 889 15.72 -7.26 -15.08
C LEU A 889 14.70 -7.65 -16.16
N MET A 890 13.55 -8.17 -15.76
CA MET A 890 12.48 -8.43 -16.73
C MET A 890 12.02 -7.14 -17.39
N LYS A 891 11.99 -6.04 -16.64
CA LYS A 891 11.54 -4.76 -17.18
C LYS A 891 12.50 -4.23 -18.24
N SER A 892 13.81 -4.36 -18.02
CA SER A 892 14.80 -3.82 -18.93
C SER A 892 15.00 -4.67 -20.18
N LEU A 893 14.35 -5.82 -20.28
CA LEU A 893 14.75 -6.85 -21.24
C LEU A 893 13.53 -7.51 -21.87
N GLU A 894 12.34 -6.96 -21.68
CA GLU A 894 11.09 -7.66 -21.99
C GLU A 894 10.80 -7.73 -23.48
N ASP A 895 11.42 -6.88 -24.30
CA ASP A 895 11.09 -6.78 -25.72
C ASP A 895 12.34 -7.02 -26.57
N LEU A 896 12.64 -8.29 -26.81
CA LEU A 896 13.68 -8.69 -27.75
C LEU A 896 13.17 -9.91 -28.51
N SER A 897 12.86 -9.74 -29.78
CA SER A 897 12.29 -10.80 -30.59
C SER A 897 13.14 -11.06 -31.82
N CYS A 898 13.07 -12.30 -32.32
CA CYS A 898 13.84 -12.72 -33.48
C CYS A 898 13.06 -12.40 -34.75
N GLN A 899 13.70 -11.65 -35.66
CA GLN A 899 13.11 -11.38 -36.95
C GLN A 899 13.40 -12.52 -37.92
N TYR A 900 12.77 -12.45 -39.10
CA TYR A 900 12.84 -13.56 -40.04
C TYR A 900 14.19 -13.67 -40.73
N ASP A 901 15.12 -12.74 -40.49
CA ASP A 901 16.48 -12.82 -40.98
C ASP A 901 17.40 -13.56 -40.01
N ASN A 902 16.83 -14.29 -39.06
CA ASN A 902 17.58 -14.93 -37.97
C ASN A 902 18.42 -13.91 -37.21
N THR A 903 17.84 -12.73 -36.97
CA THR A 903 18.53 -11.64 -36.29
C THR A 903 17.60 -11.10 -35.21
N VAL A 904 18.02 -11.19 -33.96
CA VAL A 904 17.24 -10.64 -32.86
C VAL A 904 17.53 -9.14 -32.74
N ARG A 905 16.49 -8.37 -32.48
CA ARG A 905 16.61 -6.92 -32.39
C ARG A 905 15.51 -6.37 -31.50
N THR A 906 15.74 -5.17 -30.98
CA THR A 906 14.84 -4.57 -30.01
C THR A 906 13.56 -4.08 -30.69
N SER A 907 12.66 -3.53 -29.87
CA SER A 907 11.40 -3.02 -30.39
C SER A 907 11.58 -1.82 -31.31
N ALA A 908 12.64 -1.02 -31.09
CA ALA A 908 12.94 0.11 -31.95
C ALA A 908 13.83 -0.28 -33.13
N ASN A 909 13.81 -1.54 -33.54
CA ASN A 909 14.45 -2.00 -34.78
C ASN A 909 15.97 -1.81 -34.73
N GLY A 910 16.56 -1.95 -33.56
CA GLY A 910 18.00 -1.78 -33.38
C GLY A 910 18.67 -3.10 -33.04
N ILE A 911 19.81 -3.35 -33.67
CA ILE A 911 20.48 -4.64 -33.55
C ILE A 911 21.09 -4.75 -32.15
N VAL A 912 20.89 -5.90 -31.51
CA VAL A 912 21.58 -6.23 -30.26
C VAL A 912 22.68 -7.26 -30.49
N GLN A 913 22.34 -8.42 -31.03
CA GLN A 913 23.32 -9.36 -31.55
C GLN A 913 22.79 -9.97 -32.84
N PHE A 914 23.71 -10.36 -33.72
CA PHE A 914 23.30 -10.80 -35.05
C PHE A 914 22.68 -12.20 -35.02
N THR A 915 23.28 -13.13 -34.29
CA THR A 915 22.72 -14.44 -34.05
C THR A 915 22.63 -14.70 -32.55
N TYR A 916 21.62 -15.46 -32.14
CA TYR A 916 21.47 -15.82 -30.73
C TYR A 916 22.56 -16.82 -30.36
N GLY A 917 23.49 -16.39 -29.52
CA GLY A 917 24.70 -17.19 -29.30
C GLY A 917 25.58 -17.19 -30.52
N GLY A 918 26.35 -18.27 -30.67
CA GLY A 918 27.26 -18.35 -31.81
C GLY A 918 26.61 -18.77 -33.11
N ASP A 919 25.43 -19.39 -33.05
CA ASP A 919 24.84 -20.03 -34.22
C ASP A 919 23.36 -19.72 -34.45
N GLY A 920 22.63 -19.25 -33.44
CA GLY A 920 21.22 -19.01 -33.61
C GLY A 920 20.38 -20.27 -33.70
N LEU A 921 20.26 -21.01 -32.60
CA LEU A 921 19.38 -22.16 -32.54
C LEU A 921 18.56 -22.13 -31.25
N ASP A 922 17.46 -22.87 -31.26
CA ASP A 922 16.55 -22.91 -30.12
C ASP A 922 17.23 -23.58 -28.93
N PRO A 923 17.37 -22.90 -27.79
CA PRO A 923 18.04 -23.54 -26.63
C PRO A 923 17.22 -24.62 -25.96
N LEU A 924 15.89 -24.60 -26.10
CA LEU A 924 15.08 -25.64 -25.47
C LEU A 924 15.06 -26.93 -26.29
N GLU A 925 15.18 -26.82 -27.61
CA GLU A 925 15.09 -27.98 -28.49
C GLU A 925 16.50 -28.53 -28.77
N MET A 926 17.18 -28.93 -27.69
CA MET A 926 18.53 -29.45 -27.78
C MET A 926 18.68 -30.66 -26.87
N GLU A 927 19.62 -31.53 -27.24
CA GLU A 927 19.93 -32.74 -26.49
C GLU A 927 21.16 -32.51 -25.61
N GLY A 928 21.73 -33.60 -25.11
CA GLY A 928 22.67 -33.50 -24.01
C GLY A 928 24.00 -32.87 -24.40
N ASN A 929 24.71 -32.40 -23.36
CA ASN A 929 26.01 -31.75 -23.49
C ASN A 929 25.93 -30.52 -24.38
N ALA A 930 24.76 -29.88 -24.42
CA ALA A 930 24.50 -28.71 -25.25
C ALA A 930 24.83 -28.96 -26.72
N GLN A 931 24.56 -30.17 -27.20
CA GLN A 931 24.57 -30.42 -28.63
C GLN A 931 23.27 -31.07 -29.06
N PRO A 932 22.71 -30.66 -30.22
CA PRO A 932 21.41 -31.18 -30.67
C PRO A 932 21.54 -32.48 -31.46
N VAL A 933 22.36 -33.41 -30.95
CA VAL A 933 22.60 -34.65 -31.68
C VAL A 933 22.37 -35.89 -30.82
N ASN A 934 23.11 -36.00 -29.71
CA ASN A 934 23.22 -37.23 -28.95
C ASN A 934 23.63 -38.40 -29.87
N PHE A 935 24.88 -38.31 -30.33
CA PHE A 935 25.36 -39.23 -31.36
C PHE A 935 25.26 -40.69 -30.94
N ASN A 936 25.43 -40.99 -29.65
CA ASN A 936 25.45 -42.38 -29.21
C ASN A 936 24.07 -43.00 -29.29
N ARG A 937 23.05 -42.30 -28.79
CA ARG A 937 21.69 -42.82 -28.86
C ARG A 937 21.17 -42.83 -30.29
N SER A 938 21.47 -41.77 -31.06
CA SER A 938 21.01 -41.69 -32.44
C SER A 938 21.66 -42.74 -33.33
N TRP A 939 22.85 -43.20 -32.97
CA TRP A 939 23.46 -44.33 -33.68
C TRP A 939 22.65 -45.61 -33.47
N ASP A 940 22.34 -45.93 -32.21
CA ASP A 940 21.63 -47.17 -31.92
C ASP A 940 20.18 -47.12 -32.38
N HIS A 941 19.56 -45.94 -32.34
CA HIS A 941 18.22 -45.80 -32.89
C HIS A 941 18.20 -46.04 -34.39
N ALA A 942 19.23 -45.57 -35.10
CA ALA A 942 19.37 -45.89 -36.52
C ALA A 942 19.76 -47.35 -36.73
N TYR A 943 20.52 -47.93 -35.79
CA TYR A 943 21.02 -49.28 -35.98
C TYR A 943 19.90 -50.31 -35.87
N ASN A 944 19.00 -50.13 -34.90
CA ASN A 944 18.00 -51.15 -34.61
C ASN A 944 16.86 -51.13 -35.62
N ILE A 945 16.57 -49.98 -36.22
CA ILE A 945 15.40 -49.88 -37.08
C ILE A 945 15.64 -50.54 -38.43
N THR A 946 16.90 -50.64 -38.86
CA THR A 946 17.26 -51.24 -40.14
C THR A 946 18.24 -52.40 -39.96
N PHE A 947 18.24 -53.02 -38.78
CA PHE A 947 19.08 -54.18 -38.51
C PHE A 947 18.54 -55.40 -39.25
N ASN A 948 19.39 -55.99 -40.10
CA ASN A 948 19.04 -57.25 -40.77
C ASN A 948 20.34 -57.98 -41.10
N ASN A 949 20.44 -59.21 -40.59
CA ASN A 949 21.55 -60.09 -40.95
C ASN A 949 21.44 -60.63 -42.37
N GLN A 950 20.25 -60.52 -42.99
CA GLN A 950 20.05 -60.99 -44.35
C GLN A 950 20.68 -60.05 -45.39
N ASP A 951 20.92 -58.79 -45.03
CA ASP A 951 21.59 -57.88 -45.94
C ASP A 951 23.08 -58.19 -46.01
N LYS A 952 23.77 -57.50 -46.93
CA LYS A 952 25.16 -57.81 -47.21
C LYS A 952 26.10 -57.16 -46.22
N GLY A 953 26.11 -55.83 -46.17
CA GLY A 953 27.08 -55.08 -45.42
C GLY A 953 28.05 -54.34 -46.32
N LEU A 954 28.83 -53.46 -45.69
CA LEU A 954 29.77 -52.60 -46.41
C LEU A 954 31.15 -52.70 -45.78
N LEU A 955 32.12 -52.12 -46.50
CA LEU A 955 33.54 -52.06 -46.20
C LEU A 955 33.87 -50.73 -45.55
N PRO A 956 35.00 -50.63 -44.85
CA PRO A 956 35.31 -49.37 -44.15
C PRO A 956 35.52 -48.18 -45.07
N TYR A 957 36.06 -48.37 -46.28
CA TYR A 957 36.14 -47.23 -47.19
C TYR A 957 34.82 -46.97 -47.91
N ALA A 958 33.97 -48.00 -48.01
CA ALA A 958 32.71 -47.86 -48.75
C ALA A 958 31.73 -46.95 -48.05
N ILE A 959 31.74 -46.93 -46.72
CA ILE A 959 30.80 -46.11 -45.97
C ILE A 959 31.16 -44.64 -46.05
N MET A 960 32.45 -44.32 -46.17
CA MET A 960 32.87 -42.93 -46.20
C MET A 960 32.44 -42.25 -47.50
N GLU A 961 32.49 -43.00 -48.61
CA GLU A 961 31.97 -42.47 -49.87
C GLU A 961 30.45 -42.50 -49.91
N THR A 962 29.83 -43.44 -49.20
CA THR A 962 28.39 -43.37 -48.98
C THR A 962 28.00 -42.20 -48.09
N ALA A 963 28.86 -41.83 -47.14
CA ALA A 963 28.63 -40.63 -46.34
C ALA A 963 28.79 -39.37 -47.19
N ASN A 964 29.95 -39.21 -47.83
CA ASN A 964 30.26 -38.00 -48.57
C ASN A 964 29.37 -37.83 -49.81
N GLU A 965 28.62 -38.86 -50.19
CA GLU A 965 27.55 -38.67 -51.16
C GLU A 965 26.50 -37.69 -50.67
N ILE A 966 26.24 -37.66 -49.36
CA ILE A 966 25.12 -36.87 -48.85
C ILE A 966 25.59 -35.54 -48.28
N LEU A 967 26.47 -35.57 -47.28
CA LEU A 967 26.90 -34.32 -46.65
C LEU A 967 27.91 -33.57 -47.49
N GLY A 968 28.39 -34.16 -48.59
CA GLY A 968 29.17 -33.46 -49.58
C GLY A 968 28.47 -32.25 -50.16
N PRO A 969 27.40 -32.49 -50.93
CA PRO A 969 26.69 -31.37 -51.57
C PRO A 969 26.06 -30.39 -50.59
N LEU A 970 25.95 -30.73 -49.31
CA LEU A 970 25.59 -29.75 -48.30
C LEU A 970 26.68 -28.69 -48.16
N GLU A 971 27.94 -29.07 -48.33
CA GLU A 971 29.06 -28.17 -48.07
C GLU A 971 29.26 -27.16 -49.20
N GLU A 972 29.03 -27.56 -50.45
CA GLU A 972 29.22 -26.62 -51.55
C GLU A 972 28.05 -25.67 -51.75
N ARG A 973 26.93 -25.87 -51.05
CA ARG A 973 25.91 -24.83 -51.04
C ARG A 973 26.33 -23.65 -50.19
N LEU A 974 27.23 -23.86 -49.23
CA LEU A 974 27.87 -22.78 -48.51
C LEU A 974 29.00 -22.21 -49.35
N VAL A 975 29.05 -20.89 -49.47
CA VAL A 975 29.81 -20.27 -50.55
C VAL A 975 31.12 -19.71 -49.99
N ARG A 976 31.10 -19.23 -48.75
CA ARG A 976 32.26 -18.59 -48.12
C ARG A 976 32.77 -17.42 -48.98
N TYR A 977 31.95 -16.38 -49.03
CA TYR A 977 32.41 -15.13 -49.63
C TYR A 977 33.47 -14.48 -48.74
N ASP A 978 34.19 -13.53 -49.31
CA ASP A 978 35.17 -12.77 -48.54
C ASP A 978 34.48 -11.55 -47.92
N ASN A 979 35.28 -10.61 -47.40
CA ASN A 979 34.72 -9.41 -46.79
C ASN A 979 34.17 -8.43 -47.81
N SER A 980 34.49 -8.58 -49.10
CA SER A 980 34.06 -7.64 -50.13
C SER A 980 33.46 -8.40 -51.31
N GLY A 981 32.17 -8.73 -51.20
CA GLY A 981 31.39 -9.14 -52.36
C GLY A 981 31.69 -10.52 -52.91
N CYS A 982 32.89 -10.70 -53.46
CA CYS A 982 33.24 -11.89 -54.23
C CYS A 982 33.59 -13.07 -53.32
N LEU A 983 34.23 -14.08 -53.90
CA LEU A 983 34.70 -15.23 -53.13
C LEU A 983 36.11 -15.00 -52.63
N VAL A 984 36.54 -15.88 -51.73
CA VAL A 984 37.93 -15.90 -51.24
C VAL A 984 38.64 -17.10 -51.87
N LYS A 985 39.95 -16.99 -51.98
CA LYS A 985 40.74 -18.06 -52.56
C LYS A 985 40.74 -19.28 -51.64
N ARG A 986 40.71 -20.46 -52.25
CA ARG A 986 40.59 -21.72 -51.49
C ARG A 986 41.78 -21.97 -50.58
N GLU A 987 42.92 -21.35 -50.83
CA GLU A 987 44.04 -21.44 -49.90
C GLU A 987 43.89 -20.45 -48.76
N ASP A 988 44.28 -20.89 -47.56
CA ASP A 988 44.30 -20.06 -46.36
C ASP A 988 42.91 -19.49 -46.04
N LEU A 989 41.98 -20.40 -45.78
CA LEU A 989 40.61 -20.00 -45.47
C LEU A 989 40.48 -19.53 -44.03
N ASN A 990 40.75 -20.43 -43.09
CA ASN A 990 40.68 -20.14 -41.65
C ASN A 990 41.86 -19.25 -41.24
N LYS A 991 41.69 -17.94 -41.43
CA LYS A 991 42.77 -17.00 -41.16
C LYS A 991 42.34 -15.89 -40.22
N ALA A 992 41.22 -16.07 -39.52
CA ALA A 992 40.71 -15.11 -38.54
C ALA A 992 40.47 -13.73 -39.15
N GLU A 993 40.08 -13.69 -40.43
CA GLU A 993 39.77 -12.41 -41.06
C GLU A 993 38.49 -12.49 -41.87
N TYR A 994 38.12 -13.69 -42.32
CA TYR A 994 36.98 -13.87 -43.22
C TYR A 994 35.93 -14.79 -42.62
N VAL A 995 35.76 -14.74 -41.30
CA VAL A 995 34.69 -15.50 -40.65
C VAL A 995 33.37 -14.82 -40.98
N ASP A 996 32.54 -15.47 -41.79
CA ASP A 996 31.30 -14.87 -42.26
C ASP A 996 30.18 -15.13 -41.24
N GLN A 997 28.94 -14.90 -41.65
CA GLN A 997 27.81 -14.90 -40.73
C GLN A 997 27.49 -16.28 -40.17
N TYR A 998 28.08 -17.33 -40.72
CA TYR A 998 27.92 -18.69 -40.19
C TYR A 998 29.27 -19.39 -40.18
N ASP A 999 29.61 -20.01 -39.05
CA ASP A 999 30.75 -20.92 -38.98
C ASP A 999 30.47 -22.20 -38.20
N ALA A 1000 29.53 -22.22 -37.26
CA ALA A 1000 29.19 -23.45 -36.56
C ALA A 1000 28.39 -24.40 -37.43
N GLU A 1001 27.69 -23.88 -38.45
CA GLU A 1001 26.94 -24.74 -39.37
C GLU A 1001 27.87 -25.61 -40.20
N ARG A 1002 28.92 -25.01 -40.77
CA ARG A 1002 29.92 -25.81 -41.49
C ARG A 1002 30.78 -26.62 -40.53
N ASP A 1003 30.98 -26.13 -39.31
CA ASP A 1003 31.71 -26.91 -38.31
C ASP A 1003 30.90 -28.11 -37.84
N PHE A 1004 29.57 -27.99 -37.80
CA PHE A 1004 28.72 -29.12 -37.48
C PHE A 1004 28.79 -30.21 -38.54
N TYR A 1005 29.01 -29.84 -39.81
CA TYR A 1005 29.17 -30.84 -40.85
C TYR A 1005 30.51 -31.57 -40.74
N HIS A 1006 31.55 -30.87 -40.28
CA HIS A 1006 32.77 -31.56 -39.86
C HIS A 1006 32.51 -32.41 -38.62
N SER A 1007 31.75 -31.88 -37.66
CA SER A 1007 31.55 -32.58 -36.40
C SER A 1007 30.84 -33.91 -36.59
N LEU A 1008 30.01 -34.03 -37.62
CA LEU A 1008 29.47 -35.32 -37.99
C LEU A 1008 30.42 -36.13 -38.86
N ARG A 1009 31.27 -35.47 -39.65
CA ARG A 1009 32.17 -36.20 -40.53
C ARG A 1009 33.27 -36.90 -39.74
N GLU A 1010 34.01 -36.15 -38.93
CA GLU A 1010 35.08 -36.73 -38.14
C GLU A 1010 34.59 -37.43 -36.87
N TYR A 1011 33.29 -37.71 -36.77
CA TYR A 1011 32.78 -38.70 -35.83
C TYR A 1011 32.71 -40.08 -36.45
N ILE A 1012 32.07 -40.19 -37.63
CA ILE A 1012 31.68 -41.48 -38.16
C ILE A 1012 32.87 -42.25 -38.70
N ASN A 1013 34.00 -41.59 -38.91
CA ASN A 1013 35.24 -42.30 -39.18
C ASN A 1013 35.79 -43.03 -37.96
N GLY A 1014 35.40 -42.60 -36.75
CA GLY A 1014 35.68 -43.40 -35.58
C GLY A 1014 34.97 -44.75 -35.60
N LYS A 1015 33.77 -44.80 -36.17
CA LYS A 1015 33.15 -46.08 -36.45
C LYS A 1015 33.87 -46.83 -37.57
N ALA A 1016 34.52 -46.10 -38.47
CA ALA A 1016 35.24 -46.74 -39.58
C ALA A 1016 36.56 -47.35 -39.11
N THR A 1017 37.30 -46.62 -38.26
CA THR A 1017 38.60 -47.11 -37.82
C THR A 1017 38.46 -48.33 -36.92
N ALA A 1018 37.37 -48.44 -36.17
CA ALA A 1018 37.17 -49.60 -35.32
C ALA A 1018 36.94 -50.86 -36.15
N LEU A 1019 36.20 -50.74 -37.24
CA LEU A 1019 36.04 -51.87 -38.15
C LEU A 1019 37.34 -52.18 -38.89
N ALA A 1020 38.13 -51.15 -39.20
CA ALA A 1020 39.41 -51.37 -39.86
C ALA A 1020 40.42 -52.00 -38.92
N ASN A 1021 40.41 -51.59 -37.64
CA ASN A 1021 41.33 -52.18 -36.67
C ASN A 1021 40.91 -53.59 -36.27
N LEU A 1022 39.64 -53.94 -36.42
CA LEU A 1022 39.20 -55.29 -36.08
C LEU A 1022 39.64 -56.29 -37.14
N ARG A 1023 39.26 -56.04 -38.40
CA ARG A 1023 39.51 -57.01 -39.46
C ARG A 1023 40.99 -57.19 -39.76
N LYS A 1024 41.83 -56.23 -39.34
CA LYS A 1024 43.27 -56.39 -39.47
C LYS A 1024 43.79 -57.52 -38.60
N SER A 1025 43.49 -57.47 -37.30
CA SER A 1025 44.00 -58.47 -36.36
C SER A 1025 43.25 -59.79 -36.42
N ARG A 1026 42.12 -59.86 -37.14
CA ARG A 1026 41.38 -61.10 -37.30
C ARG A 1026 41.77 -61.85 -38.57
N GLY A 1027 42.95 -61.56 -39.14
CA GLY A 1027 43.50 -62.31 -40.25
C GLY A 1027 43.30 -61.67 -41.60
N MET A 1028 42.21 -60.92 -41.78
CA MET A 1028 41.92 -60.30 -43.06
C MET A 1028 42.80 -59.06 -43.27
N LEU A 1029 42.86 -58.60 -44.52
CA LEU A 1029 43.58 -57.38 -44.85
C LEU A 1029 42.87 -56.18 -44.24
N GLY A 1030 43.60 -55.43 -43.41
CA GLY A 1030 43.03 -54.27 -42.74
C GLY A 1030 43.06 -53.03 -43.60
N LEU A 1031 41.93 -52.74 -44.25
CA LEU A 1031 41.85 -51.71 -45.29
C LEU A 1031 40.96 -50.58 -44.81
N LEU A 1032 41.44 -49.35 -44.95
CA LEU A 1032 40.66 -48.15 -44.65
C LEU A 1032 40.70 -47.16 -45.80
N GLU A 1033 41.78 -47.17 -46.57
CA GLU A 1033 41.90 -46.30 -47.73
C GLU A 1033 41.06 -46.83 -48.88
N PRO A 1034 40.46 -45.95 -49.69
CA PRO A 1034 39.79 -46.39 -50.92
C PRO A 1034 40.79 -46.72 -52.00
N PRO A 1035 40.75 -47.94 -52.53
CA PRO A 1035 41.67 -48.32 -53.60
C PRO A 1035 41.35 -47.61 -54.91
N ALA A 1036 42.38 -47.43 -55.73
CA ALA A 1036 42.31 -46.63 -56.93
C ALA A 1036 41.61 -47.43 -58.04
N LYS A 1037 41.65 -46.91 -59.27
CA LYS A 1037 41.04 -47.60 -60.40
C LYS A 1037 41.93 -48.77 -60.80
N GLU A 1038 41.62 -49.92 -60.22
CA GLU A 1038 42.40 -51.14 -60.40
C GLU A 1038 41.40 -52.29 -60.58
N LEU A 1039 41.85 -53.52 -60.33
CA LEU A 1039 40.95 -54.67 -60.40
C LEU A 1039 39.86 -54.52 -59.35
N GLN A 1040 38.66 -54.17 -59.79
CA GLN A 1040 37.58 -53.83 -58.87
C GLN A 1040 36.88 -55.07 -58.35
N GLY A 1041 36.56 -55.04 -57.05
CA GLY A 1041 36.00 -56.20 -56.38
C GLY A 1041 36.99 -57.32 -56.17
N ILE A 1042 38.11 -57.03 -55.52
CA ILE A 1042 39.05 -58.08 -55.15
C ILE A 1042 38.40 -59.06 -54.18
N ASP A 1043 37.51 -58.57 -53.32
CA ASP A 1043 36.53 -59.36 -52.58
C ASP A 1043 37.18 -60.49 -51.79
N PRO A 1044 37.78 -60.20 -50.63
CA PRO A 1044 38.61 -61.21 -49.95
C PRO A 1044 37.81 -62.34 -49.34
N ASP A 1045 36.55 -62.48 -49.75
CA ASP A 1045 35.75 -63.64 -49.36
C ASP A 1045 36.44 -64.95 -49.75
N GLU A 1046 36.90 -65.05 -50.99
CA GLU A 1046 37.55 -66.28 -51.44
C GLU A 1046 38.96 -66.45 -50.87
N THR A 1047 39.57 -65.38 -50.36
CA THR A 1047 40.94 -65.49 -49.86
C THR A 1047 40.96 -66.16 -48.49
N VAL A 1048 40.33 -65.55 -47.50
CA VAL A 1048 40.30 -66.08 -46.14
C VAL A 1048 39.24 -67.17 -46.08
N PRO A 1049 39.30 -68.09 -45.11
CA PRO A 1049 38.24 -69.10 -44.98
C PRO A 1049 36.95 -68.48 -44.45
N ASP A 1050 35.89 -69.28 -44.49
CA ASP A 1050 34.58 -68.80 -44.09
C ASP A 1050 34.45 -68.62 -42.58
N ASN A 1051 35.44 -69.07 -41.80
CA ASN A 1051 35.44 -68.77 -40.37
C ASN A 1051 35.64 -67.29 -40.10
N VAL A 1052 36.37 -66.59 -40.97
CA VAL A 1052 36.58 -65.16 -40.80
C VAL A 1052 35.34 -64.38 -41.21
N LYS A 1053 34.67 -64.79 -42.29
CA LYS A 1053 33.43 -64.13 -42.68
C LYS A 1053 32.32 -64.35 -41.65
N THR A 1054 32.32 -65.51 -40.98
CA THR A 1054 31.47 -65.74 -39.82
C THR A 1054 32.13 -65.30 -38.52
N SER A 1055 33.13 -64.42 -38.59
CA SER A 1055 33.64 -63.72 -37.41
C SER A 1055 33.46 -62.22 -37.50
N VAL A 1056 33.83 -61.60 -38.63
CA VAL A 1056 33.76 -60.15 -38.74
C VAL A 1056 32.30 -59.71 -38.86
N SER A 1057 31.53 -60.37 -39.73
CA SER A 1057 30.13 -60.02 -39.90
C SER A 1057 29.25 -60.45 -38.72
N GLN A 1058 29.74 -61.35 -37.87
CA GLN A 1058 28.94 -61.81 -36.75
C GLN A 1058 29.06 -60.91 -35.52
N LEU A 1059 30.23 -60.33 -35.27
CA LEU A 1059 30.38 -59.44 -34.11
C LEU A 1059 29.61 -58.14 -34.32
N TYR A 1060 30.00 -57.35 -35.32
CA TYR A 1060 29.25 -56.16 -35.67
C TYR A 1060 29.44 -55.85 -37.15
N ARG A 1061 28.52 -55.05 -37.68
CA ARG A 1061 28.37 -54.89 -39.12
C ARG A 1061 27.66 -53.57 -39.38
N ILE A 1062 27.89 -53.02 -40.57
CA ILE A 1062 27.32 -51.74 -40.97
C ILE A 1062 26.68 -51.91 -42.33
N SER A 1063 25.35 -51.87 -42.38
CA SER A 1063 24.60 -51.97 -43.61
C SER A 1063 24.58 -50.63 -44.35
N GLU A 1064 24.14 -50.66 -45.60
CA GLU A 1064 24.16 -49.46 -46.43
C GLU A 1064 23.03 -48.52 -46.05
N LYS A 1065 21.86 -49.07 -45.75
CA LYS A 1065 20.76 -48.26 -45.23
C LYS A 1065 21.07 -47.75 -43.82
N SER A 1066 21.92 -48.45 -43.07
CA SER A 1066 22.20 -48.12 -41.68
C SER A 1066 22.97 -46.81 -41.52
N VAL A 1067 23.37 -46.15 -42.60
CA VAL A 1067 23.95 -44.83 -42.54
C VAL A 1067 23.04 -43.76 -43.13
N ARG A 1068 22.23 -44.11 -44.13
CA ARG A 1068 21.37 -43.13 -44.77
C ARG A 1068 20.18 -42.74 -43.90
N LYS A 1069 19.84 -43.56 -42.91
CA LYS A 1069 18.91 -43.17 -41.86
C LYS A 1069 19.61 -42.57 -40.65
N PHE A 1070 20.92 -42.76 -40.52
CA PHE A 1070 21.66 -42.16 -39.40
C PHE A 1070 21.77 -40.64 -39.59
N LEU A 1071 22.45 -40.21 -40.64
CA LEU A 1071 22.65 -38.79 -40.89
C LEU A 1071 21.46 -38.14 -41.58
N GLU A 1072 20.35 -38.87 -41.75
CA GLU A 1072 19.08 -38.23 -42.09
C GLU A 1072 18.48 -37.55 -40.85
N ILE A 1073 18.31 -38.32 -39.77
CA ILE A 1073 17.74 -37.76 -38.55
C ILE A 1073 18.74 -36.87 -37.82
N ALA A 1074 20.04 -37.05 -38.06
CA ALA A 1074 21.04 -36.21 -37.40
C ALA A 1074 21.06 -34.79 -37.94
N LEU A 1075 20.52 -34.56 -39.13
CA LEU A 1075 20.29 -33.21 -39.63
C LEU A 1075 18.80 -32.89 -39.73
N PHE A 1076 17.92 -33.83 -39.42
CA PHE A 1076 16.52 -33.49 -39.20
C PHE A 1076 16.32 -32.88 -37.81
N LYS A 1077 17.08 -33.36 -36.82
CA LYS A 1077 17.02 -32.74 -35.50
C LYS A 1077 17.83 -31.46 -35.45
N TYR A 1078 18.93 -31.38 -36.22
CA TYR A 1078 19.73 -30.17 -36.24
C TYR A 1078 18.96 -29.03 -36.90
N ARG A 1079 18.31 -29.30 -38.03
CA ARG A 1079 17.56 -28.27 -38.74
C ARG A 1079 16.31 -27.86 -37.96
N LYS A 1080 15.69 -28.80 -37.24
CA LYS A 1080 14.53 -28.44 -36.44
C LYS A 1080 14.93 -27.63 -35.22
N ALA A 1081 16.14 -27.86 -34.70
CA ALA A 1081 16.61 -27.14 -33.52
C ALA A 1081 16.97 -25.68 -33.82
N ARG A 1082 16.93 -25.28 -35.10
CA ARG A 1082 17.24 -23.89 -35.43
C ARG A 1082 16.14 -22.97 -34.90
N LEU A 1083 16.57 -21.83 -34.34
CA LEU A 1083 15.66 -20.95 -33.63
C LEU A 1083 14.67 -20.32 -34.60
N GLU A 1084 13.39 -20.59 -34.40
CA GLU A 1084 12.36 -20.02 -35.25
C GLU A 1084 12.16 -18.55 -34.90
N PRO A 1085 11.78 -17.73 -35.89
CA PRO A 1085 11.54 -16.31 -35.60
C PRO A 1085 10.23 -16.12 -34.86
N GLY A 1086 10.13 -14.96 -34.20
CA GLY A 1086 8.93 -14.59 -33.47
C GLY A 1086 8.97 -14.91 -31.99
N THR A 1087 9.91 -15.73 -31.56
CA THR A 1087 10.01 -16.08 -30.14
C THR A 1087 10.50 -14.89 -29.34
N ALA A 1088 9.76 -14.54 -28.30
CA ALA A 1088 10.17 -13.47 -27.38
C ALA A 1088 11.28 -14.03 -26.49
N ILE A 1089 12.49 -14.08 -27.05
CA ILE A 1089 13.60 -14.71 -26.36
C ILE A 1089 14.11 -13.85 -25.21
N GLY A 1090 13.77 -12.56 -25.21
CA GLY A 1090 14.04 -11.74 -24.05
C GLY A 1090 13.21 -12.13 -22.84
N ALA A 1091 11.94 -12.50 -23.08
CA ALA A 1091 11.05 -12.84 -21.97
C ALA A 1091 11.46 -14.16 -21.34
N ILE A 1092 11.79 -15.17 -22.14
CA ILE A 1092 12.10 -16.49 -21.59
C ILE A 1092 13.48 -16.49 -20.94
N GLY A 1093 14.41 -15.67 -21.44
CA GLY A 1093 15.71 -15.56 -20.82
C GLY A 1093 15.69 -14.87 -19.47
N ALA A 1094 14.80 -13.88 -19.30
CA ALA A 1094 14.68 -13.21 -18.01
C ALA A 1094 14.12 -14.13 -16.93
N GLN A 1095 13.17 -14.99 -17.29
CA GLN A 1095 12.58 -15.91 -16.32
C GLN A 1095 13.36 -17.21 -16.17
N SER A 1096 14.21 -17.56 -17.13
CA SER A 1096 15.10 -18.70 -16.93
C SER A 1096 16.23 -18.39 -15.97
N ILE A 1097 16.69 -17.13 -15.93
CA ILE A 1097 17.72 -16.76 -14.98
C ILE A 1097 17.14 -16.44 -13.60
N GLY A 1098 15.85 -16.13 -13.52
CA GLY A 1098 15.22 -15.87 -12.24
C GLY A 1098 14.54 -17.10 -11.66
N GLU A 1099 15.24 -17.81 -10.77
CA GLU A 1099 14.67 -18.97 -10.09
C GLU A 1099 15.54 -19.29 -8.89
N PRO A 1100 14.96 -19.74 -7.76
CA PRO A 1100 15.73 -20.11 -6.57
C PRO A 1100 16.55 -21.38 -6.78
N MET A 1117 40.24 -15.07 0.50
CA MET A 1117 39.62 -15.48 1.76
C MET A 1117 38.20 -15.99 1.53
N ASN A 1118 37.27 -15.06 1.33
CA ASN A 1118 35.86 -15.42 1.17
C ASN A 1118 35.21 -14.44 0.21
N VAL A 1119 34.10 -14.87 -0.37
CA VAL A 1119 33.34 -14.05 -1.31
C VAL A 1119 31.91 -14.58 -1.34
N THR A 1120 30.96 -13.68 -1.56
CA THR A 1120 29.58 -14.09 -1.76
C THR A 1120 29.41 -14.75 -3.12
N LEU A 1121 28.43 -15.65 -3.20
CA LEU A 1121 28.19 -16.41 -4.43
C LEU A 1121 26.71 -16.62 -4.74
N GLY A 1122 25.80 -16.14 -3.89
CA GLY A 1122 24.38 -16.34 -4.14
C GLY A 1122 23.62 -15.18 -4.75
N VAL A 1123 22.46 -14.88 -4.18
CA VAL A 1123 21.70 -13.69 -4.59
C VAL A 1123 22.50 -12.40 -4.45
N PRO A 1124 23.25 -12.16 -3.35
CA PRO A 1124 24.09 -10.95 -3.32
C PRO A 1124 25.40 -11.08 -4.08
N ARG A 1125 25.49 -12.07 -4.96
CA ARG A 1125 26.48 -12.03 -6.04
C ARG A 1125 25.88 -11.54 -7.36
N ILE A 1126 24.62 -11.88 -7.63
CA ILE A 1126 23.98 -11.48 -8.88
C ILE A 1126 23.57 -10.01 -8.84
N LYS A 1127 23.25 -9.48 -7.66
CA LYS A 1127 22.57 -8.19 -7.58
C LYS A 1127 23.49 -7.04 -8.00
N GLU A 1128 24.74 -7.06 -7.54
CA GLU A 1128 25.66 -5.98 -7.86
C GLU A 1128 26.22 -6.07 -9.28
N ILE A 1129 26.15 -7.25 -9.91
CA ILE A 1129 26.59 -7.37 -11.30
C ILE A 1129 25.61 -6.66 -12.23
N ILE A 1130 24.31 -6.91 -12.04
CA ILE A 1130 23.31 -6.25 -12.87
C ILE A 1130 23.11 -4.79 -12.47
N ASN A 1131 23.57 -4.39 -11.29
CA ASN A 1131 23.53 -2.98 -10.91
C ASN A 1131 24.70 -2.18 -11.46
N ALA A 1132 25.80 -2.84 -11.80
CA ALA A 1132 27.08 -2.19 -12.09
C ALA A 1132 27.47 -1.24 -10.96
N SER A 1133 27.68 -1.84 -9.78
CA SER A 1133 27.88 -1.06 -8.57
C SER A 1133 29.34 -0.64 -8.43
N LYS A 1134 29.55 0.60 -7.99
CA LYS A 1134 30.90 1.10 -7.83
C LYS A 1134 31.59 0.47 -6.63
N VAL A 1135 30.87 0.26 -5.53
CA VAL A 1135 31.41 -0.35 -4.33
C VAL A 1135 31.03 -1.82 -4.34
N ILE A 1136 32.00 -2.66 -4.71
CA ILE A 1136 31.81 -4.11 -4.75
C ILE A 1136 32.37 -4.69 -3.46
N SER A 1137 31.74 -5.76 -2.98
CA SER A 1137 32.21 -6.45 -1.78
C SER A 1137 33.27 -7.50 -2.12
N THR A 1138 34.35 -7.49 -1.35
CA THR A 1138 35.53 -8.34 -1.50
C THR A 1138 36.07 -8.33 -2.93
N PRO A 1139 36.70 -7.24 -3.37
CA PRO A 1139 37.25 -7.21 -4.74
C PRO A 1139 38.61 -7.87 -4.83
N ILE A 1140 38.63 -9.20 -4.93
CA ILE A 1140 39.88 -9.92 -5.15
C ILE A 1140 40.22 -9.91 -6.63
N ILE A 1141 41.51 -9.77 -6.93
CA ILE A 1141 42.00 -9.80 -8.30
C ILE A 1141 42.99 -10.94 -8.43
N ASN A 1142 43.10 -11.49 -9.64
CA ASN A 1142 43.91 -12.67 -9.89
C ASN A 1142 45.15 -12.27 -10.67
N ALA A 1143 46.32 -12.70 -10.18
CA ALA A 1143 47.58 -12.47 -10.89
C ALA A 1143 48.40 -13.75 -10.91
N VAL A 1144 48.83 -14.17 -12.09
CA VAL A 1144 49.67 -15.35 -12.24
C VAL A 1144 51.12 -14.90 -12.28
N LEU A 1145 52.01 -15.76 -11.80
CA LEU A 1145 53.39 -15.36 -11.57
C LEU A 1145 54.23 -15.61 -12.82
N VAL A 1146 55.54 -15.39 -12.72
CA VAL A 1146 56.49 -15.80 -13.74
C VAL A 1146 57.12 -17.15 -13.41
N ASN A 1147 57.62 -17.29 -12.18
CA ASN A 1147 58.27 -18.51 -11.74
C ASN A 1147 57.23 -19.56 -11.34
N ASP A 1148 57.71 -20.77 -11.04
CA ASP A 1148 56.89 -21.82 -10.47
C ASP A 1148 57.33 -22.22 -9.07
N ASN A 1149 58.62 -22.21 -8.79
CA ASN A 1149 59.13 -22.49 -7.46
C ASN A 1149 59.31 -21.20 -6.66
N ASP A 1150 59.45 -21.35 -5.34
CA ASP A 1150 59.52 -20.19 -4.46
C ASP A 1150 60.85 -19.47 -4.62
N GLU A 1151 61.95 -20.17 -4.35
CA GLU A 1151 63.33 -19.66 -4.51
C GLU A 1151 63.52 -18.27 -3.90
N ARG A 1152 62.79 -17.98 -2.81
CA ARG A 1152 62.71 -16.64 -2.23
C ARG A 1152 62.32 -15.58 -3.26
N ALA A 1153 61.50 -15.96 -4.24
CA ALA A 1153 61.09 -15.04 -5.29
C ALA A 1153 59.62 -15.10 -5.62
N ALA A 1154 58.86 -16.05 -5.07
CA ALA A 1154 57.41 -16.06 -5.23
C ALA A 1154 56.71 -15.14 -4.24
N ARG A 1155 57.34 -14.83 -3.11
CA ARG A 1155 56.78 -13.88 -2.14
C ARG A 1155 57.44 -12.50 -2.23
N VAL A 1156 58.40 -12.31 -3.13
CA VAL A 1156 59.08 -11.02 -3.23
C VAL A 1156 58.24 -10.01 -4.01
N VAL A 1157 57.32 -10.46 -4.85
CA VAL A 1157 56.35 -9.57 -5.46
C VAL A 1157 55.20 -9.26 -4.49
N LYS A 1158 54.97 -10.12 -3.51
CA LYS A 1158 53.97 -9.82 -2.48
C LYS A 1158 54.42 -8.66 -1.59
N GLY A 1159 55.73 -8.50 -1.39
CA GLY A 1159 56.24 -7.28 -0.81
C GLY A 1159 56.18 -6.10 -1.76
N ARG A 1160 56.28 -6.35 -3.06
CA ARG A 1160 56.22 -5.29 -4.06
C ARG A 1160 54.80 -4.83 -4.37
N VAL A 1161 53.78 -5.57 -3.95
CA VAL A 1161 52.40 -5.23 -4.26
C VAL A 1161 51.60 -4.83 -3.03
N GLU A 1162 52.00 -5.25 -1.83
CA GLU A 1162 51.24 -4.98 -0.63
C GLU A 1162 51.54 -3.55 -0.15
N LYS A 1163 50.54 -2.93 0.47
CA LYS A 1163 50.72 -1.61 1.06
C LYS A 1163 51.58 -1.70 2.32
N THR A 1164 52.90 -1.57 2.15
CA THR A 1164 53.83 -1.73 3.27
C THR A 1164 53.66 -0.56 4.25
N LEU A 1165 53.17 -0.87 5.44
CA LEU A 1165 52.98 0.13 6.49
C LEU A 1165 54.24 0.26 7.32
N LEU A 1166 54.64 1.50 7.61
CA LEU A 1166 55.92 1.75 8.25
C LEU A 1166 55.90 1.42 9.74
N SER A 1167 54.73 1.30 10.35
CA SER A 1167 54.65 0.95 11.77
C SER A 1167 55.08 -0.49 12.04
N ASP A 1168 55.09 -1.33 11.00
CA ASP A 1168 55.72 -2.64 11.11
C ASP A 1168 57.24 -2.56 11.04
N VAL A 1169 57.79 -1.64 10.26
CA VAL A 1169 59.24 -1.54 10.11
C VAL A 1169 59.86 -0.57 11.11
N ALA A 1170 59.08 0.34 11.68
CA ALA A 1170 59.57 1.17 12.77
C ALA A 1170 59.53 0.38 14.08
N PHE A 1171 60.37 0.77 15.01
CA PHE A 1171 60.46 0.06 16.29
C PHE A 1171 60.26 0.96 17.50
N TYR A 1172 60.76 2.19 17.47
CA TYR A 1172 60.76 3.04 18.67
C TYR A 1172 60.76 4.49 18.23
N VAL A 1173 59.76 5.25 18.68
CA VAL A 1173 59.58 6.63 18.25
C VAL A 1173 59.32 7.50 19.48
N GLN A 1174 60.08 8.59 19.59
CA GLN A 1174 59.94 9.50 20.72
C GLN A 1174 60.44 10.87 20.31
N ASP A 1175 60.16 11.86 21.15
CA ASP A 1175 60.52 13.25 20.88
C ASP A 1175 61.76 13.60 21.71
N VAL A 1176 62.77 14.17 21.06
CA VAL A 1176 64.07 14.40 21.69
C VAL A 1176 64.28 15.91 21.82
N TYR A 1177 64.60 16.35 23.04
CA TYR A 1177 64.83 17.76 23.33
C TYR A 1177 66.25 17.94 23.85
N LYS A 1178 67.00 18.88 23.25
CA LYS A 1178 68.26 19.28 23.88
C LYS A 1178 68.02 20.53 24.71
N ASP A 1179 67.75 21.65 24.04
CA ASP A 1179 67.16 22.82 24.68
C ASP A 1179 66.16 23.56 23.79
N ASN A 1180 66.29 23.48 22.47
CA ASN A 1180 65.60 24.39 21.56
C ASN A 1180 65.15 23.67 20.29
N LEU A 1181 64.97 22.35 20.35
CA LEU A 1181 64.59 21.55 19.19
C LEU A 1181 63.27 20.84 19.45
N SER A 1182 62.42 20.79 18.42
CA SER A 1182 61.15 20.08 18.46
C SER A 1182 61.09 19.20 17.22
N PHE A 1183 61.65 17.99 17.34
CA PHE A 1183 61.71 17.05 16.23
C PHE A 1183 61.40 15.65 16.73
N ILE A 1184 60.50 14.96 16.04
CA ILE A 1184 60.24 13.55 16.33
C ILE A 1184 61.38 12.71 15.79
N GLN A 1185 61.65 11.58 16.44
CA GLN A 1185 62.70 10.66 16.02
C GLN A 1185 62.09 9.31 15.70
N VAL A 1186 62.54 8.72 14.59
CA VAL A 1186 62.11 7.40 14.14
C VAL A 1186 63.36 6.57 13.91
N ARG A 1187 63.33 5.32 14.39
CA ARG A 1187 64.39 4.36 14.10
C ARG A 1187 63.77 3.09 13.55
N ILE A 1188 64.43 2.52 12.55
CA ILE A 1188 63.93 1.34 11.87
C ILE A 1188 64.66 0.10 12.37
N ASP A 1189 64.14 -1.06 12.02
CA ASP A 1189 64.81 -2.34 12.22
C ASP A 1189 65.24 -2.88 10.86
N LEU A 1190 66.55 -2.89 10.60
CA LEU A 1190 67.06 -3.39 9.34
C LEU A 1190 66.94 -4.91 9.25
N GLY A 1191 66.85 -5.60 10.39
CA GLY A 1191 66.58 -7.03 10.38
C GLY A 1191 65.21 -7.40 9.85
N THR A 1192 64.26 -6.46 9.90
CA THR A 1192 62.95 -6.69 9.28
C THR A 1192 63.06 -6.70 7.76
N ILE A 1193 63.95 -5.87 7.21
CA ILE A 1193 64.18 -5.89 5.77
C ILE A 1193 64.79 -7.21 5.35
N ASP A 1194 65.70 -7.74 6.16
CA ASP A 1194 66.25 -9.08 5.93
C ASP A 1194 65.19 -10.15 6.13
N LYS A 1195 64.19 -9.91 6.98
CA LYS A 1195 63.24 -10.94 7.35
C LYS A 1195 62.22 -11.20 6.24
N LEU A 1196 61.41 -10.21 5.90
CA LEU A 1196 60.33 -10.40 4.95
C LEU A 1196 60.71 -10.02 3.52
N GLN A 1197 62.02 -9.95 3.23
CA GLN A 1197 62.57 -9.97 1.88
C GLN A 1197 62.19 -8.77 1.04
N LEU A 1198 61.73 -7.67 1.63
CA LEU A 1198 61.38 -6.53 0.78
C LEU A 1198 62.64 -5.75 0.42
N GLU A 1199 62.54 -4.99 -0.67
CA GLU A 1199 63.67 -4.24 -1.21
C GLU A 1199 63.34 -2.76 -1.26
N LEU A 1200 64.13 -1.96 -0.53
CA LEU A 1200 63.96 -0.52 -0.51
C LEU A 1200 65.22 0.10 0.08
N THR A 1201 65.50 1.33 -0.30
CA THR A 1201 66.60 2.08 0.28
C THR A 1201 66.14 2.75 1.57
N ILE A 1202 66.94 3.69 2.07
CA ILE A 1202 66.60 4.44 3.27
C ILE A 1202 66.03 5.79 2.85
N GLU A 1203 66.48 6.28 1.70
CA GLU A 1203 66.12 7.63 1.27
C GLU A 1203 64.68 7.72 0.76
N ASP A 1204 64.13 6.60 0.27
CA ASP A 1204 62.76 6.63 -0.24
C ASP A 1204 61.73 6.77 0.87
N ILE A 1205 62.06 6.38 2.11
CA ILE A 1205 61.24 6.76 3.25
C ILE A 1205 61.16 8.27 3.37
N ALA A 1206 62.32 8.93 3.42
CA ALA A 1206 62.38 10.37 3.59
C ALA A 1206 61.69 11.12 2.46
N VAL A 1207 61.61 10.50 1.27
CA VAL A 1207 60.72 10.99 0.23
C VAL A 1207 59.27 10.90 0.69
N ALA A 1208 58.85 9.74 1.18
CA ALA A 1208 57.44 9.47 1.38
C ALA A 1208 56.82 10.21 2.56
N ILE A 1209 57.62 10.87 3.41
CA ILE A 1209 57.04 11.71 4.44
C ILE A 1209 56.33 12.91 3.82
N THR A 1210 57.02 13.64 2.94
CA THR A 1210 56.42 14.81 2.28
C THR A 1210 55.53 14.43 1.10
N ARG A 1211 55.44 13.15 0.75
CA ARG A 1211 54.51 12.71 -0.28
C ARG A 1211 53.10 12.50 0.25
N ALA A 1212 52.84 12.81 1.52
CA ALA A 1212 51.52 12.68 2.12
C ALA A 1212 50.97 14.07 2.37
N SER A 1213 49.94 14.45 1.61
CA SER A 1213 49.34 15.78 1.72
C SER A 1213 48.36 15.89 2.89
N LYS A 1214 47.99 14.76 3.51
CA LYS A 1214 47.11 14.81 4.67
C LYS A 1214 47.79 15.49 5.86
N LEU A 1215 49.07 15.19 6.08
CA LEU A 1215 49.87 15.90 7.08
C LEU A 1215 50.48 17.14 6.46
N LYS A 1216 50.19 18.30 7.06
CA LYS A 1216 50.54 19.61 6.48
C LYS A 1216 51.93 20.01 6.94
N ILE A 1217 52.94 19.65 6.16
CA ILE A 1217 54.33 19.97 6.47
C ILE A 1217 54.92 20.74 5.30
N GLN A 1218 56.14 21.25 5.52
CA GLN A 1218 56.91 21.83 4.42
C GLN A 1218 57.63 20.73 3.65
N ALA A 1219 57.92 21.02 2.38
CA ALA A 1219 58.35 19.97 1.47
C ALA A 1219 59.72 19.41 1.84
N SER A 1220 60.69 20.29 2.11
CA SER A 1220 62.07 19.88 2.29
C SER A 1220 62.58 20.39 3.64
N ASP A 1221 62.35 19.60 4.69
CA ASP A 1221 62.99 19.83 5.98
C ASP A 1221 63.67 18.58 6.54
N VAL A 1222 63.76 17.52 5.75
CA VAL A 1222 64.08 16.20 6.27
C VAL A 1222 65.59 16.03 6.30
N ASN A 1223 66.13 15.64 7.45
CA ASN A 1223 67.54 15.35 7.62
C ASN A 1223 67.72 13.91 8.03
N ILE A 1224 68.61 13.20 7.34
CA ILE A 1224 68.98 11.83 7.71
C ILE A 1224 70.09 11.88 8.74
N ILE A 1225 70.00 11.00 9.73
CA ILE A 1225 70.99 10.91 10.81
C ILE A 1225 71.38 9.44 10.92
N GLY A 1226 72.52 9.08 10.35
CA GLY A 1226 73.00 7.72 10.41
C GLY A 1226 72.17 6.77 9.55
N LYS A 1227 72.37 5.47 9.82
CA LYS A 1227 71.73 4.44 9.02
C LYS A 1227 70.27 4.23 9.43
N ASP A 1228 70.05 3.78 10.66
CA ASP A 1228 68.72 3.36 11.09
C ASP A 1228 67.86 4.51 11.57
N ARG A 1229 68.47 5.63 11.98
CA ARG A 1229 67.75 6.72 12.61
C ARG A 1229 67.31 7.74 11.56
N ILE A 1230 66.15 8.33 11.80
CA ILE A 1230 65.61 9.37 10.91
C ILE A 1230 64.75 10.31 11.76
N ALA A 1231 64.88 11.61 11.50
CA ALA A 1231 64.24 12.63 12.31
C ALA A 1231 63.79 13.78 11.43
N ILE A 1232 62.73 14.46 11.87
CA ILE A 1232 62.15 15.57 11.12
C ILE A 1232 61.61 16.59 12.12
N ASN A 1233 61.90 17.86 11.87
CA ASN A 1233 61.52 18.95 12.76
C ASN A 1233 60.47 19.84 12.11
N VAL A 1234 59.76 20.60 12.96
CA VAL A 1234 58.81 21.59 12.51
C VAL A 1234 58.87 22.78 13.47
N PHE A 1235 58.43 23.94 12.99
CA PHE A 1235 58.43 25.16 13.78
C PHE A 1235 57.42 26.12 13.16
N PRO A 1236 56.98 27.15 13.91
CA PRO A 1236 56.03 28.09 13.34
C PRO A 1236 56.67 29.07 12.37
N SER A 1252 45.62 31.24 16.98
CA SER A 1252 46.65 31.32 15.96
C SER A 1252 48.04 31.24 16.59
N GLU A 1253 48.13 30.59 17.75
CA GLU A 1253 49.38 30.46 18.48
C GLU A 1253 49.40 29.09 19.16
N ASN A 1254 50.53 28.82 19.84
CA ASN A 1254 50.70 27.59 20.62
C ASN A 1254 50.58 26.34 19.75
N ASP A 1255 50.84 26.47 18.45
CA ASP A 1255 50.86 25.32 17.55
C ASP A 1255 52.14 24.51 17.66
N VAL A 1256 53.13 24.98 18.43
CA VAL A 1256 54.35 24.21 18.62
C VAL A 1256 54.06 22.91 19.35
N PHE A 1257 53.33 22.99 20.47
CA PHE A 1257 52.88 21.80 21.18
C PHE A 1257 51.87 21.00 20.37
N TYR A 1258 51.04 21.66 19.57
CA TYR A 1258 49.92 20.99 18.92
C TYR A 1258 50.37 20.15 17.71
N ARG A 1259 51.14 20.75 16.81
CA ARG A 1259 51.43 20.08 15.55
C ARG A 1259 52.35 18.88 15.73
N MET A 1260 53.33 18.98 16.63
CA MET A 1260 54.17 17.83 16.94
C MET A 1260 53.48 16.79 17.81
N GLN A 1261 52.34 17.13 18.42
CA GLN A 1261 51.48 16.12 19.02
C GLN A 1261 50.45 15.57 18.04
N GLN A 1262 49.99 16.39 17.09
CA GLN A 1262 49.11 15.89 16.05
C GLN A 1262 49.84 14.92 15.13
N LEU A 1263 51.04 15.31 14.67
CA LEU A 1263 51.86 14.47 13.81
C LEU A 1263 52.48 13.30 14.56
N ARG A 1264 52.48 13.31 15.89
CA ARG A 1264 53.12 12.23 16.64
C ARG A 1264 52.45 10.89 16.38
N ARG A 1265 51.12 10.87 16.29
CA ARG A 1265 50.41 9.66 15.88
C ARG A 1265 50.04 9.66 14.40
N ALA A 1266 50.07 10.81 13.75
CA ALA A 1266 49.72 10.93 12.34
C ALA A 1266 50.91 10.73 11.41
N LEU A 1267 52.11 10.49 11.95
CA LEU A 1267 53.22 10.01 11.14
C LEU A 1267 53.20 8.50 10.95
N PRO A 1268 53.07 7.65 12.02
CA PRO A 1268 53.22 6.20 11.84
C PRO A 1268 51.99 5.50 11.26
N ASP A 1269 51.43 6.08 10.19
CA ASP A 1269 50.28 5.49 9.52
C ASP A 1269 50.34 5.70 8.02
N VAL A 1270 51.54 5.84 7.46
CA VAL A 1270 51.70 6.20 6.06
C VAL A 1270 52.34 5.04 5.31
N VAL A 1271 52.00 4.94 4.03
CA VAL A 1271 52.66 3.96 3.15
C VAL A 1271 54.06 4.44 2.83
N VAL A 1272 55.01 3.50 2.76
CA VAL A 1272 56.34 3.80 2.25
C VAL A 1272 56.62 3.11 0.92
N LYS A 1273 55.97 1.99 0.64
CA LYS A 1273 56.21 1.24 -0.59
C LYS A 1273 55.01 0.34 -0.84
N GLY A 1274 54.73 0.08 -2.10
CA GLY A 1274 53.61 -0.77 -2.47
C GLY A 1274 52.48 0.02 -3.11
N LEU A 1275 51.47 -0.71 -3.54
CA LEU A 1275 50.33 -0.11 -4.19
C LEU A 1275 49.48 0.62 -3.16
N PRO A 1276 49.15 1.89 -3.37
CA PRO A 1276 48.41 2.67 -2.36
C PRO A 1276 46.90 2.47 -2.38
N ASP A 1277 46.40 1.44 -3.07
CA ASP A 1277 44.96 1.17 -3.14
C ASP A 1277 44.57 -0.13 -2.47
N ILE A 1278 45.40 -1.17 -2.57
CA ILE A 1278 44.98 -2.52 -2.20
C ILE A 1278 45.09 -2.67 -0.69
N SER A 1279 44.51 -3.75 -0.15
CA SER A 1279 44.47 -3.97 1.29
C SER A 1279 45.41 -5.07 1.76
N ARG A 1280 45.27 -6.28 1.22
CA ARG A 1280 45.95 -7.44 1.79
C ARG A 1280 46.08 -8.51 0.72
N ALA A 1281 47.31 -8.73 0.25
CA ALA A 1281 47.57 -9.75 -0.75
C ALA A 1281 47.81 -11.09 -0.08
N VAL A 1282 47.28 -12.16 -0.69
CA VAL A 1282 47.37 -13.51 -0.16
C VAL A 1282 47.89 -14.43 -1.25
N ILE A 1283 49.03 -15.06 -0.98
CA ILE A 1283 49.61 -16.05 -1.89
C ILE A 1283 49.13 -17.43 -1.49
N ASN A 1284 48.76 -18.24 -2.47
CA ASN A 1284 48.27 -19.59 -2.21
C ASN A 1284 48.73 -20.51 -3.36
N ILE A 1285 48.37 -21.79 -3.24
CA ILE A 1285 48.80 -22.81 -4.17
C ILE A 1285 47.59 -23.36 -4.91
N ARG A 1286 47.72 -23.54 -6.22
CA ARG A 1286 46.70 -24.22 -7.00
C ARG A 1286 46.97 -25.72 -6.98
N ASP A 1287 46.14 -26.48 -7.71
CA ASP A 1287 46.31 -27.94 -7.71
C ASP A 1287 47.55 -28.40 -8.46
N ASP A 1288 48.27 -27.50 -9.12
CA ASP A 1288 49.56 -27.79 -9.70
C ASP A 1288 50.67 -27.20 -8.84
N GLY A 1289 51.93 -27.42 -9.25
CA GLY A 1289 53.04 -26.78 -8.58
C GLY A 1289 53.14 -25.29 -8.81
N LYS A 1290 52.50 -24.79 -9.87
CA LYS A 1290 52.43 -23.35 -10.09
C LYS A 1290 51.54 -22.69 -9.05
N ARG A 1291 51.98 -21.53 -8.55
CA ARG A 1291 51.25 -20.80 -7.54
C ARG A 1291 50.90 -19.41 -8.04
N GLU A 1292 49.87 -18.83 -7.44
CA GLU A 1292 49.35 -17.53 -7.85
C GLU A 1292 49.29 -16.60 -6.64
N LEU A 1293 48.83 -15.37 -6.88
CA LEU A 1293 48.74 -14.36 -5.84
C LEU A 1293 47.37 -13.70 -5.92
N LEU A 1294 46.67 -13.65 -4.79
CA LEU A 1294 45.33 -13.06 -4.73
C LEU A 1294 45.41 -11.76 -3.93
N VAL A 1295 44.96 -10.67 -4.55
CA VAL A 1295 45.09 -9.33 -3.98
C VAL A 1295 43.69 -8.76 -3.80
N GLU A 1296 43.38 -8.31 -2.59
CA GLU A 1296 42.04 -7.82 -2.27
C GLU A 1296 42.05 -6.29 -2.32
N GLY A 1297 42.06 -5.76 -3.54
CA GLY A 1297 42.18 -4.34 -3.76
C GLY A 1297 41.33 -3.88 -4.92
N TYR A 1298 41.33 -2.57 -5.16
CA TYR A 1298 40.55 -1.98 -6.23
C TYR A 1298 41.39 -1.51 -7.41
N GLY A 1299 42.67 -1.21 -7.19
CA GLY A 1299 43.53 -0.84 -8.29
C GLY A 1299 43.87 -2.03 -9.16
N LEU A 1300 43.82 -1.83 -10.48
CA LEU A 1300 43.98 -2.92 -11.43
C LEU A 1300 45.10 -2.66 -12.43
N ARG A 1301 45.23 -1.42 -12.91
CA ARG A 1301 46.16 -1.16 -14.01
C ARG A 1301 47.60 -1.22 -13.54
N ASP A 1302 47.88 -0.67 -12.35
CA ASP A 1302 49.21 -0.72 -11.78
C ASP A 1302 49.62 -2.12 -11.35
N VAL A 1303 48.66 -3.02 -11.19
CA VAL A 1303 49.00 -4.43 -11.00
C VAL A 1303 49.63 -5.00 -12.26
N MET A 1304 49.15 -4.58 -13.44
CA MET A 1304 49.80 -4.96 -14.67
C MET A 1304 51.12 -4.22 -14.88
N CYS A 1305 51.28 -3.05 -14.28
CA CYS A 1305 52.48 -2.24 -14.46
C CYS A 1305 53.68 -2.79 -13.68
N THR A 1306 53.45 -3.52 -12.59
CA THR A 1306 54.54 -3.98 -11.75
C THR A 1306 55.22 -5.21 -12.37
N ASP A 1307 56.31 -5.63 -11.75
CA ASP A 1307 57.14 -6.70 -12.28
C ASP A 1307 56.78 -8.02 -11.61
N GLY A 1308 57.38 -9.10 -12.12
CA GLY A 1308 57.06 -10.44 -11.67
C GLY A 1308 55.72 -10.97 -12.13
N VAL A 1309 55.02 -10.23 -12.99
CA VAL A 1309 53.69 -10.61 -13.45
C VAL A 1309 53.61 -10.35 -14.95
N ILE A 1310 52.74 -11.11 -15.62
CA ILE A 1310 52.49 -10.93 -17.04
C ILE A 1310 51.24 -10.08 -17.22
N GLY A 1311 51.19 -9.35 -18.33
CA GLY A 1311 50.03 -8.54 -18.64
C GLY A 1311 49.09 -9.23 -19.62
N SER A 1312 49.15 -10.55 -19.69
CA SER A 1312 48.35 -11.32 -20.63
C SER A 1312 47.30 -12.20 -19.96
N ARG A 1313 47.57 -12.71 -18.76
CA ARG A 1313 46.62 -13.53 -17.99
C ARG A 1313 46.55 -12.96 -16.58
N THR A 1314 45.73 -11.94 -16.39
CA THR A 1314 45.43 -11.39 -15.06
C THR A 1314 43.94 -11.08 -15.00
N THR A 1315 43.16 -12.07 -14.55
CA THR A 1315 41.72 -11.88 -14.44
C THR A 1315 41.38 -11.21 -13.12
N THR A 1316 40.10 -10.93 -12.90
CA THR A 1316 39.69 -10.04 -11.81
C THR A 1316 38.19 -10.20 -11.58
N ASN A 1317 37.65 -9.38 -10.69
CA ASN A 1317 36.23 -9.14 -10.51
C ASN A 1317 35.94 -7.67 -10.81
N HIS A 1318 34.72 -7.25 -10.47
CA HIS A 1318 34.29 -5.85 -10.60
C HIS A 1318 34.40 -5.39 -12.06
N VAL A 1319 33.50 -5.95 -12.85
CA VAL A 1319 33.43 -5.83 -14.31
C VAL A 1319 33.64 -4.40 -14.80
N LEU A 1320 32.97 -3.44 -14.18
CA LEU A 1320 32.94 -2.08 -14.70
C LEU A 1320 34.22 -1.28 -14.42
N GLU A 1321 35.26 -1.89 -13.86
CA GLU A 1321 36.59 -1.28 -13.95
C GLU A 1321 37.42 -1.89 -15.06
N VAL A 1322 37.07 -3.09 -15.55
CA VAL A 1322 37.66 -3.62 -16.76
C VAL A 1322 37.16 -2.83 -17.97
N PHE A 1323 35.94 -2.29 -17.89
CA PHE A 1323 35.47 -1.34 -18.88
C PHE A 1323 36.37 -0.12 -18.97
N SER A 1324 36.94 0.30 -17.85
CA SER A 1324 37.90 1.40 -17.89
C SER A 1324 39.27 0.96 -18.40
N VAL A 1325 39.71 -0.24 -18.03
CA VAL A 1325 41.09 -0.64 -18.28
C VAL A 1325 41.24 -1.32 -19.64
N LEU A 1326 40.39 -2.30 -19.95
CA LEU A 1326 40.59 -3.17 -21.10
C LEU A 1326 39.48 -3.01 -22.13
N GLY A 1327 39.10 -1.77 -22.42
CA GLY A 1327 38.11 -1.54 -23.46
C GLY A 1327 36.71 -1.91 -22.99
N ILE A 1328 35.89 -2.34 -23.96
CA ILE A 1328 34.52 -2.76 -23.69
C ILE A 1328 34.34 -4.26 -23.88
N GLU A 1329 35.03 -4.84 -24.87
CA GLU A 1329 34.83 -6.24 -25.22
C GLU A 1329 35.38 -7.19 -24.17
N ALA A 1330 36.29 -6.73 -23.30
CA ALA A 1330 36.67 -7.53 -22.15
C ALA A 1330 35.58 -7.54 -21.09
N ALA A 1331 34.90 -6.40 -20.89
CA ALA A 1331 33.89 -6.32 -19.84
C ALA A 1331 32.67 -7.18 -20.16
N ARG A 1332 32.35 -7.35 -21.45
CA ARG A 1332 31.31 -8.28 -21.84
C ARG A 1332 31.68 -9.71 -21.46
N TYR A 1333 32.83 -10.19 -21.94
CA TYR A 1333 33.30 -11.53 -21.61
C TYR A 1333 33.57 -11.70 -20.13
N SER A 1334 33.76 -10.61 -19.38
CA SER A 1334 33.84 -10.70 -17.93
C SER A 1334 32.49 -11.02 -17.33
N ILE A 1335 31.43 -10.40 -17.84
CA ILE A 1335 30.07 -10.72 -17.38
C ILE A 1335 29.71 -12.16 -17.76
N ILE A 1336 30.13 -12.59 -18.95
CA ILE A 1336 29.86 -13.96 -19.37
C ILE A 1336 30.53 -14.96 -18.43
N ARG A 1337 31.75 -14.66 -18.00
CA ARG A 1337 32.53 -15.59 -17.18
C ARG A 1337 32.05 -15.62 -15.72
N GLU A 1338 31.51 -14.52 -15.21
CA GLU A 1338 31.21 -14.45 -13.78
C GLU A 1338 29.91 -15.18 -13.42
N ILE A 1339 28.85 -14.99 -14.20
CA ILE A 1339 27.54 -15.51 -13.80
C ILE A 1339 27.53 -17.04 -13.85
N ASN A 1340 28.05 -17.62 -14.94
CA ASN A 1340 28.09 -19.08 -15.05
C ASN A 1340 29.14 -19.72 -14.16
N TYR A 1341 30.00 -18.92 -13.52
CA TYR A 1341 30.83 -19.42 -12.43
C TYR A 1341 30.08 -19.43 -11.10
N THR A 1342 29.42 -18.32 -10.76
CA THR A 1342 28.73 -18.20 -9.49
C THR A 1342 27.37 -18.91 -9.48
N MET A 1343 26.95 -19.49 -10.59
CA MET A 1343 25.76 -20.34 -10.61
C MET A 1343 26.09 -21.82 -10.64
N SER A 1344 27.19 -22.21 -11.31
CA SER A 1344 27.54 -23.62 -11.43
C SER A 1344 27.86 -24.25 -10.08
N ASN A 1345 28.32 -23.45 -9.11
CA ASN A 1345 28.62 -23.93 -7.78
C ASN A 1345 27.39 -23.95 -6.85
N HIS A 1346 26.20 -23.78 -7.39
CA HIS A 1346 24.97 -24.08 -6.67
C HIS A 1346 24.25 -25.31 -7.21
N GLY A 1347 24.82 -25.96 -8.23
CA GLY A 1347 24.29 -27.20 -8.76
C GLY A 1347 23.47 -27.06 -10.03
N MET A 1348 22.61 -26.05 -10.10
CA MET A 1348 21.79 -25.88 -11.28
C MET A 1348 22.57 -25.21 -12.40
N SER A 1349 22.19 -25.51 -13.64
CA SER A 1349 22.81 -24.92 -14.81
C SER A 1349 21.74 -24.70 -15.87
N VAL A 1350 21.48 -23.43 -16.21
CA VAL A 1350 20.38 -23.13 -17.13
C VAL A 1350 20.79 -23.40 -18.57
N ASP A 1351 21.80 -22.68 -19.05
CA ASP A 1351 22.31 -22.71 -20.40
C ASP A 1351 23.52 -21.78 -20.43
N PRO A 1352 24.52 -22.01 -21.29
CA PRO A 1352 25.41 -20.88 -21.64
C PRO A 1352 24.68 -19.78 -22.37
N ARG A 1353 23.77 -20.12 -23.28
CA ARG A 1353 23.23 -19.17 -24.24
C ARG A 1353 22.31 -18.14 -23.60
N HIS A 1354 21.82 -18.39 -22.38
CA HIS A 1354 20.99 -17.42 -21.69
C HIS A 1354 21.78 -16.26 -21.09
N ILE A 1355 23.11 -16.26 -21.23
CA ILE A 1355 23.94 -15.21 -20.66
C ILE A 1355 24.58 -14.33 -21.73
N GLN A 1356 24.87 -14.89 -22.91
CA GLN A 1356 25.37 -14.08 -24.02
C GLN A 1356 24.31 -13.13 -24.57
N LEU A 1357 23.03 -13.37 -24.29
CA LEU A 1357 22.02 -12.35 -24.52
C LEU A 1357 22.01 -11.29 -23.42
N LEU A 1358 22.33 -11.68 -22.18
CA LEU A 1358 22.34 -10.70 -21.10
C LEU A 1358 23.55 -9.77 -21.21
N GLY A 1359 24.68 -10.29 -21.67
CA GLY A 1359 25.85 -9.45 -21.88
C GLY A 1359 25.68 -8.44 -22.99
N ASP A 1360 25.05 -8.86 -24.09
CA ASP A 1360 24.88 -7.99 -25.24
C ASP A 1360 23.79 -6.95 -25.05
N VAL A 1361 22.78 -7.24 -24.21
CA VAL A 1361 21.71 -6.27 -23.99
C VAL A 1361 22.17 -5.15 -23.06
N MET A 1362 23.23 -5.35 -22.29
CA MET A 1362 23.77 -4.30 -21.44
C MET A 1362 24.87 -3.50 -22.10
N THR A 1363 25.50 -4.04 -23.14
CA THR A 1363 26.68 -3.47 -23.78
C THR A 1363 26.48 -3.25 -25.27
N TYR A 1364 25.30 -2.76 -25.66
CA TYR A 1364 25.03 -2.47 -27.07
C TYR A 1364 24.95 -0.98 -27.37
N LYS A 1365 25.10 -0.12 -26.37
CA LYS A 1365 25.07 1.32 -26.58
C LYS A 1365 26.38 1.99 -26.20
N GLY A 1366 27.44 1.21 -25.95
CA GLY A 1366 28.78 1.74 -25.78
C GLY A 1366 29.33 1.65 -24.38
N GLU A 1367 28.50 1.36 -23.39
CA GLU A 1367 28.97 1.33 -22.01
C GLU A 1367 28.13 0.34 -21.21
N VAL A 1368 28.71 -0.14 -20.11
CA VAL A 1368 27.98 -0.97 -19.16
C VAL A 1368 27.15 -0.08 -18.25
N LEU A 1369 25.93 -0.51 -17.95
CA LEU A 1369 25.01 0.30 -17.16
C LEU A 1369 23.98 -0.60 -16.51
N GLY A 1370 23.56 -0.23 -15.32
CA GLY A 1370 22.78 -1.08 -14.46
C GLY A 1370 21.31 -1.11 -14.83
N ILE A 1371 20.51 -1.68 -13.92
CA ILE A 1371 19.07 -1.79 -14.10
C ILE A 1371 18.41 -0.95 -13.01
N THR A 1372 19.09 0.12 -12.62
CA THR A 1372 18.62 1.00 -11.56
C THR A 1372 17.72 2.09 -12.17
N ARG A 1373 17.34 3.08 -11.36
CA ARG A 1373 16.71 4.28 -11.90
C ARG A 1373 17.69 5.02 -12.81
N PHE A 1374 18.95 5.14 -12.38
CA PHE A 1374 19.98 5.69 -13.25
C PHE A 1374 20.30 4.75 -14.40
N GLY A 1375 20.12 3.45 -14.18
CA GLY A 1375 20.42 2.47 -15.23
C GLY A 1375 19.39 2.45 -16.34
N LEU A 1376 18.11 2.59 -15.99
CA LEU A 1376 17.05 2.62 -17.00
C LEU A 1376 16.90 3.96 -17.69
N SER A 1377 17.50 5.03 -17.15
CA SER A 1377 17.43 6.33 -17.78
C SER A 1377 18.30 6.43 -19.03
N LYS A 1378 19.09 5.40 -19.34
CA LYS A 1378 19.92 5.38 -20.53
C LYS A 1378 19.76 4.13 -21.38
N MET A 1379 19.03 3.12 -20.91
CA MET A 1379 18.72 1.96 -21.75
C MET A 1379 17.83 2.36 -22.92
N ARG A 1380 16.63 2.82 -22.63
CA ARG A 1380 15.69 3.27 -23.67
C ARG A 1380 14.70 4.22 -23.02
N ASP A 1381 14.66 5.46 -23.50
CA ASP A 1381 13.83 6.50 -22.90
C ASP A 1381 12.47 6.47 -23.59
N SER A 1382 11.53 5.76 -22.98
CA SER A 1382 10.12 5.77 -23.37
C SER A 1382 9.30 5.94 -22.09
N VAL A 1383 8.55 7.04 -22.01
CA VAL A 1383 8.08 7.52 -20.72
C VAL A 1383 6.97 6.63 -20.15
N LEU A 1384 6.32 5.82 -20.99
CA LEU A 1384 5.32 4.90 -20.45
C LEU A 1384 5.98 3.69 -19.79
N GLN A 1385 7.06 3.18 -20.38
CA GLN A 1385 7.81 2.09 -19.76
C GLN A 1385 8.52 2.54 -18.49
N LEU A 1386 8.95 3.80 -18.45
CA LEU A 1386 9.60 4.34 -17.25
C LEU A 1386 8.61 4.82 -16.19
N ALA A 1387 7.34 5.00 -16.56
CA ALA A 1387 6.33 5.33 -15.56
C ALA A 1387 5.97 4.14 -14.69
N SER A 1388 6.18 2.92 -15.17
CA SER A 1388 5.84 1.70 -14.44
C SER A 1388 6.93 1.27 -13.47
N PHE A 1389 8.08 1.94 -13.45
CA PHE A 1389 9.15 1.61 -12.53
C PHE A 1389 8.98 2.42 -11.25
N GLU A 1390 10.02 2.44 -10.40
CA GLU A 1390 9.89 2.99 -9.06
C GLU A 1390 9.50 4.47 -9.09
N LYS A 1391 10.39 5.32 -9.61
CA LYS A 1391 10.07 6.73 -9.77
C LYS A 1391 9.11 6.92 -10.94
N THR A 1392 7.91 7.43 -10.64
CA THR A 1392 6.87 7.59 -11.67
C THR A 1392 6.86 8.99 -12.26
N THR A 1393 6.59 10.00 -11.43
CA THR A 1393 6.20 11.31 -11.94
C THR A 1393 7.38 12.21 -12.28
N ASP A 1394 8.60 11.85 -11.84
CA ASP A 1394 9.77 12.64 -12.24
C ASP A 1394 10.10 12.47 -13.71
N HIS A 1395 9.75 11.34 -14.30
CA HIS A 1395 9.81 11.15 -15.75
C HIS A 1395 8.58 11.67 -16.47
N LEU A 1396 7.59 12.19 -15.75
CA LEU A 1396 6.40 12.77 -16.38
C LEU A 1396 6.58 14.24 -16.71
N PHE A 1397 7.03 15.04 -15.72
CA PHE A 1397 7.03 16.48 -15.91
C PHE A 1397 8.08 16.92 -16.91
N ASP A 1398 9.28 16.34 -16.83
CA ASP A 1398 10.33 16.66 -17.79
C ASP A 1398 10.02 16.16 -19.19
N ALA A 1399 9.11 15.20 -19.32
CA ALA A 1399 8.71 14.71 -20.63
C ALA A 1399 7.94 15.77 -21.41
N ALA A 1400 6.89 16.33 -20.81
CA ALA A 1400 6.16 17.42 -21.44
C ALA A 1400 6.95 18.72 -21.46
N PHE A 1401 7.94 18.87 -20.58
CA PHE A 1401 8.77 20.06 -20.62
C PHE A 1401 9.67 20.08 -21.85
N TYR A 1402 10.11 18.90 -22.30
CA TYR A 1402 10.96 18.80 -23.49
C TYR A 1402 10.17 18.53 -24.77
N MET A 1403 8.83 18.48 -24.68
CA MET A 1403 7.97 18.28 -25.84
C MET A 1403 8.32 16.99 -26.58
N LYS A 1404 8.40 15.90 -25.84
CA LYS A 1404 8.91 14.64 -26.37
C LYS A 1404 7.87 13.97 -27.28
N LYS A 1405 8.32 12.94 -27.98
CA LYS A 1405 7.48 12.26 -28.97
C LYS A 1405 8.01 10.83 -29.10
N ASP A 1406 7.28 9.88 -28.51
CA ASP A 1406 7.67 8.48 -28.48
C ASP A 1406 6.63 7.63 -29.20
N ALA A 1407 7.11 6.71 -30.03
CA ALA A 1407 6.22 5.76 -30.69
C ALA A 1407 5.94 4.58 -29.77
N VAL A 1408 4.73 4.04 -29.85
CA VAL A 1408 4.33 2.92 -29.02
C VAL A 1408 4.61 1.63 -29.78
N GLU A 1409 5.67 0.94 -29.38
CA GLU A 1409 5.91 -0.43 -29.81
C GLU A 1409 6.44 -1.32 -28.70
N GLY A 1410 6.67 -0.76 -27.50
CA GLY A 1410 7.07 -1.58 -26.37
C GLY A 1410 5.95 -2.49 -25.89
N VAL A 1411 6.36 -3.57 -25.22
CA VAL A 1411 5.38 -4.55 -24.76
C VAL A 1411 4.53 -3.98 -23.64
N SER A 1412 5.15 -3.30 -22.68
CA SER A 1412 4.42 -2.65 -21.59
C SER A 1412 3.67 -1.40 -22.04
N GLU A 1413 3.82 -0.98 -23.31
CA GLU A 1413 3.14 0.19 -23.83
C GLU A 1413 1.80 -0.18 -24.47
N CYS A 1414 1.81 -1.20 -25.33
CA CYS A 1414 0.57 -1.65 -25.96
C CYS A 1414 -0.39 -2.26 -24.94
N ILE A 1415 0.14 -2.78 -23.83
CA ILE A 1415 -0.72 -3.21 -22.72
C ILE A 1415 -1.51 -2.04 -22.17
N ILE A 1416 -0.85 -0.90 -21.95
CA ILE A 1416 -1.55 0.27 -21.43
C ILE A 1416 -2.51 0.83 -22.46
N LEU A 1417 -2.08 0.92 -23.72
CA LEU A 1417 -2.94 1.43 -24.77
C LEU A 1417 -3.93 0.40 -25.30
N GLY A 1418 -3.82 -0.86 -24.89
CA GLY A 1418 -4.79 -1.87 -25.27
C GLY A 1418 -4.73 -2.24 -26.73
N GLN A 1419 -3.54 -2.23 -27.33
CA GLN A 1419 -3.36 -2.55 -28.74
C GLN A 1419 -2.56 -3.83 -28.91
N THR A 1420 -2.52 -4.31 -30.15
CA THR A 1420 -1.91 -5.58 -30.48
C THR A 1420 -0.40 -5.50 -30.28
N MET A 1421 0.16 -6.45 -29.53
CA MET A 1421 1.60 -6.53 -29.35
C MET A 1421 2.27 -6.88 -30.68
N SER A 1422 3.39 -6.21 -30.96
CA SER A 1422 4.07 -6.32 -32.23
C SER A 1422 4.91 -7.58 -32.38
N ILE A 1423 5.06 -8.38 -31.32
CA ILE A 1423 5.95 -9.53 -31.38
C ILE A 1423 5.16 -10.80 -31.09
N GLY A 1424 5.86 -11.93 -31.05
CA GLY A 1424 5.22 -13.20 -30.74
C GLY A 1424 4.41 -13.71 -31.91
N THR A 1425 3.12 -13.97 -31.67
CA THR A 1425 2.19 -14.31 -32.74
C THR A 1425 1.55 -13.08 -33.37
N GLY A 1426 2.12 -11.89 -33.12
CA GLY A 1426 1.64 -10.67 -33.73
C GLY A 1426 2.69 -10.01 -34.60
N SER A 1427 3.63 -10.80 -35.12
CA SER A 1427 4.62 -10.28 -36.04
C SER A 1427 4.05 -10.12 -37.44
N PHE A 1428 3.65 -11.24 -38.06
CA PHE A 1428 3.10 -11.18 -39.41
C PHE A 1428 1.66 -10.67 -39.37
N LYS A 1429 1.06 -10.55 -40.55
CA LYS A 1429 -0.35 -10.24 -40.69
C LYS A 1429 -0.98 -11.19 -41.71
N VAL A 1430 -2.29 -11.38 -41.57
CA VAL A 1430 -3.03 -12.42 -42.28
C VAL A 1430 -3.69 -11.81 -43.50
N VAL A 1431 -3.53 -12.45 -44.65
CA VAL A 1431 -3.97 -11.92 -45.94
C VAL A 1431 -4.93 -12.92 -46.57
N LYS A 1432 -6.07 -12.42 -47.05
CA LYS A 1432 -7.03 -13.23 -47.78
C LYS A 1432 -6.69 -13.24 -49.27
N GLY A 1433 -6.65 -14.43 -49.85
CA GLY A 1433 -6.48 -14.55 -51.29
C GLY A 1433 -7.71 -14.10 -52.04
N THR A 1434 -7.52 -13.27 -53.07
CA THR A 1434 -8.62 -12.70 -53.83
C THR A 1434 -8.86 -13.42 -55.14
N ASN A 1435 -8.09 -14.47 -55.43
CA ASN A 1435 -8.28 -15.46 -56.48
C ASN A 1435 -8.90 -14.92 -57.77
N ILE A 1436 -8.40 -13.79 -58.28
CA ILE A 1436 -8.94 -13.19 -59.48
C ILE A 1436 -7.83 -12.43 -60.19
N SER A 1437 -7.95 -12.32 -61.51
CA SER A 1437 -6.96 -11.59 -62.30
C SER A 1437 -7.63 -10.53 -63.16
N GLU A 1438 -6.86 -9.93 -64.07
CA GLU A 1438 -7.34 -8.84 -64.92
C GLU A 1438 -8.03 -9.35 -66.18
N LYS A 1439 -8.23 -10.65 -66.33
CA LYS A 1439 -8.90 -11.19 -67.50
C LYS A 1439 -10.39 -10.85 -67.51
N ASP A 1440 -10.98 -10.49 -66.38
CA ASP A 1440 -12.34 -10.00 -66.32
C ASP A 1440 -12.43 -8.69 -65.55
N LEU A 1441 -11.39 -7.86 -65.64
CA LEU A 1441 -11.36 -6.55 -64.99
C LEU A 1441 -11.38 -5.42 -66.01
N VAL A 1442 -12.00 -5.66 -67.16
CA VAL A 1442 -11.98 -4.68 -68.26
C VAL A 1442 -13.11 -3.68 -68.06
N PRO A 1443 -12.96 -2.44 -68.51
CA PRO A 1443 -14.08 -1.50 -68.44
C PRO A 1443 -15.17 -1.85 -69.43
N LYS A 1444 -16.30 -1.15 -69.29
CA LYS A 1444 -17.45 -1.29 -70.18
C LYS A 1444 -17.68 -0.01 -70.99
N ARG A 1445 -16.61 0.60 -71.48
CA ARG A 1445 -16.68 1.94 -72.04
C ARG A 1445 -17.04 1.85 -73.53
N CYS A 1446 -17.98 2.69 -73.95
CA CYS A 1446 -18.31 2.81 -75.36
C CYS A 1446 -19.03 4.14 -75.60
N LEU A 1447 -18.89 4.65 -76.82
CA LEU A 1447 -19.63 5.82 -77.30
C LEU A 1447 -19.37 7.03 -76.41
N PHE A 1448 -18.13 7.50 -76.47
CA PHE A 1448 -17.70 8.62 -75.63
C PHE A 1448 -18.33 9.93 -76.10
N GLU A 1449 -18.06 10.33 -77.35
CA GLU A 1449 -18.69 11.51 -77.91
C GLU A 1449 -19.11 11.36 -79.37
N SER A 1450 -18.49 10.45 -80.14
CA SER A 1450 -18.66 10.40 -81.60
C SER A 1450 -18.52 11.77 -82.25
N ASP B 36 2.79 -47.70 47.90
CA ASP B 36 3.52 -46.67 47.18
C ASP B 36 4.67 -46.11 48.04
N GLU B 37 5.84 -46.74 47.95
CA GLU B 37 7.04 -46.22 48.58
C GLU B 37 7.52 -45.00 47.79
N ILE B 38 7.18 -43.82 48.28
CA ILE B 38 7.46 -42.58 47.55
C ILE B 38 8.94 -42.23 47.71
N ASN B 39 9.52 -41.67 46.65
CA ASN B 39 10.90 -41.22 46.67
C ASN B 39 11.00 -39.87 45.97
N THR B 40 12.14 -39.20 46.16
CA THR B 40 12.42 -37.94 45.49
C THR B 40 13.09 -38.14 44.14
N ALA B 41 12.99 -39.33 43.57
CA ALA B 41 13.65 -39.61 42.28
C ALA B 41 12.77 -39.27 41.09
N GLN B 42 11.55 -39.82 41.06
CA GLN B 42 10.62 -39.58 39.95
C GLN B 42 9.33 -38.90 40.40
N ASP B 43 9.25 -38.49 41.67
CA ASP B 43 8.06 -37.82 42.19
C ASP B 43 8.32 -36.36 42.55
N LYS B 44 9.34 -35.75 41.97
CA LYS B 44 9.44 -34.30 41.98
C LYS B 44 8.40 -33.64 41.08
N TRP B 45 7.81 -34.39 40.16
CA TRP B 45 6.73 -33.87 39.33
C TRP B 45 5.51 -33.49 40.16
N HIS B 46 5.28 -34.16 41.29
CA HIS B 46 4.03 -34.01 42.03
C HIS B 46 3.96 -32.73 42.86
N LEU B 47 4.87 -31.78 42.65
CA LEU B 47 4.69 -30.43 43.18
C LEU B 47 4.39 -29.41 42.09
N LEU B 48 4.50 -29.80 40.82
CA LEU B 48 4.19 -28.94 39.67
C LEU B 48 2.68 -28.72 39.54
N PRO B 49 1.82 -29.72 39.81
CA PRO B 49 0.41 -29.39 40.06
C PRO B 49 0.20 -28.59 41.32
N ALA B 50 1.04 -28.77 42.35
CA ALA B 50 0.88 -28.00 43.58
C ALA B 50 1.26 -26.55 43.37
N PHE B 51 2.05 -26.25 42.33
CA PHE B 51 2.27 -24.87 41.92
C PHE B 51 1.03 -24.32 41.22
N LEU B 52 0.54 -25.00 40.19
CA LEU B 52 -0.55 -24.49 39.37
C LEU B 52 -1.88 -24.45 40.13
N LYS B 53 -2.02 -25.23 41.20
CA LYS B 53 -3.28 -25.25 41.94
C LYS B 53 -3.49 -23.95 42.71
N VAL B 54 -2.55 -23.61 43.60
CA VAL B 54 -2.67 -22.39 44.38
C VAL B 54 -2.28 -21.16 43.57
N LYS B 55 -1.47 -21.34 42.53
CA LYS B 55 -0.88 -20.22 41.78
C LYS B 55 -1.00 -20.58 40.30
N GLY B 56 -2.01 -20.01 39.63
CA GLY B 56 -2.54 -20.54 38.39
C GLY B 56 -1.71 -20.40 37.13
N LEU B 57 -2.38 -20.13 36.01
CA LEU B 57 -1.73 -19.90 34.73
C LEU B 57 -2.06 -18.53 34.14
N VAL B 58 -2.99 -17.80 34.74
CA VAL B 58 -3.29 -16.43 34.34
C VAL B 58 -2.82 -15.57 35.50
N LYS B 59 -1.68 -15.98 36.07
CA LYS B 59 -0.97 -15.19 37.08
C LYS B 59 -0.72 -13.76 36.62
N GLN B 60 -0.32 -13.60 35.35
CA GLN B 60 0.16 -12.30 34.90
C GLN B 60 -0.96 -11.26 34.86
N HIS B 61 -2.14 -11.64 34.37
CA HIS B 61 -3.19 -10.67 34.19
C HIS B 61 -4.03 -10.47 35.45
N LEU B 62 -4.16 -11.51 36.28
CA LEU B 62 -4.82 -11.36 37.57
C LEU B 62 -4.02 -10.46 38.50
N ASP B 63 -2.79 -10.86 38.79
CA ASP B 63 -2.01 -10.20 39.85
C ASP B 63 -1.58 -8.79 39.48
N SER B 64 -1.48 -8.46 38.19
CA SER B 64 -1.15 -7.10 37.80
C SER B 64 -2.34 -6.16 37.94
N PHE B 65 -3.52 -6.58 37.46
CA PHE B 65 -4.69 -5.73 37.56
C PHE B 65 -5.20 -5.60 38.99
N ASN B 66 -5.07 -6.67 39.77
CA ASN B 66 -5.56 -6.61 41.15
C ASN B 66 -4.68 -5.73 42.02
N TYR B 67 -3.40 -5.60 41.69
CA TYR B 67 -2.55 -4.62 42.35
C TYR B 67 -2.93 -3.20 41.96
N PHE B 68 -3.39 -3.01 40.71
CA PHE B 68 -3.82 -1.69 40.27
C PHE B 68 -5.06 -1.22 41.04
N VAL B 69 -5.95 -2.14 41.38
CA VAL B 69 -7.22 -1.76 42.00
C VAL B 69 -7.00 -1.30 43.45
N ASP B 70 -6.24 -2.07 44.21
CA ASP B 70 -6.03 -1.74 45.62
C ASP B 70 -5.08 -0.55 45.77
N THR B 71 -3.84 -0.71 45.32
CA THR B 71 -2.77 0.19 45.72
C THR B 71 -2.71 1.44 44.85
N ASP B 72 -2.61 1.26 43.53
CA ASP B 72 -2.21 2.35 42.65
C ASP B 72 -3.29 3.41 42.50
N LEU B 73 -4.57 3.04 42.71
CA LEU B 73 -5.65 4.01 42.61
C LEU B 73 -5.57 5.06 43.71
N LYS B 74 -5.10 4.68 44.89
CA LYS B 74 -4.80 5.67 45.92
C LYS B 74 -3.61 6.55 45.52
N LYS B 75 -2.67 6.00 44.76
CA LYS B 75 -1.46 6.73 44.40
C LYS B 75 -1.68 7.76 43.31
N ILE B 76 -2.82 7.71 42.61
CA ILE B 76 -3.12 8.68 41.57
C ILE B 76 -3.79 9.92 42.14
N ILE B 77 -4.80 9.74 42.98
CA ILE B 77 -5.50 10.88 43.57
C ILE B 77 -4.63 11.61 44.58
N LYS B 78 -3.66 10.94 45.18
CA LYS B 78 -2.65 11.63 45.99
C LYS B 78 -1.65 12.40 45.16
N ALA B 79 -1.62 12.21 43.84
CA ALA B 79 -0.79 13.00 42.94
C ALA B 79 -1.55 14.12 42.25
N ASN B 80 -2.88 14.13 42.33
CA ASN B 80 -3.71 15.20 41.78
C ASN B 80 -4.76 15.63 42.80
N GLN B 81 -4.38 15.68 44.07
CA GLN B 81 -5.26 16.20 45.10
C GLN B 81 -5.28 17.73 45.07
N LEU B 82 -6.29 18.30 45.74
CA LEU B 82 -6.37 19.74 46.03
C LEU B 82 -6.43 20.55 44.73
N ILE B 83 -7.56 20.38 44.04
CA ILE B 83 -7.90 21.27 42.94
C ILE B 83 -8.10 22.69 43.49
N LEU B 84 -7.60 23.67 42.75
CA LEU B 84 -7.64 25.06 43.20
C LEU B 84 -7.96 25.97 42.03
N SER B 85 -8.53 27.13 42.35
CA SER B 85 -8.79 28.20 41.39
C SER B 85 -8.13 29.48 41.87
N ASP B 86 -7.79 30.35 40.92
CA ASP B 86 -7.22 31.65 41.28
C ASP B 86 -8.28 32.63 41.74
N VAL B 87 -9.40 32.70 41.02
CA VAL B 87 -10.56 33.44 41.50
C VAL B 87 -11.20 32.68 42.67
N ASP B 88 -11.69 33.43 43.65
CA ASP B 88 -12.13 32.91 44.94
C ASP B 88 -11.03 32.05 45.57
N PRO B 89 -9.95 32.67 46.09
CA PRO B 89 -8.80 31.88 46.52
C PRO B 89 -9.05 31.05 47.78
N GLU B 90 -10.12 31.33 48.52
CA GLU B 90 -10.45 30.56 49.72
C GLU B 90 -11.34 29.35 49.40
N PHE B 91 -11.36 28.90 48.15
CA PHE B 91 -12.13 27.72 47.76
C PHE B 91 -11.19 26.58 47.45
N TYR B 92 -11.56 25.37 47.86
CA TYR B 92 -10.76 24.19 47.58
C TYR B 92 -11.65 22.95 47.63
N LEU B 93 -11.21 21.92 46.91
CA LEU B 93 -11.85 20.60 46.94
C LEU B 93 -10.73 19.57 46.91
N LYS B 94 -10.82 18.56 47.79
CA LYS B 94 -9.73 17.61 47.97
C LYS B 94 -10.22 16.17 47.87
N TYR B 95 -9.42 15.33 47.22
CA TYR B 95 -9.71 13.91 47.07
C TYR B 95 -9.04 13.17 48.22
N VAL B 96 -9.84 12.60 49.12
CA VAL B 96 -9.28 12.01 50.33
C VAL B 96 -9.04 10.51 50.16
N ASP B 97 -9.90 9.80 49.43
CA ASP B 97 -9.74 8.36 49.26
C ASP B 97 -10.49 7.92 48.00
N ILE B 98 -10.31 6.64 47.66
CA ILE B 98 -10.87 6.07 46.44
C ILE B 98 -11.28 4.64 46.73
N ARG B 99 -12.51 4.28 46.34
CA ARG B 99 -13.02 2.93 46.49
C ARG B 99 -13.73 2.51 45.21
N VAL B 100 -13.49 1.27 44.78
CA VAL B 100 -14.10 0.72 43.58
C VAL B 100 -15.04 -0.40 44.00
N GLY B 101 -16.32 -0.27 43.65
CA GLY B 101 -17.29 -1.28 44.00
C GLY B 101 -18.40 -0.81 44.91
N LYS B 102 -18.37 -1.27 46.16
CA LYS B 102 -19.47 -1.04 47.09
C LYS B 102 -19.47 0.41 47.58
N LYS B 103 -20.59 0.79 48.18
CA LYS B 103 -20.70 2.02 48.95
C LYS B 103 -20.20 1.79 50.39
N SER B 104 -20.14 2.89 51.15
CA SER B 104 -19.79 2.81 52.56
C SER B 104 -20.99 2.80 53.47
N SER B 105 -22.18 3.12 52.96
CA SER B 105 -23.38 3.15 53.80
C SER B 105 -23.98 1.75 53.93
N SER B 106 -24.30 1.13 52.78
CA SER B 106 -24.94 -0.18 52.79
C SER B 106 -23.96 -1.25 53.24
N SER B 107 -22.69 -1.12 52.85
CA SER B 107 -21.63 -2.09 53.13
C SER B 107 -21.98 -3.48 52.63
N THR B 108 -22.72 -3.57 51.53
CA THR B 108 -22.99 -4.83 50.88
C THR B 108 -21.85 -5.15 49.92
N LYS B 109 -21.88 -6.34 49.31
CA LYS B 109 -20.92 -6.66 48.27
C LYS B 109 -21.12 -5.74 47.07
N ASP B 110 -22.23 -5.93 46.36
CA ASP B 110 -22.74 -5.03 45.33
C ASP B 110 -24.01 -5.68 44.78
N TYR B 111 -24.71 -4.92 43.93
CA TYR B 111 -25.67 -5.49 42.99
C TYR B 111 -25.19 -5.19 41.57
N LEU B 112 -24.87 -6.24 40.81
CA LEU B 112 -24.13 -6.07 39.57
C LEU B 112 -24.73 -6.96 38.49
N THR B 113 -24.60 -6.51 37.25
CA THR B 113 -25.09 -7.28 36.12
C THR B 113 -24.27 -8.56 35.96
N PRO B 114 -24.89 -9.67 35.58
CA PRO B 114 -24.11 -10.86 35.28
C PRO B 114 -23.33 -10.67 34.00
N PRO B 115 -22.17 -11.32 33.84
CA PRO B 115 -21.36 -11.08 32.64
C PRO B 115 -21.95 -11.69 31.39
N HIS B 116 -22.54 -12.89 31.49
CA HIS B 116 -23.20 -13.48 30.33
C HIS B 116 -24.48 -12.73 29.97
N GLU B 117 -25.18 -12.20 30.97
CA GLU B 117 -26.28 -11.27 30.71
C GLU B 117 -25.78 -9.95 30.11
N CYS B 118 -24.55 -9.55 30.43
CA CYS B 118 -24.00 -8.34 29.84
C CYS B 118 -23.58 -8.56 28.38
N ARG B 119 -23.08 -9.75 28.06
CA ARG B 119 -22.56 -10.01 26.72
C ARG B 119 -23.64 -10.29 25.69
N LEU B 120 -24.91 -10.38 26.11
CA LEU B 120 -26.02 -10.52 25.18
C LEU B 120 -26.76 -9.21 24.92
N ARG B 121 -26.33 -8.12 25.56
CA ARG B 121 -26.96 -6.81 25.39
C ARG B 121 -25.97 -5.78 24.84
N ASP B 122 -24.78 -6.20 24.46
CA ASP B 122 -23.73 -5.32 23.92
C ASP B 122 -23.40 -4.19 24.88
N MET B 123 -23.32 -4.53 26.16
CA MET B 123 -23.02 -3.58 27.22
C MET B 123 -21.57 -3.75 27.67
N THR B 124 -21.07 -2.77 28.41
CA THR B 124 -19.72 -2.82 28.98
C THR B 124 -19.82 -3.33 30.41
N TYR B 125 -19.21 -4.49 30.67
CA TYR B 125 -19.20 -5.08 32.00
C TYR B 125 -18.32 -4.23 32.90
N SER B 126 -18.93 -3.34 33.68
CA SER B 126 -18.21 -2.30 34.40
C SER B 126 -18.57 -2.32 35.88
N ALA B 127 -17.93 -1.43 36.64
CA ALA B 127 -18.14 -1.27 38.06
C ALA B 127 -17.90 0.19 38.40
N PRO B 128 -18.69 0.77 39.31
CA PRO B 128 -18.62 2.22 39.51
C PRO B 128 -17.39 2.65 40.31
N ILE B 129 -16.99 3.90 40.08
CA ILE B 129 -15.91 4.54 40.83
C ILE B 129 -16.53 5.43 41.90
N TYR B 130 -16.13 5.21 43.15
CA TYR B 130 -16.64 5.97 44.29
C TYR B 130 -15.49 6.65 45.00
N VAL B 131 -15.62 7.95 45.25
CA VAL B 131 -14.70 8.68 46.10
C VAL B 131 -15.49 9.38 47.21
N ASP B 132 -14.75 9.90 48.17
CA ASP B 132 -15.28 10.85 49.15
C ASP B 132 -14.54 12.17 48.98
N ILE B 133 -15.25 13.28 49.17
CA ILE B 133 -14.68 14.59 48.89
C ILE B 133 -15.05 15.57 50.01
N GLU B 134 -14.14 16.50 50.26
CA GLU B 134 -14.35 17.57 51.23
C GLU B 134 -14.11 18.90 50.53
N TYR B 135 -15.01 19.87 50.75
CA TYR B 135 -14.91 21.15 50.07
C TYR B 135 -15.57 22.23 50.91
N THR B 136 -15.44 23.47 50.44
CA THR B 136 -16.04 24.64 51.09
C THR B 136 -17.30 25.00 50.33
N ARG B 137 -18.46 24.66 50.90
CA ARG B 137 -19.73 25.11 50.33
C ARG B 137 -19.90 26.62 50.45
N GLY B 138 -19.40 27.21 51.54
CA GLY B 138 -19.79 28.55 51.91
C GLY B 138 -19.28 28.97 53.28
N ARG B 139 -20.20 29.38 54.16
CA ARG B 139 -19.81 29.77 55.51
C ARG B 139 -19.15 28.62 56.27
N ASN B 140 -19.52 27.38 55.94
CA ASN B 140 -18.95 26.20 56.54
C ASN B 140 -18.37 25.30 55.45
N ILE B 141 -17.37 24.50 55.82
CA ILE B 141 -16.83 23.48 54.92
C ILE B 141 -17.55 22.17 55.19
N ILE B 142 -17.59 21.31 54.17
CA ILE B 142 -18.49 20.17 54.19
C ILE B 142 -17.83 19.00 53.48
N MET B 143 -17.89 17.82 54.10
CA MET B 143 -17.32 16.59 53.55
C MET B 143 -18.45 15.64 53.16
N HIS B 144 -18.42 15.15 51.93
CA HIS B 144 -19.44 14.24 51.43
C HIS B 144 -18.82 12.91 51.02
N LYS B 145 -19.60 11.84 51.19
CA LYS B 145 -19.18 10.49 50.85
C LYS B 145 -19.88 9.98 49.60
N ASP B 146 -19.25 8.99 48.96
CA ASP B 146 -19.83 8.20 47.88
C ASP B 146 -20.27 9.08 46.70
N VAL B 147 -19.28 9.68 46.05
CA VAL B 147 -19.50 10.44 44.83
C VAL B 147 -19.13 9.54 43.65
N GLU B 148 -20.07 9.33 42.75
CA GLU B 148 -19.84 8.50 41.57
C GLU B 148 -19.31 9.37 40.44
N ILE B 149 -18.25 8.90 39.77
CA ILE B 149 -17.65 9.61 38.65
C ILE B 149 -17.79 8.85 37.35
N GLY B 150 -17.61 7.53 37.38
CA GLY B 150 -17.64 6.73 36.18
C GLY B 150 -17.67 5.26 36.50
N ARG B 151 -17.52 4.45 35.45
CA ARG B 151 -17.68 3.01 35.55
C ARG B 151 -16.41 2.35 35.03
N MET B 152 -15.83 1.46 35.83
CA MET B 152 -14.57 0.82 35.51
C MET B 152 -14.81 -0.56 34.92
N PRO B 153 -14.47 -0.79 33.65
CA PRO B 153 -14.58 -2.15 33.07
C PRO B 153 -13.48 -3.04 33.63
N ILE B 154 -13.88 -4.12 34.28
CA ILE B 154 -12.97 -4.94 35.08
C ILE B 154 -12.98 -6.37 34.55
N MET B 155 -11.82 -7.01 34.60
CA MET B 155 -11.64 -8.34 34.03
C MET B 155 -12.35 -9.40 34.86
N LEU B 156 -12.64 -10.53 34.21
CA LEU B 156 -13.28 -11.65 34.87
C LEU B 156 -12.30 -12.35 35.81
N ARG B 157 -12.87 -13.07 36.78
CA ARG B 157 -12.14 -13.82 37.80
C ARG B 157 -11.27 -12.94 38.69
N SER B 158 -11.35 -11.62 38.55
CA SER B 158 -10.76 -10.74 39.54
C SER B 158 -11.58 -10.73 40.81
N ASN B 159 -10.99 -10.22 41.88
CA ASN B 159 -11.68 -10.26 43.18
C ASN B 159 -12.85 -9.28 43.26
N LYS B 160 -13.01 -8.39 42.30
CA LYS B 160 -14.13 -7.46 42.30
C LYS B 160 -15.35 -7.97 41.54
N CYS B 161 -15.18 -9.00 40.70
CA CYS B 161 -16.30 -9.57 39.96
C CYS B 161 -16.98 -10.66 40.79
N ILE B 162 -18.23 -10.96 40.42
CA ILE B 162 -19.01 -11.93 41.17
C ILE B 162 -18.61 -13.37 40.88
N LEU B 163 -17.82 -13.60 39.83
CA LEU B 163 -17.32 -14.92 39.49
C LEU B 163 -16.15 -15.35 40.35
N TYR B 164 -15.66 -14.48 41.24
CA TYR B 164 -14.50 -14.79 42.07
C TYR B 164 -14.90 -15.80 43.15
N ASP B 165 -14.26 -16.97 43.13
CA ASP B 165 -14.51 -18.04 44.10
C ASP B 165 -15.98 -18.47 44.08
N ALA B 166 -16.40 -19.00 42.93
CA ALA B 166 -17.68 -19.66 42.78
C ALA B 166 -17.52 -21.18 42.91
N ASP B 167 -18.66 -21.87 42.98
CA ASP B 167 -18.71 -23.27 43.34
C ASP B 167 -19.53 -24.07 42.32
N GLU B 168 -19.46 -23.66 41.05
CA GLU B 168 -20.25 -24.21 39.93
C GLU B 168 -21.73 -24.37 40.28
N SER B 169 -22.23 -23.61 41.24
CA SER B 169 -23.67 -23.56 41.53
C SER B 169 -24.21 -22.14 41.40
N LYS B 170 -23.53 -21.15 41.99
CA LYS B 170 -23.70 -19.77 41.56
C LYS B 170 -23.35 -19.61 40.09
N MET B 171 -22.26 -20.23 39.65
CA MET B 171 -21.86 -20.19 38.26
C MET B 171 -22.77 -21.04 37.37
N ALA B 172 -23.43 -22.05 37.94
CA ALA B 172 -24.53 -22.69 37.23
C ALA B 172 -25.70 -21.73 37.06
N LYS B 173 -26.00 -20.95 38.11
CA LYS B 173 -27.08 -19.96 38.02
C LYS B 173 -26.69 -18.80 37.12
N LEU B 174 -25.40 -18.49 37.04
CA LEU B 174 -24.87 -17.45 36.17
C LEU B 174 -24.37 -18.00 34.84
N ASN B 175 -24.71 -19.27 34.54
CA ASN B 175 -24.42 -19.98 33.29
C ASN B 175 -23.08 -19.61 32.64
N GLU B 176 -22.01 -19.61 33.43
CA GLU B 176 -20.66 -19.46 32.91
C GLU B 176 -19.94 -20.79 32.99
N CYS B 177 -18.96 -20.98 32.10
CA CYS B 177 -18.20 -22.22 32.09
C CYS B 177 -17.20 -22.23 33.25
N PRO B 178 -17.14 -23.30 34.04
CA PRO B 178 -16.12 -23.37 35.08
C PRO B 178 -14.71 -23.47 34.52
N LEU B 179 -14.55 -24.04 33.33
CA LEU B 179 -13.24 -24.23 32.71
C LEU B 179 -12.73 -22.97 32.01
N ASP B 180 -13.48 -21.88 32.03
CA ASP B 180 -13.03 -20.65 31.39
C ASP B 180 -11.86 -20.07 32.17
N PRO B 181 -10.79 -19.63 31.50
CA PRO B 181 -9.64 -19.08 32.23
C PRO B 181 -9.94 -17.74 32.86
N GLY B 182 -10.56 -16.84 32.11
CA GLY B 182 -10.78 -15.48 32.55
C GLY B 182 -9.57 -14.61 32.31
N GLY B 183 -9.78 -13.30 32.41
CA GLY B 183 -8.72 -12.35 32.14
C GLY B 183 -8.93 -11.52 30.90
N TYR B 184 -10.17 -11.05 30.69
CA TYR B 184 -10.51 -10.35 29.46
C TYR B 184 -11.74 -9.49 29.69
N PHE B 185 -11.85 -8.43 28.91
CA PHE B 185 -12.92 -7.45 29.06
C PHE B 185 -14.09 -7.76 28.12
N ILE B 186 -15.25 -7.24 28.49
CA ILE B 186 -16.48 -7.43 27.71
C ILE B 186 -17.02 -6.05 27.33
N VAL B 187 -16.14 -5.17 26.86
CA VAL B 187 -16.59 -3.88 26.36
C VAL B 187 -17.60 -4.07 25.22
N ASN B 188 -18.76 -3.44 25.38
CA ASN B 188 -19.89 -3.33 24.45
C ASN B 188 -20.11 -4.57 23.57
N GLY B 189 -20.31 -5.73 24.19
CA GLY B 189 -20.48 -6.94 23.43
C GLY B 189 -19.25 -7.83 23.34
N THR B 190 -18.51 -7.66 22.25
CA THR B 190 -17.35 -8.50 21.95
C THR B 190 -16.35 -8.50 23.10
N GLU B 191 -15.75 -9.66 23.34
CA GLU B 191 -14.84 -9.86 24.46
C GLU B 191 -13.41 -9.69 23.97
N LYS B 192 -12.69 -8.73 24.56
CA LYS B 192 -11.33 -8.43 24.17
C LYS B 192 -10.37 -8.62 25.35
N VAL B 193 -9.09 -8.74 25.02
CA VAL B 193 -8.03 -8.97 26.00
C VAL B 193 -6.84 -8.12 25.63
N ILE B 194 -6.16 -7.57 26.62
CA ILE B 194 -4.92 -6.81 26.42
C ILE B 194 -3.75 -7.78 26.41
N LEU B 195 -2.91 -7.68 25.37
CA LEU B 195 -1.73 -8.53 25.27
C LEU B 195 -0.61 -8.02 26.16
N VAL B 196 0.38 -8.89 26.37
CA VAL B 196 1.52 -8.60 27.22
C VAL B 196 2.62 -8.01 26.34
N GLN B 197 2.89 -6.72 26.52
CA GLN B 197 3.90 -6.04 25.72
C GLN B 197 5.28 -6.20 26.34
N GLU B 198 6.30 -5.82 25.57
CA GLU B 198 7.66 -5.70 26.08
C GLU B 198 8.39 -4.61 25.30
N GLN B 199 9.46 -4.10 25.89
CA GLN B 199 10.36 -3.20 25.19
C GLN B 199 11.79 -3.46 25.66
N LEU B 200 12.72 -2.66 25.16
CA LEU B 200 14.09 -2.69 25.63
C LEU B 200 14.17 -2.23 27.08
N SER B 201 15.24 -2.63 27.76
CA SER B 201 15.38 -2.38 29.19
C SER B 201 15.56 -0.88 29.41
N LYS B 202 14.49 -0.22 29.83
CA LYS B 202 14.57 1.18 30.22
C LYS B 202 15.41 1.35 31.48
N ASN B 203 16.03 2.53 31.59
CA ASN B 203 16.83 2.92 32.75
C ASN B 203 18.04 2.01 32.95
N ARG B 204 18.62 1.53 31.85
CA ARG B 204 19.94 0.93 31.87
C ARG B 204 20.73 1.42 30.66
N ILE B 205 22.01 1.08 30.64
CA ILE B 205 22.91 1.44 29.55
C ILE B 205 23.01 0.25 28.61
N ILE B 206 23.09 0.54 27.30
CA ILE B 206 23.32 -0.49 26.30
C ILE B 206 24.38 0.01 25.32
N VAL B 207 25.28 -0.88 24.92
CA VAL B 207 26.37 -0.57 24.01
C VAL B 207 26.03 -1.07 22.62
N GLU B 208 26.54 -0.38 21.61
CA GLU B 208 26.25 -0.71 20.22
C GLU B 208 27.54 -0.68 19.42
N ALA B 209 27.55 -1.42 18.31
CA ALA B 209 28.69 -1.49 17.41
C ALA B 209 28.21 -1.27 15.98
N ASP B 210 28.66 -0.18 15.37
CA ASP B 210 28.31 0.16 13.99
C ASP B 210 29.59 0.30 13.17
N GLU B 211 29.56 -0.22 11.95
CA GLU B 211 30.78 -0.32 11.15
C GLU B 211 31.28 1.04 10.69
N LYS B 212 30.48 1.76 9.88
CA LYS B 212 31.03 2.82 9.05
C LYS B 212 30.76 4.23 9.58
N LYS B 213 29.75 4.41 10.42
CA LYS B 213 29.44 5.73 10.96
C LYS B 213 29.99 5.92 12.37
N GLY B 214 31.02 5.17 12.73
CA GLY B 214 31.50 5.18 14.10
C GLY B 214 30.58 4.36 14.99
N ILE B 215 30.86 4.40 16.29
CA ILE B 215 30.11 3.60 17.25
C ILE B 215 29.50 4.53 18.29
N VAL B 216 28.33 4.14 18.78
CA VAL B 216 27.52 4.97 19.66
C VAL B 216 27.08 4.14 20.86
N GLN B 217 26.96 4.78 22.01
CA GLN B 217 26.32 4.18 23.17
C GLN B 217 25.06 4.95 23.51
N ALA B 218 24.01 4.23 23.87
CA ALA B 218 22.73 4.82 24.24
C ALA B 218 22.38 4.48 25.68
N SER B 219 21.68 5.40 26.34
CA SER B 219 21.09 5.13 27.64
C SER B 219 19.80 5.93 27.75
N VAL B 220 18.67 5.24 27.77
CA VAL B 220 17.35 5.87 27.83
C VAL B 220 16.88 5.88 29.27
N THR B 221 16.18 6.95 29.65
CA THR B 221 15.67 7.08 31.01
C THR B 221 14.33 7.80 30.98
N SER B 222 13.42 7.38 31.86
CA SER B 222 12.08 7.97 31.90
C SER B 222 11.52 7.76 33.31
N SER B 223 11.57 8.80 34.13
CA SER B 223 10.77 8.82 35.34
C SER B 223 9.37 9.36 35.04
N THR B 224 8.47 9.16 35.99
CA THR B 224 7.04 9.38 35.78
C THR B 224 6.63 10.86 35.64
N HIS B 225 7.52 11.86 35.56
CA HIS B 225 7.09 13.26 35.46
C HIS B 225 7.74 13.90 34.24
N GLU B 226 7.05 13.84 33.09
CA GLU B 226 7.38 14.54 31.85
C GLU B 226 8.61 13.97 31.16
N ARG B 227 9.26 12.95 31.70
CA ARG B 227 10.58 12.52 31.23
C ARG B 227 10.45 11.50 30.12
N LYS B 228 10.99 11.84 28.94
CA LYS B 228 11.28 10.88 27.87
C LYS B 228 12.57 11.37 27.23
N SER B 229 13.70 10.85 27.70
CA SER B 229 15.01 11.33 27.28
C SER B 229 15.99 10.19 27.14
N LYS B 230 16.69 10.14 26.01
CA LYS B 230 17.75 9.17 25.76
C LYS B 230 19.05 9.92 25.48
N THR B 231 20.15 9.37 25.99
CA THR B 231 21.46 10.01 25.91
C THR B 231 22.39 9.21 25.02
N TYR B 232 23.21 9.91 24.25
CA TYR B 232 24.11 9.28 23.28
C TYR B 232 25.55 9.63 23.61
N VAL B 233 26.44 8.68 23.34
CA VAL B 233 27.88 8.88 23.41
C VAL B 233 28.46 8.55 22.05
N ILE B 234 28.74 9.57 21.24
CA ILE B 234 29.26 9.38 19.89
C ILE B 234 30.77 9.54 19.91
N THR B 235 31.42 8.82 18.99
CA THR B 235 32.87 8.86 18.79
C THR B 235 33.15 9.37 17.38
N LYS B 236 33.12 10.70 17.21
CA LYS B 236 33.49 11.28 15.94
C LYS B 236 35.01 11.30 15.76
N ASN B 237 35.45 10.74 14.64
CA ASN B 237 36.84 10.72 14.14
C ASN B 237 37.89 10.62 15.25
N GLY B 238 37.66 9.69 16.19
CA GLY B 238 38.60 9.49 17.27
C GLY B 238 38.41 10.36 18.49
N LYS B 239 37.38 11.19 18.53
CA LYS B 239 37.13 12.08 19.65
C LYS B 239 35.73 11.82 20.21
N ILE B 240 35.64 11.68 21.52
CA ILE B 240 34.38 11.31 22.16
C ILE B 240 33.53 12.56 22.30
N TYR B 241 32.22 12.42 22.11
CA TYR B 241 31.30 13.54 22.28
C TYR B 241 30.02 13.05 22.95
N LEU B 242 29.25 14.01 23.44
CA LEU B 242 27.96 13.75 24.07
C LEU B 242 26.94 14.67 23.41
N LYS B 243 25.92 14.07 22.80
CA LYS B 243 24.79 14.81 22.26
C LYS B 243 23.50 14.40 22.94
N HIS B 244 22.61 15.37 23.16
CA HIS B 244 21.32 15.14 23.78
C HIS B 244 20.28 15.94 23.02
N ASN B 245 19.03 15.50 23.12
CA ASN B 245 17.94 16.11 22.36
C ASN B 245 17.50 17.46 22.92
N SER B 246 18.12 17.93 24.00
CA SER B 246 17.93 19.29 24.47
C SER B 246 19.09 20.22 24.12
N ILE B 247 20.28 19.66 23.85
CA ILE B 247 21.45 20.45 23.49
C ILE B 247 21.56 20.47 21.97
N ALA B 248 21.81 21.66 21.40
CA ALA B 248 21.87 21.80 19.95
C ALA B 248 23.19 21.31 19.37
N GLU B 249 24.23 21.17 20.18
CA GLU B 249 25.54 20.78 19.69
C GLU B 249 26.05 19.57 20.48
N GLU B 250 27.13 18.97 19.97
CA GLU B 250 27.82 17.90 20.67
C GLU B 250 28.93 18.48 21.54
N ILE B 251 29.14 17.86 22.70
CA ILE B 251 30.06 18.38 23.69
C ILE B 251 31.06 17.28 24.08
N PRO B 252 32.35 17.54 24.02
CA PRO B 252 33.32 16.56 24.53
C PRO B 252 33.25 16.43 26.05
N ILE B 253 33.54 15.22 26.53
CA ILE B 253 33.19 14.82 27.89
C ILE B 253 34.07 15.50 28.93
N ALA B 254 35.28 15.92 28.54
CA ALA B 254 36.20 16.55 29.49
C ALA B 254 35.69 17.87 30.05
N ILE B 255 34.68 18.47 29.43
CA ILE B 255 34.01 19.62 30.02
C ILE B 255 33.02 19.19 31.09
N VAL B 256 32.14 18.23 30.76
CA VAL B 256 30.91 18.02 31.52
C VAL B 256 31.17 17.36 32.87
N LEU B 257 32.28 16.65 33.01
CA LEU B 257 32.67 16.13 34.32
C LEU B 257 33.43 17.17 35.14
N LYS B 258 34.11 18.12 34.47
CA LYS B 258 34.60 19.29 35.19
C LYS B 258 33.47 20.22 35.61
N ALA B 259 32.34 20.17 34.89
CA ALA B 259 31.16 20.92 35.31
C ALA B 259 30.49 20.31 36.53
N CYS B 260 30.81 19.07 36.89
CA CYS B 260 30.28 18.43 38.08
C CYS B 260 31.23 18.51 39.27
N GLY B 261 32.38 19.17 39.12
CA GLY B 261 33.30 19.42 40.20
C GLY B 261 34.59 18.64 40.11
N ILE B 262 34.62 17.56 39.34
CA ILE B 262 35.79 16.70 39.22
C ILE B 262 36.66 17.28 38.11
N LEU B 263 37.72 18.00 38.49
CA LEU B 263 38.43 18.86 37.57
C LEU B 263 39.94 18.62 37.56
N SER B 264 40.44 17.70 38.38
CA SER B 264 41.87 17.60 38.64
C SER B 264 42.62 16.97 37.47
N ASP B 265 41.88 16.31 36.58
CA ASP B 265 42.30 15.98 35.22
C ASP B 265 43.35 14.86 35.20
N LEU B 266 43.84 14.45 36.38
CA LEU B 266 44.52 13.18 36.50
C LEU B 266 43.62 12.11 37.08
N GLU B 267 42.60 12.52 37.85
CA GLU B 267 41.47 11.64 38.16
C GLU B 267 40.83 11.11 36.88
N ILE B 268 40.71 11.96 35.86
CA ILE B 268 39.92 11.64 34.68
C ILE B 268 40.62 10.57 33.84
N MET B 269 41.94 10.67 33.68
CA MET B 269 42.68 9.60 33.03
C MET B 269 42.65 8.32 33.85
N GLN B 270 42.64 8.44 35.17
CA GLN B 270 42.69 7.24 36.01
C GLN B 270 41.33 6.57 36.13
N LEU B 271 40.25 7.36 36.05
CA LEU B 271 38.91 6.79 36.05
C LEU B 271 38.61 6.07 34.74
N VAL B 272 38.79 6.76 33.62
CA VAL B 272 38.46 6.20 32.32
C VAL B 272 39.32 4.98 32.03
N CYS B 273 40.63 5.11 32.16
CA CYS B 273 41.56 4.09 31.69
C CYS B 273 42.12 3.22 32.80
N GLY B 274 42.45 3.80 33.95
CA GLY B 274 43.12 3.07 35.00
C GLY B 274 44.62 3.25 34.95
N ASN B 275 45.33 2.17 34.65
CA ASN B 275 46.79 2.20 34.64
C ASN B 275 47.31 1.01 33.85
N ASP B 276 48.44 1.23 33.18
CA ASP B 276 49.22 0.17 32.52
C ASP B 276 48.39 -0.58 31.48
N SER B 277 48.00 0.14 30.45
CA SER B 277 47.16 -0.41 29.40
C SER B 277 47.40 0.36 28.11
N SER B 278 46.61 0.05 27.08
CA SER B 278 46.57 0.84 25.85
C SER B 278 45.48 1.88 25.87
N TYR B 279 44.63 1.91 26.91
CA TYR B 279 43.53 2.83 26.97
C TYR B 279 44.00 4.28 27.07
N GLN B 280 45.11 4.51 27.77
CA GLN B 280 45.62 5.87 27.95
C GLN B 280 46.01 6.50 26.62
N ASP B 281 46.59 5.71 25.71
CA ASP B 281 46.87 6.24 24.37
C ASP B 281 45.59 6.40 23.56
N ILE B 282 44.57 5.58 23.82
CA ILE B 282 43.29 5.75 23.14
C ILE B 282 42.58 7.00 23.63
N PHE B 283 42.68 7.29 24.92
CA PHE B 283 42.09 8.50 25.50
C PHE B 283 42.92 9.74 25.24
N ALA B 284 44.13 9.60 24.69
CA ALA B 284 45.09 10.70 24.65
C ALA B 284 44.62 11.84 23.74
N VAL B 285 43.70 11.58 22.81
CA VAL B 285 43.22 12.65 21.95
C VAL B 285 42.13 13.46 22.66
N ASN B 286 41.43 12.83 23.61
CA ASN B 286 40.23 13.45 24.18
C ASN B 286 40.59 14.58 25.14
N LEU B 287 41.77 14.53 25.74
CA LEU B 287 42.13 15.45 26.81
C LEU B 287 42.40 16.85 26.28
N GLU B 288 42.87 16.98 25.05
CA GLU B 288 43.31 18.27 24.54
C GLU B 288 42.16 19.18 24.13
N GLU B 289 40.94 18.65 24.00
CA GLU B 289 39.80 19.51 23.71
C GLU B 289 39.44 20.39 24.89
N SER B 290 39.75 19.94 26.11
CA SER B 290 39.69 20.81 27.27
C SER B 290 40.75 21.91 27.20
N SER B 291 41.90 21.60 26.60
CA SER B 291 43.01 22.56 26.54
C SER B 291 42.78 23.63 25.49
N LYS B 292 42.05 23.33 24.42
CA LYS B 292 41.86 24.30 23.35
C LYS B 292 41.00 25.47 23.82
N LEU B 293 39.90 25.19 24.52
CA LEU B 293 39.01 26.25 24.97
C LEU B 293 39.52 26.89 26.26
N ASP B 294 40.45 26.23 26.96
CA ASP B 294 41.14 26.76 28.14
C ASP B 294 40.15 27.10 29.25
N ILE B 295 39.52 26.06 29.78
CA ILE B 295 38.55 26.21 30.86
C ILE B 295 39.25 25.96 32.19
N TYR B 296 39.73 24.74 32.38
CA TYR B 296 40.62 24.35 33.47
C TYR B 296 40.04 24.56 34.86
N THR B 297 38.75 24.87 34.97
CA THR B 297 38.18 25.19 36.28
C THR B 297 36.73 24.75 36.32
N GLN B 298 36.22 24.66 37.55
CA GLN B 298 34.84 24.23 37.78
C GLN B 298 33.83 25.33 37.46
N GLN B 299 34.25 26.60 37.59
CA GLN B 299 33.34 27.72 37.37
C GLN B 299 33.00 27.86 35.89
N GLN B 300 34.01 27.93 35.04
CA GLN B 300 33.79 28.12 33.61
C GLN B 300 33.17 26.89 32.94
N ALA B 301 33.25 25.71 33.57
CA ALA B 301 32.86 24.49 32.89
C ALA B 301 31.35 24.36 32.74
N LEU B 302 30.57 25.14 33.48
CA LEU B 302 29.11 25.03 33.39
C LEU B 302 28.59 25.79 32.17
N GLU B 303 28.85 27.09 32.11
CA GLU B 303 28.20 27.98 31.16
C GLU B 303 28.63 27.71 29.71
N TYR B 304 29.69 26.92 29.50
CA TYR B 304 29.99 26.44 28.15
C TYR B 304 28.84 25.61 27.60
N ILE B 305 28.20 24.80 28.45
CA ILE B 305 27.04 24.03 28.01
C ILE B 305 25.85 24.95 27.77
N GLY B 306 25.53 25.78 28.76
CA GLY B 306 24.33 26.62 28.70
C GLY B 306 24.38 27.75 27.71
N ALA B 307 25.56 28.06 27.15
CA ALA B 307 25.63 28.95 26.00
C ALA B 307 25.24 28.27 24.70
N LYS B 308 25.19 26.93 24.67
CA LYS B 308 24.84 26.18 23.48
C LYS B 308 23.62 25.30 23.70
N VAL B 309 22.68 25.76 24.52
CA VAL B 309 21.40 25.09 24.70
C VAL B 309 20.29 25.99 24.15
N LYS B 310 19.37 25.38 23.42
CA LYS B 310 18.17 26.06 22.91
C LYS B 310 16.96 25.31 23.48
N THR B 311 16.60 25.64 24.71
CA THR B 311 15.58 24.90 25.44
C THR B 311 14.90 25.86 26.42
N MET B 312 13.62 25.60 26.69
CA MET B 312 12.80 26.18 27.75
C MET B 312 12.34 27.60 27.39
N ARG B 313 12.92 28.23 26.37
CA ARG B 313 12.38 29.44 25.74
C ARG B 313 12.18 30.58 26.74
N ARG B 314 12.98 30.61 27.81
CA ARG B 314 12.84 31.60 28.89
C ARG B 314 11.43 31.55 29.49
N GLN B 315 11.12 30.40 30.11
CA GLN B 315 9.88 30.30 30.89
C GLN B 315 9.96 31.12 32.17
N LYS B 316 11.13 31.22 32.77
CA LYS B 316 11.36 32.11 33.91
C LYS B 316 11.93 33.43 33.40
N LEU B 317 11.22 34.52 33.66
CA LEU B 317 11.65 35.84 33.22
C LEU B 317 12.84 36.37 34.00
N THR B 318 13.27 35.68 35.05
CA THR B 318 14.44 36.07 35.85
C THR B 318 15.49 34.99 35.68
N ILE B 319 16.28 35.09 34.61
CA ILE B 319 17.35 34.14 34.37
C ILE B 319 18.56 34.49 35.23
N LEU B 320 19.40 33.49 35.47
CA LEU B 320 20.70 33.68 36.09
C LEU B 320 21.87 33.46 35.13
N GLN B 321 21.70 32.56 34.16
CA GLN B 321 22.67 32.24 33.11
C GLN B 321 23.83 31.45 33.69
N GLU B 322 23.91 31.36 35.02
CA GLU B 322 24.76 30.39 35.69
C GLU B 322 23.97 29.33 36.43
N GLY B 323 22.74 29.64 36.86
CA GLY B 323 21.85 28.66 37.44
C GLY B 323 21.17 27.75 36.43
N ILE B 324 21.14 28.14 35.15
CA ILE B 324 20.45 27.33 34.14
C ILE B 324 21.29 26.16 33.65
N GLU B 325 22.51 25.99 34.19
CA GLU B 325 23.30 24.79 33.93
C GLU B 325 23.25 23.80 35.08
N ALA B 326 22.91 24.26 36.28
CA ALA B 326 22.58 23.35 37.38
C ALA B 326 21.33 22.52 37.07
N ILE B 327 20.32 23.15 36.46
CA ILE B 327 19.17 22.38 36.00
C ILE B 327 19.45 21.64 34.71
N ALA B 328 20.36 22.15 33.87
CA ALA B 328 20.79 21.35 32.72
C ALA B 328 21.62 20.15 33.16
N THR B 329 22.23 20.20 34.34
CA THR B 329 22.83 19.05 34.99
C THR B 329 21.80 18.21 35.76
N THR B 330 20.55 18.67 35.81
CA THR B 330 19.47 17.93 36.45
C THR B 330 18.55 17.23 35.47
N VAL B 331 18.22 17.85 34.34
CA VAL B 331 17.56 17.10 33.28
C VAL B 331 18.63 16.49 32.37
N ILE B 332 19.30 15.46 32.88
CA ILE B 332 20.20 14.61 32.10
C ILE B 332 20.51 13.38 32.94
N ALA B 333 20.55 12.21 32.30
CA ALA B 333 20.91 10.96 32.97
C ALA B 333 20.05 10.72 34.22
N HIS B 334 18.75 10.54 33.97
CA HIS B 334 17.75 10.68 35.02
C HIS B 334 17.64 9.47 35.92
N LEU B 335 18.50 8.46 35.73
CA LEU B 335 18.67 7.39 36.71
C LEU B 335 18.91 7.96 38.11
N THR B 336 19.92 8.80 38.25
CA THR B 336 20.28 9.40 39.53
C THR B 336 20.02 10.90 39.52
N VAL B 337 19.67 11.43 40.69
CA VAL B 337 19.50 12.86 40.87
C VAL B 337 20.53 13.36 41.87
N GLU B 338 20.55 14.67 42.11
CA GLU B 338 21.61 15.29 42.89
C GLU B 338 21.02 16.37 43.80
N ALA B 339 21.77 16.73 44.83
CA ALA B 339 21.41 17.84 45.70
C ALA B 339 22.43 18.97 45.64
N LEU B 340 23.70 18.69 45.96
CA LEU B 340 24.72 19.74 45.97
C LEU B 340 26.06 19.29 45.41
N ASP B 341 26.40 18.01 45.42
CA ASP B 341 27.78 17.58 45.19
C ASP B 341 28.07 17.23 43.74
N PHE B 342 27.07 16.76 43.00
CA PHE B 342 27.25 16.24 41.64
C PHE B 342 28.30 15.14 41.60
N ARG B 343 28.32 14.31 42.64
CA ARG B 343 29.36 13.29 42.77
C ARG B 343 29.03 12.04 41.95
N GLU B 344 27.89 11.41 42.24
CA GLU B 344 27.59 10.12 41.62
C GLU B 344 27.19 10.27 40.15
N LYS B 345 26.66 11.44 39.77
CA LYS B 345 26.33 11.64 38.36
C LYS B 345 27.59 11.85 37.52
N ALA B 346 28.66 12.34 38.14
CA ALA B 346 29.92 12.53 37.41
C ALA B 346 30.51 11.19 37.00
N LEU B 347 30.74 10.30 37.98
CA LEU B 347 31.35 9.01 37.70
C LEU B 347 30.44 8.12 36.86
N TYR B 348 29.12 8.32 36.95
CA TYR B 348 28.20 7.57 36.10
C TYR B 348 28.42 7.90 34.62
N ILE B 349 28.79 9.14 34.31
CA ILE B 349 29.25 9.44 32.96
C ILE B 349 30.57 8.74 32.66
N ALA B 350 31.45 8.66 33.66
CA ALA B 350 32.76 8.06 33.43
C ALA B 350 32.65 6.55 33.27
N MET B 351 31.77 5.91 34.07
CA MET B 351 31.52 4.48 33.89
C MET B 351 30.83 4.20 32.56
N MET B 352 30.00 5.13 32.11
CA MET B 352 29.48 5.06 30.74
C MET B 352 30.61 5.24 29.73
N THR B 353 31.57 6.11 30.03
CA THR B 353 32.65 6.39 29.09
C THR B 353 33.71 5.31 29.08
N ARG B 354 33.82 4.53 30.16
CA ARG B 354 34.76 3.41 30.16
C ARG B 354 34.30 2.31 29.22
N ARG B 355 32.99 2.13 29.07
CA ARG B 355 32.48 1.12 28.14
C ARG B 355 32.81 1.50 26.70
N VAL B 356 32.67 2.77 26.34
CA VAL B 356 32.79 3.16 24.94
C VAL B 356 34.24 3.17 24.47
N VAL B 357 35.19 3.30 25.40
CA VAL B 357 36.61 3.18 25.03
C VAL B 357 36.98 1.72 24.86
N MET B 358 36.46 0.85 25.73
CA MET B 358 36.68 -0.59 25.59
C MET B 358 36.05 -1.13 24.31
N ALA B 359 34.98 -0.47 23.83
CA ALA B 359 34.38 -0.86 22.56
C ALA B 359 35.35 -0.64 21.40
N MET B 360 36.07 0.47 21.40
CA MET B 360 37.01 0.75 20.32
C MET B 360 38.30 -0.04 20.46
N TYR B 361 38.61 -0.54 21.66
CA TYR B 361 39.83 -1.33 21.85
C TYR B 361 39.68 -2.71 21.25
N ASN B 362 38.48 -3.29 21.33
CA ASN B 362 38.13 -4.52 20.65
C ASN B 362 36.61 -4.58 20.47
N PRO B 363 36.12 -4.92 19.28
CA PRO B 363 34.67 -4.89 19.04
C PRO B 363 33.91 -6.08 19.63
N LYS B 364 34.61 -7.05 20.22
CA LYS B 364 33.92 -8.21 20.78
C LYS B 364 33.14 -7.87 22.04
N MET B 365 33.53 -6.81 22.74
CA MET B 365 32.94 -6.49 24.04
C MET B 365 31.53 -5.95 23.91
N ILE B 366 31.12 -5.50 22.73
CA ILE B 366 29.78 -4.94 22.56
C ILE B 366 28.74 -6.05 22.66
N ASP B 367 27.72 -5.83 23.49
CA ASP B 367 26.64 -6.78 23.68
C ASP B 367 25.44 -6.38 22.81
N ASP B 368 24.65 -7.36 22.45
CA ASP B 368 23.48 -7.14 21.60
C ASP B 368 22.28 -6.73 22.43
N ARG B 369 21.35 -6.04 21.79
CA ARG B 369 20.12 -5.59 22.42
C ARG B 369 18.98 -6.60 22.29
N ASP B 370 19.30 -7.84 21.92
CA ASP B 370 18.33 -8.92 21.89
C ASP B 370 18.64 -10.02 22.89
N TYR B 371 19.64 -9.82 23.74
CA TYR B 371 19.76 -10.66 24.93
C TYR B 371 18.54 -10.49 25.82
N VAL B 372 18.09 -11.60 26.40
CA VAL B 372 16.79 -11.60 27.08
C VAL B 372 16.82 -10.76 28.34
N GLY B 373 17.99 -10.63 28.98
CA GLY B 373 18.10 -9.75 30.12
C GLY B 373 17.93 -8.28 29.82
N ASN B 374 18.02 -7.89 28.55
CA ASN B 374 17.79 -6.51 28.16
C ASN B 374 16.35 -6.24 27.76
N LYS B 375 15.43 -7.10 28.16
CA LYS B 375 14.02 -7.00 27.80
C LYS B 375 13.18 -6.89 29.07
N ARG B 376 12.32 -5.88 29.12
CA ARG B 376 11.43 -5.67 30.25
C ARG B 376 10.01 -6.03 29.82
N LEU B 377 9.53 -7.18 30.26
CA LEU B 377 8.18 -7.63 29.91
C LEU B 377 7.16 -6.83 30.70
N GLU B 378 6.34 -6.05 30.01
CA GLU B 378 5.50 -5.05 30.65
C GLU B 378 4.05 -5.44 30.43
N LEU B 379 3.29 -5.49 31.52
CA LEU B 379 2.06 -6.26 31.56
C LEU B 379 0.89 -5.33 31.24
N ALA B 380 -0.32 -5.74 31.60
CA ALA B 380 -1.51 -4.96 31.23
C ALA B 380 -1.93 -4.01 32.34
N GLY B 381 -2.00 -4.49 33.58
CA GLY B 381 -2.49 -3.66 34.67
C GLY B 381 -1.56 -2.51 35.01
N GLN B 382 -0.25 -2.73 34.87
CA GLN B 382 0.74 -1.66 34.96
C GLN B 382 0.88 -0.86 33.67
N LEU B 383 0.04 -1.13 32.66
CA LEU B 383 -0.03 -0.33 31.44
C LEU B 383 -1.32 0.45 31.30
N ILE B 384 -2.44 -0.07 31.82
CA ILE B 384 -3.67 0.69 31.88
C ILE B 384 -3.56 1.83 32.89
N SER B 385 -2.67 1.69 33.87
CA SER B 385 -2.43 2.78 34.82
C SER B 385 -1.76 3.98 34.17
N LEU B 386 -0.96 3.76 33.13
CA LEU B 386 -0.34 4.90 32.44
C LEU B 386 -1.38 5.73 31.71
N LEU B 387 -2.40 5.08 31.15
CA LEU B 387 -3.48 5.83 30.51
C LEU B 387 -4.38 6.49 31.56
N PHE B 388 -4.46 5.90 32.75
CA PHE B 388 -5.45 6.36 33.72
C PHE B 388 -5.07 7.70 34.31
N GLU B 389 -3.82 7.84 34.78
CA GLU B 389 -3.40 9.10 35.36
C GLU B 389 -3.29 10.21 34.32
N ASP B 390 -3.06 9.85 33.04
CA ASP B 390 -3.08 10.84 31.99
C ASP B 390 -4.51 11.34 31.74
N LEU B 391 -5.49 10.43 31.83
CA LEU B 391 -6.88 10.79 31.59
C LEU B 391 -7.54 11.36 32.84
N PHE B 392 -7.04 10.98 34.02
CA PHE B 392 -7.66 11.47 35.25
C PHE B 392 -7.33 12.93 35.51
N LYS B 393 -6.14 13.38 35.10
CA LYS B 393 -5.83 14.81 35.18
C LYS B 393 -6.51 15.60 34.07
N LYS B 394 -6.90 14.95 32.97
CA LYS B 394 -7.69 15.60 31.94
C LYS B 394 -9.12 15.82 32.40
N PHE B 395 -9.57 15.03 33.38
CA PHE B 395 -10.88 15.25 34.00
C PHE B 395 -10.92 16.58 34.74
N ASN B 396 -10.11 16.72 35.79
CA ASN B 396 -10.32 17.78 36.76
C ASN B 396 -9.84 19.16 36.29
N ASN B 397 -8.89 19.22 35.35
CA ASN B 397 -8.53 20.53 34.80
C ASN B 397 -9.61 21.07 33.88
N ASP B 398 -10.41 20.19 33.28
CA ASP B 398 -11.64 20.61 32.63
C ASP B 398 -12.73 20.93 33.65
N PHE B 399 -12.66 20.32 34.85
CA PHE B 399 -13.63 20.61 35.90
C PHE B 399 -13.34 21.93 36.59
N LYS B 400 -12.07 22.34 36.69
CA LYS B 400 -11.79 23.67 37.24
C LYS B 400 -12.14 24.79 36.29
N LEU B 401 -12.25 24.51 34.99
CA LEU B 401 -12.80 25.50 34.07
C LEU B 401 -14.33 25.58 34.13
N SER B 402 -14.98 24.62 34.78
CA SER B 402 -16.43 24.62 34.93
C SER B 402 -16.89 25.24 36.25
N ILE B 403 -15.98 25.75 37.07
CA ILE B 403 -16.33 26.41 38.32
C ILE B 403 -15.91 27.88 38.34
N ASP B 404 -14.74 28.19 37.78
CA ASP B 404 -14.31 29.59 37.77
C ASP B 404 -15.09 30.44 36.79
N LYS B 405 -15.75 29.82 35.80
CA LYS B 405 -16.75 30.54 35.02
C LYS B 405 -17.90 31.01 35.90
N VAL B 406 -18.25 30.23 36.93
CA VAL B 406 -19.28 30.64 37.86
C VAL B 406 -18.72 31.56 38.94
N LEU B 407 -17.49 31.32 39.39
CA LEU B 407 -16.92 32.10 40.47
C LEU B 407 -16.59 33.54 40.07
N LYS B 408 -16.66 33.88 38.79
CA LYS B 408 -16.57 35.28 38.37
C LYS B 408 -17.96 35.91 38.25
N LYS B 409 -18.80 35.69 39.28
CA LYS B 409 -20.14 36.26 39.31
C LYS B 409 -20.39 36.88 40.68
N PRO B 410 -20.97 38.08 40.73
CA PRO B 410 -21.17 38.73 42.04
C PRO B 410 -22.29 38.11 42.84
N ASN B 411 -23.42 37.77 42.20
CA ASN B 411 -24.57 37.22 42.90
C ASN B 411 -24.40 35.74 43.20
N ARG B 412 -23.81 34.99 42.26
CA ARG B 412 -23.54 33.56 42.47
C ARG B 412 -22.10 33.37 42.96
N ALA B 413 -21.88 33.76 44.21
CA ALA B 413 -20.58 33.57 44.84
C ALA B 413 -20.66 33.08 46.28
N MET B 414 -21.85 32.98 46.88
CA MET B 414 -22.02 32.51 48.24
C MET B 414 -22.72 31.15 48.31
N GLU B 415 -23.83 31.01 47.59
CA GLU B 415 -24.67 29.82 47.65
C GLU B 415 -24.26 28.75 46.64
N TYR B 416 -23.20 28.98 45.88
CA TYR B 416 -22.82 28.08 44.80
C TYR B 416 -22.16 26.82 45.35
N ASP B 417 -22.52 25.68 44.77
CA ASP B 417 -21.97 24.39 45.13
C ASP B 417 -21.24 23.80 43.92
N ALA B 418 -20.19 23.03 44.20
CA ALA B 418 -19.37 22.50 43.12
C ALA B 418 -19.90 21.18 42.55
N LEU B 419 -20.21 20.21 43.41
CA LEU B 419 -20.48 18.86 42.90
C LEU B 419 -21.92 18.70 42.41
N LEU B 420 -22.72 19.77 42.35
CA LEU B 420 -23.93 19.72 41.54
C LEU B 420 -23.60 19.57 40.06
N SER B 421 -22.47 20.10 39.62
CA SER B 421 -22.00 19.94 38.24
C SER B 421 -20.81 19.00 38.14
N ILE B 422 -20.73 18.00 39.02
CA ILE B 422 -19.74 16.95 38.85
C ILE B 422 -20.14 15.96 37.78
N ASN B 423 -21.43 15.86 37.47
CA ASN B 423 -21.93 14.85 36.54
C ASN B 423 -21.73 15.24 35.08
N VAL B 424 -21.37 16.50 34.80
CA VAL B 424 -21.23 16.93 33.42
C VAL B 424 -19.93 16.41 32.82
N HIS B 425 -18.89 16.24 33.63
CA HIS B 425 -17.63 15.66 33.20
C HIS B 425 -17.54 14.17 33.51
N SER B 426 -18.63 13.58 34.03
CA SER B 426 -18.60 12.19 34.45
C SER B 426 -18.47 11.24 33.25
N ASN B 427 -18.99 11.64 32.08
CA ASN B 427 -18.98 10.81 30.89
C ASN B 427 -17.77 11.07 30.00
N ASN B 428 -16.64 11.48 30.60
CA ASN B 428 -15.39 11.63 29.89
C ASN B 428 -14.32 10.66 30.36
N ILE B 429 -14.61 9.87 31.40
CA ILE B 429 -13.72 8.79 31.80
C ILE B 429 -14.30 7.42 31.43
N THR B 430 -15.58 7.32 31.12
CA THR B 430 -16.16 6.08 30.62
C THR B 430 -15.86 5.88 29.15
N SER B 431 -16.29 6.84 28.31
CA SER B 431 -16.08 6.74 26.87
C SER B 431 -14.62 6.92 26.47
N GLY B 432 -13.75 7.32 27.39
CA GLY B 432 -12.32 7.33 27.11
C GLY B 432 -11.70 5.97 27.31
N LEU B 433 -12.12 5.27 28.37
CA LEU B 433 -11.62 3.92 28.59
C LEU B 433 -12.22 2.93 27.61
N ASN B 434 -13.53 3.04 27.34
CA ASN B 434 -14.20 2.08 26.46
C ASN B 434 -13.80 2.26 25.00
N ARG B 435 -13.29 3.42 24.63
CA ARG B 435 -12.73 3.59 23.28
C ARG B 435 -11.34 2.97 23.20
N ALA B 436 -10.52 3.19 24.22
CA ALA B 436 -9.14 2.72 24.19
C ALA B 436 -9.06 1.20 24.21
N ILE B 437 -10.05 0.54 24.82
CA ILE B 437 -10.08 -0.92 24.85
C ILE B 437 -10.70 -1.48 23.57
N SER B 438 -11.76 -0.86 23.07
CA SER B 438 -12.39 -1.32 21.83
C SER B 438 -11.47 -1.10 20.64
N THR B 439 -11.06 0.15 20.41
CA THR B 439 -10.05 0.47 19.41
C THR B 439 -8.71 0.52 20.12
N GLY B 440 -7.86 -0.48 19.86
CA GLY B 440 -6.66 -0.66 20.65
C GLY B 440 -5.52 0.29 20.32
N ASN B 441 -5.78 1.60 20.32
CA ASN B 441 -4.75 2.59 20.10
C ASN B 441 -4.89 3.67 21.16
N TRP B 442 -3.86 3.81 22.00
CA TRP B 442 -3.93 4.64 23.21
C TRP B 442 -3.18 5.94 22.95
N SER B 443 -3.91 7.04 22.82
CA SER B 443 -3.32 8.35 22.54
C SER B 443 -3.05 9.05 23.85
N LEU B 444 -1.78 9.16 24.23
CA LEU B 444 -1.36 9.85 25.44
C LEU B 444 -0.83 11.25 25.11
N LYS B 445 -0.66 12.04 26.16
CA LYS B 445 -0.15 13.41 26.06
C LYS B 445 1.22 13.59 26.68
N ARG B 446 1.46 13.02 27.87
CA ARG B 446 2.72 13.23 28.58
C ARG B 446 3.90 12.55 27.90
N PHE B 447 3.66 11.50 27.12
CA PHE B 447 4.73 10.86 26.36
C PHE B 447 4.61 11.05 24.86
N LYS B 448 3.39 11.29 24.35
CA LYS B 448 3.14 11.55 22.94
C LYS B 448 3.67 10.39 22.07
N MET B 449 3.02 9.24 22.25
CA MET B 449 3.40 8.02 21.54
C MET B 449 2.15 7.24 21.20
N GLU B 450 2.12 6.66 19.99
CA GLU B 450 0.89 6.21 19.36
C GLU B 450 1.04 4.75 18.91
N ARG B 451 1.39 3.88 19.87
CA ARG B 451 1.26 2.45 19.61
C ARG B 451 -0.20 2.07 19.40
N ALA B 452 -0.42 1.10 18.52
CA ALA B 452 -1.76 0.66 18.17
C ALA B 452 -1.84 -0.85 18.23
N GLY B 453 -3.07 -1.36 18.23
CA GLY B 453 -3.29 -2.79 18.26
C GLY B 453 -2.87 -3.47 19.54
N VAL B 454 -2.97 -2.77 20.67
CA VAL B 454 -2.57 -3.36 21.95
C VAL B 454 -3.63 -4.31 22.49
N THR B 455 -4.83 -4.29 21.93
CA THR B 455 -5.89 -5.21 22.32
C THR B 455 -6.28 -6.08 21.12
N HIS B 456 -6.84 -7.24 21.41
CA HIS B 456 -7.22 -8.17 20.37
C HIS B 456 -8.44 -8.98 20.81
N VAL B 457 -9.25 -9.37 19.84
CA VAL B 457 -10.36 -10.27 20.09
C VAL B 457 -9.81 -11.68 20.27
N LEU B 458 -10.16 -12.31 21.39
CA LEU B 458 -9.72 -13.67 21.65
C LEU B 458 -10.43 -14.66 20.74
N SER B 459 -9.68 -15.63 20.23
CA SER B 459 -10.18 -16.58 19.24
C SER B 459 -10.78 -17.79 19.95
N ARG B 460 -12.06 -18.06 19.69
CA ARG B 460 -12.77 -19.17 20.31
C ARG B 460 -12.95 -20.34 19.35
N LEU B 461 -11.92 -20.65 18.56
CA LEU B 461 -12.00 -21.82 17.67
C LEU B 461 -11.94 -23.10 18.49
N SER B 462 -10.93 -23.23 19.35
CA SER B 462 -10.79 -24.37 20.24
C SER B 462 -10.84 -23.88 21.69
N TYR B 463 -10.74 -24.83 22.62
CA TYR B 463 -10.57 -24.46 24.02
C TYR B 463 -9.21 -23.81 24.25
N ILE B 464 -8.14 -24.49 23.83
CA ILE B 464 -6.79 -23.98 24.04
C ILE B 464 -6.48 -22.78 23.16
N SER B 465 -7.23 -22.58 22.07
CA SER B 465 -7.05 -21.38 21.27
C SER B 465 -7.43 -20.12 22.05
N ALA B 466 -8.46 -20.21 22.90
CA ALA B 466 -8.76 -19.11 23.81
C ALA B 466 -7.79 -19.04 24.98
N LEU B 467 -7.06 -20.12 25.26
CA LEU B 467 -6.04 -20.11 26.30
C LEU B 467 -4.65 -19.78 25.76
N GLY B 468 -4.35 -20.17 24.52
CA GLY B 468 -3.06 -19.86 23.95
C GLY B 468 -2.87 -18.39 23.63
N MET B 469 -3.96 -17.66 23.40
CA MET B 469 -3.87 -16.23 23.17
C MET B 469 -3.76 -15.45 24.47
N MET B 470 -4.09 -16.07 25.61
CA MET B 470 -3.88 -15.45 26.90
C MET B 470 -2.40 -15.35 27.24
N THR B 471 -1.59 -16.28 26.75
CA THR B 471 -0.14 -16.28 26.97
C THR B 471 0.54 -16.14 25.61
N ARG B 472 0.67 -14.89 25.16
CA ARG B 472 1.44 -14.57 23.97
C ARG B 472 2.02 -13.18 24.12
N ILE B 473 3.02 -12.87 23.29
CA ILE B 473 3.79 -11.65 23.40
C ILE B 473 3.77 -10.94 22.06
N SER B 474 3.44 -9.64 22.08
CA SER B 474 3.50 -8.79 20.91
C SER B 474 4.66 -7.81 21.09
N SER B 475 5.57 -7.79 20.12
CA SER B 475 6.84 -7.10 20.26
C SER B 475 6.70 -5.64 19.83
N GLN B 476 7.84 -4.96 19.64
CA GLN B 476 7.89 -3.52 19.46
C GLN B 476 8.15 -3.12 18.01
N PHE B 477 8.57 -4.06 17.16
CA PHE B 477 8.89 -3.84 15.75
C PHE B 477 9.75 -2.59 15.55
N GLU B 478 11.01 -2.73 15.98
CA GLU B 478 11.94 -1.62 16.06
C GLU B 478 12.61 -1.31 14.70
N LYS B 479 11.96 -1.71 13.61
CA LYS B 479 12.41 -1.45 12.25
C LYS B 479 13.76 -2.09 11.95
N SER B 480 14.06 -3.20 12.63
CA SER B 480 15.23 -4.02 12.30
C SER B 480 14.84 -5.14 11.34
N ARG B 481 14.21 -4.78 10.22
CA ARG B 481 13.77 -5.79 9.26
C ARG B 481 14.93 -6.38 8.46
N LYS B 482 16.07 -5.69 8.39
CA LYS B 482 17.22 -6.26 7.69
C LYS B 482 18.00 -7.25 8.56
N VAL B 483 17.84 -7.19 9.88
CA VAL B 483 18.70 -7.94 10.80
C VAL B 483 17.95 -9.20 11.22
N SER B 484 18.63 -10.35 11.08
CA SER B 484 18.09 -11.64 11.51
C SER B 484 18.34 -11.93 12.98
N GLY B 485 18.94 -10.99 13.72
CA GLY B 485 19.12 -11.11 15.14
C GLY B 485 17.85 -11.34 15.94
N PRO B 486 16.92 -10.38 15.91
CA PRO B 486 15.65 -10.58 16.62
C PRO B 486 14.76 -11.64 15.99
N ARG B 487 14.97 -11.96 14.71
CA ARG B 487 14.14 -12.99 14.07
C ARG B 487 14.51 -14.38 14.58
N ALA B 488 15.77 -14.59 14.94
CA ALA B 488 16.26 -15.90 15.36
C ALA B 488 15.90 -16.16 16.81
N LEU B 489 16.40 -17.26 17.35
CA LEU B 489 16.07 -17.73 18.70
C LEU B 489 17.36 -17.79 19.51
N GLN B 490 17.33 -17.21 20.72
CA GLN B 490 18.52 -17.19 21.55
C GLN B 490 18.50 -18.32 22.58
N PRO B 491 19.68 -18.86 22.90
CA PRO B 491 19.75 -20.00 23.84
C PRO B 491 19.44 -19.63 25.28
N SER B 492 19.30 -18.35 25.60
CA SER B 492 18.89 -17.92 26.94
C SER B 492 17.38 -17.86 27.06
N GLN B 493 16.74 -18.99 26.75
CA GLN B 493 15.29 -19.08 26.69
C GLN B 493 14.76 -20.40 27.25
N PHE B 494 15.63 -21.27 27.75
CA PHE B 494 15.26 -22.60 28.22
C PHE B 494 14.47 -22.48 29.51
N GLY B 495 13.15 -22.68 29.44
CA GLY B 495 12.28 -22.53 30.59
C GLY B 495 11.87 -21.11 30.92
N MET B 496 12.55 -20.10 30.36
CA MET B 496 12.07 -18.72 30.50
C MET B 496 10.73 -18.54 29.79
N LEU B 497 10.66 -18.92 28.51
CA LEU B 497 9.41 -18.86 27.76
C LEU B 497 9.48 -19.90 26.65
N CYS B 498 8.35 -20.17 26.03
CA CYS B 498 8.24 -21.34 25.18
C CYS B 498 9.06 -21.18 23.91
N THR B 499 9.41 -22.32 23.31
CA THR B 499 10.35 -22.39 22.20
C THR B 499 9.75 -22.90 20.90
N ALA B 500 8.79 -23.82 20.96
CA ALA B 500 8.29 -24.51 19.78
C ALA B 500 6.95 -23.99 19.28
N ASP B 501 6.46 -22.88 19.81
CA ASP B 501 5.26 -22.24 19.29
C ASP B 501 5.61 -20.80 18.89
N THR B 502 5.85 -20.62 17.58
CA THR B 502 6.10 -19.31 16.99
C THR B 502 5.53 -19.33 15.58
N PRO B 503 4.74 -18.33 15.20
CA PRO B 503 4.06 -18.37 13.90
C PRO B 503 5.04 -18.21 12.74
N GLU B 504 4.52 -18.39 11.53
CA GLU B 504 5.32 -18.33 10.32
C GLU B 504 4.63 -17.44 9.29
N GLY B 505 5.36 -17.10 8.24
CA GLY B 505 4.85 -16.21 7.22
C GLY B 505 5.35 -14.79 7.43
N GLU B 506 4.42 -13.84 7.58
CA GLU B 506 4.81 -12.47 7.87
C GLU B 506 5.28 -12.33 9.31
N ALA B 507 4.43 -12.73 10.26
CA ALA B 507 4.79 -12.76 11.68
C ALA B 507 5.57 -14.05 11.92
N CYS B 508 6.89 -13.97 11.76
CA CYS B 508 7.74 -15.16 11.74
C CYS B 508 8.54 -15.35 13.03
N GLY B 509 8.99 -14.29 13.68
CA GLY B 509 9.74 -14.45 14.90
C GLY B 509 9.54 -13.38 15.94
N LEU B 510 8.62 -12.45 15.70
CA LEU B 510 8.36 -11.37 16.64
C LEU B 510 7.23 -11.67 17.60
N VAL B 511 6.63 -12.87 17.52
CA VAL B 511 5.62 -13.32 18.46
C VAL B 511 6.17 -14.52 19.22
N LYS B 512 6.14 -14.43 20.55
CA LYS B 512 6.65 -15.51 21.39
C LYS B 512 5.66 -15.75 22.53
N ASN B 513 5.90 -16.83 23.27
CA ASN B 513 4.88 -17.42 24.14
C ASN B 513 5.53 -17.89 25.43
N LEU B 514 4.80 -17.76 26.54
CA LEU B 514 5.35 -18.06 27.84
C LEU B 514 5.50 -19.57 28.04
N ALA B 515 6.27 -19.93 29.07
CA ALA B 515 6.56 -21.32 29.39
C ALA B 515 5.43 -21.88 30.27
N LEU B 516 5.68 -23.04 30.87
CA LEU B 516 4.70 -23.68 31.76
C LEU B 516 4.89 -23.28 33.21
N MET B 517 6.13 -23.01 33.62
CA MET B 517 6.44 -22.51 34.97
C MET B 517 7.13 -21.17 34.81
N THR B 518 6.39 -20.09 35.09
CA THR B 518 6.91 -18.75 34.84
C THR B 518 6.17 -17.74 35.70
N HIS B 519 6.93 -16.95 36.47
CA HIS B 519 6.40 -15.84 37.24
C HIS B 519 7.10 -14.57 36.80
N ILE B 520 6.35 -13.46 36.79
CA ILE B 520 6.91 -12.16 36.45
C ILE B 520 7.19 -11.38 37.72
N THR B 521 8.38 -10.80 37.82
CA THR B 521 8.80 -10.11 39.02
C THR B 521 8.05 -8.78 39.18
N THR B 522 8.14 -8.20 40.37
CA THR B 522 7.65 -6.85 40.59
C THR B 522 8.61 -6.13 41.52
N ASP B 523 8.78 -4.83 41.27
CA ASP B 523 9.70 -4.04 42.10
C ASP B 523 9.14 -3.86 43.50
N ASP B 524 10.06 -3.82 44.48
CA ASP B 524 9.69 -3.68 45.88
C ASP B 524 10.13 -2.34 46.44
N GLU B 525 11.44 -2.10 46.50
CA GLU B 525 12.03 -0.81 46.83
C GLU B 525 13.55 -0.93 46.68
N GLU B 526 14.21 0.16 46.28
CA GLU B 526 15.67 0.18 46.23
C GLU B 526 16.30 0.88 47.42
N GLU B 527 15.52 1.43 48.34
CA GLU B 527 16.07 2.21 49.44
C GLU B 527 16.64 1.34 50.56
N PRO B 528 15.90 0.36 51.11
CA PRO B 528 16.42 -0.35 52.28
C PRO B 528 17.52 -1.35 51.96
N ILE B 529 17.60 -1.85 50.73
CA ILE B 529 18.72 -2.73 50.37
C ILE B 529 20.02 -1.94 50.28
N LYS B 530 19.95 -0.65 49.96
CA LYS B 530 21.13 0.20 50.06
C LYS B 530 21.59 0.38 51.51
N LYS B 531 20.65 0.40 52.45
CA LYS B 531 21.00 0.32 53.86
C LYS B 531 21.47 -1.06 54.29
N LEU B 532 21.09 -2.11 53.55
CA LEU B 532 21.43 -3.47 53.98
C LEU B 532 22.86 -3.82 53.61
N CYS B 533 23.36 -3.33 52.47
CA CYS B 533 24.71 -3.66 52.05
C CYS B 533 25.76 -2.96 52.90
N TYR B 534 25.43 -1.78 53.43
CA TYR B 534 26.32 -1.11 54.38
C TYR B 534 26.50 -1.93 55.66
N VAL B 535 25.50 -2.72 56.03
CA VAL B 535 25.68 -3.64 57.15
C VAL B 535 26.63 -4.76 56.77
N LEU B 536 26.66 -5.15 55.49
CA LEU B 536 27.51 -6.24 55.04
C LEU B 536 28.97 -5.84 54.88
N GLY B 537 29.33 -4.60 55.17
CA GLY B 537 30.73 -4.21 55.14
C GLY B 537 31.19 -3.70 53.79
N VAL B 538 30.34 -2.94 53.11
CA VAL B 538 30.69 -2.29 51.86
C VAL B 538 30.93 -0.81 52.12
N GLU B 539 31.78 -0.22 51.28
CA GLU B 539 32.22 1.16 51.44
C GLU B 539 31.20 2.09 50.77
N ASP B 540 31.45 3.39 50.85
CA ASP B 540 30.57 4.39 50.28
C ASP B 540 31.21 5.00 49.03
N ILE B 541 30.34 5.56 48.18
CA ILE B 541 30.79 6.03 46.86
C ILE B 541 31.62 7.30 46.98
N THR B 542 31.39 8.10 48.01
CA THR B 542 32.02 9.41 48.09
C THR B 542 33.36 9.39 48.80
N LEU B 543 33.93 8.21 49.03
CA LEU B 543 35.15 8.08 49.80
C LEU B 543 36.31 7.46 49.02
N ILE B 544 36.02 6.56 48.07
CA ILE B 544 37.06 5.74 47.47
C ILE B 544 37.95 6.58 46.56
N ASP B 545 39.18 6.12 46.38
CA ASP B 545 40.08 6.71 45.39
C ASP B 545 39.72 6.23 43.99
N SER B 546 40.32 6.87 42.99
CA SER B 546 40.21 6.36 41.62
C SER B 546 40.98 5.07 41.44
N ALA B 547 42.01 4.85 42.26
CA ALA B 547 42.87 3.68 42.09
C ALA B 547 42.14 2.41 42.51
N SER B 548 41.47 2.44 43.66
CA SER B 548 40.94 1.21 44.26
C SER B 548 39.75 0.67 43.49
N LEU B 549 39.00 1.52 42.79
CA LEU B 549 37.76 1.08 42.18
C LEU B 549 38.02 0.16 40.99
N HIS B 550 39.09 0.42 40.22
CA HIS B 550 39.47 -0.50 39.16
C HIS B 550 40.20 -1.72 39.67
N LEU B 551 40.82 -1.63 40.86
CA LEU B 551 41.52 -2.78 41.43
C LEU B 551 40.53 -3.73 42.09
N ASN B 552 39.59 -3.18 42.86
CA ASN B 552 38.54 -3.97 43.50
C ASN B 552 37.41 -4.22 42.51
N TYR B 553 36.36 -4.88 42.99
CA TYR B 553 35.12 -4.98 42.24
C TYR B 553 34.18 -3.85 42.69
N GLY B 554 32.95 -3.87 42.19
CA GLY B 554 31.98 -2.87 42.58
C GLY B 554 30.55 -3.34 42.44
N VAL B 555 29.73 -3.12 43.48
CA VAL B 555 28.31 -3.40 43.37
C VAL B 555 27.66 -2.39 42.43
N TYR B 556 26.79 -2.87 41.56
CA TYR B 556 25.95 -2.02 40.73
C TYR B 556 24.51 -2.15 41.17
N LEU B 557 23.90 -1.03 41.55
CA LEU B 557 22.48 -0.97 41.87
C LEU B 557 21.75 -0.43 40.65
N ASN B 558 21.06 -1.33 39.94
CA ASN B 558 20.31 -1.01 38.73
C ASN B 558 21.19 -0.32 37.70
N GLY B 559 22.42 -0.79 37.57
CA GLY B 559 23.40 -0.20 36.66
C GLY B 559 24.27 0.88 37.27
N THR B 560 24.05 1.26 38.53
CA THR B 560 24.76 2.34 39.17
C THR B 560 25.61 1.81 40.32
N LEU B 561 26.90 2.16 40.32
CA LEU B 561 27.77 1.75 41.41
C LEU B 561 27.46 2.57 42.66
N ILE B 562 27.52 1.92 43.82
CA ILE B 562 27.42 2.64 45.09
C ILE B 562 28.50 2.27 46.09
N GLY B 563 29.10 1.08 46.03
CA GLY B 563 29.79 0.58 47.20
C GLY B 563 31.26 0.24 47.04
N SER B 564 31.68 -0.17 45.85
CA SER B 564 33.06 -0.60 45.60
C SER B 564 33.49 -1.72 46.57
N ILE B 565 32.83 -2.87 46.42
CA ILE B 565 33.08 -3.99 47.31
C ILE B 565 34.37 -4.70 46.91
N ARG B 566 35.02 -5.31 47.89
CA ARG B 566 36.17 -6.17 47.70
C ARG B 566 35.85 -7.59 48.15
N PHE B 567 36.50 -8.58 47.52
CA PHE B 567 36.26 -10.01 47.67
C PHE B 567 34.77 -10.33 47.68
N PRO B 568 34.15 -10.42 46.50
CA PRO B 568 32.69 -10.46 46.43
C PRO B 568 32.09 -11.78 46.88
N THR B 569 32.88 -12.86 46.92
CA THR B 569 32.31 -14.19 47.16
C THR B 569 31.80 -14.32 48.58
N LYS B 570 32.45 -13.66 49.54
CA LYS B 570 31.89 -13.61 50.89
C LYS B 570 30.68 -12.68 50.94
N PHE B 571 30.64 -11.66 50.09
CA PHE B 571 29.51 -10.73 50.07
C PHE B 571 28.28 -11.36 49.44
N VAL B 572 28.46 -12.11 48.35
CA VAL B 572 27.30 -12.57 47.58
C VAL B 572 26.66 -13.80 48.22
N THR B 573 27.47 -14.69 48.79
CA THR B 573 26.93 -15.96 49.29
C THR B 573 26.24 -15.79 50.64
N GLN B 574 26.71 -14.84 51.46
CA GLN B 574 25.96 -14.46 52.65
C GLN B 574 24.61 -13.84 52.28
N PHE B 575 24.55 -13.14 51.13
CA PHE B 575 23.32 -12.46 50.75
C PHE B 575 22.27 -13.46 50.24
N ARG B 576 22.71 -14.53 49.57
CA ARG B 576 21.81 -15.65 49.31
C ARG B 576 21.28 -16.25 50.61
N HIS B 577 22.16 -16.41 51.61
CA HIS B 577 21.71 -16.90 52.91
C HIS B 577 20.81 -15.91 53.62
N LEU B 578 20.93 -14.62 53.31
CA LEU B 578 19.95 -13.64 53.78
C LEU B 578 18.64 -13.73 53.00
N ARG B 579 18.70 -14.12 51.72
CA ARG B 579 17.51 -14.17 50.88
C ARG B 579 16.73 -15.46 51.09
N ARG B 580 17.42 -16.60 51.17
CA ARG B 580 16.74 -17.88 51.32
C ARG B 580 16.10 -18.02 52.70
N THR B 581 16.67 -17.39 53.72
CA THR B 581 16.00 -17.29 55.01
C THR B 581 14.79 -16.37 54.95
N GLY B 582 14.79 -15.41 54.02
CA GLY B 582 13.60 -14.62 53.77
C GLY B 582 13.50 -13.35 54.59
N LYS B 583 14.63 -12.70 54.85
CA LYS B 583 14.59 -11.35 55.40
C LYS B 583 14.41 -10.30 54.30
N VAL B 584 15.14 -10.45 53.19
CA VAL B 584 14.93 -9.65 52.00
C VAL B 584 13.99 -10.39 51.07
N SER B 585 13.24 -9.66 50.26
CA SER B 585 12.32 -10.27 49.32
C SER B 585 13.08 -11.04 48.24
N GLU B 586 12.43 -12.07 47.71
CA GLU B 586 13.10 -13.14 46.99
C GLU B 586 13.37 -12.81 45.53
N PHE B 587 12.80 -11.73 45.00
CA PHE B 587 12.93 -11.43 43.58
C PHE B 587 14.13 -10.52 43.29
N ILE B 588 15.30 -10.91 43.79
CA ILE B 588 16.54 -10.16 43.60
C ILE B 588 17.56 -11.09 42.97
N SER B 589 18.34 -10.57 42.03
CA SER B 589 19.32 -11.36 41.31
C SER B 589 20.72 -10.81 41.53
N ILE B 590 21.70 -11.72 41.61
CA ILE B 590 23.06 -11.39 41.99
C ILE B 590 23.95 -11.75 40.81
N TYR B 591 23.48 -11.46 39.60
CA TYR B 591 24.30 -11.53 38.39
C TYR B 591 25.66 -10.87 38.59
N SER B 592 26.71 -11.62 38.27
CA SER B 592 28.07 -11.26 38.66
C SER B 592 28.99 -11.75 37.54
N ASN B 593 29.36 -10.85 36.64
CA ASN B 593 30.23 -11.17 35.52
C ASN B 593 31.69 -11.05 35.92
N SER B 594 32.58 -11.31 34.96
CA SER B 594 34.01 -11.23 35.22
C SER B 594 34.81 -10.56 34.10
N HIS B 595 34.18 -10.16 32.99
CA HIS B 595 34.91 -9.43 31.96
C HIS B 595 35.29 -8.04 32.46
N GLN B 596 34.31 -7.29 32.95
CA GLN B 596 34.57 -6.08 33.73
C GLN B 596 34.66 -6.45 35.21
N MET B 597 34.97 -5.49 36.05
CA MET B 597 35.26 -5.76 37.45
C MET B 597 34.10 -5.20 38.27
N ALA B 598 33.03 -5.98 38.37
CA ALA B 598 31.79 -5.49 38.96
C ALA B 598 30.86 -6.66 39.25
N VAL B 599 29.92 -6.42 40.17
CA VAL B 599 28.78 -7.29 40.38
C VAL B 599 27.52 -6.44 40.24
N HIS B 600 26.41 -7.10 39.93
CA HIS B 600 25.16 -6.40 39.66
C HIS B 600 24.10 -6.75 40.70
N ILE B 601 23.34 -5.74 41.11
CA ILE B 601 22.15 -5.91 41.95
C ILE B 601 20.94 -5.43 41.16
N ALA B 602 19.89 -6.25 41.11
CA ALA B 602 18.72 -5.93 40.29
C ALA B 602 17.46 -6.04 41.13
N THR B 603 16.66 -4.96 41.13
CA THR B 603 15.39 -4.95 41.83
C THR B 603 14.31 -4.22 41.04
N ASP B 604 14.45 -4.15 39.71
CA ASP B 604 13.59 -3.28 38.91
C ASP B 604 12.19 -3.85 38.69
N GLY B 605 12.03 -5.17 38.74
CA GLY B 605 10.72 -5.75 38.59
C GLY B 605 10.26 -5.79 37.14
N GLY B 606 9.27 -6.62 36.88
CA GLY B 606 8.77 -6.77 35.52
C GLY B 606 9.70 -7.49 34.58
N ARG B 607 10.59 -8.35 35.10
CA ARG B 607 11.51 -9.14 34.30
C ARG B 607 11.19 -10.61 34.49
N ILE B 608 11.68 -11.43 33.55
CA ILE B 608 11.35 -12.85 33.57
C ILE B 608 12.08 -13.54 34.72
N CYS B 609 11.47 -14.60 35.25
CA CYS B 609 12.12 -15.50 36.17
C CYS B 609 11.34 -16.80 36.26
N ARG B 610 12.04 -17.87 36.64
CA ARG B 610 11.41 -19.13 36.99
C ARG B 610 12.03 -19.66 38.26
N PRO B 611 11.30 -20.47 39.03
CA PRO B 611 11.87 -21.04 40.26
C PRO B 611 12.51 -22.41 40.06
N LEU B 612 13.61 -22.61 40.77
CA LEU B 612 14.30 -23.89 40.85
C LEU B 612 14.75 -24.11 42.28
N ILE B 613 14.98 -25.37 42.63
CA ILE B 613 15.26 -25.75 44.02
C ILE B 613 16.75 -25.58 44.30
N ILE B 614 17.06 -25.23 45.55
CA ILE B 614 18.42 -24.94 45.95
C ILE B 614 19.17 -26.24 46.24
N VAL B 615 20.38 -26.35 45.73
CA VAL B 615 21.28 -27.46 46.03
C VAL B 615 22.57 -26.87 46.58
N SER B 616 22.95 -27.31 47.78
CA SER B 616 24.12 -26.75 48.47
C SER B 616 25.42 -27.43 48.04
N ASP B 617 25.43 -28.75 47.97
CA ASP B 617 26.66 -29.49 47.71
C ASP B 617 26.29 -30.78 46.96
N GLY B 618 27.17 -31.77 47.01
CA GLY B 618 26.91 -33.05 46.37
C GLY B 618 25.71 -33.81 46.87
N GLN B 619 25.01 -33.28 47.88
CA GLN B 619 23.68 -33.72 48.23
C GLN B 619 22.71 -32.55 48.09
N SER B 620 21.54 -32.82 47.53
CA SER B 620 20.55 -31.79 47.30
C SER B 620 19.82 -31.46 48.60
N ARG B 621 18.84 -30.55 48.50
CA ARG B 621 17.92 -30.25 49.59
C ARG B 621 16.53 -30.80 49.29
N VAL B 622 16.49 -32.02 48.75
CA VAL B 622 15.24 -32.60 48.27
C VAL B 622 14.30 -32.90 49.44
N LYS B 623 14.75 -33.74 50.38
CA LYS B 623 14.01 -34.07 51.61
C LYS B 623 12.62 -34.61 51.26
N ASP B 624 12.65 -35.84 50.72
CA ASP B 624 11.44 -36.52 50.28
C ASP B 624 10.35 -36.62 51.35
N ILE B 625 10.70 -36.50 52.63
CA ILE B 625 9.66 -36.46 53.66
C ILE B 625 8.89 -35.15 53.61
N HIS B 626 9.52 -34.07 53.13
CA HIS B 626 8.76 -32.85 52.85
C HIS B 626 7.87 -33.05 51.62
N LEU B 627 8.38 -33.76 50.62
CA LEU B 627 7.59 -34.06 49.43
C LEU B 627 6.43 -35.01 49.74
N ARG B 628 6.58 -35.83 50.78
CA ARG B 628 5.43 -36.56 51.31
C ARG B 628 4.50 -35.63 52.10
N LYS B 629 5.07 -34.67 52.83
CA LYS B 629 4.26 -33.76 53.62
C LYS B 629 3.51 -32.77 52.76
N LEU B 630 3.92 -32.59 51.50
CA LEU B 630 3.12 -31.83 50.55
C LEU B 630 1.82 -32.57 50.21
N LEU B 631 1.92 -33.87 49.94
CA LEU B 631 0.75 -34.65 49.55
C LEU B 631 -0.21 -34.89 50.70
N ASP B 632 0.23 -34.71 51.95
CA ASP B 632 -0.70 -34.69 53.07
C ASP B 632 -1.63 -33.47 52.96
N GLY B 633 -1.10 -32.34 52.54
CA GLY B 633 -1.92 -31.18 52.22
C GLY B 633 -1.64 -29.92 53.02
N GLU B 634 -0.69 -29.94 53.96
CA GLU B 634 -0.38 -28.75 54.75
C GLU B 634 0.90 -28.06 54.33
N LEU B 635 1.60 -28.58 53.33
CA LEU B 635 2.89 -28.05 52.88
C LEU B 635 2.75 -27.64 51.41
N ASP B 636 2.30 -26.42 51.17
CA ASP B 636 2.09 -25.93 49.83
C ASP B 636 3.40 -25.42 49.23
N PHE B 637 3.31 -24.85 48.02
CA PHE B 637 4.51 -24.45 47.29
C PHE B 637 5.10 -23.14 47.83
N ASP B 638 4.28 -22.32 48.49
CA ASP B 638 4.79 -21.07 49.05
C ASP B 638 5.68 -21.32 50.25
N ASP B 639 5.43 -22.41 51.00
CA ASP B 639 6.26 -22.74 52.15
C ASP B 639 7.60 -23.34 51.76
N PHE B 640 7.76 -23.79 50.51
CA PHE B 640 9.07 -24.25 50.06
C PHE B 640 10.07 -23.10 49.97
N LEU B 641 9.62 -21.93 49.51
CA LEU B 641 10.50 -20.77 49.47
C LEU B 641 10.59 -20.04 50.81
N LYS B 642 9.61 -20.24 51.69
CA LYS B 642 9.70 -19.69 53.04
C LYS B 642 10.74 -20.44 53.86
N LEU B 643 10.68 -21.77 53.84
CA LEU B 643 11.62 -22.56 54.64
C LEU B 643 13.03 -22.52 54.05
N GLY B 644 13.14 -22.37 52.73
CA GLY B 644 14.45 -22.28 52.11
C GLY B 644 14.78 -23.43 51.18
N LEU B 645 13.77 -23.95 50.47
CA LEU B 645 13.96 -25.11 49.61
C LEU B 645 13.69 -24.83 48.14
N VAL B 646 13.22 -23.63 47.79
CA VAL B 646 13.10 -23.22 46.40
C VAL B 646 13.29 -21.71 46.32
N GLU B 647 13.75 -21.23 45.17
CA GLU B 647 14.02 -19.81 44.99
C GLU B 647 13.90 -19.48 43.51
N TYR B 648 13.56 -18.22 43.22
CA TYR B 648 13.37 -17.77 41.86
C TYR B 648 14.68 -17.33 41.25
N LEU B 649 14.88 -17.66 39.98
CA LEU B 649 16.06 -17.23 39.23
C LEU B 649 15.61 -16.54 37.95
N ASP B 650 16.15 -15.35 37.69
CA ASP B 650 15.88 -14.67 36.43
C ASP B 650 16.84 -15.22 35.36
N VAL B 651 16.88 -14.54 34.21
CA VAL B 651 17.84 -14.92 33.17
C VAL B 651 19.25 -14.50 33.55
N ASN B 652 19.40 -13.46 34.38
CA ASN B 652 20.72 -12.99 34.75
C ASN B 652 21.37 -13.85 35.82
N GLU B 653 20.59 -14.42 36.72
CA GLU B 653 21.14 -15.32 37.74
C GLU B 653 21.54 -16.66 37.14
N GLU B 654 20.98 -17.04 36.00
CA GLU B 654 21.36 -18.27 35.31
C GLU B 654 22.73 -18.17 34.63
N ASN B 655 23.35 -16.99 34.62
CA ASN B 655 24.78 -16.92 34.39
C ASN B 655 25.54 -17.67 35.48
N ASP B 656 25.39 -17.23 36.74
CA ASP B 656 26.18 -17.76 37.84
C ASP B 656 25.78 -19.19 38.22
N SER B 657 24.64 -19.68 37.75
CA SER B 657 24.17 -20.99 38.14
C SER B 657 24.81 -22.08 37.29
N TYR B 658 24.72 -23.31 37.78
CA TYR B 658 25.24 -24.50 37.11
C TYR B 658 24.17 -25.59 37.21
N ILE B 659 22.99 -25.28 36.65
CA ILE B 659 21.81 -26.11 36.78
C ILE B 659 22.10 -27.57 36.44
N ALA B 660 21.62 -28.47 37.28
CA ALA B 660 21.70 -29.91 37.04
C ALA B 660 20.43 -30.36 36.31
N LEU B 661 20.57 -31.45 35.53
CA LEU B 661 19.39 -32.04 34.91
C LEU B 661 18.67 -32.99 35.85
N TYR B 662 19.33 -34.10 36.22
CA TYR B 662 18.70 -35.17 36.98
C TYR B 662 19.44 -35.42 38.28
N GLU B 663 18.78 -36.12 39.19
CA GLU B 663 19.41 -36.54 40.44
C GLU B 663 20.49 -37.59 40.24
N LYS B 664 20.49 -38.26 39.08
CA LYS B 664 21.58 -39.12 38.66
C LYS B 664 22.69 -38.35 37.95
N ASP B 665 22.73 -37.04 38.09
CA ASP B 665 23.71 -36.18 37.46
C ASP B 665 24.28 -35.18 38.46
N ILE B 666 24.26 -35.53 39.74
CA ILE B 666 24.71 -34.62 40.79
C ILE B 666 26.22 -34.72 40.93
N VAL B 667 26.87 -33.55 41.00
CA VAL B 667 28.31 -33.44 41.18
C VAL B 667 28.54 -32.73 42.52
N PRO B 668 29.66 -32.93 43.20
CA PRO B 668 29.97 -32.07 44.35
C PRO B 668 30.33 -30.65 43.98
N SER B 669 30.39 -30.32 42.69
CA SER B 669 30.40 -28.96 42.18
C SER B 669 29.19 -28.84 41.26
N MET B 670 28.02 -28.62 41.87
CA MET B 670 26.75 -28.64 41.14
C MET B 670 25.65 -28.02 42.00
N THR B 671 25.08 -26.92 41.53
CA THR B 671 24.01 -26.25 42.26
C THR B 671 22.71 -26.25 41.46
N HIS B 672 21.60 -26.06 42.17
CA HIS B 672 20.30 -25.72 41.61
C HIS B 672 19.81 -26.80 40.65
N LEU B 673 19.42 -27.92 41.25
CA LEU B 673 18.77 -29.00 40.50
C LEU B 673 17.51 -28.49 39.82
N GLU B 674 17.26 -28.95 38.60
CA GLU B 674 16.13 -28.47 37.81
C GLU B 674 14.88 -29.28 38.17
N ILE B 675 13.75 -28.59 38.29
CA ILE B 675 12.59 -29.20 38.93
C ILE B 675 11.94 -30.24 38.02
N GLU B 676 11.69 -29.88 36.76
CA GLU B 676 11.01 -30.82 35.87
C GLU B 676 11.33 -30.49 34.42
N PRO B 677 12.00 -31.40 33.69
CA PRO B 677 12.60 -30.99 32.42
C PRO B 677 11.62 -30.77 31.28
N PHE B 678 10.40 -31.28 31.35
CA PHE B 678 9.45 -31.10 30.26
C PHE B 678 8.53 -29.90 30.47
N THR B 679 8.86 -29.01 31.41
CA THR B 679 8.12 -27.77 31.60
C THR B 679 8.61 -26.64 30.70
N ILE B 680 9.28 -26.98 29.58
CA ILE B 680 9.84 -25.99 28.67
C ILE B 680 8.93 -25.70 27.50
N LEU B 681 7.76 -26.35 27.44
CA LEU B 681 6.82 -26.22 26.34
C LEU B 681 5.58 -25.48 26.81
N GLY B 682 5.02 -24.65 25.92
CA GLY B 682 3.84 -23.88 26.26
C GLY B 682 2.60 -24.75 26.36
N ALA B 683 1.55 -24.15 26.92
CA ALA B 683 0.29 -24.87 27.07
C ALA B 683 -0.38 -25.13 25.73
N VAL B 684 -0.10 -24.30 24.72
CA VAL B 684 -0.56 -24.61 23.36
C VAL B 684 0.45 -25.47 22.60
N ALA B 685 1.64 -25.68 23.15
CA ALA B 685 2.60 -26.62 22.58
C ALA B 685 2.60 -27.96 23.28
N GLY B 686 2.04 -28.05 24.49
CA GLY B 686 2.17 -29.23 25.32
C GLY B 686 1.39 -30.44 24.85
N LEU B 687 0.45 -30.26 23.92
CA LEU B 687 -0.42 -31.36 23.52
C LEU B 687 0.22 -32.29 22.49
N ILE B 688 1.46 -32.06 22.12
CA ILE B 688 2.17 -33.01 21.25
C ILE B 688 2.61 -34.21 22.09
N PRO B 689 2.25 -35.43 21.69
CA PRO B 689 2.70 -36.61 22.43
C PRO B 689 4.08 -37.10 22.00
N TYR B 690 4.95 -37.37 22.97
CA TYR B 690 6.36 -37.70 22.77
C TYR B 690 7.04 -36.76 21.77
N PRO B 691 7.25 -35.49 22.10
CA PRO B 691 7.88 -34.58 21.14
C PRO B 691 9.37 -34.80 20.98
N HIS B 692 10.02 -35.41 21.97
CA HIS B 692 11.48 -35.52 21.97
C HIS B 692 11.98 -36.52 20.94
N HIS B 693 11.11 -37.41 20.44
CA HIS B 693 11.44 -38.21 19.27
C HIS B 693 11.15 -37.47 17.96
N ASN B 694 10.30 -36.47 17.99
CA ASN B 694 9.80 -35.83 16.77
C ASN B 694 10.71 -34.68 16.36
N GLN B 695 10.66 -34.33 15.09
CA GLN B 695 11.51 -33.26 14.57
C GLN B 695 10.96 -31.90 15.00
N SER B 696 11.88 -30.95 15.18
CA SER B 696 11.52 -29.64 15.73
C SER B 696 10.80 -28.70 14.76
N PRO B 697 11.11 -28.70 13.46
CA PRO B 697 10.26 -27.93 12.53
C PRO B 697 8.86 -28.48 12.35
N ARG B 698 8.63 -29.75 12.69
CA ARG B 698 7.28 -30.30 12.69
C ARG B 698 6.55 -30.09 14.01
N ASN B 699 7.08 -29.26 14.90
CA ASN B 699 6.35 -28.82 16.08
C ASN B 699 5.69 -27.45 15.89
N THR B 700 6.37 -26.50 15.26
CA THR B 700 5.76 -25.21 14.99
C THR B 700 4.65 -25.30 13.96
N TYR B 701 4.72 -26.28 13.05
CA TYR B 701 3.64 -26.49 12.10
C TYR B 701 2.37 -26.98 12.78
N GLN B 702 2.49 -27.67 13.92
CA GLN B 702 1.33 -28.11 14.67
C GLN B 702 0.83 -27.04 15.64
N CYS B 703 1.74 -26.29 16.25
CA CYS B 703 1.34 -25.29 17.22
C CYS B 703 0.65 -24.11 16.56
N ALA B 704 0.95 -23.86 15.27
CA ALA B 704 0.14 -22.93 14.48
C ALA B 704 -1.19 -23.54 14.05
N MET B 705 -1.30 -24.86 14.00
CA MET B 705 -2.56 -25.51 13.65
C MET B 705 -3.37 -25.92 14.87
N GLY B 706 -2.74 -26.12 16.02
CA GLY B 706 -3.47 -26.54 17.21
C GLY B 706 -4.52 -25.53 17.65
N LYS B 707 -4.25 -24.24 17.42
CA LYS B 707 -5.25 -23.20 17.64
C LYS B 707 -6.40 -23.24 16.65
N GLN B 708 -6.27 -23.99 15.55
CA GLN B 708 -7.32 -24.09 14.54
C GLN B 708 -8.05 -25.42 14.60
N ALA B 709 -7.90 -26.18 15.68
CA ALA B 709 -8.55 -27.47 15.80
C ALA B 709 -9.98 -27.26 16.29
N ILE B 710 -10.91 -28.02 15.73
CA ILE B 710 -12.30 -27.94 16.15
C ILE B 710 -12.58 -28.99 17.21
N GLY B 711 -13.36 -28.61 18.22
CA GLY B 711 -13.88 -29.53 19.21
C GLY B 711 -14.94 -28.83 20.05
N ALA B 712 -14.91 -29.03 21.36
CA ALA B 712 -15.83 -28.33 22.24
C ALA B 712 -15.33 -26.91 22.46
N ILE B 713 -16.17 -26.10 23.11
CA ILE B 713 -15.80 -24.73 23.45
C ILE B 713 -15.90 -24.53 24.95
N ALA B 714 -17.10 -24.70 25.49
CA ALA B 714 -17.38 -24.44 26.89
C ALA B 714 -18.68 -25.13 27.24
N TYR B 715 -19.02 -25.12 28.54
CA TYR B 715 -20.23 -25.79 28.97
C TYR B 715 -21.47 -25.00 28.58
N ASN B 716 -21.37 -23.68 28.53
CA ASN B 716 -22.48 -22.81 28.17
C ASN B 716 -22.53 -22.54 26.67
N GLN B 717 -21.96 -23.42 25.86
CA GLN B 717 -21.81 -23.14 24.42
C GLN B 717 -23.14 -23.20 23.68
N PHE B 718 -24.15 -23.86 24.25
CA PHE B 718 -25.49 -23.81 23.69
C PHE B 718 -26.28 -22.60 24.15
N LYS B 719 -25.64 -21.67 24.86
CA LYS B 719 -26.29 -20.46 25.35
C LYS B 719 -25.67 -19.18 24.80
N ARG B 720 -24.36 -19.16 24.55
CA ARG B 720 -23.72 -17.94 24.05
C ARG B 720 -24.05 -17.72 22.58
N ILE B 721 -24.02 -16.45 22.19
CA ILE B 721 -24.33 -16.01 20.83
C ILE B 721 -23.09 -15.29 20.30
N ASP B 722 -22.20 -16.01 19.64
CA ASP B 722 -20.99 -15.43 19.09
C ASP B 722 -21.02 -15.46 17.57
N THR B 723 -20.02 -14.81 16.97
CA THR B 723 -20.13 -14.37 15.58
C THR B 723 -20.18 -15.56 14.62
N LEU B 724 -19.13 -16.37 14.60
CA LEU B 724 -19.05 -17.52 13.70
C LEU B 724 -18.33 -18.63 14.44
N LEU B 725 -19.10 -19.60 14.95
CA LEU B 725 -18.63 -20.52 15.98
C LEU B 725 -18.98 -21.94 15.57
N TYR B 726 -17.97 -22.79 15.40
CA TYR B 726 -18.17 -24.16 14.97
C TYR B 726 -18.20 -25.10 16.18
N LEU B 727 -18.80 -26.27 15.98
CA LEU B 727 -18.77 -27.34 16.96
C LEU B 727 -18.49 -28.66 16.26
N MET B 728 -18.00 -29.63 17.03
CA MET B 728 -17.96 -31.02 16.63
C MET B 728 -19.06 -31.79 17.36
N THR B 729 -19.73 -32.69 16.65
CA THR B 729 -20.88 -33.38 17.23
C THR B 729 -20.44 -34.44 18.24
N TYR B 730 -19.51 -35.31 17.85
CA TYR B 730 -19.05 -36.41 18.70
C TYR B 730 -17.56 -36.27 18.98
N PRO B 731 -17.18 -35.56 20.03
CA PRO B 731 -15.75 -35.47 20.38
C PRO B 731 -15.31 -36.63 21.26
N GLN B 732 -14.00 -36.86 21.27
CA GLN B 732 -13.42 -37.94 22.06
C GLN B 732 -12.08 -37.50 22.62
N GLN B 733 -11.77 -37.92 23.85
CA GLN B 733 -10.48 -37.64 24.43
C GLN B 733 -9.42 -38.50 23.74
N PRO B 734 -8.18 -38.00 23.63
CA PRO B 734 -7.16 -38.74 22.88
C PRO B 734 -6.67 -39.96 23.65
N MET B 735 -6.06 -40.88 22.91
CA MET B 735 -5.62 -42.14 23.51
C MET B 735 -4.31 -41.96 24.27
N VAL B 736 -3.34 -41.31 23.66
CA VAL B 736 -2.05 -41.04 24.28
C VAL B 736 -2.11 -39.61 24.80
N LYS B 737 -2.29 -39.46 26.11
CA LYS B 737 -2.42 -38.15 26.72
C LYS B 737 -1.03 -37.57 27.04
N THR B 738 -1.02 -36.48 27.80
CA THR B 738 0.21 -35.85 28.27
C THR B 738 -0.04 -35.36 29.69
N LYS B 739 1.04 -35.29 30.48
CA LYS B 739 0.94 -34.63 31.78
C LYS B 739 0.58 -33.15 31.64
N THR B 740 0.89 -32.53 30.50
CA THR B 740 0.52 -31.13 30.28
C THR B 740 -0.99 -30.97 30.17
N ILE B 741 -1.64 -31.83 29.38
CA ILE B 741 -3.03 -31.60 29.00
C ILE B 741 -4.01 -31.91 30.12
N GLU B 742 -3.59 -32.66 31.14
CA GLU B 742 -4.40 -32.91 32.32
C GLU B 742 -4.28 -31.81 33.36
N LEU B 743 -3.41 -30.82 33.14
CA LEU B 743 -3.30 -29.67 34.02
C LEU B 743 -4.15 -28.50 33.54
N ILE B 744 -4.43 -28.44 32.25
CA ILE B 744 -5.33 -27.47 31.66
C ILE B 744 -6.70 -28.06 31.39
N ASP B 745 -6.91 -29.32 31.75
CA ASP B 745 -8.19 -30.02 31.57
C ASP B 745 -8.63 -30.00 30.10
N TYR B 746 -7.67 -30.19 29.21
CA TYR B 746 -7.99 -30.39 27.80
C TYR B 746 -8.83 -31.65 27.61
N ASP B 747 -8.54 -32.69 28.38
CA ASP B 747 -9.30 -33.94 28.30
C ASP B 747 -10.75 -33.78 28.75
N LYS B 748 -11.06 -32.77 29.56
CA LYS B 748 -12.44 -32.61 30.01
C LYS B 748 -13.35 -32.11 28.89
N LEU B 749 -12.78 -31.45 27.88
CA LEU B 749 -13.54 -31.08 26.67
C LEU B 749 -12.58 -31.04 25.51
N PRO B 750 -12.38 -32.17 24.83
CA PRO B 750 -11.28 -32.29 23.88
C PRO B 750 -11.65 -31.69 22.52
N ALA B 751 -10.73 -31.85 21.57
CA ALA B 751 -10.96 -31.47 20.19
C ALA B 751 -10.46 -32.59 19.31
N GLY B 752 -11.29 -33.08 18.41
CA GLY B 752 -10.87 -34.13 17.52
C GLY B 752 -11.05 -35.51 18.13
N GLN B 753 -11.00 -36.53 17.26
CA GLN B 753 -11.26 -37.90 17.66
C GLN B 753 -10.19 -38.81 17.07
N ASN B 754 -10.05 -40.00 17.65
CA ASN B 754 -9.01 -40.94 17.25
C ASN B 754 -9.62 -42.07 16.43
N ALA B 755 -9.17 -42.21 15.19
CA ALA B 755 -9.64 -43.23 14.27
C ALA B 755 -8.54 -44.26 14.04
N THR B 756 -8.92 -45.33 13.34
CA THR B 756 -8.05 -46.48 13.12
C THR B 756 -7.36 -46.28 11.78
N VAL B 757 -6.05 -46.01 11.82
CA VAL B 757 -5.29 -45.73 10.61
C VAL B 757 -4.62 -47.01 10.13
N ALA B 758 -4.54 -47.13 8.80
CA ALA B 758 -3.76 -48.17 8.13
C ALA B 758 -2.86 -47.45 7.13
N VAL B 759 -1.62 -47.18 7.53
CA VAL B 759 -0.72 -46.41 6.68
C VAL B 759 -0.26 -47.27 5.52
N MET B 760 -0.59 -46.85 4.31
CA MET B 760 -0.36 -47.61 3.09
C MET B 760 -0.71 -46.74 1.90
N SER B 761 -0.20 -47.11 0.73
CA SER B 761 -0.67 -46.52 -0.52
C SER B 761 -1.87 -47.32 -1.03
N TYR B 762 -2.82 -46.62 -1.65
CA TYR B 762 -4.07 -47.25 -2.07
C TYR B 762 -4.68 -46.42 -3.20
N SER B 763 -4.90 -47.06 -4.34
CA SER B 763 -5.63 -46.51 -5.48
C SER B 763 -4.99 -45.26 -6.07
N GLY B 764 -3.77 -44.91 -5.63
CA GLY B 764 -3.09 -43.74 -6.16
C GLY B 764 -3.72 -42.40 -5.80
N TYR B 765 -4.80 -42.38 -5.03
CA TYR B 765 -5.47 -41.15 -4.66
C TYR B 765 -4.85 -40.50 -3.43
N ASP B 766 -3.72 -41.02 -2.95
CA ASP B 766 -2.96 -40.39 -1.87
C ASP B 766 -1.49 -40.48 -2.28
N ILE B 767 -0.98 -39.39 -2.86
CA ILE B 767 0.34 -39.39 -3.48
C ILE B 767 1.36 -38.78 -2.52
N GLU B 768 1.18 -37.51 -2.18
CA GLU B 768 1.86 -36.88 -1.05
C GLU B 768 0.82 -36.35 -0.08
N ASP B 769 0.81 -36.93 1.12
CA ASP B 769 -0.02 -36.56 2.29
C ASP B 769 -1.44 -36.11 1.89
N ALA B 770 -2.08 -36.91 1.06
CA ALA B 770 -3.53 -36.88 0.97
C ALA B 770 -4.10 -37.96 1.88
N LEU B 771 -5.42 -37.95 2.06
CA LEU B 771 -6.06 -38.92 2.93
C LEU B 771 -7.15 -39.66 2.18
N VAL B 772 -7.42 -40.89 2.63
CA VAL B 772 -8.40 -41.78 2.02
C VAL B 772 -9.25 -42.38 3.15
N LEU B 773 -10.56 -42.20 3.07
CA LEU B 773 -11.45 -42.74 4.09
C LEU B 773 -12.71 -43.30 3.44
N ASN B 774 -13.49 -44.03 4.24
CA ASN B 774 -14.59 -44.84 3.75
C ASN B 774 -15.92 -44.12 3.93
N LYS B 775 -16.87 -44.45 3.05
CA LYS B 775 -18.18 -43.82 3.08
C LYS B 775 -19.00 -44.27 4.29
N SER B 776 -18.73 -45.47 4.81
CA SER B 776 -19.51 -45.99 5.92
C SER B 776 -19.26 -45.21 7.21
N SER B 777 -18.01 -44.88 7.49
CA SER B 777 -17.69 -44.26 8.78
C SER B 777 -18.26 -42.86 8.87
N ILE B 778 -18.27 -42.12 7.76
CA ILE B 778 -19.01 -40.86 7.70
C ILE B 778 -20.50 -41.12 7.88
N ASP B 779 -21.01 -42.21 7.32
CA ASP B 779 -22.41 -42.55 7.50
C ASP B 779 -22.71 -43.04 8.90
N ARG B 780 -21.72 -43.59 9.59
CA ARG B 780 -21.84 -43.83 11.03
C ARG B 780 -21.60 -42.56 11.85
N GLY B 781 -21.11 -41.49 11.23
CA GLY B 781 -20.99 -40.22 11.92
C GLY B 781 -19.57 -39.81 12.27
N PHE B 782 -18.63 -40.02 11.35
CA PHE B 782 -17.22 -39.73 11.63
C PHE B 782 -17.00 -38.22 11.50
N GLY B 783 -17.18 -37.53 12.62
CA GLY B 783 -16.82 -36.13 12.70
C GLY B 783 -17.73 -35.23 11.90
N ARG B 784 -18.99 -35.15 12.28
CA ARG B 784 -19.96 -34.30 11.59
C ARG B 784 -19.96 -32.94 12.26
N CYS B 785 -19.20 -32.00 11.69
CA CYS B 785 -19.09 -30.68 12.29
C CYS B 785 -20.36 -29.87 12.01
N GLU B 786 -20.45 -28.71 12.67
CA GLU B 786 -21.68 -27.95 12.69
C GLU B 786 -21.33 -26.49 12.82
N THR B 787 -21.95 -25.65 11.98
CA THR B 787 -21.58 -24.24 11.87
C THR B 787 -22.70 -23.40 12.47
N ARG B 788 -22.35 -22.59 13.47
CA ARG B 788 -23.26 -21.62 14.06
C ARG B 788 -22.77 -20.22 13.74
N ARG B 789 -23.70 -19.32 13.41
CA ARG B 789 -23.35 -18.02 12.86
C ARG B 789 -24.33 -16.99 13.39
N LYS B 790 -23.80 -15.90 13.93
CA LYS B 790 -24.64 -14.81 14.41
C LYS B 790 -24.98 -13.86 13.27
N THR B 791 -26.14 -13.21 13.40
CA THR B 791 -26.44 -12.02 12.64
C THR B 791 -27.35 -11.14 13.48
N THR B 792 -27.18 -9.82 13.32
CA THR B 792 -27.80 -8.87 14.23
C THR B 792 -28.30 -7.66 13.47
N THR B 793 -29.21 -6.94 14.10
CA THR B 793 -29.69 -5.67 13.60
C THR B 793 -30.28 -4.88 14.76
N VAL B 794 -30.32 -3.56 14.60
CA VAL B 794 -30.72 -2.66 15.67
C VAL B 794 -31.90 -1.84 15.18
N LEU B 795 -32.99 -1.88 15.93
CA LEU B 795 -34.07 -0.92 15.72
C LEU B 795 -33.58 0.45 16.14
N LYS B 796 -33.79 1.46 15.28
CA LYS B 796 -33.17 2.76 15.48
C LYS B 796 -34.22 3.85 15.47
N ARG B 797 -34.12 4.75 16.44
CA ARG B 797 -35.05 5.86 16.60
C ARG B 797 -34.48 7.11 15.93
N TYR B 798 -35.34 7.83 15.22
CA TYR B 798 -34.92 8.99 14.45
C TYR B 798 -35.22 10.26 15.23
N ALA B 799 -34.89 11.40 14.63
CA ALA B 799 -35.12 12.69 15.26
C ALA B 799 -36.59 13.11 15.21
N ASN B 800 -37.38 12.58 14.28
CA ASN B 800 -38.80 12.88 14.21
C ASN B 800 -39.66 11.87 14.95
N HIS B 801 -39.10 11.21 15.97
CA HIS B 801 -39.85 10.35 16.88
C HIS B 801 -40.52 9.18 16.15
N THR B 802 -39.79 8.57 15.21
CA THR B 802 -40.30 7.44 14.45
C THR B 802 -39.45 6.21 14.74
N GLN B 803 -40.12 5.10 15.04
CA GLN B 803 -39.45 3.83 15.29
C GLN B 803 -39.35 3.04 13.99
N ASP B 804 -39.01 1.75 14.10
CA ASP B 804 -38.92 0.84 12.97
C ASP B 804 -39.79 -0.37 13.26
N ILE B 805 -40.65 -0.73 12.31
CA ILE B 805 -41.71 -1.68 12.58
C ILE B 805 -41.36 -3.01 11.92
N ILE B 806 -42.00 -4.07 12.40
CA ILE B 806 -41.67 -5.43 12.00
C ILE B 806 -42.86 -6.06 11.29
N GLY B 807 -43.56 -5.28 10.46
CA GLY B 807 -44.66 -5.84 9.70
C GLY B 807 -44.18 -6.84 8.66
N GLY B 808 -44.91 -7.94 8.54
CA GLY B 808 -44.47 -9.03 7.69
C GLY B 808 -45.61 -9.92 7.23
N MET B 809 -45.24 -10.86 6.35
CA MET B 809 -46.14 -11.80 5.69
C MET B 809 -47.27 -11.09 4.95
N ARG B 810 -46.88 -10.36 3.90
CA ARG B 810 -47.85 -9.93 2.90
C ARG B 810 -48.39 -11.16 2.18
N VAL B 811 -49.69 -11.16 1.90
CA VAL B 811 -50.38 -12.39 1.51
C VAL B 811 -50.76 -12.32 0.04
N ASP B 812 -51.10 -13.49 -0.50
CA ASP B 812 -51.49 -13.60 -1.91
C ASP B 812 -52.29 -14.88 -2.12
N GLU B 813 -53.38 -14.75 -2.87
CA GLU B 813 -54.25 -15.84 -3.33
C GLU B 813 -54.59 -16.82 -2.19
N ASN B 814 -55.35 -16.28 -1.23
CA ASN B 814 -55.92 -16.93 -0.05
C ASN B 814 -54.88 -17.46 0.95
N GLY B 815 -53.59 -17.27 0.69
CA GLY B 815 -52.57 -17.78 1.56
C GLY B 815 -51.60 -16.69 1.99
N ASP B 816 -51.13 -16.82 3.24
CA ASP B 816 -50.02 -15.99 3.71
C ASP B 816 -48.72 -16.20 2.92
N PRO B 817 -48.15 -17.40 2.84
CA PRO B 817 -46.71 -17.48 2.56
C PRO B 817 -46.41 -17.30 1.07
N ILE B 818 -45.62 -16.28 0.76
CA ILE B 818 -44.96 -16.16 -0.52
C ILE B 818 -43.68 -16.99 -0.44
N TRP B 819 -43.05 -17.24 -1.60
CA TRP B 819 -41.85 -18.08 -1.62
C TRP B 819 -40.76 -17.51 -0.72
N GLN B 820 -40.74 -16.19 -0.52
CA GLN B 820 -39.81 -15.57 0.42
C GLN B 820 -40.31 -15.57 1.86
N HIS B 821 -41.52 -16.07 2.15
CA HIS B 821 -42.15 -15.82 3.45
C HIS B 821 -42.63 -17.09 4.14
N GLN B 822 -42.10 -18.27 3.79
CA GLN B 822 -42.50 -19.49 4.49
C GLN B 822 -41.89 -19.64 5.88
N SER B 823 -40.91 -18.81 6.23
CA SER B 823 -40.23 -18.93 7.52
C SER B 823 -40.04 -17.56 8.18
N LEU B 824 -41.08 -16.72 8.12
CA LEU B 824 -40.97 -15.35 8.61
C LEU B 824 -41.85 -15.08 9.82
N GLY B 825 -42.86 -15.92 10.08
CA GLY B 825 -43.61 -15.89 11.31
C GLY B 825 -44.58 -14.73 11.39
N PRO B 826 -45.39 -14.71 12.46
CA PRO B 826 -46.47 -13.73 12.54
C PRO B 826 -45.98 -12.33 12.87
N ASP B 827 -44.99 -12.25 13.76
CA ASP B 827 -44.50 -10.99 14.27
C ASP B 827 -43.44 -10.34 13.39
N GLY B 828 -43.13 -10.93 12.24
CA GLY B 828 -42.03 -10.47 11.42
C GLY B 828 -40.69 -11.06 11.76
N LEU B 829 -40.59 -11.80 12.87
CA LEU B 829 -39.35 -12.46 13.27
C LEU B 829 -39.40 -13.91 12.81
N GLY B 830 -38.29 -14.38 12.23
CA GLY B 830 -38.30 -15.69 11.60
C GLY B 830 -38.55 -16.80 12.60
N GLU B 831 -39.39 -17.74 12.20
CA GLU B 831 -39.94 -18.71 13.14
C GLU B 831 -38.88 -19.75 13.51
N VAL B 832 -38.84 -20.10 14.79
CA VAL B 832 -37.81 -20.97 15.33
C VAL B 832 -38.08 -22.41 14.93
N GLY B 833 -37.09 -23.06 14.31
CA GLY B 833 -37.10 -24.50 14.12
C GLY B 833 -37.21 -24.98 12.69
N MET B 834 -37.38 -24.07 11.73
CA MET B 834 -37.53 -24.44 10.33
C MET B 834 -36.39 -23.84 9.51
N LYS B 835 -36.15 -24.43 8.33
CA LYS B 835 -34.99 -24.10 7.54
C LYS B 835 -35.24 -22.87 6.68
N VAL B 836 -34.16 -22.33 6.11
CA VAL B 836 -34.24 -21.24 5.15
C VAL B 836 -33.35 -21.58 3.96
N GLN B 837 -33.68 -20.99 2.82
CA GLN B 837 -32.87 -21.13 1.62
C GLN B 837 -32.51 -19.76 1.05
N SER B 838 -31.97 -19.73 -0.17
CA SER B 838 -31.73 -18.46 -0.84
C SER B 838 -33.04 -17.71 -1.04
N GLY B 839 -32.97 -16.38 -0.93
CA GLY B 839 -34.18 -15.61 -0.68
C GLY B 839 -34.64 -15.77 0.75
N GLN B 840 -35.96 -15.81 0.93
CA GLN B 840 -36.60 -16.29 2.16
C GLN B 840 -36.18 -15.43 3.36
N ILE B 841 -36.67 -14.18 3.34
CA ILE B 841 -36.39 -13.23 4.40
C ILE B 841 -36.68 -13.85 5.76
N TYR B 842 -35.73 -13.69 6.69
CA TYR B 842 -35.91 -14.21 8.04
C TYR B 842 -36.11 -13.15 9.11
N ILE B 843 -35.74 -11.89 8.84
CA ILE B 843 -36.16 -10.77 9.66
C ILE B 843 -36.62 -9.65 8.72
N ASN B 844 -37.85 -9.21 8.88
CA ASN B 844 -38.43 -8.16 8.05
C ASN B 844 -38.27 -6.82 8.77
N LYS B 845 -37.48 -5.92 8.19
CA LYS B 845 -37.17 -4.63 8.79
C LYS B 845 -37.68 -3.52 7.89
N SER B 846 -38.53 -2.65 8.43
CA SER B 846 -39.15 -1.57 7.67
C SER B 846 -38.68 -0.24 8.21
N VAL B 847 -38.31 0.67 7.31
CA VAL B 847 -37.67 1.93 7.70
C VAL B 847 -38.56 3.10 7.28
N PRO B 848 -38.71 4.13 8.12
CA PRO B 848 -39.39 5.35 7.66
C PRO B 848 -38.60 6.03 6.56
N THR B 849 -39.33 6.56 5.57
CA THR B 849 -38.71 7.24 4.45
C THR B 849 -38.28 8.67 4.78
N ASN B 850 -38.76 9.23 5.88
CA ASN B 850 -38.34 10.54 6.34
C ASN B 850 -37.23 10.42 7.38
N SER B 851 -36.09 9.87 6.94
CA SER B 851 -35.03 9.49 7.85
C SER B 851 -34.33 10.71 8.45
N ALA B 852 -34.35 11.85 7.75
CA ALA B 852 -33.66 13.04 8.26
C ALA B 852 -34.47 14.31 8.05
N ASP B 853 -35.78 14.22 7.83
CA ASP B 853 -36.57 15.41 7.60
C ASP B 853 -36.81 16.15 8.92
N ALA B 854 -37.08 17.44 8.80
CA ALA B 854 -37.21 18.27 10.00
C ALA B 854 -38.54 17.98 10.70
N PRO B 855 -38.57 18.06 12.03
CA PRO B 855 -39.83 17.83 12.75
C PRO B 855 -40.81 18.98 12.59
N ASN B 856 -41.85 18.78 11.78
CA ASN B 856 -42.97 19.71 11.76
C ASN B 856 -43.88 19.42 12.94
N PRO B 857 -44.05 20.37 13.88
CA PRO B 857 -44.81 20.06 15.09
C PRO B 857 -46.31 19.89 14.83
N ASN B 858 -46.67 18.83 14.11
CA ASN B 858 -48.06 18.53 13.81
C ASN B 858 -48.15 17.05 13.45
N ASN B 859 -49.38 16.57 13.29
CA ASN B 859 -49.64 15.22 12.80
C ASN B 859 -50.71 15.31 11.72
N VAL B 860 -50.29 15.56 10.48
CA VAL B 860 -51.20 15.87 9.38
C VAL B 860 -51.32 14.68 8.42
N ASN B 861 -50.19 14.18 7.92
CA ASN B 861 -50.15 13.02 7.04
C ASN B 861 -48.99 12.14 7.50
N VAL B 862 -49.25 11.27 8.46
CA VAL B 862 -48.34 10.19 8.84
C VAL B 862 -49.14 8.89 8.85
N GLN B 863 -49.23 8.24 7.69
CA GLN B 863 -49.82 6.91 7.61
C GLN B 863 -49.11 5.95 6.66
N THR B 864 -48.40 6.44 5.64
CA THR B 864 -47.80 5.57 4.62
C THR B 864 -46.40 6.11 4.32
N GLN B 865 -45.41 5.64 5.09
CA GLN B 865 -44.03 6.05 4.86
C GLN B 865 -43.02 4.94 5.09
N TYR B 866 -43.44 3.72 5.41
CA TYR B 866 -42.53 2.64 5.73
C TYR B 866 -42.17 1.89 4.45
N ARG B 867 -40.97 2.15 3.93
CA ARG B 867 -40.45 1.39 2.80
C ARG B 867 -39.66 0.20 3.34
N GLU B 868 -39.64 -0.88 2.57
CA GLU B 868 -39.02 -2.12 3.04
C GLU B 868 -37.51 -2.05 2.89
N ALA B 869 -36.81 -2.63 3.87
CA ALA B 869 -35.36 -2.83 3.78
C ALA B 869 -34.99 -4.10 4.55
N PRO B 870 -35.38 -5.27 4.04
CA PRO B 870 -35.14 -6.52 4.75
C PRO B 870 -33.70 -6.99 4.59
N VAL B 871 -33.38 -8.09 5.25
CA VAL B 871 -32.09 -8.75 5.16
C VAL B 871 -32.31 -10.14 4.59
N ILE B 872 -31.76 -10.39 3.40
CA ILE B 872 -31.97 -11.66 2.71
C ILE B 872 -30.87 -12.62 3.11
N TYR B 873 -31.25 -13.85 3.44
CA TYR B 873 -30.29 -14.92 3.69
C TYR B 873 -29.66 -15.36 2.38
N ARG B 874 -28.38 -15.06 2.19
CA ARG B 874 -27.62 -15.58 1.08
C ARG B 874 -27.01 -16.94 1.48
N GLY B 875 -26.07 -17.42 0.67
CA GLY B 875 -25.41 -18.67 0.95
C GLY B 875 -25.89 -19.78 0.03
N PRO B 876 -25.03 -20.77 -0.23
CA PRO B 876 -25.36 -21.83 -1.17
C PRO B 876 -26.03 -23.06 -0.55
N GLU B 877 -26.20 -23.11 0.75
CA GLU B 877 -26.67 -24.31 1.42
C GLU B 877 -27.77 -23.98 2.41
N PRO B 878 -28.75 -24.88 2.55
CA PRO B 878 -29.88 -24.60 3.45
C PRO B 878 -29.48 -24.74 4.91
N SER B 879 -29.72 -23.68 5.69
CA SER B 879 -29.39 -23.66 7.10
C SER B 879 -30.67 -23.50 7.92
N HIS B 880 -30.59 -23.85 9.19
CA HIS B 880 -31.73 -23.77 10.10
C HIS B 880 -31.59 -22.60 11.06
N ILE B 881 -32.72 -22.16 11.57
CA ILE B 881 -32.77 -21.17 12.64
C ILE B 881 -32.78 -21.91 13.97
N ASP B 882 -31.77 -21.64 14.80
CA ASP B 882 -31.69 -22.33 16.09
C ASP B 882 -32.60 -21.67 17.12
N GLN B 883 -32.33 -20.40 17.44
CA GLN B 883 -33.25 -19.61 18.25
C GLN B 883 -32.96 -18.14 18.01
N VAL B 884 -33.87 -17.29 18.49
CA VAL B 884 -33.74 -15.84 18.37
C VAL B 884 -34.18 -15.21 19.68
N MET B 885 -33.40 -14.25 20.18
CA MET B 885 -33.81 -13.45 21.32
C MET B 885 -33.84 -11.97 20.92
N MET B 886 -34.64 -11.20 21.66
CA MET B 886 -34.68 -9.75 21.52
C MET B 886 -34.59 -9.11 22.90
N SER B 887 -33.91 -7.98 22.97
CA SER B 887 -33.61 -7.35 24.25
C SER B 887 -33.34 -5.87 24.01
N VAL B 888 -32.88 -5.18 25.07
CA VAL B 888 -32.59 -3.76 25.02
C VAL B 888 -31.09 -3.57 25.24
N SER B 889 -30.56 -2.47 24.70
CA SER B 889 -29.18 -2.08 24.95
C SER B 889 -29.11 -1.21 26.20
N ASP B 890 -27.98 -0.52 26.38
CA ASP B 890 -27.82 0.34 27.55
C ASP B 890 -28.77 1.52 27.49
N ASN B 891 -28.94 2.12 26.31
CA ASN B 891 -30.04 3.03 26.07
C ASN B 891 -31.32 2.25 25.75
N ASP B 892 -32.45 2.94 25.85
CA ASP B 892 -33.72 2.31 25.51
C ASP B 892 -33.84 2.16 24.01
N GLN B 893 -33.37 1.03 23.50
CA GLN B 893 -33.24 0.82 22.06
C GLN B 893 -33.20 -0.69 21.81
N ALA B 894 -34.12 -1.18 20.98
CA ALA B 894 -34.34 -2.62 20.93
C ALA B 894 -33.27 -3.31 20.10
N LEU B 895 -33.09 -4.60 20.37
CA LEU B 895 -32.15 -5.44 19.66
C LEU B 895 -32.87 -6.64 19.04
N ILE B 896 -32.37 -7.09 17.89
CA ILE B 896 -32.80 -8.34 17.28
C ILE B 896 -31.56 -9.14 16.92
N LYS B 897 -31.40 -10.31 17.53
CA LYS B 897 -30.24 -11.17 17.28
C LYS B 897 -30.72 -12.61 17.13
N VAL B 898 -30.69 -13.12 15.90
CA VAL B 898 -30.97 -14.52 15.63
C VAL B 898 -29.66 -15.21 15.30
N LEU B 899 -29.52 -16.46 15.76
CA LEU B 899 -28.35 -17.28 15.47
C LEU B 899 -28.77 -18.40 14.52
N LEU B 900 -28.28 -18.33 13.29
CA LEU B 900 -28.53 -19.38 12.32
C LEU B 900 -27.70 -20.63 12.65
N ARG B 901 -28.07 -21.74 12.03
CA ARG B 901 -27.47 -23.03 12.37
C ARG B 901 -27.46 -23.91 11.13
N GLN B 902 -26.34 -24.58 10.88
CA GLN B 902 -26.25 -25.64 9.89
C GLN B 902 -25.13 -26.58 10.28
N ASN B 903 -25.27 -27.85 9.90
CA ASN B 903 -24.18 -28.80 10.00
C ASN B 903 -23.89 -29.39 8.62
N ARG B 904 -22.80 -30.15 8.55
CA ARG B 904 -22.32 -30.67 7.27
C ARG B 904 -21.50 -31.92 7.52
N ARG B 905 -21.32 -32.71 6.46
CA ARG B 905 -20.57 -33.96 6.53
C ARG B 905 -19.19 -33.77 5.92
N PRO B 906 -18.15 -34.40 6.46
CA PRO B 906 -16.80 -34.20 5.91
C PRO B 906 -16.60 -34.85 4.55
N GLU B 907 -17.09 -34.20 3.50
CA GLU B 907 -16.79 -34.61 2.13
C GLU B 907 -15.41 -34.09 1.74
N LEU B 908 -14.99 -34.40 0.51
CA LEU B 908 -13.60 -34.20 0.15
C LEU B 908 -13.29 -32.71 0.01
N GLY B 909 -12.02 -32.36 0.23
CA GLY B 909 -11.59 -30.98 0.31
C GLY B 909 -11.26 -30.52 1.71
N ASP B 910 -11.86 -31.12 2.73
CA ASP B 910 -11.75 -30.60 4.08
C ASP B 910 -10.36 -30.88 4.65
N LYS B 911 -9.75 -29.86 5.23
CA LYS B 911 -8.37 -29.94 5.70
C LYS B 911 -8.33 -30.66 7.03
N PHE B 912 -7.66 -31.81 7.07
CA PHE B 912 -7.44 -32.53 8.31
C PHE B 912 -6.01 -32.33 8.80
N SER B 913 -5.77 -32.71 10.05
CA SER B 913 -4.45 -32.65 10.66
C SER B 913 -4.16 -33.96 11.37
N SER B 914 -3.02 -34.00 12.06
CA SER B 914 -2.54 -35.24 12.66
C SER B 914 -1.98 -35.05 14.06
N ARG B 915 -1.92 -33.81 14.55
CA ARG B 915 -1.36 -33.38 15.84
C ARG B 915 0.16 -33.53 15.92
N HIS B 916 0.83 -34.04 14.90
CA HIS B 916 2.28 -33.91 14.78
C HIS B 916 2.70 -33.07 13.59
N GLY B 917 1.84 -32.14 13.16
CA GLY B 917 2.22 -31.21 12.11
C GLY B 917 2.18 -31.81 10.72
N GLN B 918 1.07 -32.44 10.35
CA GLN B 918 0.82 -32.88 8.98
C GLN B 918 -0.50 -32.32 8.49
N LYS B 919 -0.43 -31.26 7.70
CA LYS B 919 -1.57 -30.85 6.90
C LYS B 919 -1.98 -31.96 5.95
N GLY B 920 -3.28 -32.05 5.67
CA GLY B 920 -3.81 -33.12 4.87
C GLY B 920 -5.24 -32.90 4.41
N VAL B 921 -5.49 -33.14 3.13
CA VAL B 921 -6.80 -32.89 2.52
C VAL B 921 -7.37 -34.23 2.06
N CYS B 922 -8.67 -34.42 2.31
CA CYS B 922 -9.37 -35.63 1.88
C CYS B 922 -9.36 -35.75 0.36
N GLY B 923 -8.78 -36.84 -0.14
CA GLY B 923 -8.68 -37.04 -1.57
C GLY B 923 -9.96 -37.52 -2.19
N ILE B 924 -10.47 -38.67 -1.75
CA ILE B 924 -11.73 -39.23 -2.22
C ILE B 924 -12.45 -39.88 -1.05
N ILE B 925 -13.59 -40.50 -1.34
CA ILE B 925 -14.40 -41.24 -0.38
C ILE B 925 -14.72 -42.59 -1.01
N VAL B 926 -14.11 -43.65 -0.48
CA VAL B 926 -14.38 -45.01 -0.95
C VAL B 926 -15.57 -45.58 -0.17
N LYS B 927 -16.11 -46.69 -0.64
CA LYS B 927 -17.06 -47.47 0.13
C LYS B 927 -16.33 -48.50 1.00
N GLN B 928 -17.11 -49.27 1.77
CA GLN B 928 -16.54 -50.18 2.75
C GLN B 928 -16.06 -51.48 2.09
N GLU B 929 -16.66 -51.87 0.96
CA GLU B 929 -16.22 -53.06 0.26
C GLU B 929 -14.78 -52.92 -0.23
N ASP B 930 -14.43 -51.75 -0.76
CA ASP B 930 -13.10 -51.55 -1.32
C ASP B 930 -12.03 -51.48 -0.25
N MET B 931 -12.40 -51.20 1.00
CA MET B 931 -11.42 -51.09 2.07
C MET B 931 -10.87 -52.46 2.45
N PRO B 932 -9.63 -52.52 2.90
CA PRO B 932 -9.06 -53.78 3.40
C PRO B 932 -9.58 -54.09 4.80
N PHE B 933 -9.16 -55.24 5.31
CA PHE B 933 -9.71 -55.77 6.56
C PHE B 933 -8.74 -56.80 7.12
N ASN B 934 -8.62 -56.83 8.45
CA ASN B 934 -7.69 -57.73 9.12
C ASN B 934 -8.31 -59.12 9.24
N ASP B 935 -7.70 -59.98 10.07
CA ASP B 935 -8.25 -61.32 10.27
C ASP B 935 -9.58 -61.27 11.01
N GLN B 936 -9.76 -60.32 11.94
CA GLN B 936 -11.03 -60.17 12.61
C GLN B 936 -12.07 -59.43 11.77
N GLY B 937 -11.67 -58.80 10.68
CA GLY B 937 -12.57 -58.00 9.88
C GLY B 937 -12.67 -56.54 10.27
N ILE B 938 -11.74 -56.05 11.08
CA ILE B 938 -11.72 -54.63 11.43
C ILE B 938 -11.30 -53.83 10.21
N VAL B 939 -12.15 -52.90 9.79
CA VAL B 939 -11.90 -52.05 8.63
C VAL B 939 -11.29 -50.74 9.13
N PRO B 940 -10.14 -50.33 8.60
CA PRO B 940 -9.55 -49.06 9.03
C PRO B 940 -10.36 -47.87 8.54
N ASP B 941 -10.16 -46.74 9.22
CA ASP B 941 -10.95 -45.55 8.98
C ASP B 941 -10.28 -44.60 7.98
N ILE B 942 -9.02 -44.25 8.22
CA ILE B 942 -8.29 -43.28 7.41
C ILE B 942 -7.04 -43.95 6.86
N ILE B 943 -6.69 -43.61 5.63
CA ILE B 943 -5.49 -44.13 4.97
C ILE B 943 -4.55 -42.95 4.70
N MET B 944 -3.28 -43.15 5.02
CA MET B 944 -2.21 -42.23 4.64
C MET B 944 -1.04 -43.02 4.07
N ASN B 945 -0.34 -42.42 3.12
CA ASN B 945 0.74 -43.16 2.50
C ASN B 945 1.99 -43.14 3.38
N PRO B 946 2.85 -44.16 3.27
CA PRO B 946 4.05 -44.21 4.11
C PRO B 946 5.14 -43.25 3.65
N HIS B 947 4.84 -42.40 2.66
CA HIS B 947 5.86 -41.59 2.01
C HIS B 947 6.13 -40.27 2.72
N GLY B 948 5.60 -40.08 3.93
CA GLY B 948 5.84 -38.86 4.67
C GLY B 948 6.92 -39.00 5.71
N PHE B 949 7.07 -40.22 6.24
CA PHE B 949 7.86 -40.46 7.44
C PHE B 949 9.37 -40.35 7.21
N PRO B 950 9.90 -40.73 6.04
CA PRO B 950 11.32 -40.41 5.78
C PRO B 950 11.58 -38.93 5.58
N SER B 951 10.68 -38.23 4.89
CA SER B 951 10.93 -36.82 4.62
C SER B 951 10.69 -35.97 5.87
N ARG B 952 9.54 -36.13 6.50
CA ARG B 952 9.16 -35.34 7.65
C ARG B 952 9.84 -35.80 8.94
N MET B 953 10.43 -37.00 8.92
CA MET B 953 11.18 -37.54 10.06
C MET B 953 10.33 -37.61 11.33
N THR B 954 9.02 -37.76 11.17
CA THR B 954 8.09 -37.77 12.30
C THR B 954 8.12 -39.15 12.95
N VAL B 955 9.07 -39.35 13.86
CA VAL B 955 9.14 -40.60 14.58
C VAL B 955 8.00 -40.75 15.58
N GLY B 956 7.39 -39.63 15.99
CA GLY B 956 6.43 -39.67 17.08
C GLY B 956 5.18 -40.45 16.74
N LYS B 957 4.63 -40.25 15.53
CA LYS B 957 3.48 -41.03 15.10
C LYS B 957 3.81 -42.50 14.92
N MET B 958 5.08 -42.83 14.64
CA MET B 958 5.44 -44.23 14.49
C MET B 958 5.47 -44.95 15.84
N ILE B 959 5.73 -44.22 16.94
CA ILE B 959 5.73 -44.83 18.26
C ILE B 959 4.45 -44.56 19.04
N GLU B 960 3.71 -43.51 18.70
CA GLU B 960 2.40 -43.29 19.32
C GLU B 960 1.42 -44.38 18.92
N LEU B 961 1.50 -44.86 17.68
CA LEU B 961 0.57 -45.88 17.22
C LEU B 961 0.80 -47.22 17.93
N ILE B 962 2.05 -47.50 18.31
CA ILE B 962 2.34 -48.63 19.19
C ILE B 962 1.83 -48.34 20.60
N SER B 963 2.10 -47.13 21.10
CA SER B 963 1.65 -46.76 22.44
C SER B 963 0.14 -46.72 22.54
N GLY B 964 -0.56 -46.50 21.43
CA GLY B 964 -2.01 -46.47 21.44
C GLY B 964 -2.63 -47.85 21.40
N LYS B 965 -2.09 -48.76 20.56
CA LYS B 965 -2.76 -50.03 20.33
C LYS B 965 -2.67 -50.94 21.55
N ALA B 966 -1.52 -50.95 22.23
CA ALA B 966 -1.37 -51.80 23.41
C ALA B 966 -2.20 -51.29 24.58
N GLY B 967 -2.49 -49.99 24.62
CA GLY B 967 -3.31 -49.45 25.69
C GLY B 967 -4.78 -49.83 25.58
N VAL B 968 -5.27 -50.00 24.35
CA VAL B 968 -6.67 -50.33 24.15
C VAL B 968 -6.95 -51.76 24.60
N LEU B 969 -6.09 -52.70 24.21
CA LEU B 969 -6.29 -54.09 24.60
C LEU B 969 -6.07 -54.30 26.09
N ASN B 970 -5.23 -53.48 26.72
CA ASN B 970 -5.10 -53.49 28.17
C ASN B 970 -6.18 -52.65 28.85
N GLY B 971 -6.97 -51.90 28.09
CA GLY B 971 -8.01 -51.07 28.66
C GLY B 971 -7.52 -49.85 29.42
N THR B 972 -6.25 -49.48 29.26
CA THR B 972 -5.66 -48.41 30.05
C THR B 972 -5.13 -47.32 29.13
N LEU B 973 -5.35 -46.07 29.52
CA LEU B 973 -4.82 -44.93 28.79
C LEU B 973 -3.35 -44.74 29.13
N GLU B 974 -2.54 -44.45 28.11
CA GLU B 974 -1.10 -44.34 28.27
C GLU B 974 -0.67 -42.88 28.17
N TYR B 975 0.32 -42.51 28.97
CA TYR B 975 0.81 -41.14 29.03
C TYR B 975 1.94 -40.97 28.01
N GLY B 976 1.79 -40.00 27.11
CA GLY B 976 2.91 -39.54 26.31
C GLY B 976 3.38 -38.17 26.71
N THR B 977 4.52 -38.11 27.41
CA THR B 977 5.10 -36.86 27.86
C THR B 977 6.34 -36.52 27.03
N CYS B 978 6.82 -35.30 27.21
CA CYS B 978 8.13 -34.91 26.71
C CYS B 978 9.22 -35.38 27.66
N PHE B 979 10.35 -35.80 27.08
CA PHE B 979 11.55 -36.15 27.83
C PHE B 979 11.32 -37.34 28.77
N GLY B 980 10.42 -38.24 28.38
CA GLY B 980 10.07 -39.37 29.23
C GLY B 980 8.85 -40.13 28.76
N GLY B 981 7.90 -40.36 29.65
CA GLY B 981 6.70 -41.09 29.29
C GLY B 981 6.93 -42.59 29.26
N SER B 982 5.94 -43.30 28.74
CA SER B 982 6.04 -44.74 28.61
C SER B 982 7.03 -45.11 27.51
N LYS B 983 7.81 -46.17 27.77
CA LYS B 983 8.85 -46.59 26.85
C LYS B 983 8.29 -47.56 25.82
N LEU B 984 9.17 -48.16 25.03
CA LEU B 984 8.79 -49.07 23.96
C LEU B 984 8.84 -50.54 24.39
N GLU B 985 9.91 -50.95 25.06
CA GLU B 985 10.12 -52.38 25.30
C GLU B 985 9.12 -52.94 26.31
N ASP B 986 8.66 -52.11 27.26
CA ASP B 986 7.58 -52.53 28.15
C ASP B 986 6.22 -52.50 27.46
N MET B 987 6.09 -51.76 26.36
CA MET B 987 4.83 -51.67 25.63
C MET B 987 4.65 -52.81 24.64
N SER B 988 5.75 -53.29 24.03
CA SER B 988 5.67 -54.44 23.15
C SER B 988 5.29 -55.72 23.89
N LYS B 989 5.61 -55.79 25.19
CA LYS B 989 5.25 -56.98 25.97
C LYS B 989 3.75 -57.13 26.14
N ILE B 990 3.00 -56.03 26.08
CA ILE B 990 1.57 -56.09 26.37
C ILE B 990 0.82 -56.75 25.22
N LEU B 991 0.97 -56.22 24.01
CA LEU B 991 0.15 -56.69 22.89
C LEU B 991 0.64 -58.01 22.30
N VAL B 992 1.89 -58.41 22.58
CA VAL B 992 2.33 -59.75 22.19
C VAL B 992 1.66 -60.82 23.06
N ASP B 993 1.27 -60.47 24.29
CA ASP B 993 0.45 -61.37 25.08
C ASP B 993 -0.98 -61.44 24.54
N GLN B 994 -1.46 -60.35 23.94
CA GLN B 994 -2.76 -60.36 23.28
C GLN B 994 -2.75 -61.16 21.98
N GLY B 995 -1.58 -61.34 21.37
CA GLY B 995 -1.43 -62.21 20.22
C GLY B 995 -1.09 -61.52 18.93
N PHE B 996 -0.92 -60.19 18.93
CA PHE B 996 -0.65 -59.45 17.71
C PHE B 996 0.85 -59.47 17.44
N ASN B 997 1.29 -58.73 16.42
CA ASN B 997 2.71 -58.60 16.15
C ASN B 997 3.39 -57.79 17.26
N TYR B 998 4.70 -58.00 17.40
CA TYR B 998 5.43 -57.43 18.52
C TYR B 998 5.77 -55.95 18.33
N SER B 999 5.55 -55.40 17.14
CA SER B 999 5.66 -53.97 16.92
C SER B 999 4.52 -53.48 16.03
N GLY B 1000 3.33 -54.03 16.24
CA GLY B 1000 2.13 -53.56 15.57
C GLY B 1000 2.10 -53.79 14.07
N LYS B 1001 3.12 -54.41 13.49
CA LYS B 1001 3.23 -54.52 12.04
C LYS B 1001 2.42 -55.75 11.61
N ASP B 1002 1.12 -55.54 11.40
CA ASP B 1002 0.19 -56.62 11.18
C ASP B 1002 0.13 -56.96 9.68
N MET B 1003 -0.74 -57.89 9.33
CA MET B 1003 -1.00 -58.22 7.93
C MET B 1003 -2.49 -58.42 7.76
N LEU B 1004 -3.00 -58.00 6.60
CA LEU B 1004 -4.45 -58.01 6.38
C LEU B 1004 -4.74 -58.18 4.90
N TYR B 1005 -5.91 -58.73 4.61
CA TYR B 1005 -6.27 -59.08 3.24
C TYR B 1005 -6.66 -57.82 2.48
N SER B 1006 -6.80 -57.95 1.17
CA SER B 1006 -7.23 -56.86 0.32
C SER B 1006 -8.74 -56.97 0.09
N GLY B 1007 -9.43 -55.83 0.17
CA GLY B 1007 -10.87 -55.83 0.00
C GLY B 1007 -11.35 -55.90 -1.43
N ILE B 1008 -10.46 -55.67 -2.39
CA ILE B 1008 -10.87 -55.57 -3.79
C ILE B 1008 -10.63 -56.86 -4.56
N THR B 1009 -9.76 -57.74 -4.07
CA THR B 1009 -9.43 -58.97 -4.77
C THR B 1009 -9.37 -60.21 -3.87
N GLY B 1010 -9.22 -60.06 -2.56
CA GLY B 1010 -9.43 -61.15 -1.65
C GLY B 1010 -8.19 -61.67 -0.96
N GLU B 1011 -7.09 -61.80 -1.70
CA GLU B 1011 -5.94 -62.55 -1.21
C GLU B 1011 -5.11 -61.68 -0.27
N CYS B 1012 -3.99 -62.25 0.18
CA CYS B 1012 -3.04 -61.56 1.03
C CYS B 1012 -2.32 -60.46 0.25
N LEU B 1013 -1.66 -59.58 1.01
CA LEU B 1013 -0.80 -58.54 0.47
C LEU B 1013 0.64 -58.98 0.62
N GLN B 1014 1.47 -58.70 -0.40
CA GLN B 1014 2.83 -59.24 -0.41
C GLN B 1014 3.68 -58.66 0.73
N ALA B 1015 3.53 -57.36 1.03
CA ALA B 1015 4.20 -56.81 2.18
C ALA B 1015 3.28 -56.89 3.40
N TYR B 1016 3.78 -56.44 4.54
CA TYR B 1016 2.99 -56.33 5.76
C TYR B 1016 2.47 -54.90 5.94
N ILE B 1017 1.44 -54.78 6.75
CA ILE B 1017 0.79 -53.50 6.97
C ILE B 1017 1.26 -52.95 8.31
N PHE B 1018 1.02 -51.67 8.54
CA PHE B 1018 1.19 -51.08 9.86
C PHE B 1018 -0.12 -50.42 10.27
N PHE B 1019 -0.55 -50.68 11.50
CA PHE B 1019 -1.95 -50.54 11.86
C PHE B 1019 -2.07 -50.00 13.27
N GLY B 1020 -3.21 -49.36 13.54
CA GLY B 1020 -3.54 -48.93 14.88
C GLY B 1020 -4.45 -47.72 14.92
N PRO B 1021 -4.82 -47.30 16.13
CA PRO B 1021 -5.61 -46.07 16.29
C PRO B 1021 -4.76 -44.82 16.47
N ILE B 1022 -4.98 -43.81 15.64
CA ILE B 1022 -4.27 -42.54 15.76
C ILE B 1022 -5.32 -41.43 15.85
N TYR B 1023 -4.88 -40.27 16.36
CA TYR B 1023 -5.79 -39.21 16.76
C TYR B 1023 -5.80 -38.13 15.67
N TYR B 1024 -6.82 -38.15 14.83
CA TYR B 1024 -6.96 -37.21 13.72
C TYR B 1024 -7.98 -36.14 14.11
N GLN B 1025 -7.50 -34.92 14.34
CA GLN B 1025 -8.37 -33.80 14.64
C GLN B 1025 -8.66 -32.98 13.38
N LYS B 1026 -9.92 -32.57 13.22
CA LYS B 1026 -10.31 -31.75 12.09
C LYS B 1026 -9.87 -30.32 12.31
N LEU B 1027 -9.54 -29.63 11.21
CA LEU B 1027 -9.15 -28.24 11.29
C LEU B 1027 -10.28 -27.32 10.84
N LYS B 1028 -9.98 -26.02 10.73
CA LYS B 1028 -10.84 -25.05 10.07
C LYS B 1028 -10.63 -25.11 8.55
N HIS B 1029 -11.08 -24.08 7.83
CA HIS B 1029 -10.85 -23.95 6.39
C HIS B 1029 -11.54 -25.07 5.61
N MET B 1030 -12.80 -25.32 5.96
CA MET B 1030 -13.63 -26.21 5.17
C MET B 1030 -14.01 -25.54 3.85
N VAL B 1031 -14.34 -26.38 2.86
CA VAL B 1031 -14.38 -25.92 1.48
C VAL B 1031 -15.74 -25.42 1.04
N LEU B 1032 -16.77 -25.60 1.86
CA LEU B 1032 -18.11 -25.16 1.45
C LEU B 1032 -18.22 -23.64 1.46
N ASP B 1033 -17.38 -22.96 2.23
CA ASP B 1033 -17.33 -21.51 2.26
C ASP B 1033 -15.94 -21.01 1.83
N LYS B 1034 -15.40 -21.64 0.79
CA LYS B 1034 -14.31 -21.05 0.01
C LYS B 1034 -14.52 -21.11 -1.49
N MET B 1035 -15.38 -21.99 -1.99
CA MET B 1035 -15.70 -22.02 -3.42
C MET B 1035 -16.55 -20.81 -3.77
N HIS B 1036 -16.02 -19.94 -4.63
CA HIS B 1036 -16.82 -18.86 -5.19
C HIS B 1036 -16.37 -18.59 -6.62
N ALA B 1037 -17.27 -17.98 -7.39
CA ALA B 1037 -17.03 -17.69 -8.79
C ALA B 1037 -17.75 -16.41 -9.15
N ARG B 1038 -17.10 -15.55 -9.93
CA ARG B 1038 -17.68 -14.31 -10.41
C ARG B 1038 -17.67 -14.32 -11.94
N ALA B 1039 -18.83 -14.57 -12.54
CA ALA B 1039 -18.91 -14.59 -14.00
C ALA B 1039 -18.94 -13.18 -14.57
N ARG B 1040 -19.97 -12.40 -14.20
CA ARG B 1040 -20.08 -11.01 -14.63
C ARG B 1040 -20.91 -10.28 -13.58
N GLY B 1041 -20.25 -9.51 -12.73
CA GLY B 1041 -20.87 -8.98 -11.53
C GLY B 1041 -20.64 -7.51 -11.36
N PRO B 1042 -20.48 -7.07 -10.10
CA PRO B 1042 -20.36 -5.63 -9.83
C PRO B 1042 -18.99 -5.10 -10.17
N ARG B 1043 -18.95 -3.83 -10.54
CA ARG B 1043 -17.72 -3.15 -10.92
C ARG B 1043 -17.45 -2.00 -9.96
N ALA B 1044 -16.16 -1.69 -9.78
CA ALA B 1044 -15.78 -0.58 -8.92
C ALA B 1044 -16.19 0.74 -9.54
N VAL B 1045 -16.43 1.73 -8.68
CA VAL B 1045 -16.97 3.00 -9.14
C VAL B 1045 -15.89 3.88 -9.78
N LEU B 1046 -14.63 3.68 -9.42
CA LEU B 1046 -13.55 4.51 -9.92
C LEU B 1046 -12.77 3.86 -11.06
N THR B 1047 -12.78 2.53 -11.14
CA THR B 1047 -11.94 1.80 -12.09
C THR B 1047 -12.71 0.89 -13.03
N ARG B 1048 -14.01 0.67 -12.78
CA ARG B 1048 -14.81 -0.26 -13.56
C ARG B 1048 -14.21 -1.67 -13.56
N GLN B 1049 -13.60 -2.03 -12.45
CA GLN B 1049 -12.92 -3.31 -12.30
C GLN B 1049 -13.68 -4.21 -11.34
N PRO B 1050 -13.44 -5.52 -11.38
CA PRO B 1050 -14.07 -6.42 -10.40
C PRO B 1050 -13.64 -6.10 -8.98
N THR B 1051 -14.52 -6.46 -8.04
CA THR B 1051 -14.41 -6.01 -6.65
C THR B 1051 -13.64 -7.05 -5.84
N GLU B 1052 -12.55 -6.63 -5.21
CA GLU B 1052 -11.71 -7.55 -4.46
C GLU B 1052 -12.44 -8.01 -3.19
N GLY B 1053 -12.47 -9.32 -2.97
CA GLY B 1053 -13.04 -9.91 -1.76
C GLY B 1053 -14.19 -10.82 -2.10
N ARG B 1054 -14.19 -12.00 -1.48
CA ARG B 1054 -15.22 -12.99 -1.75
C ARG B 1054 -16.59 -12.51 -1.26
N SER B 1055 -16.62 -11.88 -0.09
CA SER B 1055 -17.87 -11.32 0.42
C SER B 1055 -18.36 -10.15 -0.43
N ARG B 1056 -17.45 -9.49 -1.15
CA ARG B 1056 -17.79 -8.51 -2.17
C ARG B 1056 -17.73 -9.10 -3.58
N ASP B 1057 -18.06 -10.39 -3.70
CA ASP B 1057 -18.35 -11.12 -4.93
C ASP B 1057 -17.10 -11.47 -5.72
N GLY B 1058 -15.92 -11.00 -5.30
CA GLY B 1058 -14.70 -11.48 -5.91
C GLY B 1058 -14.46 -10.95 -7.32
N GLY B 1059 -13.68 -11.72 -8.07
CA GLY B 1059 -13.08 -11.25 -9.31
C GLY B 1059 -11.58 -11.08 -9.14
N LEU B 1060 -10.82 -12.08 -9.54
CA LEU B 1060 -9.46 -12.23 -9.05
C LEU B 1060 -8.49 -11.33 -9.82
N ARG B 1061 -7.33 -11.09 -9.19
CA ARG B 1061 -6.32 -10.17 -9.71
C ARG B 1061 -5.32 -10.95 -10.56
N LEU B 1062 -5.43 -10.81 -11.88
CA LEU B 1062 -4.35 -11.27 -12.76
C LEU B 1062 -3.17 -10.32 -12.64
N GLY B 1063 -2.23 -10.65 -11.77
CA GLY B 1063 -1.19 -9.73 -11.37
C GLY B 1063 -0.13 -9.50 -12.44
N GLU B 1064 0.86 -8.70 -12.06
CA GLU B 1064 1.93 -8.34 -12.98
C GLU B 1064 2.86 -9.51 -13.28
N MET B 1065 3.01 -10.44 -12.33
CA MET B 1065 3.92 -11.56 -12.55
C MET B 1065 3.37 -12.55 -13.57
N GLU B 1066 2.04 -12.69 -13.65
CA GLU B 1066 1.46 -13.53 -14.68
C GLU B 1066 1.53 -12.88 -16.05
N ARG B 1067 1.56 -11.54 -16.09
CA ARG B 1067 1.59 -10.83 -17.36
C ARG B 1067 2.94 -11.01 -18.06
N ASP B 1068 4.01 -11.22 -17.30
CA ASP B 1068 5.29 -11.58 -17.90
C ASP B 1068 5.27 -13.00 -18.46
N CYS B 1069 4.53 -13.91 -17.84
CA CYS B 1069 4.53 -15.31 -18.25
C CYS B 1069 3.70 -15.55 -19.51
N VAL B 1070 2.81 -14.62 -19.86
CA VAL B 1070 2.03 -14.76 -21.08
C VAL B 1070 2.90 -14.49 -22.31
N ILE B 1071 3.64 -13.38 -22.29
CA ILE B 1071 4.43 -13.00 -23.45
C ILE B 1071 5.66 -13.88 -23.64
N ALA B 1072 6.04 -14.65 -22.62
CA ALA B 1072 7.09 -15.65 -22.80
C ALA B 1072 6.61 -16.82 -23.66
N TYR B 1073 5.31 -17.09 -23.66
CA TYR B 1073 4.74 -17.95 -24.71
C TYR B 1073 4.72 -17.25 -26.06
N GLY B 1074 4.67 -15.91 -26.06
CA GLY B 1074 4.53 -15.15 -27.28
C GLY B 1074 3.11 -15.02 -27.79
N ALA B 1075 2.12 -15.42 -27.00
CA ALA B 1075 0.73 -15.23 -27.37
C ALA B 1075 0.35 -13.76 -27.16
N SER B 1076 -0.25 -13.16 -28.18
CA SER B 1076 -0.58 -11.74 -28.13
C SER B 1076 -2.06 -11.44 -28.30
N GLN B 1077 -2.93 -12.45 -28.19
CA GLN B 1077 -4.32 -12.24 -28.52
C GLN B 1077 -5.27 -12.44 -27.34
N LEU B 1078 -4.99 -13.43 -26.49
CA LEU B 1078 -5.67 -13.49 -25.21
C LEU B 1078 -5.11 -12.48 -24.22
N LEU B 1079 -3.89 -11.99 -24.48
CA LEU B 1079 -3.27 -10.98 -23.62
C LEU B 1079 -4.12 -9.71 -23.57
N LEU B 1080 -4.61 -9.26 -24.72
CA LEU B 1080 -5.58 -8.18 -24.72
C LEU B 1080 -6.95 -8.63 -24.23
N GLU B 1081 -7.30 -9.90 -24.47
CA GLU B 1081 -8.65 -10.35 -24.15
C GLU B 1081 -8.84 -10.53 -22.64
N ARG B 1082 -7.80 -11.01 -21.95
CA ARG B 1082 -7.87 -11.16 -20.51
C ARG B 1082 -7.56 -9.87 -19.75
N LEU B 1083 -7.15 -8.80 -20.44
CA LEU B 1083 -6.79 -7.56 -19.76
C LEU B 1083 -7.63 -6.35 -20.17
N MET B 1084 -8.35 -6.39 -21.28
CA MET B 1084 -9.32 -5.34 -21.55
C MET B 1084 -10.66 -5.82 -22.07
N ILE B 1085 -10.78 -7.00 -22.67
CA ILE B 1085 -12.05 -7.41 -23.24
C ILE B 1085 -13.01 -7.88 -22.14
N SER B 1086 -12.61 -8.90 -21.40
CA SER B 1086 -13.44 -9.42 -20.32
C SER B 1086 -13.35 -8.60 -19.04
N SER B 1087 -12.46 -7.60 -18.98
CA SER B 1087 -12.22 -6.85 -17.76
C SER B 1087 -12.63 -5.39 -17.86
N ASP B 1088 -12.10 -4.66 -18.85
CA ASP B 1088 -12.06 -3.20 -18.77
C ASP B 1088 -12.34 -2.57 -20.12
N ALA B 1089 -13.24 -3.16 -20.91
CA ALA B 1089 -13.57 -2.62 -22.21
C ALA B 1089 -14.38 -1.33 -22.07
N PHE B 1090 -13.91 -0.27 -22.72
CA PHE B 1090 -14.62 1.01 -22.69
C PHE B 1090 -14.35 1.76 -23.98
N GLU B 1091 -15.40 2.32 -24.57
CA GLU B 1091 -15.35 2.84 -25.93
C GLU B 1091 -15.26 4.37 -25.88
N VAL B 1092 -14.24 4.93 -26.51
CA VAL B 1092 -13.93 6.36 -26.41
C VAL B 1092 -13.88 6.94 -27.82
N ASP B 1093 -14.60 8.03 -28.03
CA ASP B 1093 -14.47 8.85 -29.23
C ASP B 1093 -13.36 9.89 -29.03
N VAL B 1094 -12.40 9.91 -29.94
CA VAL B 1094 -11.27 10.83 -29.88
C VAL B 1094 -11.22 11.61 -31.19
N CYS B 1095 -10.81 12.87 -31.10
CA CYS B 1095 -10.68 13.71 -32.28
C CYS B 1095 -9.30 13.56 -32.92
N ASP B 1096 -9.27 13.69 -34.25
CA ASP B 1096 -8.05 13.43 -35.01
C ASP B 1096 -7.03 14.55 -34.82
N LYS B 1097 -7.43 15.78 -35.17
CA LYS B 1097 -6.62 16.96 -34.92
C LYS B 1097 -6.87 17.50 -33.52
N CYS B 1098 -5.84 18.13 -32.95
CA CYS B 1098 -5.77 18.45 -31.53
C CYS B 1098 -6.20 17.25 -30.69
N GLY B 1099 -5.43 16.17 -30.73
CA GLY B 1099 -5.92 14.87 -30.37
C GLY B 1099 -6.12 14.67 -28.87
N LEU B 1100 -7.37 14.70 -28.45
CA LEU B 1100 -7.78 14.26 -27.13
C LEU B 1100 -9.28 14.03 -27.17
N MET B 1101 -9.80 13.37 -26.14
CA MET B 1101 -11.15 12.85 -26.21
C MET B 1101 -12.18 13.96 -25.97
N GLY B 1102 -13.41 13.69 -26.42
CA GLY B 1102 -14.55 14.50 -26.04
C GLY B 1102 -15.77 13.61 -25.84
N TYR B 1103 -16.85 14.24 -25.36
CA TYR B 1103 -18.03 13.48 -24.98
C TYR B 1103 -18.86 13.14 -26.21
N SER B 1104 -20.08 12.64 -25.97
CA SER B 1104 -20.80 11.70 -26.83
C SER B 1104 -20.55 11.87 -28.32
N GLY B 1105 -20.59 13.12 -28.81
CA GLY B 1105 -20.25 13.38 -30.19
C GLY B 1105 -19.48 14.66 -30.46
N TRP B 1106 -18.74 15.17 -29.47
CA TRP B 1106 -18.11 16.46 -29.61
C TRP B 1106 -16.60 16.38 -29.41
N CYS B 1107 -15.96 17.52 -29.63
CA CYS B 1107 -14.54 17.76 -29.36
C CYS B 1107 -14.31 18.79 -28.27
N THR B 1108 -15.22 19.76 -28.14
CA THR B 1108 -15.29 20.80 -27.11
C THR B 1108 -14.01 21.61 -26.92
N THR B 1109 -13.05 21.47 -27.85
CA THR B 1109 -11.96 22.43 -27.96
C THR B 1109 -11.76 22.97 -29.36
N CYS B 1110 -12.26 22.28 -30.39
CA CYS B 1110 -12.63 22.88 -31.67
C CYS B 1110 -14.00 22.31 -32.00
N LYS B 1111 -15.05 23.06 -31.69
CA LYS B 1111 -16.43 22.53 -31.75
C LYS B 1111 -16.88 22.36 -33.19
N SER B 1112 -16.41 21.28 -33.81
CA SER B 1112 -16.68 20.97 -35.21
C SER B 1112 -17.48 19.70 -35.38
N ALA B 1113 -17.35 18.74 -34.46
CA ALA B 1113 -18.07 17.47 -34.48
C ALA B 1113 -17.81 16.68 -35.75
N GLU B 1114 -16.62 16.83 -36.33
CA GLU B 1114 -16.35 16.32 -37.67
C GLU B 1114 -15.26 15.26 -37.67
N ASN B 1115 -14.08 15.57 -37.13
CA ASN B 1115 -12.91 14.70 -37.22
C ASN B 1115 -12.82 13.78 -36.01
N ILE B 1116 -13.82 12.92 -35.85
CA ILE B 1116 -13.96 12.10 -34.65
C ILE B 1116 -13.89 10.63 -35.07
N ILE B 1117 -13.05 9.87 -34.39
CA ILE B 1117 -12.82 8.46 -34.68
C ILE B 1117 -13.23 7.65 -33.47
N LYS B 1118 -14.05 6.62 -33.69
CA LYS B 1118 -14.48 5.74 -32.61
C LYS B 1118 -13.49 4.60 -32.44
N MET B 1119 -12.94 4.47 -31.23
CA MET B 1119 -12.11 3.32 -30.87
C MET B 1119 -12.52 2.84 -29.49
N THR B 1120 -11.80 1.84 -28.98
CA THR B 1120 -11.99 1.34 -27.63
C THR B 1120 -10.65 1.22 -26.92
N ILE B 1121 -10.59 1.74 -25.70
CA ILE B 1121 -9.34 1.75 -24.93
C ILE B 1121 -9.63 1.17 -23.55
N PRO B 1122 -8.61 0.83 -22.77
CA PRO B 1122 -8.86 0.51 -21.35
C PRO B 1122 -9.38 1.73 -20.59
N TYR B 1123 -10.39 1.49 -19.75
CA TYR B 1123 -10.90 2.55 -18.89
C TYR B 1123 -9.85 3.01 -17.88
N ALA B 1124 -9.00 2.09 -17.43
CA ALA B 1124 -7.88 2.44 -16.56
C ALA B 1124 -6.82 3.25 -17.30
N ALA B 1125 -6.81 3.21 -18.62
CA ALA B 1125 -6.02 4.16 -19.41
C ALA B 1125 -6.79 5.42 -19.78
N LYS B 1126 -8.12 5.36 -19.77
CA LYS B 1126 -8.90 6.55 -20.10
C LYS B 1126 -8.82 7.58 -18.98
N LEU B 1127 -9.02 7.13 -17.72
CA LEU B 1127 -8.99 8.06 -16.60
C LEU B 1127 -7.59 8.60 -16.36
N LEU B 1128 -6.56 7.85 -16.77
CA LEU B 1128 -5.21 8.39 -16.79
C LEU B 1128 -5.11 9.57 -17.76
N PHE B 1129 -5.82 9.49 -18.89
CA PHE B 1129 -5.90 10.62 -19.82
C PHE B 1129 -6.82 11.72 -19.32
N GLN B 1130 -7.42 11.57 -18.14
CA GLN B 1130 -8.01 12.66 -17.39
C GLN B 1130 -7.20 13.04 -16.16
N GLU B 1131 -6.64 12.06 -15.45
CA GLU B 1131 -5.92 12.36 -14.22
C GLU B 1131 -4.56 13.01 -14.50
N LEU B 1132 -3.85 12.52 -15.52
CA LEU B 1132 -2.64 13.19 -15.97
C LEU B 1132 -2.95 14.48 -16.70
N LEU B 1133 -4.16 14.62 -17.25
CA LEU B 1133 -4.60 15.86 -17.87
C LEU B 1133 -5.02 16.90 -16.84
N SER B 1134 -5.24 16.49 -15.59
CA SER B 1134 -5.66 17.42 -14.55
C SER B 1134 -4.57 18.42 -14.22
N MET B 1135 -3.33 17.96 -14.05
CA MET B 1135 -2.20 18.88 -14.04
C MET B 1135 -1.71 19.13 -15.47
N ASN B 1136 -0.77 20.07 -15.59
CA ASN B 1136 -0.43 20.67 -16.88
C ASN B 1136 0.50 19.76 -17.70
N ILE B 1137 -0.01 18.58 -18.05
CA ILE B 1137 0.63 17.71 -19.02
C ILE B 1137 -0.43 17.21 -19.98
N ALA B 1138 -0.22 17.43 -21.28
CA ALA B 1138 -1.23 17.15 -22.28
C ALA B 1138 -0.83 15.94 -23.10
N PRO B 1139 -1.48 14.78 -22.94
CA PRO B 1139 -1.15 13.64 -23.79
C PRO B 1139 -1.79 13.73 -25.16
N ARG B 1140 -1.13 14.41 -26.10
CA ARG B 1140 -1.64 14.50 -27.46
C ARG B 1140 -1.49 13.16 -28.17
N LEU B 1141 -2.60 12.61 -28.64
CA LEU B 1141 -2.58 11.35 -29.38
C LEU B 1141 -2.41 11.63 -30.87
N ARG B 1142 -1.71 10.74 -31.55
CA ARG B 1142 -1.51 10.82 -32.98
C ARG B 1142 -1.90 9.50 -33.62
N LEU B 1143 -2.62 9.58 -34.74
CA LEU B 1143 -3.35 8.44 -35.27
C LEU B 1143 -2.87 8.09 -36.67
N GLU B 1144 -2.87 6.78 -36.95
CA GLU B 1144 -2.74 6.25 -38.31
C GLU B 1144 -3.84 5.22 -38.51
N ASP B 1145 -4.02 4.80 -39.76
CA ASP B 1145 -4.86 3.64 -40.01
C ASP B 1145 -4.03 2.37 -40.02
N ILE B 1146 -4.71 1.24 -39.80
CA ILE B 1146 -4.02 -0.05 -39.78
C ILE B 1146 -3.59 -0.44 -41.19
N PHE B 1147 -4.52 -0.37 -42.13
CA PHE B 1147 -4.35 -0.91 -43.47
C PHE B 1147 -3.47 0.02 -44.32
N GLN B 1148 -3.15 -0.46 -45.52
CA GLN B 1148 -2.23 0.23 -46.45
C GLN B 1148 -0.89 0.50 -45.77
N GLN B 1149 -0.18 -0.60 -45.51
CA GLN B 1149 1.14 -0.54 -44.92
C GLN B 1149 2.14 0.20 -45.80
N MET C 1 4.09 -74.87 -5.29
CA MET C 1 2.64 -74.86 -5.31
C MET C 1 2.06 -75.24 -3.95
N SER C 2 1.30 -76.35 -3.93
CA SER C 2 0.78 -76.91 -2.68
C SER C 2 -0.13 -75.94 -1.95
N ASN C 3 -0.72 -75.00 -2.70
CA ASN C 3 -1.73 -74.04 -2.25
C ASN C 3 -1.52 -73.55 -0.81
N ILE C 4 -0.28 -73.20 -0.51
CA ILE C 4 0.10 -72.67 0.80
C ILE C 4 0.79 -71.33 0.59
N VAL C 5 0.23 -70.28 1.16
CA VAL C 5 0.90 -68.98 1.19
C VAL C 5 2.08 -69.10 2.16
N GLY C 6 3.29 -68.97 1.63
CA GLY C 6 4.47 -69.08 2.47
C GLY C 6 4.84 -67.78 3.15
N ILE C 7 4.47 -67.64 4.42
CA ILE C 7 4.74 -66.43 5.16
C ILE C 7 6.14 -66.52 5.78
N GLU C 8 6.72 -65.36 6.06
CA GLU C 8 8.05 -65.29 6.68
C GLU C 8 8.14 -63.97 7.44
N TYR C 9 9.36 -63.61 7.85
CA TYR C 9 9.54 -62.46 8.72
C TYR C 9 9.34 -61.14 7.97
N ASN C 10 9.43 -61.14 6.65
CA ASN C 10 9.31 -59.90 5.89
C ASN C 10 8.43 -59.97 4.65
N ARG C 11 7.97 -61.15 4.24
CA ARG C 11 7.16 -61.26 3.03
C ARG C 11 6.11 -62.35 3.21
N VAL C 12 5.23 -62.45 2.22
CA VAL C 12 4.46 -63.66 1.93
C VAL C 12 4.67 -63.97 0.46
N THR C 13 4.36 -65.21 0.07
CA THR C 13 4.63 -65.65 -1.29
C THR C 13 3.36 -66.16 -1.96
N ASN C 14 3.46 -66.30 -3.28
CA ASN C 14 2.54 -66.97 -4.20
C ASN C 14 1.06 -66.83 -3.81
N THR C 15 0.62 -65.62 -3.49
CA THR C 15 -0.74 -65.45 -3.00
C THR C 15 -1.80 -65.58 -4.10
N THR C 16 -1.39 -65.77 -5.35
CA THR C 16 -2.32 -65.71 -6.47
C THR C 16 -3.06 -67.04 -6.62
N SER C 17 -3.78 -67.19 -7.72
CA SER C 17 -4.70 -68.31 -7.90
C SER C 17 -3.95 -69.56 -8.37
N THR C 18 -3.22 -69.43 -9.48
CA THR C 18 -2.58 -70.52 -10.23
C THR C 18 -3.45 -71.78 -10.26
N ASP C 19 -4.65 -71.63 -10.85
CA ASP C 19 -5.62 -72.70 -10.87
C ASP C 19 -6.32 -72.77 -12.23
N PHE C 20 -5.60 -72.45 -13.30
CA PHE C 20 -6.20 -72.30 -14.62
C PHE C 20 -5.45 -73.13 -15.65
N PRO C 21 -6.15 -73.62 -16.67
CA PRO C 21 -5.46 -74.24 -17.80
C PRO C 21 -4.75 -73.19 -18.65
N GLY C 22 -3.60 -73.58 -19.19
CA GLY C 22 -2.72 -72.62 -19.82
C GLY C 22 -1.63 -72.08 -18.93
N PHE C 23 -1.49 -72.62 -17.72
CA PHE C 23 -0.43 -72.22 -16.80
C PHE C 23 0.84 -73.05 -16.99
N SER C 24 0.70 -74.35 -17.20
CA SER C 24 1.82 -75.18 -17.63
C SER C 24 1.50 -75.80 -18.98
N LYS C 25 2.44 -76.61 -19.49
CA LYS C 25 2.24 -77.26 -20.78
C LYS C 25 1.11 -78.28 -20.72
N ASP C 26 1.16 -79.19 -19.76
CA ASP C 26 0.02 -80.03 -19.41
C ASP C 26 -1.08 -79.16 -18.80
N ALA C 27 -2.18 -79.00 -19.52
CA ALA C 27 -3.32 -78.20 -19.06
C ALA C 27 -4.21 -79.06 -18.19
N GLU C 28 -3.92 -79.11 -16.90
CA GLU C 28 -4.79 -79.76 -15.94
C GLU C 28 -5.85 -78.77 -15.44
N ASN C 29 -6.54 -79.17 -14.37
CA ASN C 29 -7.55 -78.37 -13.64
C ASN C 29 -8.40 -77.51 -14.57
N GLU C 30 -8.92 -78.14 -15.62
CA GLU C 30 -9.94 -77.50 -16.45
C GLU C 30 -11.25 -77.46 -15.69
N TRP C 31 -12.24 -76.77 -16.27
CA TRP C 31 -13.50 -76.58 -15.58
C TRP C 31 -14.37 -77.83 -15.73
N ASN C 32 -14.84 -78.36 -14.60
CA ASN C 32 -15.76 -79.49 -14.59
C ASN C 32 -16.56 -79.40 -13.30
N VAL C 33 -17.88 -79.26 -13.44
CA VAL C 33 -18.73 -79.07 -12.27
C VAL C 33 -18.77 -80.34 -11.42
N GLU C 34 -18.68 -81.51 -12.05
CA GLU C 34 -18.74 -82.75 -11.27
C GLU C 34 -17.43 -83.03 -10.54
N LYS C 35 -16.30 -82.66 -11.14
CA LYS C 35 -15.02 -82.76 -10.42
C LYS C 35 -14.89 -81.71 -9.33
N PHE C 36 -15.68 -80.63 -9.40
CA PHE C 36 -15.79 -79.72 -8.27
C PHE C 36 -16.79 -80.22 -7.24
N LYS C 37 -17.86 -80.89 -7.68
CA LYS C 37 -18.85 -81.41 -6.75
C LYS C 37 -18.27 -82.50 -5.84
N LYS C 38 -17.28 -83.25 -6.33
CA LYS C 38 -16.62 -84.24 -5.48
C LYS C 38 -15.75 -83.58 -4.42
N ASP C 39 -15.24 -82.37 -4.69
CA ASP C 39 -14.20 -81.78 -3.86
C ASP C 39 -14.72 -80.71 -2.93
N PHE C 40 -15.80 -80.02 -3.29
CA PHE C 40 -16.32 -78.94 -2.47
C PHE C 40 -16.94 -79.50 -1.19
N GLU C 41 -16.78 -78.77 -0.10
CA GLU C 41 -17.24 -79.23 1.20
C GLU C 41 -17.59 -78.03 2.07
N VAL C 42 -18.59 -78.20 2.92
CA VAL C 42 -19.00 -77.19 3.89
C VAL C 42 -18.94 -77.80 5.29
N ASN C 43 -18.10 -77.23 6.14
CA ASN C 43 -18.12 -77.51 7.57
C ASN C 43 -18.82 -76.37 8.29
N ILE C 44 -19.73 -76.71 9.20
CA ILE C 44 -20.37 -75.73 10.07
C ILE C 44 -19.77 -75.86 11.46
N SER C 45 -19.22 -74.77 11.96
CA SER C 45 -18.72 -74.68 13.34
C SER C 45 -19.86 -74.34 14.29
N SER C 46 -19.53 -73.84 15.48
CA SER C 46 -20.52 -73.41 16.46
C SER C 46 -21.52 -72.43 15.85
N LEU C 47 -22.78 -72.85 15.78
CA LEU C 47 -23.86 -72.06 15.18
C LEU C 47 -24.94 -71.81 16.23
N ASP C 48 -25.42 -70.57 16.27
CA ASP C 48 -26.49 -70.19 17.19
C ASP C 48 -27.22 -68.98 16.61
N ALA C 49 -28.04 -68.35 17.44
CA ALA C 49 -28.68 -67.09 17.06
C ALA C 49 -27.67 -65.96 16.99
N ARG C 50 -27.97 -64.97 16.15
CA ARG C 50 -27.29 -63.68 16.13
C ARG C 50 -25.88 -63.78 15.55
N GLU C 51 -25.41 -65.00 15.35
CA GLU C 51 -24.00 -65.23 15.05
C GLU C 51 -23.85 -66.59 14.39
N ALA C 52 -22.88 -66.70 13.49
CA ALA C 52 -22.61 -67.96 12.80
C ALA C 52 -21.12 -68.14 12.60
N ASN C 53 -20.73 -69.38 12.37
CA ASN C 53 -19.33 -69.72 12.08
C ASN C 53 -19.31 -71.04 11.33
N PHE C 54 -18.67 -71.05 10.16
CA PHE C 54 -18.73 -72.21 9.28
C PHE C 54 -17.62 -72.11 8.24
N ASP C 55 -17.21 -73.27 7.74
CA ASP C 55 -16.03 -73.40 6.88
C ASP C 55 -16.40 -73.74 5.45
N LEU C 56 -15.60 -73.25 4.52
CA LEU C 56 -15.72 -73.55 3.10
C LEU C 56 -14.35 -74.00 2.58
N ILE C 57 -14.35 -75.05 1.77
CA ILE C 57 -13.12 -75.74 1.38
C ILE C 57 -12.96 -75.66 -0.13
N ASN C 58 -11.71 -75.53 -0.58
CA ASN C 58 -11.31 -75.80 -1.96
C ASN C 58 -11.93 -74.79 -2.93
N ILE C 59 -11.90 -73.51 -2.57
CA ILE C 59 -12.40 -72.44 -3.40
C ILE C 59 -11.26 -71.46 -3.66
N ASP C 60 -11.22 -70.90 -4.86
CA ASP C 60 -10.33 -69.78 -5.12
C ASP C 60 -10.77 -68.54 -4.35
N THR C 61 -9.80 -67.66 -4.09
CA THR C 61 -10.05 -66.45 -3.31
C THR C 61 -10.92 -65.44 -4.04
N SER C 62 -11.22 -65.65 -5.33
CA SER C 62 -11.97 -64.67 -6.09
C SER C 62 -13.43 -64.61 -5.64
N ILE C 63 -14.15 -65.73 -5.77
CA ILE C 63 -15.58 -65.73 -5.45
C ILE C 63 -15.84 -65.88 -3.96
N ALA C 64 -14.83 -66.21 -3.16
CA ALA C 64 -14.96 -66.09 -1.71
C ALA C 64 -15.08 -64.63 -1.29
N ASN C 65 -14.36 -63.74 -1.98
CA ASN C 65 -14.40 -62.32 -1.61
C ASN C 65 -15.74 -61.71 -1.98
N ALA C 66 -16.28 -62.07 -3.15
CA ALA C 66 -17.54 -61.50 -3.60
C ALA C 66 -18.71 -61.91 -2.71
N PHE C 67 -18.61 -63.05 -2.03
CA PHE C 67 -19.58 -63.36 -0.99
C PHE C 67 -19.49 -62.41 0.19
N ARG C 68 -18.26 -62.04 0.58
CA ARG C 68 -18.11 -61.13 1.71
C ARG C 68 -18.62 -59.73 1.37
N ARG C 69 -18.41 -59.31 0.12
CA ARG C 69 -18.77 -57.96 -0.29
C ARG C 69 -20.29 -57.81 -0.41
N ILE C 70 -20.97 -58.81 -0.96
CA ILE C 70 -22.39 -58.72 -1.23
C ILE C 70 -23.20 -58.76 0.07
N MET C 71 -22.73 -59.50 1.07
CA MET C 71 -23.46 -59.58 2.34
C MET C 71 -23.54 -58.23 3.04
N ILE C 72 -22.59 -57.32 2.78
CA ILE C 72 -22.66 -55.98 3.34
C ILE C 72 -22.89 -54.92 2.28
N SER C 73 -23.11 -55.33 1.02
CA SER C 73 -23.51 -54.40 -0.03
C SER C 73 -24.99 -54.50 -0.36
N GLU C 74 -25.48 -55.68 -0.72
CA GLU C 74 -26.64 -55.82 -1.58
C GLU C 74 -27.90 -56.25 -0.82
N VAL C 75 -27.77 -57.09 0.20
CA VAL C 75 -28.92 -57.63 0.92
C VAL C 75 -29.57 -56.51 1.73
N PRO C 76 -30.81 -56.15 1.44
CA PRO C 76 -31.39 -54.93 2.02
C PRO C 76 -31.89 -55.15 3.44
N SER C 77 -32.18 -54.04 4.11
CA SER C 77 -32.79 -54.03 5.42
C SER C 77 -33.61 -52.75 5.56
N VAL C 78 -34.18 -52.54 6.74
CA VAL C 78 -35.07 -51.41 6.97
C VAL C 78 -34.50 -50.53 8.07
N ALA C 79 -34.55 -49.22 7.85
CA ALA C 79 -34.14 -48.23 8.83
C ALA C 79 -34.85 -46.92 8.49
N ALA C 80 -34.72 -45.95 9.40
CA ALA C 80 -35.46 -44.71 9.25
C ALA C 80 -34.89 -43.91 8.08
N GLU C 81 -35.78 -43.21 7.36
CA GLU C 81 -35.33 -42.42 6.22
C GLU C 81 -35.89 -41.00 6.24
N TYR C 82 -37.07 -40.82 6.83
CA TYR C 82 -37.66 -39.49 6.96
C TYR C 82 -38.30 -39.37 8.33
N VAL C 83 -37.83 -38.41 9.12
CA VAL C 83 -38.28 -38.23 10.49
C VAL C 83 -39.09 -36.94 10.56
N TYR C 84 -40.42 -37.08 10.68
CA TYR C 84 -41.28 -35.91 10.82
C TYR C 84 -41.32 -35.49 12.28
N PHE C 85 -40.91 -34.26 12.55
CA PHE C 85 -40.78 -33.75 13.90
C PHE C 85 -42.01 -32.96 14.34
N PHE C 86 -42.29 -33.02 15.64
CA PHE C 86 -43.27 -32.19 16.32
C PHE C 86 -42.52 -31.28 17.28
N ASN C 87 -43.24 -30.72 18.26
CA ASN C 87 -42.59 -29.93 19.30
C ASN C 87 -41.46 -30.72 19.95
N ASN C 88 -40.27 -30.12 19.97
CA ASN C 88 -39.06 -30.79 20.44
C ASN C 88 -38.18 -29.74 21.11
N THR C 89 -38.16 -29.74 22.45
CA THR C 89 -37.40 -28.75 23.20
C THR C 89 -36.27 -29.41 23.99
N SER C 90 -35.62 -30.39 23.39
CA SER C 90 -34.46 -31.02 23.97
C SER C 90 -33.22 -30.13 23.75
N VAL C 91 -32.12 -30.48 24.41
CA VAL C 91 -30.85 -29.84 24.10
C VAL C 91 -30.18 -30.50 22.90
N ILE C 92 -30.53 -31.74 22.59
CA ILE C 92 -30.03 -32.40 21.38
C ILE C 92 -30.84 -31.88 20.20
N GLN C 93 -30.21 -31.14 19.31
CA GLN C 93 -30.93 -30.49 18.24
C GLN C 93 -31.38 -31.51 17.19
N ASP C 94 -32.17 -31.02 16.23
CA ASP C 94 -33.17 -31.85 15.57
C ASP C 94 -32.52 -32.90 14.66
N GLU C 95 -31.65 -32.47 13.76
CA GLU C 95 -31.03 -33.40 12.81
C GLU C 95 -29.92 -34.23 13.41
N VAL C 96 -29.52 -33.98 14.66
CA VAL C 96 -28.56 -34.87 15.32
C VAL C 96 -29.23 -36.19 15.70
N LEU C 97 -30.33 -36.13 16.45
CA LEU C 97 -30.98 -37.35 16.91
C LEU C 97 -31.78 -38.01 15.79
N ALA C 98 -32.24 -37.23 14.80
CA ALA C 98 -32.87 -37.82 13.63
C ALA C 98 -31.87 -38.63 12.80
N HIS C 99 -30.58 -38.27 12.86
CA HIS C 99 -29.55 -39.18 12.35
C HIS C 99 -29.42 -40.41 13.23
N ARG C 100 -29.58 -40.26 14.54
CA ARG C 100 -29.44 -41.39 15.45
C ARG C 100 -30.63 -42.34 15.41
N ILE C 101 -31.78 -41.90 14.90
CA ILE C 101 -32.91 -42.81 14.77
C ILE C 101 -32.65 -43.85 13.69
N GLY C 102 -32.07 -43.43 12.56
CA GLY C 102 -31.86 -44.33 11.45
C GLY C 102 -30.82 -45.39 11.69
N LEU C 103 -29.95 -45.19 12.67
CA LEU C 103 -28.90 -46.15 12.98
C LEU C 103 -29.31 -47.17 14.04
N VAL C 104 -30.60 -47.29 14.32
CA VAL C 104 -31.12 -48.28 15.27
C VAL C 104 -31.65 -49.47 14.47
N PRO C 105 -31.27 -50.70 14.82
CA PRO C 105 -31.71 -51.86 14.04
C PRO C 105 -33.19 -52.15 14.26
N LEU C 106 -33.76 -52.89 13.32
CA LEU C 106 -35.15 -53.32 13.40
C LEU C 106 -35.24 -54.82 13.18
N LYS C 107 -36.06 -55.49 13.99
CA LYS C 107 -36.11 -56.94 13.97
C LYS C 107 -36.87 -57.49 12.77
N VAL C 108 -37.72 -56.67 12.15
CA VAL C 108 -38.53 -57.15 11.04
C VAL C 108 -37.65 -57.35 9.81
N ASP C 109 -37.94 -58.42 9.04
CA ASP C 109 -37.14 -58.77 7.88
C ASP C 109 -37.71 -58.14 6.61
N PRO C 110 -36.87 -57.90 5.61
CA PRO C 110 -37.37 -57.63 4.25
C PRO C 110 -37.95 -58.88 3.61
N ASP C 111 -38.57 -58.65 2.45
CA ASP C 111 -39.48 -59.45 1.63
C ASP C 111 -40.91 -59.43 2.18
N MET C 112 -41.14 -58.90 3.38
CA MET C 112 -42.48 -58.55 3.83
C MET C 112 -42.98 -57.26 3.19
N LEU C 113 -42.08 -56.44 2.66
CA LEU C 113 -42.43 -55.16 2.05
C LEU C 113 -41.88 -55.12 0.63
N THR C 114 -42.04 -53.96 -0.01
CA THR C 114 -41.64 -53.76 -1.40
C THR C 114 -40.70 -52.56 -1.49
N TRP C 115 -40.06 -52.43 -2.65
CA TRP C 115 -39.21 -51.27 -2.90
C TRP C 115 -40.07 -50.04 -3.15
N VAL C 116 -39.66 -48.93 -2.55
CA VAL C 116 -40.30 -47.64 -2.80
C VAL C 116 -39.83 -47.08 -4.13
N ASP C 117 -40.76 -46.47 -4.87
CA ASP C 117 -40.49 -45.91 -6.19
C ASP C 117 -40.40 -44.40 -6.08
N SER C 118 -39.20 -43.86 -6.28
CA SER C 118 -38.96 -42.43 -6.07
C SER C 118 -39.40 -41.58 -7.25
N ASN C 119 -39.85 -42.18 -8.35
CA ASN C 119 -40.35 -41.41 -9.48
C ASN C 119 -41.72 -40.80 -9.17
N LEU C 120 -42.50 -41.44 -8.31
CA LEU C 120 -43.79 -40.90 -7.93
C LEU C 120 -43.62 -39.69 -7.01
N PRO C 121 -44.57 -38.75 -7.05
CA PRO C 121 -44.53 -37.63 -6.11
C PRO C 121 -44.86 -38.07 -4.70
N ASP C 122 -44.40 -37.26 -3.73
CA ASP C 122 -44.42 -37.66 -2.33
C ASP C 122 -45.79 -37.42 -1.68
N ASP C 123 -46.85 -37.92 -2.31
CA ASP C 123 -48.14 -37.99 -1.65
C ASP C 123 -48.71 -39.39 -1.74
N GLU C 124 -48.43 -40.09 -2.85
CA GLU C 124 -48.73 -41.51 -2.98
C GLU C 124 -47.48 -42.36 -3.04
N LYS C 125 -46.30 -41.76 -2.92
CA LYS C 125 -45.05 -42.55 -2.94
C LYS C 125 -44.95 -43.46 -1.73
N PHE C 126 -45.34 -42.96 -0.56
CA PHE C 126 -45.37 -43.78 0.66
C PHE C 126 -46.65 -44.57 0.66
N THR C 127 -46.59 -45.80 0.16
CA THR C 127 -47.76 -46.65 0.01
C THR C 127 -48.04 -47.39 1.31
N ASP C 128 -48.92 -48.38 1.25
CA ASP C 128 -49.31 -49.16 2.42
C ASP C 128 -48.51 -50.45 2.57
N GLU C 129 -47.61 -50.75 1.64
CA GLU C 129 -46.88 -52.01 1.65
C GLU C 129 -45.38 -51.82 1.42
N ASN C 130 -44.89 -50.58 1.39
CA ASN C 130 -43.46 -50.32 1.37
C ASN C 130 -42.99 -49.42 2.52
N THR C 131 -43.88 -49.05 3.43
CA THR C 131 -43.59 -48.02 4.43
C THR C 131 -44.40 -48.30 5.67
N ILE C 132 -43.72 -48.50 6.80
CA ILE C 132 -44.37 -48.63 8.09
C ILE C 132 -43.90 -47.49 8.98
N VAL C 133 -44.79 -47.04 9.86
CA VAL C 133 -44.60 -45.80 10.62
C VAL C 133 -44.51 -46.14 12.09
N LEU C 134 -43.52 -45.55 12.78
CA LEU C 134 -43.38 -45.69 14.22
C LEU C 134 -43.12 -44.32 14.81
N SER C 135 -43.41 -44.18 16.10
CA SER C 135 -43.37 -42.88 16.76
C SER C 135 -43.12 -43.07 18.25
N LEU C 136 -42.91 -41.94 18.93
CA LEU C 136 -42.77 -41.93 20.38
C LEU C 136 -43.06 -40.52 20.86
N ASN C 137 -43.67 -40.42 22.04
CA ASN C 137 -43.97 -39.14 22.67
C ASN C 137 -43.66 -39.24 24.16
N VAL C 138 -42.73 -38.42 24.64
CA VAL C 138 -42.27 -38.50 26.02
C VAL C 138 -42.01 -37.10 26.53
N LYS C 139 -42.41 -36.84 27.77
CA LYS C 139 -42.25 -35.56 28.43
C LYS C 139 -41.66 -35.78 29.81
N CYS C 140 -40.45 -35.32 30.05
CA CYS C 140 -39.84 -35.46 31.37
C CYS C 140 -40.46 -34.45 32.33
N THR C 141 -40.72 -34.91 33.56
CA THR C 141 -41.26 -34.07 34.63
C THR C 141 -40.50 -34.35 35.92
N ARG C 142 -40.84 -33.58 36.95
CA ARG C 142 -40.32 -33.86 38.29
C ARG C 142 -41.01 -35.09 38.87
N ASN C 143 -40.21 -35.96 39.50
CA ASN C 143 -40.75 -37.06 40.28
C ASN C 143 -40.86 -36.64 41.73
N PRO C 144 -42.07 -36.49 42.28
CA PRO C 144 -42.23 -35.92 43.64
C PRO C 144 -42.08 -36.95 44.75
N ASP C 145 -40.91 -37.60 44.79
CA ASP C 145 -40.53 -38.44 45.90
C ASP C 145 -39.58 -37.67 46.82
N ALA C 146 -39.07 -38.36 47.85
CA ALA C 146 -38.15 -37.77 48.82
C ALA C 146 -36.84 -38.53 48.84
N PRO C 147 -35.93 -38.25 47.89
CA PRO C 147 -34.51 -38.57 48.11
C PRO C 147 -33.79 -37.42 48.78
N LYS C 148 -32.48 -37.52 48.95
CA LYS C 148 -31.68 -36.36 49.31
C LYS C 148 -30.97 -35.82 48.06
N GLY C 149 -30.21 -34.74 48.25
CA GLY C 149 -29.64 -34.04 47.11
C GLY C 149 -28.52 -34.82 46.44
N SER C 150 -28.30 -34.50 45.18
CA SER C 150 -27.20 -35.02 44.36
C SER C 150 -27.22 -36.54 44.25
N THR C 151 -28.37 -37.17 44.40
CA THR C 151 -28.48 -38.61 44.21
C THR C 151 -28.72 -38.93 42.73
N ASP C 152 -29.13 -40.16 42.46
CA ASP C 152 -29.32 -40.63 41.09
C ASP C 152 -30.46 -39.87 40.44
N PRO C 153 -30.26 -39.22 39.29
CA PRO C 153 -31.37 -38.59 38.56
C PRO C 153 -32.15 -39.57 37.70
N LYS C 154 -32.46 -40.74 38.26
CA LYS C 154 -33.50 -41.62 37.75
C LYS C 154 -34.76 -41.60 38.59
N GLU C 155 -34.68 -41.20 39.86
CA GLU C 155 -35.84 -41.07 40.73
C GLU C 155 -36.14 -39.62 41.13
N LEU C 156 -35.23 -38.68 40.84
CA LEU C 156 -35.62 -37.28 40.86
C LEU C 156 -36.56 -36.95 39.71
N TYR C 157 -36.33 -37.54 38.54
CA TYR C 157 -37.05 -37.21 37.32
C TYR C 157 -37.59 -38.52 36.76
N ASN C 158 -38.90 -38.58 36.51
CA ASN C 158 -39.45 -39.71 35.78
C ASN C 158 -39.12 -39.61 34.29
N ASN C 159 -38.98 -40.78 33.67
CA ASN C 159 -38.58 -41.01 32.28
C ASN C 159 -37.57 -39.98 31.76
N ALA C 160 -36.53 -39.70 32.55
CA ALA C 160 -35.54 -38.74 32.10
C ALA C 160 -34.62 -39.32 31.03
N HIS C 161 -34.32 -40.61 31.13
CA HIS C 161 -33.54 -41.33 30.13
C HIS C 161 -34.50 -42.06 29.20
N VAL C 162 -34.43 -41.74 27.91
CA VAL C 162 -35.24 -42.42 26.92
C VAL C 162 -34.42 -43.54 26.30
N TYR C 163 -35.13 -44.55 25.78
CA TYR C 163 -34.49 -45.75 25.26
C TYR C 163 -35.17 -46.14 23.96
N ALA C 164 -34.66 -47.21 23.34
CA ALA C 164 -35.22 -47.70 22.10
C ALA C 164 -36.58 -48.36 22.29
N ARG C 165 -36.87 -48.86 23.49
CA ARG C 165 -38.19 -49.41 23.77
C ARG C 165 -39.29 -48.35 23.73
N ASP C 166 -38.94 -47.06 23.77
CA ASP C 166 -39.95 -46.02 23.72
C ASP C 166 -40.55 -45.86 22.33
N LEU C 167 -39.91 -46.41 21.31
CA LEU C 167 -40.39 -46.29 19.93
C LEU C 167 -41.64 -47.14 19.73
N LYS C 168 -42.81 -46.55 19.92
CA LYS C 168 -44.06 -47.29 19.78
C LYS C 168 -44.41 -47.41 18.30
N PHE C 169 -44.57 -48.64 17.82
CA PHE C 169 -45.00 -48.87 16.46
C PHE C 169 -46.50 -48.57 16.33
N GLU C 170 -46.84 -47.71 15.37
CA GLU C 170 -48.23 -47.39 15.09
C GLU C 170 -48.63 -48.01 13.77
N PRO C 171 -49.44 -49.07 13.77
CA PRO C 171 -49.77 -49.74 12.50
C PRO C 171 -50.65 -48.89 11.61
N GLN C 172 -50.36 -48.93 10.31
CA GLN C 172 -51.24 -48.41 9.29
C GLN C 172 -52.30 -49.46 8.96
N GLY C 173 -53.29 -49.05 8.15
CA GLY C 173 -54.33 -49.98 7.76
C GLY C 173 -53.81 -51.09 6.86
N ARG C 174 -54.65 -52.10 6.67
CA ARG C 174 -54.49 -53.19 5.71
C ARG C 174 -53.35 -54.12 6.09
N GLN C 175 -52.60 -53.81 7.15
CA GLN C 175 -51.43 -54.60 7.53
C GLN C 175 -51.42 -55.02 8.99
N SER C 176 -52.37 -54.56 9.80
CA SER C 176 -52.48 -55.04 11.18
C SER C 176 -52.88 -56.50 11.22
N THR C 177 -53.60 -56.99 10.21
CA THR C 177 -53.82 -58.42 10.07
C THR C 177 -52.51 -59.16 9.77
N THR C 178 -51.58 -58.51 9.06
CA THR C 178 -50.34 -59.19 8.72
C THR C 178 -49.36 -59.19 9.89
N PHE C 179 -49.18 -58.03 10.53
CA PHE C 179 -48.27 -57.91 11.65
C PHE C 179 -48.94 -58.16 13.00
N ALA C 180 -50.06 -58.90 13.01
CA ALA C 180 -50.68 -59.28 14.27
C ALA C 180 -49.80 -60.25 15.04
N ASP C 181 -49.31 -61.30 14.37
CA ASP C 181 -48.45 -62.27 15.03
C ASP C 181 -47.05 -61.73 15.30
N CYS C 182 -46.53 -60.88 14.42
CA CYS C 182 -45.17 -60.35 14.57
C CYS C 182 -45.15 -58.85 14.76
N PRO C 183 -45.10 -58.36 16.00
CA PRO C 183 -44.86 -56.93 16.21
C PRO C 183 -43.39 -56.61 15.98
N VAL C 184 -43.13 -55.38 15.54
CA VAL C 184 -41.78 -54.97 15.21
C VAL C 184 -41.17 -54.23 16.40
N VAL C 185 -39.87 -54.44 16.61
CA VAL C 185 -39.14 -53.89 17.75
C VAL C 185 -37.74 -53.51 17.27
N PRO C 186 -37.06 -52.64 18.01
CA PRO C 186 -35.61 -52.53 17.85
C PRO C 186 -34.91 -53.81 18.28
N ALA C 187 -33.81 -54.13 17.59
CA ALA C 187 -33.09 -55.36 17.89
C ALA C 187 -32.48 -55.34 19.29
N ASP C 188 -32.12 -54.15 19.79
CA ASP C 188 -31.65 -53.96 21.16
C ASP C 188 -32.43 -52.82 21.78
N PRO C 189 -33.46 -53.11 22.58
CA PRO C 189 -34.32 -52.05 23.09
C PRO C 189 -33.76 -51.29 24.28
N ASP C 190 -32.47 -51.45 24.59
CA ASP C 190 -31.87 -50.80 25.74
C ASP C 190 -30.87 -49.72 25.34
N ILE C 191 -30.90 -49.28 24.07
CA ILE C 191 -29.98 -48.26 23.60
C ILE C 191 -30.38 -46.91 24.17
N LEU C 192 -29.41 -46.21 24.77
CA LEU C 192 -29.65 -44.83 25.17
C LEU C 192 -29.79 -43.95 23.93
N LEU C 193 -30.82 -43.10 23.94
CA LEU C 193 -31.13 -42.26 22.78
C LEU C 193 -31.02 -40.78 23.08
N ALA C 194 -31.43 -40.35 24.26
CA ALA C 194 -31.29 -38.95 24.67
C ALA C 194 -31.49 -38.87 26.18
N LYS C 195 -31.12 -37.71 26.73
CA LYS C 195 -31.39 -37.38 28.12
C LYS C 195 -32.15 -36.06 28.19
N LEU C 196 -33.02 -35.93 29.18
CA LEU C 196 -33.89 -34.77 29.30
C LEU C 196 -33.85 -34.22 30.72
N ARG C 197 -34.41 -33.02 30.86
CA ARG C 197 -34.71 -32.34 32.10
C ARG C 197 -36.20 -32.04 32.15
N PRO C 198 -36.76 -31.83 33.34
CA PRO C 198 -38.19 -31.51 33.43
C PRO C 198 -38.49 -30.16 32.78
N GLY C 199 -39.55 -30.14 31.99
CA GLY C 199 -39.88 -29.01 31.15
C GLY C 199 -39.46 -29.17 29.69
N GLN C 200 -38.96 -30.34 29.31
CA GLN C 200 -38.47 -30.61 27.97
C GLN C 200 -39.15 -31.87 27.44
N GLU C 201 -39.70 -31.78 26.24
CA GLU C 201 -40.47 -32.87 25.66
C GLU C 201 -40.00 -33.15 24.25
N ILE C 202 -40.17 -34.40 23.81
CA ILE C 202 -39.77 -34.85 22.48
C ILE C 202 -40.96 -35.55 21.85
N SER C 203 -41.31 -35.14 20.64
CA SER C 203 -42.43 -35.72 19.91
C SER C 203 -42.10 -35.77 18.43
N LEU C 204 -42.23 -36.95 17.83
CA LEU C 204 -41.90 -37.14 16.43
C LEU C 204 -42.51 -38.47 15.96
N LYS C 205 -42.56 -38.64 14.65
CA LYS C 205 -42.85 -39.92 14.03
C LYS C 205 -41.95 -40.11 12.82
N ALA C 206 -41.58 -41.36 12.55
CA ALA C 206 -40.59 -41.67 11.53
C ALA C 206 -41.19 -42.62 10.48
N HIS C 207 -40.64 -42.54 9.28
CA HIS C 207 -41.00 -43.43 8.16
C HIS C 207 -39.79 -44.27 7.81
N CYS C 208 -39.72 -45.48 8.35
CA CYS C 208 -38.66 -46.42 8.00
C CYS C 208 -39.09 -47.24 6.78
N ILE C 209 -38.19 -47.32 5.79
CA ILE C 209 -38.50 -47.94 4.51
C ILE C 209 -37.46 -49.01 4.20
N LEU C 210 -37.55 -49.59 3.00
CA LEU C 210 -36.67 -50.67 2.60
C LEU C 210 -35.59 -50.11 1.68
N GLY C 211 -34.32 -50.28 2.06
CA GLY C 211 -33.23 -49.73 1.31
C GLY C 211 -32.02 -50.66 1.32
N ILE C 212 -31.09 -50.37 0.41
CA ILE C 212 -29.95 -51.25 0.16
C ILE C 212 -28.75 -50.76 0.96
N GLY C 213 -27.94 -51.73 1.42
CA GLY C 213 -26.78 -51.42 2.22
C GLY C 213 -25.71 -50.64 1.48
N GLY C 214 -25.63 -50.79 0.17
CA GLY C 214 -24.70 -50.04 -0.64
C GLY C 214 -25.03 -48.57 -0.77
N ASP C 215 -26.27 -48.17 -0.51
CA ASP C 215 -26.61 -46.76 -0.48
C ASP C 215 -26.07 -46.10 0.78
N HIS C 216 -26.38 -46.68 1.94
CA HIS C 216 -26.05 -46.04 3.21
C HIS C 216 -25.83 -47.13 4.25
N ALA C 217 -25.06 -46.78 5.29
CA ALA C 217 -24.65 -47.77 6.28
C ALA C 217 -25.74 -48.08 7.30
N LYS C 218 -26.88 -47.38 7.25
CA LYS C 218 -28.03 -47.79 8.05
C LYS C 218 -28.55 -49.16 7.61
N PHE C 219 -28.53 -49.42 6.31
CA PHE C 219 -29.28 -50.51 5.72
C PHE C 219 -28.48 -51.80 5.65
N SER C 220 -27.23 -51.78 6.09
CA SER C 220 -26.42 -53.00 6.12
C SER C 220 -26.91 -53.94 7.21
N PRO C 221 -27.35 -55.16 6.89
CA PRO C 221 -27.94 -56.02 7.91
C PRO C 221 -26.90 -56.68 8.79
N VAL C 222 -25.65 -56.73 8.33
CA VAL C 222 -24.57 -57.41 9.04
C VAL C 222 -23.86 -56.40 9.93
N SER C 223 -23.48 -56.83 11.12
CA SER C 223 -22.48 -56.10 11.90
C SER C 223 -21.18 -55.97 11.13
N THR C 224 -20.52 -57.10 10.89
CA THR C 224 -19.33 -57.13 10.04
C THR C 224 -19.10 -58.56 9.57
N ALA C 225 -18.81 -58.72 8.29
CA ALA C 225 -18.59 -60.03 7.68
C ALA C 225 -17.15 -60.12 7.21
N SER C 226 -16.46 -61.19 7.62
CA SER C 226 -15.04 -61.36 7.35
C SER C 226 -14.75 -62.84 7.12
N TYR C 227 -13.49 -63.13 6.81
CA TYR C 227 -13.03 -64.50 6.72
C TYR C 227 -11.53 -64.55 7.01
N ARG C 228 -11.11 -65.60 7.71
CA ARG C 228 -9.70 -65.91 7.89
C ARG C 228 -9.30 -67.06 6.98
N LEU C 229 -8.01 -67.36 6.96
CA LEU C 229 -7.49 -68.58 6.36
C LEU C 229 -6.77 -69.38 7.42
N LEU C 230 -6.93 -70.70 7.36
CA LEU C 230 -6.45 -71.58 8.41
C LEU C 230 -4.92 -71.58 8.47
N PRO C 231 -4.32 -71.26 9.61
CA PRO C 231 -2.85 -71.30 9.70
C PRO C 231 -2.35 -72.73 9.74
N GLN C 232 -1.14 -72.93 9.20
CA GLN C 232 -0.53 -74.24 9.14
C GLN C 232 0.92 -74.16 9.59
N ILE C 233 1.32 -75.05 10.50
CA ILE C 233 2.64 -75.03 11.11
C ILE C 233 3.30 -76.37 10.79
N ASN C 234 4.46 -76.33 10.14
CA ASN C 234 5.19 -77.52 9.76
C ASN C 234 6.54 -77.52 10.47
N ILE C 235 6.78 -78.55 11.27
CA ILE C 235 7.94 -78.61 12.15
C ILE C 235 8.98 -79.53 11.52
N LEU C 236 10.21 -79.05 11.38
CA LEU C 236 11.25 -79.85 10.75
C LEU C 236 11.90 -80.80 11.75
N GLN C 237 12.52 -80.25 12.80
CA GLN C 237 13.20 -81.11 13.76
C GLN C 237 12.42 -81.18 15.06
N PRO C 238 12.43 -82.32 15.74
CA PRO C 238 11.79 -82.43 17.07
C PRO C 238 12.50 -81.55 18.09
N ILE C 239 11.78 -80.58 18.63
CA ILE C 239 12.34 -79.67 19.63
C ILE C 239 12.38 -80.39 20.97
N LYS C 240 13.57 -80.48 21.56
CA LYS C 240 13.76 -81.18 22.83
C LYS C 240 14.42 -80.25 23.83
N GLY C 241 14.15 -80.52 25.12
CA GLY C 241 14.82 -79.81 26.19
C GLY C 241 14.09 -78.57 26.64
N GLU C 242 14.83 -77.57 27.10
CA GLU C 242 14.22 -76.36 27.66
C GLU C 242 13.64 -75.46 26.57
N SER C 243 14.05 -75.68 25.32
CA SER C 243 13.57 -74.83 24.22
C SER C 243 12.08 -75.02 23.97
N ALA C 244 11.53 -76.19 24.30
CA ALA C 244 10.12 -76.45 24.02
C ALA C 244 9.21 -75.61 24.91
N ARG C 245 9.59 -75.42 26.17
CA ARG C 245 8.81 -74.50 27.02
C ARG C 245 9.02 -73.06 26.60
N ARG C 246 10.20 -72.72 26.09
CA ARG C 246 10.39 -71.41 25.45
C ARG C 246 9.56 -71.32 24.17
N PHE C 247 9.43 -72.43 23.44
CA PHE C 247 8.60 -72.47 22.24
C PHE C 247 7.12 -72.41 22.56
N GLN C 248 6.73 -72.74 23.79
CA GLN C 248 5.32 -72.74 24.14
C GLN C 248 4.82 -71.35 24.50
N LYS C 249 5.65 -70.56 25.19
CA LYS C 249 5.22 -69.25 25.67
C LYS C 249 5.12 -68.20 24.56
N CYS C 250 5.61 -68.51 23.36
CA CYS C 250 5.54 -67.60 22.23
C CYS C 250 4.37 -67.93 21.31
N PHE C 251 3.26 -68.35 21.88
CA PHE C 251 2.05 -68.66 21.13
C PHE C 251 0.85 -68.27 21.98
N PRO C 252 -0.35 -68.26 21.39
CA PRO C 252 -1.54 -68.45 22.19
C PRO C 252 -1.47 -69.76 22.94
N PRO C 253 -2.04 -69.83 24.15
CA PRO C 253 -1.71 -70.95 25.05
C PRO C 253 -2.28 -72.28 24.63
N GLY C 254 -3.32 -72.31 23.79
CA GLY C 254 -3.98 -73.56 23.47
C GLY C 254 -3.63 -74.18 22.14
N VAL C 255 -2.76 -73.56 21.35
CA VAL C 255 -2.61 -74.00 19.97
C VAL C 255 -1.62 -75.15 19.88
N ILE C 256 -0.59 -75.18 20.73
CA ILE C 256 0.39 -76.24 20.75
C ILE C 256 0.67 -76.62 22.20
N GLY C 257 1.04 -77.89 22.41
CA GLY C 257 1.28 -78.39 23.75
C GLY C 257 2.47 -79.33 23.76
N ILE C 258 2.99 -79.55 24.96
CA ILE C 258 4.10 -80.47 25.16
C ILE C 258 3.57 -81.90 25.23
N ASP C 259 4.25 -82.82 24.55
CA ASP C 259 4.01 -84.23 24.77
C ASP C 259 4.47 -84.63 26.17
N GLU C 260 3.61 -85.30 26.92
CA GLU C 260 3.97 -85.67 28.29
C GLU C 260 4.80 -86.94 28.37
N GLY C 261 4.81 -87.75 27.31
CA GLY C 261 5.66 -88.93 27.28
C GLY C 261 7.13 -88.57 27.16
N SER C 262 7.49 -88.00 26.01
CA SER C 262 8.83 -87.52 25.75
C SER C 262 8.81 -86.00 25.55
N ASP C 263 9.93 -85.35 25.87
CA ASP C 263 9.98 -83.90 25.83
C ASP C 263 10.01 -83.43 24.38
N GLU C 264 8.84 -83.23 23.79
CA GLU C 264 8.72 -82.78 22.42
C GLU C 264 7.42 -82.00 22.26
N ALA C 265 7.48 -80.87 21.58
CA ALA C 265 6.30 -80.06 21.33
C ALA C 265 5.56 -80.58 20.10
N TYR C 266 4.23 -80.61 20.19
CA TYR C 266 3.36 -81.00 19.08
C TYR C 266 2.21 -80.01 18.99
N VAL C 267 1.39 -80.18 17.95
CA VAL C 267 0.32 -79.25 17.64
C VAL C 267 -0.96 -79.73 18.31
N LYS C 268 -1.55 -78.89 19.16
CA LYS C 268 -2.85 -79.15 19.75
C LYS C 268 -3.98 -78.79 18.79
N ASP C 269 -5.19 -78.64 19.31
CA ASP C 269 -6.32 -78.14 18.54
C ASP C 269 -5.98 -76.83 17.84
N ALA C 270 -6.02 -76.85 16.52
CA ALA C 270 -5.63 -75.68 15.72
C ALA C 270 -6.75 -74.66 15.63
N ARG C 271 -6.62 -73.72 14.69
CA ARG C 271 -7.58 -72.65 14.41
C ARG C 271 -7.70 -71.66 15.56
N LYS C 272 -6.81 -71.72 16.55
CA LYS C 272 -6.80 -70.80 17.67
C LYS C 272 -5.58 -69.89 17.67
N ASP C 273 -4.69 -70.03 16.69
CA ASP C 273 -3.51 -69.18 16.56
C ASP C 273 -3.78 -68.04 15.58
N THR C 274 -3.69 -66.81 16.09
CA THR C 274 -3.42 -65.67 15.24
C THR C 274 -1.91 -65.56 15.00
N VAL C 275 -1.54 -65.02 13.85
CA VAL C 275 -0.14 -65.10 13.43
C VAL C 275 0.69 -64.04 14.13
N SER C 276 1.21 -64.40 15.31
CA SER C 276 2.07 -63.52 16.10
C SER C 276 3.49 -63.48 15.55
N ARG C 277 3.87 -64.44 14.70
CA ARG C 277 5.19 -64.58 14.08
C ARG C 277 6.35 -64.31 15.03
N GLU C 278 6.14 -64.60 16.32
CA GLU C 278 7.17 -64.35 17.32
C GLU C 278 8.32 -65.33 17.23
N VAL C 279 8.08 -66.50 16.62
CA VAL C 279 9.12 -67.51 16.43
C VAL C 279 10.21 -67.06 15.47
N LEU C 280 9.95 -66.04 14.65
CA LEU C 280 10.96 -65.56 13.70
C LEU C 280 12.02 -64.69 14.36
N ARG C 281 11.78 -64.17 15.56
CA ARG C 281 12.75 -63.26 16.15
C ARG C 281 13.91 -63.99 16.81
N TYR C 282 13.70 -65.23 17.24
CA TYR C 282 14.57 -65.86 18.22
C TYR C 282 15.77 -66.55 17.58
N GLU C 283 15.77 -66.69 16.25
CA GLU C 283 16.89 -67.11 15.41
C GLU C 283 17.43 -68.50 15.79
N GLU C 284 16.83 -69.14 16.79
CA GLU C 284 17.10 -70.54 17.08
C GLU C 284 16.02 -71.47 16.55
N PHE C 285 14.86 -70.95 16.16
CA PHE C 285 13.84 -71.73 15.45
C PHE C 285 13.77 -71.39 13.97
N ALA C 286 14.84 -70.87 13.39
CA ALA C 286 14.79 -70.50 11.98
C ALA C 286 14.75 -71.73 11.07
N ASP C 287 15.20 -72.89 11.55
CA ASP C 287 15.12 -74.13 10.79
C ASP C 287 14.15 -75.15 11.39
N LYS C 288 13.73 -74.98 12.64
CA LYS C 288 12.87 -75.96 13.28
C LYS C 288 11.46 -75.94 12.69
N VAL C 289 10.93 -74.74 12.43
CA VAL C 289 9.53 -74.58 12.04
C VAL C 289 9.48 -73.81 10.72
N LYS C 290 8.83 -74.37 9.72
CA LYS C 290 8.46 -73.66 8.50
C LYS C 290 6.94 -73.61 8.43
N LEU C 291 6.37 -72.51 8.91
CA LEU C 291 4.93 -72.38 9.04
C LEU C 291 4.35 -71.66 7.82
N GLY C 292 3.07 -71.90 7.57
CA GLY C 292 2.41 -71.37 6.39
C GLY C 292 0.94 -71.11 6.56
N ARG C 293 0.21 -71.01 5.46
CA ARG C 293 -1.22 -70.72 5.49
C ARG C 293 -1.87 -71.29 4.24
N VAL C 294 -2.88 -72.13 4.43
CA VAL C 294 -3.51 -72.85 3.33
C VAL C 294 -4.45 -71.92 2.58
N ARG C 295 -4.37 -71.97 1.25
CA ARG C 295 -5.04 -71.03 0.36
C ARG C 295 -6.45 -71.45 -0.03
N ASN C 296 -7.03 -72.43 0.66
CA ASN C 296 -8.38 -72.87 0.34
C ASN C 296 -9.29 -73.03 1.55
N HIS C 297 -8.82 -72.75 2.76
CA HIS C 297 -9.63 -72.90 3.96
C HIS C 297 -10.08 -71.52 4.42
N PHE C 298 -11.38 -71.38 4.71
CA PHE C 298 -11.98 -70.08 4.96
C PHE C 298 -12.82 -70.15 6.22
N ILE C 299 -12.42 -69.40 7.24
CA ILE C 299 -13.19 -69.33 8.50
C ILE C 299 -14.18 -68.18 8.34
N PHE C 300 -15.31 -68.49 7.71
CA PHE C 300 -16.39 -67.50 7.60
C PHE C 300 -16.95 -67.22 8.99
N ASN C 301 -16.86 -65.96 9.41
CA ASN C 301 -17.48 -65.51 10.66
C ASN C 301 -18.40 -64.34 10.34
N VAL C 302 -19.70 -64.57 10.43
CA VAL C 302 -20.69 -63.52 10.25
C VAL C 302 -21.51 -63.40 11.53
N GLU C 303 -22.11 -62.23 11.72
CA GLU C 303 -23.09 -62.03 12.77
C GLU C 303 -24.04 -60.90 12.36
N SER C 304 -25.30 -61.03 12.74
CA SER C 304 -26.32 -60.09 12.31
C SER C 304 -26.35 -58.88 13.25
N ALA C 305 -26.87 -57.77 12.73
CA ALA C 305 -27.24 -56.65 13.59
C ALA C 305 -28.53 -56.91 14.37
N GLY C 306 -29.35 -57.85 13.91
CA GLY C 306 -30.57 -58.20 14.61
C GLY C 306 -31.75 -58.37 13.68
N ALA C 307 -31.50 -58.20 12.38
CA ALA C 307 -32.59 -58.20 11.40
C ALA C 307 -33.11 -59.60 11.12
N MET C 308 -32.22 -60.55 10.88
CA MET C 308 -32.61 -61.93 10.63
C MET C 308 -31.46 -62.84 11.05
N THR C 309 -31.67 -64.14 10.84
CA THR C 309 -30.68 -65.13 11.26
C THR C 309 -29.46 -65.05 10.35
N PRO C 310 -28.25 -65.27 10.89
CA PRO C 310 -27.03 -65.09 10.09
C PRO C 310 -26.86 -66.12 8.98
N GLU C 311 -27.52 -67.28 9.08
CA GLU C 311 -27.47 -68.24 7.99
C GLU C 311 -28.37 -67.85 6.83
N GLU C 312 -29.36 -66.99 7.07
CA GLU C 312 -30.31 -66.63 6.02
C GLU C 312 -29.69 -65.65 5.03
N ILE C 313 -28.99 -64.63 5.53
CA ILE C 313 -28.32 -63.67 4.64
C ILE C 313 -27.25 -64.37 3.82
N PHE C 314 -26.57 -65.36 4.40
CA PHE C 314 -25.58 -66.12 3.64
C PHE C 314 -26.25 -66.97 2.57
N PHE C 315 -27.44 -67.50 2.87
CA PHE C 315 -28.26 -68.10 1.82
C PHE C 315 -28.72 -67.05 0.82
N LYS C 316 -29.02 -65.84 1.30
CA LYS C 316 -29.51 -64.79 0.42
C LYS C 316 -28.39 -64.22 -0.43
N SER C 317 -27.15 -64.29 0.06
CA SER C 317 -26.02 -63.74 -0.68
C SER C 317 -25.78 -64.51 -1.97
N VAL C 318 -25.67 -65.84 -1.89
CA VAL C 318 -25.34 -66.64 -3.06
C VAL C 318 -26.55 -66.78 -3.98
N ARG C 319 -27.75 -66.50 -3.47
CA ARG C 319 -28.96 -66.61 -4.29
C ARG C 319 -29.10 -65.41 -5.22
N ILE C 320 -28.85 -64.20 -4.70
CA ILE C 320 -28.97 -63.00 -5.53
C ILE C 320 -27.77 -62.81 -6.44
N LEU C 321 -26.64 -63.46 -6.13
CA LEU C 321 -25.51 -63.44 -7.05
C LEU C 321 -25.85 -64.21 -8.33
N LYS C 322 -26.54 -65.35 -8.19
CA LYS C 322 -27.07 -66.04 -9.36
C LYS C 322 -28.05 -65.15 -10.12
N ASN C 323 -28.98 -64.52 -9.39
CA ASN C 323 -29.93 -63.62 -10.02
C ASN C 323 -29.23 -62.39 -10.61
N LYS C 324 -28.10 -61.99 -10.04
CA LYS C 324 -27.28 -60.96 -10.66
C LYS C 324 -26.69 -61.45 -11.98
N ALA C 325 -26.23 -62.69 -12.03
CA ALA C 325 -25.52 -63.20 -13.20
C ALA C 325 -26.46 -63.81 -14.23
N GLU C 326 -27.65 -64.25 -13.81
CA GLU C 326 -28.65 -64.75 -14.74
C GLU C 326 -29.40 -63.62 -15.44
N TYR C 327 -29.40 -62.41 -14.85
CA TYR C 327 -30.16 -61.31 -15.42
C TYR C 327 -29.60 -60.88 -16.77
N LEU C 328 -28.28 -60.82 -16.91
CA LEU C 328 -27.66 -60.33 -18.13
C LEU C 328 -27.36 -61.44 -19.12
N LYS C 329 -27.71 -62.68 -18.80
CA LYS C 329 -27.78 -63.73 -19.81
C LYS C 329 -28.96 -63.55 -20.75
N ASN C 330 -30.00 -62.85 -20.31
CA ASN C 330 -31.24 -62.69 -21.07
C ASN C 330 -31.47 -61.24 -21.49
N CYS C 331 -30.41 -60.57 -21.93
CA CYS C 331 -30.51 -59.24 -22.51
C CYS C 331 -29.59 -59.16 -23.72
N PRO C 332 -30.00 -58.46 -24.78
CA PRO C 332 -29.24 -58.49 -26.03
C PRO C 332 -28.00 -57.60 -25.95
N ILE C 333 -27.04 -57.91 -26.81
CA ILE C 333 -25.77 -57.20 -26.87
C ILE C 333 -25.88 -56.13 -27.95
N THR C 334 -25.96 -54.87 -27.53
CA THR C 334 -26.07 -53.75 -28.46
C THR C 334 -24.67 -53.31 -28.90
N GLN C 335 -24.54 -53.05 -30.20
CA GLN C 335 -23.28 -52.54 -30.74
C GLN C 335 -23.15 -51.04 -30.48
N MET D 1 -12.01 6.40 -48.87
CA MET D 1 -12.80 7.34 -49.67
C MET D 1 -11.95 8.52 -50.12
N LYS D 2 -11.39 8.42 -51.32
CA LYS D 2 -10.60 9.49 -51.92
C LYS D 2 -11.05 9.71 -53.35
N VAL D 3 -11.14 10.98 -53.74
CA VAL D 3 -11.59 11.37 -55.08
C VAL D 3 -10.35 11.61 -55.93
N LEU D 4 -10.22 10.85 -57.01
CA LEU D 4 -9.08 11.02 -57.92
C LEU D 4 -9.44 11.91 -59.10
N GLU D 5 -10.51 11.59 -59.83
CA GLU D 5 -11.02 12.43 -60.89
C GLU D 5 -12.53 12.58 -60.76
N GLU D 6 -13.03 13.78 -61.07
CA GLU D 6 -14.45 14.10 -60.97
C GLU D 6 -15.18 13.94 -62.28
N ARG D 7 -14.54 14.27 -63.40
CA ARG D 7 -15.16 14.32 -64.73
C ARG D 7 -14.36 13.47 -65.70
N ASN D 8 -14.17 12.20 -65.33
CA ASN D 8 -13.24 11.35 -66.06
C ASN D 8 -13.66 11.15 -67.52
N ALA D 9 -14.96 10.98 -67.76
CA ALA D 9 -15.44 10.75 -69.12
C ALA D 9 -16.85 11.31 -69.27
N PHE D 10 -17.41 11.14 -70.47
CA PHE D 10 -18.79 11.51 -70.76
C PHE D 10 -19.50 10.31 -71.36
N LEU D 11 -20.63 9.94 -70.77
CA LEU D 11 -21.44 8.81 -71.23
C LEU D 11 -22.76 9.31 -71.80
N SER D 12 -23.14 8.76 -72.94
CA SER D 12 -24.41 9.13 -73.57
C SER D 12 -25.59 8.62 -72.75
N ASP D 13 -26.75 9.22 -73.01
CA ASP D 13 -28.00 8.81 -72.35
C ASP D 13 -28.54 7.49 -72.87
N TYR D 14 -27.96 6.93 -73.94
CA TYR D 14 -28.37 5.61 -74.40
C TYR D 14 -27.90 4.53 -73.44
N GLU D 15 -26.64 4.60 -72.99
CA GLU D 15 -26.13 3.62 -72.05
C GLU D 15 -26.72 3.80 -70.65
N VAL D 16 -27.30 4.96 -70.35
CA VAL D 16 -28.02 5.13 -69.09
C VAL D 16 -29.23 4.21 -69.04
N LEU D 17 -29.84 3.92 -70.20
CA LEU D 17 -30.91 2.94 -70.29
C LEU D 17 -30.42 1.57 -70.76
N LYS D 18 -29.28 1.51 -71.44
CA LYS D 18 -28.81 0.24 -72.00
C LYS D 18 -28.21 -0.65 -70.92
N PHE D 19 -27.31 -0.11 -70.10
CA PHE D 19 -26.77 -0.87 -68.98
C PHE D 19 -27.82 -1.10 -67.91
N LEU D 20 -28.76 -0.16 -67.73
CA LEU D 20 -29.83 -0.37 -66.77
C LEU D 20 -30.73 -1.52 -67.18
N THR D 21 -30.91 -1.72 -68.50
CA THR D 21 -31.74 -2.82 -68.98
C THR D 21 -31.12 -4.17 -68.62
N ASP D 22 -29.79 -4.28 -68.71
CA ASP D 22 -29.09 -5.43 -68.18
C ASP D 22 -29.21 -5.50 -66.66
N LEU D 23 -29.21 -4.35 -65.99
CA LEU D 23 -29.41 -4.35 -64.53
C LEU D 23 -30.87 -4.59 -64.17
N GLU D 24 -31.81 -4.25 -65.07
CA GLU D 24 -33.18 -4.68 -64.90
C GLU D 24 -33.35 -6.15 -65.20
N LYS D 25 -32.46 -6.74 -66.01
CA LYS D 25 -32.58 -8.14 -66.39
C LYS D 25 -32.27 -9.06 -65.22
N LYS D 26 -31.10 -8.90 -64.62
CA LYS D 26 -30.69 -9.69 -63.46
C LYS D 26 -31.18 -9.07 -62.15
N HIS D 27 -32.49 -8.82 -62.08
CA HIS D 27 -33.12 -8.18 -60.95
C HIS D 27 -34.42 -8.87 -60.58
N LEU D 28 -34.58 -10.13 -61.00
CA LEU D 28 -35.70 -11.00 -60.63
C LEU D 28 -37.04 -10.43 -61.09
N TRP D 29 -37.16 -10.30 -62.42
CA TRP D 29 -38.43 -10.12 -63.11
C TRP D 29 -39.16 -8.85 -62.63
N ASP D 30 -38.54 -7.70 -62.90
CA ASP D 30 -39.14 -6.43 -62.49
C ASP D 30 -40.33 -6.06 -63.38
N GLN D 31 -41.20 -5.22 -62.81
CA GLN D 31 -42.26 -4.51 -63.52
C GLN D 31 -43.39 -5.44 -63.96
N LYS D 32 -43.21 -6.75 -63.83
CA LYS D 32 -44.20 -7.73 -64.24
C LYS D 32 -44.61 -8.66 -63.11
N SER D 33 -44.13 -8.44 -61.89
CA SER D 33 -44.42 -9.31 -60.77
C SER D 33 -45.69 -8.90 -60.02
N LEU D 34 -46.60 -8.20 -60.68
CA LEU D 34 -47.85 -7.80 -60.04
C LEU D 34 -48.81 -8.96 -59.87
N ALA D 35 -48.61 -10.05 -60.61
CA ALA D 35 -49.47 -11.22 -60.50
C ALA D 35 -48.67 -12.50 -60.75
N PRO D 53 -34.11 -4.17 -50.99
CA PRO D 53 -33.03 -3.26 -51.38
C PRO D 53 -33.55 -1.89 -51.82
N GLU D 54 -32.74 -0.85 -51.63
CA GLU D 54 -33.09 0.48 -52.12
C GLU D 54 -32.92 0.61 -53.63
N LEU D 55 -32.05 -0.20 -54.24
CA LEU D 55 -31.96 -0.26 -55.69
C LEU D 55 -33.23 -0.80 -56.33
N GLN D 56 -34.03 -1.58 -55.60
CA GLN D 56 -35.33 -1.99 -56.10
C GLN D 56 -36.29 -0.82 -56.22
N GLY D 57 -36.11 0.22 -55.41
CA GLY D 57 -37.01 1.36 -55.41
C GLY D 57 -36.60 2.51 -56.30
N ILE D 58 -35.31 2.85 -56.31
CA ILE D 58 -34.86 4.01 -57.07
C ILE D 58 -34.81 3.70 -58.57
N THR D 59 -34.47 2.47 -58.95
CA THR D 59 -34.39 2.13 -60.36
C THR D 59 -35.76 1.97 -61.02
N ARG D 60 -36.83 1.90 -60.23
CA ARG D 60 -38.17 2.09 -60.78
C ARG D 60 -38.34 3.49 -61.34
N ASN D 61 -37.90 4.50 -60.60
CA ASN D 61 -38.16 5.89 -60.95
C ASN D 61 -37.22 6.42 -62.03
N VAL D 62 -36.12 5.74 -62.31
CA VAL D 62 -35.16 6.25 -63.30
C VAL D 62 -35.32 5.56 -64.66
N VAL D 63 -35.98 4.40 -64.70
CA VAL D 63 -36.18 3.70 -65.97
C VAL D 63 -37.37 4.26 -66.74
N ASN D 64 -38.27 4.98 -66.07
CA ASN D 64 -39.43 5.61 -66.69
C ASN D 64 -39.37 7.14 -66.59
N TYR D 65 -38.18 7.72 -66.65
CA TYR D 65 -38.01 9.17 -66.68
C TYR D 65 -37.25 9.65 -67.90
N LEU D 66 -36.13 9.02 -68.24
CA LEU D 66 -35.25 9.55 -69.28
C LEU D 66 -35.73 9.17 -70.67
N SER D 67 -36.32 7.97 -70.83
CA SER D 67 -36.80 7.50 -72.12
C SER D 67 -38.21 7.96 -72.43
N ILE D 68 -38.79 8.83 -71.59
CA ILE D 68 -40.17 9.26 -71.82
C ILE D 68 -40.24 10.28 -72.95
N ASN D 69 -39.26 11.19 -73.03
CA ASN D 69 -39.25 12.17 -74.10
C ASN D 69 -39.05 11.52 -75.46
N LYS D 70 -38.33 10.41 -75.52
CA LYS D 70 -38.28 9.62 -76.74
C LYS D 70 -39.58 8.90 -77.00
N ASN D 71 -40.29 8.48 -75.94
CA ASN D 71 -41.49 7.68 -76.09
C ASN D 71 -42.74 8.57 -76.19
N PHE D 72 -42.99 9.37 -75.16
CA PHE D 72 -44.20 10.20 -75.13
C PHE D 72 -43.99 11.42 -74.25
N MET D 98 -34.67 0.37 -80.37
CA MET D 98 -33.82 1.26 -81.15
C MET D 98 -32.39 0.73 -81.20
N SER D 99 -31.67 1.07 -82.27
CA SER D 99 -30.32 0.58 -82.49
C SER D 99 -29.31 1.67 -82.16
N ASP D 100 -28.17 1.26 -81.58
CA ASP D 100 -27.16 2.23 -81.15
C ASP D 100 -26.43 2.87 -82.31
N GLU D 101 -26.42 2.23 -83.49
CA GLU D 101 -25.65 2.75 -84.61
C GLU D 101 -26.29 4.00 -85.23
N SER D 102 -27.59 4.21 -85.01
CA SER D 102 -28.20 5.47 -85.42
C SER D 102 -27.81 6.61 -84.49
N PHE D 103 -27.84 6.36 -83.17
CA PHE D 103 -27.50 7.40 -82.20
C PHE D 103 -26.01 7.68 -82.16
N ALA D 104 -25.18 6.75 -82.63
CA ALA D 104 -23.74 6.96 -82.72
C ALA D 104 -23.34 7.77 -83.94
N GLU D 105 -24.24 7.98 -84.89
CA GLU D 105 -23.92 8.67 -86.13
C GLU D 105 -24.88 9.83 -86.39
N LEU D 106 -25.41 10.43 -85.32
CA LEU D 106 -26.31 11.57 -85.47
C LEU D 106 -25.54 12.83 -85.84
N MET D 107 -24.62 13.25 -84.97
CA MET D 107 -23.89 14.50 -85.14
C MET D 107 -22.44 14.25 -85.55
N THR D 108 -22.12 13.04 -86.00
CA THR D 108 -20.80 12.79 -86.58
C THR D 108 -20.66 13.48 -87.93
N LYS D 109 -21.72 13.47 -88.74
CA LYS D 109 -21.75 14.28 -89.95
C LYS D 109 -22.05 15.75 -89.66
N LEU D 110 -22.59 16.05 -88.49
CA LEU D 110 -22.93 17.41 -88.09
C LEU D 110 -21.91 17.99 -87.13
N ASN D 111 -20.64 17.69 -87.36
CA ASN D 111 -19.53 18.30 -86.63
C ASN D 111 -19.01 19.56 -87.33
N SER D 112 -19.93 20.49 -87.59
CA SER D 112 -19.60 21.74 -88.28
C SER D 112 -19.15 22.82 -87.30
N PHE D 113 -18.15 22.49 -86.47
CA PHE D 113 -17.66 23.35 -85.42
C PHE D 113 -16.15 23.52 -85.58
N LYS D 114 -15.53 24.24 -84.65
CA LYS D 114 -14.08 24.33 -84.59
C LYS D 114 -13.52 23.70 -83.32
N LEU D 115 -13.92 24.17 -82.14
CA LEU D 115 -13.56 23.52 -80.89
C LEU D 115 -14.77 23.37 -79.98
N PHE D 116 -15.73 24.30 -80.10
CA PHE D 116 -16.92 24.31 -79.26
C PHE D 116 -17.87 23.21 -79.76
N LYS D 117 -17.59 21.98 -79.33
CA LYS D 117 -18.34 20.81 -79.77
C LYS D 117 -18.83 19.95 -78.61
N ALA D 118 -18.66 20.40 -77.37
CA ALA D 118 -19.11 19.64 -76.22
C ALA D 118 -20.63 19.56 -76.12
N GLU D 119 -21.36 20.41 -76.86
CA GLU D 119 -22.81 20.38 -76.86
C GLU D 119 -23.39 19.31 -77.79
N LYS D 120 -22.54 18.53 -78.46
CA LYS D 120 -23.06 17.45 -79.29
C LYS D 120 -23.72 16.35 -78.46
N LEU D 121 -23.24 16.14 -77.24
CA LEU D 121 -23.80 15.10 -76.37
C LEU D 121 -25.14 15.52 -75.77
N GLN D 122 -25.33 16.81 -75.52
CA GLN D 122 -26.48 17.25 -74.72
C GLN D 122 -27.76 17.32 -75.53
N ILE D 123 -27.69 17.60 -76.82
CA ILE D 123 -28.89 17.63 -77.68
C ILE D 123 -29.05 16.22 -78.24
N VAL D 124 -29.69 15.36 -77.46
CA VAL D 124 -30.08 14.04 -77.92
C VAL D 124 -31.57 13.80 -77.68
N ASN D 125 -32.12 14.46 -76.67
CA ASN D 125 -33.56 14.34 -76.37
C ASN D 125 -34.15 15.68 -75.91
N GLN D 126 -33.57 16.80 -76.36
CA GLN D 126 -33.98 18.12 -75.89
C GLN D 126 -34.91 18.73 -76.93
N LEU D 127 -36.21 18.45 -76.78
CA LEU D 127 -37.29 18.96 -77.63
C LEU D 127 -37.03 18.67 -79.09
N PRO D 128 -37.24 17.43 -79.55
CA PRO D 128 -36.93 17.08 -80.93
C PRO D 128 -37.83 17.82 -81.92
N ALA D 129 -37.29 18.06 -83.11
CA ALA D 129 -38.00 18.73 -84.20
C ALA D 129 -38.45 20.13 -83.80
N ASN D 130 -37.49 20.95 -83.35
CA ASN D 130 -37.76 22.34 -83.05
C ASN D 130 -36.44 23.11 -83.08
N MET D 131 -36.40 24.21 -83.83
CA MET D 131 -35.25 25.08 -83.84
C MET D 131 -35.45 26.36 -83.02
N VAL D 132 -36.66 26.61 -82.52
CA VAL D 132 -36.87 27.74 -81.61
C VAL D 132 -36.45 27.41 -80.18
N HIS D 133 -36.21 26.14 -79.89
CA HIS D 133 -35.67 25.72 -78.59
C HIS D 133 -34.16 25.63 -78.60
N LEU D 134 -33.56 25.36 -79.75
CA LEU D 134 -32.09 25.37 -79.88
C LEU D 134 -31.50 26.78 -79.83
N TYR D 135 -32.33 27.82 -79.94
CA TYR D 135 -31.83 29.18 -79.87
C TYR D 135 -31.47 29.55 -78.44
N SER D 136 -32.20 29.05 -77.45
CA SER D 136 -31.94 29.33 -76.05
C SER D 136 -30.94 28.38 -75.43
N ILE D 137 -30.59 27.29 -76.12
CA ILE D 137 -29.58 26.36 -75.60
C ILE D 137 -28.18 26.92 -75.81
N VAL D 138 -27.82 27.19 -77.06
CA VAL D 138 -26.47 27.58 -77.42
C VAL D 138 -26.45 29.08 -77.69
N GLU D 139 -25.36 29.73 -77.28
CA GLU D 139 -25.21 31.17 -77.45
C GLU D 139 -24.49 31.52 -78.75
N GLU D 140 -24.61 32.80 -79.12
CA GLU D 140 -23.93 33.43 -80.26
C GLU D 140 -24.04 32.60 -81.55
N CYS D 141 -25.16 31.89 -81.73
CA CYS D 141 -25.42 31.17 -82.97
C CYS D 141 -26.46 31.85 -83.84
N ASP D 142 -27.12 32.90 -83.35
CA ASP D 142 -27.98 33.72 -84.20
C ASP D 142 -27.17 34.49 -85.24
N ALA D 143 -25.92 34.81 -84.94
CA ALA D 143 -25.06 35.56 -85.85
C ALA D 143 -23.92 34.72 -86.42
N ARG D 144 -23.83 33.45 -86.08
CA ARG D 144 -22.81 32.55 -86.64
C ARG D 144 -23.39 31.50 -87.57
N PHE D 145 -24.58 30.98 -87.26
CA PHE D 145 -25.23 29.94 -88.08
C PHE D 145 -26.43 30.58 -88.77
N ASP D 146 -26.19 31.11 -89.98
CA ASP D 146 -27.25 31.65 -90.82
C ASP D 146 -27.23 30.98 -92.19
N GLU D 147 -27.02 29.67 -92.21
CA GLU D 147 -26.93 28.89 -93.44
C GLU D 147 -28.03 27.83 -93.43
N LYS D 148 -27.90 26.86 -94.34
CA LYS D 148 -28.78 25.70 -94.30
C LYS D 148 -28.44 24.76 -93.13
N THR D 149 -27.31 24.99 -92.46
CA THR D 149 -26.96 24.20 -91.28
C THR D 149 -28.01 24.35 -90.18
N ILE D 150 -28.59 25.54 -90.04
CA ILE D 150 -29.60 25.77 -89.02
C ILE D 150 -30.91 25.08 -89.39
N GLU D 151 -31.10 24.72 -90.66
CA GLU D 151 -32.15 23.78 -91.03
C GLU D 151 -31.64 22.35 -91.14
N GLU D 152 -30.33 22.15 -91.28
CA GLU D 152 -29.77 20.80 -91.20
C GLU D 152 -29.74 20.29 -89.77
N MET D 153 -29.57 21.18 -88.78
CA MET D 153 -29.86 20.82 -87.40
C MET D 153 -31.33 20.45 -87.20
N LEU D 154 -32.22 21.04 -88.00
CA LEU D 154 -33.62 20.62 -87.94
C LEU D 154 -33.82 19.24 -88.56
N GLU D 155 -32.99 18.88 -89.55
CA GLU D 155 -33.16 17.58 -90.21
C GLU D 155 -32.58 16.44 -89.38
N ILE D 156 -31.45 16.68 -88.70
CA ILE D 156 -30.87 15.67 -87.82
C ILE D 156 -31.76 15.45 -86.60
N ILE D 157 -32.38 16.52 -86.09
CA ILE D 157 -33.23 16.40 -84.91
C ILE D 157 -34.60 15.81 -85.24
N SER D 158 -35.00 15.84 -86.51
CA SER D 158 -36.25 15.24 -86.95
C SER D 158 -36.05 13.86 -87.58
N GLY D 159 -34.81 13.38 -87.66
CA GLY D 159 -34.57 12.05 -88.23
C GLY D 159 -35.04 10.93 -87.33
N TYR D 160 -35.01 11.13 -86.02
CA TYR D 160 -35.36 10.10 -85.05
C TYR D 160 -36.71 10.33 -84.40
N ALA D 161 -37.38 11.45 -84.69
CA ALA D 161 -38.68 11.74 -84.13
C ALA D 161 -39.68 12.15 -85.21
N ASP E 2 69.39 3.77 -5.83
CA ASP E 2 69.18 4.51 -7.08
C ASP E 2 68.86 3.58 -8.24
N GLN E 3 67.88 2.69 -8.02
CA GLN E 3 67.50 1.72 -9.04
C GLN E 3 66.70 2.35 -10.17
N GLU E 4 66.23 3.59 -10.02
CA GLU E 4 65.51 4.27 -11.09
C GLU E 4 66.42 4.61 -12.27
N ASN E 5 67.73 4.47 -12.12
CA ASN E 5 68.64 4.47 -13.26
C ASN E 5 68.66 3.15 -14.01
N GLU E 6 67.98 2.11 -13.49
CA GLU E 6 68.08 0.77 -14.05
C GLU E 6 66.77 0.26 -14.60
N ARG E 7 65.69 0.25 -13.81
CA ARG E 7 64.43 -0.34 -14.24
C ARG E 7 63.36 0.67 -14.61
N ASN E 8 63.54 1.94 -14.25
CA ASN E 8 62.64 2.98 -14.75
C ASN E 8 62.79 3.16 -16.26
N ILE E 9 64.02 3.10 -16.76
CA ILE E 9 64.24 3.16 -18.20
C ILE E 9 63.76 1.86 -18.85
N SER E 10 63.82 0.74 -18.14
CA SER E 10 63.24 -0.50 -18.64
C SER E 10 61.71 -0.41 -18.70
N ARG E 11 61.11 0.27 -17.71
CA ARG E 11 59.70 0.62 -17.82
C ARG E 11 59.45 1.55 -19.01
N LEU E 12 60.34 2.51 -19.23
CA LEU E 12 60.27 3.34 -20.42
C LEU E 12 60.64 2.56 -21.69
N TRP E 13 61.41 1.50 -21.56
CA TRP E 13 61.70 0.65 -22.72
C TRP E 13 60.48 -0.18 -23.11
N ARG E 14 59.80 -0.78 -22.13
CA ARG E 14 58.57 -1.50 -22.41
C ARG E 14 57.48 -0.58 -22.90
N ALA E 15 57.48 0.68 -22.43
CA ALA E 15 56.57 1.68 -22.97
C ALA E 15 56.88 1.98 -24.43
N PHE E 16 58.17 2.00 -24.79
CA PHE E 16 58.55 2.25 -26.18
C PHE E 16 58.27 1.07 -27.09
N ARG E 17 58.21 -0.14 -26.54
CA ARG E 17 57.89 -1.31 -27.36
C ARG E 17 56.43 -1.26 -27.82
N THR E 18 55.52 -0.86 -26.93
CA THR E 18 54.10 -0.84 -27.26
C THR E 18 53.80 0.19 -28.33
N VAL E 19 54.54 1.30 -28.35
CA VAL E 19 54.36 2.30 -29.40
C VAL E 19 54.74 1.75 -30.76
N LYS E 20 55.84 0.99 -30.83
CA LYS E 20 56.21 0.37 -32.11
C LYS E 20 55.28 -0.78 -32.47
N GLU E 21 54.70 -1.44 -31.47
CA GLU E 21 53.67 -2.44 -31.76
C GLU E 21 52.41 -1.80 -32.31
N MET E 22 52.10 -0.57 -31.88
CA MET E 22 50.86 0.08 -32.29
C MET E 22 50.89 0.48 -33.76
N VAL E 23 52.02 1.00 -34.23
CA VAL E 23 52.07 1.56 -35.58
C VAL E 23 52.05 0.46 -36.63
N LYS E 24 52.62 -0.71 -36.32
CA LYS E 24 52.66 -1.80 -37.30
C LYS E 24 51.26 -2.35 -37.56
N ASP E 25 50.53 -2.67 -36.50
CA ASP E 25 49.19 -3.26 -36.65
C ASP E 25 48.16 -2.23 -37.10
N ARG E 26 48.45 -0.94 -36.94
CA ARG E 26 47.62 0.09 -37.58
C ARG E 26 47.69 -0.01 -39.10
N GLY E 27 48.86 -0.31 -39.66
CA GLY E 27 48.94 -0.55 -41.08
C GLY E 27 50.16 0.07 -41.73
N TYR E 28 51.04 0.66 -40.93
CA TYR E 28 52.21 1.36 -41.44
C TYR E 28 53.41 0.42 -41.47
N PHE E 29 54.40 0.77 -42.30
CA PHE E 29 55.53 -0.10 -42.60
C PHE E 29 56.54 -0.02 -41.46
N ILE E 30 56.51 -1.00 -40.57
CA ILE E 30 57.57 -1.28 -39.62
C ILE E 30 57.80 -2.78 -39.62
N THR E 31 59.06 -3.19 -39.84
CA THR E 31 59.36 -4.61 -39.96
C THR E 31 59.30 -5.30 -38.59
N GLN E 32 59.39 -6.62 -38.62
CA GLN E 32 59.19 -7.43 -37.42
C GLN E 32 60.40 -7.37 -36.49
N GLU E 33 61.60 -7.14 -37.03
CA GLU E 33 62.82 -7.18 -36.24
C GLU E 33 63.12 -5.86 -35.54
N GLU E 34 62.26 -4.85 -35.65
CA GLU E 34 62.44 -3.61 -34.92
C GLU E 34 61.51 -3.48 -33.71
N VAL E 35 60.33 -4.09 -33.78
CA VAL E 35 59.42 -4.06 -32.64
C VAL E 35 59.89 -4.98 -31.51
N GLU E 36 60.78 -5.91 -31.81
CA GLU E 36 61.44 -6.73 -30.80
C GLU E 36 62.95 -6.50 -30.84
N LEU E 37 63.54 -6.40 -29.66
CA LEU E 37 64.94 -6.03 -29.50
C LEU E 37 65.36 -6.34 -28.07
N PRO E 38 66.66 -6.53 -27.83
CA PRO E 38 67.13 -6.63 -26.44
C PRO E 38 67.09 -5.29 -25.74
N LEU E 39 67.13 -5.36 -24.40
CA LEU E 39 67.14 -4.15 -23.59
C LEU E 39 68.46 -3.40 -23.73
N GLU E 40 69.58 -4.12 -23.80
CA GLU E 40 70.89 -3.48 -23.84
C GLU E 40 71.17 -2.81 -25.17
N ASP E 41 70.52 -3.24 -26.26
CA ASP E 41 70.67 -2.53 -27.53
C ASP E 41 69.97 -1.19 -27.49
N PHE E 42 68.83 -1.10 -26.81
CA PHE E 42 68.19 0.19 -26.60
C PHE E 42 68.94 1.02 -25.57
N LYS E 43 69.53 0.37 -24.56
CA LYS E 43 70.28 1.10 -23.53
C LYS E 43 71.53 1.76 -24.09
N ALA E 44 72.18 1.14 -25.07
CA ALA E 44 73.40 1.71 -25.61
C ALA E 44 73.13 2.84 -26.60
N LYS E 45 72.46 2.53 -27.71
CA LYS E 45 72.48 3.40 -28.87
C LYS E 45 71.40 4.48 -28.86
N TYR E 46 70.41 4.38 -27.97
CA TYR E 46 69.23 5.24 -28.05
C TYR E 46 69.03 6.12 -26.82
N CYS E 47 69.99 6.17 -25.90
CA CYS E 47 69.89 7.06 -24.75
C CYS E 47 71.29 7.43 -24.29
N ASP E 48 71.37 8.15 -23.17
CA ASP E 48 72.65 8.56 -22.62
C ASP E 48 73.40 7.36 -22.04
N SER E 49 74.70 7.26 -22.35
CA SER E 49 75.50 6.17 -21.85
C SER E 49 75.86 6.30 -20.38
N MET E 50 75.64 7.48 -19.79
CA MET E 50 75.75 7.60 -18.34
C MET E 50 74.60 6.89 -17.62
N GLY E 51 73.46 6.77 -18.29
CA GLY E 51 72.37 5.97 -17.76
C GLY E 51 70.99 6.56 -17.98
N ARG E 52 70.91 7.87 -18.15
CA ARG E 52 69.62 8.52 -18.25
C ARG E 52 69.03 8.34 -19.64
N PRO E 53 67.70 8.41 -19.76
CA PRO E 53 67.08 8.34 -21.10
C PRO E 53 66.89 9.72 -21.73
N GLN E 54 67.17 9.79 -23.03
CA GLN E 54 66.73 10.91 -23.86
C GLN E 54 65.39 10.57 -24.51
N ARG E 55 64.59 11.60 -24.76
CA ARG E 55 63.24 11.41 -25.26
C ARG E 55 63.06 11.88 -26.70
N LYS E 56 64.16 12.12 -27.41
CA LYS E 56 64.11 12.84 -28.68
C LYS E 56 64.58 12.00 -29.86
N MET E 57 65.75 11.37 -29.74
CA MET E 57 66.42 10.77 -30.89
C MET E 57 65.84 9.41 -31.29
N MET E 58 65.20 8.69 -30.37
CA MET E 58 64.55 7.44 -30.73
C MET E 58 63.17 7.64 -31.37
N SER E 59 62.73 8.88 -31.56
CA SER E 59 61.52 9.10 -32.33
C SER E 59 61.78 8.79 -33.81
N PHE E 60 60.71 8.76 -34.59
CA PHE E 60 60.77 8.23 -35.95
C PHE E 60 59.57 8.74 -36.74
N GLN E 61 59.35 8.13 -37.91
CA GLN E 61 58.26 8.49 -38.80
C GLN E 61 58.01 7.31 -39.72
N ALA E 62 56.75 6.96 -39.93
CA ALA E 62 56.38 5.76 -40.66
C ALA E 62 55.46 6.10 -41.83
N ASN E 63 55.72 5.44 -42.95
CA ASN E 63 54.93 5.50 -44.17
C ASN E 63 53.95 4.34 -44.24
N PRO E 64 52.87 4.47 -45.00
CA PRO E 64 51.99 3.32 -45.24
C PRO E 64 52.67 2.29 -46.12
N THR E 65 52.33 1.02 -45.88
CA THR E 65 52.75 -0.07 -46.75
C THR E 65 51.90 -0.10 -48.02
N GLU E 66 52.33 -0.94 -48.97
CA GLU E 66 51.72 -0.95 -50.29
C GLU E 66 50.31 -1.53 -50.26
N GLU E 67 50.02 -2.46 -49.36
CA GLU E 67 48.71 -3.07 -49.30
C GLU E 67 47.71 -2.27 -48.46
N SER E 68 48.19 -1.48 -47.50
CA SER E 68 47.28 -0.62 -46.74
C SER E 68 46.83 0.58 -47.56
N ILE E 69 47.68 1.06 -48.49
CA ILE E 69 47.32 2.25 -49.27
C ILE E 69 46.29 1.95 -50.35
N SER E 70 46.13 0.69 -50.74
CA SER E 70 45.01 0.31 -51.59
C SER E 70 43.71 0.22 -50.81
N LYS E 71 43.76 -0.16 -49.54
CA LYS E 71 42.56 -0.23 -48.72
C LYS E 71 42.20 1.13 -48.13
N PHE E 72 43.18 1.86 -47.62
CA PHE E 72 42.98 3.24 -47.16
C PHE E 72 43.75 4.19 -48.07
N PRO E 73 43.09 4.83 -49.04
CA PRO E 73 43.82 5.71 -49.98
C PRO E 73 44.31 6.99 -49.31
N ASP E 74 43.43 7.66 -48.57
CA ASP E 74 43.78 8.93 -47.92
C ASP E 74 44.39 8.62 -46.55
N MET E 75 45.69 8.31 -46.58
CA MET E 75 46.43 7.94 -45.38
C MET E 75 47.91 8.18 -45.63
N GLY E 76 48.49 9.12 -44.90
CA GLY E 76 49.90 9.46 -45.11
C GLY E 76 50.82 9.04 -44.00
N SER E 77 51.74 9.92 -43.63
CA SER E 77 52.81 9.60 -42.69
C SER E 77 52.42 10.02 -41.27
N LEU E 78 53.02 9.36 -40.29
CA LEU E 78 52.73 9.58 -38.88
C LEU E 78 53.99 10.01 -38.16
N TRP E 79 53.85 10.94 -37.22
CA TRP E 79 54.98 11.56 -36.54
C TRP E 79 54.72 11.59 -35.05
N VAL E 80 55.62 11.02 -34.27
CA VAL E 80 55.41 10.78 -32.84
C VAL E 80 56.65 11.16 -32.07
N GLU E 81 56.50 12.06 -31.10
CA GLU E 81 57.62 12.47 -30.25
C GLU E 81 57.18 12.47 -28.78
N PHE E 82 58.16 12.25 -27.90
CA PHE E 82 57.92 12.10 -26.48
C PHE E 82 58.08 13.46 -25.78
N CYS E 83 58.16 13.44 -24.45
CA CYS E 83 58.29 14.66 -23.66
C CYS E 83 59.43 14.51 -22.67
N ASP E 84 60.27 15.54 -22.58
CA ASP E 84 61.26 15.63 -21.51
C ASP E 84 60.59 16.00 -20.19
N GLU E 85 59.78 17.05 -20.20
CA GLU E 85 59.23 17.64 -18.99
C GLU E 85 58.08 16.80 -18.46
N PRO E 86 57.90 16.77 -17.13
CA PRO E 86 56.70 16.16 -16.55
C PRO E 86 55.49 17.07 -16.51
N SER E 87 55.57 18.26 -17.09
CA SER E 87 54.47 19.23 -17.03
C SER E 87 54.65 20.18 -18.21
N VAL E 88 53.73 20.12 -19.16
CA VAL E 88 53.80 20.98 -20.35
C VAL E 88 53.21 22.35 -20.03
N GLY E 89 53.87 23.39 -20.53
CA GLY E 89 53.25 24.70 -20.65
C GLY E 89 52.47 24.81 -21.96
N VAL E 90 51.83 25.96 -22.13
CA VAL E 90 51.02 26.17 -23.32
C VAL E 90 51.89 26.38 -24.55
N LYS E 91 53.13 26.81 -24.36
CA LYS E 91 54.06 27.03 -25.48
C LYS E 91 54.60 25.72 -26.05
N THR E 92 54.92 24.75 -25.18
CA THR E 92 55.74 23.61 -25.59
C THR E 92 54.98 22.52 -26.34
N MET E 93 53.65 22.51 -26.29
CA MET E 93 52.90 21.72 -27.26
C MET E 93 52.49 22.52 -28.48
N LYS E 94 52.41 23.85 -28.37
CA LYS E 94 52.30 24.70 -29.55
C LYS E 94 53.57 24.66 -30.38
N THR E 95 54.71 24.41 -29.74
CA THR E 95 55.92 24.01 -30.45
C THR E 95 55.68 22.75 -31.28
N PHE E 96 54.99 21.76 -30.71
CA PHE E 96 54.84 20.47 -31.40
C PHE E 96 53.77 20.54 -32.48
N VAL E 97 52.72 21.34 -32.26
CA VAL E 97 51.57 21.32 -33.17
C VAL E 97 51.93 21.95 -34.51
N ILE E 98 52.72 23.02 -34.49
CA ILE E 98 52.95 23.83 -35.69
C ILE E 98 53.69 23.08 -36.79
N HIS E 99 54.32 21.93 -36.48
CA HIS E 99 55.04 21.21 -37.52
C HIS E 99 54.08 20.50 -38.47
N ILE E 100 52.98 19.96 -37.93
CA ILE E 100 52.06 19.12 -38.71
C ILE E 100 51.47 19.92 -39.86
N GLN E 101 51.34 21.23 -39.70
CA GLN E 101 50.70 22.10 -40.68
C GLN E 101 51.42 22.12 -42.03
N GLU E 102 52.70 21.72 -42.08
CA GLU E 102 53.45 21.88 -43.32
C GLU E 102 54.35 20.70 -43.69
N LYS E 103 54.50 19.68 -42.84
CA LYS E 103 55.36 18.56 -43.17
C LYS E 103 54.59 17.41 -43.82
N ASN E 104 53.52 17.72 -44.54
CA ASN E 104 52.63 16.75 -45.17
C ASN E 104 52.08 15.74 -44.17
N PHE E 105 51.84 16.18 -42.94
CA PHE E 105 51.31 15.31 -41.91
C PHE E 105 49.79 15.38 -41.90
N GLN E 106 49.14 14.20 -41.82
CA GLN E 106 47.70 14.17 -41.58
C GLN E 106 47.35 14.14 -40.10
N THR E 107 48.26 13.68 -39.24
CA THR E 107 48.03 13.62 -37.81
C THR E 107 49.38 13.37 -37.13
N GLY E 108 49.38 13.54 -35.81
CA GLY E 108 50.55 13.25 -35.00
C GLY E 108 50.14 12.55 -33.70
N ILE E 109 51.15 12.20 -32.91
CA ILE E 109 50.93 11.55 -31.63
C ILE E 109 51.78 12.27 -30.59
N PHE E 110 51.15 12.70 -29.50
CA PHE E 110 51.79 13.44 -28.41
C PHE E 110 51.81 12.51 -27.19
N VAL E 111 52.88 11.75 -27.05
CA VAL E 111 53.02 10.83 -25.92
C VAL E 111 53.45 11.63 -24.69
N TYR E 112 52.64 11.61 -23.65
CA TYR E 112 52.81 12.44 -22.49
C TYR E 112 53.34 11.59 -21.33
N GLN E 113 53.92 12.25 -20.33
CA GLN E 113 54.75 11.55 -19.35
C GLN E 113 54.14 11.50 -17.95
N ASN E 114 53.36 12.49 -17.54
CA ASN E 114 53.04 12.63 -16.13
C ASN E 114 51.64 13.23 -15.94
N ASN E 115 51.42 13.94 -14.84
CA ASN E 115 50.18 14.71 -14.68
C ASN E 115 50.08 15.78 -15.77
N ILE E 116 48.88 15.99 -16.27
CA ILE E 116 48.64 16.88 -17.40
C ILE E 116 47.99 18.16 -16.90
N THR E 117 48.31 19.27 -17.56
CA THR E 117 47.65 20.54 -17.28
C THR E 117 46.33 20.63 -18.04
N PRO E 118 45.34 21.33 -17.49
CA PRO E 118 44.08 21.52 -18.22
C PRO E 118 44.20 22.50 -19.38
N SER E 119 45.27 23.30 -19.43
CA SER E 119 45.51 24.18 -20.57
C SER E 119 46.00 23.44 -21.80
N ALA E 120 46.34 22.16 -21.69
CA ALA E 120 47.04 21.45 -22.76
C ALA E 120 46.14 21.06 -23.91
N MET E 121 44.82 21.24 -23.78
CA MET E 121 43.88 20.86 -24.83
C MET E 121 43.23 22.06 -25.51
N LYS E 122 43.69 23.28 -25.25
CA LYS E 122 43.04 24.44 -25.83
C LYS E 122 43.41 24.67 -27.30
N LEU E 123 44.55 24.14 -27.74
CA LEU E 123 44.99 24.31 -29.12
C LEU E 123 45.17 22.97 -29.83
N VAL E 124 44.69 21.89 -29.25
CA VAL E 124 44.63 20.61 -29.99
C VAL E 124 43.70 20.71 -31.19
N PRO E 125 42.52 21.34 -31.12
CA PRO E 125 41.76 21.60 -32.36
C PRO E 125 42.35 22.73 -33.17
N SER E 126 43.01 22.40 -34.28
CA SER E 126 43.50 23.38 -35.24
C SER E 126 42.99 23.09 -36.64
N ILE E 127 41.80 22.50 -36.71
CA ILE E 127 41.21 21.85 -37.89
C ILE E 127 42.28 21.14 -38.72
N PRO E 128 42.83 20.02 -38.26
CA PRO E 128 43.67 19.20 -39.13
C PRO E 128 42.81 18.24 -39.93
N PRO E 129 43.38 17.51 -40.89
CA PRO E 129 42.64 16.38 -41.46
C PRO E 129 42.44 15.22 -40.50
N ALA E 130 43.28 15.09 -39.48
CA ALA E 130 43.07 14.13 -38.41
C ALA E 130 43.69 14.66 -37.13
N THR E 131 42.96 14.60 -36.02
CA THR E 131 43.41 15.24 -34.80
C THR E 131 44.49 14.39 -34.14
N ILE E 132 45.39 15.07 -33.41
CA ILE E 132 46.51 14.38 -32.76
C ILE E 132 46.01 13.62 -31.55
N GLU E 133 46.85 12.72 -31.04
CA GLU E 133 46.51 11.85 -29.93
C GLU E 133 47.38 12.15 -28.73
N THR E 134 46.93 11.72 -27.55
CA THR E 134 47.59 12.04 -26.29
C THR E 134 47.56 10.80 -25.41
N PHE E 135 48.74 10.25 -25.10
CA PHE E 135 48.86 8.99 -24.39
C PHE E 135 49.60 9.20 -23.07
N ASN E 136 49.90 8.09 -22.41
CA ASN E 136 50.69 8.09 -21.19
C ASN E 136 51.32 6.71 -21.02
N GLU E 137 52.53 6.68 -20.46
CA GLU E 137 53.25 5.41 -20.39
C GLU E 137 52.70 4.48 -19.32
N ALA E 138 51.97 5.01 -18.34
CA ALA E 138 51.31 4.13 -17.38
C ALA E 138 50.18 3.33 -18.02
N ALA E 139 49.56 3.86 -19.07
CA ALA E 139 48.63 3.10 -19.89
C ALA E 139 49.31 2.40 -21.06
N LEU E 140 50.50 2.84 -21.46
CA LEU E 140 51.22 2.24 -22.57
C LEU E 140 52.41 1.40 -22.12
N VAL E 141 52.40 0.89 -20.88
CA VAL E 141 53.49 0.04 -20.43
C VAL E 141 53.41 -1.32 -21.09
N VAL E 142 52.21 -1.72 -21.53
CA VAL E 142 52.01 -2.95 -22.29
C VAL E 142 50.75 -2.74 -23.13
N ASN E 143 50.71 -3.40 -24.29
CA ASN E 143 49.52 -3.32 -25.11
C ASN E 143 48.36 -4.10 -24.49
N ILE E 144 47.16 -3.51 -24.54
CA ILE E 144 45.99 -4.17 -23.97
C ILE E 144 45.55 -5.33 -24.86
N THR E 145 45.86 -5.27 -26.16
CA THR E 145 45.37 -6.29 -27.10
C THR E 145 45.99 -7.65 -26.84
N HIS E 146 47.22 -7.70 -26.32
CA HIS E 146 47.82 -8.97 -25.90
C HIS E 146 47.31 -9.35 -24.51
N HIS E 147 46.04 -9.73 -24.46
CA HIS E 147 45.43 -10.22 -23.23
C HIS E 147 44.35 -11.23 -23.59
N GLU E 148 44.12 -12.19 -22.68
CA GLU E 148 43.15 -13.24 -22.95
C GLU E 148 41.71 -12.74 -22.94
N LEU E 149 41.45 -11.61 -22.26
CA LEU E 149 40.09 -11.09 -22.20
C LEU E 149 39.65 -10.50 -23.53
N VAL E 150 40.44 -9.58 -24.09
CA VAL E 150 40.03 -8.81 -25.24
C VAL E 150 40.18 -9.65 -26.51
N PRO E 151 39.20 -9.64 -27.41
CA PRO E 151 39.37 -10.31 -28.71
C PRO E 151 39.98 -9.40 -29.74
N LYS E 152 40.22 -9.91 -30.95
CA LYS E 152 41.00 -9.20 -31.96
C LYS E 152 40.08 -8.22 -32.68
N HIS E 153 40.32 -6.92 -32.49
CA HIS E 153 39.69 -5.90 -33.30
C HIS E 153 40.42 -5.73 -34.62
N ILE E 154 39.68 -5.76 -35.72
CA ILE E 154 40.24 -5.55 -37.05
C ILE E 154 39.34 -4.60 -37.82
N ARG E 155 39.90 -3.51 -38.32
CA ARG E 155 39.13 -2.44 -38.95
C ARG E 155 38.94 -2.73 -40.44
N LEU E 156 37.79 -2.35 -40.96
CA LEU E 156 37.44 -2.56 -42.36
C LEU E 156 37.06 -1.22 -42.99
N SER E 157 37.22 -1.15 -44.31
CA SER E 157 37.14 0.12 -45.02
C SER E 157 35.71 0.42 -45.48
N SER E 158 35.53 1.61 -46.03
CA SER E 158 34.22 2.11 -46.46
C SER E 158 33.71 1.47 -47.73
N ASP E 159 34.54 0.71 -48.45
CA ASP E 159 34.08 0.06 -49.67
C ASP E 159 33.13 -1.10 -49.36
N GLU E 160 33.51 -1.96 -48.42
CA GLU E 160 32.71 -3.12 -48.07
C GLU E 160 31.67 -2.82 -46.99
N LYS E 161 31.78 -1.67 -46.32
CA LYS E 161 30.72 -1.25 -45.39
C LYS E 161 29.42 -0.96 -46.12
N ARG E 162 29.52 -0.39 -47.33
CA ARG E 162 28.32 -0.01 -48.08
C ARG E 162 27.50 -1.24 -48.48
N GLU E 163 28.17 -2.32 -48.87
CA GLU E 163 27.50 -3.57 -49.18
C GLU E 163 27.33 -4.47 -47.96
N LEU E 164 27.90 -4.09 -46.81
CA LEU E 164 27.51 -4.72 -45.55
C LEU E 164 26.13 -4.25 -45.12
N LEU E 165 25.82 -2.97 -45.34
CA LEU E 165 24.49 -2.43 -45.10
C LEU E 165 23.50 -2.82 -46.19
N LYS E 166 23.95 -3.49 -47.24
CA LYS E 166 23.05 -4.15 -48.19
C LYS E 166 23.00 -5.66 -48.01
N ARG E 167 23.88 -6.23 -47.18
CA ARG E 167 23.80 -7.66 -46.89
C ARG E 167 22.66 -7.98 -45.94
N TYR E 168 22.35 -7.07 -45.02
CA TYR E 168 21.19 -7.18 -44.15
C TYR E 168 20.05 -6.25 -44.55
N ARG E 169 20.30 -5.31 -45.47
CA ARG E 169 19.36 -4.26 -45.83
C ARG E 169 18.92 -3.47 -44.60
N LEU E 170 19.90 -2.90 -43.91
CA LEU E 170 19.67 -2.13 -42.70
C LEU E 170 20.25 -0.73 -42.87
N LYS E 171 19.75 0.19 -42.05
CA LYS E 171 20.23 1.58 -42.09
C LYS E 171 21.51 1.69 -41.28
N GLU E 172 21.93 2.91 -40.98
CA GLU E 172 23.27 3.16 -40.45
C GLU E 172 23.27 3.56 -38.99
N SER E 173 22.22 4.20 -38.49
CA SER E 173 22.08 4.47 -37.06
C SER E 173 21.19 3.44 -36.38
N GLN E 174 21.40 2.14 -36.63
CA GLN E 174 20.68 1.13 -35.88
C GLN E 174 21.51 -0.12 -35.57
N LEU E 175 22.82 -0.05 -35.71
CA LEU E 175 23.71 -1.11 -35.24
C LEU E 175 24.38 -0.69 -33.94
N PRO E 176 24.86 -1.65 -33.14
CA PRO E 176 25.44 -1.28 -31.85
C PRO E 176 26.66 -0.40 -32.01
N ARG E 177 26.89 0.45 -31.01
CA ARG E 177 27.84 1.55 -31.09
C ARG E 177 28.94 1.35 -30.05
N ILE E 178 30.17 1.66 -30.42
CA ILE E 178 31.28 1.78 -29.49
C ILE E 178 31.62 3.26 -29.35
N GLN E 179 32.01 3.67 -28.14
CA GLN E 179 32.37 5.05 -27.92
C GLN E 179 33.86 5.26 -28.16
N ARG E 180 34.22 6.52 -28.41
CA ARG E 180 35.61 6.91 -28.51
C ARG E 180 36.23 7.03 -27.12
N ALA E 181 37.56 7.15 -27.11
CA ALA E 181 38.39 7.29 -25.92
C ALA E 181 38.32 6.09 -24.97
N ASP E 182 37.77 4.97 -25.41
CA ASP E 182 38.03 3.73 -24.69
C ASP E 182 39.37 3.15 -25.10
N PRO E 183 39.92 2.19 -24.31
CA PRO E 183 41.25 1.64 -24.64
C PRO E 183 41.31 0.87 -25.95
N VAL E 184 40.21 0.82 -26.70
CA VAL E 184 40.26 0.41 -28.10
C VAL E 184 40.46 1.59 -29.03
N ALA E 185 39.76 2.71 -28.78
CA ALA E 185 39.94 3.91 -29.59
C ALA E 185 41.29 4.57 -29.37
N LEU E 186 41.94 4.34 -28.23
CA LEU E 186 43.31 4.80 -28.05
C LEU E 186 44.35 3.79 -28.52
N TYR E 187 43.98 2.86 -29.40
CA TYR E 187 44.94 1.93 -29.97
C TYR E 187 44.89 1.83 -31.48
N LEU E 188 43.77 2.14 -32.13
CA LEU E 188 43.64 2.04 -33.57
C LEU E 188 43.21 3.33 -34.25
N GLY E 189 42.94 4.39 -33.49
CA GLY E 189 42.59 5.67 -34.07
C GLY E 189 41.24 5.59 -34.77
N LEU E 190 40.17 5.45 -34.00
CA LEU E 190 38.85 5.21 -34.57
C LEU E 190 38.23 6.51 -35.05
N LYS E 191 37.82 6.53 -36.32
CA LYS E 191 37.07 7.64 -36.88
C LYS E 191 35.61 7.55 -36.44
N ARG E 192 35.01 8.71 -36.17
CA ARG E 192 33.59 8.75 -35.83
C ARG E 192 32.72 8.49 -37.05
N GLY E 193 32.31 7.23 -37.24
CA GLY E 193 31.47 6.88 -38.36
C GLY E 193 31.96 5.67 -39.15
N GLU E 194 33.03 5.04 -38.67
CA GLU E 194 33.57 3.84 -39.28
C GLU E 194 33.29 2.64 -38.38
N VAL E 195 33.09 1.48 -39.01
CA VAL E 195 32.72 0.27 -38.29
C VAL E 195 33.95 -0.61 -38.15
N VAL E 196 33.92 -1.51 -37.18
CA VAL E 196 34.99 -2.46 -36.92
C VAL E 196 34.38 -3.83 -36.71
N LYS E 197 35.04 -4.86 -37.26
CA LYS E 197 34.60 -6.23 -37.09
C LYS E 197 35.28 -6.84 -35.87
N ILE E 198 34.50 -7.45 -35.00
CA ILE E 198 34.99 -8.05 -33.76
C ILE E 198 34.72 -9.53 -33.82
N ILE E 199 35.79 -10.33 -33.91
CA ILE E 199 35.66 -11.77 -33.76
C ILE E 199 35.48 -12.12 -32.28
N ARG E 200 34.88 -13.28 -32.03
CA ARG E 200 34.75 -13.81 -30.69
C ARG E 200 35.08 -15.29 -30.70
N LYS E 201 35.45 -15.81 -29.52
CA LYS E 201 35.74 -17.24 -29.35
C LYS E 201 34.99 -17.74 -28.12
N SER E 202 33.76 -18.18 -28.34
CA SER E 202 32.89 -18.69 -27.28
C SER E 202 32.96 -20.21 -27.26
N GLU E 203 32.85 -20.77 -26.06
CA GLU E 203 32.94 -22.23 -25.90
C GLU E 203 31.55 -22.88 -26.00
N THR E 204 30.80 -22.49 -27.04
CA THR E 204 29.59 -23.20 -27.43
C THR E 204 29.41 -23.34 -28.93
N SER E 205 30.07 -22.52 -29.75
CA SER E 205 29.95 -22.61 -31.21
C SER E 205 31.28 -22.34 -31.91
N GLY E 206 32.40 -22.55 -31.23
CA GLY E 206 33.71 -22.29 -31.80
C GLY E 206 34.02 -20.81 -31.89
N ARG E 207 34.01 -20.25 -33.10
CA ARG E 207 34.23 -18.82 -33.28
C ARG E 207 33.08 -18.20 -34.06
N TYR E 208 32.86 -16.92 -33.82
CA TYR E 208 31.87 -16.13 -34.53
C TYR E 208 32.24 -14.66 -34.40
N ALA E 209 31.82 -13.86 -35.38
CA ALA E 209 32.22 -12.47 -35.46
C ALA E 209 30.99 -11.58 -35.59
N SER E 210 31.12 -10.35 -35.09
CA SER E 210 30.05 -9.36 -35.18
C SER E 210 30.68 -7.99 -35.46
N TYR E 211 29.83 -6.97 -35.52
CA TYR E 211 30.22 -5.64 -35.95
C TYR E 211 29.74 -4.62 -34.93
N ARG E 212 30.38 -3.46 -34.92
CA ARG E 212 29.97 -2.38 -34.01
C ARG E 212 30.47 -1.05 -34.57
N ILE E 213 29.55 -0.10 -34.76
CA ILE E 213 29.90 1.20 -35.31
C ILE E 213 30.58 2.04 -34.23
N CYS E 214 31.32 3.06 -34.68
CA CYS E 214 32.00 3.99 -33.79
C CYS E 214 31.27 5.33 -33.80
N MET E 215 31.13 5.93 -32.61
CA MET E 215 30.64 7.29 -32.49
C MET E 215 31.36 8.05 -31.39
N GLU F 71 11.15 -2.64 -50.77
CA GLU F 71 10.04 -1.90 -50.20
C GLU F 71 8.70 -2.38 -50.76
N LYS F 72 8.76 -3.33 -51.68
CA LYS F 72 7.57 -3.87 -52.34
C LYS F 72 7.62 -5.39 -52.29
N ALA F 73 6.63 -6.02 -52.90
CA ALA F 73 6.49 -7.47 -52.83
C ALA F 73 7.59 -8.15 -53.65
N ILE F 74 8.21 -9.16 -53.06
CA ILE F 74 9.32 -9.88 -53.68
C ILE F 74 8.77 -11.19 -54.26
N PRO F 75 8.95 -11.45 -55.55
CA PRO F 75 8.46 -12.72 -56.11
C PRO F 75 9.31 -13.91 -55.71
N LYS F 76 9.04 -15.06 -56.33
CA LYS F 76 9.62 -16.34 -55.91
C LYS F 76 11.12 -16.44 -56.19
N ASP F 77 11.72 -15.44 -56.82
CA ASP F 77 13.16 -15.47 -57.07
C ASP F 77 13.96 -15.32 -55.79
N GLN F 78 13.80 -14.18 -55.11
CA GLN F 78 14.56 -13.94 -53.88
C GLN F 78 13.78 -14.37 -52.64
N ARG F 79 13.30 -15.61 -52.65
CA ARG F 79 12.46 -16.15 -51.57
C ARG F 79 13.38 -16.82 -50.57
N ALA F 80 13.82 -16.06 -49.57
CA ALA F 80 14.97 -16.49 -48.76
C ALA F 80 14.65 -16.56 -47.28
N THR F 81 13.52 -17.18 -46.92
CA THR F 81 13.29 -17.55 -45.52
C THR F 81 12.97 -19.03 -45.42
N THR F 82 12.54 -19.48 -44.26
CA THR F 82 12.25 -20.90 -44.07
C THR F 82 11.00 -21.30 -44.88
N PRO F 83 10.96 -22.53 -45.39
CA PRO F 83 9.76 -22.98 -46.10
C PRO F 83 8.76 -23.65 -45.15
N TYR F 84 8.91 -23.42 -43.85
CA TYR F 84 8.28 -24.23 -42.83
C TYR F 84 7.27 -23.39 -42.04
N MET F 85 6.09 -23.95 -41.82
CA MET F 85 5.08 -23.32 -40.98
C MET F 85 5.51 -23.41 -39.53
N THR F 86 5.94 -22.28 -38.97
CA THR F 86 6.49 -22.26 -37.61
C THR F 86 5.38 -22.42 -36.57
N LYS F 87 5.81 -22.56 -35.31
CA LYS F 87 4.89 -22.83 -34.21
C LYS F 87 3.92 -21.68 -33.99
N TYR F 88 4.37 -20.44 -34.21
CA TYR F 88 3.49 -19.28 -34.05
C TYR F 88 2.54 -19.09 -35.21
N GLU F 89 2.75 -19.77 -36.34
CA GLU F 89 1.81 -19.66 -37.45
C GLU F 89 0.52 -20.42 -37.15
N ARG F 90 0.63 -21.71 -36.84
CA ARG F 90 -0.56 -22.54 -36.69
C ARG F 90 -1.33 -22.23 -35.41
N ALA F 91 -0.76 -21.42 -34.50
CA ALA F 91 -1.54 -20.83 -33.43
C ALA F 91 -2.33 -19.61 -33.87
N ARG F 92 -2.06 -19.07 -35.05
CA ARG F 92 -2.74 -17.88 -35.55
C ARG F 92 -3.76 -18.19 -36.64
N ILE F 93 -3.40 -19.04 -37.60
CA ILE F 93 -4.35 -19.42 -38.65
C ILE F 93 -5.53 -20.17 -38.04
N LEU F 94 -5.25 -21.16 -37.20
CA LEU F 94 -6.32 -21.86 -36.50
C LEU F 94 -7.07 -20.94 -35.55
N GLY F 95 -6.41 -19.88 -35.07
CA GLY F 95 -7.15 -18.84 -34.36
C GLY F 95 -8.07 -18.05 -35.27
N THR F 96 -7.62 -17.71 -36.47
CA THR F 96 -8.35 -16.81 -37.34
C THR F 96 -9.15 -17.53 -38.43
N ARG F 97 -8.98 -18.84 -38.56
CA ARG F 97 -9.90 -19.64 -39.36
C ARG F 97 -11.18 -19.95 -38.59
N ALA F 98 -11.05 -20.23 -37.29
CA ALA F 98 -12.16 -20.81 -36.53
C ALA F 98 -13.28 -19.80 -36.31
N LEU F 99 -12.97 -18.51 -36.20
CA LEU F 99 -14.02 -17.54 -35.97
C LEU F 99 -14.77 -17.20 -37.25
N GLN F 100 -14.16 -17.42 -38.42
CA GLN F 100 -14.90 -17.35 -39.67
C GLN F 100 -15.94 -18.45 -39.73
N ILE F 101 -15.62 -19.63 -39.17
CA ILE F 101 -16.61 -20.70 -39.07
C ILE F 101 -17.72 -20.32 -38.11
N SER F 102 -17.42 -19.52 -37.09
CA SER F 102 -18.46 -19.00 -36.22
C SER F 102 -19.20 -17.82 -36.84
N MET F 103 -18.71 -17.29 -37.97
CA MET F 103 -19.38 -16.23 -38.70
C MET F 103 -19.94 -16.76 -40.02
N ASN F 104 -20.37 -18.02 -40.02
CA ASN F 104 -21.18 -18.61 -41.08
C ASN F 104 -20.43 -18.66 -42.41
N ALA F 105 -19.12 -18.91 -42.34
CA ALA F 105 -18.38 -19.17 -43.57
C ALA F 105 -18.62 -20.61 -44.03
N PRO F 106 -18.55 -20.86 -45.34
CA PRO F 106 -18.67 -22.24 -45.82
C PRO F 106 -17.39 -23.03 -45.59
N VAL F 107 -17.56 -24.29 -45.17
CA VAL F 107 -16.41 -25.16 -44.96
C VAL F 107 -16.00 -25.80 -46.28
N PHE F 108 -14.79 -26.37 -46.30
CA PHE F 108 -14.28 -27.02 -47.49
C PHE F 108 -14.07 -28.52 -47.35
N VAL F 109 -14.00 -29.04 -46.12
CA VAL F 109 -13.65 -30.44 -45.91
C VAL F 109 -14.90 -31.18 -45.45
N ASP F 110 -14.89 -32.50 -45.63
CA ASP F 110 -16.07 -33.31 -45.34
C ASP F 110 -16.27 -33.40 -43.83
N LEU F 111 -17.15 -32.56 -43.29
CA LEU F 111 -17.45 -32.63 -41.86
C LEU F 111 -18.26 -33.88 -41.55
N GLU F 112 -18.11 -34.37 -40.32
CA GLU F 112 -19.00 -35.36 -39.76
C GLU F 112 -20.10 -34.65 -38.98
N GLY F 113 -20.87 -35.38 -38.17
CA GLY F 113 -21.68 -34.74 -37.16
C GLY F 113 -20.75 -34.11 -36.14
N GLU F 114 -20.64 -32.79 -36.15
CA GLU F 114 -19.46 -32.15 -35.62
C GLU F 114 -19.76 -30.70 -35.23
N THR F 115 -19.24 -30.30 -34.08
CA THR F 115 -19.54 -29.00 -33.48
C THR F 115 -18.20 -28.33 -33.18
N ASP F 116 -18.20 -27.24 -32.40
CA ASP F 116 -16.95 -26.70 -31.86
C ASP F 116 -16.03 -26.24 -32.99
N PRO F 117 -16.26 -25.04 -33.55
CA PRO F 117 -15.62 -24.67 -34.82
C PRO F 117 -14.09 -24.63 -34.76
N LEU F 118 -13.48 -24.76 -33.59
CA LEU F 118 -12.04 -25.02 -33.55
C LEU F 118 -11.72 -26.43 -34.01
N ARG F 119 -12.54 -27.41 -33.62
CA ARG F 119 -12.26 -28.79 -33.98
C ARG F 119 -12.34 -29.02 -35.48
N ILE F 120 -13.30 -28.35 -36.15
CA ILE F 120 -13.37 -28.42 -37.61
C ILE F 120 -12.24 -27.64 -38.26
N ALA F 121 -11.65 -26.68 -37.53
CA ALA F 121 -10.56 -25.89 -38.10
C ALA F 121 -9.27 -26.70 -38.17
N MET F 122 -8.92 -27.38 -37.06
CA MET F 122 -7.73 -28.21 -37.07
C MET F 122 -7.89 -29.45 -37.94
N LYS F 123 -9.12 -29.88 -38.21
CA LYS F 123 -9.34 -30.96 -39.15
C LYS F 123 -9.07 -30.51 -40.58
N GLU F 124 -9.52 -29.31 -40.93
CA GLU F 124 -9.31 -28.80 -42.28
C GLU F 124 -7.84 -28.52 -42.56
N LEU F 125 -7.06 -28.22 -41.52
CA LEU F 125 -5.63 -27.98 -41.68
C LEU F 125 -4.88 -29.25 -42.06
N ALA F 126 -5.42 -30.42 -41.74
CA ALA F 126 -4.74 -31.66 -42.09
C ALA F 126 -4.70 -31.87 -43.60
N GLU F 127 -5.75 -31.48 -44.31
CA GLU F 127 -5.80 -31.59 -45.76
C GLU F 127 -5.36 -30.31 -46.46
N LYS F 128 -4.93 -29.31 -45.69
CA LYS F 128 -4.37 -28.07 -46.24
C LYS F 128 -5.36 -27.35 -47.16
N LYS F 129 -6.63 -27.40 -46.81
CA LYS F 129 -7.68 -26.77 -47.61
C LYS F 129 -8.02 -25.37 -47.10
N ILE F 130 -7.11 -24.72 -46.39
CA ILE F 130 -7.34 -23.36 -45.91
C ILE F 130 -7.12 -22.38 -47.06
N PRO F 131 -8.08 -21.48 -47.34
CA PRO F 131 -7.94 -20.53 -48.45
C PRO F 131 -7.28 -19.23 -48.04
N LEU F 132 -6.09 -19.33 -47.43
CA LEU F 132 -5.40 -18.18 -46.87
C LEU F 132 -3.95 -18.15 -47.33
N VAL F 133 -3.28 -17.05 -47.00
CA VAL F 133 -1.91 -16.81 -47.42
C VAL F 133 -1.29 -15.83 -46.42
N ILE F 134 -0.06 -16.13 -46.01
CA ILE F 134 0.60 -15.43 -44.92
C ILE F 134 1.61 -14.44 -45.50
N ARG F 135 1.58 -13.21 -45.01
CA ARG F 135 2.48 -12.14 -45.44
C ARG F 135 3.54 -11.94 -44.36
N ARG F 136 4.73 -12.52 -44.58
CA ARG F 136 5.83 -12.35 -43.64
C ARG F 136 6.57 -11.06 -43.96
N TYR F 137 6.69 -10.18 -42.96
CA TYR F 137 7.44 -8.95 -43.11
C TYR F 137 8.90 -9.14 -42.74
N LEU F 138 9.80 -8.73 -43.62
CA LEU F 138 11.19 -8.53 -43.24
C LEU F 138 11.30 -7.24 -42.43
N PRO F 139 12.33 -7.12 -41.58
CA PRO F 139 12.43 -5.93 -40.71
C PRO F 139 12.85 -4.67 -41.44
N ASP F 140 13.08 -4.70 -42.75
CA ASP F 140 13.38 -3.50 -43.52
C ASP F 140 12.16 -2.91 -44.21
N GLY F 141 10.97 -3.42 -43.92
CA GLY F 141 9.77 -2.95 -44.60
C GLY F 141 9.55 -3.60 -45.95
N SER F 142 9.80 -4.90 -46.06
CA SER F 142 9.64 -5.65 -47.30
C SER F 142 8.58 -6.72 -47.12
N PHE F 143 7.80 -6.96 -48.17
CA PHE F 143 6.82 -8.03 -48.14
C PHE F 143 7.49 -9.39 -48.32
N GLU F 144 6.75 -10.45 -47.99
CA GLU F 144 7.06 -11.80 -48.42
C GLU F 144 5.80 -12.65 -48.24
N ASP F 145 5.40 -13.34 -49.30
CA ASP F 145 4.15 -14.07 -49.31
C ASP F 145 4.39 -15.56 -49.17
N TRP F 146 3.45 -16.23 -48.49
CA TRP F 146 3.50 -17.69 -48.30
C TRP F 146 2.06 -18.16 -48.19
N SER F 147 1.60 -18.97 -49.14
CA SER F 147 0.31 -19.61 -49.00
C SER F 147 0.40 -20.73 -47.95
N VAL F 148 -0.75 -21.03 -47.35
CA VAL F 148 -0.75 -21.99 -46.25
C VAL F 148 -0.50 -23.42 -46.73
N GLU F 149 -0.75 -23.70 -48.01
CA GLU F 149 -0.42 -25.01 -48.56
C GLU F 149 1.04 -25.14 -48.96
N GLU F 150 1.72 -24.01 -49.18
CA GLU F 150 3.13 -24.07 -49.56
C GLU F 150 3.99 -24.50 -48.39
N LEU F 151 3.63 -24.09 -47.18
CA LEU F 151 4.36 -24.50 -45.98
C LEU F 151 3.99 -25.95 -45.62
N ILE F 152 4.94 -26.62 -44.95
CA ILE F 152 4.73 -27.98 -44.49
C ILE F 152 4.90 -28.00 -42.97
N VAL F 153 4.45 -29.09 -42.36
CA VAL F 153 4.52 -29.24 -40.91
C VAL F 153 4.75 -30.71 -40.55
N PHE G 2 -24.38 11.05 -65.89
CA PHE G 2 -23.92 10.45 -67.13
C PHE G 2 -22.44 10.71 -67.35
N ILE G 3 -21.74 11.10 -66.28
CA ILE G 3 -20.30 11.26 -66.30
C ILE G 3 -19.68 10.30 -65.29
N LEU G 4 -18.42 9.97 -65.51
CA LEU G 4 -17.69 9.05 -64.66
C LEU G 4 -16.79 9.81 -63.69
N SER G 5 -16.62 9.25 -62.50
CA SER G 5 -15.83 9.87 -61.44
C SER G 5 -14.94 8.81 -60.81
N LYS G 6 -13.67 8.79 -61.22
CA LYS G 6 -12.71 7.82 -60.69
C LYS G 6 -12.42 8.15 -59.23
N ILE G 7 -12.91 7.29 -58.32
CA ILE G 7 -12.66 7.44 -56.89
C ILE G 7 -12.12 6.11 -56.36
N ALA G 8 -11.60 6.17 -55.12
CA ALA G 8 -11.12 5.00 -54.42
C ALA G 8 -11.87 4.84 -53.11
N ASP G 9 -11.95 3.61 -52.63
CA ASP G 9 -12.67 3.33 -51.39
C ASP G 9 -12.17 2.01 -50.81
N LEU G 10 -12.31 1.89 -49.50
CA LEU G 10 -11.97 0.68 -48.77
C LEU G 10 -13.24 0.06 -48.19
N VAL G 11 -13.37 -1.26 -48.34
CA VAL G 11 -14.62 -1.95 -48.07
C VAL G 11 -14.32 -3.29 -47.41
N ARG G 12 -15.28 -3.78 -46.64
CA ARG G 12 -15.24 -5.12 -46.06
C ARG G 12 -16.43 -5.93 -46.56
N ILE G 13 -16.33 -7.25 -46.37
CA ILE G 13 -17.47 -8.14 -46.57
C ILE G 13 -17.54 -9.12 -45.41
N PRO G 14 -18.73 -9.43 -44.89
CA PRO G 14 -18.83 -10.45 -43.87
C PRO G 14 -18.49 -11.82 -44.42
N PRO G 15 -18.03 -12.76 -43.57
CA PRO G 15 -17.51 -14.03 -44.09
C PRO G 15 -18.57 -14.98 -44.62
N ASP G 16 -19.86 -14.68 -44.42
CA ASP G 16 -20.91 -15.52 -44.98
C ASP G 16 -21.13 -15.28 -46.46
N GLN G 17 -20.48 -14.28 -47.06
CA GLN G 17 -20.49 -14.07 -48.51
C GLN G 17 -19.26 -14.66 -49.18
N PHE G 18 -18.65 -15.67 -48.57
CA PHE G 18 -17.54 -16.38 -49.20
C PHE G 18 -18.02 -17.30 -50.32
N HIS G 19 -19.28 -17.74 -50.27
CA HIS G 19 -19.82 -18.57 -51.34
C HIS G 19 -20.05 -17.77 -52.61
N ARG G 20 -20.43 -16.50 -52.48
CA ARG G 20 -20.54 -15.62 -53.63
C ARG G 20 -19.16 -15.17 -54.07
N ASP G 21 -18.99 -15.02 -55.38
CA ASP G 21 -17.69 -14.71 -55.96
C ASP G 21 -17.23 -13.30 -55.57
N THR G 22 -15.99 -12.99 -55.95
CA THR G 22 -15.34 -11.77 -55.51
C THR G 22 -16.08 -10.52 -55.99
N ILE G 23 -16.30 -10.42 -57.30
CA ILE G 23 -16.78 -9.17 -57.88
C ILE G 23 -18.23 -8.88 -57.47
N SER G 24 -19.09 -9.90 -57.50
CA SER G 24 -20.49 -9.67 -57.18
C SER G 24 -20.70 -9.40 -55.70
N ALA G 25 -19.80 -9.89 -54.83
CA ALA G 25 -19.94 -9.64 -53.40
C ALA G 25 -19.58 -8.19 -53.06
N ILE G 26 -18.47 -7.69 -53.60
CA ILE G 26 -18.11 -6.30 -53.36
C ILE G 26 -19.03 -5.33 -54.09
N THR G 27 -19.67 -5.78 -55.17
CA THR G 27 -20.69 -4.97 -55.83
C THR G 27 -21.89 -4.76 -54.92
N HIS G 28 -22.36 -5.84 -54.28
CA HIS G 28 -23.52 -5.72 -53.39
C HIS G 28 -23.21 -4.83 -52.18
N GLN G 29 -22.04 -5.02 -51.57
CA GLN G 29 -21.69 -4.24 -50.39
C GLN G 29 -21.47 -2.78 -50.71
N LEU G 30 -21.06 -2.47 -51.95
CA LEU G 30 -20.95 -1.08 -52.37
C LEU G 30 -22.26 -0.51 -52.90
N ASN G 31 -23.22 -1.36 -53.27
CA ASN G 31 -24.53 -0.86 -53.69
C ASN G 31 -25.26 -0.19 -52.54
N ASN G 32 -25.53 -0.94 -51.47
CA ASN G 32 -26.25 -0.41 -50.33
C ASN G 32 -25.43 0.59 -49.51
N LYS G 33 -24.15 0.76 -49.85
CA LYS G 33 -23.34 1.83 -49.28
C LYS G 33 -23.43 3.13 -50.05
N PHE G 34 -23.72 3.06 -51.36
CA PHE G 34 -23.65 4.23 -52.22
C PHE G 34 -24.95 4.55 -52.95
N ALA G 35 -25.97 3.69 -52.88
CA ALA G 35 -27.16 3.90 -53.69
C ALA G 35 -28.01 5.02 -53.11
N ASN G 36 -28.40 5.95 -53.99
CA ASN G 36 -29.20 7.13 -53.61
C ASN G 36 -28.51 7.94 -52.51
N LYS G 37 -27.19 8.05 -52.60
CA LYS G 37 -26.39 8.75 -51.61
C LYS G 37 -25.73 9.97 -52.26
N ILE G 38 -25.61 11.05 -51.49
CA ILE G 38 -24.94 12.24 -51.96
C ILE G 38 -23.46 12.14 -51.63
N ILE G 39 -22.64 12.89 -52.37
CA ILE G 39 -21.21 12.98 -52.10
C ILE G 39 -20.90 14.43 -51.75
N PRO G 40 -20.07 14.70 -50.73
CA PRO G 40 -19.63 16.07 -50.48
C PRO G 40 -18.91 16.71 -51.67
N ASN G 41 -19.55 17.74 -52.23
CA ASN G 41 -18.98 18.58 -53.29
C ASN G 41 -18.70 17.81 -54.58
N VAL G 42 -19.44 16.74 -54.84
CA VAL G 42 -19.35 16.10 -56.15
C VAL G 42 -20.73 16.01 -56.79
N GLY G 43 -21.64 15.30 -56.14
CA GLY G 43 -22.96 15.07 -56.70
C GLY G 43 -23.63 13.88 -56.02
N LEU G 44 -24.48 13.20 -56.78
CA LEU G 44 -25.23 12.04 -56.30
C LEU G 44 -24.90 10.84 -57.18
N CYS G 45 -24.15 9.89 -56.64
CA CYS G 45 -23.89 8.64 -57.33
C CYS G 45 -25.08 7.70 -57.19
N ILE G 46 -25.31 6.89 -58.22
CA ILE G 46 -26.49 6.04 -58.33
C ILE G 46 -26.12 4.56 -58.26
N THR G 47 -25.28 4.10 -59.21
CA THR G 47 -24.94 2.70 -59.31
C THR G 47 -23.47 2.59 -59.73
N ILE G 48 -22.78 1.58 -59.21
CA ILE G 48 -21.38 1.38 -59.55
C ILE G 48 -21.29 0.92 -61.00
N TYR G 49 -20.55 1.67 -61.82
CA TYR G 49 -20.46 1.35 -63.24
C TYR G 49 -19.65 0.09 -63.48
N ASP G 50 -18.40 0.09 -63.04
CA ASP G 50 -17.53 -1.08 -63.18
C ASP G 50 -16.47 -1.03 -62.07
N LEU G 51 -15.43 -1.85 -62.22
CA LEU G 51 -14.32 -1.92 -61.27
C LEU G 51 -13.03 -1.75 -62.06
N LEU G 52 -12.26 -0.73 -61.70
CA LEU G 52 -11.02 -0.45 -62.41
C LEU G 52 -9.90 -1.41 -62.03
N THR G 53 -9.51 -1.42 -60.76
CA THR G 53 -8.58 -2.43 -60.26
C THR G 53 -8.86 -2.71 -58.79
N VAL G 54 -8.61 -3.96 -58.41
CA VAL G 54 -8.89 -4.44 -57.06
C VAL G 54 -7.56 -4.86 -56.43
N GLU G 55 -7.47 -4.70 -55.12
CA GLU G 55 -6.25 -4.95 -54.38
C GLU G 55 -6.42 -6.16 -53.46
N GLU G 56 -5.29 -6.77 -53.12
CA GLU G 56 -5.29 -7.95 -52.27
C GLU G 56 -5.95 -7.67 -50.93
N GLY G 57 -6.74 -8.62 -50.46
CA GLY G 57 -7.55 -8.42 -49.26
C GLY G 57 -6.73 -8.59 -47.98
N GLN G 58 -7.07 -7.78 -46.98
CA GLN G 58 -6.44 -7.83 -45.66
C GLN G 58 -7.49 -8.20 -44.62
N LEU G 59 -7.02 -8.44 -43.40
CA LEU G 59 -7.88 -8.84 -42.30
C LEU G 59 -7.48 -8.08 -41.04
N LYS G 60 -8.46 -7.45 -40.40
CA LYS G 60 -8.28 -7.01 -39.02
C LYS G 60 -8.11 -8.24 -38.12
N PRO G 61 -7.20 -8.18 -37.14
CA PRO G 61 -7.07 -9.32 -36.21
C PRO G 61 -8.27 -9.51 -35.31
N GLY G 62 -9.02 -8.45 -35.02
CA GLY G 62 -10.13 -8.54 -34.09
C GLY G 62 -11.41 -9.04 -34.74
N ASP G 63 -11.74 -8.51 -35.92
CA ASP G 63 -13.05 -8.75 -36.51
C ASP G 63 -13.13 -10.14 -37.13
N GLY G 64 -12.20 -10.47 -38.02
CA GLY G 64 -12.20 -11.74 -38.70
C GLY G 64 -12.73 -11.70 -40.13
N SER G 65 -13.30 -10.57 -40.55
CA SER G 65 -13.71 -10.40 -41.93
C SER G 65 -12.50 -10.06 -42.80
N SER G 66 -12.73 -9.93 -44.10
CA SER G 66 -11.69 -9.56 -45.05
C SER G 66 -11.92 -8.14 -45.53
N TYR G 67 -10.85 -7.35 -45.57
CA TYR G 67 -10.92 -5.93 -45.90
C TYR G 67 -10.19 -5.68 -47.21
N ILE G 68 -10.84 -4.96 -48.12
CA ILE G 68 -10.32 -4.74 -49.46
C ILE G 68 -10.48 -3.26 -49.79
N ASN G 69 -9.39 -2.64 -50.23
CA ASN G 69 -9.45 -1.34 -50.89
C ASN G 69 -9.52 -1.52 -52.40
N VAL G 70 -10.38 -0.73 -53.04
CA VAL G 70 -10.69 -0.91 -54.45
C VAL G 70 -10.94 0.46 -55.07
N THR G 71 -10.52 0.62 -56.32
CA THR G 71 -10.73 1.84 -57.08
C THR G 71 -11.71 1.58 -58.21
N PHE G 72 -12.65 2.51 -58.41
CA PHE G 72 -13.71 2.35 -59.38
C PHE G 72 -14.34 3.70 -59.66
N ARG G 73 -15.06 3.78 -60.78
CA ARG G 73 -15.94 4.90 -61.08
C ARG G 73 -17.38 4.42 -61.13
N ALA G 74 -18.29 5.30 -60.75
CA ALA G 74 -19.73 5.05 -60.77
C ALA G 74 -20.40 6.05 -61.70
N VAL G 75 -21.71 5.93 -61.82
CA VAL G 75 -22.51 6.86 -62.61
C VAL G 75 -23.01 7.99 -61.71
N VAL G 76 -22.87 9.21 -62.19
CA VAL G 76 -23.30 10.41 -61.47
C VAL G 76 -23.74 11.44 -62.51
N PHE G 77 -24.92 12.02 -62.31
CA PHE G 77 -25.50 12.92 -63.30
C PHE G 77 -25.13 14.36 -62.97
N LYS G 78 -24.48 15.03 -63.93
CA LYS G 78 -24.07 16.43 -63.80
C LYS G 78 -24.30 17.06 -65.17
N PRO G 79 -25.49 17.64 -65.39
CA PRO G 79 -25.89 17.96 -66.77
C PRO G 79 -25.00 18.98 -67.45
N PHE G 80 -25.04 20.23 -66.97
CA PHE G 80 -24.32 21.35 -67.57
C PHE G 80 -24.66 22.56 -66.71
N LEU G 81 -23.95 23.66 -66.94
CA LEU G 81 -24.26 24.92 -66.29
C LEU G 81 -25.30 25.74 -67.05
N GLY G 82 -25.90 25.15 -68.09
CA GLY G 82 -26.97 25.81 -68.83
C GLY G 82 -27.97 24.83 -69.41
N GLU G 83 -28.03 23.61 -68.87
CA GLU G 83 -28.71 22.52 -69.54
C GLU G 83 -30.22 22.60 -69.34
N ILE G 84 -30.97 22.43 -70.44
CA ILE G 84 -32.42 22.38 -70.39
C ILE G 84 -32.87 21.07 -69.74
N VAL G 85 -33.78 21.17 -68.79
CA VAL G 85 -34.39 20.00 -68.16
C VAL G 85 -35.91 20.21 -68.13
N THR G 86 -36.65 19.26 -68.70
CA THR G 86 -38.11 19.29 -68.68
C THR G 86 -38.61 18.42 -67.52
N GLY G 87 -38.47 18.95 -66.31
CA GLY G 87 -38.99 18.29 -65.13
C GLY G 87 -40.47 18.53 -64.92
N TRP G 88 -40.95 18.03 -63.78
CA TRP G 88 -42.34 18.19 -63.37
C TRP G 88 -42.39 19.02 -62.07
N ILE G 89 -43.59 19.12 -61.49
CA ILE G 89 -43.79 19.87 -60.27
C ILE G 89 -44.96 19.25 -59.51
N SER G 90 -44.94 19.41 -58.18
CA SER G 90 -46.09 19.08 -57.36
C SER G 90 -46.29 20.04 -56.20
N LYS G 91 -45.68 21.22 -56.23
CA LYS G 91 -45.73 22.13 -55.09
C LYS G 91 -45.51 23.56 -55.56
N CYS G 92 -46.22 24.50 -54.93
CA CYS G 92 -46.09 25.92 -55.23
C CYS G 92 -46.12 26.72 -53.93
N THR G 93 -45.21 27.68 -53.82
CA THR G 93 -45.11 28.54 -52.65
C THR G 93 -44.95 29.98 -53.12
N ALA G 94 -45.18 30.93 -52.21
CA ALA G 94 -45.49 32.30 -52.59
C ALA G 94 -44.26 33.21 -52.63
N GLU G 95 -43.05 32.66 -52.54
CA GLU G 95 -41.84 33.45 -52.69
C GLU G 95 -41.01 33.06 -53.90
N GLY G 96 -41.20 31.85 -54.44
CA GLY G 96 -40.54 31.42 -55.65
C GLY G 96 -41.39 30.42 -56.40
N ILE G 97 -40.78 29.30 -56.79
CA ILE G 97 -41.54 28.17 -57.32
C ILE G 97 -40.83 26.88 -56.90
N LYS G 98 -41.62 25.91 -56.47
CA LYS G 98 -41.09 24.63 -55.97
C LYS G 98 -40.94 23.62 -57.10
N VAL G 99 -40.14 23.98 -58.10
CA VAL G 99 -39.86 23.06 -59.20
C VAL G 99 -39.00 21.92 -58.65
N SER G 100 -39.61 20.74 -58.52
CA SER G 100 -38.98 19.58 -57.91
C SER G 100 -39.23 18.36 -58.76
N LEU G 101 -38.17 17.59 -59.02
CA LEU G 101 -38.24 16.49 -59.98
C LEU G 101 -39.01 15.33 -59.36
N LEU G 102 -40.09 14.93 -60.01
CA LEU G 102 -40.92 13.83 -59.51
C LEU G 102 -40.25 12.49 -59.78
N GLY G 103 -40.12 11.68 -58.73
CA GLY G 103 -39.56 10.35 -58.85
C GLY G 103 -38.17 10.16 -58.29
N ILE G 104 -37.26 11.10 -58.56
CA ILE G 104 -35.86 10.91 -58.18
C ILE G 104 -35.53 11.72 -56.94
N PHE G 105 -35.64 13.04 -57.04
CA PHE G 105 -35.29 13.91 -55.93
C PHE G 105 -36.14 15.18 -55.99
N ASP G 106 -36.58 15.63 -54.82
CA ASP G 106 -37.48 16.77 -54.69
C ASP G 106 -36.98 17.72 -53.61
N ASP G 107 -35.67 17.95 -53.58
CA ASP G 107 -35.04 18.92 -52.69
C ASP G 107 -34.64 20.20 -53.40
N ILE G 108 -35.42 20.62 -54.40
CA ILE G 108 -35.04 21.72 -55.28
C ILE G 108 -36.07 22.83 -55.13
N PHE G 109 -35.59 24.02 -54.77
CA PHE G 109 -36.38 25.25 -54.79
C PHE G 109 -35.58 26.27 -55.60
N ILE G 110 -36.08 26.65 -56.77
CA ILE G 110 -35.43 27.62 -57.64
C ILE G 110 -36.32 28.86 -57.71
N PRO G 111 -35.76 30.07 -57.57
CA PRO G 111 -36.58 31.28 -57.54
C PRO G 111 -36.83 31.85 -58.93
N GLN G 112 -37.54 32.99 -58.98
CA GLN G 112 -37.70 33.77 -60.20
C GLN G 112 -37.11 35.15 -59.95
N ASN G 113 -35.95 35.41 -60.57
CA ASN G 113 -35.25 36.68 -60.44
C ASN G 113 -34.75 37.18 -61.79
N MET G 114 -35.26 36.63 -62.89
CA MET G 114 -34.67 36.85 -64.21
C MET G 114 -35.74 37.00 -65.29
N LEU G 115 -36.96 37.35 -64.90
CA LEU G 115 -38.10 37.48 -65.81
C LEU G 115 -38.55 38.94 -65.85
N PHE G 116 -39.71 39.18 -66.46
CA PHE G 116 -40.25 40.52 -66.51
C PHE G 116 -40.71 40.97 -65.12
N GLU G 117 -41.04 42.26 -65.03
CA GLU G 117 -41.23 42.92 -63.74
C GLU G 117 -42.66 42.80 -63.21
N GLY G 118 -43.49 41.94 -63.81
CA GLY G 118 -44.86 41.83 -63.39
C GLY G 118 -45.16 40.50 -62.71
N CYS G 119 -44.28 40.06 -61.82
CA CYS G 119 -44.33 38.72 -61.25
C CYS G 119 -44.55 38.85 -59.75
N TYR G 120 -45.59 38.20 -59.24
CA TYR G 120 -45.88 38.11 -57.82
C TYR G 120 -46.61 36.79 -57.58
N TYR G 121 -47.32 36.68 -56.46
CA TYR G 121 -48.12 35.51 -56.17
C TYR G 121 -49.60 35.86 -56.10
N THR G 122 -50.42 35.01 -56.71
CA THR G 122 -51.88 35.09 -56.61
C THR G 122 -52.40 33.83 -55.94
N PRO G 123 -53.30 33.95 -54.95
CA PRO G 123 -53.88 32.77 -54.30
C PRO G 123 -55.10 32.21 -55.04
N GLU G 124 -55.00 32.09 -56.36
CA GLU G 124 -56.10 31.66 -57.19
C GLU G 124 -55.59 30.65 -58.21
N GLU G 125 -54.88 29.64 -57.71
CA GLU G 125 -54.38 28.47 -58.44
C GLU G 125 -53.32 28.85 -59.46
N SER G 126 -52.94 30.12 -59.56
CA SER G 126 -52.02 30.61 -60.57
C SER G 126 -50.71 31.05 -59.92
N ALA G 127 -49.68 31.21 -60.76
CA ALA G 127 -48.42 31.77 -60.27
C ALA G 127 -48.53 33.28 -60.09
N TRP G 128 -48.78 33.99 -61.19
CA TRP G 128 -49.16 35.41 -61.13
C TRP G 128 -50.08 35.70 -62.30
N ILE G 129 -50.56 36.94 -62.37
CA ILE G 129 -51.44 37.36 -63.46
C ILE G 129 -50.61 37.73 -64.66
N TRP G 130 -51.06 37.31 -65.85
CA TRP G 130 -50.23 37.35 -67.03
C TRP G 130 -50.70 38.45 -67.97
N PRO G 131 -49.79 39.31 -68.47
CA PRO G 131 -50.13 40.32 -69.47
C PRO G 131 -50.28 39.72 -70.86
N LYS G 137 -51.09 32.54 -73.72
CA LYS G 137 -50.57 32.48 -72.36
C LYS G 137 -51.30 31.40 -71.56
N LEU G 138 -51.12 30.14 -71.97
CA LEU G 138 -51.80 29.03 -71.33
C LEU G 138 -51.21 28.75 -69.96
N TYR G 139 -52.08 28.63 -68.96
CA TYR G 139 -51.63 28.41 -67.59
C TYR G 139 -51.02 27.02 -67.43
N PHE G 140 -50.17 26.89 -66.42
CA PHE G 140 -49.47 25.64 -66.13
C PHE G 140 -49.83 25.16 -64.74
N ASP G 141 -49.86 23.84 -64.57
CA ASP G 141 -50.20 23.22 -63.30
C ASP G 141 -49.31 22.00 -63.10
N VAL G 142 -49.68 21.16 -62.13
CA VAL G 142 -48.85 20.02 -61.72
C VAL G 142 -48.98 18.89 -62.72
N ASN G 143 -48.11 17.88 -62.58
CA ASN G 143 -48.21 16.63 -63.34
C ASN G 143 -48.11 16.86 -64.85
N GLU G 144 -47.20 17.74 -65.25
CA GLU G 144 -46.97 17.98 -66.67
C GLU G 144 -45.54 18.46 -66.86
N LYS G 145 -45.06 18.36 -68.10
CA LYS G 145 -43.68 18.67 -68.42
C LYS G 145 -43.47 20.18 -68.36
N ILE G 146 -42.69 20.65 -67.38
CA ILE G 146 -42.39 22.06 -67.20
C ILE G 146 -40.90 22.25 -67.41
N ARG G 147 -40.55 23.14 -68.34
CA ARG G 147 -39.18 23.25 -68.82
C ARG G 147 -38.40 24.30 -68.04
N PHE G 148 -37.17 23.96 -67.67
CA PHE G 148 -36.33 24.83 -66.87
C PHE G 148 -34.88 24.43 -67.08
N ARG G 149 -33.97 25.35 -66.77
CA ARG G 149 -32.55 25.11 -66.91
C ARG G 149 -31.84 25.39 -65.60
N ILE G 150 -30.51 25.22 -65.61
CA ILE G 150 -29.69 25.17 -64.41
C ILE G 150 -28.53 26.14 -64.58
N GLU G 151 -28.25 26.92 -63.54
CA GLU G 151 -27.14 27.87 -63.57
C GLU G 151 -26.10 27.63 -62.49
N ARG G 152 -26.50 27.42 -61.25
CA ARG G 152 -25.56 27.20 -60.16
C ARG G 152 -26.09 26.11 -59.23
N GLU G 153 -25.27 25.79 -58.23
CA GLU G 153 -25.67 24.91 -57.14
C GLU G 153 -24.87 25.26 -55.90
N VAL G 154 -25.39 24.84 -54.75
CA VAL G 154 -24.72 25.05 -53.46
C VAL G 154 -24.60 23.72 -52.76
N PHE G 155 -23.36 23.32 -52.47
CA PHE G 155 -23.06 22.07 -51.78
C PHE G 155 -22.52 22.41 -50.39
N VAL G 156 -23.40 22.39 -49.40
CA VAL G 156 -23.03 22.64 -48.01
C VAL G 156 -23.50 21.46 -47.17
N ASP G 157 -22.65 21.03 -46.24
CA ASP G 157 -22.83 19.76 -45.54
C ASP G 157 -22.54 19.93 -44.05
N VAL G 158 -22.89 21.10 -43.51
CA VAL G 158 -22.57 21.40 -42.12
C VAL G 158 -23.45 20.57 -41.19
N LYS G 159 -22.93 20.25 -40.01
CA LYS G 159 -23.68 19.55 -38.97
C LYS G 159 -23.50 20.30 -37.65
N PRO G 160 -24.29 21.35 -37.41
CA PRO G 160 -24.26 22.01 -36.11
C PRO G 160 -25.16 21.31 -35.09
N LYS G 161 -24.61 20.30 -34.41
CA LYS G 161 -25.38 19.55 -33.44
C LYS G 161 -25.77 20.42 -32.26
N SER G 162 -27.00 20.26 -31.80
CA SER G 162 -27.50 21.01 -30.66
C SER G 162 -28.63 20.26 -29.95
N GLU G 189 -37.35 22.10 -42.78
CA GLU G 189 -36.22 21.18 -42.66
C GLU G 189 -35.05 21.64 -43.53
N LYS G 190 -35.33 21.86 -44.81
CA LYS G 190 -34.37 22.38 -45.78
C LYS G 190 -33.10 21.53 -45.79
N PRO G 191 -33.13 20.35 -46.42
CA PRO G 191 -31.90 19.57 -46.56
C PRO G 191 -30.88 20.29 -47.44
N PRO G 192 -29.73 20.67 -46.88
CA PRO G 192 -28.83 21.57 -47.60
C PRO G 192 -27.91 20.84 -48.56
N ALA G 193 -28.24 19.59 -48.89
CA ALA G 193 -27.31 18.74 -49.62
C ALA G 193 -27.25 19.11 -51.10
N TYR G 194 -28.38 18.99 -51.81
CA TYR G 194 -28.41 19.08 -53.27
C TYR G 194 -29.44 20.15 -53.65
N ALA G 195 -29.00 21.39 -53.73
CA ALA G 195 -29.86 22.52 -54.08
C ALA G 195 -29.35 23.18 -55.36
N LEU G 196 -30.27 23.48 -56.27
CA LEU G 196 -29.92 23.92 -57.61
C LEU G 196 -30.49 25.32 -57.87
N LEU G 197 -29.89 26.01 -58.82
CA LEU G 197 -30.33 27.33 -59.26
C LEU G 197 -30.98 27.22 -60.63
N GLY G 198 -32.18 27.79 -60.77
CA GLY G 198 -32.94 27.64 -61.99
C GLY G 198 -33.39 29.00 -62.53
N SER G 199 -33.94 28.95 -63.74
CA SER G 199 -34.35 30.18 -64.43
C SER G 199 -35.46 29.86 -65.42
N CYS G 200 -36.24 30.87 -65.73
CA CYS G 200 -37.31 30.77 -66.72
C CYS G 200 -37.33 32.05 -67.57
N GLN G 201 -36.15 32.48 -68.02
CA GLN G 201 -35.96 33.86 -68.41
C GLN G 201 -36.50 34.16 -69.81
N THR G 202 -36.37 33.22 -70.74
CA THR G 202 -36.77 33.47 -72.12
C THR G 202 -38.24 33.11 -72.32
N ASP G 203 -38.69 33.14 -73.57
CA ASP G 203 -40.05 32.73 -73.89
C ASP G 203 -40.20 31.22 -73.85
N GLY G 204 -41.45 30.77 -73.77
CA GLY G 204 -41.74 29.35 -73.70
C GLY G 204 -41.39 28.67 -72.39
N MET G 205 -41.12 29.42 -71.33
CA MET G 205 -40.60 28.86 -70.09
C MET G 205 -41.73 28.80 -69.06
N GLY G 206 -42.05 27.59 -68.60
CA GLY G 206 -43.17 27.38 -67.70
C GLY G 206 -44.02 26.20 -68.12
N LEU G 207 -43.96 25.88 -69.42
CA LEU G 207 -44.68 24.74 -69.97
C LEU G 207 -44.05 24.39 -71.31
N VAL G 208 -43.97 23.09 -71.60
CA VAL G 208 -43.44 22.62 -72.88
C VAL G 208 -44.51 22.59 -73.96
N SER G 209 -45.79 22.70 -73.60
CA SER G 209 -46.87 22.77 -74.57
C SER G 209 -47.06 24.16 -75.16
N TRP G 210 -46.27 25.15 -74.71
CA TRP G 210 -46.29 26.45 -75.35
C TRP G 210 -45.59 26.42 -76.71
N TRP G 211 -44.66 25.50 -76.90
CA TRP G 211 -44.02 25.27 -78.19
C TRP G 211 -44.38 23.88 -78.71
N GLU G 212 -43.95 23.62 -79.94
CA GLU G 212 -44.20 22.34 -80.62
C GLU G 212 -45.69 21.99 -80.63
N MET H 1 17.98 -82.04 -33.45
CA MET H 1 19.32 -82.51 -33.81
C MET H 1 20.02 -81.54 -34.75
N SER H 2 19.27 -80.97 -35.69
CA SER H 2 19.72 -79.79 -36.43
C SER H 2 19.39 -78.49 -35.72
N ASN H 3 18.67 -78.55 -34.59
CA ASN H 3 18.23 -77.35 -33.89
C ASN H 3 19.15 -76.95 -32.74
N THR H 4 20.03 -77.84 -32.29
CA THR H 4 20.93 -77.55 -31.18
C THR H 4 22.10 -76.72 -31.70
N LEU H 5 22.17 -75.46 -31.28
CA LEU H 5 23.24 -74.57 -31.70
C LEU H 5 24.44 -74.60 -30.76
N PHE H 6 24.28 -75.14 -29.55
CA PHE H 6 25.36 -75.21 -28.59
C PHE H 6 25.01 -76.26 -27.54
N ASP H 7 26.04 -76.95 -27.04
CA ASP H 7 25.85 -77.94 -25.99
C ASP H 7 27.19 -78.20 -25.31
N ASP H 8 27.20 -78.12 -23.98
CA ASP H 8 28.37 -78.49 -23.19
C ASP H 8 27.90 -78.93 -21.81
N ILE H 9 28.86 -79.33 -20.98
CA ILE H 9 28.61 -79.73 -19.60
C ILE H 9 29.54 -78.90 -18.71
N PHE H 10 28.95 -78.07 -17.85
CA PHE H 10 29.71 -77.18 -16.98
C PHE H 10 29.55 -77.59 -15.52
N GLN H 11 30.59 -77.31 -14.74
CA GLN H 11 30.52 -77.38 -13.28
C GLN H 11 30.41 -75.96 -12.72
N VAL H 12 29.43 -75.74 -11.84
CA VAL H 12 29.27 -74.40 -11.26
C VAL H 12 30.40 -74.12 -10.28
N SER H 13 30.60 -72.84 -9.98
CA SER H 13 31.67 -72.42 -9.07
C SER H 13 31.14 -71.87 -7.77
N GLU H 14 30.36 -70.79 -7.80
CA GLU H 14 29.75 -70.24 -6.59
C GLU H 14 28.40 -69.65 -6.93
N VAL H 15 27.56 -69.53 -5.90
CA VAL H 15 26.20 -69.03 -6.02
C VAL H 15 26.07 -67.80 -5.11
N ASP H 16 25.73 -66.66 -5.70
CA ASP H 16 25.65 -65.40 -4.96
C ASP H 16 24.23 -64.85 -4.98
N PRO H 17 23.47 -65.01 -3.89
CA PRO H 17 22.17 -64.32 -3.74
C PRO H 17 22.32 -62.97 -3.06
N GLY H 18 23.01 -62.05 -3.74
CA GLY H 18 23.29 -60.75 -3.17
C GLY H 18 22.12 -59.79 -3.15
N ARG H 19 21.58 -59.56 -1.96
CA ARG H 19 20.51 -58.60 -1.70
C ARG H 19 19.22 -58.91 -2.46
N TYR H 20 19.03 -60.16 -2.86
CA TYR H 20 17.76 -60.63 -3.40
C TYR H 20 17.24 -61.75 -2.51
N ASN H 21 16.11 -62.33 -2.92
CA ASN H 21 15.56 -63.49 -2.23
C ASN H 21 15.12 -64.62 -3.15
N LYS H 22 14.93 -64.37 -4.45
CA LYS H 22 14.37 -65.37 -5.35
C LYS H 22 15.14 -65.48 -6.66
N VAL H 23 16.12 -64.61 -6.90
CA VAL H 23 16.98 -64.69 -8.08
C VAL H 23 18.42 -64.56 -7.60
N CYS H 24 19.26 -65.51 -7.98
CA CYS H 24 20.67 -65.49 -7.62
C CYS H 24 21.52 -65.79 -8.85
N ARG H 25 22.71 -65.19 -8.87
CA ARG H 25 23.61 -65.33 -10.00
C ARG H 25 24.59 -66.46 -9.73
N ILE H 26 24.73 -67.36 -10.70
CA ILE H 26 25.62 -68.52 -10.55
C ILE H 26 26.83 -68.33 -11.46
N GLU H 27 27.94 -68.94 -11.07
CA GLU H 27 29.13 -69.03 -11.89
C GLU H 27 29.25 -70.44 -12.44
N ALA H 28 30.09 -70.60 -13.47
CA ALA H 28 30.22 -71.88 -14.14
C ALA H 28 31.68 -72.13 -14.46
N ALA H 29 31.99 -73.39 -14.73
CA ALA H 29 33.31 -73.80 -15.18
C ALA H 29 33.18 -75.06 -16.02
N SER H 30 33.75 -75.04 -17.21
CA SER H 30 33.68 -76.18 -18.11
C SER H 30 34.65 -77.26 -17.65
N THR H 31 34.13 -78.47 -17.46
CA THR H 31 34.96 -79.62 -17.15
C THR H 31 35.39 -80.41 -18.39
N THR H 32 34.94 -80.00 -19.58
CA THR H 32 35.34 -80.64 -20.82
C THR H 32 36.24 -79.73 -21.64
N GLN H 33 35.75 -78.54 -21.97
CA GLN H 33 36.60 -77.48 -22.49
C GLN H 33 37.37 -76.84 -21.34
N ASP H 34 38.52 -76.26 -21.64
CA ASP H 34 39.29 -75.52 -20.63
C ASP H 34 39.28 -74.02 -20.87
N GLN H 35 38.38 -73.52 -21.72
CA GLN H 35 38.36 -72.11 -22.07
C GLN H 35 37.04 -71.43 -21.74
N CYS H 36 35.91 -72.05 -22.07
CA CYS H 36 34.62 -71.41 -21.94
C CYS H 36 34.06 -71.53 -20.52
N LYS H 37 33.27 -70.53 -20.13
CA LYS H 37 32.51 -70.51 -18.89
C LYS H 37 31.48 -69.39 -19.00
N LEU H 38 30.45 -69.46 -18.16
CA LEU H 38 29.36 -68.49 -18.24
C LEU H 38 29.00 -67.96 -16.86
N THR H 39 28.17 -66.92 -16.87
CA THR H 39 27.45 -66.43 -15.71
C THR H 39 25.96 -66.44 -16.03
N LEU H 40 25.14 -66.68 -15.01
CA LEU H 40 23.71 -66.84 -15.27
C LEU H 40 22.93 -66.62 -13.98
N ASP H 41 21.70 -66.15 -14.14
CA ASP H 41 20.77 -65.95 -13.03
C ASP H 41 19.74 -67.07 -13.03
N ILE H 42 19.56 -67.70 -11.87
CA ILE H 42 18.71 -68.88 -11.75
C ILE H 42 17.71 -68.65 -10.61
N ASN H 43 16.42 -68.79 -10.93
CA ASN H 43 15.39 -68.89 -9.90
C ASN H 43 15.51 -70.23 -9.20
N VAL H 44 15.84 -70.20 -7.90
CA VAL H 44 16.08 -71.41 -7.14
C VAL H 44 14.90 -71.76 -6.23
N GLU H 45 13.73 -71.15 -6.45
CA GLU H 45 12.51 -71.59 -5.79
C GLU H 45 11.77 -72.66 -6.57
N LEU H 46 12.17 -72.92 -7.82
CA LEU H 46 11.65 -74.04 -8.59
C LEU H 46 12.75 -74.81 -9.31
N PHE H 47 14.00 -74.40 -9.16
CA PHE H 47 15.15 -75.14 -9.72
C PHE H 47 16.34 -74.91 -8.81
N PRO H 48 16.47 -75.72 -7.76
CA PRO H 48 17.53 -75.49 -6.79
C PRO H 48 18.90 -75.88 -7.34
N VAL H 49 19.92 -75.16 -6.89
CA VAL H 49 21.30 -75.36 -7.32
C VAL H 49 22.20 -75.30 -6.10
N ALA H 50 23.30 -76.04 -6.16
CA ALA H 50 24.36 -75.98 -5.15
C ALA H 50 25.70 -75.86 -5.85
N ALA H 51 26.68 -75.34 -5.11
CA ALA H 51 28.00 -75.10 -5.67
C ALA H 51 28.75 -76.40 -5.91
N GLN H 52 29.73 -76.33 -6.82
CA GLN H 52 30.56 -77.46 -7.22
C GLN H 52 29.69 -78.62 -7.72
N ASP H 53 28.74 -78.31 -8.59
CA ASP H 53 27.83 -79.29 -9.15
C ASP H 53 27.81 -79.17 -10.67
N SER H 54 27.66 -80.31 -11.33
CA SER H 54 27.77 -80.41 -12.78
C SER H 54 26.38 -80.60 -13.38
N LEU H 55 26.07 -79.82 -14.42
CA LEU H 55 24.76 -79.89 -15.06
C LEU H 55 24.94 -79.77 -16.57
N THR H 56 23.82 -79.79 -17.28
CA THR H 56 23.79 -79.69 -18.73
C THR H 56 23.42 -78.28 -19.15
N VAL H 57 24.24 -77.68 -20.02
CA VAL H 57 23.94 -76.39 -20.63
C VAL H 57 23.83 -76.60 -22.14
N THR H 58 22.68 -76.22 -22.71
CA THR H 58 22.40 -76.45 -24.12
C THR H 58 21.61 -75.28 -24.67
N ILE H 59 22.08 -74.71 -25.77
CA ILE H 59 21.42 -73.59 -26.44
C ILE H 59 20.92 -74.09 -27.78
N ALA H 60 19.63 -74.38 -27.87
CA ALA H 60 19.00 -74.74 -29.13
C ALA H 60 18.00 -73.64 -29.55
N SER H 61 17.26 -73.91 -30.61
CA SER H 61 16.30 -72.95 -31.16
C SER H 61 15.21 -73.70 -31.89
N SER H 62 13.96 -73.28 -31.68
CA SER H 62 12.78 -73.90 -32.30
C SER H 62 12.69 -75.39 -31.95
N LEU H 63 12.43 -75.63 -30.67
CA LEU H 63 12.51 -76.94 -30.05
C LEU H 63 11.39 -77.90 -30.49
N ASN H 64 10.60 -77.61 -31.52
CA ASN H 64 9.57 -78.55 -31.96
C ASN H 64 10.14 -79.83 -32.55
N LEU H 65 11.44 -79.87 -32.84
CA LEU H 65 12.18 -81.10 -33.16
C LEU H 65 11.83 -81.62 -34.54
N GLU H 66 10.85 -81.01 -35.21
CA GLU H 66 10.51 -81.37 -36.57
C GLU H 66 9.77 -80.21 -37.22
N ASP H 67 9.74 -80.24 -38.55
CA ASP H 67 9.14 -79.17 -39.35
C ASP H 67 9.71 -77.80 -39.00
N SER H 74 -1.79 -69.13 -35.26
CA SER H 74 -3.09 -69.24 -35.93
C SER H 74 -3.57 -67.88 -36.41
N ALA H 75 -2.65 -67.11 -37.01
CA ALA H 75 -2.92 -65.77 -37.52
C ALA H 75 -3.50 -64.87 -36.43
N THR H 76 -2.88 -64.92 -35.25
CA THR H 76 -3.28 -64.08 -34.14
C THR H 76 -2.19 -63.15 -33.64
N ARG H 77 -0.94 -63.32 -34.09
CA ARG H 77 0.22 -62.55 -33.67
C ARG H 77 0.52 -62.69 -32.19
N SER H 78 -0.17 -63.59 -31.48
CA SER H 78 0.06 -63.79 -30.07
C SER H 78 1.04 -64.94 -29.85
N TRP H 79 1.16 -65.41 -28.61
CA TRP H 79 1.84 -66.65 -28.29
C TRP H 79 0.81 -67.66 -27.77
N ARG H 80 0.99 -68.93 -28.16
CA ARG H 80 0.20 -69.99 -27.58
C ARG H 80 1.09 -71.16 -27.18
N PRO H 81 0.75 -71.86 -26.12
CA PRO H 81 1.53 -73.04 -25.71
C PRO H 81 1.19 -74.23 -26.60
N PRO H 82 2.10 -75.20 -26.70
CA PRO H 82 1.75 -76.45 -27.39
C PRO H 82 0.76 -77.28 -26.58
N GLN H 83 0.12 -78.21 -27.26
CA GLN H 83 -1.00 -78.95 -26.69
C GLN H 83 -0.49 -80.00 -25.70
N ALA H 84 -1.43 -80.77 -25.13
CA ALA H 84 -1.08 -81.72 -24.09
C ALA H 84 -0.25 -82.87 -24.66
N GLY H 85 -0.77 -83.56 -25.68
CA GLY H 85 -0.02 -84.61 -26.33
C GLY H 85 0.83 -84.08 -27.46
N ASP H 86 2.10 -83.78 -27.16
CA ASP H 86 3.04 -83.25 -28.15
C ASP H 86 4.45 -83.61 -27.71
N ARG H 87 5.05 -84.58 -28.40
CA ARG H 87 6.46 -84.85 -28.18
C ARG H 87 7.31 -83.73 -28.78
N SER H 88 8.37 -83.37 -28.06
CA SER H 88 9.20 -82.23 -28.45
C SER H 88 10.55 -82.38 -27.76
N LEU H 89 11.46 -81.45 -28.07
CA LEU H 89 12.76 -81.42 -27.42
C LEU H 89 12.61 -80.86 -26.00
N ALA H 90 13.56 -81.24 -25.14
CA ALA H 90 13.58 -80.82 -23.74
C ALA H 90 12.34 -81.30 -22.98
N ASP H 91 11.79 -82.45 -23.39
CA ASP H 91 10.89 -83.22 -22.54
C ASP H 91 11.64 -84.05 -21.51
N ASP H 92 12.97 -84.05 -21.56
CA ASP H 92 13.81 -84.78 -20.62
C ASP H 92 14.56 -83.88 -19.67
N TYR H 93 14.54 -82.57 -19.89
CA TYR H 93 15.35 -81.64 -19.11
C TYR H 93 14.54 -81.12 -17.92
N ASP H 94 15.00 -80.05 -17.29
CA ASP H 94 14.34 -79.58 -16.07
C ASP H 94 13.98 -78.10 -16.11
N TYR H 95 14.70 -77.30 -16.91
CA TYR H 95 14.63 -75.84 -16.75
C TYR H 95 15.07 -75.18 -18.05
N VAL H 96 14.10 -74.67 -18.82
CA VAL H 96 14.38 -73.97 -20.06
C VAL H 96 13.92 -72.52 -19.91
N MET H 97 14.48 -71.65 -20.73
CA MET H 97 14.22 -70.22 -20.63
C MET H 97 13.96 -69.60 -22.00
N TYR H 98 13.93 -68.27 -22.06
CA TYR H 98 13.67 -67.54 -23.29
C TYR H 98 14.33 -66.16 -23.21
N GLY H 99 14.88 -65.71 -24.33
CA GLY H 99 15.52 -64.42 -24.36
C GLY H 99 16.12 -64.17 -25.72
N THR H 100 16.68 -62.96 -25.89
CA THR H 100 17.32 -62.55 -27.11
C THR H 100 18.80 -62.26 -26.85
N ALA H 101 19.59 -62.30 -27.92
CA ALA H 101 20.94 -61.76 -27.89
C ALA H 101 20.91 -60.28 -28.21
N TYR H 102 21.85 -59.53 -27.64
CA TYR H 102 21.91 -58.10 -27.93
C TYR H 102 23.31 -57.55 -28.16
N LYS H 103 24.38 -58.20 -27.72
CA LYS H 103 25.71 -57.62 -27.81
C LYS H 103 26.75 -58.69 -28.10
N PHE H 104 27.45 -58.54 -29.21
CA PHE H 104 28.56 -59.41 -29.58
C PHE H 104 29.84 -58.58 -29.64
N GLU H 105 30.79 -58.89 -28.77
CA GLU H 105 32.07 -58.21 -28.77
C GLU H 105 33.16 -59.13 -28.25
N GLU H 106 34.39 -58.82 -28.60
CA GLU H 106 35.52 -59.70 -28.32
C GLU H 106 36.03 -59.49 -26.90
N VAL H 107 36.44 -60.60 -26.26
CA VAL H 107 37.18 -60.51 -25.01
C VAL H 107 38.64 -60.14 -25.26
N SER H 108 39.34 -60.99 -26.01
CA SER H 108 40.73 -60.78 -26.36
C SER H 108 40.92 -61.21 -27.81
N LYS H 109 42.17 -61.45 -28.20
CA LYS H 109 42.43 -62.19 -29.43
C LYS H 109 41.73 -63.55 -29.39
N ASP H 110 41.07 -63.89 -30.51
CA ASP H 110 40.25 -65.07 -30.75
C ASP H 110 39.45 -65.52 -29.53
N LEU H 111 38.92 -64.56 -28.77
CA LEU H 111 38.03 -64.83 -27.65
C LEU H 111 36.91 -63.80 -27.70
N ILE H 112 35.68 -64.25 -27.92
CA ILE H 112 34.56 -63.34 -28.09
C ILE H 112 33.53 -63.59 -27.00
N ALA H 113 32.83 -62.54 -26.60
CA ALA H 113 31.80 -62.60 -25.57
C ALA H 113 30.41 -62.54 -26.21
N VAL H 114 29.48 -63.28 -25.62
CA VAL H 114 28.12 -63.40 -26.11
C VAL H 114 27.17 -63.02 -24.98
N TYR H 115 26.26 -62.08 -25.26
CA TYR H 115 25.38 -61.51 -24.25
C TYR H 115 23.94 -61.86 -24.59
N TYR H 116 23.33 -62.70 -23.76
CA TYR H 116 21.90 -62.96 -23.79
C TYR H 116 21.22 -62.25 -22.62
N SER H 117 19.98 -61.81 -22.86
CA SER H 117 19.16 -61.18 -21.83
C SER H 117 17.79 -61.83 -21.85
N PHE H 118 17.45 -62.54 -20.78
CA PHE H 118 16.19 -63.27 -20.70
C PHE H 118 15.11 -62.44 -20.01
N GLY H 119 14.88 -61.22 -20.50
CA GLY H 119 13.95 -60.31 -19.87
C GLY H 119 14.49 -59.83 -18.54
N GLY H 120 15.68 -59.23 -18.56
CA GLY H 120 16.36 -58.77 -17.38
C GLY H 120 17.38 -59.76 -16.86
N LEU H 121 17.11 -61.06 -17.02
CA LEU H 121 18.02 -62.11 -16.59
C LEU H 121 19.13 -62.25 -17.63
N LEU H 122 20.38 -62.12 -17.20
CA LEU H 122 21.50 -61.97 -18.10
C LEU H 122 22.31 -63.25 -18.17
N MET H 123 23.11 -63.35 -19.23
CA MET H 123 24.08 -64.44 -19.36
C MET H 123 25.26 -63.95 -20.18
N ARG H 124 26.46 -64.04 -19.62
CA ARG H 124 27.69 -63.68 -20.30
C ARG H 124 28.62 -64.89 -20.30
N LEU H 125 28.86 -65.44 -21.48
CA LEU H 125 29.87 -66.48 -21.69
C LEU H 125 30.83 -66.05 -22.78
N GLU H 126 31.95 -66.77 -22.88
CA GLU H 126 32.94 -66.49 -23.90
C GLU H 126 33.40 -67.79 -24.54
N GLY H 127 33.73 -67.72 -25.82
CA GLY H 127 34.26 -68.84 -26.55
C GLY H 127 35.51 -68.52 -27.32
N ASN H 128 35.98 -69.48 -28.13
CA ASN H 128 37.19 -69.32 -28.93
C ASN H 128 36.92 -69.77 -30.36
N TYR H 129 35.82 -69.26 -30.92
CA TYR H 129 35.27 -69.60 -32.23
C TYR H 129 34.75 -71.04 -32.28
N ARG H 130 34.77 -71.77 -31.16
CA ARG H 130 34.00 -73.01 -31.07
C ARG H 130 32.51 -72.74 -31.18
N ASN H 131 32.04 -71.64 -30.61
CA ASN H 131 30.62 -71.27 -30.66
C ASN H 131 30.31 -70.49 -31.94
N LEU H 132 30.63 -71.10 -33.07
CA LEU H 132 30.48 -70.44 -34.36
C LEU H 132 29.01 -70.44 -34.81
N ASN H 133 28.24 -71.44 -34.38
CA ASN H 133 26.88 -71.60 -34.87
C ASN H 133 25.92 -70.56 -34.31
N ASN H 134 26.30 -69.87 -33.24
CA ASN H 134 25.37 -69.00 -32.52
C ASN H 134 25.33 -67.64 -33.20
N LEU H 135 24.33 -67.43 -34.04
CA LEU H 135 24.15 -66.15 -34.72
C LEU H 135 23.52 -65.13 -33.78
N LYS H 136 23.30 -63.93 -34.29
CA LYS H 136 22.57 -62.90 -33.57
C LYS H 136 21.07 -63.02 -33.84
N GLN H 137 20.53 -64.17 -33.45
CA GLN H 137 19.16 -64.53 -33.78
C GLN H 137 18.19 -63.84 -32.83
N GLU H 138 16.92 -63.79 -33.27
CA GLU H 138 15.85 -63.35 -32.37
C GLU H 138 15.66 -64.33 -31.22
N ASN H 139 15.37 -65.59 -31.52
CA ASN H 139 15.00 -66.56 -30.51
C ASN H 139 16.20 -67.42 -30.16
N ALA H 140 16.32 -67.76 -28.87
CA ALA H 140 17.19 -68.84 -28.43
C ALA H 140 16.71 -69.35 -27.08
N TYR H 141 16.67 -70.67 -26.93
CA TYR H 141 16.32 -71.29 -25.65
C TYR H 141 17.58 -71.86 -25.01
N LEU H 142 17.64 -71.78 -23.69
CA LEU H 142 18.55 -72.61 -22.90
C LEU H 142 17.87 -73.92 -22.49
N LEU H 143 18.68 -74.96 -22.37
CA LEU H 143 18.17 -76.32 -22.16
C LEU H 143 19.03 -76.99 -21.09
N ILE H 144 18.44 -77.27 -19.93
CA ILE H 144 19.19 -77.66 -18.74
C ILE H 144 18.49 -78.85 -18.10
N ARG H 145 19.20 -79.97 -18.00
CA ARG H 145 18.87 -81.01 -17.02
C ARG H 145 19.81 -80.89 -15.81
N ARG H 146 19.42 -81.56 -14.73
CA ARG H 146 20.22 -81.59 -13.52
C ARG H 146 21.44 -82.48 -13.70
N MET I 1 50.87 11.32 28.45
CA MET I 1 52.33 11.30 28.36
C MET I 1 52.97 11.55 29.73
N LEU I 2 52.22 11.21 30.79
CA LEU I 2 52.67 11.42 32.17
C LEU I 2 53.01 12.88 32.44
N SER I 3 52.29 13.79 31.77
CA SER I 3 52.48 15.23 31.96
C SER I 3 51.54 15.74 33.04
N PHE I 4 51.85 15.37 34.29
CA PHE I 4 51.09 15.82 35.44
C PHE I 4 51.84 16.96 36.13
N CYS I 5 51.16 18.09 36.32
CA CYS I 5 51.73 19.22 37.04
C CYS I 5 51.35 19.08 38.52
N PRO I 6 52.29 18.80 39.41
CA PRO I 6 51.95 18.56 40.81
C PRO I 6 51.35 19.78 41.50
N SER I 7 50.56 19.49 42.54
CA SER I 7 49.66 20.38 43.27
C SER I 7 48.41 20.75 42.47
N CYS I 8 48.36 20.38 41.19
CA CYS I 8 47.11 20.46 40.45
C CYS I 8 46.82 19.25 39.59
N ASN I 9 47.82 18.46 39.20
CA ASN I 9 47.67 17.22 38.44
C ASN I 9 47.00 17.43 37.09
N ASN I 10 47.10 18.64 36.54
CA ASN I 10 46.23 19.06 35.44
C ASN I 10 46.79 18.62 34.09
N MET I 11 47.95 19.18 33.72
CA MET I 11 48.51 19.03 32.38
C MET I 11 49.87 19.71 32.39
N LEU I 12 50.64 19.47 31.34
CA LEU I 12 51.74 20.34 30.98
C LEU I 12 51.56 20.88 29.56
N LEU I 13 52.37 21.88 29.21
CA LEU I 13 52.21 22.61 27.97
C LEU I 13 53.57 23.07 27.49
N ILE I 14 53.92 22.74 26.26
CA ILE I 14 55.15 23.23 25.65
C ILE I 14 54.96 24.71 25.31
N THR I 15 55.69 25.58 26.00
CA THR I 15 55.55 27.03 25.86
C THR I 15 56.75 27.59 25.11
N SER I 16 56.49 28.39 24.08
CA SER I 16 57.53 29.09 23.35
C SER I 16 58.09 30.20 24.25
N GLY I 17 59.21 29.91 24.91
CA GLY I 17 59.75 30.78 25.93
C GLY I 17 60.64 31.87 25.39
N ASP I 18 61.49 32.40 26.28
CA ASP I 18 62.37 33.50 25.92
C ASP I 18 63.49 33.03 24.99
N SER I 19 63.74 33.80 23.94
CA SER I 19 64.59 33.40 22.82
C SER I 19 64.15 32.07 22.23
N GLY I 20 62.83 31.84 22.20
CA GLY I 20 62.29 30.62 21.65
C GLY I 20 62.58 29.36 22.44
N VAL I 21 62.91 29.47 23.72
CA VAL I 21 63.29 28.30 24.49
C VAL I 21 62.07 27.40 24.69
N TYR I 22 62.28 26.09 24.61
CA TYR I 22 61.19 25.13 24.63
C TYR I 22 60.97 24.59 26.05
N THR I 23 60.76 25.53 26.97
CA THR I 23 60.40 25.17 28.34
C THR I 23 58.95 24.72 28.39
N LEU I 24 58.66 23.82 29.32
CA LEU I 24 57.32 23.28 29.50
C LEU I 24 56.68 23.93 30.72
N ALA I 25 55.50 24.53 30.52
CA ALA I 25 54.84 25.29 31.56
C ALA I 25 53.34 25.33 31.24
N CYS I 26 52.53 24.95 32.21
CA CYS I 26 51.09 24.79 32.01
C CYS I 26 50.34 26.06 32.38
N ARG I 27 49.13 26.17 31.85
CA ARG I 27 48.23 27.27 32.19
C ARG I 27 47.44 26.95 33.45
N SER I 28 46.85 27.99 34.03
CA SER I 28 46.04 27.91 35.26
C SER I 28 46.82 27.33 36.43
N CYS I 29 48.15 27.36 36.37
CA CYS I 29 49.00 26.93 37.47
C CYS I 29 50.39 27.54 37.34
N PRO I 30 50.88 28.26 38.34
CA PRO I 30 52.21 28.88 38.25
C PRO I 30 53.35 27.87 38.42
N TYR I 31 53.70 27.22 37.31
CA TYR I 31 54.71 26.17 37.32
C TYR I 31 55.48 26.20 36.01
N GLU I 32 56.78 25.92 36.08
CA GLU I 32 57.64 25.95 34.91
C GLU I 32 58.76 24.94 35.08
N PHE I 33 59.29 24.49 33.94
CA PHE I 33 60.35 23.50 33.89
C PHE I 33 60.94 23.44 32.49
N PRO I 34 62.25 23.19 32.35
CA PRO I 34 62.85 22.97 31.03
C PRO I 34 62.39 21.68 30.38
N MET J 1 -20.89 -35.42 24.14
CA MET J 1 -22.31 -35.64 24.30
C MET J 1 -22.62 -37.09 24.66
N ILE J 2 -23.72 -37.62 24.13
CA ILE J 2 -24.10 -38.99 24.39
C ILE J 2 -23.24 -39.94 23.57
N VAL J 3 -23.27 -41.21 23.96
CA VAL J 3 -22.44 -42.23 23.30
C VAL J 3 -22.94 -42.44 21.87
N PRO J 4 -22.05 -42.60 20.89
CA PRO J 4 -22.51 -42.98 19.55
C PRO J 4 -23.15 -44.36 19.55
N VAL J 5 -24.20 -44.50 18.74
CA VAL J 5 -25.04 -45.69 18.83
C VAL J 5 -24.33 -46.90 18.24
N ARG J 6 -23.61 -46.72 17.13
CA ARG J 6 -22.82 -47.78 16.53
C ARG J 6 -21.33 -47.47 16.66
N CYS J 7 -20.51 -48.46 16.33
CA CYS J 7 -19.09 -48.22 16.17
C CYS J 7 -18.81 -47.45 14.88
N PHE J 8 -17.64 -46.80 14.86
CA PHE J 8 -17.23 -46.03 13.69
C PHE J 8 -16.86 -46.93 12.52
N SER J 9 -16.13 -48.02 12.78
CA SER J 9 -15.57 -48.84 11.72
C SER J 9 -16.42 -50.05 11.35
N CYS J 10 -16.56 -51.00 12.28
CA CYS J 10 -17.40 -52.17 11.99
C CYS J 10 -18.88 -51.80 11.98
N GLY J 11 -19.41 -51.37 13.11
CA GLY J 11 -20.75 -50.83 13.17
C GLY J 11 -21.78 -51.69 13.87
N LYS J 12 -21.36 -52.61 14.74
CA LYS J 12 -22.28 -53.14 15.74
C LYS J 12 -22.63 -52.04 16.75
N VAL J 13 -23.83 -52.16 17.32
CA VAL J 13 -24.37 -51.09 18.15
C VAL J 13 -23.71 -51.15 19.53
N VAL J 14 -23.36 -49.99 20.07
CA VAL J 14 -23.06 -49.83 21.49
C VAL J 14 -23.88 -48.66 22.00
N GLY J 15 -25.10 -48.93 22.42
CA GLY J 15 -25.92 -47.91 23.07
C GLY J 15 -26.51 -48.44 24.36
N ASP J 16 -26.57 -49.77 24.47
CA ASP J 16 -27.04 -50.45 25.66
C ASP J 16 -25.93 -50.67 26.68
N LYS J 17 -24.71 -50.24 26.38
CA LYS J 17 -23.54 -50.62 27.16
C LYS J 17 -22.84 -49.46 27.84
N TRP J 18 -23.24 -48.21 27.58
CA TRP J 18 -22.66 -47.09 28.31
C TRP J 18 -23.14 -47.08 29.76
N GLU J 19 -24.43 -47.32 29.99
CA GLU J 19 -24.94 -47.39 31.36
C GLU J 19 -24.43 -48.64 32.06
N SER J 20 -24.26 -49.74 31.33
CA SER J 20 -23.69 -50.95 31.92
C SER J 20 -22.21 -50.78 32.24
N TYR J 21 -21.51 -49.96 31.48
CA TYR J 21 -20.11 -49.67 31.80
C TYR J 21 -19.99 -48.84 33.08
N LEU J 22 -20.92 -47.90 33.27
CA LEU J 22 -20.93 -47.12 34.51
C LEU J 22 -21.38 -47.98 35.68
N ASN J 23 -22.37 -48.84 35.46
CA ASN J 23 -22.88 -49.69 36.53
C ASN J 23 -21.87 -50.74 36.96
N LEU J 24 -20.93 -51.10 36.09
CA LEU J 24 -19.83 -52.00 36.40
C LEU J 24 -18.64 -51.29 37.03
N LEU J 25 -18.82 -50.05 37.51
CA LEU J 25 -17.72 -49.38 38.20
C LEU J 25 -18.14 -48.82 39.56
N GLN J 26 -19.41 -48.46 39.72
CA GLN J 26 -19.88 -48.09 41.06
C GLN J 26 -19.83 -49.30 41.97
N GLU J 27 -20.67 -50.30 41.69
CA GLU J 27 -20.52 -51.61 42.30
C GLU J 27 -19.49 -52.44 41.54
N ASP J 28 -18.91 -53.42 42.23
CA ASP J 28 -17.88 -54.29 41.67
C ASP J 28 -16.70 -53.48 41.14
N GLU J 29 -15.98 -52.88 42.09
CA GLU J 29 -14.76 -52.15 41.79
C GLU J 29 -13.77 -53.03 41.03
N LEU J 30 -13.53 -52.70 39.76
CA LEU J 30 -12.94 -53.63 38.80
C LEU J 30 -12.05 -52.85 37.86
N ASP J 31 -11.11 -53.56 37.24
CA ASP J 31 -10.29 -52.97 36.20
C ASP J 31 -11.13 -52.70 34.95
N GLU J 32 -10.84 -51.58 34.28
CA GLU J 32 -11.61 -51.19 33.10
C GLU J 32 -11.30 -52.08 31.91
N GLY J 33 -10.10 -52.65 31.84
CA GLY J 33 -9.77 -53.52 30.73
C GLY J 33 -10.51 -54.84 30.76
N THR J 34 -10.65 -55.44 31.95
CA THR J 34 -11.39 -56.68 32.11
C THR J 34 -12.89 -56.47 32.25
N ALA J 35 -13.34 -55.22 32.40
CA ALA J 35 -14.77 -54.96 32.62
C ALA J 35 -15.57 -55.14 31.33
N LEU J 36 -15.21 -54.39 30.29
CA LEU J 36 -15.95 -54.43 29.03
C LEU J 36 -15.64 -55.67 28.20
N SER J 37 -14.48 -56.29 28.41
CA SER J 37 -14.21 -57.58 27.78
C SER J 37 -15.12 -58.67 28.35
N ARG J 38 -15.46 -58.57 29.64
CA ARG J 38 -16.53 -59.39 30.19
C ARG J 38 -17.87 -59.05 29.55
N LEU J 39 -18.08 -57.77 29.23
CA LEU J 39 -19.36 -57.36 28.65
C LEU J 39 -19.49 -57.83 27.20
N GLY J 40 -18.37 -58.02 26.51
CA GLY J 40 -18.39 -58.62 25.19
C GLY J 40 -17.81 -57.76 24.09
N LEU J 41 -16.85 -56.88 24.43
CA LEU J 41 -16.21 -56.02 23.44
C LEU J 41 -14.87 -56.63 23.07
N LYS J 42 -14.91 -57.59 22.14
CA LYS J 42 -13.70 -58.28 21.72
C LYS J 42 -12.88 -57.42 20.75
N ARG J 43 -13.54 -56.75 19.82
CA ARG J 43 -12.85 -55.90 18.86
C ARG J 43 -12.39 -54.63 19.54
N TYR J 44 -11.14 -54.23 19.29
CA TYR J 44 -10.61 -53.03 19.90
C TYR J 44 -11.04 -51.76 19.18
N CYS J 45 -11.61 -51.87 17.98
CA CYS J 45 -12.31 -50.74 17.39
C CYS J 45 -13.56 -50.39 18.19
N CYS J 46 -14.20 -51.40 18.77
CA CYS J 46 -15.33 -51.18 19.68
C CYS J 46 -14.87 -50.67 21.04
N ARG J 47 -13.68 -51.08 21.48
CA ARG J 47 -13.23 -50.75 22.82
C ARG J 47 -12.90 -49.26 22.95
N ARG J 48 -12.40 -48.64 21.87
CA ARG J 48 -12.07 -47.22 21.93
C ARG J 48 -13.29 -46.32 21.87
N MET J 49 -14.46 -46.87 21.54
CA MET J 49 -15.67 -46.06 21.50
C MET J 49 -16.16 -45.67 22.89
N ILE J 50 -15.74 -46.40 23.92
CA ILE J 50 -16.20 -46.15 25.27
C ILE J 50 -15.07 -45.65 26.18
N LEU J 51 -13.83 -46.05 25.93
CA LEU J 51 -12.70 -45.50 26.68
C LEU J 51 -12.58 -44.00 26.45
N THR J 52 -12.56 -43.57 25.19
CA THR J 52 -12.29 -42.18 24.86
C THR J 52 -13.48 -41.27 25.03
N HIS J 53 -14.67 -41.81 25.29
CA HIS J 53 -15.91 -41.04 25.19
C HIS J 53 -16.05 -40.20 26.45
N VAL J 54 -15.69 -38.93 26.37
CA VAL J 54 -16.10 -37.98 27.40
C VAL J 54 -17.57 -37.67 27.22
N ASP J 55 -18.33 -37.70 28.31
CA ASP J 55 -19.78 -37.57 28.29
C ASP J 55 -20.14 -36.18 28.78
N LEU J 56 -20.19 -35.21 27.85
CA LEU J 56 -20.42 -33.83 28.21
C LEU J 56 -21.89 -33.50 28.40
N ILE J 57 -22.79 -34.44 28.08
CA ILE J 57 -24.22 -34.15 28.15
C ILE J 57 -24.71 -34.05 29.58
N GLU J 58 -23.98 -34.61 30.55
CA GLU J 58 -24.29 -34.34 31.95
C GLU J 58 -23.99 -32.89 32.32
N LYS J 59 -22.84 -32.38 31.87
CA LYS J 59 -22.45 -31.02 32.19
C LYS J 59 -23.23 -29.97 31.42
N PHE J 60 -23.83 -30.36 30.29
CA PHE J 60 -24.64 -29.41 29.52
C PHE J 60 -26.03 -29.23 30.13
N LEU J 61 -26.61 -30.28 30.70
CA LEU J 61 -28.00 -30.22 31.13
C LEU J 61 -28.20 -29.41 32.40
N ARG J 62 -27.13 -29.04 33.09
CA ARG J 62 -27.26 -28.15 34.24
C ARG J 62 -27.46 -26.70 33.85
N TYR J 63 -27.44 -26.38 32.55
CA TYR J 63 -27.71 -25.04 32.05
C TYR J 63 -29.08 -24.98 31.38
N ASN J 64 -30.06 -25.70 31.92
CA ASN J 64 -31.39 -25.71 31.34
C ASN J 64 -32.11 -24.41 31.62
N PRO J 65 -32.84 -23.85 30.64
CA PRO J 65 -33.56 -22.60 30.86
C PRO J 65 -34.87 -22.76 31.60
N LEU J 66 -35.21 -23.97 32.06
CA LEU J 66 -36.50 -24.26 32.65
C LEU J 66 -36.47 -24.31 34.16
N GLU J 67 -35.28 -24.17 34.77
CA GLU J 67 -35.12 -24.15 36.22
C GLU J 67 -35.67 -25.42 36.87
N PRO K 42 -37.09 -56.09 -23.92
CA PRO K 42 -36.19 -56.13 -22.76
C PRO K 42 -35.34 -54.85 -22.66
N ASP K 43 -34.38 -54.86 -21.74
CA ASP K 43 -33.55 -53.69 -21.48
C ASP K 43 -32.35 -53.66 -22.42
N ARG K 44 -31.78 -52.46 -22.56
CA ARG K 44 -30.55 -52.30 -23.33
C ARG K 44 -29.58 -51.34 -22.66
N GLU K 45 -29.80 -50.96 -21.41
CA GLU K 45 -28.86 -50.15 -20.63
C GLU K 45 -27.89 -51.04 -19.86
N LYS K 46 -27.25 -51.96 -20.59
CA LYS K 46 -26.43 -53.02 -20.02
C LYS K 46 -25.23 -53.29 -20.91
N ILE K 47 -24.70 -54.51 -20.84
CA ILE K 47 -23.56 -54.96 -21.64
C ILE K 47 -23.70 -54.51 -23.10
N LYS K 48 -22.63 -53.93 -23.63
CA LYS K 48 -22.72 -53.13 -24.85
C LYS K 48 -21.34 -53.10 -25.49
N LEU K 49 -21.19 -53.76 -26.64
CA LEU K 49 -19.88 -53.94 -27.24
C LEU K 49 -19.36 -52.62 -27.80
N LEU K 50 -18.08 -52.35 -27.57
CA LEU K 50 -17.45 -51.14 -28.08
C LEU K 50 -17.00 -51.37 -29.52
N THR K 51 -17.61 -50.62 -30.45
CA THR K 51 -17.27 -50.78 -31.87
C THR K 51 -15.88 -50.25 -32.19
N GLN K 52 -15.35 -49.32 -31.38
CA GLN K 52 -14.06 -48.71 -31.67
C GLN K 52 -12.90 -49.64 -31.36
N ALA K 53 -13.08 -50.59 -30.46
CA ALA K 53 -11.99 -51.43 -29.97
C ALA K 53 -12.31 -52.91 -30.15
N THR K 54 -12.90 -53.26 -31.29
CA THR K 54 -13.22 -54.64 -31.61
C THR K 54 -12.51 -55.05 -32.89
N SER K 55 -12.31 -56.35 -33.04
CA SER K 55 -11.75 -56.90 -34.26
C SER K 55 -12.82 -57.04 -35.33
N GLU K 56 -12.39 -57.35 -36.56
CA GLU K 56 -13.34 -57.56 -37.63
C GLU K 56 -14.18 -58.81 -37.40
N ASP K 57 -13.61 -59.82 -36.75
CA ASP K 57 -14.35 -60.99 -36.31
C ASP K 57 -14.67 -60.87 -34.82
N GLY K 58 -15.29 -61.91 -34.27
CA GLY K 58 -15.62 -61.90 -32.85
C GLY K 58 -14.49 -62.43 -31.98
N THR K 59 -13.26 -62.37 -32.50
CA THR K 59 -12.13 -62.90 -31.77
C THR K 59 -11.78 -62.03 -30.57
N SER K 60 -11.81 -60.71 -30.75
CA SER K 60 -11.51 -59.76 -29.69
C SER K 60 -12.60 -58.70 -29.63
N ALA K 61 -13.01 -58.37 -28.41
CA ALA K 61 -14.05 -57.37 -28.17
C ALA K 61 -13.82 -56.75 -26.80
N SER K 62 -14.63 -55.74 -26.49
CA SER K 62 -14.55 -55.09 -25.19
C SER K 62 -15.93 -54.55 -24.81
N PHE K 63 -16.47 -55.08 -23.71
CA PHE K 63 -17.83 -54.83 -23.29
C PHE K 63 -17.86 -53.88 -22.10
N GLN K 64 -18.99 -53.21 -21.93
CA GLN K 64 -19.12 -52.14 -20.95
C GLN K 64 -20.36 -52.41 -20.09
N ILE K 65 -20.14 -52.75 -18.83
CA ILE K 65 -21.20 -53.18 -17.93
C ILE K 65 -21.61 -51.99 -17.07
N VAL K 66 -22.90 -51.68 -17.06
CA VAL K 66 -23.44 -50.61 -16.24
C VAL K 66 -23.85 -51.17 -14.89
N GLU K 67 -23.59 -50.39 -13.83
CA GLU K 67 -24.17 -50.61 -12.51
C GLU K 67 -23.65 -51.89 -11.86
N GLU K 68 -22.39 -52.24 -12.11
CA GLU K 68 -21.76 -53.41 -11.49
C GLU K 68 -20.35 -53.06 -11.08
N ASP K 69 -20.04 -53.25 -9.80
CA ASP K 69 -18.74 -52.89 -9.25
C ASP K 69 -17.81 -54.11 -9.32
N HIS K 70 -16.72 -54.07 -8.55
CA HIS K 70 -15.76 -55.17 -8.46
C HIS K 70 -16.38 -56.47 -7.94
N THR K 71 -17.59 -56.43 -7.37
CA THR K 71 -18.23 -57.66 -6.90
C THR K 71 -18.50 -58.63 -8.04
N LEU K 72 -18.81 -58.14 -9.23
CA LEU K 72 -19.07 -59.01 -10.36
C LEU K 72 -17.82 -59.25 -11.19
N GLY K 73 -17.03 -58.21 -11.43
CA GLY K 73 -15.91 -58.32 -12.36
C GLY K 73 -14.81 -59.25 -11.87
N ASN K 74 -14.61 -59.30 -10.55
CA ASN K 74 -13.64 -60.23 -9.99
C ASN K 74 -14.13 -61.67 -10.08
N ALA K 75 -15.43 -61.90 -9.88
CA ALA K 75 -15.97 -63.25 -10.01
C ALA K 75 -16.00 -63.69 -11.47
N LEU K 76 -16.42 -62.79 -12.36
CA LEU K 76 -16.56 -63.14 -13.78
C LEU K 76 -15.20 -63.34 -14.45
N ARG K 77 -14.14 -62.72 -13.91
CA ARG K 77 -12.81 -62.95 -14.45
C ARG K 77 -12.35 -64.39 -14.22
N TYR K 78 -12.67 -64.96 -13.05
CA TYR K 78 -12.12 -66.27 -12.73
C TYR K 78 -12.85 -67.39 -13.44
N VAL K 79 -14.17 -67.25 -13.66
CA VAL K 79 -14.90 -68.31 -14.35
C VAL K 79 -14.56 -68.35 -15.83
N ILE K 80 -14.09 -67.24 -16.40
CA ILE K 80 -13.75 -67.22 -17.81
C ILE K 80 -12.35 -67.80 -18.03
N MET K 81 -11.42 -67.50 -17.12
CA MET K 81 -10.02 -67.88 -17.31
C MET K 81 -9.81 -69.39 -17.27
N LYS K 82 -10.76 -70.14 -16.71
CA LYS K 82 -10.66 -71.60 -16.74
C LYS K 82 -11.14 -72.20 -18.04
N ASN K 83 -11.63 -71.39 -18.98
CA ASN K 83 -11.80 -71.86 -20.35
C ASN K 83 -10.43 -72.04 -20.98
N PRO K 84 -10.13 -73.21 -21.55
CA PRO K 84 -8.84 -73.39 -22.23
C PRO K 84 -8.68 -72.58 -23.50
N ASP K 85 -9.75 -72.04 -24.05
CA ASP K 85 -9.65 -71.34 -25.33
C ASP K 85 -9.20 -69.89 -25.17
N VAL K 86 -9.52 -69.25 -24.04
CA VAL K 86 -9.27 -67.83 -23.89
C VAL K 86 -7.81 -67.60 -23.51
N GLU K 87 -7.25 -66.48 -23.98
CA GLU K 87 -5.90 -66.11 -23.62
C GLU K 87 -5.79 -64.83 -22.79
N PHE K 88 -6.84 -64.01 -22.78
CA PHE K 88 -6.74 -62.67 -22.18
C PHE K 88 -8.13 -62.21 -21.80
N CYS K 89 -8.39 -62.04 -20.50
CA CYS K 89 -9.69 -61.58 -20.03
C CYS K 89 -9.48 -60.80 -18.73
N GLY K 90 -9.41 -59.48 -18.84
CA GLY K 90 -9.26 -58.62 -17.67
C GLY K 90 -10.37 -57.58 -17.62
N TYR K 91 -10.46 -56.93 -16.46
CA TYR K 91 -11.48 -55.91 -16.23
C TYR K 91 -10.86 -54.72 -15.54
N SER K 92 -11.61 -53.63 -15.49
CA SER K 92 -11.14 -52.37 -14.90
C SER K 92 -12.34 -51.47 -14.68
N ILE K 93 -12.18 -50.55 -13.73
CA ILE K 93 -13.10 -49.43 -13.55
C ILE K 93 -12.44 -48.18 -14.11
N PRO K 94 -13.11 -47.41 -14.97
CA PRO K 94 -12.49 -46.20 -15.53
C PRO K 94 -12.32 -45.10 -14.49
N HIS K 95 -13.41 -44.76 -13.80
CA HIS K 95 -13.40 -43.64 -12.87
C HIS K 95 -14.45 -43.86 -11.78
N PRO K 96 -14.04 -43.87 -10.51
CA PRO K 96 -14.94 -44.35 -9.45
C PRO K 96 -16.10 -43.42 -9.13
N SER K 97 -16.11 -42.19 -9.66
CA SER K 97 -17.27 -41.33 -9.46
C SER K 97 -18.46 -41.81 -10.29
N GLU K 98 -18.25 -42.05 -11.58
CA GLU K 98 -19.27 -42.70 -12.39
C GLU K 98 -19.29 -44.20 -12.11
N ASN K 99 -20.33 -44.87 -12.60
CA ASN K 99 -20.65 -46.22 -12.18
C ASN K 99 -20.82 -47.09 -13.43
N LEU K 100 -19.70 -47.63 -13.93
CA LEU K 100 -19.73 -48.56 -15.04
C LEU K 100 -18.46 -49.40 -14.99
N LEU K 101 -18.55 -50.60 -15.57
CA LEU K 101 -17.43 -51.52 -15.62
C LEU K 101 -17.11 -51.86 -17.07
N ASN K 102 -15.82 -52.04 -17.36
CA ASN K 102 -15.37 -52.48 -18.68
C ASN K 102 -14.68 -53.82 -18.53
N ILE K 103 -15.26 -54.85 -19.15
CA ILE K 103 -14.64 -56.17 -19.20
C ILE K 103 -14.00 -56.36 -20.56
N ARG K 104 -12.76 -56.85 -20.56
CA ARG K 104 -12.02 -57.10 -21.79
C ARG K 104 -11.98 -58.61 -22.03
N ILE K 105 -12.14 -59.01 -23.29
CA ILE K 105 -12.09 -60.41 -23.66
C ILE K 105 -11.26 -60.56 -24.93
N GLN K 106 -10.41 -61.59 -24.95
CA GLN K 106 -9.49 -61.81 -26.07
C GLN K 106 -9.08 -63.27 -26.07
N THR K 107 -9.31 -63.96 -27.18
CA THR K 107 -9.12 -65.40 -27.25
C THR K 107 -8.44 -65.74 -28.58
N TYR K 108 -8.29 -67.04 -28.83
CA TYR K 108 -7.74 -67.50 -30.09
C TYR K 108 -8.84 -67.60 -31.13
N GLY K 109 -8.49 -68.09 -32.32
CA GLY K 109 -9.44 -68.14 -33.40
C GLY K 109 -10.42 -69.28 -33.37
N GLU K 110 -10.44 -70.08 -32.30
CA GLU K 110 -11.33 -71.23 -32.24
C GLU K 110 -12.77 -70.79 -32.09
N THR K 111 -13.09 -70.12 -30.99
CA THR K 111 -14.42 -69.61 -30.70
C THR K 111 -14.37 -68.09 -30.73
N THR K 112 -15.44 -67.47 -31.24
CA THR K 112 -15.59 -66.04 -31.09
C THR K 112 -15.79 -65.67 -29.62
N ALA K 113 -15.16 -64.57 -29.22
CA ALA K 113 -15.11 -64.21 -27.80
C ALA K 113 -16.47 -63.83 -27.25
N VAL K 114 -17.36 -63.31 -28.10
CA VAL K 114 -18.72 -63.04 -27.67
C VAL K 114 -19.45 -64.32 -27.27
N ASP K 115 -19.13 -65.43 -27.93
CA ASP K 115 -19.66 -66.72 -27.50
C ASP K 115 -19.00 -67.24 -26.23
N ALA K 116 -17.81 -66.76 -25.89
CA ALA K 116 -17.08 -67.33 -24.77
C ALA K 116 -17.64 -66.87 -23.44
N LEU K 117 -17.91 -65.57 -23.31
CA LEU K 117 -18.46 -65.07 -22.05
C LEU K 117 -19.93 -65.42 -21.90
N GLN K 118 -20.65 -65.63 -23.01
CA GLN K 118 -21.99 -66.20 -22.92
C GLN K 118 -21.93 -67.61 -22.35
N LYS K 119 -20.90 -68.38 -22.71
CA LYS K 119 -20.59 -69.59 -21.97
C LYS K 119 -20.07 -69.27 -20.58
N GLY K 120 -19.30 -68.18 -20.45
CA GLY K 120 -18.66 -67.89 -19.18
C GLY K 120 -19.65 -67.46 -18.11
N LEU K 121 -20.56 -66.55 -18.45
CA LEU K 121 -21.50 -66.07 -17.45
C LEU K 121 -22.72 -66.97 -17.32
N LYS K 122 -22.84 -67.98 -18.19
CA LYS K 122 -23.72 -69.11 -17.94
C LYS K 122 -23.08 -70.12 -16.99
N ASP K 123 -21.76 -70.13 -16.91
CA ASP K 123 -21.05 -71.19 -16.21
C ASP K 123 -21.01 -70.97 -14.70
N LEU K 124 -20.95 -69.73 -14.24
CA LEU K 124 -20.96 -69.48 -12.80
C LEU K 124 -22.36 -69.59 -12.22
N MET K 125 -23.39 -69.50 -13.07
CA MET K 125 -24.76 -69.73 -12.62
C MET K 125 -24.90 -71.15 -12.08
N ASP K 126 -24.22 -72.12 -12.71
CA ASP K 126 -24.16 -73.47 -12.15
C ASP K 126 -23.29 -73.50 -10.89
N LEU K 127 -22.25 -72.67 -10.84
CA LEU K 127 -21.37 -72.69 -9.68
C LEU K 127 -22.07 -72.13 -8.44
N CYS K 128 -23.00 -71.20 -8.64
CA CYS K 128 -23.80 -70.72 -7.52
C CYS K 128 -24.71 -71.82 -6.98
N ASP K 129 -25.12 -72.76 -7.83
CA ASP K 129 -26.03 -73.82 -7.42
C ASP K 129 -25.31 -74.87 -6.57
N VAL K 130 -24.10 -75.26 -6.97
CA VAL K 130 -23.43 -76.38 -6.32
C VAL K 130 -22.95 -75.98 -4.93
N VAL K 131 -22.76 -74.68 -4.68
CA VAL K 131 -22.51 -74.20 -3.32
C VAL K 131 -23.81 -74.17 -2.54
N GLU K 132 -24.90 -73.76 -3.19
CA GLU K 132 -26.19 -73.65 -2.50
C GLU K 132 -26.73 -75.03 -2.13
N SER K 133 -26.56 -76.02 -3.02
CA SER K 133 -27.07 -77.36 -2.73
C SER K 133 -26.28 -78.01 -1.60
N LYS K 134 -24.95 -77.87 -1.62
CA LYS K 134 -24.13 -78.48 -0.60
C LYS K 134 -24.34 -77.82 0.76
N PHE K 135 -24.60 -76.51 0.77
CA PHE K 135 -24.72 -75.78 2.03
C PHE K 135 -26.05 -76.07 2.71
N THR K 136 -27.15 -76.10 1.95
CA THR K 136 -28.47 -76.15 2.56
C THR K 136 -28.78 -77.53 3.13
N GLU K 137 -28.10 -78.58 2.67
CA GLU K 137 -28.30 -79.90 3.25
C GLU K 137 -27.55 -80.05 4.57
N LYS K 138 -26.46 -79.31 4.74
CA LYS K 138 -25.75 -79.28 6.02
C LYS K 138 -26.46 -78.43 7.05
N ILE K 139 -27.27 -77.46 6.61
CA ILE K 139 -28.08 -76.68 7.55
C ILE K 139 -29.19 -77.55 8.14
N LYS K 140 -29.94 -78.23 7.28
CA LYS K 140 -31.06 -79.04 7.75
C LYS K 140 -30.57 -80.24 8.56
N SER K 141 -29.41 -80.80 8.19
CA SER K 141 -28.82 -81.86 9.00
C SER K 141 -28.28 -81.31 10.31
N MET K 142 -27.57 -80.18 10.26
CA MET K 142 -26.91 -79.58 11.42
C MET K 142 -26.02 -80.58 12.13
N THR L 26 -50.18 -19.95 19.70
CA THR L 26 -49.37 -18.78 20.03
C THR L 26 -48.08 -19.20 20.73
N LEU L 27 -48.15 -19.29 22.06
CA LEU L 27 -47.00 -19.60 22.91
C LEU L 27 -45.84 -18.63 22.65
N LYS L 28 -46.11 -17.37 23.00
CA LYS L 28 -45.22 -16.28 22.62
C LYS L 28 -43.98 -16.20 23.51
N TYR L 29 -43.35 -15.02 23.52
CA TYR L 29 -42.04 -14.82 24.12
C TYR L 29 -41.96 -15.37 25.54
N ILE L 30 -40.88 -16.08 25.83
CA ILE L 30 -40.59 -16.59 27.16
C ILE L 30 -39.31 -15.94 27.67
N CYS L 31 -39.21 -15.80 28.98
CA CYS L 31 -38.06 -15.14 29.58
C CYS L 31 -36.87 -16.09 29.66
N ALA L 32 -35.71 -15.53 30.02
CA ALA L 32 -34.48 -16.32 30.11
C ALA L 32 -34.51 -17.24 31.33
N GLU L 33 -34.55 -16.66 32.53
CA GLU L 33 -34.53 -17.44 33.75
C GLU L 33 -35.82 -17.38 34.56
N CYS L 34 -36.66 -16.37 34.35
CA CYS L 34 -38.02 -16.42 34.86
C CYS L 34 -38.82 -17.52 34.18
N SER L 35 -38.55 -17.76 32.90
CA SER L 35 -39.07 -18.92 32.16
C SER L 35 -40.60 -18.97 32.21
N SER L 36 -41.23 -17.80 32.14
CA SER L 36 -42.67 -17.67 32.32
C SER L 36 -43.29 -17.37 30.96
N LYS L 37 -44.17 -18.26 30.51
CA LYS L 37 -44.84 -18.06 29.23
C LYS L 37 -45.75 -16.83 29.29
N LEU L 38 -45.57 -15.92 28.34
CA LEU L 38 -46.39 -14.72 28.27
C LEU L 38 -46.53 -14.29 26.82
N SER L 39 -47.56 -13.51 26.54
CA SER L 39 -47.80 -12.96 25.20
C SER L 39 -47.69 -11.45 25.29
N LEU L 40 -46.53 -10.92 24.92
CA LEU L 40 -46.34 -9.47 24.91
C LEU L 40 -47.19 -8.83 23.83
N SER L 41 -47.93 -7.78 24.20
CA SER L 41 -48.61 -6.95 23.22
C SER L 41 -47.63 -5.95 22.61
N ARG L 42 -47.82 -5.67 21.32
CA ARG L 42 -46.73 -5.12 20.52
C ARG L 42 -46.52 -3.63 20.79
N THR L 43 -45.26 -3.22 20.66
CA THR L 43 -44.83 -1.82 20.82
C THR L 43 -45.18 -1.27 22.21
N ASP L 44 -45.07 -2.10 23.23
CA ASP L 44 -45.51 -1.71 24.57
C ASP L 44 -44.40 -1.78 25.60
N ALA L 45 -43.71 -2.92 25.71
CA ALA L 45 -42.66 -3.11 26.68
C ALA L 45 -41.57 -3.99 26.05
N VAL L 46 -40.48 -4.19 26.79
CA VAL L 46 -39.42 -5.09 26.35
C VAL L 46 -39.03 -6.00 27.51
N ARG L 47 -39.47 -5.66 28.71
CA ARG L 47 -39.23 -6.50 29.87
C ARG L 47 -40.28 -7.59 29.98
N CYS L 48 -40.07 -8.51 30.91
CA CYS L 48 -41.04 -9.55 31.24
C CYS L 48 -41.74 -9.22 32.55
N LYS L 49 -42.83 -9.94 32.82
CA LYS L 49 -43.45 -9.88 34.13
C LYS L 49 -42.72 -10.79 35.11
N ASP L 50 -43.10 -10.70 36.38
CA ASP L 50 -42.64 -11.60 37.43
C ASP L 50 -41.14 -11.48 37.68
N CYS L 51 -40.46 -10.60 36.94
CA CYS L 51 -39.04 -10.33 37.08
C CYS L 51 -38.69 -9.14 36.23
N GLY L 52 -37.69 -8.38 36.66
CA GLY L 52 -37.24 -7.23 35.90
C GLY L 52 -36.20 -7.56 34.85
N HIS L 53 -36.05 -8.83 34.53
CA HIS L 53 -35.00 -9.26 33.60
C HIS L 53 -35.46 -9.01 32.18
N ARG L 54 -34.54 -8.57 31.33
CA ARG L 54 -34.90 -7.92 30.07
C ARG L 54 -34.32 -8.64 28.85
N ILE L 55 -34.08 -9.95 28.98
CA ILE L 55 -33.68 -10.79 27.86
C ILE L 55 -34.68 -11.94 27.77
N LEU L 56 -35.36 -12.05 26.63
CA LEU L 56 -36.43 -13.02 26.47
C LEU L 56 -36.34 -13.71 25.12
N LEU L 57 -36.75 -14.98 25.08
CA LEU L 57 -36.57 -15.84 23.92
C LEU L 57 -37.90 -16.08 23.25
N LYS L 58 -37.88 -16.23 21.92
CA LYS L 58 -39.01 -16.77 21.19
C LYS L 58 -39.07 -18.29 21.37
N ALA L 59 -40.27 -18.81 21.66
CA ALA L 59 -40.41 -20.24 21.84
C ALA L 59 -40.51 -20.93 20.47
N ARG L 60 -40.33 -22.25 20.48
CA ARG L 60 -40.41 -23.02 19.25
C ARG L 60 -41.85 -23.09 18.77
N THR L 61 -42.05 -23.03 17.46
CA THR L 61 -43.38 -23.15 16.89
C THR L 61 -43.96 -24.54 17.10
N LYS L 62 -45.27 -24.66 16.91
CA LYS L 62 -45.95 -25.94 16.83
C LYS L 62 -45.89 -26.55 15.44
N ARG L 63 -45.50 -25.76 14.43
CA ARG L 63 -45.61 -26.20 13.04
C ARG L 63 -44.68 -27.38 12.77
N LEU L 64 -45.17 -28.32 11.96
CA LEU L 64 -44.39 -29.50 11.61
C LEU L 64 -43.17 -29.10 10.77
N VAL L 65 -42.06 -29.77 11.01
CA VAL L 65 -40.86 -29.65 10.19
C VAL L 65 -40.38 -31.05 9.81
N GLN L 66 -39.62 -31.12 8.74
CA GLN L 66 -39.25 -32.39 8.11
C GLN L 66 -37.73 -32.49 8.06
N PHE L 67 -37.21 -33.68 8.29
CA PHE L 67 -35.78 -33.95 8.17
C PHE L 67 -35.57 -35.29 7.48
N GLU L 68 -34.31 -35.58 7.19
CA GLU L 68 -33.87 -36.89 6.75
C GLU L 68 -33.17 -37.61 7.92
N ALA L 69 -32.59 -38.77 7.64
CA ALA L 69 -31.97 -39.60 8.67
C ALA L 69 -30.62 -40.10 8.20
N ARG L 70 -29.87 -39.24 7.51
CA ARG L 70 -28.52 -39.58 7.08
C ARG L 70 -27.60 -38.37 7.16
N ILE M 71 42.19 -16.01 72.73
CA ILE M 71 43.21 -16.08 73.77
C ILE M 71 43.26 -14.77 74.53
N GLU M 72 43.67 -13.70 73.86
CA GLU M 72 43.65 -12.36 74.44
C GLU M 72 42.47 -11.57 73.87
N GLU M 73 41.96 -10.65 74.69
CA GLU M 73 40.90 -9.74 74.25
C GLU M 73 41.28 -8.31 74.59
N PHE M 74 41.06 -7.41 73.63
CA PHE M 74 41.31 -5.98 73.82
C PHE M 74 39.97 -5.25 73.82
N PRO M 75 39.45 -4.87 74.98
CA PRO M 75 38.12 -4.23 75.02
C PRO M 75 38.17 -2.81 74.49
N LEU M 76 37.12 -2.43 73.77
CA LEU M 76 36.96 -1.08 73.24
C LEU M 76 35.68 -0.47 73.77
N LYS M 77 35.73 0.83 74.05
CA LYS M 77 34.57 1.59 74.49
C LYS M 77 34.42 2.85 73.65
N ILE M 78 33.19 3.32 73.54
CA ILE M 78 32.89 4.55 72.81
C ILE M 78 32.89 5.70 73.82
N SER M 79 33.76 6.68 73.60
CA SER M 79 33.69 7.98 74.28
C SER M 79 33.62 9.09 73.23
N GLY M 80 32.42 9.36 72.74
CA GLY M 80 32.22 10.50 71.87
C GLY M 80 30.81 11.04 71.88
N GLU M 81 30.66 12.30 72.27
CA GLU M 81 29.45 13.08 72.03
C GLU M 81 29.85 14.54 71.82
N GLU M 82 28.89 15.33 71.35
CA GLU M 82 28.92 16.79 71.32
C GLU M 82 30.09 17.36 70.51
N GLU M 83 30.90 16.49 69.91
CA GLU M 83 32.05 16.93 69.12
C GLU M 83 31.93 16.34 67.71
N SER M 84 31.89 17.21 66.72
CA SER M 84 31.80 16.84 65.30
C SER M 84 33.13 17.13 64.63
N LEU M 85 33.82 16.08 64.21
CA LEU M 85 35.13 16.21 63.57
C LEU M 85 35.01 15.76 62.12
N HIS M 86 35.58 16.55 61.21
CA HIS M 86 35.57 16.27 59.79
C HIS M 86 36.96 15.84 59.32
N VAL M 87 36.98 14.94 58.34
CA VAL M 87 38.22 14.39 57.80
C VAL M 87 38.37 14.87 56.36
N PHE M 88 39.54 15.39 56.02
CA PHE M 88 39.83 15.97 54.72
C PHE M 88 40.58 14.95 53.86
N GLN M 89 40.35 15.02 52.55
CA GLN M 89 40.99 14.13 51.59
C GLN M 89 41.72 14.97 50.54
N TYR M 90 43.02 14.73 50.40
CA TYR M 90 43.88 15.48 49.48
C TYR M 90 44.12 14.61 48.25
N ALA M 91 43.49 14.98 47.13
CA ALA M 91 43.63 14.17 45.92
C ALA M 91 45.02 14.28 45.32
N ASN M 92 45.68 15.43 45.45
CA ASN M 92 47.01 15.59 44.89
C ASN M 92 48.07 14.88 45.73
N ARG M 93 47.96 14.94 47.05
CA ARG M 93 49.05 14.55 47.94
C ARG M 93 48.96 13.06 48.25
N PRO M 94 49.87 12.23 47.76
CA PRO M 94 49.78 10.78 47.99
C PRO M 94 50.27 10.42 49.39
N ARG M 95 50.14 9.13 49.72
CA ARG M 95 50.59 8.66 51.02
C ARG M 95 52.11 8.73 51.14
N LEU M 96 52.83 8.19 50.15
CA LEU M 96 54.26 8.01 50.24
C LEU M 96 54.95 8.60 49.03
N VAL M 97 56.26 8.80 49.16
CA VAL M 97 57.13 9.21 48.06
C VAL M 97 58.36 8.30 48.10
N GLY M 98 58.37 7.25 47.28
CA GLY M 98 59.50 6.36 47.19
C GLY M 98 59.76 5.56 48.44
N ARG M 99 58.74 4.83 48.90
CA ARG M 99 58.77 4.05 50.14
C ARG M 99 59.05 4.93 51.37
N LYS M 100 58.74 6.23 51.28
CA LYS M 100 58.90 7.15 52.39
C LYS M 100 57.60 7.94 52.54
N PRO M 101 56.98 7.95 53.72
CA PRO M 101 55.76 8.75 53.88
C PRO M 101 56.10 10.23 53.89
N ALA M 102 55.34 11.00 53.10
CA ALA M 102 55.59 12.43 52.96
C ALA M 102 54.96 13.16 54.15
N GLU M 103 54.90 14.49 54.05
CA GLU M 103 54.32 15.33 55.10
C GLU M 103 53.12 16.08 54.53
N HIS M 104 52.20 16.44 55.41
CA HIS M 104 51.07 17.24 54.98
C HIS M 104 51.54 18.67 54.68
N PRO M 105 50.95 19.33 53.69
CA PRO M 105 51.29 20.74 53.44
C PRO M 105 50.76 21.63 54.56
N PHE M 106 51.50 22.71 54.82
CA PHE M 106 51.20 23.58 55.96
C PHE M 106 50.02 24.47 55.61
N ILE M 107 48.98 24.42 56.42
CA ILE M 107 47.76 25.18 56.19
C ILE M 107 48.03 26.64 56.56
N SER M 108 48.05 27.52 55.56
CA SER M 108 48.24 28.94 55.82
C SER M 108 47.01 29.54 56.51
N ALA M 109 45.83 29.31 55.94
CA ALA M 109 44.59 29.83 56.51
C ALA M 109 43.46 28.86 56.18
N ALA M 110 42.32 29.08 56.82
CA ALA M 110 41.18 28.18 56.70
C ALA M 110 39.89 29.00 56.61
N ARG M 111 38.81 28.32 56.25
CA ARG M 111 37.55 28.96 55.92
C ARG M 111 36.45 27.92 56.04
N TYR M 112 35.32 28.33 56.63
CA TYR M 112 34.15 27.47 56.71
C TYR M 112 32.88 28.31 56.54
N LYS M 113 31.91 27.74 55.84
CA LYS M 113 30.62 28.38 55.59
C LYS M 113 29.50 27.47 56.11
N PRO M 114 28.83 27.83 57.18
CA PRO M 114 27.70 27.00 57.64
C PRO M 114 26.52 27.04 56.69
N LYS M 115 25.75 25.96 56.72
CA LYS M 115 24.58 25.69 55.89
C LYS M 115 24.95 25.38 54.43
N SER M 116 26.23 25.48 54.06
CA SER M 116 26.71 25.07 52.76
C SER M 116 27.96 24.23 52.81
N HIS M 117 28.70 24.24 53.92
CA HIS M 117 29.56 23.13 54.35
C HIS M 117 30.81 23.03 53.49
N LEU M 118 31.27 24.15 52.95
CA LEU M 118 32.46 24.19 52.12
C LEU M 118 33.71 24.30 52.98
N TRP M 119 34.87 24.09 52.34
CA TRP M 119 36.15 24.22 53.02
C TRP M 119 37.15 24.80 52.04
N GLU M 120 37.65 26.01 52.30
CA GLU M 120 38.64 26.64 51.44
C GLU M 120 39.96 26.74 52.21
N ILE M 121 40.77 25.70 52.11
CA ILE M 121 42.10 25.70 52.73
C ILE M 121 43.07 26.40 51.78
N ASP M 122 43.66 27.50 52.25
CA ASP M 122 44.70 28.16 51.47
C ASP M 122 46.05 27.50 51.72
N ILE M 123 46.88 27.47 50.67
CA ILE M 123 48.17 26.79 50.76
C ILE M 123 49.25 27.71 50.19
N PRO M 124 50.47 27.65 50.70
CA PRO M 124 51.60 28.29 50.00
C PRO M 124 52.34 27.34 49.05
N LEU M 125 52.62 27.80 47.83
CA LEU M 125 53.53 27.10 46.94
C LEU M 125 54.87 27.82 46.94
N ASP M 126 55.94 27.07 46.63
CA ASP M 126 57.27 27.58 46.91
C ASP M 126 57.66 28.69 45.94
N GLU M 127 58.73 29.38 46.29
CA GLU M 127 59.23 30.54 45.54
C GLU M 127 60.07 30.14 44.33
N GLN M 128 60.98 31.05 43.95
CA GLN M 128 61.57 31.24 42.63
C GLN M 128 61.74 29.97 41.80
N ALA M 129 62.21 28.91 42.45
CA ALA M 129 62.64 27.68 41.76
C ALA M 129 61.62 27.19 40.74
N PHE M 130 60.40 26.88 41.19
CA PHE M 130 59.38 26.36 40.27
C PHE M 130 58.12 27.23 40.26
N TYR M 131 58.27 28.53 40.50
CA TYR M 131 57.13 29.38 40.81
C TYR M 131 56.61 30.12 39.59
N ASN M 132 57.50 30.55 38.69
CA ASN M 132 57.17 31.32 37.50
C ASN M 132 56.43 32.61 37.86
N LYS M 133 57.16 33.50 38.53
CA LYS M 133 56.52 34.62 39.22
C LYS M 133 56.03 35.67 38.23
N ASP M 134 56.85 35.99 37.22
CA ASP M 134 56.60 37.18 36.42
C ASP M 134 55.32 37.03 35.58
N LYS M 135 55.07 35.83 35.07
CA LYS M 135 53.81 35.57 34.36
C LYS M 135 52.63 35.43 35.30
N ALA M 136 52.86 34.95 36.52
CA ALA M 136 51.75 34.66 37.44
C ALA M 136 51.07 35.93 37.92
N GLU M 137 51.85 36.96 38.25
CA GLU M 137 51.27 38.21 38.74
C GLU M 137 50.68 39.06 37.62
N SER M 138 50.94 38.73 36.35
CA SER M 138 50.52 39.61 35.26
C SER M 138 49.02 39.56 35.03
N GLU M 139 48.50 38.37 34.70
CA GLU M 139 47.08 38.27 34.34
C GLU M 139 46.18 38.36 35.57
N TRP M 140 46.32 37.42 36.51
CA TRP M 140 45.35 37.26 37.59
C TRP M 140 45.77 37.95 38.88
N ASN M 141 47.04 38.34 39.02
CA ASN M 141 47.51 39.16 40.13
C ASN M 141 47.34 38.49 41.48
N GLY M 142 47.22 37.17 41.50
CA GLY M 142 47.13 36.42 42.73
C GLY M 142 48.36 35.55 42.93
N VAL M 143 49.07 35.75 44.04
CA VAL M 143 50.39 35.16 44.25
C VAL M 143 50.38 34.34 45.54
N ASN M 144 51.06 33.20 45.48
CA ASN M 144 51.42 32.36 46.63
C ASN M 144 50.22 31.78 47.37
N VAL M 145 49.02 31.83 46.78
CA VAL M 145 47.82 31.34 47.43
C VAL M 145 47.13 30.37 46.48
N GLN M 146 47.02 29.10 46.88
CA GLN M 146 46.32 28.09 46.11
C GLN M 146 45.25 27.46 46.98
N THR M 147 44.00 27.84 46.78
CA THR M 147 42.90 27.34 47.58
C THR M 147 42.26 26.13 46.90
N LEU M 148 41.64 25.27 47.70
CA LEU M 148 41.05 24.03 47.20
C LEU M 148 39.74 23.78 47.93
N LYS M 149 38.70 23.45 47.18
CA LYS M 149 37.35 23.32 47.71
C LYS M 149 37.01 21.86 47.98
N GLY M 150 36.29 21.62 49.08
CA GLY M 150 35.76 20.31 49.37
C GLY M 150 34.44 20.38 50.13
N VAL M 151 33.46 19.62 49.67
CA VAL M 151 32.14 19.59 50.30
C VAL M 151 32.14 18.54 51.40
N GLY M 152 31.70 18.93 52.60
CA GLY M 152 31.60 17.99 53.70
C GLY M 152 30.44 17.04 53.56
N VAL M 153 30.72 15.76 53.33
CA VAL M 153 29.70 14.75 53.07
C VAL M 153 29.67 13.79 54.26
N GLU M 154 28.48 13.50 54.74
CA GLU M 154 28.31 12.62 55.89
C GLU M 154 27.97 11.21 55.45
N ASN M 155 28.16 10.26 56.37
CA ASN M 155 27.77 8.87 56.17
C ASN M 155 27.64 8.22 57.54
N ASN M 156 26.93 7.10 57.57
CA ASN M 156 26.79 6.37 58.82
C ASN M 156 27.98 5.43 59.03
N GLY M 157 28.17 5.00 60.27
CA GLY M 157 29.37 4.26 60.59
C GLY M 157 30.59 5.16 60.53
N GLN M 158 31.72 4.57 60.13
CA GLN M 158 32.96 5.30 59.86
C GLN M 158 33.43 6.09 61.09
N TYR M 159 33.77 5.35 62.14
CA TYR M 159 34.18 5.96 63.39
C TYR M 159 35.70 6.03 63.47
N ALA M 160 36.21 7.13 64.04
CA ALA M 160 37.63 7.30 64.24
C ALA M 160 38.05 6.75 65.60
N ALA M 161 39.31 6.36 65.70
CA ALA M 161 39.80 5.79 66.95
C ALA M 161 41.31 5.95 67.06
N PHE M 162 41.76 6.27 68.26
CA PHE M 162 43.17 6.18 68.63
C PHE M 162 43.38 4.91 69.43
N VAL M 163 44.53 4.28 69.26
CA VAL M 163 44.82 3.00 69.90
C VAL M 163 45.79 3.24 71.05
N LYS M 164 45.28 3.04 72.27
CA LYS M 164 46.08 3.06 73.49
C LYS M 164 46.86 1.74 73.59
N ASP M 165 47.83 1.68 74.49
CA ASP M 165 48.44 0.39 74.80
C ASP M 165 47.43 -0.48 75.54
N MET M 166 46.99 -1.55 74.88
CA MET M 166 46.02 -2.54 75.34
C MET M 166 44.60 -1.98 75.42
N GLN M 167 44.38 -0.73 75.00
CA GLN M 167 43.08 -0.10 75.02
C GLN M 167 42.84 0.62 73.69
N VAL M 168 41.58 0.90 73.40
CA VAL M 168 41.22 1.72 72.24
C VAL M 168 39.87 2.38 72.50
N TYR M 169 39.81 3.69 72.30
CA TYR M 169 38.60 4.47 72.46
C TYR M 169 38.15 5.01 71.11
N LEU M 170 36.84 5.19 70.96
CA LEU M 170 36.23 5.52 69.68
C LEU M 170 35.54 6.88 69.74
N VAL M 171 35.46 7.52 68.58
CA VAL M 171 34.74 8.79 68.44
C VAL M 171 33.95 8.71 67.13
N PRO M 172 32.70 9.14 67.09
CA PRO M 172 31.96 9.16 65.82
C PRO M 172 32.39 10.33 64.95
N ILE M 173 32.61 10.03 63.66
CA ILE M 173 32.96 11.05 62.68
C ILE M 173 31.68 11.64 62.11
N GLU M 174 31.55 12.97 62.18
CA GLU M 174 30.37 13.62 61.62
C GLU M 174 30.37 13.54 60.10
N ARG M 175 31.36 14.16 59.46
CA ARG M 175 31.37 14.29 58.01
C ARG M 175 32.77 13.96 57.50
N VAL M 176 32.87 13.73 56.18
CA VAL M 176 34.13 13.58 55.49
C VAL M 176 34.10 14.42 54.22
N ALA M 177 35.12 15.25 54.03
CA ALA M 177 35.24 16.08 52.85
C ALA M 177 36.27 15.52 51.88
N GLN M 178 36.11 15.90 50.61
CA GLN M 178 37.06 15.56 49.55
C GLN M 178 37.52 16.86 48.91
N LEU M 179 38.74 17.29 49.25
CA LEU M 179 39.22 18.63 48.89
C LEU M 179 39.77 18.58 47.47
N LYS M 180 39.08 19.25 46.54
CA LYS M 180 39.47 19.35 45.15
C LYS M 180 40.04 20.73 44.85
N PRO M 181 41.08 20.82 44.02
CA PRO M 181 41.72 22.12 43.77
C PRO M 181 40.78 23.12 43.14
N PHE M 182 40.60 24.24 43.84
CA PHE M 182 39.64 25.28 43.48
C PHE M 182 40.41 26.47 42.91
N PHE M 183 40.48 26.54 41.59
CA PHE M 183 41.20 27.63 40.92
C PHE M 183 40.40 28.92 41.06
N LYS M 184 40.77 29.74 42.04
CA LYS M 184 40.08 30.98 42.35
C LYS M 184 40.69 32.17 41.62
N TYR M 185 42.01 32.15 41.39
CA TYR M 185 42.68 33.28 40.75
C TYR M 185 42.33 33.35 39.27
N ILE M 186 42.17 32.20 38.62
CA ILE M 186 41.67 32.18 37.25
C ILE M 186 40.22 32.64 37.21
N ASP M 187 39.44 32.28 38.24
CA ASP M 187 38.06 32.74 38.32
C ASP M 187 38.00 34.25 38.55
N ASP M 188 38.79 34.76 39.52
CA ASP M 188 38.71 36.17 39.88
C ASP M 188 39.22 37.07 38.75
N ALA M 189 40.21 36.61 38.00
CA ALA M 189 40.65 37.34 36.82
C ALA M 189 39.56 37.38 35.75
N ASN M 190 38.73 36.35 35.69
CA ASN M 190 37.67 36.26 34.68
C ASN M 190 36.34 36.81 35.18
N VAL M 191 36.21 37.06 36.47
CA VAL M 191 35.13 37.92 36.97
C VAL M 191 35.34 39.35 36.50
N THR M 192 36.57 39.86 36.66
CA THR M 192 36.88 41.21 36.21
C THR M 192 36.88 41.31 34.69
N ARG M 193 37.24 40.24 33.99
CA ARG M 193 37.18 40.24 32.53
C ARG M 193 35.75 40.39 32.05
N LYS M 194 34.79 39.84 32.80
CA LYS M 194 33.38 40.16 32.56
C LYS M 194 33.11 41.64 32.80
N GLN M 195 33.78 42.24 33.79
CA GLN M 195 33.50 43.62 34.17
C GLN M 195 34.15 44.60 33.19
N GLU M 196 35.41 44.37 32.83
CA GLU M 196 36.12 45.34 31.99
C GLU M 196 35.63 45.30 30.55
N ASP M 197 35.03 44.20 30.11
CA ASP M 197 34.38 44.20 28.81
C ASP M 197 33.09 45.01 28.83
N ALA M 198 32.47 45.15 30.00
CA ALA M 198 31.23 45.90 30.15
C ALA M 198 31.47 47.39 30.35
N ARG M 199 32.73 47.80 30.46
CA ARG M 199 33.06 49.19 30.78
C ARG M 199 32.99 50.08 29.54
N ARG M 200 33.37 49.55 28.38
CA ARG M 200 33.57 50.38 27.20
C ARG M 200 32.23 50.74 26.56
N PRO M 201 31.33 49.77 26.25
CA PRO M 201 29.99 50.18 25.81
C PRO M 201 29.15 50.79 26.93
N PRO M 202 29.03 50.07 28.05
CA PRO M 202 28.52 50.59 29.31
C PRO M 202 27.06 51.02 29.23
N ASN M 203 26.49 51.03 28.03
CA ASN M 203 25.14 51.55 27.80
C ASN M 203 24.70 51.11 26.41
N PRO M 204 23.45 51.41 26.08
CA PRO M 204 22.91 51.12 24.75
C PRO M 204 21.85 52.14 24.36
N ARG M 226 8.63 28.38 39.87
CA ARG M 226 9.69 29.03 40.60
C ARG M 226 10.82 28.04 40.87
N LEU M 227 12.05 28.54 40.88
CA LEU M 227 13.22 27.67 40.98
C LEU M 227 13.32 27.05 42.38
N THR M 228 13.58 25.75 42.42
CA THR M 228 13.75 25.02 43.68
C THR M 228 14.51 23.74 43.39
N GLY M 229 14.99 23.10 44.45
CA GLY M 229 15.74 21.86 44.32
C GLY M 229 17.23 22.10 44.43
N SER M 230 17.98 21.62 43.43
CA SER M 230 19.44 21.66 43.51
C SER M 230 20.01 23.03 43.16
N LEU M 231 19.38 23.74 42.21
CA LEU M 231 19.84 25.07 41.88
C LEU M 231 19.47 26.09 42.95
N LEU M 232 18.51 25.77 43.83
CA LEU M 232 18.28 26.60 44.99
C LEU M 232 19.40 26.44 46.02
N ALA M 233 20.08 25.31 46.03
CA ALA M 233 21.20 25.09 46.93
C ALA M 233 22.46 25.84 46.51
N HIS M 234 22.51 26.38 45.30
CA HIS M 234 23.66 27.16 44.87
C HIS M 234 23.52 28.64 45.19
N LYS M 235 22.29 29.17 45.18
CA LYS M 235 22.07 30.58 45.49
C LYS M 235 22.15 30.89 46.98
N VAL M 236 22.18 29.87 47.84
CA VAL M 236 22.44 30.05 49.26
C VAL M 236 23.89 29.75 49.62
N ALA M 237 24.66 29.15 48.72
CA ALA M 237 26.04 28.78 49.00
C ALA M 237 27.03 29.89 48.68
N ASP M 238 26.67 30.83 47.82
CA ASP M 238 27.59 31.89 47.41
C ASP M 238 27.53 33.12 48.31
N GLU M 239 26.41 33.36 48.99
CA GLU M 239 26.22 34.55 49.82
C GLU M 239 25.84 34.12 51.23
N GLU M 240 26.85 33.98 52.09
CA GLU M 240 26.66 33.82 53.52
C GLU M 240 27.93 34.28 54.22
N ALA M 241 27.93 34.18 55.55
CA ALA M 241 29.04 34.68 56.34
C ALA M 241 30.24 33.75 56.23
N ASN M 242 31.42 34.33 56.01
CA ASN M 242 32.68 33.62 56.02
C ASN M 242 33.35 33.74 57.39
N ILE M 243 33.95 32.64 57.85
CA ILE M 243 34.56 32.57 59.17
C ILE M 243 36.01 32.15 58.98
N GLU M 244 36.94 33.01 59.40
CA GLU M 244 38.37 32.69 59.36
C GLU M 244 38.70 31.75 60.52
N LEU M 245 38.99 30.49 60.20
CA LEU M 245 39.35 29.53 61.23
C LEU M 245 40.83 29.68 61.60
N THR M 246 41.10 29.75 62.90
CA THR M 246 42.47 29.88 63.41
C THR M 246 43.13 28.50 63.34
N TRP M 247 43.90 28.26 62.28
CA TRP M 247 44.56 26.97 62.14
C TRP M 247 45.63 26.82 63.21
N ALA M 248 45.50 25.77 64.02
CA ALA M 248 46.40 25.51 65.14
C ALA M 248 46.72 24.03 65.16
N GLU M 249 47.74 23.66 65.94
CA GLU M 249 48.01 22.26 66.22
C GLU M 249 47.81 22.03 67.72
N GLY M 250 46.82 21.20 68.04
CA GLY M 250 46.40 21.02 69.43
C GLY M 250 46.25 19.58 69.83
N THR M 251 45.01 19.24 70.22
CA THR M 251 44.43 17.91 70.40
C THR M 251 45.05 17.15 71.57
N PHE M 252 46.10 17.69 72.19
CA PHE M 252 46.60 17.06 73.39
C PHE M 252 45.65 17.27 74.56
N GLU M 253 44.91 18.38 74.56
CA GLU M 253 43.78 18.54 75.47
C GLU M 253 42.65 17.57 75.11
N GLN M 254 42.39 17.40 73.81
CA GLN M 254 41.36 16.46 73.37
C GLN M 254 41.78 15.02 73.57
N PHE M 255 43.08 14.74 73.55
CA PHE M 255 43.54 13.40 73.93
C PHE M 255 43.24 13.11 75.41
N LYS M 256 43.32 14.14 76.26
CA LYS M 256 43.00 13.95 77.67
C LYS M 256 41.50 13.80 77.88
N ASP M 257 40.69 14.49 77.07
CA ASP M 257 39.25 14.53 77.30
C ASP M 257 38.60 13.19 77.04
N THR M 258 39.16 12.38 76.14
CA THR M 258 38.60 11.08 75.84
C THR M 258 38.90 10.06 76.93
N ILE M 259 40.09 10.15 77.55
CA ILE M 259 40.49 9.13 78.52
C ILE M 259 39.71 9.29 79.82
N VAL M 260 39.37 10.53 80.20
CA VAL M 260 38.70 10.76 81.46
C VAL M 260 37.24 10.30 81.42
N LYS M 261 36.65 10.24 80.22
CA LYS M 261 35.29 9.75 80.08
C LYS M 261 35.27 8.23 80.12
N GLU M 262 34.42 7.67 80.99
CA GLU M 262 34.31 6.23 81.14
C GLU M 262 33.33 5.65 80.12
N LYS N 274 38.99 -23.92 44.83
CA LYS N 274 39.11 -23.31 43.50
C LYS N 274 39.54 -21.85 43.61
N GLU N 275 39.01 -21.02 42.72
CA GLU N 275 39.25 -19.58 42.81
C GLU N 275 38.49 -18.93 43.96
N ALA N 276 37.43 -19.57 44.46
CA ALA N 276 36.71 -19.06 45.61
C ALA N 276 37.43 -19.33 46.92
N ALA N 277 38.49 -20.12 46.91
CA ALA N 277 39.34 -20.32 48.08
C ALA N 277 40.58 -19.44 48.06
N ALA N 278 40.71 -18.54 47.08
CA ALA N 278 41.89 -17.71 46.93
C ALA N 278 41.82 -16.43 47.76
N GLU N 279 40.87 -16.33 48.70
CA GLU N 279 40.75 -15.14 49.53
C GLU N 279 40.54 -15.44 51.00
N LEU N 280 40.24 -16.68 51.38
CA LEU N 280 40.24 -17.04 52.79
C LEU N 280 41.66 -17.07 53.34
N GLU N 281 42.65 -17.34 52.49
CA GLU N 281 44.04 -17.12 52.86
C GLU N 281 44.37 -15.63 52.90
N LEU N 282 43.75 -14.83 52.03
CA LEU N 282 43.83 -13.38 52.15
C LEU N 282 43.10 -12.90 53.41
N LEU N 283 42.06 -13.61 53.84
CA LEU N 283 41.45 -13.32 55.13
C LEU N 283 42.36 -13.66 56.29
N ASN N 284 43.29 -14.59 56.09
CA ASN N 284 44.37 -14.80 57.04
C ASN N 284 45.52 -13.83 56.84
N ALA N 285 45.77 -13.42 55.60
CA ALA N 285 46.89 -12.55 55.27
C ALA N 285 46.68 -11.09 55.65
N ASP N 286 45.56 -10.74 56.29
CA ASP N 286 45.36 -9.39 56.78
C ASP N 286 45.07 -9.33 58.28
N HIS N 287 44.63 -10.43 58.89
CA HIS N 287 44.54 -10.48 60.35
C HIS N 287 45.93 -10.39 60.98
N GLN N 288 46.93 -11.03 60.35
CA GLN N 288 48.32 -10.92 60.78
C GLN N 288 48.98 -9.64 60.31
N HIS N 289 48.34 -8.89 59.41
CA HIS N 289 48.88 -7.64 58.89
C HIS N 289 48.14 -6.42 59.42
N ILE N 290 47.07 -6.62 60.19
CA ILE N 290 46.48 -5.53 60.96
C ILE N 290 46.84 -5.63 62.45
N LEU N 291 47.22 -6.82 62.92
CA LEU N 291 47.71 -6.96 64.29
C LEU N 291 49.12 -6.41 64.44
N ARG N 292 49.94 -6.53 63.40
CA ARG N 292 51.25 -5.88 63.40
C ARG N 292 51.11 -4.36 63.46
N LYS N 293 50.15 -3.81 62.72
CA LYS N 293 49.89 -2.37 62.79
C LYS N 293 49.27 -2.00 64.13
N LEU N 294 48.52 -2.93 64.74
CA LEU N 294 48.00 -2.68 66.08
C LEU N 294 49.13 -2.58 67.09
N LYS N 295 50.15 -3.44 66.96
CA LYS N 295 51.18 -3.54 67.99
C LYS N 295 52.16 -2.37 67.91
N LYS N 296 52.46 -1.87 66.71
CA LYS N 296 53.40 -0.78 66.55
C LYS N 296 52.83 0.54 67.06
N MET N 297 51.50 0.66 67.10
CA MET N 297 50.82 1.90 67.47
C MET N 297 50.27 1.85 68.89
N ASN N 298 50.79 0.93 69.72
CA ASN N 298 50.46 0.94 71.15
C ASN N 298 51.05 2.15 71.86
N ASN N 299 52.08 2.77 71.29
CA ASN N 299 52.75 3.92 71.88
C ASN N 299 51.96 5.22 71.72
N LYS N 300 50.67 5.11 71.34
CA LYS N 300 49.68 6.17 71.18
C LYS N 300 50.22 7.50 70.65
N PRO N 301 51.06 7.49 69.59
CA PRO N 301 51.82 8.69 69.21
C PRO N 301 51.04 9.60 68.26
N GLU N 302 49.80 9.91 68.64
CA GLU N 302 48.84 10.62 67.79
C GLU N 302 48.64 9.90 66.45
N ARG N 303 48.39 8.60 66.52
CA ARG N 303 47.97 7.83 65.36
C ARG N 303 46.46 7.57 65.41
N PHE N 304 45.85 7.49 64.24
CA PHE N 304 44.41 7.26 64.12
C PHE N 304 44.16 6.14 63.14
N MET N 305 43.10 5.38 63.39
CA MET N 305 42.58 4.41 62.43
C MET N 305 41.07 4.51 62.36
N VAL N 306 40.54 4.62 61.13
CA VAL N 306 39.12 4.78 60.92
C VAL N 306 38.53 3.43 60.52
N PHE N 307 37.37 3.10 61.07
CA PHE N 307 36.69 1.85 60.76
C PHE N 307 35.19 2.01 60.98
N GLN N 308 34.42 1.27 60.21
CA GLN N 308 32.97 1.43 60.13
C GLN N 308 32.28 0.43 61.05
N LEU N 309 31.28 0.89 61.77
CA LEU N 309 30.52 0.03 62.68
C LEU N 309 29.16 -0.31 62.09
N PRO N 310 28.69 -1.54 62.29
CA PRO N 310 27.34 -1.90 61.85
C PRO N 310 26.29 -1.20 62.70
N THR N 311 25.51 -0.33 62.06
CA THR N 311 24.36 0.28 62.71
C THR N 311 23.15 -0.65 62.61
N ARG N 312 21.98 -0.12 62.96
CA ARG N 312 20.72 -0.87 63.00
C ARG N 312 20.86 -2.10 63.90
N LEU N 313 21.07 -1.82 65.18
CA LEU N 313 21.29 -2.88 66.15
C LEU N 313 19.98 -3.60 66.45
N PRO N 314 19.97 -4.94 66.47
CA PRO N 314 18.75 -5.70 66.77
C PRO N 314 18.42 -5.71 68.26
N VAL N 360 32.35 -1.00 73.34
CA VAL N 360 31.48 -1.83 74.17
C VAL N 360 32.02 -3.26 74.24
N GLY N 361 32.34 -3.82 73.08
CA GLY N 361 32.80 -5.20 72.99
C GLY N 361 34.27 -5.34 73.30
N SER N 362 34.89 -6.36 72.69
CA SER N 362 36.31 -6.63 72.88
C SER N 362 36.90 -7.15 71.58
N ILE N 363 37.98 -6.51 71.13
CA ILE N 363 38.77 -7.04 70.03
C ILE N 363 39.59 -8.22 70.55
N ARG N 364 39.37 -9.40 70.00
CA ARG N 364 40.02 -10.62 70.47
C ARG N 364 40.49 -11.44 69.28
N VAL N 365 41.48 -12.28 69.53
CA VAL N 365 41.98 -13.23 68.54
C VAL N 365 41.54 -14.63 68.97
N HIS N 366 41.13 -15.43 67.99
CA HIS N 366 40.80 -16.82 68.23
C HIS N 366 42.02 -17.71 67.98
N LYS N 367 41.80 -19.02 67.88
CA LYS N 367 42.90 -19.96 67.69
C LYS N 367 43.47 -19.84 66.28
N SER N 368 44.78 -19.60 66.20
CA SER N 368 45.53 -19.56 64.95
C SER N 368 44.98 -18.48 64.00
N GLY N 369 45.12 -17.22 64.44
CA GLY N 369 44.88 -16.09 63.57
C GLY N 369 43.45 -15.85 63.13
N LYS N 370 42.59 -15.46 64.07
CA LYS N 370 41.17 -15.29 63.77
C LYS N 370 40.62 -14.20 64.67
N LEU N 371 40.38 -13.01 64.11
CA LEU N 371 39.95 -11.85 64.87
C LEU N 371 38.43 -11.72 64.80
N SER N 372 37.83 -11.31 65.92
CA SER N 372 36.39 -11.09 65.98
C SER N 372 36.09 -10.17 67.16
N VAL N 373 34.89 -9.59 67.16
CA VAL N 373 34.39 -8.82 68.29
C VAL N 373 33.00 -9.31 68.64
N LYS N 374 32.57 -8.97 69.86
CA LYS N 374 31.22 -9.22 70.35
C LYS N 374 30.73 -7.88 70.91
N ILE N 375 30.16 -7.04 70.05
CA ILE N 375 29.84 -5.69 70.46
C ILE N 375 28.48 -5.58 71.14
N GLY N 376 27.55 -6.49 70.85
CA GLY N 376 26.26 -6.50 71.50
C GLY N 376 26.25 -7.40 72.73
N ASN N 377 25.05 -7.54 73.30
CA ASN N 377 24.88 -8.53 74.37
C ASN N 377 24.97 -9.95 73.83
N VAL N 378 24.42 -10.18 72.63
CA VAL N 378 24.51 -11.48 71.97
C VAL N 378 25.25 -11.36 70.65
N VAL N 379 25.18 -10.18 70.03
CA VAL N 379 25.56 -10.03 68.62
C VAL N 379 27.05 -10.27 68.45
N MET N 380 27.39 -11.28 67.67
CA MET N 380 28.77 -11.63 67.35
C MET N 380 29.13 -11.11 65.97
N ASP N 381 30.32 -10.53 65.84
CA ASP N 381 30.82 -10.03 64.56
C ASP N 381 32.18 -10.63 64.30
N ILE N 382 32.30 -11.42 63.23
CA ILE N 382 33.57 -12.05 62.90
C ILE N 382 34.38 -11.24 61.89
N GLY N 383 33.73 -10.45 61.04
CA GLY N 383 34.39 -9.90 59.88
C GLY N 383 35.33 -8.73 60.14
N LYS N 384 36.62 -8.94 59.86
CA LYS N 384 37.62 -7.86 59.89
C LYS N 384 38.51 -8.00 58.67
N GLY N 385 38.40 -7.06 57.73
CA GLY N 385 39.27 -7.10 56.57
C GLY N 385 39.73 -5.72 56.12
N ALA N 386 41.05 -5.52 56.09
CA ALA N 386 41.64 -4.24 55.68
C ALA N 386 41.56 -4.13 54.17
N GLU N 387 40.56 -3.40 53.66
CA GLU N 387 40.28 -3.36 52.23
C GLU N 387 40.26 -1.89 51.78
N THR N 388 41.35 -1.49 51.10
CA THR N 388 41.41 -0.34 50.21
C THR N 388 42.81 -0.32 49.61
N THR N 389 42.99 0.53 48.60
CA THR N 389 44.29 1.10 48.27
C THR N 389 44.19 2.62 48.33
N PHE N 390 45.16 3.25 49.00
CA PHE N 390 44.99 4.59 49.56
C PHE N 390 46.02 5.51 48.92
N LEU N 391 45.70 6.03 47.74
CA LEU N 391 46.59 6.98 47.06
C LEU N 391 46.08 8.40 47.29
N GLN N 392 46.13 8.81 48.55
CA GLN N 392 45.83 10.19 48.94
C GLN N 392 46.37 10.41 50.35
N ASP N 393 45.99 11.55 50.94
CA ASP N 393 46.25 11.85 52.34
C ASP N 393 44.94 12.21 53.03
N VAL N 394 44.84 11.85 54.30
CA VAL N 394 43.75 12.31 55.15
C VAL N 394 44.31 12.84 56.46
N ILE N 395 43.62 13.82 57.03
CA ILE N 395 43.89 14.29 58.38
C ILE N 395 42.56 14.58 59.07
N ALA N 396 42.48 14.24 60.35
CA ALA N 396 41.30 14.53 61.16
C ALA N 396 41.46 15.88 61.87
N LEU N 397 40.40 16.68 61.85
CA LEU N 397 40.36 17.91 62.61
C LEU N 397 38.96 18.11 63.20
N SER N 398 38.90 18.64 64.40
CA SER N 398 37.66 18.81 65.15
C SER N 398 37.19 20.25 65.09
N ILE N 399 35.94 20.46 64.68
CA ILE N 399 35.32 21.78 64.70
C ILE N 399 34.47 21.89 65.96
N ALA N 400 34.38 23.12 66.48
CA ALA N 400 33.67 23.36 67.73
C ALA N 400 32.98 24.73 67.63
N ASP N 401 31.68 24.71 67.34
CA ASP N 401 30.77 25.84 67.55
C ASP N 401 31.12 27.04 66.68
N ASP N 402 31.84 26.80 65.57
CA ASP N 402 32.16 27.82 64.58
C ASP N 402 32.90 29.00 65.22
N ALA N 403 34.10 28.71 65.71
CA ALA N 403 34.87 29.67 66.48
C ALA N 403 36.34 29.43 66.20
N SER N 404 37.22 29.90 67.10
CA SER N 404 38.65 29.63 66.99
C SER N 404 38.92 28.18 67.42
N SER N 405 38.51 27.26 66.55
CA SER N 405 38.43 25.84 66.89
C SER N 405 38.92 24.98 65.73
N ALA N 406 40.05 25.37 65.13
CA ALA N 406 40.65 24.60 64.04
C ALA N 406 41.95 23.99 64.57
N GLU N 407 41.86 22.76 65.08
CA GLU N 407 43.01 22.02 65.56
C GLU N 407 43.15 20.73 64.77
N LEU N 408 44.38 20.43 64.35
CA LEU N 408 44.63 19.25 63.52
C LEU N 408 45.04 18.09 64.43
N LEU N 409 44.32 16.98 64.33
CA LEU N 409 44.57 15.85 65.22
C LEU N 409 45.74 15.01 64.74
N GLY N 410 45.62 14.42 63.55
CA GLY N 410 46.68 13.59 63.01
C GLY N 410 46.24 12.81 61.78
N ARG N 411 47.21 12.32 61.01
CA ARG N 411 46.90 11.59 59.79
C ARG N 411 46.56 10.13 60.11
N VAL N 412 45.74 9.53 59.25
CA VAL N 412 45.21 8.20 59.47
C VAL N 412 46.04 7.20 58.68
N ASP N 413 46.51 6.15 59.36
CA ASP N 413 47.40 5.19 58.73
C ASP N 413 46.65 4.09 57.98
N GLY N 414 45.64 3.49 58.62
CA GLY N 414 44.99 2.33 58.06
C GLY N 414 43.49 2.41 58.23
N LYS N 415 42.79 1.62 57.40
CA LYS N 415 41.33 1.59 57.41
C LYS N 415 40.87 0.14 57.29
N ILE N 416 40.08 -0.30 58.26
CA ILE N 416 39.52 -1.64 58.28
C ILE N 416 37.99 -1.50 58.36
N VAL N 417 37.29 -2.63 58.22
CA VAL N 417 35.84 -2.64 58.30
C VAL N 417 35.41 -3.71 59.30
N VAL N 418 34.25 -3.49 59.91
CA VAL N 418 33.63 -4.46 60.81
C VAL N 418 32.29 -4.87 60.21
N THR N 419 32.12 -6.17 59.97
CA THR N 419 30.89 -6.69 59.40
C THR N 419 30.47 -7.95 60.14
N PRO N 420 29.17 -8.18 60.29
CA PRO N 420 28.69 -9.39 60.95
C PRO N 420 28.74 -10.59 60.01
N GLN N 421 28.54 -11.77 60.60
CA GLN N 421 28.31 -12.98 59.83
C GLN N 421 26.82 -13.19 59.61
N ILE N 422 26.49 -13.88 58.51
CA ILE N 422 25.11 -14.26 58.23
C ILE N 422 25.05 -15.73 57.83
N SER O 36 -12.17 36.60 -26.65
CA SER O 36 -10.96 36.94 -27.39
C SER O 36 -9.72 36.42 -26.66
N LEU O 37 -9.92 35.47 -25.75
CA LEU O 37 -8.85 35.05 -24.85
C LEU O 37 -7.74 34.31 -25.58
N GLU O 38 -8.02 33.74 -26.74
CA GLU O 38 -7.01 32.95 -27.45
C GLU O 38 -5.89 33.84 -27.99
N GLN O 39 -6.16 35.12 -28.24
CA GLN O 39 -5.11 36.05 -28.62
C GLN O 39 -4.49 36.77 -27.43
N ARG O 40 -5.28 37.01 -26.37
CA ARG O 40 -4.85 37.88 -25.29
C ARG O 40 -3.68 37.33 -24.48
N THR O 41 -3.37 36.04 -24.60
CA THR O 41 -2.44 35.39 -23.70
C THR O 41 -1.20 34.84 -24.40
N LEU O 42 -1.36 34.05 -25.45
CA LEU O 42 -0.27 33.23 -25.99
C LEU O 42 0.39 33.86 -27.20
N ASN O 43 0.54 35.18 -27.21
CA ASN O 43 1.03 35.87 -28.40
C ASN O 43 2.01 36.99 -28.02
N PRO O 44 3.29 36.85 -28.34
CA PRO O 44 4.19 38.00 -28.30
C PRO O 44 4.03 38.90 -29.52
N ASP O 45 4.98 39.82 -29.73
CA ASP O 45 4.99 40.68 -30.90
C ASP O 45 5.12 39.90 -32.22
N LEU O 46 5.26 38.57 -32.13
CA LEU O 46 5.04 37.74 -33.31
C LEU O 46 3.62 37.88 -33.82
N PHE O 47 2.66 38.12 -32.93
CA PHE O 47 1.30 38.46 -33.35
C PHE O 47 1.26 39.77 -34.13
N LEU O 48 2.19 40.68 -33.87
CA LEU O 48 2.28 41.89 -34.67
C LEU O 48 2.84 41.60 -36.06
N TYR O 49 3.90 40.81 -36.15
CA TYR O 49 4.66 40.73 -37.39
C TYR O 49 3.97 39.81 -38.41
N LYS O 50 3.31 38.76 -37.94
CA LYS O 50 2.50 37.93 -38.81
C LYS O 50 1.30 38.71 -39.36
N GLU O 51 0.81 39.69 -38.59
CA GLU O 51 -0.33 40.49 -39.02
C GLU O 51 0.06 41.47 -40.12
N LEU O 52 1.28 42.02 -40.06
CA LEU O 52 1.68 43.05 -41.02
C LEU O 52 1.81 42.46 -42.43
N VAL O 53 2.38 41.27 -42.54
CA VAL O 53 2.47 40.62 -43.85
C VAL O 53 1.12 40.08 -44.28
N LYS O 54 0.21 39.85 -43.33
CA LYS O 54 -1.17 39.53 -43.63
C LYS O 54 -1.98 40.78 -43.99
N ALA O 55 -1.54 41.95 -43.54
CA ALA O 55 -2.29 43.18 -43.73
C ALA O 55 -2.25 43.62 -45.19
N HIS O 56 -1.06 43.94 -45.72
CA HIS O 56 -0.89 44.37 -47.11
C HIS O 56 0.23 43.55 -47.75
N LEU O 57 -0.10 42.33 -48.14
CA LEU O 57 0.74 41.41 -48.89
C LEU O 57 -0.11 40.17 -49.14
N GLY O 58 0.41 39.26 -49.96
CA GLY O 58 -0.23 37.96 -50.12
C GLY O 58 -0.19 37.13 -48.86
N GLU O 59 -1.08 36.13 -48.82
CA GLU O 59 -1.19 35.25 -47.67
C GLU O 59 -0.02 34.28 -47.58
N ARG O 60 0.62 33.97 -48.71
CA ARG O 60 1.54 32.85 -48.79
C ARG O 60 2.83 33.07 -48.01
N ALA O 61 3.18 34.32 -47.70
CA ALA O 61 4.41 34.63 -46.99
C ALA O 61 4.20 34.82 -45.49
N ALA O 62 2.97 34.72 -45.00
CA ALA O 62 2.71 34.94 -43.58
C ALA O 62 3.31 33.83 -42.73
N SER O 63 3.30 32.59 -43.23
CA SER O 63 3.81 31.46 -42.46
C SER O 63 5.34 31.47 -42.38
N VAL O 64 6.00 31.87 -43.47
CA VAL O 64 7.46 31.72 -43.54
C VAL O 64 8.15 32.81 -42.73
N ILE O 65 7.60 34.02 -42.69
CA ILE O 65 8.25 35.09 -41.94
C ILE O 65 8.02 34.92 -40.44
N GLY O 66 6.96 34.21 -40.04
CA GLY O 66 6.84 33.78 -38.66
C GLY O 66 7.81 32.65 -38.32
N MET O 67 8.11 31.80 -39.30
CA MET O 67 8.92 30.61 -39.05
C MET O 67 10.37 30.94 -38.73
N LEU O 68 10.92 32.01 -39.33
CA LEU O 68 12.28 32.40 -39.00
C LEU O 68 12.38 32.95 -37.58
N VAL O 69 11.46 33.86 -37.22
CA VAL O 69 11.58 34.55 -35.95
C VAL O 69 11.18 33.64 -34.79
N ALA O 70 10.34 32.64 -35.05
CA ALA O 70 10.07 31.59 -34.08
C ALA O 70 11.26 30.62 -33.93
N LEU O 71 12.18 30.61 -34.90
CA LEU O 71 13.30 29.69 -34.88
C LEU O 71 14.66 30.36 -34.82
N GLY O 72 14.75 31.66 -35.07
CA GLY O 72 16.05 32.31 -35.19
C GLY O 72 16.51 32.37 -36.63
N ARG O 73 17.36 31.44 -37.03
CA ARG O 73 17.88 31.37 -38.39
C ARG O 73 17.60 29.99 -38.97
N LEU O 74 17.17 29.96 -40.22
CA LEU O 74 17.08 28.73 -40.99
C LEU O 74 17.24 29.07 -42.47
N SER O 75 17.98 28.23 -43.19
CA SER O 75 18.16 28.38 -44.62
C SER O 75 17.06 27.63 -45.38
N VAL O 76 17.17 27.63 -46.71
CA VAL O 76 16.09 27.14 -47.56
C VAL O 76 15.96 25.63 -47.44
N ARG O 77 17.08 24.92 -47.27
CA ARG O 77 17.09 23.47 -47.31
C ARG O 77 16.49 22.84 -46.06
N GLU O 78 16.30 23.60 -44.99
CA GLU O 78 15.48 23.18 -43.86
C GLU O 78 14.21 24.00 -43.70
N LEU O 79 13.98 24.98 -44.59
CA LEU O 79 12.76 25.79 -44.48
C LEU O 79 11.54 24.98 -44.87
N VAL O 80 11.64 24.18 -45.93
CA VAL O 80 10.46 23.57 -46.54
C VAL O 80 9.93 22.44 -45.66
N GLU O 81 10.81 21.79 -44.89
CA GLU O 81 10.37 20.69 -44.03
C GLU O 81 9.59 21.18 -42.82
N LYS O 82 9.94 22.37 -42.30
CA LYS O 82 9.23 22.89 -41.13
C LYS O 82 7.84 23.37 -41.51
N ILE O 83 7.70 24.05 -42.65
CA ILE O 83 6.42 24.55 -43.12
C ILE O 83 5.66 23.41 -43.80
N ASP O 84 4.38 23.63 -44.07
CA ASP O 84 3.54 22.63 -44.72
C ASP O 84 2.62 23.35 -45.69
N GLY O 85 2.66 22.94 -46.96
CA GLY O 85 1.77 23.47 -47.97
C GLY O 85 2.49 24.24 -49.07
N MET O 86 3.82 24.34 -49.02
CA MET O 86 4.61 25.07 -50.00
C MET O 86 5.79 24.23 -50.44
N ASP O 87 6.06 24.23 -51.74
CA ASP O 87 7.12 23.41 -52.32
C ASP O 87 8.44 24.16 -52.23
N VAL O 88 9.48 23.57 -52.82
CA VAL O 88 10.83 24.13 -52.72
C VAL O 88 10.94 25.40 -53.57
N ASP O 89 10.65 25.28 -54.86
CA ASP O 89 10.67 26.46 -55.72
C ASP O 89 9.47 27.36 -55.48
N SER O 90 8.41 26.85 -54.85
CA SER O 90 7.33 27.72 -54.40
C SER O 90 7.79 28.68 -53.30
N VAL O 91 8.74 28.24 -52.47
CA VAL O 91 9.35 29.16 -51.51
C VAL O 91 10.19 30.20 -52.23
N LYS O 92 11.01 29.76 -53.19
CA LYS O 92 11.84 30.70 -53.94
C LYS O 92 10.99 31.64 -54.79
N THR O 93 9.80 31.21 -55.20
CA THR O 93 8.83 32.14 -55.75
C THR O 93 8.37 33.16 -54.70
N THR O 94 8.17 32.70 -53.47
CA THR O 94 7.63 33.56 -52.42
C THR O 94 8.71 34.37 -51.72
N LEU O 95 9.90 33.80 -51.55
CA LEU O 95 10.95 34.47 -50.77
C LEU O 95 11.44 35.72 -51.48
N VAL O 96 11.40 35.75 -52.80
CA VAL O 96 11.87 36.91 -53.55
C VAL O 96 10.89 38.08 -53.44
N SER O 97 9.65 37.82 -53.00
CA SER O 97 8.69 38.90 -52.83
C SER O 97 9.08 39.80 -51.67
N LEU O 98 9.26 39.23 -50.48
CA LEU O 98 9.64 40.01 -49.32
C LEU O 98 11.12 40.38 -49.33
N THR O 99 11.93 39.75 -50.17
CA THR O 99 13.31 40.17 -50.37
C THR O 99 13.36 41.54 -51.04
N GLN O 100 12.41 41.82 -51.94
CA GLN O 100 12.41 43.09 -52.65
C GLN O 100 11.97 44.23 -51.74
N LEU O 101 11.01 43.98 -50.86
CA LEU O 101 10.50 45.00 -49.96
C LEU O 101 11.35 45.16 -48.70
N ARG O 102 12.55 44.57 -48.67
CA ARG O 102 13.48 44.67 -47.55
C ARG O 102 12.84 44.18 -46.25
N CYS O 103 12.32 42.95 -46.28
CA CYS O 103 11.72 42.34 -45.10
C CYS O 103 12.63 41.32 -44.44
N VAL O 104 13.67 40.85 -45.13
CA VAL O 104 14.69 39.99 -44.58
C VAL O 104 16.05 40.53 -44.98
N LYS O 105 17.10 40.00 -44.36
CA LYS O 105 18.48 40.34 -44.68
C LYS O 105 19.28 39.06 -44.79
N TYR O 106 19.87 38.83 -45.96
CA TYR O 106 20.46 37.54 -46.30
C TYR O 106 21.96 37.54 -46.05
N LEU O 107 22.55 36.35 -46.15
CA LEU O 107 23.96 36.14 -45.84
C LEU O 107 24.38 34.83 -46.49
N GLN O 108 25.67 34.69 -46.76
CA GLN O 108 26.21 33.47 -47.32
C GLN O 108 27.36 32.97 -46.46
N GLU O 109 27.44 31.65 -46.28
CA GLU O 109 28.51 31.02 -45.53
C GLU O 109 28.95 29.77 -46.26
N THR O 110 30.25 29.59 -46.45
CA THR O 110 30.79 28.40 -47.06
C THR O 110 31.53 27.57 -46.02
N ALA O 111 31.51 26.25 -46.22
CA ALA O 111 32.27 25.32 -45.40
C ALA O 111 33.50 24.83 -46.16
N ILE O 112 34.41 24.21 -45.42
CA ILE O 112 35.61 23.63 -46.05
C ILE O 112 35.22 22.50 -46.99
N SER O 113 34.39 21.58 -46.51
CA SER O 113 33.91 20.47 -47.32
C SER O 113 32.58 20.77 -47.99
N GLY O 114 31.78 21.69 -47.42
CA GLY O 114 30.46 21.96 -47.93
C GLY O 114 30.43 23.00 -49.03
N LYS O 115 29.26 23.12 -49.67
CA LYS O 115 29.08 24.07 -50.75
C LYS O 115 28.71 25.44 -50.18
N LYS O 116 28.27 26.34 -51.05
CA LYS O 116 27.79 27.66 -50.64
C LYS O 116 26.44 27.53 -49.96
N THR O 117 26.40 27.80 -48.66
CA THR O 117 25.17 27.72 -47.88
C THR O 117 24.68 29.14 -47.59
N THR O 118 23.40 29.39 -47.86
CA THR O 118 22.81 30.71 -47.77
C THR O 118 21.98 30.81 -46.49
N TYR O 119 22.65 31.12 -45.38
CA TYR O 119 21.94 31.39 -44.14
C TYR O 119 21.21 32.73 -44.24
N TYR O 120 19.92 32.72 -43.96
CA TYR O 120 19.07 33.90 -44.06
C TYR O 120 18.70 34.40 -42.67
N TYR O 121 18.87 35.69 -42.44
CA TYR O 121 18.56 36.33 -41.17
C TYR O 121 17.26 37.11 -41.32
N TYR O 122 16.90 37.86 -40.28
CA TYR O 122 15.62 38.56 -40.21
C TYR O 122 15.87 40.06 -40.09
N ASN O 123 15.06 40.84 -40.81
CA ASN O 123 15.12 42.29 -40.77
C ASN O 123 14.08 42.82 -39.80
N GLU O 124 14.49 43.72 -38.92
CA GLU O 124 13.59 44.35 -37.97
C GLU O 124 13.09 45.71 -38.42
N GLU O 125 13.98 46.55 -38.98
CA GLU O 125 13.63 47.92 -39.30
C GLU O 125 12.96 48.05 -40.67
N GLY O 126 13.13 47.06 -41.55
CA GLY O 126 12.52 47.13 -42.87
C GLY O 126 11.01 47.05 -42.84
N ILE O 127 10.44 46.37 -41.83
CA ILE O 127 8.99 46.34 -41.67
C ILE O 127 8.45 47.52 -40.88
N HIS O 128 9.32 48.30 -40.23
CA HIS O 128 8.86 49.54 -39.61
C HIS O 128 8.51 50.59 -40.66
N ILE O 129 9.12 50.51 -41.85
CA ILE O 129 8.64 51.27 -42.99
C ILE O 129 7.18 50.94 -43.28
N LEU O 130 6.86 49.64 -43.33
CA LEU O 130 5.48 49.23 -43.53
C LEU O 130 4.58 49.67 -42.38
N LEU O 131 5.14 49.81 -41.17
CA LEU O 131 4.36 50.24 -40.03
C LEU O 131 4.13 51.76 -40.06
N TYR O 132 5.16 52.52 -40.43
CA TYR O 132 5.13 53.97 -40.38
C TYR O 132 4.59 54.59 -41.66
N SER O 133 4.09 53.79 -42.59
CA SER O 133 4.09 54.15 -44.01
C SER O 133 3.23 55.37 -44.29
N GLY O 134 2.21 55.62 -43.47
CA GLY O 134 1.45 56.84 -43.61
C GLY O 134 2.14 58.06 -43.04
N LEU O 135 2.97 57.88 -42.00
CA LEU O 135 3.54 59.03 -41.31
C LEU O 135 4.72 59.65 -42.04
N ILE O 136 5.30 58.94 -43.03
CA ILE O 136 6.30 59.58 -43.87
C ILE O 136 5.65 60.54 -44.84
N ILE O 137 4.40 60.27 -45.23
CA ILE O 137 3.69 61.15 -46.15
C ILE O 137 3.45 62.50 -45.52
N ASP O 138 3.08 62.52 -44.24
CA ASP O 138 2.95 63.76 -43.50
C ASP O 138 4.27 64.20 -42.85
N GLU O 139 5.37 63.55 -43.20
CA GLU O 139 6.70 64.04 -42.84
C GLU O 139 7.37 64.78 -43.99
N ILE O 140 7.03 64.43 -45.23
CA ILE O 140 7.52 65.18 -46.39
C ILE O 140 6.93 66.59 -46.39
N ILE O 141 5.65 66.72 -46.03
CA ILE O 141 4.98 68.02 -46.06
C ILE O 141 5.51 68.92 -44.95
N THR O 142 5.63 68.39 -43.74
CA THR O 142 5.95 69.21 -42.57
C THR O 142 7.44 69.52 -42.44
N GLN O 143 8.31 68.78 -43.13
CA GLN O 143 9.73 69.09 -43.10
C GLN O 143 10.21 69.84 -44.35
N MET O 144 9.67 69.51 -45.52
CA MET O 144 9.91 70.28 -46.74
C MET O 144 8.93 71.44 -46.77
N ARG O 145 9.29 72.51 -46.07
CA ARG O 145 8.53 73.76 -46.08
C ARG O 145 9.43 74.85 -46.67
N VAL O 146 9.49 74.88 -48.00
CA VAL O 146 9.97 76.02 -48.77
C VAL O 146 8.88 76.31 -49.80
N ASN O 147 8.14 75.28 -50.17
CA ASN O 147 7.16 75.30 -51.24
C ASN O 147 5.80 75.73 -50.70
N ASP O 148 5.01 76.36 -51.57
CA ASP O 148 3.63 76.67 -51.26
C ASP O 148 2.85 76.76 -52.57
N GLU O 149 1.69 76.11 -52.58
CA GLU O 149 0.83 76.02 -53.77
C GLU O 149 1.60 75.44 -54.95
N GLU O 150 2.25 74.30 -54.71
CA GLU O 150 2.98 73.59 -55.75
C GLU O 150 2.10 72.51 -56.38
N GLU O 151 2.37 72.21 -57.64
CA GLU O 151 1.58 71.25 -58.40
C GLU O 151 2.25 69.88 -58.47
N HIS O 152 3.31 69.65 -57.69
CA HIS O 152 3.80 68.31 -57.38
C HIS O 152 3.36 67.85 -55.99
N LYS O 153 2.35 68.50 -55.40
CA LYS O 153 1.83 68.06 -54.12
C LYS O 153 1.28 66.63 -54.20
N GLN O 154 0.51 66.34 -55.25
CA GLN O 154 0.09 64.96 -55.49
C GLN O 154 1.27 64.08 -55.93
N LEU O 155 2.28 64.68 -56.57
CA LEU O 155 3.39 63.89 -57.09
C LEU O 155 4.43 63.58 -56.02
N VAL O 156 4.74 64.53 -55.14
CA VAL O 156 5.76 64.27 -54.13
C VAL O 156 5.26 63.29 -53.07
N ALA O 157 3.95 63.15 -52.91
CA ALA O 157 3.40 62.07 -52.11
C ALA O 157 3.41 60.73 -52.82
N GLU O 158 3.44 60.74 -54.16
CA GLU O 158 3.45 59.51 -54.93
C GLU O 158 4.83 58.86 -54.96
N ILE O 159 5.90 59.64 -54.81
CA ILE O 159 7.24 59.09 -54.94
C ILE O 159 7.61 58.26 -53.71
N VAL O 160 7.17 58.70 -52.52
CA VAL O 160 7.34 57.87 -51.33
C VAL O 160 6.51 56.59 -51.46
N GLN O 161 5.35 56.68 -52.11
CA GLN O 161 4.58 55.49 -52.46
C GLN O 161 5.20 54.71 -53.61
N ASN O 162 6.19 55.28 -54.29
CA ASN O 162 6.87 54.62 -55.39
C ASN O 162 8.24 54.07 -55.02
N VAL O 163 8.95 54.72 -54.10
CA VAL O 163 10.36 54.44 -53.92
C VAL O 163 10.58 53.13 -53.16
N ILE O 164 9.64 52.74 -52.29
CA ILE O 164 9.83 51.56 -51.45
C ILE O 164 8.66 50.59 -51.50
N SER O 165 7.47 51.00 -51.95
CA SER O 165 6.39 50.04 -52.13
C SER O 165 6.62 49.14 -53.32
N LEU O 166 7.34 49.63 -54.33
CA LEU O 166 7.83 48.79 -55.42
C LEU O 166 9.12 48.06 -55.08
N GLY O 167 9.67 48.30 -53.89
CA GLY O 167 10.90 47.63 -53.47
C GLY O 167 12.08 48.57 -53.53
N SER O 168 13.08 48.23 -54.34
CA SER O 168 14.16 49.15 -54.62
C SER O 168 13.74 50.16 -55.70
N LEU O 169 14.57 51.18 -55.89
CA LEU O 169 14.24 52.25 -56.82
C LEU O 169 15.54 52.83 -57.37
N THR O 170 15.59 53.01 -58.68
CA THR O 170 16.67 53.72 -59.36
C THR O 170 16.09 54.84 -60.20
N VAL O 171 16.98 55.61 -60.83
CA VAL O 171 16.56 56.85 -61.48
C VAL O 171 15.79 56.56 -62.76
N GLU O 172 16.21 55.54 -63.51
CA GLU O 172 15.56 55.18 -64.76
C GLU O 172 14.17 54.59 -64.56
N ASP O 173 13.80 54.21 -63.33
CA ASP O 173 12.50 53.59 -63.12
C ASP O 173 11.35 54.59 -63.29
N TYR O 174 11.56 55.85 -62.93
CA TYR O 174 10.51 56.85 -63.10
C TYR O 174 10.69 57.69 -64.37
N LEU O 175 11.89 57.70 -64.96
CA LEU O 175 12.10 58.47 -66.17
C LEU O 175 11.41 57.82 -67.38
N SER O 176 11.30 56.49 -67.38
CA SER O 176 10.65 55.77 -68.46
C SER O 176 9.18 55.49 -68.17
N SER O 177 8.50 56.37 -67.44
CA SER O 177 7.08 56.17 -67.12
C SER O 177 6.22 56.57 -68.30
N VAL O 178 4.91 56.73 -68.06
CA VAL O 178 4.01 57.17 -69.12
C VAL O 178 4.33 58.60 -69.57
N THR O 179 5.01 59.38 -68.74
CA THR O 179 5.58 60.65 -69.14
C THR O 179 7.09 60.49 -69.28
N SER O 180 7.62 60.82 -70.45
CA SER O 180 9.05 60.63 -70.72
C SER O 180 9.85 61.89 -70.41
N ASP O 181 9.55 62.99 -71.11
CA ASP O 181 10.16 64.29 -70.83
C ASP O 181 9.23 65.20 -70.04
N SER O 182 8.09 65.57 -70.64
CA SER O 182 6.91 66.13 -69.97
C SER O 182 7.20 66.99 -68.76
N MET O 183 8.16 67.91 -68.89
CA MET O 183 8.59 68.79 -67.79
C MET O 183 9.04 67.99 -66.56
N LYS O 184 9.77 66.90 -66.77
CA LYS O 184 10.34 66.16 -65.66
C LYS O 184 11.70 66.70 -65.22
N TYR O 185 12.25 67.69 -65.92
CA TYR O 185 13.42 68.39 -65.40
C TYR O 185 13.08 69.21 -64.17
N THR O 186 11.85 69.68 -64.06
CA THR O 186 11.34 70.23 -62.80
C THR O 186 11.09 69.14 -61.76
N ILE O 187 11.05 67.89 -62.18
CA ILE O 187 10.82 66.77 -61.27
C ILE O 187 12.12 66.04 -60.92
N SER O 188 13.01 65.86 -61.90
CA SER O 188 14.26 65.17 -61.63
C SER O 188 15.18 66.02 -60.76
N SER O 189 15.32 67.30 -61.09
CA SER O 189 16.10 68.21 -60.24
C SER O 189 15.41 68.49 -58.91
N LEU O 190 14.12 68.21 -58.82
CA LEU O 190 13.43 68.30 -57.53
C LEU O 190 13.86 67.18 -56.58
N PHE O 191 14.30 66.04 -57.13
CA PHE O 191 14.64 64.90 -56.30
C PHE O 191 15.98 65.05 -55.59
N VAL O 192 16.92 65.79 -56.19
CA VAL O 192 18.18 66.03 -55.51
C VAL O 192 18.03 67.01 -54.36
N GLN O 193 16.98 67.85 -54.40
CA GLN O 193 16.54 68.56 -53.20
C GLN O 193 16.01 67.58 -52.16
N LEU O 194 15.28 66.56 -52.60
CA LEU O 194 14.69 65.57 -51.71
C LEU O 194 15.65 64.44 -51.36
N CYS O 195 16.75 64.30 -52.11
CA CYS O 195 17.78 63.33 -51.76
C CYS O 195 18.87 63.92 -50.86
N GLU O 196 19.39 65.10 -51.20
CA GLU O 196 20.46 65.70 -50.41
C GLU O 196 20.00 66.20 -49.05
N MET O 197 18.69 66.33 -48.83
CA MET O 197 18.20 66.54 -47.47
C MET O 197 18.25 65.28 -46.62
N GLY O 198 18.56 64.13 -47.20
CA GLY O 198 18.85 62.93 -46.46
C GLY O 198 17.87 61.81 -46.73
N TYR O 199 18.04 60.72 -45.97
CA TYR O 199 17.15 59.55 -45.96
C TYR O 199 16.86 59.01 -47.35
N LEU O 200 17.79 59.21 -48.28
CA LEU O 200 17.77 58.60 -49.61
C LEU O 200 19.11 57.96 -49.92
N ILE O 201 19.65 57.22 -48.95
CA ILE O 201 20.96 56.61 -49.11
C ILE O 201 20.85 55.42 -50.07
N GLN O 202 21.82 55.33 -50.99
CA GLN O 202 21.92 54.16 -51.85
C GLN O 202 22.13 52.89 -51.02
N ILE O 203 21.34 51.86 -51.32
CA ILE O 203 21.49 50.59 -50.62
C ILE O 203 22.70 49.84 -51.17
N SER O 204 23.21 48.91 -50.36
CA SER O 204 24.39 48.14 -50.71
C SER O 204 24.25 46.77 -50.04
N LYS O 205 25.38 46.06 -49.92
CA LYS O 205 25.40 44.84 -49.11
C LYS O 205 25.24 45.14 -47.62
N LEU O 206 25.56 46.36 -47.20
CA LEU O 206 25.47 46.71 -45.78
C LEU O 206 24.02 46.75 -45.32
N HIS O 207 23.11 47.23 -46.17
CA HIS O 207 21.70 47.32 -45.78
C HIS O 207 20.99 45.99 -45.95
N TYR O 208 21.43 45.16 -46.89
CA TYR O 208 20.82 43.85 -47.12
C TYR O 208 21.43 42.76 -46.25
N THR O 209 22.36 43.11 -45.37
CA THR O 209 22.87 42.21 -44.33
C THR O 209 22.67 42.85 -42.96
N PRO O 210 22.56 42.04 -41.91
CA PRO O 210 22.50 42.61 -40.56
C PRO O 210 23.86 43.13 -40.09
N ILE O 211 23.94 43.56 -38.84
CA ILE O 211 25.09 44.33 -38.38
C ILE O 211 26.17 43.46 -37.76
N GLU O 212 25.81 42.28 -37.25
CA GLU O 212 26.75 41.43 -36.52
C GLU O 212 27.53 40.50 -37.44
N ASP O 213 26.87 39.92 -38.44
CA ASP O 213 27.54 38.96 -39.31
C ASP O 213 28.57 39.61 -40.22
N LEU O 214 28.45 40.91 -40.51
CA LEU O 214 29.53 41.61 -41.19
C LEU O 214 30.67 41.98 -40.25
N TRP O 215 30.40 42.11 -38.95
CA TRP O 215 31.46 42.41 -37.99
C TRP O 215 32.41 41.22 -37.83
N GLN O 216 31.92 40.00 -38.05
CA GLN O 216 32.77 38.83 -37.93
C GLN O 216 33.76 38.74 -39.08
N PHE O 217 33.34 39.14 -40.28
CA PHE O 217 34.24 39.07 -41.43
C PHE O 217 35.35 40.10 -41.33
N LEU O 218 35.06 41.30 -40.82
CA LEU O 218 36.08 42.31 -40.65
C LEU O 218 36.91 42.12 -39.38
N TYR O 219 36.49 41.23 -38.48
CA TYR O 219 37.23 41.04 -37.24
C TYR O 219 38.52 40.25 -37.48
N GLU O 220 38.43 39.14 -38.20
CA GLU O 220 39.61 38.41 -38.62
C GLU O 220 40.29 39.01 -39.84
N LYS O 221 39.68 40.00 -40.49
CA LYS O 221 40.41 40.82 -41.45
C LYS O 221 41.49 41.65 -40.76
N HIS O 222 41.23 42.10 -39.53
CA HIS O 222 42.23 42.74 -38.70
C HIS O 222 43.01 41.74 -37.85
N TYR O 223 42.70 40.45 -37.96
CA TYR O 223 43.52 39.38 -37.42
C TYR O 223 44.17 38.56 -38.53
N LYS O 224 44.67 39.25 -39.55
CA LYS O 224 45.54 38.62 -40.55
C LYS O 224 47.01 38.83 -40.19
N ASN O 225 47.35 38.52 -38.94
CA ASN O 225 48.66 38.74 -38.38
C ASN O 225 49.26 37.40 -37.98
N ILE O 226 50.48 37.13 -38.46
CA ILE O 226 51.14 35.86 -38.08
C ILE O 226 51.54 35.93 -36.61
N PRO O 227 51.42 34.83 -35.87
CA PRO O 227 51.71 34.87 -34.42
C PRO O 227 53.19 34.87 -34.07
N ARG O 228 54.09 34.85 -35.06
CA ARG O 228 55.52 34.82 -34.80
C ARG O 228 56.19 36.16 -35.08
N ASN O 229 55.42 37.25 -34.97
CA ASN O 229 55.98 38.59 -35.13
C ASN O 229 56.41 39.20 -33.80
N SER O 230 55.51 39.22 -32.80
CA SER O 230 55.86 39.63 -31.44
C SER O 230 54.96 38.92 -30.45
N PRO O 231 55.13 37.59 -30.28
CA PRO O 231 54.28 36.86 -29.34
C PRO O 231 54.71 37.02 -27.90
N LEU O 232 53.99 37.87 -27.17
CA LEU O 232 54.12 38.05 -25.72
C LEU O 232 53.05 39.04 -25.28
N SER O 233 52.62 38.96 -24.00
CA SER O 233 51.49 39.74 -23.50
C SER O 233 50.27 39.54 -24.39
N ASP O 234 49.76 38.30 -24.36
CA ASP O 234 48.80 37.83 -25.34
C ASP O 234 47.44 38.51 -25.21
N LEU O 235 47.17 39.19 -24.09
CA LEU O 235 45.90 39.87 -23.92
C LEU O 235 45.84 41.17 -24.72
N LYS O 236 46.96 41.65 -25.24
CA LYS O 236 47.01 42.80 -26.11
C LYS O 236 46.77 42.45 -27.57
N LYS O 237 46.66 41.15 -27.89
CA LYS O 237 46.59 40.72 -29.28
C LYS O 237 45.20 40.94 -29.87
N ARG O 238 44.15 40.74 -29.07
CA ARG O 238 42.82 41.15 -29.49
C ARG O 238 42.59 42.65 -29.32
N SER O 239 43.40 43.32 -28.51
CA SER O 239 43.29 44.77 -28.38
C SER O 239 43.68 45.47 -29.68
N GLN O 240 44.78 45.04 -30.29
CA GLN O 240 45.18 45.60 -31.58
C GLN O 240 44.26 45.12 -32.70
N ALA O 241 43.52 44.04 -32.49
CA ALA O 241 42.47 43.66 -33.42
C ALA O 241 41.24 44.55 -33.28
N LYS O 242 40.85 44.88 -32.05
CA LYS O 242 39.57 45.54 -31.82
C LYS O 242 39.64 47.05 -32.02
N MET O 243 40.79 47.67 -31.69
CA MET O 243 40.90 49.12 -31.87
C MET O 243 40.99 49.51 -33.35
N ASN O 244 41.53 48.63 -34.19
CA ASN O 244 41.61 48.90 -35.62
C ASN O 244 40.34 48.52 -36.35
N ALA O 245 39.64 47.48 -35.89
CA ALA O 245 38.33 47.16 -36.46
C ALA O 245 37.27 48.16 -36.02
N LYS O 246 37.47 48.80 -34.86
CA LYS O 246 36.55 49.84 -34.43
C LYS O 246 36.60 51.04 -35.35
N THR O 247 37.79 51.36 -35.86
CA THR O 247 37.91 52.44 -36.85
C THR O 247 37.35 52.01 -38.20
N ASP O 248 37.42 50.71 -38.52
CA ASP O 248 36.85 50.24 -39.78
C ASP O 248 35.34 50.20 -39.72
N PHE O 249 34.78 49.81 -38.56
CA PHE O 249 33.32 49.81 -38.42
C PHE O 249 32.77 51.22 -38.42
N ALA O 250 33.52 52.19 -37.89
CA ALA O 250 33.10 53.58 -38.00
C ALA O 250 33.25 54.11 -39.43
N LYS O 251 34.18 53.52 -40.19
CA LYS O 251 34.32 53.91 -41.59
C LYS O 251 33.20 53.31 -42.44
N ILE O 252 32.87 52.04 -42.21
CA ILE O 252 31.91 51.35 -43.06
C ILE O 252 30.48 51.74 -42.72
N ILE O 253 30.25 52.35 -41.56
CA ILE O 253 28.94 52.93 -41.29
C ILE O 253 28.81 54.33 -41.88
N ASN O 254 29.93 54.96 -42.24
CA ASN O 254 29.90 56.22 -42.98
C ASN O 254 29.75 55.99 -44.47
N LYS O 255 30.09 54.79 -44.95
CA LYS O 255 29.92 54.48 -46.36
C LYS O 255 28.48 54.67 -46.86
N PRO O 256 27.44 54.41 -46.07
CA PRO O 256 26.11 54.95 -46.45
C PRO O 256 26.06 56.47 -46.42
N ASN O 257 26.60 57.10 -45.38
CA ASN O 257 26.48 58.54 -45.23
C ASN O 257 27.56 59.30 -45.99
N GLU O 258 28.42 58.60 -46.71
CA GLU O 258 29.49 59.22 -47.51
C GLU O 258 28.88 59.84 -48.75
N LEU O 259 28.47 61.11 -48.65
CA LEU O 259 27.76 61.79 -49.72
C LEU O 259 28.68 62.33 -50.80
N SER O 260 29.96 61.95 -50.78
CA SER O 260 30.90 62.40 -51.81
C SER O 260 30.72 61.68 -53.15
N GLN O 261 29.95 60.59 -53.19
CA GLN O 261 29.79 59.79 -54.40
C GLN O 261 28.32 59.52 -54.73
N ILE O 262 27.39 60.13 -54.02
CA ILE O 262 25.96 59.99 -54.30
C ILE O 262 25.51 61.08 -55.26
N LEU O 263 26.47 61.84 -55.80
CA LEU O 263 26.15 63.04 -56.57
C LEU O 263 27.17 63.21 -57.69
N THR O 264 26.69 63.60 -58.86
CA THR O 264 27.52 63.77 -60.05
C THR O 264 27.30 65.17 -60.63
N VAL O 265 28.40 65.86 -60.90
CA VAL O 265 28.33 67.21 -61.45
C VAL O 265 27.99 67.14 -62.93
N ASP O 266 26.98 67.90 -63.34
CA ASP O 266 26.53 67.87 -64.73
C ASP O 266 27.17 69.01 -65.50
N PRO O 267 27.95 68.73 -66.55
CA PRO O 267 28.44 69.81 -67.41
C PRO O 267 27.42 70.34 -68.40
N LYS O 268 26.37 69.58 -68.69
CA LYS O 268 25.41 69.94 -69.73
C LYS O 268 24.00 70.02 -69.16
N THR O 269 23.30 71.11 -69.51
CA THR O 269 21.86 71.34 -69.40
C THR O 269 21.29 71.13 -68.00
N SER O 270 22.14 70.92 -66.99
CA SER O 270 21.65 70.67 -65.65
C SER O 270 22.66 71.19 -64.63
N LEU O 271 22.15 71.73 -63.52
CA LEU O 271 23.04 72.24 -62.47
C LEU O 271 23.72 71.09 -61.74
N ARG O 272 22.94 70.23 -61.07
CA ARG O 272 23.43 69.03 -60.42
C ARG O 272 22.38 67.94 -60.55
N ILE O 273 22.83 66.68 -60.48
CA ILE O 273 21.93 65.53 -60.35
C ILE O 273 22.69 64.40 -59.69
N VAL O 274 21.94 63.49 -59.04
CA VAL O 274 22.53 62.26 -58.54
C VAL O 274 22.80 61.30 -59.69
N LYS O 275 23.65 60.32 -59.43
CA LYS O 275 24.09 59.42 -60.49
C LYS O 275 22.93 58.55 -60.94
N PRO O 276 22.66 58.44 -62.24
CA PRO O 276 21.47 57.70 -62.70
C PRO O 276 21.55 56.21 -62.44
N THR O 277 22.75 55.65 -62.23
CA THR O 277 22.92 54.23 -61.98
C THR O 277 22.88 53.88 -60.50
N VAL O 278 22.16 54.66 -59.69
CA VAL O 278 22.10 54.47 -58.25
C VAL O 278 20.73 53.91 -57.90
N SER O 279 20.72 52.71 -57.30
CA SER O 279 19.50 52.11 -56.79
C SER O 279 19.37 52.45 -55.31
N LEU O 280 18.34 53.20 -54.96
CA LEU O 280 18.24 53.81 -53.64
C LEU O 280 16.85 53.60 -53.06
N THR O 281 16.79 53.60 -51.73
CA THR O 281 15.53 53.51 -51.00
C THR O 281 15.45 54.59 -49.93
N ILE O 282 14.39 54.55 -49.13
CA ILE O 282 14.21 55.45 -47.99
C ILE O 282 14.40 54.63 -46.72
N ASN O 283 15.01 55.23 -45.70
CA ASN O 283 15.25 54.56 -44.44
C ASN O 283 14.56 55.31 -43.29
N LEU O 284 14.84 54.85 -42.07
CA LEU O 284 14.24 55.38 -40.85
C LEU O 284 15.08 56.44 -40.16
N ASP O 285 16.34 56.63 -40.57
CA ASP O 285 17.31 57.29 -39.70
C ASP O 285 17.00 58.77 -39.54
N ARG O 286 16.63 59.45 -40.62
CA ARG O 286 16.14 60.82 -40.47
C ARG O 286 14.72 60.86 -39.94
N PHE O 287 13.93 59.81 -40.22
CA PHE O 287 12.54 59.80 -39.77
C PHE O 287 12.44 59.57 -38.27
N MET O 288 13.21 58.60 -37.76
CA MET O 288 13.16 58.30 -36.33
C MET O 288 13.78 59.43 -35.51
N LYS O 289 14.83 60.06 -36.02
CA LYS O 289 15.32 61.29 -35.41
C LYS O 289 14.36 62.45 -35.66
N GLY O 290 13.61 62.43 -36.76
CA GLY O 290 12.59 63.44 -36.98
C GLY O 290 11.43 63.29 -36.02
N ARG O 291 10.98 62.05 -35.80
CA ARG O 291 9.95 61.79 -34.80
C ARG O 291 10.47 61.98 -33.38
N ARG O 292 11.79 61.89 -33.19
CA ARG O 292 12.36 62.15 -31.86
C ARG O 292 12.16 63.61 -31.46
N SER O 293 12.51 64.54 -32.35
CA SER O 293 12.29 65.95 -32.05
C SER O 293 10.81 66.31 -32.13
N LYS O 294 10.05 65.63 -32.99
CA LYS O 294 8.61 65.81 -33.01
C LYS O 294 7.98 65.37 -31.68
N GLN O 295 8.54 64.34 -31.05
CA GLN O 295 8.15 63.98 -29.71
C GLN O 295 8.74 64.93 -28.67
N LEU O 296 9.98 65.38 -28.89
CA LEU O 296 10.65 66.22 -27.92
C LEU O 296 10.10 67.64 -27.89
N ILE O 297 9.35 68.03 -28.92
CA ILE O 297 8.71 69.34 -28.91
C ILE O 297 7.46 69.35 -28.03
N ASN O 298 6.92 68.16 -27.70
CA ASN O 298 5.68 68.08 -26.94
C ASN O 298 5.88 68.40 -25.46
N LEU O 299 7.10 68.26 -24.94
CA LEU O 299 7.37 68.66 -23.57
C LEU O 299 7.42 70.18 -23.43
N ALA O 300 7.69 70.90 -24.52
CA ALA O 300 7.78 72.35 -24.46
C ALA O 300 6.43 72.98 -24.15
N LYS O 301 5.37 72.54 -24.85
CA LYS O 301 4.05 73.10 -24.64
C LYS O 301 3.49 72.79 -23.26
N THR O 302 4.05 71.79 -22.58
CA THR O 302 3.74 71.54 -21.17
C THR O 302 4.60 72.38 -20.24
N ARG O 303 5.91 72.45 -20.49
CA ARG O 303 6.82 73.09 -19.55
C ARG O 303 6.90 74.60 -19.74
N VAL O 304 6.44 75.12 -20.88
CA VAL O 304 6.28 76.55 -21.10
C VAL O 304 4.95 76.76 -21.83
N GLY O 305 4.61 78.01 -22.09
CA GLY O 305 3.35 78.32 -22.74
C GLY O 305 3.39 78.11 -24.23
N SER O 306 2.92 79.09 -25.00
CA SER O 306 2.90 79.00 -26.45
C SER O 306 3.96 79.86 -27.14
N VAL O 307 4.53 80.84 -26.43
CA VAL O 307 5.50 81.74 -27.05
C VAL O 307 6.83 81.02 -27.27
N THR O 308 7.42 80.49 -26.19
CA THR O 308 8.70 79.80 -26.29
C THR O 308 8.58 78.45 -26.97
N ALA O 309 7.40 77.83 -26.95
CA ALA O 309 7.19 76.61 -27.71
C ALA O 309 7.30 76.86 -29.22
N GLN O 310 6.95 78.06 -29.67
CA GLN O 310 7.21 78.43 -31.05
C GLN O 310 8.68 78.73 -31.28
N VAL O 311 9.38 79.22 -30.26
CA VAL O 311 10.80 79.57 -30.41
C VAL O 311 11.63 78.31 -30.55
N TYR O 312 11.41 77.32 -29.69
CA TYR O 312 12.29 76.16 -29.62
C TYR O 312 12.10 75.21 -30.80
N LYS O 313 11.04 75.39 -31.60
CA LYS O 313 10.93 74.62 -32.83
C LYS O 313 12.07 74.91 -33.80
N ILE O 314 12.46 76.19 -33.89
CA ILE O 314 13.55 76.56 -34.80
C ILE O 314 14.88 76.02 -34.28
N ALA O 315 15.06 75.98 -32.96
CA ALA O 315 16.34 75.60 -32.38
C ALA O 315 16.71 74.15 -32.64
N LEU O 316 15.75 73.31 -33.06
CA LEU O 316 16.03 71.91 -33.29
C LEU O 316 16.09 71.52 -34.76
N ARG O 317 15.46 72.30 -35.65
CA ARG O 317 15.26 71.84 -37.02
C ARG O 317 16.55 71.86 -37.84
N LEU O 318 17.54 72.65 -37.41
CA LEU O 318 18.84 72.68 -38.06
C LEU O 318 19.76 71.55 -37.62
N THR O 319 19.36 70.74 -36.63
CA THR O 319 20.27 69.84 -35.94
C THR O 319 20.13 68.39 -36.39
N GLU O 320 18.95 67.98 -36.85
CA GLU O 320 18.73 66.56 -37.16
C GLU O 320 19.37 66.13 -38.47
N GLN O 321 19.97 67.06 -39.22
CA GLN O 321 20.66 66.67 -40.45
C GLN O 321 21.91 65.84 -40.15
N LYS O 322 22.56 66.11 -39.01
CA LYS O 322 23.68 65.28 -38.54
C LYS O 322 23.63 65.32 -37.02
N SER O 323 22.97 64.32 -36.44
CA SER O 323 22.87 64.13 -35.00
C SER O 323 23.43 62.77 -34.62
N PRO O 324 23.70 62.55 -33.33
CA PRO O 324 23.96 61.19 -32.87
C PRO O 324 22.76 60.29 -33.12
N LYS O 325 23.03 59.05 -33.47
CA LYS O 325 21.99 58.14 -33.94
C LYS O 325 21.13 57.66 -32.78
N ILE O 326 19.82 57.63 -33.00
CA ILE O 326 18.89 57.36 -31.91
C ILE O 326 18.93 55.89 -31.52
N ARG O 327 18.97 54.98 -32.50
CA ARG O 327 19.18 53.57 -32.19
C ARG O 327 20.61 53.31 -31.75
N ASP O 328 21.56 54.13 -32.21
CA ASP O 328 22.99 54.00 -31.96
C ASP O 328 23.48 52.60 -32.29
N PRO O 329 23.66 52.29 -33.59
CA PRO O 329 23.99 50.91 -33.97
C PRO O 329 25.36 50.44 -33.52
N LEU O 330 26.18 51.33 -32.95
CA LEU O 330 27.51 50.93 -32.50
C LEU O 330 27.46 50.07 -31.22
N THR O 331 26.33 50.08 -30.52
CA THR O 331 26.18 49.31 -29.29
C THR O 331 25.24 48.12 -29.44
N GLN O 332 25.03 47.62 -30.66
CA GLN O 332 24.10 46.53 -30.87
C GLN O 332 24.63 45.23 -30.25
N THR O 333 25.75 44.73 -30.77
CA THR O 333 26.37 43.53 -30.24
C THR O 333 27.88 43.64 -30.38
N GLY O 334 28.59 43.40 -29.28
CA GLY O 334 30.03 43.47 -29.27
C GLY O 334 30.63 43.12 -27.92
N LEU O 335 31.60 43.91 -27.47
CA LEU O 335 32.18 43.74 -26.14
C LEU O 335 31.48 44.63 -25.12
N LEU O 336 30.15 44.51 -25.05
CA LEU O 336 29.34 45.33 -24.17
C LEU O 336 29.24 44.76 -22.76
N GLN O 337 29.75 43.54 -22.54
CA GLN O 337 29.50 42.85 -21.27
C GLN O 337 30.43 43.31 -20.16
N ASP O 338 31.66 43.68 -20.48
CA ASP O 338 32.59 44.17 -19.47
C ASP O 338 32.46 45.68 -19.30
N LEU O 339 32.76 46.15 -18.09
CA LEU O 339 32.42 47.52 -17.72
C LEU O 339 33.36 48.54 -18.38
N GLU O 340 34.62 48.17 -18.58
CA GLU O 340 35.59 49.14 -19.11
C GLU O 340 35.28 49.52 -20.55
N GLU O 341 34.91 48.54 -21.38
CA GLU O 341 34.39 48.85 -22.70
C GLU O 341 33.00 49.46 -22.63
N ALA O 342 32.18 49.06 -21.64
CA ALA O 342 30.86 49.64 -21.48
C ALA O 342 30.92 51.09 -21.03
N LYS O 343 31.99 51.49 -20.34
CA LYS O 343 32.27 52.90 -20.14
C LYS O 343 32.60 53.60 -21.45
N SER O 344 33.40 52.94 -22.30
CA SER O 344 33.88 53.56 -23.53
C SER O 344 32.79 53.73 -24.57
N PHE O 345 31.65 53.06 -24.43
CA PHE O 345 30.57 53.27 -25.39
C PHE O 345 29.87 54.62 -25.20
N GLN O 346 30.03 55.25 -24.04
CA GLN O 346 29.54 56.62 -23.84
C GLN O 346 30.64 57.61 -23.46
N ASP O 347 31.88 57.15 -23.27
CA ASP O 347 32.98 58.08 -23.11
C ASP O 347 33.34 58.78 -24.42
N GLU O 348 33.08 58.12 -25.55
CA GLU O 348 33.25 58.75 -26.85
C GLU O 348 31.98 59.43 -27.36
N ALA O 349 30.80 58.94 -26.96
CA ALA O 349 29.56 59.45 -27.54
C ALA O 349 29.24 60.85 -27.03
N GLU O 350 29.53 61.13 -25.76
CA GLU O 350 29.29 62.46 -25.23
C GLU O 350 30.33 63.45 -25.74
N LEU O 351 31.58 63.01 -25.90
CA LEU O 351 32.62 63.90 -26.42
C LEU O 351 32.37 64.25 -27.87
N VAL O 352 31.86 63.30 -28.66
CA VAL O 352 31.41 63.63 -30.01
C VAL O 352 30.19 64.55 -29.97
N GLU O 353 29.28 64.31 -29.03
CA GLU O 353 28.08 65.14 -28.93
C GLU O 353 28.42 66.57 -28.49
N GLU O 354 29.35 66.71 -27.54
CA GLU O 354 29.71 68.05 -27.07
C GLU O 354 30.53 68.80 -28.12
N LYS O 355 31.39 68.08 -28.86
CA LYS O 355 32.22 68.68 -29.88
C LYS O 355 31.68 68.48 -31.29
N THR O 356 30.35 68.40 -31.43
CA THR O 356 29.76 68.22 -32.75
C THR O 356 29.64 69.57 -33.45
N PRO O 357 30.19 69.74 -34.65
CA PRO O 357 30.01 71.00 -35.38
C PRO O 357 28.66 71.10 -36.06
N GLY O 358 28.06 69.94 -36.37
CA GLY O 358 26.83 69.91 -37.15
C GLY O 358 25.59 70.35 -36.40
N LEU O 359 25.66 70.52 -35.08
CA LEU O 359 24.51 70.96 -34.30
C LEU O 359 24.81 72.07 -33.32
N THR O 360 26.07 72.38 -33.05
CA THR O 360 26.42 73.43 -32.08
C THR O 360 26.20 74.78 -32.76
N PHE O 361 25.06 75.39 -32.47
CA PHE O 361 24.67 76.64 -33.12
C PHE O 361 25.08 77.85 -32.28
N ASN O 362 25.41 78.93 -32.97
CA ASN O 362 25.96 80.13 -32.34
C ASN O 362 24.94 80.90 -31.52
N ALA O 363 23.67 80.50 -31.55
CA ALA O 363 22.58 81.25 -30.91
C ALA O 363 22.51 82.68 -31.44
N ILE O 364 22.79 82.85 -32.73
CA ILE O 364 22.79 84.16 -33.37
C ILE O 364 21.90 84.12 -34.60
N ASP O 365 22.13 83.14 -35.47
CA ASP O 365 21.49 83.08 -36.78
C ASP O 365 20.06 82.54 -36.73
N LEU O 366 19.58 82.11 -35.57
CA LEU O 366 18.24 81.53 -35.47
C LEU O 366 17.15 82.59 -35.39
N ALA O 367 17.51 83.84 -35.08
CA ALA O 367 16.51 84.89 -34.96
C ALA O 367 15.88 85.23 -36.30
N ARG O 368 16.65 85.16 -37.39
CA ARG O 368 16.13 85.46 -38.71
C ARG O 368 15.41 84.29 -39.35
N HIS O 369 15.40 83.12 -38.72
CA HIS O 369 14.66 81.97 -39.22
C HIS O 369 13.18 82.02 -38.83
N LEU O 370 12.77 82.98 -38.01
CA LEU O 370 11.37 83.08 -37.58
C LEU O 370 10.59 83.92 -38.57
N PRO O 371 9.57 83.36 -39.24
CA PRO O 371 8.78 84.11 -40.23
C PRO O 371 7.65 84.91 -39.60
N SER O 449 16.23 90.19 -33.42
CA SER O 449 15.96 90.39 -32.00
C SER O 449 16.94 89.60 -31.13
N ALA O 450 18.16 90.12 -31.00
CA ALA O 450 19.20 89.42 -30.24
C ALA O 450 18.93 89.46 -28.74
N SER O 451 18.15 90.43 -28.25
CA SER O 451 17.74 90.41 -26.86
C SER O 451 16.74 89.30 -26.58
N LEU O 452 15.81 89.06 -27.51
CA LEU O 452 14.84 87.99 -27.35
C LEU O 452 15.43 86.60 -27.48
N ILE O 453 16.65 86.48 -28.02
CA ILE O 453 17.31 85.18 -28.10
C ILE O 453 17.78 84.75 -26.70
N ASN O 454 18.57 85.59 -26.05
CA ASN O 454 19.12 85.27 -24.74
C ASN O 454 18.14 85.53 -23.61
N SER O 455 16.90 85.91 -23.92
CA SER O 455 15.82 85.99 -22.93
C SER O 455 14.86 84.83 -23.01
N HIS O 456 14.46 84.43 -24.22
CA HIS O 456 13.56 83.29 -24.38
C HIS O 456 14.30 81.95 -24.27
N LEU O 457 15.62 81.95 -24.43
CA LEU O 457 16.44 80.79 -24.11
C LEU O 457 17.11 80.91 -22.74
N LYS O 458 16.77 81.93 -21.96
CA LYS O 458 17.19 81.97 -20.57
C LYS O 458 16.37 80.99 -19.73
N ILE O 459 15.09 80.82 -20.05
CA ILE O 459 14.27 79.84 -19.35
C ILE O 459 14.59 78.42 -19.79
N LEU O 460 15.24 78.26 -20.94
CA LEU O 460 15.77 76.95 -21.31
C LEU O 460 16.92 76.54 -20.41
N ALA O 461 17.66 77.51 -19.85
CA ALA O 461 18.67 77.20 -18.86
C ALA O 461 18.06 76.91 -17.49
N SER O 462 17.01 77.63 -17.12
CA SER O 462 16.43 77.54 -15.79
C SER O 462 15.39 76.44 -15.65
N SER O 463 15.00 75.80 -16.74
CA SER O 463 14.00 74.73 -16.66
C SER O 463 14.60 73.48 -16.03
N ASN O 464 13.74 72.70 -15.38
CA ASN O 464 14.11 71.52 -14.60
C ASN O 464 14.53 70.32 -15.46
N PHE O 465 14.74 70.45 -16.77
CA PHE O 465 15.21 69.33 -17.56
C PHE O 465 16.53 69.67 -18.23
N PRO O 466 17.46 68.72 -18.31
CA PRO O 466 18.80 69.04 -18.85
C PRO O 466 18.81 69.22 -20.36
N PHE O 467 18.21 70.30 -20.84
CA PHE O 467 18.36 70.73 -22.22
C PHE O 467 18.84 72.16 -22.27
N LEU O 468 19.87 72.42 -23.07
CA LEU O 468 20.46 73.75 -23.22
C LEU O 468 20.99 74.28 -21.89
N ASN O 469 21.81 73.49 -21.22
CA ASN O 469 22.40 73.90 -19.95
C ASN O 469 23.92 74.03 -20.03
N GLU O 470 24.63 72.96 -20.37
CA GLU O 470 26.09 72.97 -20.39
C GLU O 470 26.59 73.28 -21.80
N THR O 471 27.48 74.27 -21.91
CA THR O 471 27.99 74.77 -23.17
C THR O 471 29.04 75.85 -22.87
N LYS O 472 29.79 76.23 -23.89
CA LYS O 472 30.59 77.44 -23.81
C LYS O 472 29.67 78.66 -23.71
N PRO O 473 30.05 79.69 -22.95
CA PRO O 473 29.24 80.91 -22.92
C PRO O 473 29.18 81.60 -24.28
N GLY O 474 27.96 81.79 -24.78
CA GLY O 474 27.75 82.45 -26.05
C GLY O 474 27.22 81.53 -27.14
N VAL O 475 27.78 80.33 -27.22
CA VAL O 475 27.39 79.34 -28.22
C VAL O 475 26.65 78.21 -27.52
N TYR O 476 25.62 77.68 -28.16
CA TYR O 476 24.75 76.69 -27.54
C TYR O 476 24.79 75.39 -28.33
N TYR O 477 24.44 74.30 -27.64
CA TYR O 477 24.10 73.05 -28.29
C TYR O 477 23.09 72.31 -27.42
N VAL O 478 22.44 71.31 -28.01
CA VAL O 478 21.33 70.60 -27.37
C VAL O 478 21.89 69.27 -26.85
N PRO O 479 22.06 69.10 -25.54
CA PRO O 479 22.55 67.82 -25.03
C PRO O 479 21.52 66.71 -25.20
N TYR O 480 22.01 65.53 -25.58
CA TYR O 480 21.17 64.42 -25.99
C TYR O 480 21.21 63.25 -25.02
N SER O 481 22.39 62.79 -24.63
CA SER O 481 22.52 61.51 -23.95
C SER O 481 21.85 61.51 -22.58
N LYS O 482 21.83 62.65 -21.90
CA LYS O 482 21.19 62.76 -20.59
C LYS O 482 19.79 63.36 -20.66
N LEU O 483 19.23 63.48 -21.87
CA LEU O 483 17.96 64.17 -22.06
C LEU O 483 16.79 63.21 -22.25
N MET O 484 16.87 62.33 -23.24
CA MET O 484 15.80 61.37 -23.48
C MET O 484 15.53 60.36 -22.36
N PRO O 485 16.48 60.01 -21.47
CA PRO O 485 16.09 59.13 -20.36
C PRO O 485 15.14 59.76 -19.38
N VAL O 486 15.10 61.09 -19.29
CA VAL O 486 14.10 61.74 -18.46
C VAL O 486 12.79 61.96 -19.21
N LEU O 487 12.87 62.06 -20.54
CA LEU O 487 11.66 61.97 -21.37
C LEU O 487 10.97 60.63 -21.20
N LYS O 488 11.75 59.55 -21.08
CA LYS O 488 11.14 58.26 -20.76
C LYS O 488 10.54 58.26 -19.36
N SER O 489 11.14 58.97 -18.42
CA SER O 489 10.54 59.11 -17.10
C SER O 489 9.37 60.10 -17.09
N SER O 490 9.32 61.01 -18.06
CA SER O 490 8.29 62.05 -18.05
C SER O 490 6.92 61.49 -18.42
N VAL O 491 6.84 60.81 -19.56
CA VAL O 491 5.53 60.41 -20.09
C VAL O 491 5.05 59.12 -19.44
N TYR O 492 5.96 58.26 -18.97
CA TYR O 492 5.55 56.99 -18.40
C TYR O 492 4.77 57.17 -17.10
N GLU O 493 5.26 58.05 -16.23
CA GLU O 493 4.55 58.34 -14.99
C GLU O 493 3.24 59.07 -15.26
N TYR O 494 3.17 59.80 -16.39
CA TYR O 494 1.95 60.52 -16.73
C TYR O 494 0.86 59.55 -17.21
N VAL O 495 1.27 58.43 -17.82
CA VAL O 495 0.32 57.39 -18.22
C VAL O 495 -0.13 56.56 -17.02
N ILE O 496 0.66 56.53 -15.95
CA ILE O 496 0.25 55.87 -14.70
C ILE O 496 -0.93 56.61 -14.08
N ALA O 497 -0.91 57.94 -14.13
CA ALA O 497 -2.05 58.71 -13.63
C ALA O 497 -3.21 58.76 -14.62
N SER O 498 -3.03 58.22 -15.83
CA SER O 498 -4.09 58.30 -16.83
C SER O 498 -5.23 57.34 -16.51
N THR O 499 -4.96 56.04 -16.51
CA THR O 499 -6.01 55.03 -16.54
C THR O 499 -6.51 54.65 -15.16
N LEU O 500 -5.78 55.00 -14.10
CA LEU O 500 -6.27 54.86 -12.74
C LEU O 500 -6.09 56.18 -11.99
N GLY O 501 -6.25 56.15 -10.66
CA GLY O 501 -6.30 57.35 -9.86
C GLY O 501 -4.97 58.08 -9.78
N PRO O 502 -5.03 59.41 -9.66
CA PRO O 502 -3.81 60.19 -9.48
C PRO O 502 -3.15 60.02 -8.12
N SER O 503 -3.77 59.28 -7.19
CA SER O 503 -3.06 58.88 -5.99
C SER O 503 -1.88 57.97 -6.30
N ALA O 504 -1.97 57.20 -7.40
CA ALA O 504 -0.81 56.45 -7.86
C ALA O 504 0.31 57.35 -8.35
N MET O 505 -0.04 58.51 -8.91
CA MET O 505 0.99 59.46 -9.33
C MET O 505 1.76 60.02 -8.15
N ARG O 506 1.10 60.19 -7.00
CA ARG O 506 1.80 60.54 -5.77
C ARG O 506 2.71 59.40 -5.31
N LEU O 507 2.25 58.16 -5.47
CA LEU O 507 3.07 57.01 -5.08
C LEU O 507 4.23 56.80 -6.05
N SER O 508 4.01 57.08 -7.34
CA SER O 508 5.04 56.82 -8.35
C SER O 508 6.23 57.74 -8.16
N ARG O 509 5.99 59.01 -7.82
CA ARG O 509 7.09 59.94 -7.61
C ARG O 509 7.79 59.69 -6.28
N CYS O 510 7.16 58.98 -5.35
CA CYS O 510 7.64 58.91 -3.98
C CYS O 510 8.81 57.95 -3.80
N ILE O 511 8.98 57.01 -4.73
CA ILE O 511 9.92 55.90 -4.51
C ILE O 511 11.32 56.24 -5.00
N ARG O 512 11.43 57.08 -6.03
CA ARG O 512 12.73 57.30 -6.67
C ARG O 512 13.66 58.12 -5.79
N ASP O 513 13.12 58.95 -4.91
CA ASP O 513 13.91 59.79 -4.02
C ASP O 513 13.98 59.26 -2.60
N ASN O 514 12.88 58.70 -2.09
CA ASN O 514 12.90 57.96 -0.83
C ASN O 514 13.27 56.52 -1.17
N LYS O 515 14.58 56.26 -1.22
CA LYS O 515 15.07 55.00 -1.74
C LYS O 515 14.77 53.85 -0.79
N LEU O 516 14.27 52.74 -1.36
CA LEU O 516 13.96 51.52 -0.62
C LEU O 516 12.94 51.80 0.49
N VAL O 517 11.75 52.22 0.07
CA VAL O 517 10.77 52.78 0.98
C VAL O 517 10.11 51.66 1.78
N SER O 518 9.63 52.00 2.97
CA SER O 518 8.80 51.12 3.79
C SER O 518 7.41 51.72 3.90
N GLU O 519 6.52 51.03 4.62
CA GLU O 519 5.18 51.52 4.84
C GLU O 519 5.06 52.35 6.11
N LYS O 520 6.13 52.45 6.89
CA LYS O 520 6.19 53.36 8.03
C LYS O 520 6.54 54.77 7.60
N ILE O 521 7.58 54.92 6.78
CA ILE O 521 7.98 56.22 6.26
C ILE O 521 7.09 56.72 5.14
N ILE O 522 6.20 55.87 4.62
CA ILE O 522 5.32 56.30 3.54
C ILE O 522 4.23 57.23 4.06
N ASN O 523 3.99 57.22 5.37
CA ASN O 523 3.02 58.12 5.97
C ASN O 523 3.65 59.42 6.46
N SER O 524 4.97 59.44 6.64
CA SER O 524 5.68 60.70 6.88
C SER O 524 5.94 61.45 5.58
N THR O 525 6.15 60.74 4.48
CA THR O 525 6.48 61.36 3.20
C THR O 525 5.21 61.70 2.42
N ALA O 526 4.35 60.71 2.20
CA ALA O 526 3.05 60.93 1.58
C ALA O 526 1.99 61.03 2.67
N LEU O 527 0.90 61.73 2.35
CA LEU O 527 -0.15 62.04 3.33
C LEU O 527 -1.51 61.65 2.73
N MET O 528 -1.89 60.39 2.92
CA MET O 528 -3.27 59.96 2.72
C MET O 528 -3.65 58.99 3.83
N LYS O 529 -4.87 58.47 3.75
CA LYS O 529 -5.37 57.54 4.74
C LYS O 529 -4.99 56.11 4.38
N GLU O 530 -5.16 55.21 5.34
CA GLU O 530 -4.74 53.82 5.18
C GLU O 530 -5.85 52.93 4.64
N LYS O 531 -6.85 53.51 3.98
CA LYS O 531 -7.89 52.74 3.31
C LYS O 531 -7.81 52.84 1.80
N ASP O 532 -7.22 53.91 1.25
CA ASP O 532 -7.18 54.15 -0.17
C ASP O 532 -5.80 53.96 -0.80
N ILE O 533 -4.74 53.93 0.02
CA ILE O 533 -3.40 53.75 -0.53
C ILE O 533 -3.13 52.27 -0.82
N ARG O 534 -3.59 51.38 0.07
CA ARG O 534 -3.33 49.96 -0.13
C ARG O 534 -4.18 49.39 -1.27
N SER O 535 -5.34 49.99 -1.52
CA SER O 535 -6.08 49.67 -2.74
C SER O 535 -5.36 50.18 -3.98
N THR O 536 -4.68 51.32 -3.87
CA THR O 536 -3.95 51.88 -5.00
C THR O 536 -2.59 51.21 -5.18
N LEU O 537 -1.90 50.94 -4.07
CA LEU O 537 -0.58 50.32 -4.14
C LEU O 537 -0.65 48.93 -4.76
N ALA O 538 -1.60 48.11 -4.32
CA ALA O 538 -1.78 46.78 -4.88
C ALA O 538 -2.17 46.81 -6.34
N SER O 539 -2.77 47.92 -6.81
CA SER O 539 -3.00 48.13 -8.23
C SER O 539 -1.72 48.47 -9.00
N LEU O 540 -0.58 48.58 -8.33
CA LEU O 540 0.69 48.84 -9.00
C LEU O 540 1.72 47.74 -8.81
N ILE O 541 1.50 46.79 -7.90
CA ILE O 541 2.26 45.55 -7.95
C ILE O 541 1.84 44.72 -9.16
N ARG O 542 0.55 44.75 -9.49
CA ARG O 542 0.02 43.99 -10.62
C ARG O 542 0.58 44.50 -11.95
N TYR O 543 0.85 45.81 -12.04
CA TYR O 543 1.26 46.45 -13.28
C TYR O 543 2.76 46.67 -13.36
N ASN O 544 3.52 46.13 -12.41
CA ASN O 544 4.98 46.14 -12.44
C ASN O 544 5.56 47.55 -12.51
N SER O 545 5.18 48.36 -11.52
CA SER O 545 5.87 49.62 -11.27
C SER O 545 6.78 49.55 -10.05
N VAL O 546 6.41 48.75 -9.06
CA VAL O 546 7.19 48.60 -7.83
C VAL O 546 7.73 47.17 -7.78
N GLU O 547 8.77 46.99 -6.98
CA GLU O 547 9.36 45.66 -6.77
C GLU O 547 9.43 45.38 -5.27
N ILE O 548 8.85 44.25 -4.87
CA ILE O 548 8.86 43.83 -3.47
C ILE O 548 10.22 43.23 -3.13
N GLN O 549 10.67 43.46 -1.89
CA GLN O 549 11.88 42.81 -1.39
C GLN O 549 11.71 42.56 0.10
N GLU O 550 11.62 41.29 0.47
CA GLU O 550 11.29 40.88 1.84
C GLU O 550 12.57 40.60 2.60
N VAL O 551 12.61 41.03 3.86
CA VAL O 551 13.73 40.74 4.75
C VAL O 551 13.18 40.01 5.97
N PRO O 552 13.72 38.84 6.32
CA PRO O 552 13.19 38.08 7.45
C PRO O 552 13.87 38.46 8.77
N ARG O 553 13.16 38.21 9.86
CA ARG O 553 13.72 38.35 11.19
C ARG O 553 14.00 37.01 11.84
N THR O 554 13.63 35.91 11.19
CA THR O 554 13.86 34.56 11.69
C THR O 554 14.59 33.72 10.65
N ALA O 555 14.67 32.42 10.89
CA ALA O 555 15.41 31.52 10.01
C ALA O 555 14.49 30.98 8.92
N ASP O 556 15.10 30.57 7.80
CA ASP O 556 14.40 29.98 6.66
C ASP O 556 13.39 30.94 6.04
N ARG O 557 13.60 32.25 6.23
CA ARG O 557 12.83 33.29 5.54
C ARG O 557 11.33 33.13 5.78
N SER O 558 10.95 33.10 7.05
CA SER O 558 9.55 32.94 7.41
C SER O 558 8.76 34.20 7.08
N ALA O 559 7.53 34.01 6.60
CA ALA O 559 6.76 35.12 6.05
C ALA O 559 6.25 36.05 7.15
N SER O 560 5.77 35.48 8.26
CA SER O 560 5.11 36.29 9.28
C SER O 560 6.11 37.12 10.08
N ARG O 561 7.23 36.51 10.48
CA ARG O 561 8.29 37.24 11.19
C ARG O 561 9.24 37.87 10.19
N ALA O 562 8.70 38.83 9.43
CA ALA O 562 9.44 39.49 8.37
C ALA O 562 8.79 40.83 8.07
N VAL O 563 9.59 41.73 7.50
CA VAL O 563 9.08 42.98 6.94
C VAL O 563 9.56 43.11 5.50
N PHE O 564 9.05 44.13 4.82
CA PHE O 564 9.11 44.22 3.36
C PHE O 564 9.61 45.59 2.95
N LEU O 565 10.33 45.62 1.83
CA LEU O 565 10.83 46.86 1.24
C LEU O 565 10.43 46.91 -0.23
N PHE O 566 10.38 48.13 -0.76
CA PHE O 566 10.03 48.36 -2.15
C PHE O 566 11.25 48.82 -2.94
N ARG O 567 11.09 48.88 -4.26
CA ARG O 567 12.16 49.35 -5.14
C ARG O 567 11.55 49.82 -6.45
N CYS O 568 12.22 50.78 -7.08
CA CYS O 568 11.72 51.36 -8.32
C CYS O 568 11.94 50.40 -9.50
N LYS O 569 13.18 49.96 -9.69
CA LYS O 569 13.56 48.99 -10.72
C LYS O 569 13.19 49.52 -12.11
N GLU O 570 13.95 50.56 -12.50
CA GLU O 570 13.74 51.33 -13.73
C GLU O 570 13.93 50.52 -15.02
N THR O 571 14.18 49.21 -14.92
CA THR O 571 14.28 48.38 -16.12
C THR O 571 12.98 47.61 -16.41
N HIS O 572 12.52 46.80 -15.45
CA HIS O 572 11.34 45.98 -15.71
C HIS O 572 10.05 46.79 -15.73
N SER O 573 10.05 47.99 -15.15
CA SER O 573 8.87 48.84 -15.22
C SER O 573 8.62 49.36 -16.62
N TYR O 574 9.68 49.53 -17.42
CA TYR O 574 9.55 50.03 -18.78
C TYR O 574 9.50 48.93 -19.84
N ASN O 575 10.09 47.76 -19.56
CA ASN O 575 9.92 46.62 -20.46
C ASN O 575 8.48 46.14 -20.49
N PHE O 576 7.79 46.17 -19.35
CA PHE O 576 6.38 45.80 -19.32
C PHE O 576 5.53 46.80 -20.11
N MET O 577 5.84 48.09 -19.99
CA MET O 577 5.02 49.11 -20.65
C MET O 577 5.25 49.14 -22.15
N ARG O 578 6.42 48.69 -22.61
CA ARG O 578 6.67 48.60 -24.05
C ARG O 578 5.78 47.55 -24.70
N GLN O 579 5.88 46.31 -24.24
CA GLN O 579 5.16 45.21 -24.89
C GLN O 579 3.68 45.16 -24.53
N ASN O 580 3.25 45.94 -23.53
CA ASN O 580 1.82 46.12 -23.30
C ASN O 580 1.16 46.86 -24.45
N LEU O 581 1.91 47.73 -25.13
CA LEU O 581 1.41 48.46 -26.28
C LEU O 581 1.70 47.76 -27.59
N GLU O 582 2.79 46.99 -27.66
CA GLU O 582 3.13 46.28 -28.89
C GLU O 582 2.07 45.24 -29.24
N TRP O 583 1.48 44.61 -28.23
CA TRP O 583 0.30 43.78 -28.47
C TRP O 583 -0.91 44.64 -28.84
N ASN O 584 -1.00 45.85 -28.30
CA ASN O 584 -2.14 46.72 -28.59
C ASN O 584 -2.10 47.30 -30.00
N MET O 585 -0.97 47.23 -30.70
CA MET O 585 -0.97 47.53 -32.13
C MET O 585 -1.82 46.52 -32.90
N ALA O 586 -1.40 45.26 -32.90
CA ALA O 586 -2.00 44.27 -33.78
C ALA O 586 -3.35 43.78 -33.28
N ASN O 587 -3.69 44.02 -32.02
CA ASN O 587 -5.04 43.73 -31.55
C ASN O 587 -6.06 44.57 -32.32
N LEU O 588 -5.71 45.81 -32.64
CA LEU O 588 -6.56 46.62 -33.52
C LEU O 588 -6.41 46.22 -34.97
N LEU O 589 -5.22 45.80 -35.38
CA LEU O 589 -5.02 45.35 -36.76
C LEU O 589 -5.70 44.01 -37.01
N PHE O 590 -5.85 43.18 -35.99
CA PHE O 590 -6.63 41.95 -36.15
C PHE O 590 -8.11 42.25 -36.29
N LYS O 591 -8.59 43.31 -35.64
CA LYS O 591 -9.96 43.77 -35.83
C LYS O 591 -10.13 44.56 -37.12
N LYS O 592 -9.03 44.95 -37.77
CA LYS O 592 -9.11 45.55 -39.10
C LYS O 592 -9.49 44.49 -40.15
N GLU O 593 -8.77 43.37 -40.16
CA GLU O 593 -8.91 42.41 -41.25
C GLU O 593 -10.14 41.53 -41.10
N LYS O 594 -10.64 41.35 -39.87
CA LYS O 594 -11.91 40.69 -39.69
C LYS O 594 -13.08 41.56 -40.15
N LEU O 595 -12.88 42.88 -40.18
CA LEU O 595 -13.85 43.75 -40.84
C LEU O 595 -13.81 43.59 -42.35
N LYS O 596 -12.67 43.21 -42.91
CA LYS O 596 -12.60 42.89 -44.32
C LYS O 596 -13.12 41.49 -44.62
N GLN O 597 -13.13 40.59 -43.62
CA GLN O 597 -13.76 39.29 -43.81
C GLN O 597 -15.27 39.43 -43.88
N GLU O 598 -15.84 40.29 -43.04
CA GLU O 598 -17.23 40.70 -43.20
C GLU O 598 -17.37 41.61 -44.41
N ASN O 599 -18.58 41.63 -44.97
CA ASN O 599 -18.93 42.51 -46.10
C ASN O 599 -18.03 42.28 -47.31
N SER O 600 -17.52 41.06 -47.47
CA SER O 600 -16.48 40.80 -48.46
C SER O 600 -17.04 40.70 -49.88
N THR O 601 -18.35 40.52 -50.01
CA THR O 601 -18.95 40.39 -51.35
C THR O 601 -18.98 41.73 -52.07
N LEU O 602 -19.49 42.78 -51.42
CA LEU O 602 -19.69 44.06 -52.08
C LEU O 602 -18.41 44.88 -52.21
N LEU O 603 -17.39 44.58 -51.40
CA LEU O 603 -16.13 45.30 -51.52
C LEU O 603 -15.42 44.95 -52.81
N LYS O 604 -15.47 43.68 -53.22
CA LYS O 604 -15.01 43.32 -54.56
C LYS O 604 -15.96 43.81 -55.64
N LYS O 605 -17.24 43.98 -55.31
CA LYS O 605 -18.17 44.59 -56.25
C LYS O 605 -17.94 46.10 -56.35
N ALA O 606 -17.51 46.74 -55.27
CA ALA O 606 -17.07 48.13 -55.33
C ALA O 606 -15.68 48.30 -55.93
N ASN O 607 -14.94 47.20 -56.12
CA ASN O 607 -13.64 47.25 -56.78
C ASN O 607 -13.69 46.73 -58.21
N ARG O 608 -14.84 46.22 -58.66
CA ARG O 608 -15.03 45.88 -60.07
C ARG O 608 -15.72 46.97 -60.88
N ASP O 609 -16.38 47.93 -60.21
CA ASP O 609 -16.90 49.08 -60.92
C ASP O 609 -15.79 50.00 -61.41
N ASP O 610 -14.66 50.04 -60.72
CA ASP O 610 -13.53 50.84 -61.14
C ASP O 610 -12.26 50.00 -61.27
N LEU O 619 -25.41 49.23 -58.19
CA LEU O 619 -25.56 50.29 -57.20
C LEU O 619 -26.95 50.26 -56.56
N LEU O 620 -27.13 49.38 -55.59
CA LEU O 620 -28.41 49.25 -54.90
C LEU O 620 -28.53 50.36 -53.87
N PRO O 621 -29.66 51.08 -53.82
CA PRO O 621 -29.73 52.31 -53.02
C PRO O 621 -29.77 52.06 -51.52
N SER O 622 -30.13 50.86 -51.07
CA SER O 622 -30.06 50.52 -49.66
C SER O 622 -28.76 49.82 -49.29
N GLU O 623 -28.05 49.25 -50.26
CA GLU O 623 -26.77 48.61 -49.99
C GLU O 623 -25.71 49.63 -49.58
N LEU O 624 -25.82 50.86 -50.08
CA LEU O 624 -24.83 51.90 -49.82
C LEU O 624 -24.86 52.35 -48.37
N ASN O 625 -25.96 52.10 -47.66
CA ASN O 625 -26.02 52.39 -46.23
C ASN O 625 -24.99 51.58 -45.45
N GLN O 626 -24.83 50.30 -45.79
CA GLN O 626 -23.93 49.41 -45.05
C GLN O 626 -22.49 49.51 -45.52
N LEU O 627 -22.18 50.52 -46.32
CA LEU O 627 -20.81 50.77 -46.78
C LEU O 627 -20.16 51.93 -46.06
N LYS O 628 -20.95 52.83 -45.47
CA LYS O 628 -20.43 54.03 -44.81
C LYS O 628 -20.04 53.75 -43.37
N MET O 629 -20.87 53.00 -42.64
CA MET O 629 -20.55 52.70 -41.24
C MET O 629 -19.31 51.83 -41.12
N VAL O 630 -19.10 50.92 -42.07
CA VAL O 630 -17.89 50.10 -42.06
C VAL O 630 -16.67 50.89 -42.50
N ASN O 631 -16.87 52.04 -43.14
CA ASN O 631 -15.77 52.87 -43.61
C ASN O 631 -15.33 53.90 -42.57
N GLU O 632 -16.28 54.40 -41.76
CA GLU O 632 -15.93 55.36 -40.72
C GLU O 632 -15.38 54.68 -39.47
N ARG O 633 -15.80 53.45 -39.21
CA ARG O 633 -15.30 52.73 -38.05
C ARG O 633 -13.85 52.30 -38.26
N GLU O 634 -13.50 51.91 -39.49
CA GLU O 634 -12.11 51.62 -39.82
C GLU O 634 -11.30 52.91 -39.94
N LEU O 635 -11.95 54.05 -40.13
CA LEU O 635 -11.25 55.32 -40.16
C LEU O 635 -10.76 55.72 -38.77
N ASN O 636 -11.47 55.29 -37.72
CA ASN O 636 -11.05 55.55 -36.36
C ASN O 636 -9.88 54.66 -35.96
N VAL O 637 -9.69 53.53 -36.65
CA VAL O 637 -8.61 52.60 -36.32
C VAL O 637 -7.26 53.24 -36.63
N PHE O 638 -7.10 53.76 -37.86
CA PHE O 638 -5.85 54.42 -38.23
C PHE O 638 -5.66 55.73 -37.48
N ALA O 639 -6.74 56.36 -37.02
CA ALA O 639 -6.61 57.56 -36.20
C ALA O 639 -6.02 57.22 -34.83
N ARG O 640 -6.57 56.20 -34.16
CA ARG O 640 -6.09 55.82 -32.84
C ARG O 640 -4.78 55.06 -32.90
N LEU O 641 -4.45 54.48 -34.06
CA LEU O 641 -3.16 53.80 -34.21
C LEU O 641 -2.02 54.80 -34.14
N SER O 642 -2.20 55.98 -34.71
CA SER O 642 -1.16 57.01 -34.63
C SER O 642 -1.00 57.54 -33.22
N ARG O 643 -2.05 57.48 -32.40
CA ARG O 643 -1.98 57.98 -31.03
C ARG O 643 -1.07 57.10 -30.19
N LEU O 644 -1.35 55.79 -30.15
CA LEU O 644 -0.58 54.87 -29.32
C LEU O 644 0.82 54.69 -29.87
N LEU O 645 1.01 54.88 -31.17
CA LEU O 645 2.32 54.74 -31.78
C LEU O 645 3.26 55.84 -31.31
N SER O 646 2.75 57.06 -31.16
CA SER O 646 3.55 58.13 -30.58
C SER O 646 3.89 57.85 -29.12
N LEU O 647 2.98 57.21 -28.39
CA LEU O 647 3.29 56.78 -27.03
C LEU O 647 4.29 55.63 -27.00
N TRP O 648 4.35 54.84 -28.08
CA TRP O 648 5.27 53.71 -28.13
C TRP O 648 6.67 54.13 -28.56
N GLU O 649 6.76 55.08 -29.49
CA GLU O 649 8.06 55.49 -30.03
C GLU O 649 8.88 56.30 -29.03
N VAL O 650 8.30 56.67 -27.88
CA VAL O 650 9.09 57.31 -26.83
C VAL O 650 10.07 56.31 -26.22
N PHE O 651 9.69 55.03 -26.16
CA PHE O 651 10.50 54.01 -25.51
C PHE O 651 11.52 53.39 -26.47
N GLN O 652 11.68 53.94 -27.67
CA GLN O 652 12.67 53.47 -28.64
C GLN O 652 13.95 54.27 -28.59
N MET O 653 14.11 55.14 -27.58
CA MET O 653 15.39 55.82 -27.33
C MET O 653 16.26 55.01 -26.38
N ALA O 654 16.51 53.76 -26.77
CA ALA O 654 17.25 52.83 -25.94
C ALA O 654 18.66 52.61 -26.49
N GLU P 169 -1.04 66.88 9.77
CA GLU P 169 -0.62 66.70 11.16
C GLU P 169 -1.23 65.44 11.76
N LEU P 170 -2.53 65.49 12.06
CA LEU P 170 -3.23 64.35 12.61
C LEU P 170 -3.69 63.42 11.49
N ASP P 171 -3.89 62.15 11.84
CA ASP P 171 -4.02 61.08 10.85
C ASP P 171 -5.26 61.23 9.97
N ILE P 172 -6.28 61.97 10.42
CA ILE P 172 -7.48 62.20 9.62
C ILE P 172 -7.23 63.31 8.60
N GLU P 173 -8.20 63.51 7.71
CA GLU P 173 -8.07 64.41 6.56
C GLU P 173 -8.19 65.87 6.96
N PHE P 174 -8.43 66.74 5.96
CA PHE P 174 -8.35 68.21 6.01
C PHE P 174 -6.92 68.71 5.93
N ILE P 175 -5.94 67.83 5.71
CA ILE P 175 -4.65 68.27 5.19
C ILE P 175 -4.74 68.56 3.70
N ASN P 176 -5.61 67.84 2.98
CA ASN P 176 -5.84 68.14 1.57
C ASN P 176 -6.50 69.51 1.38
N SER P 177 -7.41 69.87 2.28
CA SER P 177 -8.00 71.21 2.25
C SER P 177 -7.04 72.26 2.76
N LEU P 178 -6.02 71.86 3.53
CA LEU P 178 -4.99 72.81 3.96
C LEU P 178 -4.06 73.17 2.81
N LEU P 179 -3.66 72.19 2.00
CA LEU P 179 -2.62 72.40 1.01
C LEU P 179 -3.11 73.14 -0.24
N THR P 180 -4.42 73.25 -0.42
CA THR P 180 -4.97 73.96 -1.58
C THR P 180 -4.89 75.47 -1.43
N ILE P 181 -4.58 75.98 -0.24
CA ILE P 181 -4.43 77.42 -0.03
C ILE P 181 -3.01 77.88 -0.38
N VAL P 182 -2.00 77.08 -0.01
CA VAL P 182 -0.62 77.53 -0.09
C VAL P 182 -0.14 77.56 -1.54
N TRP P 183 -0.82 76.86 -2.44
CA TRP P 183 -0.40 76.80 -3.84
C TRP P 183 -0.85 78.03 -4.63
N ARG P 184 -1.82 78.79 -4.11
CA ARG P 184 -2.47 79.81 -4.91
C ARG P 184 -1.57 81.01 -5.16
N PHE P 185 -0.69 81.33 -4.20
CA PHE P 185 0.20 82.47 -4.36
C PHE P 185 1.34 82.17 -5.32
N ILE P 186 1.81 80.92 -5.35
CA ILE P 186 2.99 80.60 -6.15
C ILE P 186 2.65 80.49 -7.63
N SER P 187 1.37 80.39 -7.99
CA SER P 187 0.99 80.25 -9.38
C SER P 187 1.27 81.52 -10.17
N GLU P 188 1.03 82.69 -9.57
CA GLU P 188 1.27 83.95 -10.25
C GLU P 188 2.74 84.37 -10.22
N ASN P 189 3.59 83.64 -9.51
CA ASN P 189 4.98 84.02 -9.28
C ASN P 189 5.09 85.44 -8.71
N THR P 218 11.96 79.29 2.57
CA THR P 218 10.65 78.76 2.98
C THR P 218 10.13 79.47 4.21
N GLN P 219 10.89 80.45 4.70
CA GLN P 219 10.40 81.28 5.80
C GLN P 219 9.35 82.27 5.33
N GLU P 220 9.37 82.64 4.05
CA GLU P 220 8.30 83.46 3.48
C GLU P 220 6.97 82.73 3.43
N ILE P 221 6.99 81.39 3.40
CA ILE P 221 5.75 80.63 3.35
C ILE P 221 5.04 80.65 4.71
N LEU P 222 5.80 80.80 5.80
CA LEU P 222 5.19 80.87 7.12
C LEU P 222 4.35 82.12 7.30
N GLU P 223 4.74 83.24 6.68
CA GLU P 223 3.91 84.44 6.73
C GLU P 223 2.65 84.29 5.88
N PHE P 224 2.73 83.49 4.81
CA PHE P 224 1.60 83.36 3.90
C PHE P 224 0.47 82.54 4.53
N ILE P 225 0.82 81.54 5.34
CA ILE P 225 -0.18 80.59 5.82
C ILE P 225 -0.92 81.13 7.04
N THR P 226 -0.30 82.00 7.83
CA THR P 226 -0.97 82.55 9.00
C THR P 226 -2.00 83.58 8.57
N ALA P 227 -3.26 83.35 8.94
CA ALA P 227 -4.38 84.13 8.44
C ALA P 227 -5.58 83.89 9.36
N ALA P 228 -6.74 84.40 8.95
CA ALA P 228 -7.94 84.29 9.77
C ALA P 228 -8.46 82.85 9.77
N GLN P 229 -8.52 82.23 8.58
CA GLN P 229 -9.25 80.98 8.41
C GLN P 229 -8.48 79.78 8.96
N VAL P 230 -7.15 79.91 9.09
CA VAL P 230 -6.33 78.79 9.56
C VAL P 230 -6.53 78.63 11.06
N ALA P 231 -6.61 77.38 11.51
CA ALA P 231 -6.91 77.06 12.90
C ALA P 231 -5.86 76.19 13.57
N ASN P 232 -5.29 75.22 12.86
CA ASN P 232 -4.32 74.33 13.48
C ASN P 232 -3.09 75.10 13.94
N VAL P 233 -2.52 74.68 15.07
CA VAL P 233 -1.68 75.54 15.88
C VAL P 233 -0.21 75.20 15.66
N GLU P 234 0.64 76.23 15.78
CA GLU P 234 2.07 76.10 15.99
C GLU P 234 2.82 75.66 14.73
N LEU P 235 2.07 75.23 13.70
CA LEU P 235 2.44 75.40 12.29
C LEU P 235 3.93 75.36 12.03
N THR P 236 4.60 74.31 12.49
CA THR P 236 6.05 74.31 12.54
C THR P 236 6.65 74.17 11.14
N PRO P 237 7.86 74.68 10.92
CA PRO P 237 8.48 74.56 9.59
C PRO P 237 8.80 73.14 9.19
N SER P 238 8.82 72.19 10.14
CA SER P 238 9.06 70.80 9.79
C SER P 238 7.89 70.21 9.02
N ASN P 239 6.67 70.63 9.32
CA ASN P 239 5.52 70.20 8.55
C ASN P 239 5.38 70.93 7.22
N ILE P 240 6.02 72.09 7.07
CA ILE P 240 5.89 72.85 5.83
C ILE P 240 6.70 72.19 4.72
N ARG P 241 7.94 71.75 5.04
CA ARG P 241 8.75 71.08 4.04
C ARG P 241 8.20 69.71 3.66
N SER P 242 7.42 69.09 4.55
CA SER P 242 6.74 67.84 4.22
C SER P 242 5.51 68.10 3.35
N LEU P 243 4.73 69.11 3.70
CA LEU P 243 3.51 69.41 2.94
C LEU P 243 3.84 69.98 1.57
N CYS P 244 5.01 70.62 1.42
CA CYS P 244 5.41 71.13 0.12
C CYS P 244 5.84 70.00 -0.81
N GLU P 245 6.34 68.90 -0.24
CA GLU P 245 6.86 67.80 -1.06
C GLU P 245 5.73 67.03 -1.74
N VAL P 246 4.53 67.06 -1.18
CA VAL P 246 3.43 66.28 -1.74
C VAL P 246 2.99 66.87 -3.08
N LEU P 247 3.04 68.19 -3.21
CA LEU P 247 2.68 68.83 -4.47
C LEU P 247 3.74 68.61 -5.54
N VAL P 248 4.97 68.31 -5.14
CA VAL P 248 5.99 67.85 -6.08
C VAL P 248 5.67 66.43 -6.55
N TYR P 249 5.17 65.58 -5.65
CA TYR P 249 4.76 64.24 -6.04
C TYR P 249 3.52 64.29 -6.93
N ASP P 250 2.61 65.22 -6.66
CA ASP P 250 1.44 65.43 -7.50
C ASP P 250 1.73 66.36 -8.67
N ASP P 251 2.99 66.74 -8.86
CA ASP P 251 3.51 67.45 -10.03
C ASP P 251 2.97 68.87 -10.15
N LYS P 252 2.33 69.38 -9.10
CA LYS P 252 1.78 70.73 -9.15
C LYS P 252 2.85 71.78 -8.93
N LEU P 253 3.93 71.43 -8.25
CA LEU P 253 4.90 72.38 -7.75
C LEU P 253 6.31 71.87 -7.99
N GLU P 254 7.25 72.80 -8.17
CA GLU P 254 8.61 72.48 -8.57
C GLU P 254 9.58 72.84 -7.45
N LYS P 255 10.66 72.07 -7.35
CA LYS P 255 11.73 72.29 -6.37
C LYS P 255 12.99 72.75 -7.07
N VAL P 256 13.45 73.96 -6.76
CA VAL P 256 14.65 74.52 -7.36
C VAL P 256 15.49 75.20 -6.26
N THR P 257 16.81 75.14 -6.44
CA THR P 257 17.79 75.91 -5.67
C THR P 257 17.74 75.55 -4.19
N HIS P 258 17.32 74.32 -3.90
CA HIS P 258 17.37 73.69 -2.58
C HIS P 258 16.38 74.30 -1.58
N ASP P 259 15.86 75.50 -1.88
CA ASP P 259 14.83 76.10 -1.03
C ASP P 259 13.72 76.82 -1.79
N CYS P 260 13.91 77.15 -3.06
CA CYS P 260 12.90 77.87 -3.81
C CYS P 260 11.86 76.90 -4.38
N TYR P 261 10.65 77.39 -4.57
CA TYR P 261 9.57 76.57 -5.08
C TYR P 261 8.75 77.38 -6.08
N ARG P 262 8.54 76.80 -7.26
CA ARG P 262 7.75 77.45 -8.30
C ARG P 262 6.69 76.49 -8.81
N VAL P 263 5.68 77.06 -9.48
CA VAL P 263 4.60 76.27 -10.04
C VAL P 263 5.11 75.53 -11.27
N THR P 264 4.54 74.35 -11.53
CA THR P 264 4.82 73.61 -12.75
C THR P 264 3.87 73.98 -13.89
N LEU P 265 3.24 75.16 -13.80
CA LEU P 265 2.16 75.60 -14.69
C LEU P 265 1.13 74.50 -14.92
N GLU P 266 0.69 73.88 -13.83
CA GLU P 266 -0.50 73.03 -13.87
C GLU P 266 -1.80 73.83 -13.76
N SER P 267 -1.71 75.13 -13.50
CA SER P 267 -2.91 75.96 -13.39
C SER P 267 -3.62 76.07 -14.74
N ILE P 268 -2.87 76.20 -15.83
CA ILE P 268 -3.49 76.20 -17.15
C ILE P 268 -4.01 74.81 -17.50
N LEU P 269 -3.38 73.76 -16.98
CA LEU P 269 -3.98 72.43 -17.09
C LEU P 269 -5.21 72.31 -16.21
N GLN P 270 -5.19 72.93 -15.03
CA GLN P 270 -6.37 72.97 -14.19
C GLN P 270 -7.46 73.84 -14.81
N MET P 271 -7.08 74.89 -15.53
CA MET P 271 -7.98 75.84 -16.19
C MET P 271 -9.21 76.19 -15.35
N ILE P 293 0.45 63.83 -26.18
CA ILE P 293 -0.61 64.81 -26.25
C ILE P 293 -0.70 65.61 -24.95
N PHE P 294 -0.43 64.93 -23.83
CA PHE P 294 -0.27 65.56 -22.53
C PHE P 294 -1.52 66.36 -22.12
N ASN P 295 -2.69 65.79 -22.40
CA ASN P 295 -3.95 66.41 -21.97
C ASN P 295 -5.04 65.33 -21.98
N TYR P 296 -5.36 64.80 -20.79
CA TYR P 296 -6.37 63.75 -20.70
C TYR P 296 -7.78 64.32 -20.64
N PHE P 297 -7.94 65.55 -20.15
CA PHE P 297 -9.23 66.21 -20.21
C PHE P 297 -9.54 66.70 -21.63
N LYS P 298 -10.80 67.08 -21.83
CA LYS P 298 -11.46 67.25 -23.14
C LYS P 298 -11.27 66.03 -24.05
N MET P 299 -11.01 64.86 -23.48
CA MET P 299 -10.88 63.62 -24.22
C MET P 299 -11.95 62.67 -23.70
N PHE P 300 -13.12 62.68 -24.37
CA PHE P 300 -14.21 61.85 -23.86
C PHE P 300 -14.38 60.62 -24.74
N PRO P 301 -14.48 59.43 -24.16
CA PRO P 301 -14.76 58.22 -24.96
C PRO P 301 -16.25 57.97 -25.09
N ALA P 302 -16.62 57.41 -26.24
CA ALA P 302 -18.00 56.99 -26.45
C ALA P 302 -18.31 55.73 -25.64
N SER P 303 -17.53 54.67 -25.86
CA SER P 303 -17.46 53.50 -24.98
C SER P 303 -18.69 52.63 -25.07
N LYS P 304 -19.72 53.08 -25.78
CA LYS P 304 -20.93 52.30 -25.99
C LYS P 304 -21.21 52.15 -27.48
N HIS P 305 -21.59 50.93 -27.87
CA HIS P 305 -21.84 50.53 -29.25
C HIS P 305 -20.63 50.70 -30.16
N ASP P 306 -19.43 50.82 -29.59
CA ASP P 306 -18.20 50.86 -30.38
C ASP P 306 -17.26 49.77 -29.85
N LYS P 307 -17.17 48.66 -30.58
CA LYS P 307 -16.45 47.51 -30.06
C LYS P 307 -14.94 47.65 -30.18
N GLU P 308 -14.47 48.60 -30.99
CA GLU P 308 -13.04 48.76 -31.25
C GLU P 308 -12.46 49.83 -30.33
N VAL P 309 -12.33 49.46 -29.05
CA VAL P 309 -11.72 50.33 -28.06
C VAL P 309 -10.50 49.61 -27.48
N VAL P 310 -9.69 50.37 -26.74
CA VAL P 310 -8.43 49.87 -26.21
C VAL P 310 -8.48 49.94 -24.69
N TYR P 311 -8.09 48.85 -24.04
CA TYR P 311 -8.12 48.74 -22.59
C TYR P 311 -6.70 48.49 -22.08
N PHE P 312 -6.46 48.85 -20.83
CA PHE P 312 -5.14 48.61 -20.25
C PHE P 312 -5.02 47.22 -19.65
N ASP P 313 -6.13 46.63 -19.18
CA ASP P 313 -6.16 45.24 -18.76
C ASP P 313 -6.29 44.32 -19.98
N GLU P 314 -6.75 43.09 -19.75
CA GLU P 314 -6.95 42.07 -20.78
C GLU P 314 -5.72 41.88 -21.67
N TRP P 315 -4.54 42.17 -21.13
CA TRP P 315 -3.31 41.54 -21.59
C TRP P 315 -2.59 40.74 -20.51
N THR P 316 -2.78 41.07 -19.24
CA THR P 316 -2.34 40.22 -18.15
C THR P 316 -3.19 38.96 -18.07
N PHE Q 36 -16.46 43.46 -20.19
CA PHE Q 36 -15.96 42.71 -19.05
C PHE Q 36 -14.56 43.16 -18.56
N PRO Q 37 -13.67 43.55 -19.47
CA PRO Q 37 -12.46 44.26 -19.02
C PRO Q 37 -12.73 45.75 -18.81
N SER Q 38 -12.34 46.24 -17.65
CA SER Q 38 -12.49 47.64 -17.29
C SER Q 38 -11.23 48.42 -17.67
N ILE Q 39 -11.05 49.59 -17.05
CA ILE Q 39 -9.81 50.38 -17.01
C ILE Q 39 -9.26 50.63 -18.42
N PRO Q 40 -9.84 51.57 -19.16
CA PRO Q 40 -9.48 51.73 -20.56
C PRO Q 40 -8.23 52.59 -20.73
N LEU Q 41 -7.67 52.54 -21.95
CA LEU Q 41 -6.72 53.56 -22.37
C LEU Q 41 -7.42 54.90 -22.55
N PRO Q 42 -6.76 56.01 -22.21
CA PRO Q 42 -7.38 57.33 -22.31
C PRO Q 42 -7.34 57.96 -23.70
N ILE Q 43 -6.97 57.21 -24.73
CA ILE Q 43 -6.99 57.72 -26.10
C ILE Q 43 -8.15 57.12 -26.87
N ASN Q 44 -9.32 57.76 -26.79
CA ASN Q 44 -10.55 57.27 -27.40
C ASN Q 44 -11.41 58.49 -27.71
N GLY Q 45 -11.39 58.93 -28.97
CA GLY Q 45 -12.00 60.19 -29.33
C GLY Q 45 -12.36 60.27 -30.80
N PRO Q 46 -13.18 61.25 -31.16
CA PRO Q 46 -13.49 61.46 -32.58
C PRO Q 46 -12.28 61.90 -33.39
N ILE Q 47 -12.25 61.45 -34.64
CA ILE Q 47 -11.14 61.77 -35.53
C ILE Q 47 -11.21 63.24 -35.93
N THR Q 48 -10.05 63.90 -35.95
CA THR Q 48 -9.93 65.27 -36.40
C THR Q 48 -9.47 65.29 -37.86
N ASN Q 49 -9.79 66.39 -38.55
CA ASN Q 49 -9.35 66.57 -39.93
C ASN Q 49 -7.83 66.69 -40.05
N LYS Q 50 -7.13 66.95 -38.94
CA LYS Q 50 -5.67 66.95 -38.99
C LYS Q 50 -5.12 65.56 -39.32
N GLU Q 51 -5.82 64.52 -38.91
CA GLU Q 51 -5.42 63.14 -39.19
C GLU Q 51 -6.42 62.39 -40.06
N ARG Q 52 -7.52 63.04 -40.48
CA ARG Q 52 -8.48 62.37 -41.34
C ARG Q 52 -7.90 62.13 -42.74
N SER Q 53 -7.25 63.15 -43.30
CA SER Q 53 -6.55 62.95 -44.56
C SER Q 53 -5.32 62.06 -44.39
N LEU Q 54 -4.72 62.07 -43.19
CA LEU Q 54 -3.61 61.17 -42.92
C LEU Q 54 -4.05 59.71 -42.94
N ALA Q 55 -5.30 59.43 -42.54
CA ALA Q 55 -5.83 58.08 -42.57
C ALA Q 55 -6.26 57.64 -43.97
N VAL Q 56 -6.57 58.59 -44.86
CA VAL Q 56 -6.83 58.24 -46.25
C VAL Q 56 -5.56 57.74 -46.92
N LYS Q 57 -4.39 58.22 -46.48
CA LYS Q 57 -3.12 57.80 -47.05
C LYS Q 57 -2.75 56.36 -46.69
N TYR Q 58 -3.51 55.72 -45.80
CA TYR Q 58 -3.29 54.32 -45.49
C TYR Q 58 -4.10 53.39 -46.39
N ILE Q 59 -5.36 53.74 -46.69
CA ILE Q 59 -6.25 52.79 -47.34
C ILE Q 59 -5.88 52.63 -48.81
N ASN Q 60 -5.39 53.69 -49.45
CA ASN Q 60 -4.84 53.58 -50.81
C ASN Q 60 -3.43 53.01 -50.82
N PHE Q 61 -2.75 53.01 -49.67
CA PHE Q 61 -1.41 52.42 -49.61
C PHE Q 61 -1.47 50.91 -49.75
N GLY Q 62 -2.30 50.24 -48.95
CA GLY Q 62 -2.45 48.80 -49.06
C GLY Q 62 -3.14 48.37 -50.34
N LYS Q 63 -3.99 49.22 -50.90
CA LYS Q 63 -4.59 48.91 -52.20
C LYS Q 63 -3.57 49.03 -53.32
N THR Q 64 -2.57 49.90 -53.17
CA THR Q 64 -1.50 49.98 -54.15
C THR Q 64 -0.65 48.73 -54.13
N VAL Q 65 -0.36 48.20 -52.94
CA VAL Q 65 0.50 47.02 -52.83
C VAL Q 65 -0.22 45.78 -53.33
N LYS Q 66 -1.49 45.60 -52.93
CA LYS Q 66 -2.20 44.39 -53.30
C LYS Q 66 -2.61 44.40 -54.76
N ASP Q 67 -3.00 45.55 -55.30
CA ASP Q 67 -3.27 45.69 -56.73
C ASP Q 67 -2.03 46.09 -57.52
N GLY Q 68 -0.85 46.04 -56.91
CA GLY Q 68 0.38 46.17 -57.65
C GLY Q 68 0.89 44.85 -58.19
N PRO Q 69 2.16 44.54 -57.90
CA PRO Q 69 2.67 43.22 -58.28
C PRO Q 69 2.11 42.09 -57.44
N PHE Q 70 2.06 42.27 -56.12
CA PHE Q 70 1.91 41.15 -55.20
C PHE Q 70 0.68 41.32 -54.32
N SER R 61 -78.44 28.77 33.23
CA SER R 61 -79.05 29.71 34.15
C SER R 61 -78.72 31.15 33.73
N GLY R 62 -79.53 32.10 34.21
CA GLY R 62 -79.33 33.50 33.89
C GLY R 62 -78.33 34.17 34.82
N ILE R 63 -77.06 33.80 34.69
CA ILE R 63 -75.98 34.38 35.48
C ILE R 63 -75.23 35.39 34.62
N VAL R 64 -74.79 36.47 35.26
CA VAL R 64 -74.08 37.55 34.57
C VAL R 64 -72.65 37.62 35.09
N PRO R 65 -71.65 37.79 34.23
CA PRO R 65 -70.26 37.95 34.70
C PRO R 65 -70.00 39.40 35.08
N THR R 66 -69.82 39.65 36.37
CA THR R 66 -69.53 40.99 36.85
C THR R 66 -68.10 41.40 36.49
N LEU R 67 -67.90 42.71 36.36
CA LEU R 67 -66.68 43.29 35.82
C LEU R 67 -65.95 44.01 36.95
N GLN R 68 -64.65 43.73 37.09
CA GLN R 68 -63.93 44.07 38.30
C GLN R 68 -62.97 45.25 38.12
N ASN R 69 -62.08 45.21 37.12
CA ASN R 69 -61.11 46.28 36.92
C ASN R 69 -61.25 46.84 35.51
N ILE R 70 -61.30 48.16 35.42
CA ILE R 70 -61.37 48.88 34.15
C ILE R 70 -60.21 49.86 34.12
N VAL R 71 -59.31 49.68 33.16
CA VAL R 71 -58.15 50.55 33.06
C VAL R 71 -58.28 51.41 31.80
N ALA R 72 -57.60 52.56 31.83
CA ALA R 72 -57.69 53.52 30.75
C ALA R 72 -56.50 54.47 30.84
N THR R 73 -56.03 54.93 29.68
CA THR R 73 -55.04 55.98 29.64
C THR R 73 -55.51 57.12 28.74
N VAL R 74 -55.09 58.34 29.07
CA VAL R 74 -55.30 59.50 28.23
C VAL R 74 -53.94 60.13 27.92
N THR R 75 -53.93 61.04 26.95
CA THR R 75 -52.74 61.83 26.68
C THR R 75 -52.77 63.12 27.50
N LEU R 76 -51.58 63.70 27.69
CA LEU R 76 -51.44 64.99 28.34
C LEU R 76 -50.55 65.90 27.49
N GLY R 77 -50.98 67.14 27.29
CA GLY R 77 -50.20 68.07 26.49
C GLY R 77 -49.07 68.75 27.23
N CYS R 78 -48.99 68.55 28.54
CA CYS R 78 -48.00 69.20 29.39
C CYS R 78 -47.04 68.16 29.95
N ARG R 79 -45.75 68.49 29.98
CA ARG R 79 -44.77 67.57 30.52
C ARG R 79 -44.69 67.69 32.03
N LEU R 80 -44.56 66.55 32.70
CA LEU R 80 -44.69 66.48 34.15
C LEU R 80 -43.32 66.65 34.80
N ASP R 81 -43.29 67.34 35.93
CA ASP R 81 -42.11 67.38 36.79
C ASP R 81 -42.43 66.74 38.13
N LEU R 82 -41.50 65.91 38.61
CA LEU R 82 -41.77 65.09 39.79
C LEU R 82 -41.74 65.90 41.08
N LYS R 83 -41.03 67.03 41.08
CA LYS R 83 -40.94 67.88 42.26
C LYS R 83 -42.29 68.51 42.61
N THR R 84 -42.92 69.17 41.64
CA THR R 84 -44.05 70.06 41.89
C THR R 84 -45.38 69.34 42.03
N VAL R 85 -45.42 68.00 41.98
CA VAL R 85 -46.68 67.29 42.09
C VAL R 85 -46.61 66.25 43.20
N ALA R 86 -45.43 66.05 43.76
CA ALA R 86 -45.23 65.09 44.84
C ALA R 86 -44.96 65.74 46.19
N LEU R 87 -44.14 66.79 46.23
CA LEU R 87 -43.69 67.38 47.48
C LEU R 87 -44.73 68.29 48.13
N HIS R 88 -45.88 68.50 47.49
CA HIS R 88 -47.01 69.19 48.13
C HIS R 88 -48.31 68.48 47.83
N ALA R 89 -48.30 67.15 47.93
CA ALA R 89 -49.47 66.32 47.77
C ALA R 89 -49.85 65.67 49.09
N ARG R 90 -50.81 64.76 49.05
CA ARG R 90 -51.27 64.02 50.22
C ARG R 90 -50.88 62.55 50.17
N ASN R 91 -51.03 61.91 49.01
CA ASN R 91 -50.59 60.53 48.82
C ASN R 91 -49.23 60.52 48.12
N ALA R 92 -48.24 61.08 48.83
CA ALA R 92 -46.91 61.31 48.27
C ALA R 92 -46.13 60.00 48.25
N GLU R 93 -45.99 59.42 47.06
CA GLU R 93 -45.23 58.18 46.89
C GLU R 93 -44.47 58.28 45.57
N TYR R 94 -43.15 58.44 45.66
CA TYR R 94 -42.30 58.44 44.48
C TYR R 94 -40.89 58.04 44.91
N ASN R 95 -40.44 56.87 44.47
CA ASN R 95 -39.07 56.44 44.71
C ASN R 95 -38.32 56.36 43.38
N PRO R 96 -37.49 57.35 43.05
CA PRO R 96 -36.85 57.36 41.72
C PRO R 96 -35.98 56.15 41.46
N LYS R 97 -35.29 55.65 42.49
CA LYS R 97 -34.50 54.44 42.34
C LYS R 97 -35.39 53.21 42.15
N ARG R 98 -36.59 53.21 42.72
CA ARG R 98 -37.48 52.06 42.57
C ARG R 98 -38.38 52.20 41.34
N PHE R 99 -39.10 53.31 41.22
CA PHE R 99 -40.12 53.41 40.18
C PHE R 99 -40.25 54.86 39.73
N ALA R 100 -40.25 55.07 38.41
CA ALA R 100 -40.04 56.37 37.80
C ALA R 100 -41.29 57.25 37.80
N ALA R 101 -42.29 56.97 38.64
CA ALA R 101 -43.54 57.70 38.58
C ALA R 101 -44.19 57.75 39.96
N VAL R 102 -45.19 58.62 40.07
CA VAL R 102 -45.90 58.87 41.33
C VAL R 102 -47.22 58.12 41.30
N ILE R 103 -47.51 57.39 42.37
CA ILE R 103 -48.83 56.83 42.58
C ILE R 103 -49.57 57.68 43.60
N MET R 104 -50.90 57.62 43.55
CA MET R 104 -51.74 58.13 44.62
C MET R 104 -53.04 57.33 44.64
N ARG R 105 -53.58 57.16 45.85
CA ARG R 105 -54.72 56.28 46.08
C ARG R 105 -55.81 57.03 46.83
N ILE R 106 -57.04 56.88 46.37
CA ILE R 106 -58.23 57.47 46.99
C ILE R 106 -59.16 56.36 47.43
N ARG R 107 -59.83 56.56 48.58
CA ARG R 107 -60.74 55.55 49.09
C ARG R 107 -62.02 55.49 48.27
N GLU R 108 -62.51 56.64 47.81
CA GLU R 108 -63.61 56.70 46.87
C GLU R 108 -63.14 57.38 45.60
N PRO R 109 -63.41 56.81 44.41
CA PRO R 109 -64.10 55.54 44.22
C PRO R 109 -63.14 54.35 44.12
N LYS R 110 -62.24 54.26 45.11
CA LYS R 110 -61.31 53.14 45.30
C LYS R 110 -60.53 52.79 44.03
N THR R 111 -60.24 53.78 43.19
CA THR R 111 -59.35 53.59 42.06
C THR R 111 -57.94 54.02 42.43
N THR R 112 -57.00 53.77 41.51
CA THR R 112 -55.61 54.12 41.72
C THR R 112 -55.06 54.87 40.51
N ALA R 113 -54.27 55.90 40.78
CA ALA R 113 -53.77 56.80 39.75
C ALA R 113 -52.29 56.54 39.53
N LEU R 114 -51.87 56.59 38.26
CA LEU R 114 -50.47 56.42 37.90
C LEU R 114 -50.12 57.36 36.76
N ILE R 115 -49.01 58.08 36.91
CA ILE R 115 -48.62 59.12 35.97
C ILE R 115 -47.37 58.69 35.22
N PHE R 116 -46.88 59.53 34.32
CA PHE R 116 -45.59 59.34 33.70
C PHE R 116 -44.85 60.67 33.65
N ALA R 117 -43.52 60.60 33.80
CA ALA R 117 -42.70 61.80 33.73
C ALA R 117 -42.68 62.41 32.33
N SER R 118 -42.96 61.61 31.30
CA SER R 118 -43.13 62.17 29.96
C SER R 118 -44.42 62.98 29.84
N GLY R 119 -45.39 62.73 30.71
CA GLY R 119 -46.63 63.49 30.73
C GLY R 119 -47.84 62.59 30.84
N LYS R 120 -47.74 61.38 30.31
CA LYS R 120 -48.89 60.51 30.15
C LYS R 120 -49.35 59.98 31.51
N MET R 121 -50.56 59.40 31.50
CA MET R 121 -51.23 59.00 32.74
C MET R 121 -52.11 57.80 32.42
N VAL R 122 -52.18 56.86 33.36
CA VAL R 122 -53.02 55.68 33.22
C VAL R 122 -53.67 55.38 34.57
N VAL R 123 -54.92 54.91 34.52
CA VAL R 123 -55.70 54.65 35.72
C VAL R 123 -56.03 53.17 35.78
N THR R 124 -56.09 52.63 36.98
CA THR R 124 -56.64 51.29 37.21
C THR R 124 -57.31 51.26 38.57
N GLY R 125 -58.09 50.22 38.81
CA GLY R 125 -58.88 50.10 40.02
C GLY R 125 -60.34 50.49 39.87
N ALA R 126 -60.82 50.67 38.64
CA ALA R 126 -62.19 51.07 38.38
C ALA R 126 -63.10 49.86 38.25
N LYS R 127 -64.17 49.84 39.03
CA LYS R 127 -65.11 48.72 39.01
C LYS R 127 -66.09 48.85 37.85
N SER R 128 -66.83 49.95 37.80
CA SER R 128 -67.79 50.21 36.74
C SER R 128 -67.12 50.97 35.60
N GLU R 129 -67.91 51.28 34.57
CA GLU R 129 -67.41 51.95 33.37
C GLU R 129 -67.53 53.46 33.48
N ASP R 130 -68.73 53.96 33.81
CA ASP R 130 -68.91 55.39 34.01
C ASP R 130 -68.12 55.89 35.21
N ASP R 131 -67.88 55.03 36.20
CA ASP R 131 -67.12 55.42 37.38
C ASP R 131 -65.63 55.60 37.06
N SER R 132 -65.15 54.96 35.98
CA SER R 132 -63.78 55.21 35.54
C SER R 132 -63.61 56.63 35.02
N LYS R 133 -64.61 57.14 34.27
CA LYS R 133 -64.52 58.51 33.77
C LYS R 133 -64.73 59.51 34.90
N LEU R 134 -65.48 59.13 35.94
CA LEU R 134 -65.59 59.95 37.13
C LEU R 134 -64.24 60.07 37.83
N ALA R 135 -63.55 58.95 38.04
CA ALA R 135 -62.30 58.96 38.80
C ALA R 135 -61.18 59.62 38.01
N SER R 136 -61.16 59.43 36.69
CA SER R 136 -60.06 59.97 35.89
C SER R 136 -60.08 61.49 35.87
N ARG R 137 -61.26 62.10 35.89
CA ARG R 137 -61.36 63.55 35.81
C ARG R 137 -61.18 64.20 37.18
N LYS R 138 -61.52 63.50 38.27
CA LYS R 138 -61.14 63.96 39.59
C LYS R 138 -59.64 63.90 39.79
N TYR R 139 -58.96 62.97 39.12
CA TYR R 139 -57.50 62.93 39.15
C TYR R 139 -56.90 64.14 38.46
N ALA R 140 -57.61 64.71 37.49
CA ALA R 140 -57.16 65.91 36.79
C ALA R 140 -57.38 67.17 37.61
N ARG R 141 -58.18 67.10 38.67
CA ARG R 141 -58.53 68.29 39.44
C ARG R 141 -57.37 68.72 40.33
N ILE R 142 -56.57 67.78 40.82
CA ILE R 142 -55.40 68.11 41.65
C ILE R 142 -54.35 68.78 40.78
N ILE R 143 -54.26 68.40 39.50
CA ILE R 143 -53.27 68.94 38.60
C ILE R 143 -53.63 70.37 38.21
N GLN R 144 -54.89 70.76 38.42
CA GLN R 144 -55.31 72.16 38.26
C GLN R 144 -54.73 73.05 39.34
N LYS R 145 -54.36 72.50 40.50
CA LYS R 145 -53.68 73.31 41.51
C LYS R 145 -52.32 73.75 41.01
N ILE R 146 -51.56 72.82 40.42
CA ILE R 146 -50.25 73.15 39.88
C ILE R 146 -50.48 73.91 38.57
N GLY R 147 -49.53 74.77 38.21
CA GLY R 147 -49.67 75.51 36.97
C GLY R 147 -49.50 74.72 35.70
N PHE R 148 -50.35 73.71 35.52
CA PHE R 148 -50.30 72.81 34.38
C PHE R 148 -51.64 72.89 33.64
N ALA R 149 -51.61 72.60 32.33
CA ALA R 149 -52.84 72.67 31.54
C ALA R 149 -53.80 71.55 31.96
N ALA R 150 -53.29 70.33 32.08
CA ALA R 150 -54.04 69.18 32.59
C ALA R 150 -55.28 68.88 31.74
N LYS R 151 -55.03 68.57 30.47
CA LYS R 151 -56.10 68.31 29.51
C LYS R 151 -56.25 66.81 29.28
N PHE R 152 -57.48 66.39 29.00
CA PHE R 152 -57.79 65.01 28.67
C PHE R 152 -58.70 64.98 27.45
N THR R 153 -58.27 64.29 26.40
CA THR R 153 -59.02 64.24 25.15
C THR R 153 -59.60 62.86 24.87
N ASP R 154 -58.77 61.82 24.80
CA ASP R 154 -59.17 60.51 24.31
C ASP R 154 -59.21 59.52 25.45
N PHE R 155 -60.41 59.09 25.83
CA PHE R 155 -60.61 58.14 26.92
C PHE R 155 -60.73 56.74 26.33
N LYS R 156 -59.58 56.15 26.00
CA LYS R 156 -59.54 54.83 25.38
C LYS R 156 -59.68 53.74 26.42
N ILE R 157 -60.48 52.72 26.10
CA ILE R 157 -60.63 51.51 26.91
C ILE R 157 -60.05 50.35 26.12
N GLN R 158 -59.23 49.53 26.79
CA GLN R 158 -58.58 48.40 26.12
C GLN R 158 -58.50 47.14 26.97
N ASN R 159 -59.00 47.15 28.21
CA ASN R 159 -58.67 46.09 29.16
C ASN R 159 -59.81 45.99 30.17
N ILE R 160 -60.71 45.03 29.94
CA ILE R 160 -61.87 44.79 30.78
C ILE R 160 -61.86 43.32 31.20
N VAL R 161 -61.88 43.07 32.50
CA VAL R 161 -61.76 41.73 33.05
C VAL R 161 -63.05 41.36 33.77
N GLY R 162 -63.48 40.12 33.60
CA GLY R 162 -64.68 39.64 34.24
C GLY R 162 -64.47 38.29 34.89
N SER R 163 -65.29 38.02 35.90
CA SER R 163 -65.30 36.72 36.58
C SER R 163 -66.73 36.17 36.58
N CYS R 164 -66.83 34.84 36.51
CA CYS R 164 -68.12 34.18 36.41
C CYS R 164 -68.14 32.95 37.30
N ASP R 165 -69.35 32.42 37.48
CA ASP R 165 -69.58 31.18 38.20
C ASP R 165 -70.39 30.22 37.34
N VAL R 166 -69.98 28.95 37.34
CA VAL R 166 -70.72 27.90 36.64
C VAL R 166 -71.33 26.91 37.62
N LYS R 167 -70.62 26.59 38.70
CA LYS R 167 -71.15 25.85 39.85
C LYS R 167 -71.61 24.44 39.46
N PHE R 168 -70.88 23.77 38.57
CA PHE R 168 -70.81 22.32 38.60
C PHE R 168 -69.39 21.88 38.27
N PRO R 169 -68.82 20.93 39.02
CA PRO R 169 -67.44 20.50 38.77
C PRO R 169 -67.30 19.83 37.41
N ILE R 170 -66.24 20.22 36.69
CA ILE R 170 -65.96 19.70 35.37
C ILE R 170 -64.61 18.98 35.38
N ARG R 171 -64.44 18.08 34.42
CA ARG R 171 -63.10 17.69 34.00
C ARG R 171 -62.52 18.75 33.06
N LEU R 172 -61.19 18.74 32.92
CA LEU R 172 -60.53 19.64 31.99
C LEU R 172 -59.58 18.89 31.07
N GLU R 173 -59.08 17.74 31.51
CA GLU R 173 -58.20 16.94 30.66
C GLU R 173 -58.96 16.24 29.54
N GLY R 174 -60.28 16.11 29.65
CA GLY R 174 -61.05 15.53 28.57
C GLY R 174 -61.10 16.43 27.35
N LEU R 175 -61.40 17.71 27.56
CA LEU R 175 -61.35 18.68 26.46
C LEU R 175 -59.93 19.00 26.05
N ALA R 176 -58.97 18.90 26.98
CA ALA R 176 -57.57 19.05 26.63
C ALA R 176 -57.06 17.93 25.72
N PHE R 177 -57.72 16.76 25.73
CA PHE R 177 -57.39 15.74 24.75
C PHE R 177 -58.13 15.95 23.44
N SER R 178 -59.39 16.43 23.50
CA SER R 178 -60.15 16.65 22.28
C SER R 178 -59.80 17.99 21.64
N HIS R 179 -60.05 19.08 22.37
CA HIS R 179 -59.68 20.42 21.89
C HIS R 179 -58.25 20.76 22.32
N GLY R 180 -57.31 19.91 21.89
CA GLY R 180 -55.93 20.07 22.29
C GLY R 180 -55.10 20.79 21.24
N THR R 181 -55.61 20.84 20.02
CA THR R 181 -54.90 21.51 18.92
C THR R 181 -54.95 23.02 19.05
N PHE R 182 -55.84 23.55 19.88
CA PHE R 182 -56.12 24.99 19.91
C PHE R 182 -56.05 25.54 21.32
N SER R 183 -56.29 24.69 22.32
CA SER R 183 -56.13 25.07 23.72
C SER R 183 -55.45 23.94 24.48
N SER R 184 -54.64 24.32 25.46
CA SER R 184 -53.81 23.38 26.20
C SER R 184 -53.45 24.02 27.53
N TYR R 185 -52.58 23.35 28.29
CA TYR R 185 -52.18 23.80 29.61
C TYR R 185 -50.92 23.05 30.03
N GLU R 186 -50.44 23.37 31.22
CA GLU R 186 -49.40 22.57 31.89
C GLU R 186 -49.83 22.41 33.33
N PRO R 187 -49.95 21.18 33.84
CA PRO R 187 -50.52 21.00 35.18
C PRO R 187 -49.61 21.42 36.31
N GLU R 188 -48.33 21.07 36.28
CA GLU R 188 -47.48 21.28 37.44
C GLU R 188 -46.97 22.72 37.57
N LEU R 189 -47.20 23.56 36.55
CA LEU R 189 -46.87 24.98 36.66
C LEU R 189 -48.08 25.84 37.04
N PHE R 190 -49.29 25.37 36.74
CA PHE R 190 -50.51 26.13 36.96
C PHE R 190 -51.68 25.17 37.01
N PRO R 191 -52.60 25.31 37.97
CA PRO R 191 -53.65 24.28 38.12
C PRO R 191 -54.69 24.32 37.01
N GLY R 192 -55.05 25.49 36.52
CA GLY R 192 -56.11 25.61 35.54
C GLY R 192 -55.62 25.37 34.13
N LEU R 193 -56.55 25.51 33.19
CA LEU R 193 -56.26 25.41 31.77
C LEU R 193 -56.34 26.80 31.14
N ILE R 194 -55.60 26.99 30.05
CA ILE R 194 -55.58 28.26 29.33
C ILE R 194 -56.31 28.05 28.00
N TYR R 195 -57.40 28.78 27.82
CA TYR R 195 -58.26 28.61 26.65
C TYR R 195 -58.05 29.75 25.66
N ARG R 196 -58.05 29.40 24.37
CA ARG R 196 -57.89 30.36 23.29
C ARG R 196 -59.17 30.41 22.45
N MET R 197 -59.47 31.59 21.92
CA MET R 197 -60.67 31.78 21.09
C MET R 197 -60.39 32.96 20.15
N VAL R 198 -60.00 32.65 18.91
CA VAL R 198 -59.53 33.68 17.99
C VAL R 198 -60.66 34.31 17.18
N LYS R 199 -61.91 33.92 17.40
CA LYS R 199 -62.99 34.42 16.56
C LYS R 199 -63.37 35.84 17.00
N PRO R 200 -63.43 36.12 18.31
CA PRO R 200 -63.29 37.51 18.76
C PRO R 200 -61.87 37.90 19.13
N LYS R 201 -60.91 37.02 18.89
CA LYS R 201 -59.53 37.14 19.37
C LYS R 201 -59.49 37.37 20.88
N ILE R 202 -60.04 36.41 21.62
CA ILE R 202 -60.11 36.49 23.07
C ILE R 202 -59.43 35.26 23.66
N VAL R 203 -58.61 35.48 24.69
CA VAL R 203 -57.96 34.39 25.40
C VAL R 203 -58.34 34.50 26.87
N LEU R 204 -58.34 33.36 27.55
CA LEU R 204 -58.92 33.26 28.89
C LEU R 204 -58.48 31.92 29.49
N LEU R 205 -58.95 31.67 30.71
CA LEU R 205 -58.52 30.51 31.47
C LEU R 205 -59.73 29.89 32.15
N ILE R 206 -59.68 28.57 32.35
CA ILE R 206 -60.74 27.86 33.04
C ILE R 206 -60.14 27.14 34.24
N PHE R 207 -61.02 26.61 35.08
CA PHE R 207 -60.61 25.91 36.29
C PHE R 207 -61.27 24.54 36.38
N VAL R 208 -61.12 23.87 37.53
CA VAL R 208 -61.81 22.62 37.79
C VAL R 208 -63.06 22.85 38.64
N SER R 209 -63.26 24.07 39.13
CA SER R 209 -64.39 24.45 39.95
C SER R 209 -65.57 24.94 39.12
N GLY R 210 -65.42 25.01 37.79
CA GLY R 210 -66.42 25.60 36.91
C GLY R 210 -66.28 27.09 36.71
N LYS R 211 -65.90 27.82 37.75
CA LYS R 211 -65.85 29.28 37.67
C LYS R 211 -64.75 29.72 36.70
N ILE R 212 -65.10 30.62 35.78
CA ILE R 212 -64.27 30.97 34.64
C ILE R 212 -64.08 32.48 34.66
N VAL R 213 -62.83 32.92 34.80
CA VAL R 213 -62.51 34.34 34.74
C VAL R 213 -62.41 34.77 33.28
N LEU R 214 -63.23 35.75 32.90
CA LEU R 214 -63.24 36.28 31.53
C LEU R 214 -62.32 37.50 31.51
N THR R 215 -61.05 37.28 31.18
CA THR R 215 -60.04 38.32 31.31
C THR R 215 -59.80 39.03 29.99
N GLY R 216 -59.40 40.30 30.10
CA GLY R 216 -58.77 41.02 29.01
C GLY R 216 -59.66 41.32 27.83
N ALA R 217 -60.75 42.05 28.05
CA ALA R 217 -61.61 42.49 26.96
C ALA R 217 -61.12 43.85 26.46
N LYS R 218 -60.83 43.93 25.16
CA LYS R 218 -60.52 45.22 24.55
C LYS R 218 -61.78 46.02 24.26
N GLN R 219 -62.95 45.36 24.29
CA GLN R 219 -64.24 46.00 24.09
C GLN R 219 -65.26 45.31 24.98
N ARG R 220 -66.12 46.09 25.61
CA ARG R 220 -67.05 45.52 26.59
C ARG R 220 -68.07 44.61 25.92
N GLU R 221 -68.52 44.98 24.72
CA GLU R 221 -69.46 44.13 23.99
C GLU R 221 -68.79 42.84 23.52
N GLU R 222 -67.48 42.87 23.31
CA GLU R 222 -66.78 41.79 22.63
C GLU R 222 -66.86 40.47 23.38
N ILE R 223 -66.97 40.53 24.72
CA ILE R 223 -67.02 39.30 25.51
C ILE R 223 -68.39 38.66 25.56
N TYR R 224 -69.47 39.44 25.34
CA TYR R 224 -70.80 38.93 25.62
C TYR R 224 -71.18 37.80 24.67
N GLN R 225 -70.95 37.99 23.37
CA GLN R 225 -71.20 36.89 22.43
C GLN R 225 -70.24 35.75 22.65
N ALA R 226 -69.04 36.03 23.17
CA ALA R 226 -68.09 35.00 23.54
C ALA R 226 -68.45 34.32 24.84
N PHE R 227 -69.20 35.01 25.72
CA PHE R 227 -69.51 34.46 27.04
C PHE R 227 -70.44 33.26 26.93
N GLU R 228 -71.56 33.41 26.22
CA GLU R 228 -72.49 32.29 26.08
C GLU R 228 -72.09 31.32 24.97
N ALA R 229 -70.99 31.58 24.27
CA ALA R 229 -70.54 30.65 23.24
C ALA R 229 -70.01 29.36 23.86
N ILE R 230 -69.11 29.49 24.83
CA ILE R 230 -68.32 28.36 25.31
C ILE R 230 -69.08 27.50 26.31
N TYR R 231 -70.10 28.06 26.97
CA TYR R 231 -70.75 27.39 28.09
C TYR R 231 -71.56 26.18 27.63
N PRO R 232 -72.24 26.22 26.48
CA PRO R 232 -72.75 24.96 25.91
C PRO R 232 -71.64 24.05 25.43
N VAL R 233 -70.53 24.62 24.93
CA VAL R 233 -69.41 23.80 24.48
C VAL R 233 -68.70 23.16 25.67
N LEU R 234 -68.71 23.83 26.83
CA LEU R 234 -68.09 23.28 28.03
C LEU R 234 -68.92 22.16 28.64
N SER R 235 -70.26 22.25 28.56
CA SER R 235 -71.12 21.44 29.41
C SER R 235 -71.09 19.97 29.04
N GLU R 236 -70.61 19.64 27.84
CA GLU R 236 -70.54 18.26 27.37
C GLU R 236 -69.60 17.42 28.23
N PHE R 237 -69.63 16.12 27.98
CA PHE R 237 -69.04 15.08 28.84
C PHE R 237 -69.23 15.38 30.33
N ARG R 238 -70.47 15.68 30.69
CA ARG R 238 -70.78 16.05 32.06
C ARG R 238 -70.58 14.85 32.98
N LYS R 239 -70.12 15.10 34.20
CA LYS R 239 -69.82 14.02 35.12
C LYS R 239 -71.11 13.39 35.65
N MET R 240 -70.97 12.18 36.17
CA MET R 240 -72.12 11.45 36.71
C MET R 240 -71.66 10.42 37.75
N PRO S 2 -37.38 2.40 -14.83
CA PRO S 2 -38.60 1.81 -14.28
C PRO S 2 -39.45 1.13 -15.34
N VAL S 3 -39.17 1.42 -16.60
CA VAL S 3 -39.97 0.96 -17.73
C VAL S 3 -39.08 0.16 -18.67
N CYS S 4 -39.50 -1.07 -18.98
CA CYS S 4 -38.73 -1.90 -19.90
C CYS S 4 -38.87 -1.37 -21.33
N LYS S 5 -37.95 -1.80 -22.18
CA LYS S 5 -37.92 -1.33 -23.56
C LYS S 5 -38.82 -2.11 -24.49
N ASN S 6 -39.12 -3.38 -24.17
CA ASN S 6 -39.96 -4.20 -25.04
C ASN S 6 -41.40 -4.28 -24.55
N CYS S 7 -41.61 -4.76 -23.32
CA CYS S 7 -42.95 -4.91 -22.77
C CYS S 7 -43.37 -3.75 -21.88
N HIS S 8 -42.49 -2.77 -21.65
CA HIS S 8 -42.77 -1.63 -20.79
C HIS S 8 -43.15 -2.08 -19.38
N GLY S 9 -42.41 -3.04 -18.85
CA GLY S 9 -42.73 -3.58 -17.54
C GLY S 9 -42.42 -2.59 -16.43
N THR S 10 -43.27 -2.60 -15.41
CA THR S 10 -43.17 -1.64 -14.32
C THR S 10 -42.44 -2.18 -13.09
N GLU S 11 -42.27 -3.49 -13.00
CA GLU S 11 -41.60 -4.13 -11.87
C GLU S 11 -40.29 -4.76 -12.31
N PHE S 12 -39.26 -4.59 -11.49
CA PHE S 12 -37.92 -5.07 -11.80
C PHE S 12 -37.44 -6.00 -10.70
N GLU S 13 -36.95 -7.18 -11.09
CA GLU S 13 -36.45 -8.18 -10.16
C GLU S 13 -34.94 -8.35 -10.36
N ARG S 14 -34.21 -8.38 -9.25
CA ARG S 14 -32.77 -8.54 -9.27
C ARG S 14 -32.41 -9.98 -8.93
N ASP S 15 -31.61 -10.61 -9.79
CA ASP S 15 -31.22 -12.00 -9.63
C ASP S 15 -29.95 -12.07 -8.80
N LEU S 16 -30.04 -12.68 -7.62
CA LEU S 16 -28.90 -12.89 -6.74
C LEU S 16 -28.45 -14.34 -6.68
N SER S 17 -28.93 -15.19 -7.61
CA SER S 17 -28.65 -16.61 -7.53
C SER S 17 -27.19 -16.90 -7.81
N ASN S 18 -26.71 -16.49 -8.98
CA ASN S 18 -25.33 -16.70 -9.40
C ASN S 18 -24.48 -15.45 -9.25
N ALA S 19 -24.98 -14.48 -8.48
CA ALA S 19 -24.27 -13.23 -8.14
C ALA S 19 -23.90 -12.40 -9.37
N ASN S 20 -24.69 -12.51 -10.44
CA ASN S 20 -24.54 -11.54 -11.53
C ASN S 20 -25.13 -10.19 -11.14
N ASN S 21 -26.16 -10.19 -10.30
CA ASN S 21 -26.83 -8.98 -9.83
C ASN S 21 -27.37 -8.15 -10.98
N ASP S 22 -27.84 -8.83 -12.02
CA ASP S 22 -28.51 -8.15 -13.12
C ASP S 22 -29.97 -7.87 -12.76
N LEU S 23 -30.54 -6.84 -13.39
CA LEU S 23 -31.89 -6.40 -13.10
C LEU S 23 -32.76 -6.68 -14.32
N VAL S 24 -33.75 -7.56 -14.15
CA VAL S 24 -34.52 -8.07 -15.27
C VAL S 24 -36.00 -7.79 -15.02
N CYS S 25 -36.72 -7.41 -16.07
CA CYS S 25 -38.16 -7.30 -16.01
C CYS S 25 -38.81 -8.69 -15.92
N LYS S 26 -39.97 -8.74 -15.29
CA LYS S 26 -40.59 -10.03 -14.98
C LYS S 26 -41.25 -10.65 -16.21
N ALA S 27 -41.90 -9.83 -17.04
CA ALA S 27 -42.81 -10.37 -18.05
C ALA S 27 -42.06 -11.12 -19.15
N CYS S 28 -41.19 -10.42 -19.88
CA CYS S 28 -40.54 -11.01 -21.04
C CYS S 28 -39.12 -11.48 -20.79
N GLY S 29 -38.48 -11.03 -19.70
CA GLY S 29 -37.19 -11.57 -19.33
C GLY S 29 -35.99 -10.84 -19.89
N VAL S 30 -36.17 -9.64 -20.45
CA VAL S 30 -35.04 -8.87 -20.97
C VAL S 30 -34.38 -8.13 -19.83
N VAL S 31 -33.05 -8.11 -19.84
CA VAL S 31 -32.25 -7.49 -18.79
C VAL S 31 -32.29 -5.97 -18.96
N SER S 32 -32.39 -5.26 -17.83
CA SER S 32 -32.44 -3.80 -17.87
C SER S 32 -31.06 -3.17 -17.71
N GLU S 33 -30.23 -3.72 -16.85
CA GLU S 33 -28.89 -3.19 -16.60
C GLU S 33 -27.93 -4.35 -16.37
N ASP S 34 -26.66 -4.11 -16.69
CA ASP S 34 -25.61 -5.09 -16.44
C ASP S 34 -24.40 -4.41 -15.83
N ASN S 35 -23.54 -5.22 -15.22
CA ASN S 35 -22.33 -4.77 -14.53
C ASN S 35 -22.64 -3.69 -13.51
N PRO S 36 -23.22 -4.02 -12.36
CA PRO S 36 -23.59 -3.00 -11.38
C PRO S 36 -22.37 -2.24 -10.89
N ILE S 37 -22.60 -1.00 -10.46
CA ILE S 37 -21.54 -0.09 -10.05
C ILE S 37 -21.81 0.28 -8.59
N VAL S 38 -21.13 -0.38 -7.67
CA VAL S 38 -21.35 -0.17 -6.25
C VAL S 38 -20.44 0.95 -5.76
N SER S 39 -20.76 1.48 -4.58
CA SER S 39 -19.98 2.55 -3.95
C SER S 39 -19.20 1.93 -2.79
N GLU S 40 -17.92 1.68 -3.02
CA GLU S 40 -17.06 1.08 -2.01
C GLU S 40 -16.58 2.14 -1.02
N LEU S 73 -24.12 31.48 8.25
CA LEU S 73 -22.85 32.12 8.55
C LEU S 73 -21.93 31.20 9.33
N GLU S 74 -20.64 31.54 9.34
CA GLU S 74 -19.70 30.81 10.19
C GLU S 74 -19.91 31.13 11.66
N SER S 75 -20.25 32.38 11.98
CA SER S 75 -20.67 32.72 13.33
C SER S 75 -21.99 32.04 13.69
N ARG S 76 -22.88 31.85 12.73
CA ARG S 76 -24.04 31.00 12.95
C ARG S 76 -23.63 29.55 13.20
N GLU S 77 -22.60 29.08 12.51
CA GLU S 77 -22.09 27.74 12.76
C GLU S 77 -21.33 27.68 14.08
N ALA S 78 -20.64 28.76 14.46
CA ALA S 78 -19.85 28.75 15.68
C ALA S 78 -20.72 28.78 16.92
N THR S 79 -21.89 29.42 16.85
CA THR S 79 -22.77 29.47 18.01
C THR S 79 -23.58 28.20 18.20
N LEU S 80 -23.85 27.45 17.13
CA LEU S 80 -24.50 26.15 17.30
C LEU S 80 -23.51 25.08 17.74
N ASN S 81 -22.27 25.14 17.23
CA ASN S 81 -21.25 24.21 17.68
C ASN S 81 -20.87 24.45 19.13
N ASN S 82 -20.97 25.70 19.59
CA ASN S 82 -20.92 25.99 21.03
C ASN S 82 -22.14 25.37 21.72
N ALA S 83 -23.33 25.58 21.15
CA ALA S 83 -24.54 25.05 21.76
C ALA S 83 -24.67 23.54 21.61
N ARG S 84 -23.99 22.96 20.61
CA ARG S 84 -23.93 21.50 20.51
C ARG S 84 -23.29 20.88 21.74
N ARG S 85 -22.35 21.59 22.37
CA ARG S 85 -21.77 21.11 23.62
C ARG S 85 -22.77 21.16 24.77
N LYS S 86 -23.57 22.23 24.84
CA LYS S 86 -24.30 22.51 26.07
C LYS S 86 -25.54 21.63 26.23
N LEU S 87 -26.25 21.33 25.13
CA LEU S 87 -27.38 20.41 25.28
C LEU S 87 -26.91 18.98 25.47
N ARG S 88 -25.72 18.65 24.95
CA ARG S 88 -25.07 17.38 25.27
C ARG S 88 -24.55 17.34 26.70
N ALA S 89 -24.36 18.51 27.32
CA ALA S 89 -23.78 18.56 28.66
C ALA S 89 -24.76 18.03 29.70
N VAL S 90 -26.00 18.52 29.68
CA VAL S 90 -26.98 18.07 30.66
C VAL S 90 -27.51 16.67 30.34
N SER S 91 -27.36 16.21 29.09
CA SER S 91 -27.79 14.86 28.75
C SER S 91 -26.94 13.81 29.46
N TYR S 92 -25.66 14.11 29.70
CA TYR S 92 -24.83 13.23 30.50
C TYR S 92 -25.27 13.20 31.96
N ALA S 93 -25.76 14.33 32.47
CA ALA S 93 -26.17 14.40 33.87
C ALA S 93 -27.46 13.62 34.12
N LEU S 94 -28.46 13.81 33.27
CA LEU S 94 -29.78 13.22 33.46
C LEU S 94 -29.88 11.82 32.86
N HIS S 95 -28.76 11.23 32.46
CA HIS S 95 -28.74 9.91 31.82
C HIS S 95 -29.60 9.88 30.56
N ILE S 96 -29.60 10.97 29.80
CA ILE S 96 -30.41 11.08 28.59
C ILE S 96 -29.74 10.30 27.47
N PRO S 97 -30.43 9.34 26.86
CA PRO S 97 -29.89 8.69 25.66
C PRO S 97 -29.98 9.61 24.45
N GLU S 98 -29.12 9.32 23.46
CA GLU S 98 -28.76 10.31 22.46
C GLU S 98 -29.90 10.68 21.53
N TYR S 99 -30.90 9.82 21.37
CA TYR S 99 -31.98 10.08 20.43
C TYR S 99 -32.95 11.15 20.92
N ILE S 100 -32.89 11.53 22.19
CA ILE S 100 -33.57 12.73 22.65
C ILE S 100 -32.73 13.97 22.36
N THR S 101 -31.42 13.90 22.63
CA THR S 101 -30.55 15.06 22.48
C THR S 101 -30.46 15.50 21.02
N ASP S 102 -30.34 14.56 20.09
CA ASP S 102 -30.34 14.90 18.68
C ASP S 102 -31.72 15.35 18.20
N ALA S 103 -32.79 14.84 18.82
CA ALA S 103 -34.13 15.25 18.43
C ALA S 103 -34.44 16.68 18.90
N ALA S 104 -33.96 17.04 20.08
CA ALA S 104 -34.15 18.41 20.58
C ALA S 104 -33.26 19.41 19.86
N PHE S 105 -32.23 18.93 19.14
CA PHE S 105 -31.35 19.83 18.41
C PHE S 105 -32.11 20.57 17.32
N GLN S 106 -33.07 19.91 16.67
CA GLN S 106 -33.88 20.60 15.67
C GLN S 106 -34.80 21.63 16.28
N TRP S 107 -35.28 21.40 17.50
CA TRP S 107 -36.11 22.40 18.16
C TRP S 107 -35.31 23.66 18.48
N TYR S 108 -34.05 23.49 18.89
CA TYR S 108 -33.16 24.65 19.05
C TYR S 108 -32.79 25.24 17.71
N LYS S 109 -32.72 24.42 16.65
CA LYS S 109 -32.35 24.92 15.33
C LYS S 109 -33.41 25.86 14.78
N LEU S 110 -34.69 25.54 14.97
CA LEU S 110 -35.75 26.41 14.48
C LEU S 110 -35.95 27.62 15.38
N ALA S 111 -35.81 27.43 16.70
CA ALA S 111 -36.03 28.53 17.62
C ALA S 111 -34.94 29.57 17.52
N LEU S 112 -33.73 29.16 17.12
CA LEU S 112 -32.71 30.14 16.72
C LEU S 112 -33.16 30.93 15.50
N ALA S 113 -33.74 30.25 14.50
CA ALA S 113 -34.12 30.92 13.27
C ALA S 113 -35.33 31.82 13.47
N ASN S 114 -36.23 31.44 14.38
CA ASN S 114 -37.45 32.19 14.65
C ASN S 114 -37.23 33.30 15.68
N ASN S 115 -35.98 33.72 15.88
CA ASN S 115 -35.65 34.91 16.66
C ASN S 115 -36.08 34.78 18.12
N PHE S 116 -36.16 33.53 18.60
CA PHE S 116 -36.53 33.26 19.98
C PHE S 116 -35.33 33.32 20.92
N VAL S 117 -34.12 33.09 20.40
CA VAL S 117 -32.94 32.93 21.25
C VAL S 117 -32.43 34.26 21.79
N GLN S 118 -32.80 35.38 21.17
CA GLN S 118 -32.25 36.68 21.55
C GLN S 118 -32.91 37.19 22.84
N GLY S 119 -32.10 37.79 23.69
CA GLY S 119 -32.55 38.36 24.96
C GLY S 119 -32.48 37.42 26.14
N ARG S 120 -32.98 36.20 25.98
CA ARG S 120 -33.00 35.24 27.07
C ARG S 120 -31.59 34.70 27.34
N ARG S 121 -31.44 34.08 28.51
CA ARG S 121 -30.16 33.50 28.88
C ARG S 121 -29.89 32.23 28.09
N SER S 122 -28.60 31.91 27.93
CA SER S 122 -28.20 30.77 27.13
C SER S 122 -28.62 29.45 27.78
N GLN S 123 -28.36 29.30 29.09
CA GLN S 123 -28.73 28.08 29.78
C GLN S 123 -30.24 27.92 29.95
N ASN S 124 -31.00 29.02 29.90
CA ASN S 124 -32.45 28.92 30.00
C ASN S 124 -33.10 28.48 28.69
N VAL S 125 -32.51 28.86 27.56
CA VAL S 125 -33.13 28.59 26.26
C VAL S 125 -32.88 27.17 25.78
N ILE S 126 -31.95 26.44 26.41
CA ILE S 126 -31.66 25.06 26.01
C ILE S 126 -32.32 24.10 27.01
N ALA S 127 -32.44 24.52 28.26
CA ALA S 127 -33.12 23.70 29.26
C ALA S 127 -34.61 23.63 29.00
N SER S 128 -35.20 24.73 28.53
CA SER S 128 -36.58 24.70 28.06
C SER S 128 -36.72 23.94 26.74
N CYS S 129 -35.65 23.87 25.95
CA CYS S 129 -35.73 23.24 24.63
C CYS S 129 -35.87 21.72 24.74
N LEU S 130 -34.98 21.07 25.49
CA LEU S 130 -34.92 19.61 25.47
C LEU S 130 -36.01 18.96 26.30
N TYR S 131 -36.68 19.71 27.18
CA TYR S 131 -37.83 19.16 27.90
C TYR S 131 -38.97 18.82 26.94
N VAL S 132 -39.13 19.60 25.87
CA VAL S 132 -40.17 19.33 24.88
C VAL S 132 -39.95 17.98 24.22
N ALA S 133 -38.70 17.66 23.89
CA ALA S 133 -38.39 16.33 23.35
C ALA S 133 -38.59 15.25 24.40
N CYS S 134 -38.27 15.55 25.67
CA CYS S 134 -38.53 14.59 26.74
C CYS S 134 -40.01 14.34 26.93
N ARG S 135 -40.86 15.33 26.65
CA ARG S 135 -42.30 15.13 26.74
C ARG S 135 -42.82 14.27 25.59
N LYS S 136 -42.29 14.48 24.38
CA LYS S 136 -42.71 13.67 23.24
C LYS S 136 -42.36 12.20 23.43
N GLU S 137 -41.24 11.90 24.08
CA GLU S 137 -40.88 10.54 24.42
C GLU S 137 -41.69 9.98 25.58
N LYS S 138 -42.40 10.83 26.32
CA LYS S 138 -43.15 10.44 27.52
C LYS S 138 -42.22 9.73 28.51
N THR S 139 -41.17 10.46 28.91
CA THR S 139 -40.15 9.93 29.79
C THR S 139 -40.50 10.19 31.25
N HIS S 140 -39.75 9.56 32.14
CA HIS S 140 -39.95 9.69 33.58
C HIS S 140 -39.41 11.00 34.12
N HIS S 141 -38.60 11.73 33.35
CA HIS S 141 -37.96 12.94 33.85
C HIS S 141 -38.98 14.04 34.06
N MET S 142 -38.87 14.73 35.19
CA MET S 142 -39.71 15.87 35.52
C MET S 142 -39.15 17.12 34.86
N LEU S 143 -39.62 18.29 35.30
CA LEU S 143 -39.04 19.55 34.88
C LEU S 143 -38.18 20.17 35.96
N ILE S 144 -38.39 19.80 37.22
CA ILE S 144 -37.75 20.46 38.35
C ILE S 144 -36.28 20.09 38.45
N ASP S 145 -35.90 18.96 37.87
CA ASP S 145 -34.51 18.50 37.88
C ASP S 145 -33.60 19.35 37.01
N PHE S 146 -34.16 20.10 36.06
CA PHE S 146 -33.33 20.99 35.24
C PHE S 146 -32.90 22.22 36.03
N SER S 147 -33.75 22.71 36.93
CA SER S 147 -33.42 23.86 37.76
C SER S 147 -32.51 23.50 38.94
N SER S 148 -32.27 22.21 39.17
CA SER S 148 -31.72 21.75 40.45
C SER S 148 -30.29 22.25 40.65
N ARG S 149 -29.40 21.94 39.72
CA ARG S 149 -28.00 22.30 39.89
C ARG S 149 -27.78 23.80 39.70
N LEU S 150 -28.54 24.43 38.80
CA LEU S 150 -28.30 25.83 38.45
C LEU S 150 -28.94 26.79 39.45
N GLN S 151 -29.64 26.27 40.46
CA GLN S 151 -29.98 27.01 41.69
C GLN S 151 -30.91 28.18 41.36
N VAL S 152 -31.97 27.87 40.61
CA VAL S 152 -33.05 28.82 40.35
C VAL S 152 -34.35 28.19 40.84
N SER S 153 -35.45 28.93 40.73
CA SER S 153 -36.75 28.36 41.05
C SER S 153 -37.22 27.49 39.88
N VAL S 154 -38.29 26.73 40.13
CA VAL S 154 -38.83 25.89 39.06
C VAL S 154 -39.50 26.76 37.99
N TYR S 155 -40.27 27.75 38.41
CA TYR S 155 -40.98 28.63 37.49
C TYR S 155 -40.11 29.76 36.96
N SER S 156 -38.86 29.88 37.42
CA SER S 156 -37.88 30.69 36.71
C SER S 156 -37.68 30.20 35.29
N ILE S 157 -37.29 28.94 35.12
CA ILE S 157 -37.20 28.36 33.79
C ILE S 157 -38.54 27.85 33.28
N GLY S 158 -39.55 27.78 34.15
CA GLY S 158 -40.90 27.55 33.70
C GLY S 158 -41.50 28.73 32.96
N ALA S 159 -41.02 29.94 33.27
CA ALA S 159 -41.55 31.14 32.63
C ALA S 159 -41.18 31.17 31.15
N THR S 160 -39.97 30.75 30.81
CA THR S 160 -39.55 30.72 29.42
C THR S 160 -40.11 29.52 28.66
N PHE S 161 -40.72 28.56 29.34
CA PHE S 161 -41.21 27.36 28.67
C PHE S 161 -42.48 27.64 27.88
N LEU S 162 -43.46 28.29 28.51
CA LEU S 162 -44.72 28.54 27.83
C LEU S 162 -44.57 29.59 26.73
N LYS S 163 -43.58 30.48 26.87
CA LYS S 163 -43.25 31.41 25.79
C LYS S 163 -42.69 30.67 24.58
N MET S 164 -42.07 29.50 24.78
CA MET S 164 -41.61 28.71 23.64
C MET S 164 -42.77 28.05 22.92
N VAL S 165 -43.67 27.40 23.65
CA VAL S 165 -44.74 26.63 23.01
C VAL S 165 -45.76 27.57 22.38
N LYS S 166 -45.96 28.75 22.97
CA LYS S 166 -46.94 29.70 22.44
C LYS S 166 -46.42 30.39 21.19
N LYS S 167 -45.15 30.81 21.20
CA LYS S 167 -44.60 31.54 20.05
C LYS S 167 -44.33 30.62 18.88
N LEU S 168 -44.01 29.35 19.15
CA LEU S 168 -43.61 28.40 18.12
C LEU S 168 -44.72 27.39 17.82
N HIS S 169 -45.92 27.61 18.35
CA HIS S 169 -47.15 27.04 17.80
C HIS S 169 -47.18 25.51 17.91
N ILE S 170 -46.55 24.96 18.94
CA ILE S 170 -46.56 23.51 19.14
C ILE S 170 -47.94 23.13 19.66
N THR S 171 -48.80 22.65 18.75
CA THR S 171 -50.18 22.35 19.12
C THR S 171 -50.29 21.01 19.83
N GLU S 172 -49.86 19.93 19.17
CA GLU S 172 -49.88 18.62 19.79
C GLU S 172 -48.83 18.51 20.88
N LEU S 173 -49.18 17.83 21.97
CA LEU S 173 -48.27 17.60 23.09
C LEU S 173 -48.78 16.43 23.89
N PRO S 174 -47.91 15.55 24.38
CA PRO S 174 -48.37 14.49 25.27
C PRO S 174 -48.72 15.03 26.64
N LEU S 175 -49.73 14.41 27.26
CA LEU S 175 -50.14 14.78 28.61
C LEU S 175 -49.11 14.28 29.63
N ALA S 176 -49.00 15.02 30.73
CA ALA S 176 -48.09 14.61 31.80
C ALA S 176 -48.67 13.43 32.55
N ASP S 177 -48.42 12.23 32.06
CA ASP S 177 -48.98 11.02 32.67
C ASP S 177 -48.18 10.62 33.89
N PRO S 178 -48.78 10.57 35.08
CA PRO S 178 -48.03 10.22 36.29
C PRO S 178 -47.73 8.74 36.41
N SER S 179 -48.40 7.89 35.62
CA SER S 179 -48.20 6.45 35.70
C SER S 179 -46.77 6.06 35.33
N LEU S 180 -46.09 6.88 34.53
CA LEU S 180 -44.68 6.63 34.25
C LEU S 180 -43.83 6.76 35.51
N PHE S 181 -44.19 7.67 36.42
CA PHE S 181 -43.27 8.03 37.49
C PHE S 181 -43.18 6.92 38.54
N ILE S 182 -44.25 6.14 38.71
CA ILE S 182 -44.26 5.07 39.70
C ILE S 182 -43.21 4.01 39.38
N GLN S 183 -43.11 3.63 38.10
CA GLN S 183 -42.16 2.59 37.71
C GLN S 183 -40.72 3.04 37.90
N HIS S 184 -40.42 4.32 37.73
CA HIS S 184 -39.05 4.78 37.85
C HIS S 184 -38.64 5.03 39.29
N PHE S 185 -39.61 5.22 40.20
CA PHE S 185 -39.27 5.58 41.57
C PHE S 185 -38.69 4.39 42.34
N ALA S 186 -39.00 3.17 41.91
CA ALA S 186 -38.67 1.98 42.69
C ALA S 186 -37.17 1.67 42.65
N GLU S 187 -36.48 2.09 41.60
CA GLU S 187 -35.09 1.68 41.42
C GLU S 187 -34.17 2.38 42.41
N LYS S 188 -34.30 3.70 42.55
CA LYS S 188 -33.52 4.39 43.58
C LYS S 188 -34.15 4.28 44.97
N LEU S 189 -35.30 3.64 45.09
CA LEU S 189 -35.93 3.46 46.39
C LEU S 189 -35.33 2.29 47.16
N ASP S 190 -34.42 1.54 46.54
CA ASP S 190 -33.65 0.42 47.08
C ASP S 190 -34.45 -0.43 48.06
N LEU S 191 -35.69 -0.74 47.70
CA LEU S 191 -36.59 -1.50 48.56
C LEU S 191 -36.30 -2.99 48.41
N ALA S 192 -37.20 -3.82 48.95
CA ALA S 192 -36.99 -5.26 48.95
C ALA S 192 -36.97 -5.83 47.53
N ASP S 193 -36.40 -7.03 47.42
CA ASP S 193 -36.32 -7.71 46.12
C ASP S 193 -37.69 -7.97 45.53
N LYS S 194 -38.72 -8.12 46.37
CA LYS S 194 -40.11 -8.21 45.93
C LYS S 194 -40.66 -6.81 45.58
N LYS S 195 -40.06 -6.22 44.54
CA LYS S 195 -40.40 -4.88 44.10
C LYS S 195 -41.44 -4.86 42.99
N ILE S 196 -41.67 -6.00 42.32
CA ILE S 196 -42.64 -6.04 41.23
C ILE S 196 -44.06 -6.08 41.77
N LYS S 197 -44.28 -6.84 42.85
CA LYS S 197 -45.61 -6.89 43.46
C LYS S 197 -46.00 -5.55 44.10
N VAL S 198 -45.03 -4.80 44.62
CA VAL S 198 -45.36 -3.52 45.25
C VAL S 198 -45.62 -2.43 44.22
N VAL S 199 -45.21 -2.64 42.97
CA VAL S 199 -45.57 -1.73 41.89
C VAL S 199 -46.88 -2.14 41.23
N LYS S 200 -47.07 -3.45 41.02
CA LYS S 200 -48.34 -3.95 40.49
C LYS S 200 -49.50 -3.61 41.41
N ASP S 201 -49.27 -3.64 42.72
CA ASP S 201 -50.27 -3.14 43.65
C ASP S 201 -50.38 -1.62 43.60
N ALA S 202 -49.27 -0.92 43.32
CA ALA S 202 -49.30 0.54 43.30
C ALA S 202 -50.05 1.04 42.07
N VAL S 203 -49.91 0.36 40.94
CA VAL S 203 -50.56 0.83 39.72
C VAL S 203 -52.05 0.54 39.75
N LYS S 204 -52.46 -0.58 40.37
CA LYS S 204 -53.87 -0.85 40.55
C LYS S 204 -54.51 0.09 41.57
N LEU S 205 -53.72 0.53 42.55
CA LEU S 205 -54.12 1.65 43.39
C LEU S 205 -54.29 2.91 42.55
N ALA S 206 -53.30 3.20 41.70
CA ALA S 206 -53.32 4.43 40.92
C ALA S 206 -54.43 4.39 39.87
N GLN S 207 -54.67 3.23 39.27
CA GLN S 207 -55.76 3.11 38.30
C GLN S 207 -57.11 3.26 38.99
N ARG S 208 -57.23 2.72 40.21
CA ARG S 208 -58.41 2.99 41.02
C ARG S 208 -58.50 4.47 41.38
N MET S 209 -57.35 5.09 41.66
CA MET S 209 -57.29 6.52 41.95
C MET S 209 -57.34 7.37 40.69
N SER S 210 -57.10 6.77 39.52
CA SER S 210 -57.29 7.49 38.27
C SER S 210 -58.77 7.75 38.01
N LYS S 211 -59.62 6.75 38.25
CA LYS S 211 -61.07 6.95 38.20
C LYS S 211 -61.56 7.90 39.28
N ASP S 212 -60.79 8.06 40.36
CA ASP S 212 -61.13 9.03 41.39
C ASP S 212 -60.83 10.44 40.90
N TRP S 213 -61.14 11.42 41.74
CA TRP S 213 -61.40 12.80 41.32
C TRP S 213 -60.49 13.78 42.06
N MET S 214 -59.18 13.53 42.02
CA MET S 214 -58.22 14.42 42.66
C MET S 214 -57.33 15.13 41.64
N PHE S 215 -56.56 14.40 40.83
CA PHE S 215 -55.52 15.02 40.01
C PHE S 215 -56.15 15.53 38.71
N GLU S 216 -56.66 16.76 38.77
CA GLU S 216 -57.22 17.43 37.60
C GLU S 216 -56.64 18.82 37.48
N GLY S 217 -56.23 19.39 38.62
CA GLY S 217 -55.48 20.63 38.65
C GLY S 217 -54.33 20.51 39.63
N ARG S 218 -54.19 19.32 40.20
CA ARG S 218 -53.12 19.01 41.15
C ARG S 218 -51.86 18.64 40.39
N ARG S 219 -50.88 18.08 41.09
CA ARG S 219 -49.58 17.87 40.48
C ARG S 219 -49.36 16.39 40.14
N PRO S 220 -48.83 16.09 38.95
CA PRO S 220 -48.51 14.69 38.64
C PRO S 220 -47.41 14.10 39.50
N ALA S 221 -46.45 14.91 39.94
CA ALA S 221 -45.43 14.41 40.86
C ALA S 221 -45.99 14.20 42.25
N GLY S 222 -47.03 14.96 42.62
CA GLY S 222 -47.61 14.85 43.95
C GLY S 222 -48.41 13.58 44.13
N ILE S 223 -49.41 13.38 43.27
CA ILE S 223 -50.32 12.25 43.42
C ILE S 223 -49.61 10.94 43.13
N ALA S 224 -48.61 10.96 42.25
CA ALA S 224 -47.76 9.79 42.05
C ALA S 224 -46.68 9.65 43.11
N GLY S 225 -46.52 10.65 43.98
CA GLY S 225 -45.68 10.52 45.14
C GLY S 225 -46.41 10.02 46.36
N ALA S 226 -47.72 9.85 46.26
CA ALA S 226 -48.57 9.39 47.35
C ALA S 226 -49.09 7.98 47.16
N CYS S 227 -49.40 7.60 45.93
CA CYS S 227 -49.93 6.26 45.68
C CYS S 227 -48.85 5.20 45.86
N ILE S 228 -47.62 5.51 45.44
CA ILE S 228 -46.51 4.60 45.73
C ILE S 228 -46.14 4.66 47.20
N LEU S 229 -46.47 5.75 47.88
CA LEU S 229 -46.26 5.83 49.32
C LEU S 229 -47.27 4.97 50.07
N LEU S 230 -48.49 4.86 49.54
CA LEU S 230 -49.53 4.08 50.21
C LEU S 230 -49.32 2.59 49.99
N ALA S 231 -48.86 2.19 48.80
CA ALA S 231 -48.69 0.77 48.52
C ALA S 231 -47.52 0.20 49.32
N CYS S 232 -46.44 0.96 49.48
CA CYS S 232 -45.30 0.48 50.24
C CYS S 232 -45.58 0.47 51.73
N ARG S 233 -46.58 1.25 52.17
CA ARG S 233 -46.93 1.29 53.59
C ARG S 233 -47.45 -0.05 54.08
N MET S 234 -48.25 -0.73 53.26
CA MET S 234 -48.99 -1.90 53.73
C MET S 234 -48.11 -3.14 53.87
N ASN S 235 -46.91 -3.13 53.28
CA ASN S 235 -46.06 -4.31 53.25
C ASN S 235 -44.73 -4.11 53.97
N ASN S 236 -44.22 -2.89 54.05
CA ASN S 236 -43.00 -2.59 54.80
C ASN S 236 -43.15 -1.23 55.46
N LEU S 237 -42.16 -0.87 56.27
CA LEU S 237 -42.10 0.45 56.88
C LEU S 237 -41.02 1.31 56.22
N ARG S 238 -40.74 1.05 54.95
CA ARG S 238 -39.86 1.92 54.18
C ARG S 238 -40.45 3.32 54.00
N ARG S 239 -41.76 3.47 54.14
CA ARG S 239 -42.37 4.76 54.46
C ARG S 239 -41.73 5.37 55.71
N THR S 240 -41.01 6.48 55.53
CA THR S 240 -40.57 7.31 56.65
C THR S 240 -40.92 8.78 56.43
N HIS S 241 -41.78 9.06 55.44
CA HIS S 241 -42.25 10.39 55.08
C HIS S 241 -41.14 11.31 54.57
N THR S 242 -39.89 10.82 54.51
CA THR S 242 -38.80 11.68 54.09
C THR S 242 -37.97 11.02 52.99
N GLU S 243 -37.86 9.69 53.03
CA GLU S 243 -37.09 8.99 52.01
C GLU S 243 -37.74 9.09 50.64
N ILE S 244 -39.07 9.14 50.59
CA ILE S 244 -39.76 9.34 49.33
C ILE S 244 -39.67 10.79 48.88
N VAL S 245 -39.49 11.72 49.83
CA VAL S 245 -39.34 13.13 49.46
C VAL S 245 -37.99 13.35 48.78
N ALA S 246 -36.99 12.54 49.12
CA ALA S 246 -35.74 12.55 48.37
C ALA S 246 -35.94 12.05 46.94
N VAL S 247 -37.04 11.35 46.66
CA VAL S 247 -37.35 10.87 45.33
C VAL S 247 -38.33 11.81 44.65
N SER S 248 -39.49 12.02 45.28
CA SER S 248 -40.56 12.78 44.66
C SER S 248 -40.32 14.29 44.68
N HIS S 249 -39.50 14.78 45.61
CA HIS S 249 -39.19 16.20 45.73
C HIS S 249 -40.47 17.04 45.91
N VAL S 250 -41.16 16.77 47.02
CA VAL S 250 -42.36 17.52 47.38
C VAL S 250 -42.52 17.45 48.89
N ALA S 251 -43.17 18.48 49.45
CA ALA S 251 -43.10 18.70 50.89
C ALA S 251 -43.77 17.58 51.69
N GLU S 252 -43.24 17.34 52.88
CA GLU S 252 -43.73 16.26 53.74
C GLU S 252 -45.18 16.45 54.12
N GLU S 253 -45.67 17.69 54.17
CA GLU S 253 -47.02 17.94 54.66
C GLU S 253 -48.07 17.94 53.57
N THR S 254 -47.71 18.29 52.34
CA THR S 254 -48.69 18.30 51.25
C THR S 254 -48.97 16.90 50.73
N LEU S 255 -48.10 15.93 51.02
CA LEU S 255 -48.43 14.53 50.73
C LEU S 255 -49.24 13.89 51.86
N GLN S 256 -49.06 14.38 53.09
CA GLN S 256 -49.94 13.98 54.18
C GLN S 256 -51.36 14.51 53.96
N GLN S 257 -51.50 15.66 53.29
CA GLN S 257 -52.82 16.11 52.85
C GLN S 257 -53.45 15.09 51.92
N ARG S 258 -52.67 14.48 51.03
CA ARG S 258 -53.20 13.43 50.17
C ARG S 258 -53.61 12.20 50.96
N LEU S 259 -52.89 11.90 52.05
CA LEU S 259 -53.23 10.73 52.85
C LEU S 259 -54.55 10.91 53.58
N ASN S 260 -54.95 12.15 53.84
CA ASN S 260 -56.27 12.43 54.39
C ASN S 260 -57.33 12.58 53.31
N GLU S 261 -56.92 12.88 52.07
CA GLU S 261 -57.87 13.33 51.05
C GLU S 261 -58.70 12.18 50.52
N PHE S 262 -58.07 11.03 50.26
CA PHE S 262 -58.82 9.87 49.78
C PHE S 262 -59.65 9.22 50.88
N LYS S 263 -59.33 9.50 52.15
CA LYS S 263 -59.99 8.79 53.24
C LYS S 263 -61.46 9.17 53.38
N ASN S 264 -61.83 10.37 52.93
CA ASN S 264 -63.12 10.96 53.25
C ASN S 264 -64.09 10.96 52.07
N THR S 265 -63.76 10.29 50.96
CA THR S 265 -64.66 10.30 49.81
C THR S 265 -65.58 9.06 49.81
N LYS S 266 -65.00 7.87 49.68
CA LYS S 266 -65.77 6.63 49.68
C LYS S 266 -64.83 5.44 49.67
N ALA S 267 -65.19 4.40 50.43
CA ALA S 267 -64.60 3.08 50.36
C ALA S 267 -63.12 3.04 50.78
N ALA S 268 -62.58 4.14 51.29
CA ALA S 268 -61.27 4.08 51.94
C ALA S 268 -61.33 3.33 53.26
N LYS S 269 -62.34 3.62 54.08
CA LYS S 269 -62.51 2.92 55.35
C LYS S 269 -62.78 1.43 55.16
N LEU S 270 -63.32 1.05 54.00
CA LEU S 270 -63.36 -0.35 53.60
C LEU S 270 -61.95 -0.95 53.54
N SER S 271 -61.01 -0.22 52.93
CA SER S 271 -59.66 -0.73 52.75
C SER S 271 -58.60 0.00 53.56
N VAL S 272 -58.99 0.73 54.62
CA VAL S 272 -58.00 1.30 55.53
C VAL S 272 -57.20 0.18 56.19
N GLN S 273 -57.91 -0.82 56.72
CA GLN S 273 -57.32 -1.81 57.63
C GLN S 273 -56.96 -3.10 56.91
N LYS S 274 -57.67 -3.45 55.85
CA LYS S 274 -57.68 -4.81 55.34
C LYS S 274 -58.22 -4.77 53.90
N PHE S 275 -58.94 -5.82 53.49
CA PHE S 275 -59.68 -5.83 52.24
C PHE S 275 -58.72 -5.81 51.05
N ARG S 276 -58.21 -6.99 50.70
CA ARG S 276 -57.39 -7.21 49.51
C ARG S 276 -57.86 -6.45 48.27
N GLU S 277 -56.90 -6.04 47.44
CA GLU S 277 -57.12 -5.14 46.31
C GLU S 277 -57.86 -5.82 45.15
N ASN S 278 -59.13 -6.15 45.36
CA ASN S 278 -59.90 -6.86 44.35
C ASN S 278 -61.23 -6.19 44.00
N ASP S 279 -61.57 -5.06 44.60
CA ASP S 279 -62.86 -4.43 44.35
C ASP S 279 -62.82 -3.68 43.03
N VAL S 280 -64.01 -3.49 42.45
CA VAL S 280 -64.18 -2.64 41.27
C VAL S 280 -65.38 -1.72 41.51
N GLU S 281 -65.10 -0.52 42.04
CA GLU S 281 -66.14 0.46 42.36
C GLU S 281 -65.74 1.80 41.77
N ASP S 282 -66.75 2.65 41.55
CA ASP S 282 -66.54 4.04 41.17
C ASP S 282 -66.91 5.03 42.27
N GLY S 283 -68.01 4.80 42.98
CA GLY S 283 -68.41 5.70 44.02
C GLY S 283 -69.01 6.99 43.49
N GLU S 284 -69.16 7.95 44.41
CA GLU S 284 -69.58 9.28 44.03
C GLU S 284 -68.46 10.10 43.41
N ALA S 285 -68.86 11.21 42.80
CA ALA S 285 -67.93 12.13 42.18
C ALA S 285 -67.75 13.39 42.99
N ARG S 286 -66.61 13.50 43.67
CA ARG S 286 -66.34 14.62 44.59
C ARG S 286 -64.91 15.11 44.40
N PRO S 287 -64.68 15.97 43.41
CA PRO S 287 -63.44 16.74 43.38
C PRO S 287 -63.42 17.75 44.52
N PRO S 288 -62.38 17.74 45.37
CA PRO S 288 -62.40 18.59 46.56
C PRO S 288 -62.25 20.07 46.26
N SER S 289 -63.16 20.61 45.47
CA SER S 289 -63.20 22.03 45.14
C SER S 289 -64.57 22.63 45.40
N PHE S 290 -65.64 21.92 45.03
CA PHE S 290 -67.00 22.43 45.20
C PHE S 290 -67.50 22.27 46.63
N VAL S 291 -66.91 21.34 47.39
CA VAL S 291 -67.28 21.18 48.79
C VAL S 291 -66.92 22.42 49.59
N LYS S 292 -65.71 22.94 49.39
CA LYS S 292 -65.34 24.19 50.03
C LYS S 292 -66.13 25.37 49.48
N ASN S 293 -66.55 25.30 48.22
CA ASN S 293 -67.47 26.31 47.68
C ASN S 293 -68.84 26.21 48.35
N ARG S 294 -69.31 24.98 48.60
CA ARG S 294 -70.59 24.81 49.25
C ARG S 294 -70.50 25.13 50.74
N LYS S 295 -69.41 24.72 51.39
CA LYS S 295 -69.24 25.01 52.81
C LYS S 295 -69.08 26.51 53.07
N LYS S 296 -68.55 27.25 52.09
CA LYS S 296 -68.56 28.71 52.19
C LYS S 296 -69.99 29.24 52.17
N GLU S 297 -70.84 28.69 51.32
CA GLU S 297 -72.24 29.09 51.25
C GLU S 297 -73.05 28.44 52.36
N CYS S 438 -83.35 28.44 24.62
CA CYS S 438 -82.98 29.68 23.95
C CYS S 438 -81.65 30.21 24.48
N PRO S 439 -80.86 30.82 23.60
CA PRO S 439 -79.67 31.53 24.05
C PRO S 439 -80.01 32.88 24.66
N ARG S 440 -78.98 33.54 25.18
CA ARG S 440 -79.14 34.86 25.78
C ARG S 440 -79.27 35.92 24.68
N ASN S 441 -80.35 36.70 24.75
CA ASN S 441 -80.59 37.72 23.74
C ASN S 441 -79.55 38.83 23.83
N LEU S 442 -79.36 39.53 22.70
CA LEU S 442 -78.35 40.58 22.64
C LEU S 442 -78.84 41.87 23.29
N HIS S 443 -80.11 42.21 23.09
CA HIS S 443 -80.64 43.48 23.60
C HIS S 443 -81.27 43.32 24.98
N LEU S 444 -80.50 42.75 25.90
CA LEU S 444 -80.83 42.78 27.32
C LEU S 444 -79.61 43.01 28.22
N LEU S 445 -78.41 42.64 27.79
CA LEU S 445 -77.21 42.93 28.55
C LEU S 445 -76.91 44.42 28.51
N PRO S 446 -76.30 44.96 29.55
CA PRO S 446 -75.97 46.40 29.56
C PRO S 446 -74.92 46.72 28.51
N THR S 447 -75.05 47.90 27.92
CA THR S 447 -74.22 48.33 26.79
C THR S 447 -72.91 48.92 27.32
N THR S 448 -72.18 49.58 26.43
CA THR S 448 -70.91 50.21 26.75
C THR S 448 -70.86 51.69 26.41
N ASP S 449 -71.50 52.10 25.31
CA ASP S 449 -71.43 53.48 24.86
C ASP S 449 -72.43 54.39 25.57
N THR S 450 -73.47 53.82 26.18
CA THR S 450 -74.34 54.60 27.04
C THR S 450 -73.60 55.04 28.30
N TYR S 451 -72.73 54.18 28.84
CA TYR S 451 -71.89 54.58 29.95
C TYR S 451 -70.82 55.56 29.52
N LEU S 452 -70.41 55.52 28.25
CA LEU S 452 -69.47 56.49 27.72
C LEU S 452 -70.12 57.87 27.59
N SER S 453 -71.44 57.92 27.40
CA SER S 453 -72.14 59.17 27.14
C SER S 453 -72.88 59.70 28.37
N LYS S 454 -72.49 59.27 29.57
CA LYS S 454 -73.17 59.72 30.79
C LYS S 454 -72.87 61.18 31.06
N VAL S 455 -71.60 61.52 31.27
CA VAL S 455 -71.17 62.88 31.54
C VAL S 455 -70.40 63.38 30.33
N SER S 456 -70.41 64.70 30.13
CA SER S 456 -69.98 65.28 28.87
C SER S 456 -68.48 65.10 28.67
N ASP S 457 -68.08 65.10 27.40
CA ASP S 457 -66.67 64.95 27.00
C ASP S 457 -66.00 66.30 26.80
N ASP S 458 -66.07 67.14 27.82
CA ASP S 458 -65.36 68.41 27.81
C ASP S 458 -63.85 68.20 27.88
N PRO S 459 -63.09 68.53 26.84
CA PRO S 459 -61.67 68.16 26.78
C PRO S 459 -60.81 68.87 27.82
N ASP S 460 -60.90 70.21 27.85
CA ASP S 460 -60.08 70.99 28.79
C ASP S 460 -60.81 71.26 30.10
N ASN S 461 -62.11 71.50 30.05
CA ASN S 461 -62.86 71.81 31.26
C ASN S 461 -63.12 70.54 32.07
N LEU S 462 -63.09 70.67 33.39
CA LEU S 462 -63.25 69.53 34.28
C LEU S 462 -64.05 69.88 35.53
N GLU S 463 -64.90 70.92 35.47
CA GLU S 463 -65.65 71.39 36.62
C GLU S 463 -67.07 70.82 36.65
N ASP S 464 -67.25 69.60 36.15
CA ASP S 464 -68.52 68.88 36.24
C ASP S 464 -68.44 67.68 37.16
N VAL S 465 -67.25 67.37 37.69
CA VAL S 465 -67.08 66.26 38.62
C VAL S 465 -66.63 66.82 39.96
N ASP S 466 -67.08 68.03 40.29
CA ASP S 466 -66.59 68.73 41.46
C ASP S 466 -67.15 68.12 42.74
N ASP S 467 -66.41 68.29 43.83
CA ASP S 467 -66.79 67.76 45.14
C ASP S 467 -66.08 68.58 46.21
N GLU S 468 -66.21 68.15 47.46
CA GLU S 468 -65.65 68.87 48.59
C GLU S 468 -64.50 68.18 49.28
N GLU S 469 -64.41 66.85 49.20
CA GLU S 469 -63.29 66.14 49.81
C GLU S 469 -62.05 66.16 48.92
N LEU S 470 -62.23 65.99 47.61
CA LEU S 470 -61.10 66.05 46.70
C LEU S 470 -60.60 67.47 46.49
N ASN S 471 -61.45 68.48 46.72
CA ASN S 471 -60.97 69.86 46.80
C ASN S 471 -60.14 70.06 48.06
N ALA S 472 -60.50 69.40 49.16
CA ALA S 472 -59.71 69.43 50.38
C ALA S 472 -58.55 68.44 50.34
N HIS S 473 -58.49 67.57 49.34
CA HIS S 473 -57.30 66.75 49.09
C HIS S 473 -56.18 67.65 48.62
N LEU S 474 -55.30 68.03 49.54
CA LEU S 474 -54.40 69.15 49.33
C LEU S 474 -53.33 69.09 50.42
N LEU S 475 -52.20 69.72 50.16
CA LEU S 475 -51.09 69.69 51.10
C LEU S 475 -51.45 70.40 52.41
N ASN S 476 -50.65 70.13 53.43
CA ASN S 476 -50.59 70.96 54.63
C ASN S 476 -49.53 72.03 54.43
N GLU S 477 -49.91 73.29 54.69
CA GLU S 477 -49.11 74.41 54.22
C GLU S 477 -47.86 74.61 55.07
N GLU S 478 -47.99 74.45 56.39
CA GLU S 478 -46.82 74.52 57.27
C GLU S 478 -46.06 73.21 57.33
N ALA S 479 -46.67 72.10 56.91
CA ALA S 479 -45.99 70.81 56.78
C ALA S 479 -45.48 70.56 55.37
N SER S 480 -45.45 71.59 54.51
CA SER S 480 -44.81 71.44 53.21
C SER S 480 -43.29 71.32 53.36
N LYS S 481 -42.70 72.10 54.27
CA LYS S 481 -41.27 71.98 54.55
C LYS S 481 -40.99 70.76 55.42
N LEU S 482 -41.96 70.36 56.25
CA LEU S 482 -41.75 69.26 57.19
C LEU S 482 -41.76 67.91 56.48
N LYS S 483 -42.67 67.72 55.52
CA LYS S 483 -42.73 66.46 54.79
C LYS S 483 -41.51 66.28 53.88
N GLU S 484 -41.02 67.37 53.28
CA GLU S 484 -39.86 67.26 52.42
C GLU S 484 -38.57 67.12 53.21
N ARG S 485 -38.54 67.58 54.46
CA ARG S 485 -37.35 67.41 55.29
C ARG S 485 -37.06 65.93 55.54
N ILE S 486 -38.10 65.15 55.84
CA ILE S 486 -37.93 63.71 55.98
C ILE S 486 -37.73 63.06 54.62
N TRP S 487 -38.36 63.61 53.58
CA TRP S 487 -38.15 63.12 52.21
C TRP S 487 -36.73 63.38 51.74
N ILE S 488 -36.15 64.52 52.11
CA ILE S 488 -34.73 64.75 51.84
C ILE S 488 -33.83 64.17 52.92
N GLY S 489 -34.40 63.76 54.05
CA GLY S 489 -33.64 62.98 55.02
C GLY S 489 -33.48 61.54 54.61
N LEU S 490 -34.42 61.00 53.84
CA LEU S 490 -34.30 59.71 53.19
C LEU S 490 -33.66 59.81 51.81
N ASN S 491 -33.19 60.99 51.43
CA ASN S 491 -32.42 61.14 50.20
C ASN S 491 -31.01 60.62 50.39
N ALA S 492 -30.63 59.66 49.54
CA ALA S 492 -29.26 59.36 49.18
C ALA S 492 -29.09 59.14 47.69
N ASP S 493 -30.19 58.95 46.95
CA ASP S 493 -30.11 58.76 45.50
C ASP S 493 -29.69 60.05 44.81
N PHE S 494 -30.36 61.16 45.12
CA PHE S 494 -30.05 62.41 44.44
C PHE S 494 -28.70 62.97 44.89
N LEU S 495 -28.26 62.62 46.10
CA LEU S 495 -26.86 62.83 46.45
C LEU S 495 -25.96 62.07 45.48
N LEU S 496 -26.19 60.77 45.33
CA LEU S 496 -25.36 59.93 44.46
C LEU S 496 -25.61 60.26 42.99
N GLU S 497 -26.82 60.70 42.65
CA GLU S 497 -27.14 61.09 41.28
C GLU S 497 -26.43 62.36 40.86
N GLN S 498 -26.04 63.22 41.80
CA GLN S 498 -25.61 64.57 41.44
C GLN S 498 -24.22 64.55 40.80
N GLU S 499 -23.29 63.78 41.36
CA GLU S 499 -21.94 63.77 40.80
C GLU S 499 -21.89 63.01 39.48
N SER S 500 -22.90 62.17 39.20
CA SER S 500 -23.01 61.55 37.89
C SER S 500 -23.22 62.59 36.81
N LYS S 501 -23.99 63.65 37.11
CA LYS S 501 -24.12 64.78 36.21
C LYS S 501 -22.88 65.66 36.23
N ARG S 502 -22.19 65.73 37.37
CA ARG S 502 -21.03 66.61 37.48
C ARG S 502 -19.78 65.98 36.88
N LEU S 503 -19.65 64.66 36.99
CA LEU S 503 -18.58 63.97 36.28
C LEU S 503 -18.86 63.92 34.78
N LYS S 504 -20.14 63.97 34.40
CA LYS S 504 -20.47 64.07 32.98
C LYS S 504 -19.92 65.35 32.36
N GLN S 505 -19.91 66.44 33.13
CA GLN S 505 -19.27 67.66 32.68
C GLN S 505 -17.75 67.50 32.65
N GLU S 506 -17.19 66.79 33.62
CA GLU S 506 -15.75 66.62 33.69
C GLU S 506 -15.27 65.66 32.60
N ALA S 507 -16.03 64.60 32.34
CA ALA S 507 -15.65 63.65 31.30
C ALA S 507 -15.84 64.22 29.90
N ASP S 508 -16.72 65.21 29.73
CA ASP S 508 -16.93 65.80 28.41
C ASP S 508 -15.76 66.69 28.01
N ILE S 509 -15.10 67.33 28.97
CA ILE S 509 -14.00 68.22 28.65
C ILE S 509 -12.65 67.50 28.66
N ALA S 510 -12.51 66.44 29.46
CA ALA S 510 -11.25 65.71 29.55
C ALA S 510 -11.48 64.22 29.32
N CYS T 280 -56.18 0.11 60.78
CA CYS T 280 -54.78 0.49 60.60
C CYS T 280 -54.66 1.75 59.75
N LYS T 281 -54.91 2.90 60.39
CA LYS T 281 -54.91 4.17 59.68
C LYS T 281 -53.57 4.39 58.98
N PRO T 282 -53.57 5.06 57.82
CA PRO T 282 -52.34 5.17 57.02
C PRO T 282 -51.29 6.12 57.59
N ASN T 283 -51.60 6.88 58.62
CA ASN T 283 -50.66 7.87 59.14
C ASN T 283 -49.84 7.27 60.28
N PHE T 284 -48.61 6.85 59.97
CA PHE T 284 -47.54 6.57 60.91
C PHE T 284 -47.92 5.51 61.95
N PRO T 285 -48.00 4.23 61.57
CA PRO T 285 -47.59 3.18 62.52
C PRO T 285 -46.17 2.69 62.25
N ILE T 286 -45.42 2.40 63.31
CA ILE T 286 -44.18 1.65 63.19
C ILE T 286 -44.52 0.17 63.07
N GLY T 287 -44.22 -0.43 61.92
CA GLY T 287 -44.70 -1.80 61.72
C GLY T 287 -43.81 -2.87 61.13
N GLN T 288 -42.66 -2.52 60.53
CA GLN T 288 -41.73 -3.55 60.07
C GLN T 288 -40.36 -2.96 59.78
N ILE T 289 -39.55 -3.73 59.04
CA ILE T 289 -38.09 -3.69 59.05
C ILE T 289 -37.55 -2.26 59.00
N SER T 290 -37.91 -1.53 57.93
CA SER T 290 -37.56 -0.13 57.75
C SER T 290 -36.04 0.07 57.87
N GLU T 291 -35.35 -0.46 56.86
CA GLU T 291 -33.90 -0.44 56.81
C GLU T 291 -33.36 0.96 56.65
N ASN T 292 -32.32 1.29 57.42
CA ASN T 292 -31.64 2.59 57.35
C ASN T 292 -32.62 3.73 57.57
N PHE T 293 -33.49 3.59 58.56
CA PHE T 293 -34.44 4.64 58.92
C PHE T 293 -33.80 5.76 59.72
N GLU T 294 -32.58 5.57 60.22
CA GLU T 294 -31.97 6.54 61.12
C GLU T 294 -31.51 7.78 60.38
N LYS T 295 -31.00 7.62 59.15
CA LYS T 295 -30.64 8.79 58.35
C LYS T 295 -31.88 9.58 57.97
N SER T 296 -33.03 8.93 57.83
CA SER T 296 -34.29 9.63 57.71
C SER T 296 -34.64 10.37 58.99
N LYS T 297 -34.39 9.73 60.14
CA LYS T 297 -34.75 10.32 61.43
C LYS T 297 -33.76 11.40 61.83
N MET T 298 -32.47 11.21 61.52
CA MET T 298 -31.46 12.17 61.93
C MET T 298 -31.61 13.49 61.17
N ALA T 299 -31.97 13.40 59.88
CA ALA T 299 -32.11 14.63 59.10
C ALA T 299 -33.42 15.34 59.41
N LYS T 300 -34.48 14.59 59.72
CA LYS T 300 -35.78 15.21 59.97
C LYS T 300 -35.76 15.94 61.30
N LYS T 301 -35.15 15.34 62.32
CA LYS T 301 -35.05 15.97 63.63
C LYS T 301 -34.10 17.16 63.60
N ALA T 302 -33.06 17.11 62.77
CA ALA T 302 -32.16 18.23 62.62
C ALA T 302 -32.78 19.36 61.81
N LYS T 303 -33.83 19.09 61.03
CA LYS T 303 -34.46 20.15 60.25
C LYS T 303 -35.10 21.18 61.16
N LEU T 304 -35.70 20.72 62.26
CA LEU T 304 -36.38 21.63 63.17
C LEU T 304 -35.37 22.53 63.89
N GLU T 305 -34.15 22.02 64.08
CA GLU T 305 -33.07 22.82 64.66
C GLU T 305 -32.62 23.91 63.70
N LYS T 306 -32.79 23.70 62.39
CA LYS T 306 -32.34 24.69 61.41
C LYS T 306 -33.18 25.95 61.48
N ARG T 307 -34.51 25.80 61.59
CA ARG T 307 -35.37 26.96 61.75
C ARG T 307 -35.31 27.52 63.16
N ARG T 308 -34.79 26.74 64.11
CA ARG T 308 -34.69 27.20 65.49
C ARG T 308 -33.66 28.32 65.62
N HIS T 309 -32.56 28.22 64.86
CA HIS T 309 -31.59 29.33 64.81
C HIS T 309 -32.16 30.54 64.06
N LEU T 310 -33.11 30.32 63.15
CA LEU T 310 -33.65 31.43 62.37
C LEU T 310 -34.73 32.18 63.12
N ARG T 311 -35.28 31.61 64.19
CA ARG T 311 -36.20 32.33 65.06
C ARG T 311 -35.45 33.31 65.95
N GLU T 312 -34.31 32.89 66.53
CA GLU T 312 -33.57 33.73 67.45
C GLU T 312 -32.81 34.83 66.73
N LEU T 313 -32.59 34.69 65.42
CA LEU T 313 -32.03 35.80 64.65
C LEU T 313 -33.03 36.93 64.50
N ARG T 314 -34.33 36.61 64.43
CA ARG T 314 -35.34 37.65 64.25
C ARG T 314 -35.55 38.43 65.54
N MET T 315 -35.65 37.73 66.67
CA MET T 315 -35.95 38.40 67.94
C MET T 315 -34.74 39.16 68.46
N ARG T 316 -33.53 38.72 68.11
CA ARG T 316 -32.34 39.51 68.40
C ARG T 316 -32.30 40.78 67.55
N ALA T 317 -32.85 40.71 66.34
CA ALA T 317 -32.95 41.91 65.51
C ALA T 317 -34.02 42.86 66.02
N ARG T 318 -35.04 42.33 66.70
CA ARG T 318 -36.02 43.19 67.37
C ARG T 318 -35.37 44.03 68.47
N GLN T 319 -34.50 43.40 69.26
CA GLN T 319 -33.80 44.02 70.40
C GLN T 319 -34.62 45.05 71.16
N LYS T 385 -2.64 30.41 51.34
CA LYS T 385 -2.23 29.86 52.63
C LYS T 385 -2.99 30.53 53.77
N ASN T 386 -3.03 31.87 53.75
CA ASN T 386 -3.75 32.60 54.79
C ASN T 386 -5.26 32.47 54.63
N ALA T 387 -5.74 32.20 53.42
CA ALA T 387 -7.17 31.99 53.23
C ALA T 387 -7.61 30.63 53.75
N SER T 388 -6.71 29.65 53.77
CA SER T 388 -7.05 28.33 54.28
C SER T 388 -7.07 28.27 55.81
N ILE T 389 -6.45 29.25 56.48
CA ILE T 389 -6.44 29.27 57.94
C ILE T 389 -7.85 29.48 58.48
N GLU T 390 -8.56 30.49 57.95
CA GLU T 390 -9.95 30.70 58.32
C GLU T 390 -10.87 29.63 57.76
N ASN T 391 -10.48 28.96 56.67
CA ASN T 391 -11.24 27.82 56.19
C ASN T 391 -11.15 26.64 57.16
N GLU T 392 -10.00 26.48 57.83
CA GLU T 392 -9.92 25.53 58.94
C GLU T 392 -10.78 25.98 60.12
N TYR T 393 -10.87 27.29 60.35
CA TYR T 393 -11.66 27.83 61.45
C TYR T 393 -13.16 27.72 61.20
N LYS T 394 -13.57 27.50 59.96
CA LYS T 394 -14.98 27.33 59.65
C LYS T 394 -15.48 26.00 60.22
N GLU T 395 -16.81 25.85 60.24
CA GLU T 395 -17.41 24.62 60.73
C GLU T 395 -17.21 23.48 59.73
N LYS T 396 -16.72 22.35 60.23
CA LYS T 396 -16.57 21.13 59.45
C LYS T 396 -17.76 20.21 59.72
N VAL T 397 -18.41 19.75 58.67
CA VAL T 397 -19.63 18.97 58.79
C VAL T 397 -19.64 17.89 57.72
N ASP T 398 -20.24 16.76 58.04
CA ASP T 398 -20.47 15.69 57.08
C ASP T 398 -21.82 15.87 56.40
N GLU T 399 -21.85 15.63 55.09
CA GLU T 399 -23.09 15.71 54.32
C GLU T 399 -23.82 14.38 54.35
N ASN T 400 -25.09 14.44 54.72
CA ASN T 400 -26.07 13.37 54.60
C ASN T 400 -27.10 13.74 53.55
N PRO T 401 -27.35 12.89 52.55
CA PRO T 401 -28.09 13.34 51.37
C PRO T 401 -29.51 13.81 51.66
N PHE T 402 -30.07 13.45 52.81
CA PHE T 402 -31.43 13.85 53.14
C PHE T 402 -31.53 15.30 53.59
N ALA T 403 -30.40 15.93 53.98
CA ALA T 403 -30.48 17.21 54.67
C ALA T 403 -30.71 18.35 53.68
N ASN T 404 -29.98 18.36 52.57
CA ASN T 404 -29.96 19.51 51.67
C ASN T 404 -31.16 19.51 50.73
N LEU T 405 -32.04 18.52 50.89
CA LEU T 405 -33.11 18.22 49.96
C LEU T 405 -33.95 19.45 49.61
N TYR T 406 -34.34 19.53 48.35
CA TYR T 406 -35.02 20.70 47.79
C TYR T 406 -36.41 20.29 47.33
N ASN T 407 -37.34 21.25 47.38
CA ASN T 407 -38.64 21.05 46.76
C ASN T 407 -39.01 22.20 45.84
N TYR T 408 -40.29 22.28 45.44
CA TYR T 408 -40.78 23.45 44.73
C TYR T 408 -40.59 24.72 45.54
N GLY T 409 -40.79 24.66 46.85
CA GLY T 409 -40.53 25.80 47.69
C GLY T 409 -39.05 26.02 47.94
N SER T 410 -38.31 26.38 46.89
CA SER T 410 -36.87 26.58 47.01
C SER T 410 -36.43 27.63 46.00
N TYR T 411 -35.50 28.49 46.44
CA TYR T 411 -34.82 29.44 45.55
C TYR T 411 -35.80 30.41 44.92
N GLY T 412 -36.69 30.98 45.74
CA GLY T 412 -37.80 31.74 45.23
C GLY T 412 -38.01 33.03 46.00
N ARG T 413 -38.80 33.92 45.40
CA ARG T 413 -39.04 35.23 45.98
C ARG T 413 -39.90 35.12 47.23
N GLY T 414 -39.65 35.99 48.19
CA GLY T 414 -40.49 36.09 49.37
C GLY T 414 -39.91 35.32 50.55
N SER T 415 -40.48 35.63 51.72
CA SER T 415 -40.12 34.96 52.97
C SER T 415 -41.29 35.12 53.92
N TYR T 416 -41.11 34.66 55.16
CA TYR T 416 -42.15 34.71 56.18
C TYR T 416 -42.07 36.06 56.89
N THR T 417 -43.11 36.88 56.71
CA THR T 417 -43.19 38.16 57.40
C THR T 417 -43.43 37.96 58.89
N ASP T 418 -42.81 38.81 59.69
CA ASP T 418 -43.09 38.86 61.11
C ASP T 418 -44.53 39.31 61.35
N PRO T 419 -45.34 38.53 62.06
CA PRO T 419 -46.71 38.96 62.34
C PRO T 419 -46.75 40.20 63.22
N TRP T 420 -47.71 41.07 62.92
CA TRP T 420 -47.74 42.40 63.49
C TRP T 420 -48.27 42.36 64.93
N THR T 421 -47.93 43.41 65.68
CA THR T 421 -48.31 43.53 67.08
C THR T 421 -49.18 44.75 67.30
N VAL T 422 -49.83 44.78 68.47
CA VAL T 422 -50.68 45.91 68.84
C VAL T 422 -49.85 47.14 69.14
N GLU T 423 -48.62 46.94 69.64
CA GLU T 423 -47.69 48.05 69.81
C GLU T 423 -47.34 48.69 68.47
N GLU T 424 -47.29 47.89 67.40
CA GLU T 424 -47.06 48.43 66.07
C GLU T 424 -48.31 49.10 65.51
N MET T 425 -49.50 48.68 65.95
CA MET T 425 -50.74 49.22 65.42
C MET T 425 -50.90 50.70 65.78
N ILE T 426 -50.54 51.08 67.00
CA ILE T 426 -50.75 52.46 67.43
C ILE T 426 -49.77 53.41 66.75
N LYS T 427 -48.55 52.95 66.45
CA LYS T 427 -47.67 53.75 65.60
C LYS T 427 -48.03 53.65 64.12
N PHE T 428 -48.83 52.65 63.73
CA PHE T 428 -49.28 52.55 62.36
C PHE T 428 -50.48 53.46 62.12
N TYR T 429 -51.51 53.35 62.97
CA TYR T 429 -52.76 54.08 62.77
C TYR T 429 -52.56 55.58 62.94
N LYS T 430 -51.57 56.00 63.72
CA LYS T 430 -51.36 57.43 63.93
C LYS T 430 -50.72 58.08 62.71
N ALA T 431 -49.74 57.42 62.08
CA ALA T 431 -49.17 57.95 60.85
C ALA T 431 -50.10 57.74 59.67
N LEU T 432 -50.88 56.66 59.70
CA LEU T 432 -51.97 56.47 58.74
C LEU T 432 -52.98 57.60 58.80
N SER T 433 -53.21 58.16 60.00
CA SER T 433 -54.19 59.23 60.16
C SER T 433 -53.61 60.60 59.80
N MET T 434 -52.33 60.84 60.06
CA MET T 434 -51.75 62.15 59.77
C MET T 434 -51.61 62.34 58.26
N TRP T 435 -50.91 61.42 57.59
CA TRP T 435 -50.77 61.48 56.15
C TRP T 435 -51.93 60.75 55.49
N GLY T 436 -52.02 60.86 54.16
CA GLY T 436 -53.02 60.12 53.41
C GLY T 436 -52.72 58.64 53.34
N THR T 437 -51.71 58.26 52.54
CA THR T 437 -51.15 56.91 52.59
C THR T 437 -49.73 56.98 52.02
N ASP T 438 -48.73 56.91 52.90
CA ASP T 438 -47.34 57.11 52.53
C ASP T 438 -46.50 55.95 53.08
N PHE T 439 -46.13 55.03 52.18
CA PHE T 439 -45.34 53.87 52.58
C PHE T 439 -43.89 54.22 52.88
N ASN T 440 -43.43 55.39 52.41
CA ASN T 440 -42.00 55.67 52.35
C ASN T 440 -41.42 55.88 53.74
N LEU T 441 -41.96 56.85 54.48
CA LEU T 441 -41.39 57.20 55.77
C LEU T 441 -41.73 56.17 56.85
N ILE T 442 -42.86 55.46 56.70
CA ILE T 442 -43.25 54.47 57.68
C ILE T 442 -42.43 53.19 57.55
N SER T 443 -41.79 52.98 56.40
CA SER T 443 -40.85 51.87 56.27
C SER T 443 -39.62 52.10 57.13
N GLN T 444 -39.18 53.35 57.26
CA GLN T 444 -38.04 53.66 58.12
C GLN T 444 -38.44 53.67 59.59
N LEU T 445 -39.72 53.91 59.89
CA LEU T 445 -40.19 53.85 61.26
C LEU T 445 -40.04 52.45 61.84
N TYR T 446 -40.35 51.43 61.05
CA TYR T 446 -40.21 50.03 61.44
C TYR T 446 -38.93 49.49 60.83
N PRO T 447 -37.82 49.44 61.59
CA PRO T 447 -36.49 49.50 60.96
C PRO T 447 -36.17 48.31 60.07
N TYR T 448 -36.48 47.09 60.50
CA TYR T 448 -36.20 45.92 59.68
C TYR T 448 -37.37 45.49 58.81
N ARG T 449 -38.48 46.22 58.85
CA ARG T 449 -39.59 45.93 57.96
C ARG T 449 -39.37 46.60 56.61
N SER T 450 -39.84 45.95 55.56
CA SER T 450 -39.56 46.39 54.20
C SER T 450 -40.79 47.01 53.55
N ARG T 451 -40.53 47.64 52.39
CA ARG T 451 -41.57 48.35 51.65
C ARG T 451 -42.65 47.41 51.13
N LYS T 452 -42.30 46.14 50.90
CA LYS T 452 -43.23 45.22 50.24
C LYS T 452 -44.34 44.74 51.15
N GLN T 453 -44.02 44.29 52.37
CA GLN T 453 -45.07 43.70 53.21
C GLN T 453 -45.92 44.76 53.91
N VAL T 454 -45.41 45.99 54.03
CA VAL T 454 -46.24 47.06 54.59
C VAL T 454 -47.27 47.51 53.56
N LYS T 455 -46.95 47.34 52.27
CA LYS T 455 -47.96 47.43 51.23
C LYS T 455 -48.96 46.31 51.31
N ALA T 456 -48.51 45.10 51.63
CA ALA T 456 -49.42 43.97 51.80
C ALA T 456 -50.28 44.12 53.04
N LYS T 457 -49.77 44.79 54.08
CA LYS T 457 -50.55 44.98 55.28
C LYS T 457 -51.67 46.00 55.08
N PHE T 458 -51.46 46.97 54.18
CA PHE T 458 -52.57 47.80 53.72
C PHE T 458 -53.61 46.95 53.01
N VAL T 459 -53.17 46.00 52.19
CA VAL T 459 -54.09 45.06 51.55
C VAL T 459 -54.70 44.12 52.59
N ASN T 460 -53.94 43.80 53.64
CA ASN T 460 -54.44 42.93 54.70
C ASN T 460 -55.56 43.61 55.50
N GLU T 461 -55.42 44.91 55.77
CA GLU T 461 -56.40 45.62 56.57
C GLU T 461 -57.66 45.95 55.78
N GLU T 462 -57.65 45.80 54.46
CA GLU T 462 -58.80 46.16 53.64
C GLU T 462 -59.96 45.20 53.88
N LYS T 463 -59.72 43.90 53.74
CA LYS T 463 -60.78 42.92 53.93
C LYS T 463 -61.05 42.63 55.40
N LYS T 464 -60.02 42.75 56.24
CA LYS T 464 -60.12 42.29 57.62
C LYS T 464 -60.98 43.26 58.45
N ARG T 465 -60.55 44.52 58.53
CA ARG T 465 -61.28 45.57 59.22
C ARG T 465 -61.64 46.67 58.22
N PRO T 466 -62.71 46.48 57.45
CA PRO T 466 -63.06 47.46 56.40
C PRO T 466 -63.67 48.75 56.93
N ILE T 467 -64.04 48.80 58.21
CA ILE T 467 -64.61 50.02 58.78
C ILE T 467 -63.55 50.94 59.36
N LEU T 468 -62.39 50.41 59.74
CA LEU T 468 -61.31 51.26 60.24
C LEU T 468 -60.67 52.05 59.10
N ILE T 469 -60.69 51.50 57.89
CA ILE T 469 -60.12 52.20 56.74
C ILE T 469 -61.10 53.21 56.15
N GLU T 470 -62.39 53.09 56.48
CA GLU T 470 -63.35 54.14 56.12
C GLU T 470 -63.18 55.35 57.02
N LEU T 471 -62.85 55.11 58.30
CA LEU T 471 -62.52 56.20 59.20
C LEU T 471 -61.16 56.81 58.89
N ALA T 472 -60.27 56.05 58.25
CA ALA T 472 -58.98 56.59 57.83
C ALA T 472 -59.15 57.67 56.76
N LEU T 473 -60.08 57.48 55.83
CA LEU T 473 -60.45 58.58 54.94
C LEU T 473 -61.10 59.72 55.72
N ARG T 474 -62.01 59.39 56.64
CA ARG T 474 -62.77 60.42 57.34
C ARG T 474 -61.90 61.20 58.32
N SER T 475 -60.88 60.56 58.87
CA SER T 475 -59.92 61.22 59.76
C SER T 475 -58.94 62.04 58.93
N LYS T 476 -59.36 63.26 58.61
CA LYS T 476 -58.49 64.28 58.01
C LYS T 476 -58.63 65.54 58.88
N LEU T 477 -57.89 65.56 59.97
CA LEU T 477 -57.99 66.57 61.02
C LEU T 477 -56.81 66.36 61.97
N PRO T 478 -56.50 67.35 62.81
CA PRO T 478 -55.59 67.09 63.93
C PRO T 478 -56.19 66.08 64.88
N PRO T 479 -55.50 64.96 65.12
CA PRO T 479 -56.03 63.94 66.03
C PRO T 479 -55.90 64.31 67.50
N ASN T 480 -56.17 63.35 68.37
CA ASN T 480 -55.84 63.44 69.78
C ASN T 480 -54.36 63.78 69.94
N PHE T 481 -54.07 64.93 70.53
CA PHE T 481 -52.76 65.54 70.39
C PHE T 481 -51.72 64.80 71.22
N ASP T 482 -51.33 63.62 70.74
CA ASP T 482 -50.21 62.85 71.26
C ASP T 482 -49.14 62.58 70.20
N GLU T 483 -49.41 62.94 68.94
CA GLU T 483 -48.48 62.72 67.85
C GLU T 483 -47.28 63.67 67.88
N TYR T 484 -47.33 64.72 68.71
CA TYR T 484 -46.21 65.64 68.78
C TYR T 484 -45.02 65.00 69.48
N CYS T 485 -45.26 64.06 70.40
CA CYS T 485 -44.19 63.24 70.92
C CYS T 485 -43.62 62.33 69.83
N CYS T 486 -44.49 61.70 69.04
CA CYS T 486 -44.05 60.90 67.90
C CYS T 486 -43.57 61.75 66.74
N GLU T 487 -43.87 63.05 66.75
CA GLU T 487 -43.27 63.96 65.78
C GLU T 487 -41.78 64.13 66.02
N ILE T 488 -41.40 64.33 67.29
CA ILE T 488 -39.99 64.52 67.62
C ILE T 488 -39.28 63.18 67.86
N LYS T 489 -40.03 62.10 68.07
CA LYS T 489 -39.42 60.78 68.07
C LYS T 489 -38.88 60.41 66.69
N LYS T 490 -39.51 60.92 65.64
CA LYS T 490 -38.94 60.86 64.29
C LYS T 490 -37.75 61.81 64.14
N ASN T 491 -37.70 62.88 64.93
CA ASN T 491 -36.71 63.94 64.77
C ASN T 491 -35.53 63.82 65.75
N ILE T 492 -35.52 62.80 66.62
CA ILE T 492 -34.40 62.65 67.55
C ILE T 492 -33.28 61.78 66.96
N GLY T 493 -33.59 60.92 66.00
CA GLY T 493 -32.55 60.20 65.28
C GLY T 493 -31.85 61.09 64.27
N THR T 494 -30.57 61.35 64.47
CA THR T 494 -29.77 62.23 63.61
C THR T 494 -30.40 63.63 63.54
N VAL T 495 -30.28 64.33 64.68
CA VAL T 495 -30.89 65.64 64.85
C VAL T 495 -30.18 66.67 63.99
N ALA T 496 -30.75 66.96 62.83
CA ALA T 496 -30.16 67.92 61.89
C ALA T 496 -31.28 68.47 61.03
N ASP T 497 -31.53 69.78 61.12
CA ASP T 497 -32.59 70.43 60.37
C ASP T 497 -32.25 70.39 58.88
N PHE T 498 -32.90 69.50 58.14
CA PHE T 498 -32.54 69.24 56.76
C PHE T 498 -33.09 70.30 55.81
N ASN T 499 -33.97 71.16 56.29
CA ASN T 499 -34.43 72.32 55.53
C ASN T 499 -33.33 73.35 55.34
N GLU T 500 -32.32 73.38 56.21
CA GLU T 500 -31.26 74.36 56.13
C GLU T 500 -29.88 73.69 56.11
N LYS T 501 -29.74 72.56 56.79
CA LYS T 501 -28.44 71.89 56.84
C LYS T 501 -28.19 71.07 55.58
N LEU T 502 -29.23 70.50 54.98
CA LEU T 502 -29.06 69.58 53.85
C LEU T 502 -29.19 70.35 52.54
N ILE T 503 -28.45 71.46 52.46
CA ILE T 503 -28.29 72.26 51.25
C ILE T 503 -26.81 72.46 51.00
N GLU T 504 -26.09 72.88 52.04
CA GLU T 504 -24.67 73.22 51.93
C GLU T 504 -23.81 72.05 51.45
N LEU T 505 -24.27 70.81 51.65
CA LEU T 505 -23.42 69.66 51.31
C LEU T 505 -23.32 69.49 49.79
N GLN T 506 -24.35 69.88 49.03
CA GLN T 506 -24.21 69.94 47.59
C GLN T 506 -23.58 71.23 47.12
N ASN T 507 -23.67 72.30 47.93
CA ASN T 507 -22.94 73.53 47.63
C ASN T 507 -21.44 73.35 47.82
N GLU T 508 -21.05 72.53 48.79
CA GLU T 508 -19.68 72.02 48.85
C GLU T 508 -19.34 71.23 47.60
N HIS T 509 -20.28 70.44 47.09
CA HIS T 509 -19.98 69.56 45.97
C HIS T 509 -19.95 70.32 44.65
N LYS T 510 -20.86 71.28 44.46
CA LYS T 510 -20.88 72.02 43.20
C LYS T 510 -19.75 73.03 43.11
N HIS T 511 -19.16 73.41 44.24
CA HIS T 511 -17.94 74.21 44.24
C HIS T 511 -16.75 73.39 43.74
N HIS T 512 -16.78 72.08 43.94
CA HIS T 512 -15.66 71.24 43.54
C HIS T 512 -15.56 71.10 42.02
N MET T 513 -16.69 71.23 41.31
CA MET T 513 -16.65 71.24 39.85
C MET T 513 -15.98 72.51 39.34
N LYS T 514 -16.25 73.65 39.99
CA LYS T 514 -15.69 74.91 39.52
C LYS T 514 -14.19 75.01 39.82
N GLU T 515 -13.71 74.28 40.82
CA GLU T 515 -12.27 74.09 40.97
C GLU T 515 -11.71 73.25 39.83
N ILE T 516 -12.30 72.07 39.59
CA ILE T 516 -11.76 71.12 38.63
C ILE T 516 -12.40 71.33 37.27
ZN ZN W . -21.98 14.08 -20.60
ZN ZN X . 18.81 38.14 -19.02
ZN ZN Y . -8.83 15.97 -32.21
ZN ZN Z . 49.44 21.90 36.28
ZN ZN AA . -16.67 -53.23 17.29
ZN ZN BA . -39.67 -12.87 34.09
ZN ZN CA . -41.27 -9.14 -19.73
#